data_9NO4
#
_entry.id   9NO4
#
_cell.length_a   1.00
_cell.length_b   1.00
_cell.length_c   1.00
_cell.angle_alpha   90.00
_cell.angle_beta   90.00
_cell.angle_gamma   90.00
#
_symmetry.space_group_name_H-M   'P 1'
#
loop_
_entity.id
_entity.type
_entity.pdbx_description
1 polymer 'CRISPR system Cms protein Csm4'
2 polymer 'CRISPR system Cms endoribonuclease Csm3'
3 polymer 'CRISPR system Cms endoribonuclease Csm3'
4 polymer 'crRNA RNA (35-MER)'
5 polymer 'CRISPR system Cms protein Csm2'
6 polymer 'CRISPR system Cms protein Csm5'
7 polymer Enolase
8 polymer AcrIIIA2
9 polymer 'CRISPR system single-strand-specific deoxyribonuclease Cas10/Csm1 (subtype III-A)'
10 non-polymer 'MAGNESIUM ION'
#
loop_
_entity_poly.entity_id
_entity_poly.type
_entity_poly.pdbx_seq_one_letter_code
_entity_poly.pdbx_strand_id
1 'polypeptide(L)'
;MTYKLYIMTFQNAHFGSGTLDSSKLTFSADRIFSALVLEALKMGKLDAFLAEANQDKFTLTDAFPFQFGPFLPKPIGYPK
HDQIDQSVDVKEVRRQAKLSKKLQFLALENVDDYLNGELFENEEHAVIDTVTKNQPHKDDNLYQVATTRFSNDTSLYVIA
NESDLLNELMSSLQYSGLGGKRSSGFGRFELDIQNIPLELSDRLTKNHSDKVMSLTTALPVDADLEEAMEDGHYLLTKSS
GFAFSHATNENYRKQDLYKFASGSTFSKTFEGQIVDVRPLDFPHAVLNYAKPLFFKLEV
;
B
2 'polypeptide(L)'
;MTFAKIKFSAQIRLETGLHIGGSDAFAAIGAIDSPVIKDPITNLPIIPGSSLKGKMRTLLAKVYNEKVAEKPSDDSDILS
RLFGNSKDKRFKMGRLIFRDAFLSNADELDSLGVRSYTEVKFENTIDRITAEANPRQIERAIRNSTFDFELIYEITDENE
NQVEEDFKVIRDGLKLLELDYLGGSGSRGYGKVAFENLKATTVFGNYDVKTLNELLTAEV
;
E,F
3 'polypeptide(L)'
;MTFAKIKFSAQIRLETGLHIGGSDAFAAIGAIDSPVIKDPITNLPIIPGSSLKGKMRTLLAKVYNEKVAEKPSDDSDILS
RLFGNSKDKRFKMGRLIFRDAFLSNADELDSLGVRSYTEVKFENTIDRITAEANPRQIERAIRNSTFDFELIYEITDENE
NQVEEDFKVIRDGLKLLELDYLGGSGSRGYGKVAFENLKATTVFGNYDVKTLNELLTAVV
;
G
4 'polyribonucleotide' ACGGAAACCUUGAUUCUAACGCUACUUCUAAAUAA N
5 'polypeptide(L)'
;MAILTDENYVDKAERAISLLEKDNKGNYLLTTSQIRKLLSLCSSLYDRSKERKFDELINDVSYLRVQFVYQSGRNSVRVN
RQTFFPVKDLVEKGQILEALKEIKDRETLQRFCRYMEALVAYFKFYGGKD
;
C,D
6 'polypeptide(L)'
;MKNDYRTFKLSLLTLAPIHIGNGEKYTSREFIYENKKFYFPDMGKFYNKMVEKRLAEKFEAFLIQTRPNARNNRLISFLN
DNRIAERSFGGYSISETGLESDRNPNSAGAINEVNKFIRDAFGNPYIPGSSLKGAIRTILMNTTPKWNNENAVNDFGRFP
KENKNLIPWGPKKGKEYDDLFNAIRVSDSKPFDNKRLILVQKWDYSAKTNKAKPLPLYRESISPLTKIEFEITTTTDEAG
RLIEELGKRAQAFYKDYKAFFLSEFPDDKIQANLQYPIYLGAGSGAWTKTLFKQADGILQRRYSRMKTKMVKKGVLKLTK
APLKIVKIPSGNHSLIKNHESFYEMGKANFMIKEIDK
;
H
7 'polypeptide(L)'
;MSIITDVYAREVLDSRGNPTLEVEVYTESGAFGRGMVPSGASTGEHEAVELRDGDKARYGGLGTQKAVDNVNNVIAEHII
GFDVRDQQGIDRAMIALDGTPNKGKLGANAILGVSIAVARAAADYLEVPLYSYLGGFNTKVLPTPMMNIINGGSHSDAPI
AFQEFMIVPAGAPTFKEALRWGAEIFHALKKILKERGLETAVGDEGGFAPRFNGTEDGVETIIKAIEAAGYVPGKDVFIG
LDCASSEFYDAEHKVYGYTKFEGEGAAVRTAAEQIDYLEELVNKYPIITIEDGMDENDWDGWKALTERLGGKVQLVGDDF
FVTNTAYLEKGIAEHAANSILIKVNQIGTLTETFDAIEMAKEAGYTAVVSHRSGETEDSTIADIAVATNAGQIKTGSLSR
TDRIAKYNQLLRIEDQLGEVAEYRGLKSFYNLKK
;
I,J,K,L,M,O,P,Q
8 'polypeptide(L)'
;MKNFKISSTYRAARKQQKTANRKSFYNDEGYMISPSEWADGVIKGLINPKNSWSNDHVKGYLPRVSPRSHWTKNGYREYL
GIGKSRDIPEKEPEVIEMMDLELVP
;
R
9 'polypeptide(L)'
;MKKEKIDLFYGALLHDIGKVIQRATGERKKHALVGADWFDEIADNQVISDQIRYHMANYQSDKLGNDHLAYITYIADNIA
SGVDRRQSNEESDEDASAKIWDTYTNQADIFNVFGAQTDKRYFKPTVLNLKSKPNFASATYEPFSKGDYAAIATRIKNEL
AEFEFNQAQIDSLLNLFEAILSFVPSSTNSKEIADISLAEHSRLTAAFALAIYDYLEDKGRHNYKEDLFTKASAFYEEEA
FLLASFDLSGIQDFIYNIATSGAAKQLKARSLYLDFMSEYIADSLLDKLGLNRANLLYVGGGHAYFVLANTEKTVETLVQ
FEKDFNQFLLANFQTRLYVAFGWGSFAAKDIMSELNSPESYRQIYQKASRMISEKKISRYDYRTLMLLNRGGKSSERECE
ICHSVENLVSYHDQKVCDICRGLYQFSKEIAHDHFIITENEGLPIGPNACLKGVAFEKLSQESFSRVYVKNDYKAGTIKA
THVFVGDYQCDEIHKYAALSKNEDGLGIKRLAVVRLDVDDLGAAFMAGFSRQGNGQYSTLSRSATFSRSMSLFFKVYINQ
FASDKKLSIIYAGGDDVFAIGSWQDIIAFTVELRQNFIKWTNGKLTLSAGIGLFADKTPISLMAHQTGELEEAAKGNEKD
SISLFSSDYTFKFDRFITNVYDDKLEQIRYFFNHQDERGKNFIYKLIELLRNYESEEKMNVARLAYYLTRLEELTDKDER
DKFKQFKKLFFKWYTNNESDRKEAELALLLYVYEIRKD
;
A
#
loop_
_chem_comp.id
_chem_comp.type
_chem_comp.name
_chem_comp.formula
A RNA linking ADENOSINE-5'-MONOPHOSPHATE 'C10 H14 N5 O7 P'
C RNA linking CYTIDINE-5'-MONOPHOSPHATE 'C9 H14 N3 O8 P'
G RNA linking GUANOSINE-5'-MONOPHOSPHATE 'C10 H14 N5 O8 P'
MG non-polymer 'MAGNESIUM ION' 'Mg 2'
U RNA linking URIDINE-5'-MONOPHOSPHATE 'C9 H13 N2 O9 P'
#
# COMPACT_ATOMS: atom_id res chain seq x y z
N THR A 2 42.10 -36.19 99.85
CA THR A 2 41.71 -37.54 100.21
C THR A 2 40.24 -37.73 100.16
N TYR A 3 39.52 -36.63 100.04
CA TYR A 3 38.07 -36.62 100.19
C TYR A 3 37.35 -36.07 98.98
N LYS A 4 37.87 -35.03 98.34
CA LYS A 4 37.09 -34.38 97.30
C LYS A 4 37.85 -34.43 95.98
N LEU A 5 37.20 -33.94 94.94
CA LEU A 5 37.69 -33.99 93.57
C LEU A 5 37.47 -32.62 92.93
N TYR A 6 37.97 -31.56 93.59
CA TYR A 6 37.79 -30.17 93.17
C TYR A 6 38.11 -29.96 91.69
N ILE A 7 37.12 -29.62 90.87
CA ILE A 7 37.36 -29.39 89.45
C ILE A 7 37.22 -27.91 89.17
N MET A 8 37.95 -27.43 88.16
CA MET A 8 38.01 -25.97 87.95
C MET A 8 38.08 -25.87 86.44
N THR A 9 37.08 -25.26 85.84
CA THR A 9 37.08 -25.08 84.39
C THR A 9 37.79 -23.78 84.04
N PHE A 10 38.81 -23.88 83.19
CA PHE A 10 39.62 -22.75 82.77
C PHE A 10 39.32 -22.43 81.30
N GLN A 11 39.45 -21.15 80.96
CA GLN A 11 39.35 -20.71 79.58
C GLN A 11 40.64 -20.08 79.06
N ASN A 12 41.50 -19.56 79.93
CA ASN A 12 42.74 -18.93 79.55
C ASN A 12 43.58 -18.78 80.80
N ALA A 13 44.82 -19.25 80.79
CA ALA A 13 45.67 -19.20 81.96
C ALA A 13 47.12 -19.22 81.54
N HIS A 14 47.98 -18.63 82.38
CA HIS A 14 49.42 -18.57 82.12
C HIS A 14 50.15 -18.96 83.40
N PHE A 15 50.61 -20.20 83.46
CA PHE A 15 51.40 -20.69 84.57
C PHE A 15 52.86 -20.70 84.15
N GLY A 16 53.63 -19.75 84.65
CA GLY A 16 55.01 -19.59 84.20
C GLY A 16 55.89 -20.77 84.59
N SER A 17 56.81 -21.13 83.70
CA SER A 17 57.75 -22.21 84.01
C SER A 17 59.10 -21.66 84.42
N GLY A 18 59.20 -20.35 84.65
CA GLY A 18 60.46 -19.72 85.00
C GLY A 18 60.67 -18.43 84.24
N THR A 19 60.07 -18.34 83.06
CA THR A 19 60.10 -17.13 82.25
C THR A 19 58.69 -16.75 81.86
N LEU A 20 58.48 -15.46 81.62
CA LEU A 20 57.15 -14.97 81.29
C LEU A 20 56.67 -15.49 79.93
N ASP A 21 57.59 -15.86 79.05
CA ASP A 21 57.25 -16.33 77.72
C ASP A 21 56.87 -17.81 77.66
N SER A 22 56.87 -18.49 78.79
CA SER A 22 56.51 -19.90 78.84
C SER A 22 55.29 -20.11 79.70
N SER A 23 54.51 -21.14 79.36
CA SER A 23 53.26 -21.40 80.07
C SER A 23 53.01 -22.90 80.07
N LYS A 24 53.03 -23.50 81.25
CA LYS A 24 52.81 -24.93 81.41
C LYS A 24 51.32 -25.25 81.29
N LEU A 25 51.03 -26.52 81.03
CA LEU A 25 49.64 -26.95 80.93
C LEU A 25 48.97 -26.99 82.29
N THR A 26 49.65 -27.53 83.29
CA THR A 26 49.10 -27.70 84.63
C THR A 26 49.98 -26.98 85.65
N PHE A 27 49.35 -26.44 86.67
CA PHE A 27 50.08 -25.77 87.72
C PHE A 27 50.48 -26.78 88.78
N SER A 28 51.53 -26.47 89.52
CA SER A 28 51.95 -27.30 90.64
C SER A 28 51.19 -26.93 91.91
N ALA A 29 51.36 -27.74 92.97
CA ALA A 29 50.64 -27.52 94.21
C ALA A 29 51.12 -26.28 94.96
N ASP A 30 52.39 -25.89 94.76
CA ASP A 30 52.91 -24.71 95.44
C ASP A 30 52.17 -23.45 95.00
N ARG A 31 51.81 -23.37 93.72
CA ARG A 31 51.12 -22.20 93.17
C ARG A 31 49.74 -22.04 93.79
N ILE A 32 48.98 -23.14 93.86
CA ILE A 32 47.63 -23.08 94.40
C ILE A 32 47.67 -22.87 95.91
N PHE A 33 48.67 -23.45 96.59
CA PHE A 33 48.80 -23.23 98.03
C PHE A 33 49.11 -21.77 98.34
N SER A 34 50.02 -21.17 97.55
CA SER A 34 50.32 -19.76 97.73
C SER A 34 49.12 -18.89 97.42
N ALA A 35 48.34 -19.25 96.39
CA ALA A 35 47.13 -18.51 96.06
C ALA A 35 46.13 -18.55 97.20
N LEU A 36 45.95 -19.73 97.80
CA LEU A 36 45.03 -19.86 98.93
C LEU A 36 45.50 -19.09 100.14
N VAL A 37 46.81 -19.13 100.41
CA VAL A 37 47.37 -18.41 101.54
C VAL A 37 47.16 -16.91 101.34
N LEU A 38 47.40 -16.41 100.12
CA LEU A 38 47.20 -15.00 99.83
C LEU A 38 45.75 -14.61 99.94
N GLU A 39 44.83 -15.45 99.47
CA GLU A 39 43.40 -15.16 99.59
C GLU A 39 42.96 -15.12 101.05
N ALA A 40 43.45 -16.05 101.87
CA ALA A 40 43.12 -16.04 103.29
C ALA A 40 43.72 -14.82 104.00
N LEU A 41 44.96 -14.45 103.65
CA LEU A 41 45.58 -13.24 104.22
C LEU A 41 44.84 -11.97 103.85
N LYS A 42 44.41 -11.84 102.59
CA LYS A 42 43.73 -10.62 102.18
C LYS A 42 42.30 -10.58 102.70
N MET A 43 41.68 -11.74 102.93
CA MET A 43 40.34 -11.76 103.51
C MET A 43 40.38 -11.49 105.00
N GLY A 44 41.40 -12.03 105.68
CA GLY A 44 41.57 -11.84 107.11
C GLY A 44 41.85 -13.08 107.92
N LYS A 45 41.42 -14.24 107.41
CA LYS A 45 41.53 -15.51 108.11
C LYS A 45 42.77 -16.31 107.67
N LEU A 46 43.92 -15.69 107.88
CA LEU A 46 45.17 -16.38 107.55
C LEU A 46 45.50 -17.48 108.56
N ASP A 47 45.29 -17.20 109.84
CA ASP A 47 45.72 -18.13 110.89
C ASP A 47 44.91 -19.43 110.86
N ALA A 48 43.63 -19.35 110.52
CA ALA A 48 42.81 -20.55 110.41
C ALA A 48 43.32 -21.47 109.30
N PHE A 49 43.65 -20.90 108.13
CA PHE A 49 44.17 -21.71 107.05
C PHE A 49 45.55 -22.24 107.38
N LEU A 50 46.36 -21.46 108.11
CA LEU A 50 47.67 -21.98 108.48
C LEU A 50 47.54 -23.15 109.45
N ALA A 51 46.62 -23.04 110.41
CA ALA A 51 46.38 -24.14 111.34
C ALA A 51 45.87 -25.38 110.63
N GLU A 52 44.97 -25.20 109.64
CA GLU A 52 44.47 -26.34 108.89
C GLU A 52 45.58 -26.98 108.06
N ALA A 53 46.44 -26.17 107.44
CA ALA A 53 47.53 -26.70 106.62
C ALA A 53 48.56 -27.44 107.45
N ASN A 54 48.88 -26.94 108.65
CA ASN A 54 49.85 -27.60 109.52
C ASN A 54 49.35 -28.94 110.03
N GLN A 55 48.03 -29.15 110.08
CA GLN A 55 47.48 -30.43 110.47
C GLN A 55 47.76 -31.49 109.41
N ASP A 56 47.87 -32.73 109.88
CA ASP A 56 48.18 -33.81 108.95
C ASP A 56 46.93 -34.16 108.16
N LYS A 57 45.75 -33.70 108.52
CA LYS A 57 44.59 -34.03 107.69
C LYS A 57 44.58 -33.27 106.37
N PHE A 58 45.22 -32.11 106.32
CA PHE A 58 45.23 -31.29 105.12
C PHE A 58 45.94 -32.01 103.97
N THR A 59 45.39 -31.86 102.78
CA THR A 59 45.98 -32.45 101.60
C THR A 59 45.76 -31.51 100.44
N LEU A 60 46.68 -31.56 99.46
CA LEU A 60 46.65 -30.83 98.20
C LEU A 60 47.57 -31.53 97.20
N THR A 61 47.11 -31.62 95.97
CA THR A 61 47.81 -32.27 94.87
C THR A 61 48.03 -31.31 93.72
N ASP A 62 48.92 -31.69 92.82
CA ASP A 62 49.15 -30.93 91.61
C ASP A 62 47.90 -30.96 90.73
N ALA A 63 47.74 -29.90 89.94
CA ALA A 63 46.62 -29.84 89.01
C ALA A 63 46.76 -30.92 87.97
N PHE A 64 45.68 -31.67 87.76
CA PHE A 64 45.73 -32.70 86.73
C PHE A 64 44.55 -32.49 85.79
N PRO A 65 44.68 -32.89 84.52
CA PRO A 65 43.59 -32.69 83.57
C PRO A 65 42.35 -33.51 83.90
N PHE A 66 41.18 -32.96 83.57
CA PHE A 66 39.91 -33.62 83.87
C PHE A 66 39.02 -33.43 82.65
N GLN A 67 38.84 -34.49 81.89
CA GLN A 67 38.05 -34.47 80.66
C GLN A 67 37.22 -35.74 80.62
N PHE A 68 35.99 -35.65 81.13
CA PHE A 68 35.05 -36.77 81.22
C PHE A 68 35.70 -37.93 81.99
N GLY A 69 36.45 -37.60 83.02
CA GLY A 69 37.16 -38.60 83.79
C GLY A 69 38.49 -38.10 84.29
N PRO A 70 38.66 -38.26 85.61
CA PRO A 70 39.93 -37.92 86.30
C PRO A 70 41.15 -38.50 85.59
N PHE A 71 42.09 -37.64 85.16
CA PHE A 71 43.33 -38.08 84.49
C PHE A 71 44.43 -38.03 85.53
N LEU A 72 45.62 -38.57 85.31
CA LEU A 72 46.62 -38.71 86.35
C LEU A 72 48.02 -38.62 85.73
N PRO A 73 49.09 -38.35 86.52
CA PRO A 73 50.47 -38.23 86.00
C PRO A 73 51.06 -39.53 85.51
N LYS A 74 51.83 -39.51 84.42
CA LYS A 74 52.49 -40.75 84.02
C LYS A 74 53.46 -41.22 85.13
N PRO A 75 53.31 -42.38 85.76
CA PRO A 75 54.26 -42.96 86.64
C PRO A 75 55.83 -42.98 86.01
N ILE A 76 56.64 -42.22 86.67
CA ILE A 76 58.03 -42.17 86.24
C ILE A 76 58.68 -43.44 86.73
N GLY A 77 59.22 -44.20 85.79
CA GLY A 77 59.97 -45.40 86.10
C GLY A 77 59.23 -46.68 85.95
N TYR A 78 57.93 -46.64 85.56
CA TYR A 78 57.20 -47.86 85.27
C TYR A 78 56.76 -48.02 83.81
N PRO A 79 57.67 -47.86 82.79
CA PRO A 79 57.46 -48.60 81.54
C PRO A 79 58.16 -49.94 81.57
N LYS A 80 58.46 -50.42 82.80
CA LYS A 80 59.45 -51.47 83.10
C LYS A 80 59.37 -52.64 82.14
N HIS A 81 60.55 -53.12 81.74
CA HIS A 81 60.68 -54.13 80.70
C HIS A 81 60.03 -55.45 81.06
N ASP A 82 59.74 -55.69 82.34
CA ASP A 82 59.05 -56.90 82.77
C ASP A 82 57.66 -57.02 82.15
N GLN A 83 57.06 -55.89 81.77
CA GLN A 83 55.78 -55.87 81.08
C GLN A 83 55.87 -55.15 79.74
N ILE A 84 57.08 -54.94 79.23
CA ILE A 84 57.26 -54.18 77.99
C ILE A 84 58.10 -54.97 77.01
N ASP A 85 58.33 -56.25 77.31
CA ASP A 85 59.12 -57.10 76.41
C ASP A 85 58.30 -57.44 75.18
N GLN A 86 58.79 -57.05 74.01
CA GLN A 86 58.11 -57.29 72.75
C GLN A 86 59.07 -57.85 71.72
N SER A 87 58.52 -58.59 70.77
CA SER A 87 59.30 -59.22 69.71
C SER A 87 59.37 -58.37 68.45
N VAL A 88 58.84 -57.15 68.48
CA VAL A 88 58.85 -56.28 67.32
C VAL A 88 60.28 -55.82 67.02
N ASP A 89 60.47 -55.31 65.82
CA ASP A 89 61.78 -54.79 65.40
C ASP A 89 62.09 -53.49 66.14
N VAL A 90 63.35 -53.06 66.03
CA VAL A 90 63.83 -51.90 66.78
C VAL A 90 63.13 -50.61 66.35
N LYS A 91 62.64 -50.55 65.11
CA LYS A 91 61.89 -49.38 64.66
C LYS A 91 60.62 -49.19 65.48
N GLU A 92 59.84 -50.26 65.65
CA GLU A 92 58.64 -50.18 66.48
C GLU A 92 58.98 -49.97 67.95
N VAL A 93 60.09 -50.56 68.42
CA VAL A 93 60.51 -50.39 69.82
C VAL A 93 60.84 -48.93 70.10
N ARG A 94 61.58 -48.30 69.21
CA ARG A 94 61.91 -46.89 69.41
C ARG A 94 60.69 -46.01 69.21
N ARG A 95 59.78 -46.36 68.28
CA ARG A 95 58.56 -45.59 68.12
C ARG A 95 57.69 -45.62 69.38
N GLN A 96 57.55 -46.79 70.00
CA GLN A 96 56.75 -46.89 71.22
C GLN A 96 57.46 -46.23 72.40
N ALA A 97 58.80 -46.27 72.43
CA ALA A 97 59.54 -45.58 73.48
C ALA A 97 59.37 -44.07 73.36
N LYS A 98 59.43 -43.54 72.14
CA LYS A 98 59.20 -42.10 71.92
C LYS A 98 57.77 -41.73 72.27
N LEU A 99 56.80 -42.57 71.92
CA LEU A 99 55.41 -42.31 72.27
C LEU A 99 55.19 -42.30 73.77
N SER A 100 55.83 -43.24 74.49
CA SER A 100 55.74 -43.25 75.95
C SER A 100 56.38 -42.02 76.56
N LYS A 101 57.56 -41.63 76.05
CA LYS A 101 58.23 -40.44 76.57
C LYS A 101 57.44 -39.17 76.29
N LYS A 102 56.71 -39.13 75.17
CA LYS A 102 55.89 -37.96 74.86
C LYS A 102 54.63 -37.91 75.72
N LEU A 103 54.17 -39.05 76.22
CA LEU A 103 52.99 -39.07 77.06
C LEU A 103 53.28 -38.39 78.38
N GLN A 104 52.35 -37.53 78.81
CA GLN A 104 52.47 -36.81 80.07
C GLN A 104 51.31 -37.01 81.02
N PHE A 105 50.14 -37.46 80.56
CA PHE A 105 48.99 -37.64 81.42
C PHE A 105 48.17 -38.82 80.93
N LEU A 106 47.93 -39.79 81.81
CA LEU A 106 47.10 -40.95 81.55
C LEU A 106 45.70 -40.73 82.10
N ALA A 107 44.76 -41.55 81.66
CA ALA A 107 43.41 -41.51 82.20
C ALA A 107 43.28 -42.52 83.32
N LEU A 108 42.45 -42.18 84.32
CA LEU A 108 42.23 -43.08 85.46
C LEU A 108 41.65 -44.43 85.04
N GLU A 109 40.91 -44.45 83.94
CA GLU A 109 40.30 -45.68 83.46
C GLU A 109 41.34 -46.68 82.97
N ASN A 110 42.54 -46.24 82.61
CA ASN A 110 43.51 -47.14 82.01
C ASN A 110 44.88 -47.08 82.67
N VAL A 111 44.99 -46.48 83.88
CA VAL A 111 46.29 -46.35 84.56
C VAL A 111 46.92 -47.72 84.78
N ASP A 112 46.14 -48.65 85.36
CA ASP A 112 46.61 -50.02 85.53
C ASP A 112 46.94 -50.68 84.20
N ASP A 113 46.19 -50.31 83.15
CA ASP A 113 46.47 -50.83 81.81
C ASP A 113 47.85 -50.43 81.35
N TYR A 114 48.24 -49.17 81.61
CA TYR A 114 49.59 -48.74 81.27
C TYR A 114 50.62 -49.49 82.11
N LEU A 115 50.26 -49.83 83.35
CA LEU A 115 51.16 -50.62 84.18
C LEU A 115 51.27 -52.06 83.69
N ASN A 116 50.30 -52.51 82.88
CA ASN A 116 50.36 -53.84 82.31
C ASN A 116 51.19 -53.89 81.04
N GLY A 117 51.57 -52.75 80.49
CA GLY A 117 52.35 -52.69 79.27
C GLY A 117 51.63 -52.09 78.10
N GLU A 118 50.38 -51.70 78.27
CA GLU A 118 49.61 -51.10 77.19
C GLU A 118 50.15 -49.72 76.85
N LEU A 119 49.93 -49.31 75.61
CA LEU A 119 50.44 -48.05 75.08
C LEU A 119 49.29 -47.10 74.81
N PHE A 120 49.47 -45.85 75.23
CA PHE A 120 48.45 -44.82 75.09
C PHE A 120 49.07 -43.56 74.53
N GLU A 121 48.24 -42.70 73.98
CA GLU A 121 48.68 -41.45 73.37
C GLU A 121 48.06 -40.26 74.11
N ASN A 122 48.62 -39.09 73.84
CA ASN A 122 48.11 -37.87 74.44
C ASN A 122 46.81 -37.44 73.75
N GLU A 123 46.18 -36.44 74.32
CA GLU A 123 44.86 -36.01 73.87
C GLU A 123 44.85 -34.48 73.83
N GLU A 124 44.00 -33.96 72.95
CA GLU A 124 43.88 -32.52 72.76
C GLU A 124 43.26 -31.91 74.00
N HIS A 125 44.08 -31.18 74.76
CA HIS A 125 43.65 -30.50 75.97
C HIS A 125 43.66 -28.99 75.86
N ALA A 126 44.80 -28.41 75.52
CA ALA A 126 44.91 -26.97 75.41
C ALA A 126 45.97 -26.64 74.37
N VAL A 127 45.91 -25.42 73.86
CA VAL A 127 46.88 -24.91 72.89
C VAL A 127 47.70 -23.82 73.57
N ILE A 128 49.01 -23.94 73.44
CA ILE A 128 49.93 -22.99 74.06
C ILE A 128 50.26 -21.96 72.98
N ASP A 129 49.61 -20.83 73.08
CA ASP A 129 49.77 -19.68 72.20
C ASP A 129 50.42 -18.46 72.87
N THR A 130 51.14 -17.70 72.09
CA THR A 130 51.84 -16.54 72.63
C THR A 130 51.31 -15.28 71.98
N VAL A 131 51.00 -14.27 72.79
CA VAL A 131 50.50 -13.01 72.31
C VAL A 131 51.49 -11.90 72.70
N THR A 132 51.78 -11.02 71.75
CA THR A 132 52.72 -9.94 71.93
C THR A 132 51.96 -8.66 72.23
N LYS A 133 52.40 -7.95 73.26
CA LYS A 133 51.78 -6.73 73.69
C LYS A 133 52.86 -5.67 73.86
N ASN A 134 52.45 -4.41 73.94
CA ASN A 134 53.39 -3.31 74.01
C ASN A 134 52.96 -2.32 75.09
N GLN A 135 53.86 -1.38 75.39
CA GLN A 135 53.57 -0.29 76.32
C GLN A 135 53.67 1.02 75.54
N PRO A 136 52.55 1.59 75.09
CA PRO A 136 52.57 2.87 74.37
C PRO A 136 52.57 4.09 75.29
N HIS A 137 53.41 4.06 76.32
CA HIS A 137 53.65 5.22 77.15
C HIS A 137 55.03 5.82 76.94
N LYS A 138 56.02 4.99 76.63
CA LYS A 138 57.30 5.45 76.13
C LYS A 138 57.63 4.89 74.76
N ASP A 139 56.77 4.00 74.21
CA ASP A 139 56.88 3.45 72.86
C ASP A 139 58.21 2.73 72.64
N ASP A 140 58.68 2.04 73.68
CA ASP A 140 59.94 1.30 73.58
C ASP A 140 59.85 -0.05 74.27
N ASN A 141 58.65 -0.62 74.37
CA ASN A 141 58.45 -1.89 75.03
C ASN A 141 57.69 -2.85 74.13
N LEU A 142 58.06 -4.12 74.19
CA LEU A 142 57.39 -5.17 73.42
C LEU A 142 57.62 -6.48 74.16
N TYR A 143 56.61 -6.94 74.90
CA TYR A 143 56.72 -8.18 75.64
C TYR A 143 55.78 -9.21 75.05
N GLN A 144 56.01 -10.46 75.42
CA GLN A 144 55.27 -11.63 74.94
C GLN A 144 54.81 -12.47 76.12
N VAL A 145 53.54 -12.88 76.09
CA VAL A 145 52.97 -13.71 77.14
C VAL A 145 52.38 -14.97 76.50
N ALA A 146 52.77 -16.13 77.02
CA ALA A 146 52.25 -17.40 76.55
C ALA A 146 51.09 -17.83 77.43
N THR A 147 50.06 -18.40 76.83
CA THR A 147 48.87 -18.82 77.54
C THR A 147 48.56 -20.28 77.19
N THR A 148 47.53 -20.82 77.84
CA THR A 148 47.20 -22.24 77.79
C THR A 148 45.69 -22.39 77.64
N ARG A 149 45.11 -21.71 76.64
CA ARG A 149 43.67 -21.73 76.41
C ARG A 149 43.17 -23.16 76.20
N PHE A 150 42.39 -23.65 77.16
CA PHE A 150 41.88 -25.01 77.13
C PHE A 150 40.65 -25.08 76.24
N SER A 151 40.44 -26.27 75.68
CA SER A 151 39.23 -26.63 74.94
C SER A 151 39.04 -28.13 75.04
N ASN A 152 38.14 -28.64 74.20
CA ASN A 152 37.64 -30.02 74.20
C ASN A 152 37.01 -30.32 75.57
N ASP A 153 36.42 -29.29 76.19
CA ASP A 153 35.80 -29.36 77.52
C ASP A 153 36.76 -29.92 78.57
N THR A 154 38.02 -29.49 78.50
CA THR A 154 39.04 -29.93 79.44
C THR A 154 39.10 -28.97 80.62
N SER A 155 38.99 -29.51 81.82
CA SER A 155 39.15 -28.74 83.04
C SER A 155 40.39 -29.24 83.77
N LEU A 156 40.62 -28.67 84.94
CA LEU A 156 41.71 -29.12 85.80
C LEU A 156 41.09 -29.50 87.14
N TYR A 157 41.71 -30.41 87.88
CA TYR A 157 41.14 -30.89 89.14
C TYR A 157 42.26 -30.95 90.16
N VAL A 158 41.88 -30.85 91.43
CA VAL A 158 42.82 -30.93 92.54
C VAL A 158 42.10 -31.71 93.62
N ILE A 159 42.84 -32.39 94.49
CA ILE A 159 42.26 -33.28 95.49
C ILE A 159 42.54 -32.66 96.85
N ALA A 160 41.48 -32.22 97.53
CA ALA A 160 41.61 -31.57 98.81
C ALA A 160 40.48 -32.02 99.72
N ASN A 161 40.64 -31.78 101.02
CA ASN A 161 39.61 -32.18 101.98
C ASN A 161 38.38 -31.29 101.87
N GLU A 162 37.23 -31.89 102.17
CA GLU A 162 35.97 -31.15 102.25
C GLU A 162 35.99 -30.32 103.53
N SER A 163 36.29 -29.03 103.40
CA SER A 163 36.30 -28.13 104.54
C SER A 163 35.68 -26.81 104.14
N ASP A 164 34.89 -26.21 105.02
CA ASP A 164 34.20 -24.95 104.71
C ASP A 164 35.18 -23.84 104.37
N LEU A 165 36.31 -23.78 105.09
CA LEU A 165 37.34 -22.78 104.80
C LEU A 165 37.97 -22.97 103.43
N LEU A 166 38.33 -24.22 103.10
CA LEU A 166 38.97 -24.44 101.83
C LEU A 166 37.97 -24.19 100.72
N ASN A 167 36.70 -24.61 100.86
CA ASN A 167 35.70 -24.35 99.84
C ASN A 167 35.47 -22.85 99.64
N GLU A 168 35.43 -22.09 100.74
CA GLU A 168 35.26 -20.64 100.64
C GLU A 168 36.45 -19.98 99.95
N LEU A 169 37.66 -20.43 100.28
CA LEU A 169 38.85 -19.88 99.63
C LEU A 169 38.89 -20.24 98.15
N MET A 170 38.38 -21.40 97.79
CA MET A 170 38.31 -21.78 96.39
C MET A 170 37.32 -20.97 95.62
N SER A 171 36.18 -20.72 96.24
CA SER A 171 35.16 -19.89 95.62
C SER A 171 35.61 -18.45 95.50
N SER A 172 36.40 -17.96 96.46
CA SER A 172 36.95 -16.61 96.32
C SER A 172 38.06 -16.56 95.29
N LEU A 173 38.78 -17.67 95.11
CA LEU A 173 39.87 -17.73 94.15
C LEU A 173 39.37 -17.85 92.72
N GLN A 174 38.20 -18.45 92.51
CA GLN A 174 37.68 -18.58 91.14
C GLN A 174 37.31 -17.24 90.50
N TYR A 175 37.19 -16.17 91.27
CA TYR A 175 37.11 -14.84 90.68
C TYR A 175 38.35 -13.98 90.96
N SER A 176 39.46 -14.60 91.35
CA SER A 176 40.74 -13.93 91.44
C SER A 176 41.76 -14.44 90.43
N GLY A 177 41.47 -15.54 89.74
CA GLY A 177 42.42 -16.11 88.80
C GLY A 177 43.46 -16.96 89.48
N LEU A 178 44.31 -17.58 88.67
CA LEU A 178 45.38 -18.42 89.20
C LEU A 178 46.60 -18.28 88.31
N GLY A 179 47.65 -17.66 88.83
CA GLY A 179 48.93 -17.57 88.13
C GLY A 179 48.95 -16.60 86.98
N GLY A 180 50.13 -16.07 86.70
CA GLY A 180 50.27 -15.20 85.54
C GLY A 180 49.69 -13.82 85.74
N LYS A 181 49.33 -13.20 84.62
CA LYS A 181 48.73 -11.87 84.62
C LYS A 181 47.25 -12.01 84.94
N ARG A 182 46.97 -12.19 86.24
CA ARG A 182 45.60 -12.38 86.69
C ARG A 182 44.80 -11.09 86.53
N SER A 183 45.41 -9.93 86.77
CA SER A 183 44.73 -8.69 86.43
C SER A 183 45.05 -8.25 85.01
N SER A 184 45.00 -9.17 84.07
CA SER A 184 45.02 -8.81 82.66
C SER A 184 44.16 -9.74 81.83
N GLY A 185 43.45 -10.69 82.43
CA GLY A 185 42.62 -11.63 81.69
C GLY A 185 42.99 -13.09 81.92
N PHE A 186 44.28 -13.37 82.03
CA PHE A 186 44.76 -14.75 82.11
C PHE A 186 44.67 -15.26 83.53
N GLY A 187 44.04 -16.42 83.71
CA GLY A 187 44.06 -17.13 84.98
C GLY A 187 42.71 -17.50 85.54
N ARG A 188 41.63 -16.93 85.00
CA ARG A 188 40.32 -17.10 85.63
C ARG A 188 39.74 -18.48 85.37
N PHE A 189 38.86 -18.91 86.28
CA PHE A 189 38.28 -20.25 86.24
C PHE A 189 36.96 -20.29 87.00
N GLU A 190 36.18 -21.34 86.76
CA GLU A 190 34.95 -21.55 87.50
C GLU A 190 35.06 -22.85 88.29
N LEU A 191 34.65 -22.78 89.55
CA LEU A 191 34.76 -23.86 90.51
C LEU A 191 33.58 -24.81 90.48
N ASP A 192 33.87 -26.10 90.67
CA ASP A 192 32.86 -27.06 91.01
C ASP A 192 33.49 -28.10 91.94
N ILE A 193 32.66 -28.68 92.79
CA ILE A 193 33.06 -29.61 93.82
C ILE A 193 32.39 -30.95 93.55
N GLN A 194 33.20 -32.00 93.40
CA GLN A 194 32.71 -33.32 93.05
C GLN A 194 33.28 -34.35 94.01
N ASN A 195 32.63 -35.51 94.04
CA ASN A 195 33.07 -36.62 94.88
C ASN A 195 34.06 -37.48 94.10
N ILE A 196 35.03 -38.04 94.84
CA ILE A 196 36.04 -38.88 94.23
C ILE A 196 35.40 -40.15 93.67
N PRO A 197 35.68 -40.55 92.43
CA PRO A 197 35.11 -41.78 91.88
C PRO A 197 35.57 -42.99 92.67
N LEU A 198 34.73 -44.02 92.68
CA LEU A 198 34.98 -45.21 93.48
C LEU A 198 36.20 -46.00 93.03
N GLU A 199 36.74 -45.73 91.85
CA GLU A 199 37.96 -46.37 91.38
C GLU A 199 39.21 -45.58 91.76
N LEU A 200 39.06 -44.48 92.48
CA LEU A 200 40.20 -43.66 92.86
C LEU A 200 40.37 -43.56 94.37
N SER A 201 39.27 -43.50 95.14
CA SER A 201 39.36 -43.25 96.58
C SER A 201 40.03 -44.40 97.31
N ASP A 202 39.91 -45.61 96.80
CA ASP A 202 40.52 -46.77 97.44
C ASP A 202 42.03 -46.80 97.22
N ARG A 203 42.54 -46.09 96.23
CA ARG A 203 43.97 -46.05 95.93
C ARG A 203 44.63 -44.75 96.34
N LEU A 204 43.90 -43.64 96.32
CA LEU A 204 44.42 -42.35 96.74
C LEU A 204 44.73 -42.45 98.23
N THR A 205 46.00 -42.47 98.58
CA THR A 205 46.43 -42.90 99.90
C THR A 205 47.44 -41.91 100.46
N LYS A 206 47.78 -42.10 101.72
CA LYS A 206 48.89 -41.39 102.35
C LYS A 206 49.89 -42.32 103.04
N ASN A 207 49.52 -43.57 103.36
CA ASN A 207 50.43 -44.43 104.14
C ASN A 207 50.18 -45.90 103.81
N HIS A 208 51.07 -46.49 103.02
CA HIS A 208 51.36 -47.93 103.09
C HIS A 208 52.87 -48.13 102.93
N SER A 209 53.26 -49.37 102.66
CA SER A 209 54.65 -49.74 102.41
C SER A 209 54.85 -50.24 100.99
N ASP A 210 53.80 -50.24 100.16
CA ASP A 210 53.94 -50.68 98.77
C ASP A 210 54.51 -49.56 97.90
N LYS A 211 54.44 -49.69 96.57
CA LYS A 211 54.94 -48.65 95.68
C LYS A 211 53.86 -47.59 95.42
N VAL A 212 54.11 -46.33 95.79
CA VAL A 212 53.10 -45.25 95.81
C VAL A 212 53.54 -44.02 94.98
N MET A 213 52.77 -43.66 93.97
CA MET A 213 53.15 -42.53 93.11
C MET A 213 52.85 -41.30 93.82
N SER A 214 53.80 -40.39 94.01
CA SER A 214 53.45 -39.11 94.60
C SER A 214 52.57 -38.37 93.59
N LEU A 215 51.54 -37.77 94.08
CA LEU A 215 50.70 -36.95 93.25
C LEU A 215 50.96 -35.52 93.68
N THR A 216 52.10 -35.19 94.23
CA THR A 216 52.35 -33.79 94.58
C THR A 216 53.84 -33.54 94.47
N THR A 217 54.23 -32.31 94.14
CA THR A 217 55.64 -31.90 94.19
C THR A 217 56.09 -31.79 95.65
N ALA A 218 56.50 -32.92 96.22
CA ALA A 218 56.78 -33.02 97.64
C ALA A 218 58.27 -33.19 97.89
N LEU A 219 58.72 -32.69 99.04
CA LEU A 219 60.11 -32.80 99.47
C LEU A 219 60.12 -33.47 100.84
N PRO A 220 60.62 -34.71 100.93
CA PRO A 220 60.69 -35.40 102.23
C PRO A 220 61.57 -34.69 103.23
N VAL A 221 61.27 -34.92 104.49
CA VAL A 221 62.13 -34.47 105.58
C VAL A 221 63.40 -35.30 105.55
N ASP A 222 64.43 -34.86 106.27
CA ASP A 222 65.73 -35.53 106.26
C ASP A 222 65.68 -36.94 106.83
N ALA A 223 64.64 -37.29 107.60
CA ALA A 223 64.57 -38.60 108.24
C ALA A 223 64.47 -39.72 107.22
N ASP A 224 63.71 -39.53 106.14
CA ASP A 224 63.42 -40.60 105.20
C ASP A 224 63.76 -40.22 103.77
N LEU A 225 64.60 -39.20 103.56
CA LEU A 225 65.01 -38.82 102.21
C LEU A 225 65.90 -39.87 101.55
N GLU A 226 66.93 -40.33 102.27
CA GLU A 226 67.79 -41.41 101.80
C GLU A 226 67.03 -42.67 101.45
N GLU A 227 66.11 -43.09 102.31
CA GLU A 227 65.27 -44.24 101.98
C GLU A 227 64.34 -43.96 100.81
N ALA A 228 64.01 -42.69 100.57
CA ALA A 228 63.18 -42.33 99.43
C ALA A 228 63.95 -42.50 98.13
N MET A 229 65.17 -41.99 98.05
CA MET A 229 65.89 -42.05 96.77
C MET A 229 66.65 -43.35 96.56
N GLU A 230 66.96 -44.10 97.63
CA GLU A 230 67.71 -45.35 97.46
C GLU A 230 66.96 -46.40 96.66
N ASP A 231 65.62 -46.36 96.66
CA ASP A 231 64.82 -47.29 95.89
C ASP A 231 63.66 -46.58 95.22
N GLY A 232 63.90 -45.40 94.68
CA GLY A 232 62.84 -44.59 94.12
C GLY A 232 63.17 -44.08 92.74
N HIS A 233 62.12 -43.80 91.99
CA HIS A 233 62.20 -43.15 90.69
C HIS A 233 61.51 -41.80 90.79
N TYR A 234 62.16 -40.75 90.30
CA TYR A 234 61.69 -39.41 90.59
C TYR A 234 62.17 -38.41 89.54
N LEU A 235 61.68 -37.18 89.68
CA LEU A 235 62.12 -36.04 88.87
C LEU A 235 62.29 -34.84 89.79
N LEU A 236 63.12 -33.88 89.37
CA LEU A 236 63.43 -32.73 90.19
C LEU A 236 62.94 -31.48 89.51
N THR A 237 62.28 -30.62 90.27
CA THR A 237 61.76 -29.36 89.77
C THR A 237 62.18 -28.23 90.70
N LYS A 238 62.45 -27.07 90.10
CA LYS A 238 62.84 -25.87 90.83
C LYS A 238 61.61 -25.02 91.11
N SER A 239 61.41 -24.64 92.37
CA SER A 239 60.32 -23.77 92.78
C SER A 239 60.82 -22.34 93.00
N SER A 240 61.78 -21.91 92.20
CA SER A 240 62.34 -20.56 92.35
C SER A 240 61.33 -19.50 91.92
N GLY A 241 61.68 -18.26 92.18
CA GLY A 241 60.85 -17.15 91.76
C GLY A 241 61.11 -15.93 92.61
N PHE A 242 60.41 -14.86 92.25
CA PHE A 242 60.42 -13.63 93.02
C PHE A 242 59.24 -13.65 93.98
N ALA A 243 59.51 -13.47 95.26
CA ALA A 243 58.49 -13.63 96.30
C ALA A 243 57.58 -12.41 96.29
N PHE A 244 56.32 -12.62 95.93
CA PHE A 244 55.32 -11.56 95.97
C PHE A 244 54.99 -11.24 97.41
N SER A 245 55.15 -9.97 97.78
CA SER A 245 54.96 -9.54 99.15
C SER A 245 54.56 -8.08 99.20
N HIS A 246 53.71 -7.75 100.16
CA HIS A 246 53.26 -6.38 100.38
C HIS A 246 54.12 -5.63 101.40
N ALA A 247 55.18 -6.24 101.93
CA ALA A 247 55.99 -5.55 102.94
C ALA A 247 57.39 -5.21 102.46
N THR A 248 57.61 -5.19 101.17
CA THR A 248 58.84 -4.70 100.54
C THR A 248 58.54 -3.84 99.33
N ASN A 249 59.30 -2.74 99.19
CA ASN A 249 59.21 -1.93 97.98
C ASN A 249 59.97 -2.54 96.82
N GLU A 250 60.79 -3.55 97.08
CA GLU A 250 61.59 -4.18 96.05
C GLU A 250 61.36 -5.68 96.12
N ASN A 251 61.30 -6.32 94.96
CA ASN A 251 61.15 -7.76 94.89
C ASN A 251 62.41 -8.50 95.31
N TYR A 252 62.24 -9.61 96.00
CA TYR A 252 63.37 -10.42 96.43
C TYR A 252 63.20 -11.83 95.89
N ARG A 253 64.29 -12.39 95.37
CA ARG A 253 64.30 -13.77 94.93
C ARG A 253 64.14 -14.70 96.13
N LYS A 254 63.02 -15.41 96.20
CA LYS A 254 62.86 -16.36 97.28
C LYS A 254 63.75 -17.58 97.02
N GLN A 255 64.17 -18.23 98.10
CA GLN A 255 65.13 -19.33 98.03
C GLN A 255 64.72 -20.45 97.11
N ASP A 256 65.70 -20.89 96.32
CA ASP A 256 65.47 -21.96 95.38
C ASP A 256 65.19 -23.27 96.12
N LEU A 257 64.37 -24.12 95.52
CA LEU A 257 63.99 -25.36 96.18
C LEU A 257 63.87 -26.42 95.10
N TYR A 258 64.42 -27.60 95.33
CA TYR A 258 64.35 -28.73 94.43
C TYR A 258 63.41 -29.77 95.02
N LYS A 259 62.33 -30.06 94.30
CA LYS A 259 61.26 -30.91 94.78
C LYS A 259 61.03 -32.08 93.83
N PHE A 260 60.50 -33.16 94.39
CA PHE A 260 60.19 -34.37 93.64
C PHE A 260 58.88 -34.16 92.91
N ALA A 261 58.90 -34.23 91.58
CA ALA A 261 57.71 -33.96 90.79
C ALA A 261 56.74 -35.13 90.84
N SER A 262 55.72 -35.09 89.99
CA SER A 262 54.73 -36.14 89.91
C SER A 262 54.65 -36.62 88.46
N GLY A 263 54.54 -37.93 88.25
CA GLY A 263 54.48 -38.88 89.33
C GLY A 263 55.73 -39.61 89.68
N SER A 264 56.37 -39.20 90.77
CA SER A 264 57.56 -39.90 91.25
C SER A 264 57.13 -41.13 92.06
N THR A 265 57.62 -42.30 91.67
CA THR A 265 57.32 -43.53 92.36
C THR A 265 58.32 -43.80 93.47
N PHE A 266 57.83 -44.23 94.62
CA PHE A 266 58.67 -44.55 95.76
C PHE A 266 58.26 -45.90 96.33
N SER A 267 59.18 -46.53 97.06
CA SER A 267 58.89 -47.80 97.69
C SER A 267 58.06 -47.67 98.96
N LYS A 268 57.88 -46.45 99.47
CA LYS A 268 57.10 -46.24 100.69
C LYS A 268 56.68 -44.77 100.74
N THR A 269 55.78 -44.49 101.66
CA THR A 269 55.32 -43.12 101.88
C THR A 269 56.31 -42.36 102.75
N PHE A 270 56.20 -41.04 102.71
CA PHE A 270 57.04 -40.17 103.52
C PHE A 270 56.23 -38.93 103.93
N GLU A 271 56.90 -38.04 104.65
CA GLU A 271 56.28 -36.83 105.18
C GLU A 271 56.83 -35.60 104.47
N GLY A 272 55.96 -34.64 104.19
CA GLY A 272 56.33 -33.44 103.48
C GLY A 272 56.76 -32.31 104.39
N GLN A 273 56.63 -31.10 103.87
CA GLN A 273 57.09 -29.91 104.59
C GLN A 273 56.41 -28.68 104.01
N ILE A 274 55.98 -27.81 104.91
CA ILE A 274 55.55 -26.46 104.56
C ILE A 274 56.77 -25.60 104.84
N VAL A 275 57.66 -25.51 103.87
CA VAL A 275 59.02 -25.03 104.10
C VAL A 275 59.07 -23.51 103.94
N ASP A 276 59.78 -22.87 104.87
CA ASP A 276 60.00 -21.44 104.82
C ASP A 276 61.15 -21.18 103.85
N VAL A 277 60.84 -20.41 102.82
CA VAL A 277 61.78 -19.99 101.80
C VAL A 277 61.73 -18.47 101.76
N ARG A 278 61.77 -17.85 102.89
CA ARG A 278 61.93 -16.39 102.93
C ARG A 278 63.40 -15.98 103.02
N PRO A 279 63.84 -14.98 102.21
CA PRO A 279 65.13 -14.31 102.46
C PRO A 279 65.30 -13.79 103.87
N LEU A 280 66.56 -13.74 104.28
CA LEU A 280 66.89 -13.43 105.67
C LEU A 280 66.42 -12.03 106.02
N ASP A 281 66.00 -11.88 107.28
CA ASP A 281 65.63 -10.61 107.89
C ASP A 281 64.45 -9.96 107.15
N PHE A 282 63.33 -10.65 107.17
CA PHE A 282 62.10 -10.14 106.58
C PHE A 282 60.94 -10.80 107.30
N PRO A 283 60.10 -10.00 108.05
CA PRO A 283 59.17 -10.58 109.04
C PRO A 283 58.25 -11.69 108.55
N HIS A 284 57.45 -11.44 107.52
CA HIS A 284 56.53 -12.47 107.07
C HIS A 284 57.21 -13.34 106.03
N ALA A 285 57.00 -14.65 106.15
CA ALA A 285 57.75 -15.64 105.41
C ALA A 285 57.04 -16.02 104.11
N VAL A 286 57.69 -16.88 103.32
CA VAL A 286 57.10 -17.49 102.14
C VAL A 286 56.99 -18.98 102.40
N LEU A 287 55.79 -19.53 102.26
CA LEU A 287 55.57 -20.93 102.55
C LEU A 287 55.49 -21.70 101.24
N ASN A 288 56.32 -22.73 101.11
CA ASN A 288 56.29 -23.63 99.96
C ASN A 288 55.73 -24.97 100.42
N TYR A 289 54.62 -25.39 99.80
CA TYR A 289 53.90 -26.61 100.18
C TYR A 289 54.50 -27.76 99.39
N ALA A 290 55.19 -28.67 100.07
CA ALA A 290 55.66 -29.89 99.44
C ALA A 290 55.25 -31.05 100.35
N LYS A 291 53.99 -31.47 100.23
CA LYS A 291 53.44 -32.50 101.10
C LYS A 291 52.81 -33.58 100.24
N PRO A 292 53.09 -34.84 100.48
CA PRO A 292 52.71 -35.88 99.55
C PRO A 292 51.24 -36.24 99.62
N LEU A 293 50.68 -36.55 98.46
CA LEU A 293 49.44 -37.30 98.33
C LEU A 293 49.71 -38.46 97.39
N PHE A 294 49.58 -39.68 97.85
CA PHE A 294 50.08 -40.81 97.09
C PHE A 294 48.96 -41.55 96.36
N PHE A 295 49.38 -42.39 95.42
CA PHE A 295 48.49 -43.29 94.68
C PHE A 295 49.04 -44.70 94.82
N LYS A 296 48.20 -45.63 95.27
CA LYS A 296 48.62 -47.02 95.42
C LYS A 296 48.65 -47.63 94.04
N LEU A 297 49.61 -48.49 93.74
CA LEU A 297 49.74 -49.12 92.42
C LEU A 297 49.68 -50.64 92.56
N GLU A 298 49.87 -51.32 91.44
CA GLU A 298 49.87 -52.78 91.42
C GLU A 298 51.27 -53.33 91.65
N MET B 1 34.93 -3.71 106.63
CA MET B 1 33.75 -4.53 106.39
C MET B 1 34.22 -5.66 105.51
N THR B 2 33.67 -6.89 105.65
CA THR B 2 34.27 -8.16 105.25
C THR B 2 34.51 -8.28 103.75
N PHE B 3 35.02 -9.43 103.33
CA PHE B 3 35.45 -9.59 101.96
C PHE B 3 34.23 -9.49 101.03
N ALA B 4 34.45 -8.93 99.85
CA ALA B 4 33.42 -8.89 98.82
C ALA B 4 34.08 -8.84 97.46
N LYS B 5 33.34 -9.28 96.45
CA LYS B 5 33.79 -9.17 95.07
C LYS B 5 32.62 -8.73 94.21
N ILE B 6 32.82 -7.70 93.40
CA ILE B 6 31.74 -7.14 92.59
C ILE B 6 32.10 -7.23 91.12
N LYS B 7 31.18 -7.79 90.32
CA LYS B 7 31.45 -8.13 88.94
C LYS B 7 30.62 -7.22 88.06
N PHE B 8 31.26 -6.53 87.12
CA PHE B 8 30.61 -5.55 86.23
C PHE B 8 30.40 -6.22 84.88
N SER B 9 29.33 -7.02 84.80
CA SER B 9 28.99 -7.67 83.54
C SER B 9 28.52 -6.66 82.51
N ALA B 10 28.96 -6.82 81.27
CA ALA B 10 28.58 -5.92 80.19
C ALA B 10 28.79 -6.62 78.85
N GLN B 11 28.21 -6.03 77.81
CA GLN B 11 28.29 -6.56 76.46
C GLN B 11 28.84 -5.47 75.55
N ILE B 12 30.12 -5.57 75.20
CA ILE B 12 30.74 -4.63 74.29
C ILE B 12 30.20 -4.87 72.88
N ARG B 13 29.63 -3.83 72.27
CA ARG B 13 29.02 -3.95 70.95
C ARG B 13 29.71 -2.94 70.06
N LEU B 14 30.54 -3.43 69.14
CA LEU B 14 31.33 -2.55 68.28
C LEU B 14 30.42 -1.80 67.30
N GLU B 15 30.39 -0.47 67.43
CA GLU B 15 29.70 0.36 66.46
C GLU B 15 30.54 0.60 65.21
N THR B 16 31.87 0.51 65.33
CA THR B 16 32.79 0.65 64.22
C THR B 16 33.78 -0.51 64.33
N GLY B 17 34.37 -0.88 63.19
CA GLY B 17 35.33 -1.96 63.11
C GLY B 17 36.48 -1.82 64.09
N LEU B 18 36.73 -2.88 64.83
CA LEU B 18 37.76 -2.91 65.86
C LEU B 18 39.02 -3.54 65.32
N HIS B 19 40.17 -2.97 65.66
CA HIS B 19 41.46 -3.42 65.16
C HIS B 19 42.46 -3.52 66.30
N ILE B 20 42.12 -4.28 67.35
CA ILE B 20 43.08 -4.51 68.44
C ILE B 20 44.38 -5.06 67.89
N GLY B 21 44.31 -6.00 66.95
CA GLY B 21 45.49 -6.41 66.22
C GLY B 21 46.44 -7.19 67.11
N GLY B 22 47.64 -7.40 66.58
CA GLY B 22 48.64 -8.11 67.33
C GLY B 22 48.89 -9.51 66.85
N SER B 23 48.96 -9.68 65.52
CA SER B 23 49.22 -10.97 64.94
C SER B 23 50.65 -11.41 65.24
N ASP B 24 50.80 -12.52 65.97
CA ASP B 24 52.13 -13.00 66.35
C ASP B 24 52.44 -14.38 65.80
N ALA B 25 51.64 -15.39 66.12
CA ALA B 25 51.89 -16.75 65.67
C ALA B 25 50.73 -17.31 64.85
N PHE B 26 49.52 -17.31 65.41
CA PHE B 26 48.35 -17.85 64.70
C PHE B 26 47.74 -16.82 63.76
N ALA B 27 47.40 -15.64 64.30
CA ALA B 27 46.90 -14.55 63.47
C ALA B 27 47.95 -14.01 62.52
N ALA B 28 49.24 -14.32 62.74
CA ALA B 28 50.31 -13.87 61.85
C ALA B 28 50.08 -14.32 60.41
N ILE B 29 49.52 -15.51 60.24
CA ILE B 29 49.12 -15.98 58.91
C ILE B 29 47.68 -15.49 58.71
N GLY B 30 47.57 -14.25 58.27
CA GLY B 30 46.28 -13.67 57.98
C GLY B 30 46.24 -13.12 56.58
N ALA B 31 47.43 -12.91 55.99
CA ALA B 31 47.61 -12.37 54.64
C ALA B 31 46.91 -11.04 54.48
N ILE B 32 46.99 -10.18 55.50
CA ILE B 32 46.31 -8.89 55.47
C ILE B 32 47.22 -7.72 55.77
N ASP B 33 48.36 -7.95 56.42
CA ASP B 33 49.47 -7.08 56.79
C ASP B 33 49.10 -6.40 58.10
N SER B 34 47.88 -6.59 58.61
CA SER B 34 47.48 -6.15 59.95
C SER B 34 46.31 -6.98 60.49
N PRO B 35 46.54 -8.24 60.84
CA PRO B 35 45.43 -9.08 61.32
C PRO B 35 45.04 -8.74 62.74
N VAL B 36 43.73 -8.83 63.01
CA VAL B 36 43.23 -8.66 64.37
C VAL B 36 43.62 -9.88 65.20
N ILE B 37 43.78 -9.68 66.50
CA ILE B 37 44.06 -10.79 67.40
C ILE B 37 42.85 -11.71 67.46
N LYS B 38 43.08 -13.00 67.30
CA LYS B 38 42.01 -13.98 67.25
C LYS B 38 42.22 -15.04 68.32
N ASP B 39 41.22 -15.85 68.48
CA ASP B 39 41.29 -17.03 69.33
C ASP B 39 42.10 -18.08 68.59
N PRO B 40 43.09 -18.69 69.20
CA PRO B 40 43.84 -19.78 68.55
C PRO B 40 43.04 -20.97 68.12
N ILE B 41 41.87 -21.19 68.69
CA ILE B 41 41.13 -22.42 68.46
C ILE B 41 40.00 -22.19 67.48
N THR B 42 39.11 -21.29 67.81
CA THR B 42 37.95 -20.99 66.99
C THR B 42 38.17 -19.87 65.96
N ASN B 43 39.36 -19.25 65.95
CA ASN B 43 39.68 -18.14 65.03
C ASN B 43 38.66 -17.01 65.13
N LEU B 44 38.26 -16.69 66.36
CA LEU B 44 37.25 -15.68 66.66
C LEU B 44 37.92 -14.43 67.18
N PRO B 45 37.55 -13.24 66.69
CA PRO B 45 38.04 -12.00 67.28
C PRO B 45 37.84 -11.89 68.78
N ILE B 46 38.86 -11.37 69.45
CA ILE B 46 38.98 -11.30 70.89
C ILE B 46 39.47 -9.92 71.30
N ILE B 47 38.88 -9.38 72.36
CA ILE B 47 39.36 -8.13 72.95
C ILE B 47 40.09 -8.52 74.23
N PRO B 48 41.42 -8.59 74.23
CA PRO B 48 42.14 -9.01 75.43
C PRO B 48 41.97 -8.01 76.56
N GLY B 49 41.98 -8.51 77.79
CA GLY B 49 41.81 -7.70 78.97
C GLY B 49 42.91 -6.69 79.16
N SER B 50 44.09 -6.96 78.61
CA SER B 50 45.18 -5.98 78.67
C SER B 50 44.82 -4.70 77.93
N SER B 51 44.16 -4.82 76.77
CA SER B 51 43.75 -3.64 76.01
C SER B 51 42.78 -2.79 76.81
N LEU B 52 41.76 -3.42 77.41
CA LEU B 52 40.80 -2.69 78.21
C LEU B 52 41.45 -2.04 79.41
N LYS B 53 42.31 -2.78 80.11
CA LYS B 53 42.99 -2.23 81.30
C LYS B 53 43.88 -1.05 80.95
N GLY B 54 44.68 -1.19 79.88
CA GLY B 54 45.58 -0.13 79.49
C GLY B 54 44.84 1.11 79.00
N LYS B 55 43.78 0.92 78.22
CA LYS B 55 43.05 2.07 77.71
C LYS B 55 42.31 2.79 78.83
N MET B 56 41.70 2.02 79.76
CA MET B 56 41.03 2.62 80.92
C MET B 56 42.01 3.37 81.81
N ARG B 57 43.20 2.81 82.05
CA ARG B 57 44.18 3.49 82.88
C ARG B 57 44.69 4.78 82.22
N THR B 58 44.97 4.72 80.92
CA THR B 58 45.43 5.93 80.21
C THR B 58 44.33 6.98 80.13
N LEU B 59 43.06 6.57 80.06
CA LEU B 59 41.97 7.53 80.03
C LEU B 59 41.74 8.18 81.39
N LEU B 60 41.78 7.38 82.47
CA LEU B 60 41.62 7.93 83.81
C LEU B 60 42.84 8.69 84.28
N ALA B 61 43.99 8.51 83.60
CA ALA B 61 45.16 9.31 83.91
C ALA B 61 44.98 10.78 83.56
N LYS B 62 44.03 11.10 82.70
CA LYS B 62 43.75 12.47 82.36
C LYS B 62 42.70 13.10 83.26
N VAL B 63 42.12 12.36 84.20
CA VAL B 63 41.07 12.92 85.03
C VAL B 63 41.47 12.86 86.50
N TYR B 64 41.97 11.72 86.95
CA TYR B 64 42.25 11.50 88.36
C TYR B 64 43.75 11.50 88.61
N ASN B 65 44.48 12.38 87.93
CA ASN B 65 45.91 12.46 88.20
C ASN B 65 46.22 13.96 88.28
N GLU B 66 46.34 14.46 89.51
CA GLU B 66 46.58 15.87 89.74
C GLU B 66 47.98 16.27 89.26
N LYS B 67 48.97 15.41 89.48
CA LYS B 67 50.32 15.64 88.98
C LYS B 67 50.47 15.01 87.59
N VAL B 68 51.46 15.44 86.84
CA VAL B 68 51.65 14.83 85.52
C VAL B 68 52.22 13.42 85.67
N ALA B 69 51.61 12.44 84.99
CA ALA B 69 52.07 11.03 85.05
C ALA B 69 53.17 10.84 84.03
N GLU B 70 54.41 11.04 84.47
CA GLU B 70 55.55 10.78 83.61
C GLU B 70 55.70 9.29 83.32
N LYS B 71 55.38 8.43 84.30
CA LYS B 71 55.42 6.99 84.15
C LYS B 71 54.18 6.40 84.81
N PRO B 72 53.73 5.21 84.38
CA PRO B 72 52.63 4.55 85.10
C PRO B 72 52.95 4.22 86.56
N SER B 73 54.22 4.05 86.89
CA SER B 73 54.58 3.84 88.28
C SER B 73 54.34 5.08 89.13
N ASP B 74 54.38 6.27 88.53
CA ASP B 74 54.13 7.51 89.23
C ASP B 74 52.67 7.96 89.15
N ASP B 75 51.75 7.02 88.94
CA ASP B 75 50.34 7.38 88.86
C ASP B 75 49.81 7.76 90.24
N SER B 76 48.66 8.42 90.23
CA SER B 76 48.02 8.86 91.46
C SER B 76 47.60 7.65 92.28
N ASP B 77 47.41 7.88 93.59
CA ASP B 77 47.00 6.81 94.51
C ASP B 77 45.72 6.09 94.08
N ILE B 78 44.76 6.82 93.51
CA ILE B 78 43.48 6.25 93.16
C ILE B 78 43.65 5.28 92.01
N LEU B 79 44.47 5.65 91.05
CA LEU B 79 44.67 4.80 89.89
C LEU B 79 45.55 3.61 90.23
N SER B 80 46.56 3.84 91.07
CA SER B 80 47.48 2.77 91.42
C SER B 80 46.86 1.78 92.41
N ARG B 81 45.82 2.18 93.14
CA ARG B 81 45.16 1.26 94.05
C ARG B 81 44.12 0.39 93.37
N LEU B 82 43.77 0.70 92.12
CA LEU B 82 42.89 -0.14 91.33
C LEU B 82 43.62 -0.93 90.26
N PHE B 83 44.43 -0.25 89.44
CA PHE B 83 45.15 -0.94 88.38
C PHE B 83 46.46 -1.55 88.85
N GLY B 84 46.89 -1.27 90.08
CA GLY B 84 48.13 -1.82 90.59
C GLY B 84 49.31 -0.91 90.32
N ASN B 85 50.41 -1.24 90.99
CA ASN B 85 51.64 -0.45 90.90
C ASN B 85 52.77 -1.32 91.44
N SER B 86 53.75 -1.60 90.61
CA SER B 86 54.86 -2.47 90.98
C SER B 86 55.83 -1.90 92.00
N LYS B 87 55.80 -0.60 92.24
CA LYS B 87 56.84 0.04 93.02
C LYS B 87 56.28 0.78 94.22
N ASP B 88 55.42 0.11 94.98
CA ASP B 88 54.94 0.64 96.24
C ASP B 88 54.50 -0.52 97.14
N LYS B 89 54.41 -0.23 98.43
CA LYS B 89 53.99 -1.22 99.41
C LYS B 89 52.53 -1.64 99.30
N ARG B 90 51.61 -0.71 99.55
CA ARG B 90 50.20 -1.06 99.67
C ARG B 90 49.56 -1.39 98.33
N PHE B 91 50.05 -0.79 97.25
CA PHE B 91 49.38 -0.87 95.96
C PHE B 91 50.09 -1.81 95.00
N LYS B 92 50.79 -2.84 95.53
CA LYS B 92 51.51 -3.76 94.66
C LYS B 92 50.57 -4.52 93.74
N MET B 93 49.44 -4.99 94.27
CA MET B 93 48.45 -5.67 93.47
C MET B 93 47.15 -4.87 93.50
N GLY B 94 46.58 -4.64 92.32
CA GLY B 94 45.41 -3.81 92.23
C GLY B 94 44.14 -4.53 92.62
N ARG B 95 43.05 -3.76 92.67
CA ARG B 95 41.74 -4.26 93.02
C ARG B 95 40.90 -4.61 91.81
N LEU B 96 41.44 -4.48 90.60
CA LEU B 96 40.68 -4.71 89.37
C LEU B 96 41.24 -5.96 88.69
N ILE B 97 40.38 -6.95 88.50
CA ILE B 97 40.75 -8.18 87.80
C ILE B 97 40.02 -8.24 86.46
N PHE B 98 40.65 -7.73 85.41
CA PHE B 98 40.06 -7.75 84.07
C PHE B 98 40.01 -9.16 83.50
N ARG B 99 39.10 -9.36 82.57
CA ARG B 99 38.95 -10.61 81.84
C ARG B 99 38.91 -10.32 80.35
N ASP B 100 39.35 -11.31 79.57
CA ASP B 100 39.28 -11.20 78.13
C ASP B 100 37.83 -11.15 77.67
N ALA B 101 37.65 -10.79 76.41
CA ALA B 101 36.31 -10.63 75.84
C ALA B 101 36.21 -11.52 74.62
N PHE B 102 35.21 -12.40 74.62
CA PHE B 102 34.97 -13.36 73.56
C PHE B 102 33.66 -13.06 72.84
N LEU B 103 33.62 -13.39 71.55
CA LEU B 103 32.42 -13.20 70.75
C LEU B 103 31.26 -14.03 71.32
N SER B 104 30.11 -13.38 71.43
CA SER B 104 28.94 -14.01 72.01
C SER B 104 27.72 -14.01 71.10
N ASN B 105 27.75 -13.27 69.99
CA ASN B 105 26.67 -13.31 69.01
C ASN B 105 27.08 -13.92 67.68
N ALA B 106 27.98 -14.91 67.72
CA ALA B 106 28.42 -15.56 66.49
C ALA B 106 27.25 -16.21 65.77
N ASP B 107 26.33 -16.83 66.53
CA ASP B 107 25.13 -17.41 65.95
C ASP B 107 24.23 -16.33 65.35
N GLU B 108 24.12 -15.18 66.04
CA GLU B 108 23.34 -14.08 65.49
C GLU B 108 23.96 -13.56 64.20
N LEU B 109 25.29 -13.47 64.15
CA LEU B 109 25.97 -13.04 62.93
C LEU B 109 25.73 -14.02 61.80
N ASP B 110 25.74 -15.32 62.09
CA ASP B 110 25.39 -16.32 61.07
C ASP B 110 23.96 -16.14 60.59
N SER B 111 23.04 -15.84 61.51
CA SER B 111 21.64 -15.61 61.13
C SER B 111 21.49 -14.40 60.23
N LEU B 112 22.27 -13.33 60.49
CA LEU B 112 22.24 -12.15 59.62
C LEU B 112 22.72 -12.50 58.22
N GLY B 113 23.72 -13.36 58.10
CA GLY B 113 24.13 -13.83 56.79
C GLY B 113 25.57 -13.53 56.46
N VAL B 114 26.39 -13.29 57.47
CA VAL B 114 27.79 -12.98 57.23
C VAL B 114 28.54 -14.25 56.87
N ARG B 115 29.62 -14.10 56.12
CA ARG B 115 30.48 -15.21 55.76
C ARG B 115 31.75 -15.27 56.59
N SER B 116 32.27 -14.12 57.02
CA SER B 116 33.44 -14.06 57.87
C SER B 116 33.19 -13.07 58.99
N TYR B 117 33.90 -13.25 60.10
CA TYR B 117 33.75 -12.40 61.27
C TYR B 117 34.77 -11.28 61.31
N THR B 118 35.56 -11.11 60.24
CA THR B 118 36.53 -10.03 60.16
C THR B 118 36.60 -9.55 58.72
N GLU B 119 36.11 -8.34 58.48
CA GLU B 119 36.26 -7.70 57.19
C GLU B 119 37.65 -7.13 56.94
N VAL B 120 37.85 -6.72 55.69
CA VAL B 120 39.11 -6.15 55.23
C VAL B 120 38.84 -4.72 54.79
N LYS B 121 39.50 -3.76 55.43
CA LYS B 121 39.34 -2.36 55.07
C LYS B 121 40.53 -1.96 54.21
N PHE B 122 40.22 -1.42 53.05
CA PHE B 122 41.21 -0.92 52.11
C PHE B 122 41.37 0.58 52.29
N GLU B 123 42.61 1.02 52.44
CA GLU B 123 42.91 2.43 52.63
C GLU B 123 44.07 2.78 51.73
N ASN B 124 44.42 4.07 51.70
CA ASN B 124 45.57 4.52 50.92
C ASN B 124 46.08 5.83 51.49
N THR B 125 47.31 6.16 51.11
CA THR B 125 47.94 7.43 51.47
C THR B 125 48.32 8.19 50.21
N ILE B 126 48.02 9.49 50.22
CA ILE B 126 48.28 10.37 49.09
C ILE B 126 49.49 11.22 49.44
N ASP B 127 50.51 11.17 48.59
CA ASP B 127 51.67 12.03 48.77
C ASP B 127 51.28 13.48 48.50
N ARG B 128 52.05 14.41 49.08
CA ARG B 128 51.74 15.82 49.00
C ARG B 128 52.47 16.54 47.86
N ILE B 129 53.76 16.24 47.66
CA ILE B 129 54.48 16.84 46.53
C ILE B 129 54.07 16.18 45.23
N THR B 130 54.25 14.86 45.12
CA THR B 130 53.63 14.07 44.07
C THR B 130 52.20 13.76 44.48
N ALA B 131 51.53 12.86 43.76
CA ALA B 131 50.18 12.48 44.16
C ALA B 131 49.93 10.99 43.96
N GLU B 132 50.98 10.19 44.03
CA GLU B 132 50.81 8.75 43.89
C GLU B 132 50.17 8.18 45.15
N ALA B 133 49.19 7.30 44.96
CA ALA B 133 48.45 6.71 46.06
C ALA B 133 49.07 5.38 46.44
N ASN B 134 49.50 5.26 47.69
CA ASN B 134 50.03 3.99 48.17
C ASN B 134 48.92 3.28 48.94
N PRO B 135 48.43 2.14 48.47
CA PRO B 135 47.33 1.47 49.12
C PRO B 135 47.79 0.45 50.16
N ARG B 136 46.85 0.07 51.02
CA ARG B 136 47.11 -0.88 52.09
C ARG B 136 45.80 -1.46 52.56
N GLN B 137 45.91 -2.58 53.27
CA GLN B 137 44.78 -3.37 53.72
C GLN B 137 44.96 -3.68 55.18
N ILE B 138 43.90 -3.54 55.98
CA ILE B 138 43.95 -3.84 57.40
C ILE B 138 42.64 -4.51 57.82
N GLU B 139 42.75 -5.57 58.63
CA GLU B 139 41.58 -6.30 59.12
C GLU B 139 40.77 -5.47 60.09
N ARG B 140 39.50 -5.82 60.22
CA ARG B 140 38.58 -5.14 61.12
C ARG B 140 37.57 -6.16 61.62
N ALA B 141 37.55 -6.37 62.94
CA ALA B 141 36.45 -7.08 63.57
C ALA B 141 35.17 -6.32 63.26
N ILE B 142 34.29 -6.95 62.47
CA ILE B 142 33.11 -6.29 61.94
C ILE B 142 32.22 -5.74 63.04
N ARG B 143 31.46 -4.71 62.70
CA ARG B 143 30.61 -4.11 63.71
C ARG B 143 29.41 -5.01 63.99
N ASN B 144 28.65 -4.63 65.02
CA ASN B 144 27.53 -5.39 65.58
C ASN B 144 27.96 -6.74 66.14
N SER B 145 29.23 -6.85 66.55
CA SER B 145 29.71 -8.03 67.26
C SER B 145 29.77 -7.72 68.75
N THR B 146 29.29 -8.66 69.57
CA THR B 146 29.26 -8.50 71.00
C THR B 146 30.32 -9.36 71.67
N PHE B 147 30.95 -8.77 72.67
CA PHE B 147 31.95 -9.42 73.48
C PHE B 147 31.56 -9.33 74.96
N ASP B 148 31.75 -10.44 75.67
CA ASP B 148 31.43 -10.48 77.09
C ASP B 148 32.52 -9.77 77.87
N PHE B 149 32.17 -8.65 78.52
CA PHE B 149 33.10 -7.90 79.34
C PHE B 149 32.76 -8.14 80.80
N GLU B 150 33.78 -8.48 81.58
CA GLU B 150 33.59 -8.90 82.98
C GLU B 150 34.80 -8.45 83.79
N LEU B 151 34.59 -7.46 84.63
CA LEU B 151 35.57 -6.88 85.53
C LEU B 151 35.16 -7.00 86.98
N ILE B 152 36.08 -7.45 87.83
CA ILE B 152 35.78 -7.68 89.24
C ILE B 152 36.61 -6.73 90.09
N TYR B 153 35.92 -6.05 91.01
CA TYR B 153 36.53 -5.19 91.99
C TYR B 153 36.41 -5.82 93.38
N GLU B 154 37.53 -5.93 94.08
CA GLU B 154 37.58 -6.61 95.37
C GLU B 154 37.45 -5.60 96.51
N ILE B 155 36.62 -5.94 97.48
CA ILE B 155 36.39 -5.11 98.66
C ILE B 155 36.99 -5.82 99.86
N THR B 156 37.97 -5.18 100.50
CA THR B 156 38.72 -5.73 101.61
C THR B 156 38.47 -4.83 102.83
N ASP B 157 38.53 -5.43 104.03
CA ASP B 157 38.34 -4.74 105.31
C ASP B 157 39.14 -3.45 105.40
N GLU B 158 40.44 -3.52 105.09
CA GLU B 158 41.30 -2.34 105.18
C GLU B 158 40.91 -1.27 104.17
N ASN B 159 40.62 -1.68 102.93
CA ASN B 159 40.23 -0.74 101.88
C ASN B 159 38.70 -0.75 101.75
N GLU B 160 38.06 -0.11 102.72
CA GLU B 160 36.61 -0.01 102.76
C GLU B 160 36.07 1.41 102.67
N ASN B 161 36.75 2.39 103.27
CA ASN B 161 36.28 3.76 103.16
C ASN B 161 36.43 4.33 101.75
N GLN B 162 37.12 3.64 100.85
CA GLN B 162 37.40 4.11 99.51
C GLN B 162 36.54 3.42 98.45
N VAL B 163 35.42 2.81 98.84
CA VAL B 163 34.60 2.06 97.90
C VAL B 163 33.90 3.00 96.91
N GLU B 164 33.32 4.10 97.42
CA GLU B 164 32.56 5.01 96.58
C GLU B 164 33.42 5.70 95.54
N GLU B 165 34.62 6.14 95.95
CA GLU B 165 35.55 6.77 95.02
C GLU B 165 35.98 5.78 93.95
N ASP B 166 36.23 4.52 94.36
CA ASP B 166 36.59 3.49 93.40
C ASP B 166 35.46 3.24 92.41
N PHE B 167 34.22 3.16 92.89
CA PHE B 167 33.07 2.95 92.00
C PHE B 167 32.93 4.09 91.00
N LYS B 168 33.15 5.32 91.46
CA LYS B 168 33.17 6.45 90.53
C LYS B 168 34.30 6.33 89.51
N VAL B 169 35.42 5.74 89.91
CA VAL B 169 36.53 5.60 88.98
C VAL B 169 36.20 4.57 87.91
N ILE B 170 35.61 3.42 88.30
CA ILE B 170 35.16 2.45 87.28
C ILE B 170 34.11 3.05 86.36
N ARG B 171 33.18 3.85 86.91
CA ARG B 171 32.16 4.48 86.07
C ARG B 171 32.80 5.43 85.08
N ASP B 172 33.68 6.30 85.57
CA ASP B 172 34.38 7.21 84.71
C ASP B 172 35.37 6.49 83.82
N GLY B 173 35.79 5.27 84.09
CA GLY B 173 36.62 4.62 83.10
C GLY B 173 35.82 3.96 81.99
N LEU B 174 34.69 3.33 82.37
CA LEU B 174 33.86 2.66 81.38
C LEU B 174 33.19 3.65 80.45
N LYS B 175 32.80 4.84 80.97
CA LYS B 175 32.15 5.81 80.11
C LYS B 175 33.14 6.70 79.39
N LEU B 176 34.40 6.80 79.87
CA LEU B 176 35.44 7.33 78.99
C LEU B 176 35.83 6.40 77.86
N LEU B 177 35.98 5.12 78.14
CA LEU B 177 36.22 4.13 77.09
C LEU B 177 35.11 4.07 76.06
N GLU B 178 33.89 4.46 76.44
CA GLU B 178 32.79 4.54 75.49
C GLU B 178 32.90 5.78 74.59
N LEU B 179 33.68 6.78 75.02
CA LEU B 179 33.88 7.98 74.24
C LEU B 179 35.17 7.97 73.46
N ASP B 180 36.21 7.35 73.98
CA ASP B 180 37.44 7.23 73.24
C ASP B 180 37.33 5.88 72.49
N TYR B 181 38.25 5.58 71.59
CA TYR B 181 38.35 4.29 70.93
C TYR B 181 38.86 3.20 71.88
N LEU B 182 38.90 1.97 71.39
CA LEU B 182 39.41 0.82 72.12
C LEU B 182 40.43 0.14 71.23
N GLY B 183 41.69 0.56 71.28
CA GLY B 183 42.67 -0.06 70.43
C GLY B 183 42.54 0.25 68.95
N GLY B 184 43.58 -0.02 68.20
CA GLY B 184 43.53 0.24 66.78
C GLY B 184 43.74 1.69 66.44
N SER B 185 43.53 1.96 65.17
CA SER B 185 43.67 3.30 64.60
C SER B 185 42.41 4.13 64.84
N GLY B 186 42.17 4.42 66.12
CA GLY B 186 40.90 5.00 66.53
C GLY B 186 40.67 6.42 66.06
N SER B 187 41.74 7.14 65.75
CA SER B 187 41.56 8.52 65.31
C SER B 187 41.03 8.58 63.87
N ARG B 188 41.02 7.45 63.16
CA ARG B 188 40.42 7.29 61.82
C ARG B 188 39.17 6.43 61.82
N GLY B 189 38.32 6.59 62.84
CA GLY B 189 37.07 5.87 62.88
C GLY B 189 37.24 4.38 63.14
N TYR B 190 37.69 4.03 64.34
CA TYR B 190 38.02 2.65 64.66
C TYR B 190 37.69 2.39 66.12
N GLY B 191 37.35 1.15 66.42
CA GLY B 191 37.24 0.72 67.80
C GLY B 191 36.24 1.45 68.67
N LYS B 192 35.13 1.85 68.11
CA LYS B 192 34.08 2.49 68.89
C LYS B 192 33.22 1.40 69.51
N VAL B 193 33.17 1.35 70.83
CA VAL B 193 32.47 0.29 71.55
C VAL B 193 31.32 0.91 72.33
N ALA B 194 30.47 0.04 72.86
CA ALA B 194 29.36 0.46 73.71
C ALA B 194 29.04 -0.67 74.68
N PHE B 195 28.91 -0.33 75.96
CA PHE B 195 28.67 -1.31 77.01
C PHE B 195 27.17 -1.41 77.22
N GLU B 196 26.58 -2.47 76.72
CA GLU B 196 25.15 -2.74 76.88
C GLU B 196 24.95 -3.68 78.04
N ASN B 197 23.78 -3.56 78.69
CA ASN B 197 23.41 -4.33 79.88
C ASN B 197 24.47 -4.18 80.97
N LEU B 198 24.97 -2.96 81.13
CA LEU B 198 25.99 -2.67 82.13
C LEU B 198 25.40 -2.89 83.51
N LYS B 199 25.78 -3.97 84.18
CA LYS B 199 25.17 -4.34 85.44
C LYS B 199 26.24 -4.82 86.40
N ALA B 200 26.19 -4.32 87.63
CA ALA B 200 27.14 -4.74 88.66
C ALA B 200 26.41 -5.63 89.66
N THR B 201 26.99 -6.79 89.94
CA THR B 201 26.41 -7.71 90.91
C THR B 201 27.49 -8.19 91.87
N THR B 202 27.21 -8.08 93.17
CA THR B 202 28.09 -8.70 94.14
C THR B 202 28.02 -10.21 94.02
N VAL B 203 29.16 -10.86 94.18
CA VAL B 203 29.19 -12.27 93.88
C VAL B 203 29.66 -13.04 95.11
N PHE B 204 30.87 -12.74 95.58
CA PHE B 204 31.36 -13.44 96.76
C PHE B 204 31.24 -12.42 97.88
N GLY B 205 30.77 -12.87 99.04
CA GLY B 205 30.46 -11.99 100.13
C GLY B 205 29.09 -11.38 99.94
N ASN B 206 28.95 -10.10 100.29
CA ASN B 206 27.68 -9.41 100.15
C ASN B 206 27.93 -7.91 100.12
N TYR B 207 27.17 -7.21 99.28
CA TYR B 207 27.25 -5.76 99.21
C TYR B 207 25.95 -5.23 98.60
N ASP B 208 25.72 -3.94 98.81
CA ASP B 208 24.51 -3.28 98.34
C ASP B 208 24.75 -2.71 96.94
N VAL B 209 24.80 -3.63 95.97
CA VAL B 209 24.96 -3.24 94.58
C VAL B 209 23.69 -2.66 94.02
N LYS B 210 22.60 -2.83 94.79
CA LYS B 210 21.39 -2.20 94.40
C LYS B 210 21.52 -0.71 94.45
N THR B 211 22.34 -0.06 95.28
CA THR B 211 22.49 1.41 95.14
C THR B 211 23.42 1.80 93.98
N LEU B 212 24.27 0.87 93.56
CA LEU B 212 25.24 1.16 92.51
C LEU B 212 24.63 1.03 91.11
N ASN B 213 23.72 0.06 90.92
CA ASN B 213 23.17 -0.21 89.58
C ASN B 213 22.38 0.98 89.04
N GLU B 214 21.66 1.69 89.90
CA GLU B 214 20.78 2.77 89.43
C GLU B 214 21.61 3.94 88.98
N LEU B 215 22.73 4.19 89.65
CA LEU B 215 23.63 5.24 89.20
C LEU B 215 24.63 4.73 88.16
N LEU B 216 24.64 3.43 87.87
CA LEU B 216 25.49 2.88 86.82
C LEU B 216 24.81 2.97 85.46
N THR B 217 23.65 2.34 85.32
CA THR B 217 22.87 2.41 84.09
C THR B 217 22.24 3.79 83.95
N ALA B 218 21.62 4.01 82.79
CA ALA B 218 20.95 5.25 82.40
C ALA B 218 21.92 6.42 82.44
N GLU B 219 21.95 7.15 83.56
CA GLU B 219 22.87 8.26 83.76
C GLU B 219 24.33 7.79 83.77
N MET C 1 43.81 22.71 80.78
CA MET C 1 44.04 22.53 82.19
C MET C 1 43.33 21.29 82.71
N THR C 2 41.99 21.37 82.77
CA THR C 2 41.17 20.24 83.20
C THR C 2 40.99 19.30 82.01
N PHE C 3 40.14 18.29 82.17
CA PHE C 3 39.81 17.36 81.11
C PHE C 3 38.38 17.53 80.66
N ALA C 4 38.19 17.66 79.35
CA ALA C 4 36.83 17.71 78.82
C ALA C 4 36.83 17.12 77.41
N LYS C 5 35.68 16.58 77.00
CA LYS C 5 35.54 16.05 75.65
C LYS C 5 34.27 16.62 75.05
N ILE C 6 34.38 17.18 73.85
CA ILE C 6 33.31 17.87 73.15
C ILE C 6 32.97 17.06 71.90
N LYS C 7 31.68 16.87 71.63
CA LYS C 7 31.23 16.05 70.53
C LYS C 7 30.56 16.95 69.50
N PHE C 8 31.19 17.10 68.34
CA PHE C 8 30.59 17.75 67.19
C PHE C 8 29.73 16.71 66.47
N SER C 9 28.42 16.90 66.51
CA SER C 9 27.47 15.98 65.89
C SER C 9 26.79 16.68 64.72
N ALA C 10 26.76 16.01 63.58
CA ALA C 10 26.16 16.59 62.38
C ALA C 10 25.68 15.47 61.47
N GLN C 11 25.05 15.87 60.38
CA GLN C 11 24.61 14.94 59.35
C GLN C 11 25.28 15.34 58.04
N ILE C 12 26.18 14.50 57.56
CA ILE C 12 26.75 14.66 56.23
C ILE C 12 25.69 14.30 55.23
N ARG C 13 25.08 15.30 54.61
CA ARG C 13 24.09 15.10 53.57
C ARG C 13 24.79 15.32 52.23
N LEU C 14 24.77 14.29 51.40
CA LEU C 14 25.38 14.42 50.09
C LEU C 14 24.49 15.29 49.21
N GLU C 15 25.09 15.88 48.20
CA GLU C 15 24.36 16.66 47.20
C GLU C 15 24.67 16.21 45.81
N THR C 16 25.80 15.55 45.60
CA THR C 16 26.10 14.80 44.40
C THR C 16 26.50 13.39 44.84
N GLY C 17 26.40 12.45 43.91
CA GLY C 17 26.68 11.06 44.22
C GLY C 17 28.11 10.81 44.68
N LEU C 18 28.27 10.56 45.97
CA LEU C 18 29.60 10.29 46.46
C LEU C 18 30.03 8.88 46.09
N HIS C 19 31.32 8.74 45.82
CA HIS C 19 31.90 7.43 45.50
C HIS C 19 33.26 7.35 46.19
N ILE C 20 33.29 6.78 47.41
CA ILE C 20 34.56 6.59 48.10
C ILE C 20 35.33 5.42 47.53
N GLY C 21 34.68 4.29 47.33
CA GLY C 21 35.37 3.26 46.56
C GLY C 21 36.12 2.28 47.44
N GLY C 22 36.19 1.04 46.96
CA GLY C 22 36.86 -0.04 47.65
C GLY C 22 37.75 -0.87 46.76
N SER C 23 37.59 -2.19 46.80
CA SER C 23 38.42 -3.10 46.02
C SER C 23 37.53 -4.04 45.24
N ASP C 24 37.93 -4.31 44.00
CA ASP C 24 37.20 -5.24 43.14
C ASP C 24 37.29 -6.68 43.65
N ALA C 25 38.31 -7.00 44.45
CA ALA C 25 38.46 -8.34 44.98
C ALA C 25 37.32 -8.71 45.91
N PHE C 26 36.91 -7.78 46.76
CA PHE C 26 35.89 -8.03 47.78
C PHE C 26 34.55 -7.41 47.42
N ALA C 27 34.33 -7.13 46.13
CA ALA C 27 33.08 -6.55 45.67
C ALA C 27 31.98 -7.61 45.68
N ALA C 28 30.77 -7.19 45.30
CA ALA C 28 29.65 -8.10 45.24
C ALA C 28 29.70 -8.95 43.97
N ILE C 29 28.67 -9.79 43.77
CA ILE C 29 28.63 -10.68 42.60
C ILE C 29 28.15 -9.95 41.35
N GLY C 30 27.77 -8.68 41.46
CA GLY C 30 27.23 -7.94 40.33
C GLY C 30 28.19 -7.72 39.17
N ALA C 31 27.77 -6.94 38.18
CA ALA C 31 28.56 -6.79 36.96
C ALA C 31 29.71 -5.82 37.20
N ILE C 32 30.35 -5.36 36.10
CA ILE C 32 31.51 -4.48 36.18
C ILE C 32 31.17 -3.20 36.93
N ASP C 33 31.96 -2.87 37.94
CA ASP C 33 31.68 -1.70 38.75
C ASP C 33 32.96 -1.28 39.44
N SER C 34 32.97 -0.02 39.89
CA SER C 34 33.95 0.45 40.86
C SER C 34 33.21 0.66 42.18
N PRO C 35 33.03 -0.41 42.96
CA PRO C 35 32.08 -0.34 44.08
C PRO C 35 32.56 0.56 45.20
N VAL C 36 31.59 1.19 45.87
CA VAL C 36 31.88 1.88 47.12
C VAL C 36 32.13 0.85 48.22
N ILE C 37 32.70 1.31 49.32
CA ILE C 37 32.82 0.45 50.49
C ILE C 37 31.48 0.41 51.23
N LYS C 38 31.15 -0.76 51.73
CA LYS C 38 29.90 -1.05 52.39
C LYS C 38 30.13 -1.76 53.71
N ASP C 39 29.21 -1.55 54.63
CA ASP C 39 29.27 -2.23 55.91
C ASP C 39 29.01 -3.71 55.68
N PRO C 40 29.78 -4.62 56.27
CA PRO C 40 29.63 -6.05 55.98
C PRO C 40 28.34 -6.60 56.53
N ILE C 41 27.76 -5.93 57.53
CA ILE C 41 26.53 -6.41 58.16
C ILE C 41 25.32 -6.11 57.28
N THR C 42 25.17 -4.86 56.85
CA THR C 42 23.96 -4.42 56.18
C THR C 42 24.13 -4.10 54.71
N ASN C 43 25.36 -4.06 54.20
CA ASN C 43 25.70 -3.70 52.82
C ASN C 43 25.11 -2.32 52.47
N LEU C 44 25.32 -1.39 53.35
CA LEU C 44 24.98 -0.02 53.01
C LEU C 44 26.26 0.80 52.88
N PRO C 45 26.29 1.79 51.97
CA PRO C 45 27.50 2.62 51.84
C PRO C 45 27.78 3.41 53.11
N ILE C 46 29.07 3.56 53.40
CA ILE C 46 29.52 4.29 54.58
C ILE C 46 30.58 5.29 54.15
N ILE C 47 30.82 6.26 55.02
CA ILE C 47 31.87 7.24 54.87
C ILE C 47 32.86 7.07 56.00
N PRO C 48 33.97 6.39 55.75
CA PRO C 48 34.91 6.12 56.84
C PRO C 48 35.58 7.39 57.32
N GLY C 49 35.92 7.40 58.61
CA GLY C 49 36.58 8.54 59.20
C GLY C 49 37.97 8.79 58.65
N SER C 50 38.60 7.77 58.06
CA SER C 50 39.87 7.95 57.39
C SER C 50 39.77 8.91 56.20
N SER C 51 38.71 8.79 55.40
CA SER C 51 38.53 9.70 54.26
C SER C 51 38.32 11.13 54.71
N LEU C 52 37.45 11.33 55.71
CA LEU C 52 37.20 12.66 56.24
C LEU C 52 38.45 13.26 56.85
N LYS C 53 39.21 12.45 57.60
CA LYS C 53 40.40 12.96 58.26
C LYS C 53 41.46 13.35 57.22
N GLY C 54 41.64 12.50 56.21
CA GLY C 54 42.61 12.79 55.17
C GLY C 54 42.27 14.02 54.36
N LYS C 55 41.00 14.15 53.96
CA LYS C 55 40.60 15.31 53.17
C LYS C 55 40.66 16.59 54.00
N MET C 56 40.26 16.52 55.29
CA MET C 56 40.32 17.70 56.15
C MET C 56 41.75 18.13 56.40
N ARG C 57 42.67 17.18 56.61
CA ARG C 57 44.07 17.52 56.82
C ARG C 57 44.70 18.09 55.56
N THR C 58 44.39 17.51 54.40
CA THR C 58 44.93 18.01 53.14
C THR C 58 44.42 19.43 52.85
N LEU C 59 43.14 19.68 53.11
CA LEU C 59 42.58 21.01 52.87
C LEU C 59 43.10 22.04 53.87
N LEU C 60 43.29 21.64 55.13
CA LEU C 60 43.82 22.56 56.12
C LEU C 60 45.32 22.76 55.97
N ALA C 61 46.00 21.86 55.30
CA ALA C 61 47.40 22.11 54.94
C ALA C 61 47.52 23.17 53.86
N LYS C 62 46.46 23.56 53.19
CA LYS C 62 46.71 24.66 52.29
C LYS C 62 46.51 26.01 52.97
N VAL C 63 46.02 26.03 54.21
CA VAL C 63 45.64 27.27 54.86
C VAL C 63 46.48 27.51 56.11
N TYR C 64 46.79 26.46 56.86
CA TYR C 64 47.46 26.59 58.14
C TYR C 64 48.84 25.96 58.11
N ASN C 65 49.60 26.20 57.04
CA ASN C 65 50.94 25.66 57.04
C ASN C 65 52.06 26.67 56.97
N GLU C 66 51.87 27.79 56.26
CA GLU C 66 52.83 28.88 56.08
C GLU C 66 54.10 28.42 55.34
N LYS C 67 54.13 27.18 54.84
CA LYS C 67 55.22 26.54 54.11
C LYS C 67 54.69 25.21 53.60
N VAL C 68 55.09 24.84 52.38
CA VAL C 68 54.63 23.59 51.79
C VAL C 68 55.17 22.41 52.61
N ALA C 69 54.39 21.33 52.65
CA ALA C 69 54.71 20.15 53.41
C ALA C 69 54.98 18.99 52.45
N GLU C 70 56.16 18.39 52.57
CA GLU C 70 56.47 17.21 51.77
C GLU C 70 55.79 15.96 52.32
N LYS C 71 55.57 15.90 53.63
CA LYS C 71 55.01 14.75 54.31
C LYS C 71 54.01 15.24 55.35
N PRO C 72 53.06 14.39 55.77
CA PRO C 72 52.17 14.77 56.87
C PRO C 72 52.91 15.08 58.17
N SER C 73 54.05 14.44 58.42
CA SER C 73 54.82 14.70 59.63
C SER C 73 55.46 16.08 59.64
N ASP C 74 55.49 16.78 58.50
CA ASP C 74 56.12 18.09 58.39
C ASP C 74 55.10 19.21 58.49
N ASP C 75 53.90 18.94 59.00
CA ASP C 75 52.86 19.96 59.08
C ASP C 75 53.16 20.97 60.18
N SER C 76 52.28 21.96 60.33
CA SER C 76 52.48 23.03 61.30
C SER C 76 52.22 22.53 62.70
N ASP C 77 52.32 23.42 63.69
CA ASP C 77 52.01 23.03 65.06
C ASP C 77 50.53 22.71 65.25
N ILE C 78 49.65 23.50 64.65
CA ILE C 78 48.22 23.34 64.86
C ILE C 78 47.73 22.01 64.29
N LEU C 79 48.13 21.70 63.06
CA LEU C 79 47.68 20.46 62.42
C LEU C 79 48.28 19.25 63.11
N SER C 80 49.52 19.38 63.57
CA SER C 80 50.16 18.33 64.37
C SER C 80 49.44 18.06 65.68
N ARG C 81 49.13 19.11 66.41
CA ARG C 81 48.47 18.92 67.71
C ARG C 81 47.02 18.48 67.56
N LEU C 82 46.39 18.74 66.40
CA LEU C 82 45.00 18.35 66.23
C LEU C 82 44.86 16.91 65.72
N PHE C 83 45.54 16.61 64.64
CA PHE C 83 45.51 15.35 63.93
C PHE C 83 46.55 14.32 64.39
N GLY C 84 47.79 14.74 64.66
CA GLY C 84 48.76 13.83 65.23
C GLY C 84 49.93 13.43 64.34
N ASN C 85 51.16 13.53 64.86
CA ASN C 85 52.33 13.05 64.14
C ASN C 85 52.99 11.92 64.89
N SER C 86 53.40 10.90 64.15
CA SER C 86 54.18 9.83 64.75
C SER C 86 55.61 10.24 65.01
N LYS C 87 56.12 11.25 64.31
CA LYS C 87 57.50 11.67 64.46
C LYS C 87 57.68 12.78 65.48
N ASP C 88 56.62 13.27 66.09
CA ASP C 88 56.70 14.32 67.10
C ASP C 88 56.29 13.73 68.44
N LYS C 89 57.13 13.92 69.47
CA LYS C 89 56.88 13.32 70.77
C LYS C 89 55.69 13.95 71.48
N ARG C 90 55.60 15.28 71.47
CA ARG C 90 54.53 15.96 72.21
C ARG C 90 53.19 15.89 71.50
N PHE C 91 53.18 15.54 70.21
CA PHE C 91 51.95 15.48 69.42
C PHE C 91 51.68 14.08 68.90
N LYS C 92 52.18 13.06 69.60
CA LYS C 92 51.99 11.68 69.16
C LYS C 92 50.52 11.31 69.19
N MET C 93 49.80 11.71 70.22
CA MET C 93 48.39 11.44 70.35
C MET C 93 47.61 12.68 69.92
N GLY C 94 46.96 12.60 68.76
CA GLY C 94 46.13 13.69 68.32
C GLY C 94 44.90 13.85 69.18
N ARG C 95 44.43 15.09 69.28
CA ARG C 95 43.28 15.41 70.12
C ARG C 95 41.98 15.42 69.34
N LEU C 96 41.96 14.85 68.15
CA LEU C 96 40.77 14.86 67.32
C LEU C 96 40.46 13.42 67.00
N ILE C 97 39.24 12.97 67.27
CA ILE C 97 38.83 11.59 67.02
C ILE C 97 37.68 11.62 66.03
N PHE C 98 37.92 11.10 64.83
CA PHE C 98 36.87 11.01 63.82
C PHE C 98 36.19 9.65 63.92
N ARG C 99 34.95 9.59 63.45
CA ARG C 99 34.16 8.37 63.50
C ARG C 99 33.60 8.07 62.12
N ASP C 100 33.42 6.77 61.84
CA ASP C 100 32.82 6.35 60.59
C ASP C 100 31.38 6.86 60.52
N ALA C 101 31.01 7.34 59.35
CA ALA C 101 29.69 7.94 59.11
C ALA C 101 28.84 6.90 58.38
N PHE C 102 28.00 6.21 59.13
CA PHE C 102 27.10 5.21 58.55
C PHE C 102 25.82 5.88 58.08
N LEU C 103 25.10 5.19 57.19
CA LEU C 103 23.86 5.70 56.65
C LEU C 103 22.84 5.91 57.77
N SER C 104 22.13 7.04 57.69
CA SER C 104 21.28 7.48 58.79
C SER C 104 19.79 7.49 58.44
N ASN C 105 19.43 8.00 57.27
CA ASN C 105 18.02 8.20 56.91
C ASN C 105 17.51 7.13 55.96
N ALA C 106 17.92 5.87 56.16
CA ALA C 106 17.44 4.77 55.32
C ALA C 106 15.92 4.62 55.37
N ASP C 107 15.31 4.95 56.51
CA ASP C 107 13.86 5.00 56.61
C ASP C 107 13.22 6.04 55.68
N GLU C 108 13.83 7.23 55.61
CA GLU C 108 13.30 8.29 54.79
C GLU C 108 13.50 7.92 53.35
N LEU C 109 14.68 7.37 53.02
CA LEU C 109 14.94 6.92 51.65
C LEU C 109 13.92 5.88 51.22
N ASP C 110 13.63 4.90 52.08
CA ASP C 110 12.61 3.90 51.78
C ASP C 110 11.22 4.54 51.62
N SER C 111 10.91 5.54 52.45
CA SER C 111 9.65 6.27 52.31
C SER C 111 9.56 7.01 50.98
N LEU C 112 10.68 7.48 50.45
CA LEU C 112 10.75 8.11 49.13
C LEU C 112 10.73 7.13 47.99
N GLY C 113 10.41 5.87 48.21
CA GLY C 113 10.26 4.92 47.13
C GLY C 113 11.53 4.45 46.51
N VAL C 114 12.71 4.69 47.11
CA VAL C 114 13.95 4.28 46.47
C VAL C 114 14.04 2.75 46.63
N ARG C 115 14.73 2.11 45.69
CA ARG C 115 14.87 0.68 45.68
C ARG C 115 16.29 0.21 45.91
N SER C 116 17.28 1.09 45.75
CA SER C 116 18.67 0.75 46.01
C SER C 116 19.39 1.97 46.57
N TYR C 117 20.29 1.74 47.51
CA TYR C 117 21.03 2.82 48.14
C TYR C 117 22.28 3.19 47.38
N THR C 118 22.57 2.53 46.27
CA THR C 118 23.70 2.87 45.40
C THR C 118 23.25 2.80 43.96
N GLU C 119 23.56 3.85 43.20
CA GLU C 119 23.24 3.91 41.79
C GLU C 119 24.48 3.60 40.96
N VAL C 120 24.25 3.32 39.68
CA VAL C 120 25.32 3.04 38.72
C VAL C 120 25.33 4.17 37.71
N LYS C 121 26.43 4.92 37.67
CA LYS C 121 26.61 5.99 36.72
C LYS C 121 27.41 5.45 35.53
N PHE C 122 26.83 5.58 34.34
CA PHE C 122 27.46 5.16 33.10
C PHE C 122 28.13 6.35 32.46
N GLU C 123 29.41 6.20 32.13
CA GLU C 123 30.17 7.21 31.43
C GLU C 123 30.91 6.57 30.27
N ASN C 124 31.61 7.39 29.49
CA ASN C 124 32.46 6.88 28.42
C ASN C 124 33.62 7.83 28.19
N THR C 125 34.62 7.35 27.47
CA THR C 125 35.78 8.13 27.10
C THR C 125 35.96 8.02 25.59
N ILE C 126 36.05 9.16 24.91
CA ILE C 126 36.21 9.17 23.46
C ILE C 126 37.57 9.72 23.11
N ASP C 127 38.27 9.02 22.21
CA ASP C 127 39.59 9.44 21.78
C ASP C 127 39.51 10.78 21.02
N ARG C 128 40.54 11.59 21.18
CA ARG C 128 40.64 12.84 20.41
C ARG C 128 40.96 12.69 18.94
N ILE C 129 41.46 11.55 18.50
CA ILE C 129 41.77 11.30 17.10
C ILE C 129 40.73 10.45 16.42
N THR C 130 40.32 9.36 17.06
CA THR C 130 39.40 8.44 16.42
C THR C 130 37.96 8.57 16.90
N ALA C 131 37.73 9.24 18.04
CA ALA C 131 36.40 9.51 18.61
C ALA C 131 35.64 8.23 18.93
N GLU C 132 36.36 7.17 19.29
CA GLU C 132 35.73 5.92 19.71
C GLU C 132 35.36 5.98 21.18
N ALA C 133 34.11 5.63 21.49
CA ALA C 133 33.59 5.70 22.85
C ALA C 133 33.83 4.38 23.56
N ASN C 134 34.82 4.35 24.45
CA ASN C 134 34.99 3.23 25.34
C ASN C 134 34.13 3.46 26.57
N PRO C 135 33.16 2.60 26.86
CA PRO C 135 32.24 2.84 27.97
C PRO C 135 32.86 2.41 29.30
N ARG C 136 32.18 2.80 30.36
CA ARG C 136 32.48 2.38 31.72
C ARG C 136 31.25 2.66 32.58
N GLN C 137 31.19 1.97 33.70
CA GLN C 137 30.20 2.24 34.73
C GLN C 137 30.81 2.16 36.11
N ILE C 138 30.46 3.13 36.95
CA ILE C 138 30.99 3.22 38.29
C ILE C 138 29.81 3.34 39.26
N GLU C 139 30.10 3.12 40.54
CA GLU C 139 29.06 3.08 41.56
C GLU C 139 29.08 4.37 42.38
N ARG C 140 27.90 4.88 42.68
CA ARG C 140 27.73 6.13 43.43
C ARG C 140 26.72 5.90 44.54
N ALA C 141 26.85 6.68 45.61
CA ALA C 141 25.84 6.72 46.64
C ALA C 141 24.72 7.63 46.18
N ILE C 142 23.52 7.36 46.69
CA ILE C 142 22.35 8.16 46.36
C ILE C 142 22.54 9.61 46.79
N ARG C 143 21.98 10.53 46.01
CA ARG C 143 22.25 11.95 46.17
C ARG C 143 21.87 12.44 47.55
N ASN C 144 20.65 12.17 48.02
CA ASN C 144 20.16 12.78 49.25
C ASN C 144 20.36 11.89 50.47
N SER C 145 21.36 11.01 50.45
CA SER C 145 21.66 10.21 51.63
C SER C 145 22.29 11.07 52.71
N THR C 146 22.00 10.73 53.97
CA THR C 146 22.60 11.39 55.11
C THR C 146 23.39 10.38 55.93
N PHE C 147 24.46 10.86 56.56
CA PHE C 147 25.33 10.03 57.37
C PHE C 147 25.58 10.71 58.70
N ASP C 148 25.56 9.94 59.79
CA ASP C 148 25.82 10.49 61.12
C ASP C 148 27.30 10.77 61.28
N PHE C 149 27.65 12.03 61.50
CA PHE C 149 29.03 12.46 61.60
C PHE C 149 29.31 12.89 63.03
N GLU C 150 30.28 12.22 63.65
CA GLU C 150 30.64 12.50 65.02
C GLU C 150 32.13 12.75 65.12
N LEU C 151 32.50 13.88 65.71
CA LEU C 151 33.90 14.25 65.82
C LEU C 151 34.15 14.65 67.27
N ILE C 152 35.08 13.99 67.95
CA ILE C 152 35.29 14.20 69.38
C ILE C 152 36.60 14.93 69.60
N TYR C 153 36.54 16.03 70.35
CA TYR C 153 37.67 16.91 70.58
C TYR C 153 37.99 16.90 72.07
N GLU C 154 39.27 16.70 72.40
CA GLU C 154 39.71 16.51 73.78
C GLU C 154 40.51 17.72 74.24
N ILE C 155 40.25 18.16 75.48
CA ILE C 155 40.86 19.34 76.06
C ILE C 155 41.70 18.89 77.23
N THR C 156 43.02 19.04 77.09
CA THR C 156 44.01 18.75 78.11
C THR C 156 45.04 19.85 77.95
N ASP C 157 45.44 20.46 79.08
CA ASP C 157 46.52 21.46 79.26
C ASP C 157 46.51 22.58 78.21
N GLU C 158 45.34 22.87 77.65
CA GLU C 158 45.19 23.73 76.49
C GLU C 158 44.59 25.02 76.98
N ASN C 159 45.26 26.13 76.70
CA ASN C 159 44.78 27.44 77.10
C ASN C 159 43.52 27.79 76.32
N GLU C 160 42.80 28.80 76.83
CA GLU C 160 41.57 29.25 76.17
C GLU C 160 41.85 29.72 74.75
N ASN C 161 42.97 30.40 74.54
CA ASN C 161 43.35 30.80 73.18
C ASN C 161 43.62 29.59 72.30
N GLN C 162 44.25 28.55 72.86
CA GLN C 162 44.54 27.34 72.09
C GLN C 162 43.26 26.59 71.69
N VAL C 163 42.31 26.46 72.63
CA VAL C 163 41.07 25.75 72.31
C VAL C 163 40.23 26.57 71.35
N GLU C 164 40.27 27.91 71.44
CA GLU C 164 39.54 28.74 70.47
C GLU C 164 40.17 28.62 69.10
N GLU C 165 41.49 28.54 69.03
CA GLU C 165 42.15 28.41 67.74
C GLU C 165 41.78 27.06 67.13
N ASP C 166 41.76 26.00 67.96
CA ASP C 166 41.40 24.67 67.47
C ASP C 166 39.95 24.63 66.99
N PHE C 167 39.06 25.34 67.68
CA PHE C 167 37.68 25.45 67.21
C PHE C 167 37.60 26.15 65.86
N LYS C 168 38.38 27.22 65.70
CA LYS C 168 38.41 27.93 64.41
C LYS C 168 38.95 27.03 63.30
N VAL C 169 39.96 26.21 63.61
CA VAL C 169 40.54 25.32 62.61
C VAL C 169 39.56 24.23 62.22
N ILE C 170 38.82 23.70 63.21
CA ILE C 170 37.81 22.69 62.92
C ILE C 170 36.69 23.27 62.06
N ARG C 171 36.27 24.51 62.38
CA ARG C 171 35.23 25.17 61.58
C ARG C 171 35.70 25.40 60.15
N ASP C 172 36.96 25.82 59.99
CA ASP C 172 37.50 26.03 58.66
C ASP C 172 37.66 24.71 57.90
N GLY C 173 38.01 23.64 58.61
CA GLY C 173 38.06 22.34 57.98
C GLY C 173 36.71 21.86 57.47
N LEU C 174 35.66 22.06 58.27
CA LEU C 174 34.32 21.70 57.84
C LEU C 174 33.85 22.56 56.67
N LYS C 175 34.14 23.86 56.71
CA LYS C 175 33.79 24.74 55.59
C LYS C 175 34.53 24.35 54.32
N LEU C 176 35.81 24.00 54.44
CA LEU C 176 36.59 23.58 53.29
C LEU C 176 36.10 22.25 52.73
N LEU C 177 35.66 21.34 53.61
CA LEU C 177 35.07 20.10 53.12
C LEU C 177 33.75 20.35 52.41
N GLU C 178 32.97 21.34 52.88
CA GLU C 178 31.76 21.74 52.17
C GLU C 178 32.10 22.31 50.79
N LEU C 179 33.14 23.13 50.71
CA LEU C 179 33.50 23.78 49.46
C LEU C 179 34.33 22.89 48.54
N ASP C 180 34.83 21.77 49.01
CA ASP C 180 35.56 20.80 48.22
C ASP C 180 34.74 19.53 48.21
N TYR C 181 35.29 18.46 47.67
CA TYR C 181 34.59 17.19 47.55
C TYR C 181 35.18 16.19 48.53
N LEU C 182 34.33 15.34 49.07
CA LEU C 182 34.81 14.15 49.75
C LEU C 182 35.31 13.17 48.70
N GLY C 183 36.16 12.22 49.13
CA GLY C 183 36.83 11.21 48.33
C GLY C 183 36.07 10.65 47.16
N GLY C 184 36.74 10.56 46.04
CA GLY C 184 36.16 10.09 44.81
C GLY C 184 36.56 10.95 43.66
N SER C 185 35.87 10.76 42.55
CA SER C 185 36.12 11.55 41.33
C SER C 185 35.41 12.89 41.41
N GLY C 186 35.81 13.69 42.39
CA GLY C 186 35.10 14.91 42.68
C GLY C 186 35.35 16.04 41.73
N SER C 187 36.39 15.93 40.90
CA SER C 187 36.58 16.91 39.83
C SER C 187 35.48 16.85 38.78
N ARG C 188 34.68 15.78 38.77
CA ARG C 188 33.59 15.59 37.83
C ARG C 188 32.24 15.53 38.52
N GLY C 189 32.10 16.18 39.67
CA GLY C 189 30.80 16.29 40.33
C GLY C 189 30.46 15.16 41.28
N TYR C 190 31.37 14.84 42.19
CA TYR C 190 31.21 13.74 43.14
C TYR C 190 31.51 14.23 44.53
N GLY C 191 30.91 13.56 45.52
CA GLY C 191 31.28 13.75 46.91
C GLY C 191 30.98 15.11 47.50
N LYS C 192 30.16 15.94 46.87
CA LYS C 192 29.82 17.23 47.44
C LYS C 192 28.96 16.99 48.67
N VAL C 193 29.40 17.47 49.82
CA VAL C 193 28.75 17.17 51.09
C VAL C 193 28.34 18.48 51.74
N ALA C 194 27.29 18.44 52.57
CA ALA C 194 26.99 19.55 53.47
C ALA C 194 26.64 19.03 54.84
N PHE C 195 27.10 19.76 55.84
CA PHE C 195 26.92 19.37 57.23
C PHE C 195 25.65 20.04 57.76
N GLU C 196 24.68 19.23 58.14
CA GLU C 196 23.41 19.70 58.66
C GLU C 196 23.35 19.47 60.16
N ASN C 197 22.67 20.39 60.85
CA ASN C 197 22.46 20.34 62.31
C ASN C 197 23.78 20.26 63.05
N LEU C 198 24.77 21.01 62.59
CA LEU C 198 26.10 20.96 63.17
C LEU C 198 26.11 21.67 64.51
N LYS C 199 26.45 20.94 65.57
CA LYS C 199 26.48 21.50 66.91
C LYS C 199 27.49 20.72 67.74
N ALA C 200 27.95 21.35 68.82
CA ALA C 200 28.95 20.79 69.69
C ALA C 200 28.40 20.70 71.11
N THR C 201 28.41 19.51 71.69
CA THR C 201 27.95 19.28 73.05
C THR C 201 29.07 18.63 73.88
N THR C 202 29.34 19.21 75.04
CA THR C 202 30.41 18.66 75.88
C THR C 202 29.95 17.34 76.51
N VAL C 203 30.43 16.23 75.97
CA VAL C 203 30.02 14.94 76.53
C VAL C 203 30.78 14.60 77.81
N PHE C 204 31.99 15.13 78.01
CA PHE C 204 32.74 14.84 79.22
C PHE C 204 33.31 16.13 79.79
N GLY C 205 33.41 16.17 81.11
CA GLY C 205 33.90 17.35 81.79
C GLY C 205 32.87 18.47 81.81
N ASN C 206 33.33 19.65 82.18
CA ASN C 206 32.51 20.85 82.19
C ASN C 206 33.20 21.91 81.34
N TYR C 207 32.62 22.24 80.20
CA TYR C 207 33.12 23.30 79.36
C TYR C 207 31.94 24.04 78.74
N ASP C 208 32.06 25.35 78.65
CA ASP C 208 31.02 26.20 78.07
C ASP C 208 31.17 26.23 76.55
N VAL C 209 30.11 25.87 75.85
CA VAL C 209 30.14 25.85 74.39
C VAL C 209 28.98 26.66 73.81
N LYS C 210 28.51 27.66 74.56
CA LYS C 210 27.43 28.51 74.05
C LYS C 210 27.92 29.37 72.89
N THR C 211 29.07 30.05 73.06
CA THR C 211 29.63 30.85 71.98
C THR C 211 30.15 29.98 70.84
N LEU C 212 30.65 28.77 71.16
CA LEU C 212 31.11 27.86 70.12
C LEU C 212 29.94 27.39 69.28
N ASN C 213 28.81 27.09 69.92
CA ASN C 213 27.62 26.68 69.19
C ASN C 213 27.07 27.83 68.36
N GLU C 214 27.11 29.06 68.90
CA GLU C 214 26.64 30.22 68.16
C GLU C 214 27.48 30.44 66.90
N LEU C 215 28.80 30.34 67.03
CA LEU C 215 29.64 30.54 65.86
C LEU C 215 29.59 29.33 64.92
N LEU C 216 29.28 28.15 65.44
CA LEU C 216 29.10 26.96 64.59
C LEU C 216 27.83 27.08 63.77
N THR C 217 26.77 27.66 64.35
CA THR C 217 25.54 27.88 63.60
C THR C 217 25.67 29.06 62.63
N ALA C 218 26.50 30.06 62.97
CA ALA C 218 26.67 31.20 62.07
C ALA C 218 27.57 30.85 60.90
N GLU C 219 28.83 30.49 61.18
CA GLU C 219 29.78 30.17 60.11
C GLU C 219 29.37 28.91 59.35
N VAL C 220 28.87 27.89 60.05
CA VAL C 220 28.46 26.60 59.49
C VAL C 220 29.61 25.93 58.74
N MET D 1 49.63 33.23 46.57
CA MET D 1 50.13 33.20 47.93
C MET D 1 49.09 32.62 48.88
N THR D 2 48.15 33.45 49.30
CA THR D 2 47.11 33.02 50.22
C THR D 2 46.11 32.10 49.52
N PHE D 3 45.44 31.28 50.33
CA PHE D 3 44.46 30.33 49.82
C PHE D 3 43.11 31.01 49.65
N ALA D 4 42.46 30.73 48.53
CA ALA D 4 41.13 31.26 48.27
C ALA D 4 40.39 30.31 47.34
N LYS D 5 39.08 30.48 47.26
CA LYS D 5 38.25 29.67 46.37
C LYS D 5 37.21 30.58 45.72
N ILE D 6 37.17 30.57 44.39
CA ILE D 6 36.20 31.37 43.63
C ILE D 6 35.19 30.41 43.03
N LYS D 7 33.91 30.68 43.27
CA LYS D 7 32.81 29.79 42.89
C LYS D 7 32.03 30.46 41.77
N PHE D 8 32.29 30.03 40.55
CA PHE D 8 31.51 30.46 39.39
C PHE D 8 30.14 29.79 39.45
N SER D 9 29.11 30.59 39.70
CA SER D 9 27.74 30.11 39.81
C SER D 9 26.93 30.68 38.65
N ALA D 10 26.29 29.79 37.89
CA ALA D 10 25.51 30.19 36.74
C ALA D 10 24.27 29.33 36.66
N GLN D 11 23.36 29.71 35.75
CA GLN D 11 22.18 28.92 35.45
C GLN D 11 22.26 28.49 33.99
N ILE D 12 22.27 27.19 33.77
CA ILE D 12 22.28 26.62 32.43
C ILE D 12 20.84 26.53 31.97
N ARG D 13 20.47 27.36 30.99
CA ARG D 13 19.14 27.34 30.41
C ARG D 13 19.22 26.62 29.06
N LEU D 14 18.34 25.64 28.87
CA LEU D 14 18.35 24.81 27.68
C LEU D 14 17.57 25.51 26.57
N GLU D 15 18.29 26.05 25.58
CA GLU D 15 17.62 26.59 24.41
C GLU D 15 16.90 25.49 23.63
N THR D 16 17.57 24.37 23.46
CA THR D 16 16.96 23.17 22.92
C THR D 16 17.14 22.13 24.00
N GLY D 17 16.47 21.05 23.84
CA GLY D 17 16.59 20.03 24.82
C GLY D 17 17.79 19.17 24.67
N LEU D 18 18.02 18.48 25.76
CA LEU D 18 19.30 17.95 26.14
C LEU D 18 19.12 16.46 26.37
N HIS D 19 19.93 15.68 25.69
CA HIS D 19 19.91 14.23 25.83
C HIS D 19 21.28 13.80 26.33
N ILE D 20 21.49 13.83 27.64
CA ILE D 20 22.79 13.47 28.18
C ILE D 20 23.03 11.98 27.99
N GLY D 21 22.04 11.14 28.29
CA GLY D 21 22.20 9.73 27.99
C GLY D 21 22.01 8.80 29.16
N GLY D 22 22.99 7.95 29.43
CA GLY D 22 22.84 6.94 30.47
C GLY D 22 22.12 5.70 29.95
N SER D 23 22.16 4.66 30.76
CA SER D 23 21.56 3.38 30.41
C SER D 23 20.19 3.25 31.07
N ASP D 24 19.43 2.24 30.63
CA ASP D 24 18.06 1.98 31.07
C ASP D 24 18.02 1.28 32.44
N ALA D 25 18.40 2.04 33.46
CA ALA D 25 18.22 1.58 34.82
C ALA D 25 17.06 2.27 35.52
N PHE D 26 16.69 3.48 35.07
CA PHE D 26 15.50 4.16 35.53
C PHE D 26 14.44 4.25 34.45
N ALA D 27 14.59 3.49 33.37
CA ALA D 27 13.60 3.49 32.30
C ALA D 27 12.29 2.87 32.77
N ALA D 28 11.18 3.48 32.38
CA ALA D 28 9.86 2.99 32.76
C ALA D 28 9.58 1.64 32.12
N ILE D 29 8.75 0.85 32.79
CA ILE D 29 8.38 -0.47 32.28
C ILE D 29 7.49 -0.25 31.06
N GLY D 30 8.03 -0.51 29.87
CA GLY D 30 7.31 -0.35 28.62
C GLY D 30 7.86 0.72 27.70
N ALA D 31 8.76 1.58 28.19
CA ALA D 31 9.31 2.64 27.36
C ALA D 31 10.49 2.12 26.54
N ILE D 32 10.45 2.36 25.23
CA ILE D 32 11.50 1.90 24.32
C ILE D 32 12.44 3.03 23.89
N ASP D 33 12.24 4.23 24.40
CA ASP D 33 13.08 5.37 24.03
C ASP D 33 14.45 5.28 24.72
N SER D 34 15.40 6.01 24.16
CA SER D 34 16.71 6.12 24.79
C SER D 34 16.60 7.08 25.97
N PRO D 35 16.86 6.64 27.19
CA PRO D 35 16.62 7.50 28.35
C PRO D 35 17.72 8.55 28.54
N VAL D 36 17.34 9.61 29.25
CA VAL D 36 18.26 10.64 29.68
C VAL D 36 18.62 10.35 31.14
N ILE D 37 19.81 10.80 31.56
CA ILE D 37 20.27 10.55 32.92
C ILE D 37 19.37 11.29 33.91
N LYS D 38 19.07 10.62 35.01
CA LYS D 38 18.09 11.14 35.94
C LYS D 38 18.58 10.95 37.37
N ASP D 39 18.08 11.80 38.26
CA ASP D 39 18.32 11.66 39.68
C ASP D 39 17.69 10.35 40.16
N PRO D 40 18.39 9.52 40.92
CA PRO D 40 17.78 8.27 41.42
C PRO D 40 16.58 8.48 42.32
N ILE D 41 16.44 9.63 42.97
CA ILE D 41 15.32 9.88 43.88
C ILE D 41 14.19 10.65 43.20
N THR D 42 14.48 11.87 42.76
CA THR D 42 13.43 12.71 42.19
C THR D 42 13.13 12.38 40.74
N ASN D 43 14.02 11.65 40.05
CA ASN D 43 13.90 11.29 38.63
C ASN D 43 13.79 12.51 37.74
N LEU D 44 14.31 13.58 38.18
CA LEU D 44 14.44 14.74 37.33
C LEU D 44 15.73 14.66 36.51
N PRO D 45 15.72 15.15 35.26
CA PRO D 45 16.96 15.17 34.48
C PRO D 45 18.03 16.03 35.10
N ILE D 46 19.28 15.57 34.98
CA ILE D 46 20.42 16.27 35.53
C ILE D 46 21.48 16.39 34.44
N ILE D 47 22.40 17.32 34.66
CA ILE D 47 23.57 17.49 33.81
C ILE D 47 24.79 17.10 34.63
N PRO D 48 25.33 15.88 34.46
CA PRO D 48 26.51 15.49 35.25
C PRO D 48 27.70 16.35 34.92
N GLY D 49 28.48 16.67 35.95
CA GLY D 49 29.68 17.47 35.79
C GLY D 49 30.72 16.80 34.92
N SER D 50 30.67 15.47 34.79
CA SER D 50 31.58 14.76 33.90
C SER D 50 31.39 15.17 32.45
N SER D 51 30.13 15.30 32.01
CA SER D 51 29.87 15.70 30.63
C SER D 51 30.31 17.14 30.36
N LEU D 52 30.05 18.04 31.32
CA LEU D 52 30.50 19.43 31.19
C LEU D 52 32.00 19.51 31.11
N LYS D 53 32.70 18.77 31.98
CA LYS D 53 34.16 18.82 32.01
C LYS D 53 34.75 18.22 30.75
N GLY D 54 34.19 17.10 30.28
CA GLY D 54 34.69 16.47 29.07
C GLY D 54 34.49 17.34 27.84
N LYS D 55 33.31 17.92 27.69
CA LYS D 55 33.06 18.74 26.52
C LYS D 55 33.86 20.03 26.56
N MET D 56 34.00 20.66 27.74
CA MET D 56 34.80 21.86 27.87
C MET D 56 36.28 21.59 27.57
N ARG D 57 36.80 20.47 28.06
CA ARG D 57 38.18 20.11 27.78
C ARG D 57 38.40 19.81 26.31
N THR D 58 37.47 19.09 25.67
CA THR D 58 37.60 18.79 24.24
C THR D 58 37.53 20.05 23.40
N LEU D 59 36.65 20.98 23.75
CA LEU D 59 36.55 22.24 23.01
C LEU D 59 37.79 23.10 23.21
N LEU D 60 38.28 23.22 24.45
CA LEU D 60 39.45 24.04 24.71
C LEU D 60 40.71 23.41 24.17
N ALA D 61 40.69 22.10 23.96
CA ALA D 61 41.83 21.43 23.37
C ALA D 61 42.03 21.79 21.90
N LYS D 62 41.04 22.38 21.27
CA LYS D 62 41.26 22.80 19.91
C LYS D 62 41.68 24.26 19.82
N VAL D 63 41.87 24.94 20.95
CA VAL D 63 42.17 26.36 20.96
C VAL D 63 43.47 26.67 21.70
N TYR D 64 43.64 26.09 22.89
CA TYR D 64 44.79 26.39 23.73
C TYR D 64 45.84 25.29 23.70
N ASN D 65 45.94 24.56 22.58
CA ASN D 65 46.94 23.51 22.53
C ASN D 65 48.01 23.74 21.47
N GLU D 66 47.61 23.95 20.20
CA GLU D 66 48.53 24.06 19.06
C GLU D 66 49.45 22.84 18.96
N LYS D 67 48.88 21.66 19.17
CA LYS D 67 49.59 20.38 19.16
C LYS D 67 48.61 19.30 18.68
N VAL D 68 49.01 18.04 18.86
CA VAL D 68 48.21 16.96 18.35
C VAL D 68 47.19 16.51 19.39
N ALA D 69 47.65 16.29 20.63
CA ALA D 69 46.84 15.83 21.77
C ALA D 69 46.15 14.50 21.44
N GLU D 70 46.96 13.48 21.19
CA GLU D 70 46.48 12.12 20.98
C GLU D 70 45.69 11.58 22.17
N LYS D 71 46.08 11.95 23.39
CA LYS D 71 45.45 11.45 24.62
C LYS D 71 45.25 12.60 25.57
N PRO D 72 44.35 12.43 26.63
CA PRO D 72 44.07 13.54 27.55
C PRO D 72 45.15 13.92 28.42
N SER D 73 46.05 13.02 28.61
CA SER D 73 47.17 13.29 29.43
C SER D 73 48.23 14.10 28.70
N ASP D 74 48.08 14.33 27.39
CA ASP D 74 49.12 14.99 26.62
C ASP D 74 48.81 16.50 26.52
N ASP D 75 47.70 16.95 27.10
CA ASP D 75 47.28 18.35 26.99
C ASP D 75 48.32 19.31 27.54
N SER D 76 48.17 20.59 27.17
CA SER D 76 49.20 21.58 27.40
C SER D 76 49.25 21.97 28.87
N ASP D 77 50.14 22.92 29.19
CA ASP D 77 50.24 23.46 30.54
C ASP D 77 48.94 24.12 30.98
N ILE D 78 48.39 24.96 30.10
CA ILE D 78 47.22 25.78 30.41
C ILE D 78 45.97 24.94 30.65
N LEU D 79 45.87 23.75 30.05
CA LEU D 79 44.70 22.91 30.22
C LEU D 79 44.87 21.86 31.30
N SER D 80 46.04 21.22 31.36
CA SER D 80 46.33 20.26 32.41
C SER D 80 46.41 20.93 33.77
N ARG D 81 46.70 22.24 33.81
CA ARG D 81 46.78 22.95 35.07
C ARG D 81 45.40 23.13 35.70
N LEU D 82 44.39 23.26 34.87
CA LEU D 82 43.02 23.44 35.33
C LEU D 82 42.26 22.14 35.45
N PHE D 83 42.25 21.36 34.39
CA PHE D 83 41.45 20.15 34.32
C PHE D 83 42.14 18.91 34.85
N GLY D 84 43.39 19.02 35.27
CA GLY D 84 44.08 17.87 35.81
C GLY D 84 44.76 17.04 34.73
N ASN D 85 45.72 16.24 35.17
CA ASN D 85 46.54 15.42 34.29
C ASN D 85 47.11 14.28 35.13
N SER D 86 46.83 13.06 34.73
CA SER D 86 47.25 11.89 35.50
C SER D 86 48.74 11.59 35.34
N LYS D 87 49.40 12.13 34.33
CA LYS D 87 50.80 11.83 34.05
C LYS D 87 51.67 13.07 34.22
N ASP D 88 51.42 13.83 35.29
CA ASP D 88 52.22 15.00 35.61
C ASP D 88 52.08 15.27 37.09
N LYS D 89 53.18 15.17 37.84
CA LYS D 89 53.14 15.33 39.29
C LYS D 89 52.73 16.73 39.74
N ARG D 90 52.88 17.74 38.89
CA ARG D 90 52.50 19.09 39.27
C ARG D 90 51.02 19.36 39.04
N PHE D 91 50.34 18.53 38.25
CA PHE D 91 48.98 18.79 37.82
C PHE D 91 48.07 17.60 38.03
N LYS D 92 48.40 16.72 38.99
CA LYS D 92 47.56 15.57 39.25
C LYS D 92 46.19 16.01 39.76
N MET D 93 46.14 16.97 40.67
CA MET D 93 44.90 17.55 41.11
C MET D 93 44.75 18.90 40.42
N GLY D 94 43.71 19.04 39.62
CA GLY D 94 43.44 20.30 38.96
C GLY D 94 42.82 21.32 39.89
N ARG D 95 42.81 22.56 39.43
CA ARG D 95 42.23 23.65 40.19
C ARG D 95 40.76 23.86 39.88
N LEU D 96 40.17 23.05 39.00
CA LEU D 96 38.78 23.19 38.65
C LEU D 96 38.00 21.99 39.19
N ILE D 97 36.94 22.27 39.94
CA ILE D 97 36.05 21.25 40.48
C ILE D 97 34.67 21.52 39.91
N PHE D 98 34.18 20.59 39.09
CA PHE D 98 32.85 20.70 38.52
C PHE D 98 31.84 20.04 39.44
N ARG D 99 30.58 20.42 39.30
CA ARG D 99 29.52 19.90 40.13
C ARG D 99 28.36 19.50 39.25
N ASP D 100 27.64 18.46 39.67
CA ASP D 100 26.44 18.04 38.97
C ASP D 100 25.39 19.15 38.99
N ALA D 101 24.75 19.37 37.86
CA ALA D 101 23.74 20.39 37.71
C ALA D 101 22.36 19.77 37.86
N PHE D 102 21.57 20.32 38.77
CA PHE D 102 20.24 19.79 39.07
C PHE D 102 19.19 20.82 38.73
N LEU D 103 17.97 20.32 38.48
CA LEU D 103 16.88 21.21 38.10
C LEU D 103 16.53 22.18 39.21
N SER D 104 16.23 23.42 38.80
CA SER D 104 15.90 24.46 39.77
C SER D 104 14.55 25.11 39.52
N ASN D 105 14.12 25.24 38.26
CA ASN D 105 12.89 25.94 37.92
C ASN D 105 11.76 24.95 37.62
N ALA D 106 11.70 23.85 38.37
CA ALA D 106 10.62 22.89 38.23
C ALA D 106 9.26 23.53 38.52
N ASP D 107 9.19 24.36 39.56
CA ASP D 107 7.96 25.09 39.85
C ASP D 107 7.54 26.03 38.73
N GLU D 108 8.49 26.72 38.11
CA GLU D 108 8.18 27.64 37.04
C GLU D 108 7.71 26.85 35.85
N LEU D 109 8.40 25.74 35.53
CA LEU D 109 8.01 24.88 34.43
C LEU D 109 6.60 24.32 34.59
N ASP D 110 6.24 23.93 35.83
CA ASP D 110 4.88 23.50 36.12
C ASP D 110 3.89 24.64 35.96
N SER D 111 4.25 25.85 36.40
CA SER D 111 3.43 27.04 36.19
C SER D 111 3.26 27.39 34.71
N LEU D 112 4.21 26.99 33.86
CA LEU D 112 4.09 27.11 32.41
C LEU D 112 3.24 26.03 31.75
N GLY D 113 2.69 25.10 32.52
CA GLY D 113 1.83 24.09 31.96
C GLY D 113 2.59 22.95 31.30
N VAL D 114 3.39 22.25 32.10
CA VAL D 114 4.22 21.14 31.62
C VAL D 114 3.75 19.88 32.35
N ARG D 115 3.37 18.86 31.57
CA ARG D 115 2.90 17.61 32.17
C ARG D 115 4.04 16.82 32.78
N SER D 116 5.16 16.67 32.07
CA SER D 116 6.30 15.92 32.55
C SER D 116 7.58 16.66 32.17
N TYR D 117 8.58 16.56 33.04
CA TYR D 117 9.81 17.33 32.90
C TYR D 117 10.73 16.81 31.80
N THR D 118 10.36 15.71 31.14
CA THR D 118 11.13 15.18 30.02
C THR D 118 10.17 14.85 28.88
N GLU D 119 10.65 14.99 27.65
CA GLU D 119 9.81 14.80 26.47
C GLU D 119 10.41 13.69 25.63
N VAL D 120 9.58 13.10 24.77
CA VAL D 120 9.97 11.99 23.92
C VAL D 120 9.82 12.48 22.48
N LYS D 121 10.93 12.85 21.86
CA LYS D 121 10.95 13.25 20.46
C LYS D 121 10.97 12.04 19.55
N PHE D 122 9.94 11.92 18.71
CA PHE D 122 9.92 10.91 17.69
C PHE D 122 10.73 11.37 16.50
N GLU D 123 11.51 10.46 15.92
CA GLU D 123 12.46 10.86 14.88
C GLU D 123 12.85 9.63 14.08
N ASN D 124 12.76 9.72 12.76
CA ASN D 124 12.97 8.60 11.85
C ASN D 124 14.14 8.87 10.91
N THR D 125 14.42 7.88 10.07
CA THR D 125 15.39 7.99 9.00
C THR D 125 14.77 7.47 7.71
N ILE D 126 15.14 8.05 6.59
CA ILE D 126 14.53 7.72 5.31
C ILE D 126 15.60 7.15 4.39
N ASP D 127 15.35 5.96 3.87
CA ASP D 127 16.22 5.39 2.84
C ASP D 127 16.13 6.25 1.58
N ARG D 128 17.27 6.57 0.99
CA ARG D 128 17.30 7.45 -0.17
C ARG D 128 17.09 6.71 -1.48
N ILE D 129 16.91 5.40 -1.44
CA ILE D 129 16.63 4.59 -2.62
C ILE D 129 15.22 4.01 -2.57
N THR D 130 14.84 3.44 -1.43
CA THR D 130 13.54 2.81 -1.29
C THR D 130 12.49 3.71 -0.65
N ALA D 131 12.89 4.84 -0.06
CA ALA D 131 12.00 5.78 0.64
C ALA D 131 11.23 5.08 1.76
N GLU D 132 11.90 4.16 2.43
CA GLU D 132 11.39 3.46 3.60
C GLU D 132 11.94 3.98 4.92
N ALA D 133 11.01 4.30 5.82
CA ALA D 133 11.32 4.97 7.07
C ALA D 133 11.49 3.97 8.21
N ASN D 134 12.38 4.31 9.13
CA ASN D 134 12.67 3.51 10.31
C ASN D 134 12.65 4.41 11.53
N PRO D 135 11.49 4.56 12.18
CA PRO D 135 11.37 5.53 13.26
C PRO D 135 11.95 5.05 14.58
N ARG D 136 12.20 6.01 15.46
CA ARG D 136 12.71 5.72 16.79
C ARG D 136 12.34 6.89 17.70
N GLN D 137 12.68 6.76 18.97
CA GLN D 137 12.33 7.73 20.00
C GLN D 137 13.57 8.12 20.79
N ILE D 138 13.67 9.42 21.10
CA ILE D 138 14.78 9.96 21.87
C ILE D 138 14.20 10.80 23.00
N GLU D 139 14.62 10.51 24.23
CA GLU D 139 14.13 11.25 25.39
C GLU D 139 15.06 12.43 25.68
N ARG D 140 14.49 13.61 25.85
CA ARG D 140 15.28 14.81 26.11
C ARG D 140 14.67 15.63 27.23
N ALA D 141 15.53 16.36 27.93
CA ALA D 141 15.07 17.36 28.90
C ALA D 141 14.42 18.50 28.14
N ILE D 142 13.31 19.01 28.66
CA ILE D 142 12.52 19.98 27.89
C ILE D 142 13.24 21.32 27.79
N ARG D 143 12.85 22.11 26.79
CA ARG D 143 13.39 23.43 26.57
C ARG D 143 13.00 24.35 27.74
N ASN D 144 13.86 25.33 28.04
CA ASN D 144 13.66 26.35 29.07
C ASN D 144 13.70 25.71 30.44
N SER D 145 14.62 24.77 30.62
CA SER D 145 14.81 24.07 31.88
C SER D 145 16.17 24.47 32.43
N THR D 146 16.17 25.22 33.51
CA THR D 146 17.40 25.74 34.08
C THR D 146 17.99 24.77 35.10
N PHE D 147 19.33 24.74 35.12
CA PHE D 147 20.09 23.92 36.05
C PHE D 147 21.12 24.79 36.75
N ASP D 148 21.41 24.46 38.00
CA ASP D 148 22.42 25.19 38.75
C ASP D 148 23.81 24.68 38.40
N PHE D 149 24.63 25.53 37.81
CA PHE D 149 26.00 25.19 37.46
C PHE D 149 26.93 25.83 38.48
N GLU D 150 27.69 25.01 39.18
CA GLU D 150 28.63 25.47 40.19
C GLU D 150 30.00 24.93 39.85
N LEU D 151 30.95 25.83 39.64
CA LEU D 151 32.34 25.46 39.35
C LEU D 151 33.22 26.12 40.40
N ILE D 152 34.19 25.38 40.92
CA ILE D 152 35.02 25.88 42.02
C ILE D 152 36.47 25.94 41.55
N TYR D 153 37.09 27.09 41.71
CA TYR D 153 38.45 27.33 41.27
C TYR D 153 39.29 27.80 42.45
N GLU D 154 40.29 27.01 42.82
CA GLU D 154 41.12 27.34 43.98
C GLU D 154 42.31 28.20 43.57
N ILE D 155 42.69 29.10 44.48
CA ILE D 155 43.81 30.01 44.30
C ILE D 155 44.77 29.75 45.44
N THR D 156 45.80 28.96 45.18
CA THR D 156 46.82 28.60 46.14
C THR D 156 48.05 29.49 45.93
N ASP D 157 49.16 29.14 46.58
CA ASP D 157 50.41 29.88 46.43
C ASP D 157 50.91 29.84 44.98
N GLU D 158 50.73 28.70 44.30
CA GLU D 158 51.13 28.59 42.90
C GLU D 158 50.28 29.43 41.97
N ASN D 159 49.16 29.95 42.45
CA ASN D 159 48.26 30.78 41.65
C ASN D 159 48.69 32.24 41.72
N GLU D 160 49.93 32.49 41.32
CA GLU D 160 50.44 33.83 41.13
C GLU D 160 50.68 33.92 39.65
N ASN D 161 50.45 35.12 39.08
CA ASN D 161 50.55 35.57 37.67
C ASN D 161 49.88 34.57 36.69
N GLN D 162 48.92 33.78 37.16
CA GLN D 162 48.24 32.74 36.40
C GLN D 162 46.75 32.73 36.66
N VAL D 163 46.24 33.52 37.60
CA VAL D 163 44.82 33.51 37.90
C VAL D 163 44.04 34.13 36.74
N GLU D 164 44.59 35.18 36.12
CA GLU D 164 43.90 35.84 35.02
C GLU D 164 43.82 34.95 33.78
N GLU D 165 44.90 34.23 33.46
CA GLU D 165 44.86 33.25 32.38
C GLU D 165 43.84 32.14 32.64
N ASP D 166 43.76 31.68 33.88
CA ASP D 166 42.75 30.67 34.22
C ASP D 166 41.34 31.19 34.08
N PHE D 167 41.13 32.45 34.49
CA PHE D 167 39.82 33.07 34.31
C PHE D 167 39.47 33.19 32.84
N LYS D 168 40.46 33.57 32.01
CA LYS D 168 40.25 33.63 30.57
C LYS D 168 39.89 32.27 30.00
N VAL D 169 40.57 31.22 30.46
CA VAL D 169 40.34 29.88 29.96
C VAL D 169 38.93 29.42 30.34
N ILE D 170 38.50 29.70 31.57
CA ILE D 170 37.16 29.33 32.01
C ILE D 170 36.10 30.07 31.19
N ARG D 171 36.32 31.37 30.95
CA ARG D 171 35.37 32.17 30.18
C ARG D 171 35.23 31.64 28.77
N ASP D 172 36.36 31.35 28.11
CA ASP D 172 36.28 30.86 26.74
C ASP D 172 35.82 29.42 26.67
N GLY D 173 36.01 28.64 27.72
CA GLY D 173 35.39 27.33 27.78
C GLY D 173 33.87 27.42 27.82
N LEU D 174 33.34 28.33 28.64
CA LEU D 174 31.89 28.55 28.67
C LEU D 174 31.39 29.11 27.34
N LYS D 175 32.16 30.01 26.72
CA LYS D 175 31.79 30.56 25.42
C LYS D 175 31.74 29.49 24.35
N LEU D 176 32.73 28.59 24.33
CA LEU D 176 32.75 27.49 23.37
C LEU D 176 31.62 26.51 23.64
N LEU D 177 31.29 26.29 24.91
CA LEU D 177 30.15 25.46 25.25
C LEU D 177 28.85 26.05 24.74
N GLU D 178 28.69 27.37 24.84
CA GLU D 178 27.52 28.03 24.27
C GLU D 178 27.52 27.96 22.75
N LEU D 179 28.70 28.06 22.14
CA LEU D 179 28.82 27.96 20.68
C LEU D 179 28.62 26.53 20.19
N ASP D 180 28.68 25.54 21.08
CA ASP D 180 28.62 24.15 20.68
C ASP D 180 27.38 23.62 21.46
N TYR D 181 27.20 22.31 21.48
CA TYR D 181 26.16 21.60 22.19
C TYR D 181 26.75 20.79 23.33
N LEU D 182 26.03 20.76 24.44
CA LEU D 182 26.32 19.79 25.47
C LEU D 182 25.85 18.43 24.98
N GLY D 183 26.32 17.38 25.69
CA GLY D 183 26.16 15.97 25.33
C GLY D 183 24.84 15.55 24.74
N GLY D 184 24.89 14.76 23.68
CA GLY D 184 23.70 14.30 23.00
C GLY D 184 23.91 14.31 21.52
N SER D 185 22.81 14.12 20.78
CA SER D 185 22.86 14.18 19.33
C SER D 185 22.69 15.63 18.87
N GLY D 186 23.57 16.48 19.38
CA GLY D 186 23.48 17.91 19.15
C GLY D 186 23.79 18.32 17.73
N SER D 187 24.29 17.42 16.89
CA SER D 187 24.48 17.71 15.49
C SER D 187 23.15 17.85 14.75
N ARG D 188 22.04 17.45 15.36
CA ARG D 188 20.71 17.64 14.80
C ARG D 188 19.90 18.69 15.55
N GLY D 189 20.51 19.37 16.52
CA GLY D 189 19.84 20.46 17.20
C GLY D 189 19.53 20.21 18.66
N TYR D 190 20.34 19.40 19.34
CA TYR D 190 20.15 19.16 20.76
C TYR D 190 21.26 19.87 21.54
N GLY D 191 21.09 19.91 22.86
CA GLY D 191 22.16 20.30 23.74
C GLY D 191 22.55 21.76 23.72
N LYS D 192 21.76 22.62 23.10
CA LYS D 192 22.14 24.03 23.07
C LYS D 192 21.81 24.68 24.40
N VAL D 193 22.83 25.21 25.07
CA VAL D 193 22.70 25.78 26.41
C VAL D 193 23.16 27.22 26.43
N ALA D 194 22.69 27.94 27.44
CA ALA D 194 23.11 29.31 27.66
C ALA D 194 23.33 29.53 29.15
N PHE D 195 24.44 30.17 29.48
CA PHE D 195 24.81 30.42 30.86
C PHE D 195 24.33 31.81 31.26
N GLU D 196 23.45 31.88 32.24
CA GLU D 196 22.87 33.14 32.70
C GLU D 196 23.29 33.38 34.14
N ASN D 197 23.33 34.67 34.52
CA ASN D 197 23.69 35.13 35.86
C ASN D 197 25.08 34.61 36.26
N LEU D 198 25.99 34.61 35.28
CA LEU D 198 27.34 34.08 35.50
C LEU D 198 28.13 35.06 36.35
N LYS D 199 28.47 34.65 37.57
CA LYS D 199 29.22 35.48 38.48
C LYS D 199 30.18 34.63 39.29
N ALA D 200 31.26 35.24 39.75
CA ALA D 200 32.27 34.58 40.56
C ALA D 200 32.31 35.20 41.94
N THR D 201 32.26 34.35 42.97
CA THR D 201 32.23 34.81 44.35
C THR D 201 33.29 34.07 45.15
N THR D 202 34.06 34.80 45.94
CA THR D 202 35.08 34.19 46.79
C THR D 202 34.40 33.55 48.00
N VAL D 203 34.23 32.23 47.95
CA VAL D 203 33.59 31.49 49.04
C VAL D 203 34.54 31.15 50.18
N PHE D 204 35.84 31.29 49.99
CA PHE D 204 36.81 31.05 51.06
C PHE D 204 38.05 31.88 50.79
N GLY D 205 38.65 32.39 51.86
CA GLY D 205 39.82 33.22 51.73
C GLY D 205 39.46 34.64 51.29
N ASN D 206 40.51 35.43 51.07
CA ASN D 206 40.36 36.83 50.66
C ASN D 206 40.88 36.98 49.25
N TYR D 207 40.03 37.51 48.36
CA TYR D 207 40.40 37.77 46.98
C TYR D 207 39.41 38.76 46.39
N ASP D 208 39.91 39.67 45.57
CA ASP D 208 39.08 40.71 44.95
C ASP D 208 38.70 40.24 43.55
N VAL D 209 37.43 39.90 43.37
CA VAL D 209 36.89 39.51 42.08
C VAL D 209 35.97 40.58 41.51
N LYS D 210 36.08 41.82 42.03
CA LYS D 210 35.28 42.92 41.49
C LYS D 210 35.64 43.22 40.05
N THR D 211 36.89 43.00 39.66
CA THR D 211 37.32 43.16 38.28
C THR D 211 36.93 41.96 37.42
N LEU D 212 36.51 40.84 38.03
CA LEU D 212 36.14 39.66 37.27
C LEU D 212 34.66 39.62 36.94
N ASN D 213 33.79 40.12 37.82
CA ASN D 213 32.35 40.03 37.58
C ASN D 213 31.93 40.94 36.43
N GLU D 214 32.45 42.17 36.38
CA GLU D 214 32.14 43.07 35.29
C GLU D 214 32.64 42.53 33.94
N LEU D 215 33.83 41.90 33.93
CA LEU D 215 34.39 41.32 32.74
C LEU D 215 33.66 40.03 32.38
N LEU D 216 33.03 39.38 33.35
CA LEU D 216 32.15 38.26 33.06
C LEU D 216 30.88 38.71 32.35
N THR D 217 30.25 39.78 32.87
CA THR D 217 29.03 40.29 32.26
C THR D 217 29.31 40.93 30.90
N ALA D 218 30.51 41.47 30.71
CA ALA D 218 30.86 42.20 29.50
C ALA D 218 30.87 41.29 28.28
N VAL D 219 31.20 40.01 28.45
CA VAL D 219 31.29 39.09 27.31
C VAL D 219 30.31 37.93 27.50
N VAL D 220 30.49 37.16 28.56
CA VAL D 220 29.63 36.01 28.82
C VAL D 220 28.50 36.40 29.77
N MET F 1 6.49 -30.08 45.19
CA MET F 1 7.89 -30.29 45.54
C MET F 1 8.67 -28.97 45.44
N ALA F 2 9.55 -28.74 46.42
CA ALA F 2 10.39 -27.55 46.41
C ALA F 2 11.38 -27.62 45.24
N ILE F 3 11.46 -26.53 44.47
CA ILE F 3 12.33 -26.52 43.30
C ILE F 3 13.75 -26.09 43.68
N LEU F 4 13.94 -25.38 44.79
CA LEU F 4 15.26 -24.95 45.24
C LEU F 4 15.48 -25.44 46.66
N THR F 5 16.34 -26.45 46.83
CA THR F 5 16.75 -26.94 48.14
C THR F 5 18.19 -26.49 48.36
N ASP F 6 18.64 -26.52 49.62
CA ASP F 6 19.94 -26.00 50.02
C ASP F 6 21.07 -26.87 49.42
N GLU F 7 20.78 -28.05 48.89
CA GLU F 7 21.87 -28.91 48.41
C GLU F 7 21.84 -29.15 46.91
N ASN F 8 21.03 -28.41 46.15
CA ASN F 8 20.98 -28.62 44.72
C ASN F 8 20.95 -27.37 43.86
N TYR F 9 20.90 -26.17 44.46
CA TYR F 9 20.67 -24.97 43.66
C TYR F 9 21.88 -24.58 42.84
N VAL F 10 23.08 -24.83 43.36
CA VAL F 10 24.30 -24.61 42.61
C VAL F 10 24.39 -25.55 41.42
N ASP F 11 24.00 -26.82 41.62
CA ASP F 11 24.03 -27.80 40.54
C ASP F 11 22.96 -27.42 39.51
N LYS F 12 21.79 -26.97 39.96
CA LYS F 12 20.75 -26.51 39.05
C LYS F 12 21.19 -25.31 38.24
N ALA F 13 21.92 -24.38 38.86
CA ALA F 13 22.45 -23.23 38.14
C ALA F 13 23.47 -23.64 37.08
N GLU F 14 24.41 -24.53 37.44
CA GLU F 14 25.25 -25.22 36.44
C GLU F 14 24.52 -25.84 35.27
N ARG F 15 23.54 -26.69 35.56
CA ARG F 15 22.83 -27.35 34.49
C ARG F 15 22.08 -26.35 33.63
N ALA F 16 21.50 -25.32 34.25
CA ALA F 16 20.78 -24.31 33.50
C ALA F 16 21.73 -23.58 32.58
N ILE F 17 22.90 -23.13 33.12
CA ILE F 17 23.88 -22.36 32.35
C ILE F 17 24.44 -23.16 31.19
N SER F 18 24.77 -24.43 31.44
CA SER F 18 25.30 -25.27 30.38
C SER F 18 24.28 -25.57 29.28
N LEU F 19 22.99 -25.39 29.56
CA LEU F 19 21.93 -25.70 28.61
C LEU F 19 21.43 -24.49 27.83
N LEU F 20 21.97 -23.30 28.08
CA LEU F 20 21.52 -22.11 27.35
C LEU F 20 21.77 -22.15 25.86
N GLU F 21 21.04 -21.28 25.18
CA GLU F 21 21.09 -21.17 23.74
C GLU F 21 22.42 -20.55 23.31
N LYS F 22 22.78 -20.78 22.05
CA LYS F 22 24.07 -20.35 21.51
C LYS F 22 23.90 -20.09 20.01
N ASP F 23 24.83 -19.33 19.45
CA ASP F 23 24.87 -19.07 18.02
C ASP F 23 25.91 -19.99 17.35
N ASN F 24 26.19 -19.73 16.07
CA ASN F 24 27.13 -20.57 15.32
C ASN F 24 28.55 -20.44 15.87
N LYS F 25 28.97 -19.22 16.22
CA LYS F 25 30.34 -18.98 16.68
C LYS F 25 30.60 -19.50 18.08
N GLY F 26 29.63 -20.13 18.72
CA GLY F 26 29.84 -20.62 20.06
C GLY F 26 29.98 -19.52 21.09
N ASN F 27 29.13 -18.50 21.03
CA ASN F 27 29.08 -17.44 22.03
C ASN F 27 27.69 -17.37 22.66
N TYR F 28 27.66 -17.05 23.95
CA TYR F 28 26.41 -16.90 24.66
C TYR F 28 25.69 -15.65 24.18
N LEU F 29 24.40 -15.77 23.87
CA LEU F 29 23.64 -14.59 23.45
C LEU F 29 23.28 -13.71 24.64
N LEU F 30 23.06 -14.31 25.80
CA LEU F 30 22.81 -13.55 27.01
C LEU F 30 24.08 -12.82 27.43
N THR F 31 23.91 -11.58 27.90
CA THR F 31 25.00 -10.78 28.43
C THR F 31 24.58 -10.18 29.77
N THR F 32 25.57 -9.87 30.61
CA THR F 32 25.29 -9.35 31.94
C THR F 32 24.67 -7.96 31.90
N SER F 33 24.77 -7.23 30.79
CA SER F 33 24.12 -5.93 30.68
C SER F 33 22.61 -6.06 30.58
N GLN F 34 22.12 -7.20 30.08
CA GLN F 34 20.67 -7.41 29.99
C GLN F 34 20.05 -7.74 31.33
N ILE F 35 20.77 -8.47 32.19
CA ILE F 35 20.25 -8.88 33.48
C ILE F 35 20.85 -8.07 34.62
N ARG F 36 21.39 -6.88 34.31
CA ARG F 36 21.98 -6.06 35.35
C ARG F 36 20.94 -5.56 36.35
N LYS F 37 19.79 -5.09 35.85
CA LYS F 37 18.74 -4.58 36.72
C LYS F 37 18.21 -5.66 37.64
N LEU F 38 18.05 -6.87 37.11
CA LEU F 38 17.58 -7.98 37.94
C LEU F 38 18.60 -8.35 39.01
N LEU F 39 19.90 -8.33 38.65
CA LEU F 39 20.95 -8.61 39.62
C LEU F 39 20.99 -7.58 40.73
N SER F 40 20.84 -6.29 40.37
CA SER F 40 20.83 -5.24 41.39
C SER F 40 19.63 -5.36 42.30
N LEU F 41 18.45 -5.65 41.74
CA LEU F 41 17.25 -5.82 42.55
C LEU F 41 17.37 -7.01 43.49
N CYS F 42 17.92 -8.12 43.00
CA CYS F 42 18.12 -9.31 43.84
C CYS F 42 19.10 -9.02 44.97
N SER F 43 20.20 -8.31 44.68
CA SER F 43 21.17 -7.97 45.71
C SER F 43 20.57 -7.05 46.75
N SER F 44 19.83 -6.01 46.31
CA SER F 44 19.20 -5.09 47.26
C SER F 44 18.19 -5.80 48.13
N LEU F 45 17.39 -6.69 47.55
CA LEU F 45 16.42 -7.47 48.34
C LEU F 45 17.12 -8.40 49.31
N TYR F 46 18.27 -8.96 48.91
CA TYR F 46 19.03 -9.83 49.80
C TYR F 46 19.53 -9.07 51.03
N ASP F 47 20.18 -7.94 50.82
CA ASP F 47 20.66 -7.19 51.97
C ASP F 47 19.57 -6.43 52.71
N ARG F 48 18.37 -6.35 52.17
CA ARG F 48 17.23 -5.87 52.95
C ARG F 48 16.54 -6.97 53.74
N SER F 49 16.77 -8.24 53.42
CA SER F 49 16.16 -9.33 54.18
C SER F 49 16.89 -9.64 55.47
N LYS F 50 18.09 -9.09 55.67
CA LYS F 50 18.86 -9.43 56.86
C LYS F 50 18.26 -8.80 58.10
N GLU F 51 17.75 -7.58 58.00
CA GLU F 51 17.28 -6.82 59.16
C GLU F 51 15.81 -6.43 59.07
N ARG F 52 15.09 -6.84 58.03
CA ARG F 52 13.71 -6.44 57.82
C ARG F 52 12.87 -7.68 57.58
N LYS F 53 11.69 -7.72 58.20
CA LYS F 53 10.82 -8.89 58.12
C LYS F 53 10.21 -9.02 56.73
N PHE F 54 9.82 -10.26 56.41
CA PHE F 54 9.31 -10.57 55.08
C PHE F 54 7.93 -9.96 54.83
N ASP F 55 7.13 -9.78 55.90
CA ASP F 55 5.76 -9.29 55.74
C ASP F 55 5.68 -7.87 55.19
N GLU F 56 6.77 -7.12 55.21
CA GLU F 56 6.88 -5.82 54.58
C GLU F 56 7.89 -5.80 53.44
N LEU F 57 8.21 -6.97 52.89
CA LEU F 57 9.04 -7.11 51.70
C LEU F 57 8.28 -7.72 50.54
N ILE F 58 6.95 -7.87 50.65
CA ILE F 58 6.16 -8.46 49.57
C ILE F 58 6.17 -7.58 48.33
N ASN F 59 6.22 -6.25 48.52
CA ASN F 59 6.25 -5.33 47.39
C ASN F 59 7.54 -5.50 46.59
N ASP F 60 8.66 -5.69 47.29
CA ASP F 60 9.95 -5.87 46.61
C ASP F 60 9.99 -7.18 45.84
N VAL F 61 9.46 -8.26 46.40
CA VAL F 61 9.41 -9.54 45.68
C VAL F 61 8.48 -9.43 44.48
N SER F 62 7.36 -8.74 44.65
CA SER F 62 6.44 -8.50 43.54
C SER F 62 7.10 -7.74 42.41
N TYR F 63 7.83 -6.66 42.75
CA TYR F 63 8.53 -5.89 41.73
C TYR F 63 9.63 -6.69 41.09
N LEU F 64 10.21 -7.61 41.86
CA LEU F 64 11.33 -8.33 41.34
C LEU F 64 10.80 -9.31 40.29
N ARG F 65 9.66 -9.98 40.61
CA ARG F 65 8.97 -10.87 39.67
C ARG F 65 8.50 -10.13 38.41
N VAL F 66 7.95 -8.93 38.59
CA VAL F 66 7.54 -8.09 37.46
C VAL F 66 8.72 -7.77 36.56
N GLN F 67 9.86 -7.43 37.18
CA GLN F 67 11.05 -7.09 36.40
C GLN F 67 11.60 -8.30 35.67
N PHE F 68 11.57 -9.48 36.31
CA PHE F 68 12.04 -10.68 35.62
C PHE F 68 11.19 -10.98 34.41
N VAL F 69 9.87 -10.86 34.58
CA VAL F 69 8.97 -11.11 33.48
C VAL F 69 9.18 -10.09 32.35
N TYR F 70 9.36 -8.82 32.72
CA TYR F 70 9.54 -7.78 31.71
C TYR F 70 10.83 -8.00 30.93
N GLN F 71 11.95 -8.15 31.63
CA GLN F 71 13.24 -8.31 30.97
C GLN F 71 13.36 -9.62 30.21
N SER F 72 12.52 -10.61 30.52
CA SER F 72 12.43 -11.82 29.73
C SER F 72 12.02 -11.53 28.28
N GLY F 73 11.05 -10.65 28.09
CA GLY F 73 10.53 -10.40 26.76
C GLY F 73 10.93 -9.07 26.15
N ARG F 74 11.59 -8.21 26.92
CA ARG F 74 11.95 -6.89 26.41
C ARG F 74 13.08 -6.98 25.40
N ASN F 75 14.12 -7.74 25.72
CA ASN F 75 15.33 -7.77 24.92
C ASN F 75 15.39 -9.00 24.02
N SER F 76 15.91 -8.81 22.82
CA SER F 76 16.01 -9.90 21.87
C SER F 76 17.17 -9.63 20.93
N VAL F 77 17.69 -10.69 20.30
CA VAL F 77 18.83 -10.60 19.40
C VAL F 77 18.44 -11.25 18.07
N ARG F 78 18.75 -10.56 16.97
CA ARG F 78 18.39 -11.05 15.64
C ARG F 78 19.60 -11.80 15.10
N VAL F 79 19.47 -13.11 14.88
CA VAL F 79 20.55 -13.96 14.39
C VAL F 79 19.96 -14.93 13.38
N ASN F 80 20.64 -15.08 12.23
CA ASN F 80 20.30 -16.11 11.23
C ASN F 80 18.89 -15.98 10.71
N ARG F 81 18.44 -14.74 10.59
CA ARG F 81 17.10 -14.43 10.12
C ARG F 81 16.05 -15.01 11.09
N GLN F 82 16.35 -15.08 12.40
CA GLN F 82 15.31 -15.35 13.41
C GLN F 82 15.70 -14.68 14.74
N THR F 83 14.69 -14.42 15.58
CA THR F 83 14.88 -13.63 16.79
C THR F 83 14.95 -14.53 18.02
N PHE F 84 15.96 -14.32 18.86
CA PHE F 84 16.17 -15.06 20.09
C PHE F 84 15.88 -14.17 21.29
N PHE F 85 15.34 -14.77 22.34
CA PHE F 85 15.13 -14.08 23.61
C PHE F 85 16.01 -14.71 24.67
N PRO F 86 17.18 -14.12 24.99
CA PRO F 86 18.11 -14.76 25.93
C PRO F 86 17.62 -14.87 27.36
N VAL F 87 17.08 -13.77 27.90
CA VAL F 87 16.63 -13.79 29.29
C VAL F 87 15.41 -14.69 29.42
N LYS F 88 14.60 -14.80 28.35
CA LYS F 88 13.43 -15.67 28.41
C LYS F 88 13.81 -17.12 28.54
N ASP F 89 14.79 -17.56 27.77
CA ASP F 89 15.21 -18.95 27.90
C ASP F 89 15.96 -19.16 29.20
N LEU F 90 16.67 -18.12 29.69
CA LEU F 90 17.34 -18.25 30.99
C LEU F 90 16.32 -18.48 32.10
N VAL F 91 15.22 -17.72 32.07
CA VAL F 91 14.16 -17.87 33.06
C VAL F 91 13.49 -19.23 32.92
N GLU F 92 13.20 -19.66 31.69
CA GLU F 92 12.51 -20.92 31.48
C GLU F 92 13.37 -22.12 31.87
N LYS F 93 14.67 -22.09 31.53
CA LYS F 93 15.54 -23.21 31.84
C LYS F 93 15.93 -23.25 33.31
N GLY F 94 16.20 -22.07 33.90
CA GLY F 94 16.55 -22.02 35.30
C GLY F 94 15.40 -22.08 36.27
N GLN F 95 14.16 -22.08 35.76
CA GLN F 95 12.94 -22.12 36.57
C GLN F 95 12.91 -20.97 37.59
N ILE F 96 13.27 -19.77 37.11
CA ILE F 96 13.32 -18.59 37.97
C ILE F 96 11.93 -18.24 38.48
N LEU F 97 10.93 -18.28 37.59
CA LEU F 97 9.57 -17.92 37.99
C LEU F 97 9.05 -18.94 39.03
N GLU F 98 9.45 -20.20 38.92
CA GLU F 98 9.08 -21.22 39.87
C GLU F 98 9.76 -21.05 41.25
N ALA F 99 10.96 -20.55 41.30
CA ALA F 99 11.53 -20.27 42.55
C ALA F 99 10.92 -19.01 43.13
N LEU F 100 10.55 -18.04 42.29
CA LEU F 100 9.92 -16.82 42.81
C LEU F 100 8.55 -17.11 43.41
N LYS F 101 7.77 -17.99 42.79
CA LYS F 101 6.45 -18.34 43.30
C LYS F 101 6.54 -18.99 44.68
N GLU F 102 7.58 -19.77 44.93
CA GLU F 102 7.68 -20.51 46.18
C GLU F 102 8.33 -19.70 47.30
N ILE F 103 8.73 -18.46 47.03
CA ILE F 103 9.32 -17.60 48.06
C ILE F 103 8.23 -17.28 49.09
N LYS F 104 8.36 -17.84 50.29
CA LYS F 104 7.37 -17.65 51.34
C LYS F 104 7.94 -17.11 52.65
N ASP F 105 9.16 -17.48 53.02
CA ASP F 105 9.81 -17.00 54.24
C ASP F 105 11.17 -16.44 53.88
N ARG F 106 11.92 -16.06 54.92
CA ARG F 106 13.22 -15.42 54.72
C ARG F 106 14.22 -16.37 54.08
N GLU F 107 14.21 -17.65 54.50
CA GLU F 107 15.21 -18.60 54.02
C GLU F 107 15.04 -18.87 52.54
N THR F 108 13.80 -18.91 52.04
CA THR F 108 13.57 -19.15 50.61
C THR F 108 14.00 -17.94 49.80
N LEU F 109 13.76 -16.74 50.32
CA LEU F 109 14.22 -15.53 49.65
C LEU F 109 15.74 -15.53 49.50
N GLN F 110 16.45 -15.77 50.61
CA GLN F 110 17.90 -15.77 50.56
C GLN F 110 18.43 -16.90 49.70
N ARG F 111 17.76 -18.05 49.71
CA ARG F 111 18.16 -19.16 48.85
C ARG F 111 18.01 -18.81 47.38
N PHE F 112 16.91 -18.13 47.02
CA PHE F 112 16.73 -17.70 45.64
C PHE F 112 17.78 -16.66 45.24
N CYS F 113 18.12 -15.74 46.14
CA CYS F 113 19.16 -14.74 45.85
C CYS F 113 20.51 -15.42 45.63
N ARG F 114 20.85 -16.39 46.47
CA ARG F 114 22.09 -17.15 46.28
C ARG F 114 22.06 -17.98 45.01
N TYR F 115 20.88 -18.48 44.64
CA TYR F 115 20.76 -19.21 43.37
C TYR F 115 21.02 -18.30 42.19
N MET F 116 20.52 -17.06 42.24
CA MET F 116 20.78 -16.10 41.18
C MET F 116 22.27 -15.74 41.12
N GLU F 117 22.91 -15.63 42.28
CA GLU F 117 24.34 -15.36 42.32
C GLU F 117 25.14 -16.52 41.72
N ALA F 118 24.74 -17.75 42.03
CA ALA F 118 25.38 -18.90 41.42
C ALA F 118 25.15 -18.94 39.92
N LEU F 119 23.95 -18.56 39.48
CA LEU F 119 23.63 -18.54 38.05
C LEU F 119 24.52 -17.57 37.30
N VAL F 120 24.69 -16.34 37.83
CA VAL F 120 25.53 -15.37 37.15
C VAL F 120 27.00 -15.78 37.20
N ALA F 121 27.43 -16.41 38.32
CA ALA F 121 28.83 -16.84 38.45
C ALA F 121 29.19 -17.89 37.41
N TYR F 122 28.34 -18.86 37.27
CA TYR F 122 28.45 -19.90 36.26
C TYR F 122 28.28 -19.44 34.83
N PHE F 123 27.41 -18.47 34.62
CA PHE F 123 27.28 -17.88 33.30
C PHE F 123 28.57 -17.16 32.91
N LYS F 124 29.19 -16.46 33.86
CA LYS F 124 30.47 -15.84 33.57
C LYS F 124 31.59 -16.86 33.47
N PHE F 125 31.42 -18.04 34.09
CA PHE F 125 32.46 -19.06 34.05
C PHE F 125 32.58 -19.71 32.68
N TYR F 126 31.48 -19.77 31.92
CA TYR F 126 31.46 -20.49 30.66
C TYR F 126 31.53 -19.55 29.45
N GLY F 127 32.15 -18.39 29.60
CA GLY F 127 32.35 -17.49 28.49
C GLY F 127 31.29 -16.43 28.30
N GLY F 128 30.42 -16.23 29.28
CA GLY F 128 29.43 -15.17 29.18
C GLY F 128 30.07 -13.80 29.17
N LYS F 129 29.77 -13.01 28.14
CA LYS F 129 30.36 -11.68 27.97
C LYS F 129 29.62 -10.66 28.86
N ASP F 130 30.01 -9.39 28.75
CA ASP F 130 29.46 -8.29 29.45
C ASP F 130 28.64 -7.41 28.50
N MET G 1 -14.96 -2.99 49.46
CA MET G 1 -14.03 -3.94 48.86
C MET G 1 -13.15 -3.26 47.83
N ALA G 2 -12.03 -3.90 47.48
CA ALA G 2 -11.10 -3.38 46.49
C ALA G 2 -10.70 -4.49 45.54
N ILE G 3 -10.42 -4.10 44.29
CA ILE G 3 -10.03 -5.07 43.27
C ILE G 3 -8.53 -5.31 43.23
N LEU G 4 -7.72 -4.35 43.70
CA LEU G 4 -6.28 -4.46 43.69
C LEU G 4 -5.77 -4.49 45.12
N THR G 5 -5.03 -5.55 45.46
CA THR G 5 -4.33 -5.65 46.72
C THR G 5 -2.87 -5.95 46.43
N ASP G 6 -2.03 -5.74 47.45
CA ASP G 6 -0.59 -5.92 47.26
C ASP G 6 -0.20 -7.38 47.07
N GLU G 7 -1.11 -8.32 47.31
CA GLU G 7 -0.82 -9.74 47.19
C GLU G 7 -1.29 -10.35 45.87
N ASN G 8 -2.00 -9.61 45.02
CA ASN G 8 -2.60 -10.25 43.88
C ASN G 8 -2.51 -9.50 42.55
N TYR G 9 -1.94 -8.29 42.49
CA TYR G 9 -2.04 -7.52 41.24
C TYR G 9 -1.19 -8.10 40.12
N VAL G 10 -0.04 -8.63 40.47
CA VAL G 10 0.81 -9.41 39.59
C VAL G 10 0.08 -10.62 38.98
N ASP G 11 -0.54 -11.42 39.85
CA ASP G 11 -1.34 -12.55 39.38
C ASP G 11 -2.58 -12.08 38.60
N LYS G 12 -3.08 -10.90 38.94
CA LYS G 12 -4.21 -10.32 38.22
C LYS G 12 -3.81 -9.93 36.82
N ALA G 13 -2.55 -9.52 36.62
CA ALA G 13 -2.07 -9.23 35.29
C ALA G 13 -2.04 -10.47 34.43
N GLU G 14 -1.65 -11.60 35.03
CA GLU G 14 -1.74 -12.90 34.34
C GLU G 14 -3.14 -13.16 33.77
N ARG G 15 -4.16 -13.05 34.62
CA ARG G 15 -5.52 -13.30 34.11
C ARG G 15 -6.05 -12.18 33.21
N ALA G 16 -5.52 -10.96 33.33
CA ALA G 16 -5.97 -9.86 32.49
C ALA G 16 -5.47 -10.02 31.07
N ILE G 17 -4.19 -10.36 30.90
CA ILE G 17 -3.62 -10.40 29.56
C ILE G 17 -3.71 -11.77 28.90
N SER G 18 -3.85 -12.86 29.67
CA SER G 18 -3.96 -14.18 29.05
C SER G 18 -5.25 -14.34 28.29
N LEU G 19 -6.26 -13.54 28.61
CA LEU G 19 -7.52 -13.58 27.92
C LEU G 19 -7.68 -12.48 26.88
N LEU G 20 -6.62 -11.73 26.57
CA LEU G 20 -6.70 -10.77 25.47
C LEU G 20 -6.94 -11.49 24.14
N GLU G 21 -7.45 -10.73 23.17
CA GLU G 21 -7.75 -11.32 21.87
C GLU G 21 -6.46 -11.61 21.14
N LYS G 22 -6.56 -12.40 20.07
CA LYS G 22 -5.42 -12.85 19.31
C LYS G 22 -5.85 -13.05 17.87
N ASP G 23 -4.91 -12.81 16.96
CA ASP G 23 -5.13 -13.17 15.56
C ASP G 23 -5.15 -14.69 15.43
N ASN G 24 -5.62 -15.16 14.27
CA ASN G 24 -5.70 -16.60 14.02
C ASN G 24 -4.34 -17.27 14.09
N LYS G 25 -3.27 -16.53 13.75
CA LYS G 25 -1.92 -17.07 13.81
C LYS G 25 -1.39 -17.20 15.23
N GLY G 26 -2.06 -16.63 16.22
CA GLY G 26 -1.68 -16.77 17.61
C GLY G 26 -0.98 -15.56 18.21
N ASN G 27 -0.58 -14.59 17.40
CA ASN G 27 0.08 -13.42 17.95
C ASN G 27 -0.95 -12.47 18.58
N TYR G 28 -0.45 -11.56 19.41
CA TYR G 28 -1.32 -10.63 20.10
C TYR G 28 -1.81 -9.53 19.16
N LEU G 29 -2.84 -8.82 19.61
CA LEU G 29 -3.43 -7.74 18.84
C LEU G 29 -3.02 -6.37 19.35
N LEU G 30 -2.94 -6.21 20.68
CA LEU G 30 -2.41 -4.99 21.26
C LEU G 30 -0.92 -4.88 21.00
N THR G 31 -0.46 -3.64 20.81
CA THR G 31 0.96 -3.33 20.67
C THR G 31 1.31 -2.17 21.60
N THR G 32 2.60 -2.09 21.96
CA THR G 32 3.09 -1.07 22.89
C THR G 32 2.91 0.34 22.33
N SER G 33 2.82 0.49 21.01
CA SER G 33 2.64 1.81 20.42
C SER G 33 1.26 2.40 20.72
N GLN G 34 0.29 1.57 21.12
CA GLN G 34 -1.03 2.07 21.43
C GLN G 34 -1.16 2.54 22.88
N ILE G 35 -0.48 1.86 23.80
CA ILE G 35 -0.56 2.18 25.22
C ILE G 35 0.67 2.97 25.69
N ARG G 36 1.39 3.60 24.76
CA ARG G 36 2.62 4.30 25.11
C ARG G 36 2.34 5.51 26.00
N LYS G 37 1.34 6.33 25.62
CA LYS G 37 1.06 7.55 26.36
C LYS G 37 0.49 7.23 27.74
N LEU G 38 -0.33 6.17 27.83
CA LEU G 38 -0.86 5.73 29.13
C LEU G 38 0.25 5.29 30.06
N LEU G 39 1.21 4.51 29.55
CA LEU G 39 2.34 4.07 30.37
C LEU G 39 3.20 5.25 30.79
N SER G 40 3.42 6.21 29.90
CA SER G 40 4.18 7.41 30.24
C SER G 40 3.51 8.21 31.35
N LEU G 41 2.19 8.39 31.24
CA LEU G 41 1.44 9.14 32.25
C LEU G 41 1.45 8.40 33.60
N CYS G 42 1.28 7.08 33.57
CA CYS G 42 1.31 6.30 34.80
C CYS G 42 2.68 6.35 35.47
N SER G 43 3.75 6.25 34.67
CA SER G 43 5.10 6.34 35.22
C SER G 43 5.36 7.71 35.82
N SER G 44 4.97 8.78 35.12
CA SER G 44 5.17 10.14 35.64
C SER G 44 4.39 10.38 36.92
N LEU G 45 3.16 9.87 36.98
CA LEU G 45 2.32 10.07 38.15
C LEU G 45 2.84 9.28 39.35
N TYR G 46 3.35 8.06 39.10
CA TYR G 46 3.98 7.29 40.17
C TYR G 46 5.24 8.02 40.63
N ASP G 47 5.98 8.60 39.68
CA ASP G 47 7.21 9.30 40.03
C ASP G 47 6.92 10.53 40.91
N ARG G 48 5.84 11.24 40.59
CA ARG G 48 5.48 12.44 41.33
C ARG G 48 4.75 12.16 42.63
N SER G 49 4.17 10.96 42.79
CA SER G 49 3.48 10.65 44.04
C SER G 49 4.44 10.47 45.21
N LYS G 50 5.73 10.27 44.94
CA LYS G 50 6.71 10.12 46.01
C LYS G 50 6.95 11.44 46.75
N GLU G 51 7.11 12.54 46.00
CA GLU G 51 7.47 13.82 46.60
C GLU G 51 6.26 14.70 46.88
N ARG G 52 5.27 14.68 45.99
CA ARG G 52 4.10 15.52 46.09
C ARG G 52 2.90 14.73 46.60
N LYS G 53 2.19 15.30 47.57
CA LYS G 53 1.07 14.62 48.22
C LYS G 53 -0.14 14.54 47.27
N PHE G 54 -1.23 13.99 47.79
CA PHE G 54 -2.35 13.62 46.94
C PHE G 54 -3.37 14.74 46.74
N ASP G 55 -3.35 15.79 47.56
CA ASP G 55 -4.43 16.78 47.46
C ASP G 55 -4.34 17.59 46.18
N GLU G 56 -3.18 17.59 45.53
CA GLU G 56 -2.97 18.26 44.25
C GLU G 56 -2.58 17.27 43.16
N LEU G 57 -2.77 15.97 43.40
CA LEU G 57 -2.52 14.97 42.39
C LEU G 57 -3.84 14.43 41.83
N ILE G 58 -4.96 15.01 42.26
CA ILE G 58 -6.25 14.51 41.78
C ILE G 58 -6.44 14.82 40.29
N ASN G 59 -5.95 15.97 39.83
CA ASN G 59 -6.15 16.37 38.44
C ASN G 59 -5.32 15.48 37.52
N ASP G 60 -4.13 15.08 37.98
CA ASP G 60 -3.34 14.17 37.16
C ASP G 60 -4.02 12.81 37.02
N VAL G 61 -4.67 12.33 38.09
CA VAL G 61 -5.40 11.07 38.02
C VAL G 61 -6.61 11.20 37.09
N SER G 62 -7.30 12.34 37.15
CA SER G 62 -8.45 12.55 36.25
C SER G 62 -7.99 12.61 34.80
N TYR G 63 -6.83 13.23 34.54
CA TYR G 63 -6.26 13.23 33.20
C TYR G 63 -5.90 11.84 32.74
N LEU G 64 -5.35 11.03 33.65
CA LEU G 64 -5.01 9.65 33.30
C LEU G 64 -6.27 8.84 32.98
N ARG G 65 -7.34 9.06 33.73
CA ARG G 65 -8.59 8.35 33.49
C ARG G 65 -9.22 8.75 32.15
N VAL G 66 -9.23 10.05 31.85
CA VAL G 66 -9.80 10.48 30.57
C VAL G 66 -8.92 10.02 29.41
N GLN G 67 -7.61 9.95 29.62
CA GLN G 67 -6.73 9.41 28.60
C GLN G 67 -7.00 7.93 28.36
N PHE G 68 -7.27 7.17 29.44
CA PHE G 68 -7.61 5.77 29.28
C PHE G 68 -8.89 5.61 28.50
N VAL G 69 -9.87 6.45 28.80
CA VAL G 69 -11.15 6.29 28.16
C VAL G 69 -11.15 6.80 26.74
N TYR G 70 -10.15 7.60 26.41
CA TYR G 70 -9.94 8.04 25.05
C TYR G 70 -9.22 6.99 24.23
N GLN G 71 -8.04 6.54 24.71
CA GLN G 71 -7.24 5.57 23.97
C GLN G 71 -7.93 4.22 23.82
N SER G 72 -8.85 3.88 24.74
CA SER G 72 -9.62 2.65 24.59
C SER G 72 -10.54 2.71 23.38
N GLY G 73 -11.19 3.85 23.16
CA GLY G 73 -12.13 3.96 22.07
C GLY G 73 -11.50 4.38 20.76
N ARG G 74 -10.30 4.95 20.82
CA ARG G 74 -9.69 5.47 19.59
C ARG G 74 -9.00 4.36 18.81
N ASN G 75 -8.13 3.60 19.48
CA ASN G 75 -7.26 2.66 18.80
C ASN G 75 -8.06 1.49 18.25
N SER G 76 -7.71 1.08 17.03
CA SER G 76 -8.41 -0.01 16.35
C SER G 76 -7.45 -0.70 15.39
N VAL G 77 -7.56 -2.02 15.29
CA VAL G 77 -6.76 -2.80 14.37
C VAL G 77 -7.71 -3.67 13.56
N ARG G 78 -7.61 -3.61 12.23
CA ARG G 78 -8.50 -4.33 11.34
C ARG G 78 -7.74 -5.47 10.67
N VAL G 79 -8.17 -6.69 10.96
CA VAL G 79 -7.54 -7.89 10.39
C VAL G 79 -8.63 -8.74 9.76
N ASN G 80 -8.37 -9.19 8.52
CA ASN G 80 -9.25 -10.14 7.84
C ASN G 80 -10.69 -9.67 7.74
N ARG G 81 -10.87 -8.41 7.31
CA ARG G 81 -12.18 -7.78 7.24
C ARG G 81 -12.94 -7.78 8.56
N GLN G 82 -12.22 -7.66 9.66
CA GLN G 82 -12.83 -7.69 10.98
C GLN G 82 -12.07 -6.70 11.84
N THR G 83 -12.78 -5.71 12.35
CA THR G 83 -12.18 -4.71 13.22
C THR G 83 -12.20 -5.14 14.67
N PHE G 84 -11.15 -4.71 15.38
CA PHE G 84 -10.97 -5.05 16.78
C PHE G 84 -10.37 -3.86 17.49
N PHE G 85 -10.61 -3.77 18.80
CA PHE G 85 -10.24 -2.61 19.60
C PHE G 85 -9.45 -3.07 20.80
N PRO G 86 -8.13 -3.21 20.64
CA PRO G 86 -7.35 -3.94 21.67
C PRO G 86 -7.19 -3.20 22.98
N VAL G 87 -7.05 -1.87 22.95
CA VAL G 87 -6.86 -1.13 24.20
C VAL G 87 -8.13 -1.17 25.04
N LYS G 88 -9.29 -1.14 24.39
CA LYS G 88 -10.56 -1.23 25.13
C LYS G 88 -10.69 -2.57 25.83
N ASP G 89 -10.31 -3.66 25.16
CA ASP G 89 -10.37 -4.96 25.81
C ASP G 89 -9.32 -5.11 26.89
N LEU G 90 -8.14 -4.49 26.72
CA LEU G 90 -7.16 -4.47 27.82
C LEU G 90 -7.72 -3.77 29.05
N VAL G 91 -8.37 -2.62 28.85
CA VAL G 91 -8.96 -1.88 29.95
C VAL G 91 -10.11 -2.66 30.58
N GLU G 92 -10.91 -3.33 29.74
CA GLU G 92 -12.07 -4.08 30.23
C GLU G 92 -11.62 -5.29 31.05
N LYS G 93 -10.63 -6.04 30.56
CA LYS G 93 -10.25 -7.26 31.24
C LYS G 93 -9.39 -6.95 32.46
N GLY G 94 -8.55 -5.93 32.36
CA GLY G 94 -7.69 -5.55 33.46
C GLY G 94 -8.33 -4.67 34.51
N GLN G 95 -9.57 -4.25 34.30
CA GLN G 95 -10.34 -3.44 35.24
C GLN G 95 -9.61 -2.14 35.58
N ILE G 96 -9.07 -1.51 34.54
CA ILE G 96 -8.23 -0.33 34.75
C ILE G 96 -9.07 0.82 35.26
N LEU G 97 -10.25 1.02 34.67
CA LEU G 97 -11.11 2.13 35.08
C LEU G 97 -11.63 1.95 36.50
N GLU G 98 -11.98 0.72 36.87
CA GLU G 98 -12.47 0.47 38.22
C GLU G 98 -11.36 0.69 39.25
N ALA G 99 -10.14 0.28 38.91
CA ALA G 99 -8.99 0.55 39.79
C ALA G 99 -8.74 2.05 39.90
N LEU G 100 -8.87 2.79 38.80
CA LEU G 100 -8.75 4.25 38.83
C LEU G 100 -9.81 4.90 39.71
N LYS G 101 -11.00 4.30 39.79
CA LYS G 101 -12.05 4.85 40.63
C LYS G 101 -11.71 4.74 42.11
N GLU G 102 -11.01 3.67 42.52
CA GLU G 102 -10.70 3.45 43.92
C GLU G 102 -9.45 4.17 44.39
N ILE G 103 -8.77 4.89 43.50
CA ILE G 103 -7.55 5.62 43.89
C ILE G 103 -7.97 6.80 44.76
N LYS G 104 -7.63 6.74 46.04
CA LYS G 104 -8.01 7.78 46.98
C LYS G 104 -6.85 8.39 47.76
N ASP G 105 -5.68 7.77 47.77
CA ASP G 105 -4.53 8.26 48.51
C ASP G 105 -3.29 7.75 47.78
N ARG G 106 -2.12 7.99 48.38
CA ARG G 106 -0.85 7.68 47.72
C ARG G 106 -0.65 6.18 47.54
N GLU G 107 -1.03 5.39 48.56
CA GLU G 107 -0.73 3.96 48.54
C GLU G 107 -1.47 3.24 47.41
N THR G 108 -2.78 3.52 47.27
CA THR G 108 -3.55 2.89 46.20
C THR G 108 -3.11 3.39 44.83
N LEU G 109 -2.69 4.66 44.75
CA LEU G 109 -2.20 5.21 43.50
C LEU G 109 -0.94 4.47 43.05
N GLN G 110 0.00 4.28 43.97
CA GLN G 110 1.22 3.55 43.66
C GLN G 110 0.94 2.08 43.34
N ARG G 111 -0.06 1.50 44.01
CA ARG G 111 -0.46 0.12 43.68
C ARG G 111 -1.02 0.03 42.27
N PHE G 112 -1.82 1.02 41.86
CA PHE G 112 -2.35 1.03 40.50
C PHE G 112 -1.24 1.20 39.47
N CYS G 113 -0.27 2.07 39.76
CA CYS G 113 0.86 2.26 38.85
C CYS G 113 1.68 0.98 38.72
N ARG G 114 1.93 0.29 39.83
CA ARG G 114 2.63 -0.99 39.78
C ARG G 114 1.81 -2.06 39.07
N TYR G 115 0.48 -1.99 39.16
CA TYR G 115 -0.38 -2.90 38.40
C TYR G 115 -0.22 -2.65 36.92
N MET G 116 -0.14 -1.38 36.51
CA MET G 116 0.06 -1.07 35.10
C MET G 116 1.42 -1.59 34.61
N GLU G 117 2.45 -1.43 35.45
CA GLU G 117 3.77 -1.96 35.13
C GLU G 117 3.74 -3.49 35.00
N ALA G 118 3.01 -4.15 35.89
CA ALA G 118 2.85 -5.60 35.77
C ALA G 118 2.14 -5.94 34.46
N LEU G 119 1.06 -5.24 34.12
CA LEU G 119 0.35 -5.55 32.88
C LEU G 119 1.24 -5.43 31.63
N VAL G 120 2.02 -4.34 31.53
CA VAL G 120 2.87 -4.17 30.35
C VAL G 120 4.03 -5.18 30.35
N ALA G 121 4.57 -5.49 31.54
CA ALA G 121 5.65 -6.47 31.65
C ALA G 121 5.20 -7.83 31.16
N TYR G 122 4.04 -8.27 31.63
CA TYR G 122 3.60 -9.60 31.28
C TYR G 122 3.11 -9.65 29.83
N PHE G 123 2.60 -8.52 29.32
CA PHE G 123 2.27 -8.42 27.90
C PHE G 123 3.51 -8.58 27.03
N LYS G 124 4.62 -7.98 27.44
CA LYS G 124 5.89 -8.23 26.75
C LYS G 124 6.37 -9.67 26.91
N PHE G 125 6.00 -10.33 28.02
CA PHE G 125 6.46 -11.69 28.27
C PHE G 125 5.91 -12.67 27.25
N TYR G 126 4.64 -12.51 26.88
CA TYR G 126 3.96 -13.40 25.92
C TYR G 126 3.98 -12.90 24.50
N GLY G 127 5.06 -12.23 24.08
CA GLY G 127 5.25 -11.93 22.68
C GLY G 127 4.60 -10.66 22.19
N GLY G 128 4.32 -9.72 23.06
CA GLY G 128 3.81 -8.43 22.62
C GLY G 128 4.83 -7.67 21.81
N LYS G 129 4.33 -6.90 20.85
CA LYS G 129 5.17 -6.17 19.92
C LYS G 129 5.19 -4.69 20.27
N ASP G 130 6.33 -4.06 20.01
CA ASP G 130 6.50 -2.64 20.30
C ASP G 130 5.95 -1.78 19.16
N ASP H 4 37.38 29.06 13.51
CA ASP H 4 37.00 27.81 14.15
C ASP H 4 35.65 27.34 13.63
N TYR H 5 34.59 28.04 14.05
CA TYR H 5 33.23 27.69 13.67
C TYR H 5 32.66 28.80 12.81
N ARG H 6 31.96 28.41 11.74
CA ARG H 6 31.26 29.35 10.88
C ARG H 6 29.76 29.17 11.11
N THR H 7 29.09 30.23 11.51
CA THR H 7 27.67 30.17 11.84
C THR H 7 26.86 30.86 10.75
N PHE H 8 25.89 30.12 10.21
CA PHE H 8 25.00 30.62 9.18
C PHE H 8 23.60 30.77 9.75
N LYS H 9 22.90 31.79 9.27
CA LYS H 9 21.46 31.97 9.48
C LYS H 9 20.66 31.61 8.26
N LEU H 10 19.75 30.66 8.43
CA LEU H 10 18.90 30.19 7.36
C LEU H 10 17.50 30.73 7.62
N SER H 11 17.06 31.65 6.79
CA SER H 11 15.71 32.20 6.86
C SER H 11 14.83 31.39 5.91
N LEU H 12 13.79 30.78 6.47
CA LEU H 12 12.89 29.95 5.70
C LEU H 12 11.54 30.66 5.59
N LEU H 13 11.07 30.78 4.37
CA LEU H 13 9.76 31.26 3.97
C LEU H 13 8.95 30.20 3.24
N THR H 14 7.90 29.69 3.89
CA THR H 14 7.13 28.62 3.30
C THR H 14 6.28 29.17 2.16
N LEU H 15 6.42 28.58 0.98
CA LEU H 15 5.55 28.98 -0.11
C LEU H 15 4.31 28.10 -0.21
N ALA H 16 4.22 27.10 0.65
CA ALA H 16 3.13 26.13 0.60
C ALA H 16 3.04 25.48 1.96
N PRO H 17 1.90 24.86 2.30
CA PRO H 17 1.76 24.24 3.63
C PRO H 17 2.80 23.18 3.91
N ILE H 18 3.32 23.18 5.13
CA ILE H 18 4.38 22.29 5.56
C ILE H 18 3.92 21.56 6.81
N HIS H 19 3.98 20.24 6.79
CA HIS H 19 3.52 19.41 7.91
C HIS H 19 4.66 18.54 8.39
N ILE H 20 4.98 18.62 9.68
CA ILE H 20 6.02 17.79 10.28
C ILE H 20 5.35 17.07 11.45
N GLY H 21 4.85 15.87 11.21
CA GLY H 21 4.04 15.18 12.21
C GLY H 21 4.86 14.56 13.32
N ASN H 22 4.14 14.02 14.30
CA ASN H 22 4.73 13.35 15.45
C ASN H 22 4.09 12.00 15.71
N GLY H 23 3.26 11.51 14.80
CA GLY H 23 2.59 10.24 14.95
C GLY H 23 1.21 10.32 15.58
N GLU H 24 0.89 11.41 16.26
CA GLU H 24 -0.40 11.55 16.90
C GLU H 24 -1.43 12.09 15.91
N LYS H 25 -2.70 11.98 16.28
CA LYS H 25 -3.83 12.37 15.44
C LYS H 25 -4.98 12.81 16.32
N TYR H 26 -5.51 14.01 16.07
CA TYR H 26 -6.80 14.37 16.64
C TYR H 26 -7.87 13.50 15.99
N THR H 27 -8.57 12.71 16.79
CA THR H 27 -9.75 12.01 16.33
C THR H 27 -10.90 13.00 16.21
N SER H 28 -12.05 12.52 15.75
CA SER H 28 -13.21 13.40 15.60
C SER H 28 -13.77 13.86 16.94
N ARG H 29 -13.53 13.13 18.03
CA ARG H 29 -13.96 13.56 19.35
C ARG H 29 -12.86 14.31 20.08
N GLU H 30 -12.20 15.26 19.41
CA GLU H 30 -11.27 16.17 20.09
C GLU H 30 -11.30 17.58 19.56
N PHE H 31 -12.17 17.91 18.61
CA PHE H 31 -12.25 19.26 18.10
C PHE H 31 -13.68 19.53 17.66
N ILE H 32 -14.12 20.77 17.86
CA ILE H 32 -15.47 21.20 17.48
C ILE H 32 -15.36 22.23 16.37
N TYR H 33 -16.13 22.03 15.31
CA TYR H 33 -16.19 22.96 14.20
C TYR H 33 -17.40 23.86 14.41
N GLU H 34 -17.15 25.13 14.70
CA GLU H 34 -18.24 26.07 14.91
C GLU H 34 -17.69 27.47 14.80
N ASN H 35 -18.59 28.41 14.46
CA ASN H 35 -18.26 29.84 14.31
C ASN H 35 -17.12 30.08 13.34
N LYS H 36 -17.09 29.25 12.27
CA LYS H 36 -16.04 29.25 11.26
C LYS H 36 -14.66 29.07 11.89
N LYS H 37 -14.55 28.14 12.84
CA LYS H 37 -13.27 27.84 13.44
C LYS H 37 -13.28 26.42 13.96
N PHE H 38 -12.06 25.88 14.13
CA PHE H 38 -11.83 24.55 14.68
C PHE H 38 -11.23 24.73 16.07
N TYR H 39 -11.98 24.36 17.09
CA TYR H 39 -11.51 24.47 18.47
C TYR H 39 -10.99 23.11 18.91
N PHE H 40 -9.78 23.08 19.48
CA PHE H 40 -9.12 21.85 19.88
C PHE H 40 -8.97 21.86 21.40
N PRO H 41 -10.02 21.54 22.15
CA PRO H 41 -9.96 21.66 23.61
C PRO H 41 -8.99 20.68 24.24
N ASP H 42 -8.38 21.12 25.34
CA ASP H 42 -7.56 20.23 26.14
C ASP H 42 -8.49 19.28 26.89
N MET H 43 -8.27 17.97 26.73
CA MET H 43 -9.22 17.01 27.28
C MET H 43 -9.12 16.97 28.81
N GLY H 44 -7.96 17.31 29.36
CA GLY H 44 -7.85 17.40 30.81
C GLY H 44 -8.70 18.52 31.40
N LYS H 45 -8.62 19.71 30.79
CA LYS H 45 -9.46 20.81 31.25
C LYS H 45 -10.92 20.56 30.91
N PHE H 46 -11.16 19.83 29.82
CA PHE H 46 -12.52 19.47 29.43
C PHE H 46 -13.17 18.59 30.47
N TYR H 47 -12.44 17.58 30.90
CA TYR H 47 -12.90 16.70 31.96
C TYR H 47 -13.04 17.44 33.26
N ASN H 48 -12.11 18.37 33.57
CA ASN H 48 -12.18 19.11 34.83
C ASN H 48 -13.40 20.00 34.91
N LYS H 49 -13.73 20.63 33.85
CA LYS H 49 -14.93 21.42 33.91
C LYS H 49 -16.23 20.67 33.61
N MET H 50 -16.17 19.42 33.16
CA MET H 50 -17.36 18.58 33.18
C MET H 50 -17.39 17.58 34.33
N VAL H 51 -16.51 17.71 35.31
CA VAL H 51 -16.74 17.04 36.60
C VAL H 51 -17.30 18.02 37.64
N GLU H 52 -17.07 19.32 37.48
CA GLU H 52 -17.79 20.32 38.27
C GLU H 52 -19.20 20.57 37.74
N LYS H 53 -19.50 20.10 36.53
CA LYS H 53 -20.84 20.22 35.98
C LYS H 53 -21.56 18.86 35.97
N ARG H 54 -20.90 17.79 36.48
CA ARG H 54 -21.49 16.46 36.62
C ARG H 54 -21.95 15.88 35.29
N LEU H 55 -21.00 15.75 34.36
CA LEU H 55 -21.29 15.03 33.12
C LEU H 55 -20.14 14.12 32.76
N ALA H 56 -19.45 13.61 33.78
CA ALA H 56 -18.33 12.72 33.53
C ALA H 56 -18.81 11.42 32.89
N GLU H 57 -19.89 10.83 33.42
CA GLU H 57 -20.32 9.48 33.01
C GLU H 57 -20.77 9.43 31.54
N LYS H 58 -21.55 10.41 31.10
CA LYS H 58 -21.91 10.45 29.68
C LYS H 58 -20.73 10.79 28.78
N PHE H 59 -19.76 11.55 29.28
CA PHE H 59 -18.54 11.73 28.51
C PHE H 59 -17.78 10.43 28.35
N GLU H 60 -17.80 9.61 29.39
CA GLU H 60 -17.19 8.31 29.33
C GLU H 60 -17.91 7.44 28.32
N ALA H 61 -19.23 7.48 28.34
CA ALA H 61 -20.01 6.74 27.35
C ALA H 61 -19.77 7.26 25.93
N PHE H 62 -19.44 8.55 25.80
CA PHE H 62 -19.18 9.14 24.49
C PHE H 62 -17.80 8.78 23.97
N LEU H 63 -16.80 8.63 24.86
CA LEU H 63 -15.45 8.36 24.38
C LEU H 63 -15.07 6.89 24.38
N ILE H 64 -15.47 6.12 25.40
CA ILE H 64 -15.37 4.65 25.40
C ILE H 64 -16.04 4.02 24.20
N GLN H 65 -17.10 4.65 23.69
CA GLN H 65 -17.92 4.09 22.62
C GLN H 65 -17.05 3.76 21.41
N THR H 66 -17.21 2.53 20.94
CA THR H 66 -16.32 1.91 19.98
C THR H 66 -16.74 2.16 18.54
N ARG H 67 -18.04 2.05 18.26
CA ARG H 67 -18.58 2.20 16.90
C ARG H 67 -19.68 3.26 16.89
N PRO H 68 -19.30 4.55 16.92
CA PRO H 68 -20.30 5.58 16.63
C PRO H 68 -20.65 5.55 15.16
N ASN H 69 -21.93 5.74 14.87
CA ASN H 69 -22.45 5.49 13.52
C ASN H 69 -22.15 6.64 12.57
N ALA H 70 -22.75 7.79 12.78
CA ALA H 70 -22.49 8.96 11.94
C ALA H 70 -22.26 10.23 12.74
N ARG H 71 -23.01 10.42 13.84
CA ARG H 71 -23.06 11.69 14.54
C ARG H 71 -22.63 11.58 16.00
N ASN H 72 -22.70 10.40 16.60
CA ASN H 72 -22.10 10.19 17.92
C ASN H 72 -20.56 10.14 17.88
N ASN H 73 -19.96 10.42 16.72
CA ASN H 73 -18.52 10.49 16.56
C ASN H 73 -17.99 11.92 16.67
N ARG H 74 -18.85 12.92 16.75
CA ARG H 74 -18.42 14.32 16.76
C ARG H 74 -18.65 14.92 18.13
N LEU H 75 -17.63 15.65 18.62
CA LEU H 75 -17.71 16.25 19.95
C LEU H 75 -18.79 17.33 20.04
N ILE H 76 -19.06 18.03 18.94
CA ILE H 76 -20.09 19.07 18.95
C ILE H 76 -21.46 18.44 19.18
N SER H 77 -21.64 17.18 18.76
CA SER H 77 -22.89 16.48 19.00
C SER H 77 -23.07 16.24 20.49
N PHE H 78 -22.02 15.82 21.19
CA PHE H 78 -22.11 15.67 22.63
C PHE H 78 -22.34 17.00 23.33
N LEU H 79 -21.68 18.06 22.84
CA LEU H 79 -21.81 19.38 23.46
C LEU H 79 -23.24 19.90 23.32
N ASN H 80 -23.85 19.66 22.18
CA ASN H 80 -25.21 20.15 21.95
C ASN H 80 -26.26 19.26 22.58
N ASP H 81 -26.03 17.94 22.66
CA ASP H 81 -27.02 17.03 23.24
C ASP H 81 -27.22 17.31 24.73
N ASN H 82 -26.15 17.59 25.44
CA ASN H 82 -26.24 17.77 26.87
C ASN H 82 -26.32 19.24 27.26
N ARG H 83 -26.48 20.14 26.29
CA ARG H 83 -26.77 21.57 26.49
C ARG H 83 -25.65 22.25 27.28
N ILE H 84 -24.48 22.28 26.67
CA ILE H 84 -23.32 22.94 27.23
C ILE H 84 -23.00 24.09 26.30
N ALA H 85 -22.72 25.27 26.87
CA ALA H 85 -22.32 26.44 26.11
C ALA H 85 -21.18 27.16 26.81
N GLU H 86 -20.23 26.40 27.34
CA GLU H 86 -19.13 26.95 28.12
C GLU H 86 -17.81 26.61 27.48
N ARG H 87 -17.68 26.85 26.18
CA ARG H 87 -16.53 26.43 25.36
C ARG H 87 -15.31 27.32 25.64
N SER H 88 -14.67 27.08 26.77
CA SER H 88 -13.36 27.65 27.07
C SER H 88 -12.62 26.70 27.97
N PHE H 89 -11.90 25.69 27.38
CA PHE H 89 -11.14 24.72 28.18
C PHE H 89 -9.76 24.70 27.48
N GLY H 90 -8.91 25.67 27.77
CA GLY H 90 -7.56 25.71 27.23
C GLY H 90 -7.53 25.72 25.73
N GLY H 91 -6.68 24.87 25.18
CA GLY H 91 -6.72 24.55 23.78
C GLY H 91 -6.32 25.72 22.90
N TYR H 92 -6.63 25.56 21.62
CA TYR H 92 -6.35 26.57 20.62
C TYR H 92 -7.33 26.41 19.47
N SER H 93 -7.45 27.47 18.68
CA SER H 93 -8.40 27.52 17.58
C SER H 93 -7.65 27.73 16.26
N ILE H 94 -8.15 27.08 15.22
CA ILE H 94 -7.64 27.24 13.87
C ILE H 94 -8.74 27.86 13.03
N SER H 95 -8.43 29.00 12.39
CA SER H 95 -9.41 29.68 11.56
C SER H 95 -9.77 28.81 10.36
N GLU H 96 -11.03 28.88 9.96
CA GLU H 96 -11.53 28.01 8.91
C GLU H 96 -10.98 28.49 7.57
N THR H 97 -10.23 27.63 6.91
CA THR H 97 -9.71 27.93 5.57
C THR H 97 -10.81 28.00 4.52
N GLY H 98 -11.65 26.99 4.44
CA GLY H 98 -12.63 27.00 3.36
C GLY H 98 -12.38 25.82 2.48
N LEU H 99 -11.09 25.67 2.23
CA LEU H 99 -10.56 24.69 1.33
C LEU H 99 -9.95 23.53 2.08
N GLU H 100 -10.21 23.46 3.39
CA GLU H 100 -9.58 22.47 4.26
C GLU H 100 -9.96 21.03 3.89
N SER H 101 -11.11 20.83 3.25
CA SER H 101 -11.58 19.49 2.98
C SER H 101 -12.62 19.55 1.89
N ASP H 102 -12.72 18.46 1.13
CA ASP H 102 -13.84 18.26 0.24
C ASP H 102 -15.08 18.00 1.09
N ARG H 103 -16.22 17.76 0.43
CA ARG H 103 -17.58 17.60 1.00
C ARG H 103 -17.82 18.85 1.86
N ASN H 104 -18.33 18.72 3.07
CA ASN H 104 -18.41 19.78 4.06
C ASN H 104 -17.86 19.31 5.40
N PRO H 105 -17.36 20.23 6.22
CA PRO H 105 -16.87 19.82 7.54
C PRO H 105 -17.97 19.35 8.47
N ASN H 106 -19.23 19.61 8.15
CA ASN H 106 -20.38 19.05 8.85
C ASN H 106 -20.67 17.67 8.30
N SER H 107 -21.86 17.13 8.56
CA SER H 107 -22.34 15.85 8.04
C SER H 107 -21.50 14.67 8.53
N ALA H 108 -21.57 13.55 7.81
CA ALA H 108 -21.07 12.27 8.31
C ALA H 108 -19.55 12.14 8.19
N GLY H 109 -19.02 12.14 6.96
CA GLY H 109 -17.62 11.86 6.75
C GLY H 109 -16.72 12.94 7.31
N ALA H 110 -16.73 14.10 6.65
CA ALA H 110 -16.06 15.32 7.05
C ALA H 110 -14.59 15.04 7.36
N ILE H 111 -14.14 15.38 8.58
CA ILE H 111 -12.76 15.18 8.99
C ILE H 111 -12.78 14.26 10.20
N ASN H 112 -12.49 12.98 9.98
CA ASN H 112 -12.46 12.04 11.08
C ASN H 112 -11.12 11.96 11.78
N GLU H 113 -10.05 12.55 11.21
CA GLU H 113 -8.69 12.50 11.73
C GLU H 113 -7.91 13.71 11.23
N VAL H 114 -7.17 14.33 12.15
CA VAL H 114 -6.33 15.48 11.82
C VAL H 114 -4.92 15.17 12.31
N ASN H 115 -3.98 15.09 11.38
CA ASN H 115 -2.60 14.80 11.75
C ASN H 115 -1.99 15.97 12.51
N LYS H 116 -1.38 15.67 13.65
CA LYS H 116 -0.83 16.70 14.51
C LYS H 116 0.49 17.23 13.98
N PHE H 117 0.73 18.52 14.21
CA PHE H 117 2.05 19.09 14.01
C PHE H 117 2.92 18.81 15.22
N ILE H 118 4.24 18.80 14.99
CA ILE H 118 5.17 18.52 16.07
C ILE H 118 5.21 19.71 17.04
N ARG H 119 5.06 19.39 18.32
CA ARG H 119 4.99 20.40 19.35
C ARG H 119 5.91 20.02 20.50
N ASP H 120 6.48 21.04 21.13
CA ASP H 120 7.38 20.83 22.26
C ASP H 120 6.54 20.55 23.52
N ALA H 121 7.19 20.51 24.67
CA ALA H 121 6.51 20.14 25.91
C ALA H 121 5.54 21.22 26.39
N PHE H 122 5.64 22.44 25.87
CA PHE H 122 4.73 23.51 26.26
C PHE H 122 3.50 23.59 25.36
N GLY H 123 3.43 22.80 24.30
CA GLY H 123 2.29 22.82 23.40
C GLY H 123 2.42 23.73 22.20
N ASN H 124 3.49 24.49 22.10
CA ASN H 124 3.70 25.34 20.93
C ASN H 124 4.37 24.56 19.80
N PRO H 125 4.12 24.90 18.54
CA PRO H 125 4.75 24.18 17.44
C PRO H 125 6.13 24.73 17.14
N TYR H 126 6.95 23.90 16.50
CA TYR H 126 8.29 24.28 16.09
C TYR H 126 8.72 23.33 14.99
N ILE H 127 9.75 23.73 14.23
CA ILE H 127 10.32 22.86 13.22
C ILE H 127 11.63 22.27 13.77
N PRO H 128 11.72 20.95 13.92
CA PRO H 128 12.95 20.36 14.45
C PRO H 128 14.10 20.53 13.49
N GLY H 129 15.31 20.58 14.06
CA GLY H 129 16.49 20.76 13.25
C GLY H 129 16.82 19.54 12.43
N SER H 130 16.38 18.37 12.87
CA SER H 130 16.62 17.16 12.10
C SER H 130 15.80 17.10 10.81
N SER H 131 14.63 17.73 10.75
CA SER H 131 13.88 17.79 9.49
C SER H 131 14.62 18.64 8.46
N LEU H 132 15.04 19.84 8.86
CA LEU H 132 15.79 20.70 7.95
C LEU H 132 17.13 20.07 7.58
N LYS H 133 17.76 19.37 8.52
CA LYS H 133 19.01 18.70 8.22
C LYS H 133 18.81 17.56 7.22
N GLY H 134 17.70 16.82 7.33
CA GLY H 134 17.39 15.80 6.35
C GLY H 134 17.17 16.37 4.96
N ALA H 135 16.46 17.51 4.88
CA ALA H 135 16.26 18.17 3.60
C ALA H 135 17.58 18.65 3.00
N ILE H 136 18.45 19.24 3.83
CA ILE H 136 19.74 19.71 3.39
C ILE H 136 20.63 18.55 2.96
N ARG H 137 20.56 17.44 3.68
CA ARG H 137 21.33 16.25 3.33
C ARG H 137 20.89 15.68 2.00
N THR H 138 19.57 15.66 1.74
CA THR H 138 19.07 15.22 0.43
C THR H 138 19.55 16.14 -0.68
N ILE H 139 19.55 17.46 -0.43
CA ILE H 139 20.01 18.43 -1.41
C ILE H 139 21.49 18.20 -1.74
N LEU H 140 22.32 18.03 -0.70
CA LEU H 140 23.76 17.88 -0.92
C LEU H 140 24.10 16.54 -1.55
N MET H 141 23.43 15.46 -1.15
CA MET H 141 23.70 14.14 -1.72
C MET H 141 23.21 14.04 -3.16
N ASN H 142 22.10 14.70 -3.48
CA ASN H 142 21.56 14.64 -4.83
C ASN H 142 22.27 15.59 -5.79
N THR H 143 23.20 16.43 -5.32
CA THR H 143 23.93 17.38 -6.17
C THR H 143 25.44 17.15 -5.97
N THR H 144 25.84 15.90 -5.99
CA THR H 144 27.25 15.59 -5.88
C THR H 144 27.53 14.29 -6.61
N PRO H 145 28.30 14.30 -7.69
CA PRO H 145 28.49 13.06 -8.48
C PRO H 145 29.22 11.95 -7.73
N LYS H 146 29.93 12.26 -6.64
CA LYS H 146 30.57 11.21 -5.85
C LYS H 146 29.61 10.53 -4.88
N TRP H 147 28.44 11.12 -4.62
CA TRP H 147 27.43 10.51 -3.77
C TRP H 147 26.19 10.05 -4.54
N ASN H 148 25.83 10.72 -5.61
CA ASN H 148 24.68 10.34 -6.43
C ASN H 148 25.17 9.56 -7.66
N ASN H 149 25.63 8.34 -7.40
CA ASN H 149 26.08 7.45 -8.46
C ASN H 149 25.54 6.06 -8.18
N GLU H 150 26.04 5.08 -8.93
CA GLU H 150 25.59 3.70 -8.80
C GLU H 150 25.99 3.06 -7.49
N ASN H 151 26.94 3.64 -6.76
CA ASN H 151 27.42 3.07 -5.51
C ASN H 151 26.47 3.34 -4.35
N ALA H 152 25.40 4.11 -4.56
CA ALA H 152 24.47 4.44 -3.49
C ALA H 152 23.43 3.36 -3.24
N VAL H 153 23.44 2.28 -4.01
CA VAL H 153 22.52 1.16 -3.83
C VAL H 153 23.31 -0.05 -3.37
N ASN H 154 22.65 -0.91 -2.60
CA ASN H 154 23.26 -2.08 -1.97
C ASN H 154 22.52 -3.30 -2.52
N ASP H 155 22.97 -3.77 -3.66
CA ASP H 155 22.36 -4.94 -4.31
C ASP H 155 22.80 -6.25 -3.68
N PHE H 156 23.72 -6.22 -2.71
CA PHE H 156 24.18 -7.42 -2.01
C PHE H 156 23.16 -7.78 -0.92
N GLY H 157 21.99 -8.22 -1.38
CA GLY H 157 20.91 -8.52 -0.47
C GLY H 157 19.68 -8.92 -1.26
N ARG H 158 18.58 -9.08 -0.52
CA ARG H 158 17.33 -9.48 -1.14
C ARG H 158 16.77 -8.36 -2.03
N PHE H 159 16.74 -7.12 -1.53
CA PHE H 159 16.22 -5.99 -2.27
C PHE H 159 17.17 -4.80 -2.19
N PRO H 160 17.19 -3.93 -3.22
CA PRO H 160 18.06 -2.75 -3.17
C PRO H 160 17.72 -1.83 -2.01
N LYS H 161 18.76 -1.25 -1.41
CA LYS H 161 18.61 -0.34 -0.29
C LYS H 161 19.78 0.62 -0.30
N GLU H 162 19.62 1.75 0.40
CA GLU H 162 20.65 2.79 0.36
C GLU H 162 21.94 2.31 1.02
N ASN H 163 23.06 2.75 0.45
CA ASN H 163 24.38 2.47 1.00
C ASN H 163 24.64 3.55 2.05
N LYS H 164 24.29 3.24 3.29
CA LYS H 164 24.43 4.20 4.39
C LYS H 164 25.88 4.53 4.72
N ASN H 165 26.84 3.72 4.26
CA ASN H 165 28.25 3.97 4.50
C ASN H 165 28.95 4.59 3.30
N LEU H 166 28.20 5.06 2.31
CA LEU H 166 28.81 5.78 1.19
C LEU H 166 29.43 7.08 1.66
N ILE H 167 28.74 7.81 2.54
CA ILE H 167 29.31 8.94 3.25
C ILE H 167 29.86 8.42 4.57
N PRO H 168 31.17 8.48 4.81
CA PRO H 168 31.75 7.88 6.02
C PRO H 168 31.23 8.55 7.28
N TRP H 169 31.01 7.73 8.31
CA TRP H 169 30.49 8.22 9.57
C TRP H 169 30.93 7.29 10.67
N GLY H 170 30.82 7.77 11.92
CA GLY H 170 31.12 6.96 13.07
C GLY H 170 32.59 6.91 13.38
N PRO H 171 32.95 6.39 14.54
CA PRO H 171 34.37 6.23 14.87
C PRO H 171 34.94 4.95 14.27
N LYS H 172 36.09 5.10 13.61
CA LYS H 172 36.79 3.97 13.01
C LYS H 172 38.10 3.74 13.74
N LYS H 173 38.39 2.47 14.04
CA LYS H 173 39.57 2.12 14.81
C LYS H 173 40.86 2.53 14.08
N GLY H 174 41.74 3.20 14.82
CA GLY H 174 43.02 3.62 14.27
C GLY H 174 42.95 4.54 13.08
N LYS H 175 41.95 5.43 13.04
CA LYS H 175 41.76 6.34 11.92
C LYS H 175 41.24 7.68 12.46
N GLU H 176 41.70 8.76 11.84
CA GLU H 176 41.25 10.10 12.18
C GLU H 176 39.76 10.24 11.83
N TYR H 177 39.05 11.03 12.65
CA TYR H 177 37.63 11.25 12.49
C TYR H 177 37.30 11.81 11.11
N ASP H 178 36.35 11.19 10.43
CA ASP H 178 36.02 11.55 9.05
C ASP H 178 34.51 11.64 8.91
N ASP H 179 33.87 12.41 9.77
CA ASP H 179 32.42 12.49 9.71
C ASP H 179 32.10 13.89 9.19
N LEU H 180 31.57 13.95 7.97
CA LEU H 180 31.26 15.24 7.37
C LEU H 180 30.03 15.86 8.02
N PHE H 181 29.00 15.06 8.24
CA PHE H 181 27.73 15.61 8.70
C PHE H 181 27.65 15.78 10.22
N ASN H 182 28.73 15.55 10.96
CA ASN H 182 28.78 15.95 12.37
C ASN H 182 29.15 17.39 12.43
N ALA H 183 29.78 17.87 11.36
CA ALA H 183 30.15 19.27 11.33
C ALA H 183 28.94 20.15 11.05
N ILE H 184 28.02 19.71 10.21
CA ILE H 184 26.81 20.48 9.88
C ILE H 184 25.83 20.31 11.04
N ARG H 185 25.78 21.28 11.93
CA ARG H 185 24.94 21.21 13.13
C ARG H 185 23.75 22.14 12.94
N VAL H 186 22.68 21.62 12.35
CA VAL H 186 21.47 22.39 12.10
C VAL H 186 20.63 22.42 13.38
N SER H 187 20.39 23.63 13.90
CA SER H 187 19.57 23.80 15.07
C SER H 187 18.09 23.84 14.67
N ASP H 188 17.22 23.80 15.67
CA ASP H 188 15.79 23.86 15.44
C ASP H 188 15.29 25.29 15.63
N SER H 189 14.03 25.49 15.31
CA SER H 189 13.44 26.82 15.35
C SER H 189 13.04 27.19 16.77
N LYS H 190 12.35 28.30 16.89
CA LYS H 190 11.68 28.71 18.10
C LYS H 190 10.18 28.49 17.93
N PRO H 191 9.45 28.28 19.04
CA PRO H 191 7.98 28.22 18.97
C PRO H 191 7.35 29.41 18.27
N PHE H 192 6.71 29.15 17.13
CA PHE H 192 6.19 30.22 16.28
C PHE H 192 4.69 30.40 16.40
N ASP H 193 4.11 30.07 17.58
CA ASP H 193 2.72 30.30 17.94
C ASP H 193 1.75 29.41 17.15
N ASN H 194 0.55 29.21 17.66
CA ASN H 194 -0.47 28.38 17.05
C ASN H 194 -1.36 29.14 16.06
N LYS H 195 -1.14 30.44 15.85
CA LYS H 195 -1.97 31.23 14.92
C LYS H 195 -1.57 31.01 13.47
N ARG H 196 -0.47 30.31 13.22
CA ARG H 196 0.01 30.15 11.86
C ARG H 196 -0.19 28.72 11.35
N LEU H 197 -1.32 28.10 11.69
CA LEU H 197 -1.60 26.72 11.29
C LEU H 197 -2.95 26.64 10.60
N ILE H 198 -3.08 25.67 9.69
CA ILE H 198 -4.29 25.46 8.90
C ILE H 198 -4.52 23.95 8.78
N LEU H 199 -5.62 23.58 8.12
CA LEU H 199 -6.08 22.19 8.08
C LEU H 199 -6.14 21.66 6.64
N VAL H 200 -5.03 21.80 5.93
CA VAL H 200 -5.02 21.39 4.53
C VAL H 200 -5.26 19.88 4.35
N GLN H 201 -5.66 19.51 3.14
CA GLN H 201 -5.99 18.13 2.81
C GLN H 201 -5.15 17.69 1.61
N LYS H 202 -4.78 16.41 1.58
CA LYS H 202 -3.94 15.87 0.53
C LYS H 202 -4.74 15.62 -0.75
N TRP H 203 -4.28 16.19 -1.86
CA TRP H 203 -4.80 15.90 -3.19
C TRP H 203 -3.67 15.33 -4.03
N ASP H 204 -4.02 14.44 -4.95
CA ASP H 204 -3.06 13.83 -5.87
C ASP H 204 -3.46 14.14 -7.30
N TYR H 205 -2.53 14.65 -8.09
CA TYR H 205 -2.76 15.01 -9.47
C TYR H 205 -1.99 14.05 -10.36
N SER H 206 -2.72 13.26 -11.15
CA SER H 206 -2.11 12.27 -12.02
C SER H 206 -1.93 12.86 -13.40
N ALA H 207 -0.73 12.69 -13.98
CA ALA H 207 -0.50 13.15 -15.34
C ALA H 207 -1.26 12.31 -16.36
N LYS H 208 -1.50 11.03 -16.04
CA LYS H 208 -2.19 10.14 -16.97
C LYS H 208 -3.69 10.43 -17.02
N THR H 209 -4.26 10.90 -15.91
CA THR H 209 -5.70 11.13 -15.80
C THR H 209 -6.08 12.61 -15.98
N ASN H 210 -5.21 13.51 -15.52
CA ASN H 210 -5.29 14.97 -15.70
C ASN H 210 -6.44 15.57 -14.88
N LYS H 211 -6.65 15.04 -13.67
CA LYS H 211 -7.58 15.67 -12.74
C LYS H 211 -7.12 15.37 -11.32
N ALA H 212 -7.34 16.34 -10.43
CA ALA H 212 -6.97 16.17 -9.04
C ALA H 212 -7.95 15.25 -8.33
N LYS H 213 -7.43 14.30 -7.57
CA LYS H 213 -8.21 13.38 -6.76
C LYS H 213 -7.95 13.66 -5.30
N PRO H 214 -8.97 14.04 -4.51
CA PRO H 214 -8.74 14.26 -3.08
C PRO H 214 -8.65 12.94 -2.33
N LEU H 215 -7.90 12.97 -1.24
CA LEU H 215 -7.72 11.79 -0.41
C LEU H 215 -8.11 12.13 1.02
N PRO H 216 -8.60 11.15 1.78
CA PRO H 216 -8.94 11.40 3.20
C PRO H 216 -7.72 11.37 4.10
N LEU H 217 -6.90 12.40 3.98
CA LEU H 217 -5.69 12.53 4.77
C LEU H 217 -5.48 14.01 5.07
N TYR H 218 -6.00 14.43 6.22
CA TYR H 218 -6.02 15.82 6.62
C TYR H 218 -4.89 16.09 7.60
N ARG H 219 -4.26 17.26 7.45
CA ARG H 219 -3.03 17.56 8.17
C ARG H 219 -3.10 18.96 8.74
N GLU H 220 -2.30 19.18 9.79
CA GLU H 220 -2.05 20.51 10.35
C GLU H 220 -0.74 21.03 9.80
N SER H 221 -0.81 22.10 9.02
CA SER H 221 0.36 22.58 8.33
C SER H 221 0.54 24.07 8.56
N ILE H 222 1.81 24.51 8.49
CA ILE H 222 2.12 25.94 8.60
C ILE H 222 1.51 26.68 7.41
N SER H 223 0.97 27.87 7.68
CA SER H 223 0.37 28.66 6.62
C SER H 223 1.45 29.17 5.67
N PRO H 224 1.09 29.45 4.41
CA PRO H 224 2.04 30.07 3.47
C PRO H 224 2.45 31.45 3.96
N LEU H 225 3.66 31.84 3.55
CA LEU H 225 4.32 33.08 3.92
C LEU H 225 4.56 33.15 5.43
N THR H 226 5.30 32.16 5.91
CA THR H 226 5.70 32.08 7.31
C THR H 226 7.22 32.15 7.39
N LYS H 227 7.74 33.09 8.18
CA LYS H 227 9.18 33.32 8.31
C LYS H 227 9.68 32.62 9.56
N ILE H 228 10.64 31.70 9.37
CA ILE H 228 11.26 30.94 10.44
C ILE H 228 12.76 31.09 10.32
N GLU H 229 13.47 30.94 11.44
CA GLU H 229 14.89 31.16 11.39
C GLU H 229 15.62 29.98 12.01
N PHE H 230 16.66 29.49 11.32
CA PHE H 230 17.48 28.38 11.80
C PHE H 230 18.92 28.83 11.88
N GLU H 231 19.69 28.19 12.75
CA GLU H 231 21.12 28.42 12.88
C GLU H 231 21.88 27.16 12.46
N ILE H 232 22.82 27.31 11.55
CA ILE H 232 23.62 26.20 11.04
C ILE H 232 25.06 26.48 11.44
N THR H 233 25.55 25.76 12.44
CA THR H 233 26.93 25.91 12.90
C THR H 233 27.78 24.85 12.22
N THR H 234 28.89 25.28 11.63
CA THR H 234 29.80 24.39 10.93
C THR H 234 31.18 24.47 11.56
N THR H 235 31.89 23.34 11.60
CA THR H 235 33.17 23.26 12.27
C THR H 235 34.34 22.97 11.34
N THR H 236 34.12 22.26 10.24
CA THR H 236 35.18 21.91 9.30
C THR H 236 35.08 22.76 8.04
N ASP H 237 36.16 22.78 7.26
CA ASP H 237 36.17 23.56 6.04
C ASP H 237 35.37 22.90 4.93
N GLU H 238 35.36 21.56 4.88
CA GLU H 238 34.58 20.84 3.87
C GLU H 238 33.09 21.09 4.02
N ALA H 239 32.57 20.88 5.23
CA ALA H 239 31.17 21.14 5.47
C ALA H 239 30.85 22.62 5.40
N GLY H 240 31.83 23.48 5.71
CA GLY H 240 31.64 24.91 5.55
C GLY H 240 31.45 25.30 4.09
N ARG H 241 32.25 24.69 3.20
CA ARG H 241 32.09 24.93 1.77
C ARG H 241 30.77 24.37 1.27
N LEU H 242 30.35 23.21 1.78
CA LEU H 242 29.08 22.64 1.37
C LEU H 242 27.91 23.53 1.78
N ILE H 243 27.91 24.02 3.02
CA ILE H 243 26.80 24.84 3.51
C ILE H 243 26.81 26.22 2.85
N GLU H 244 28.00 26.78 2.59
CA GLU H 244 28.05 28.06 1.90
C GLU H 244 27.60 27.93 0.44
N GLU H 245 27.62 26.71 -0.10
CA GLU H 245 27.07 26.41 -1.41
C GLU H 245 25.69 25.79 -1.34
N LEU H 246 25.00 25.86 -0.19
CA LEU H 246 23.64 25.31 -0.11
C LEU H 246 22.70 26.01 -1.07
N GLY H 247 22.77 27.34 -1.15
CA GLY H 247 22.27 28.03 -2.31
C GLY H 247 23.22 27.81 -3.47
N LYS H 248 22.66 27.70 -4.69
CA LYS H 248 23.23 27.23 -5.96
C LYS H 248 23.33 25.68 -5.95
N ARG H 249 23.16 25.01 -4.82
CA ARG H 249 22.95 23.57 -4.86
C ARG H 249 21.47 23.23 -4.80
N ALA H 250 20.70 24.01 -4.03
CA ALA H 250 19.26 23.86 -4.01
C ALA H 250 18.66 24.17 -5.38
N GLN H 251 19.19 25.20 -6.06
CA GLN H 251 18.74 25.51 -7.42
C GLN H 251 19.04 24.39 -8.39
N ALA H 252 20.23 23.78 -8.28
CA ALA H 252 20.58 22.68 -9.17
C ALA H 252 19.72 21.45 -8.90
N PHE H 253 19.47 21.16 -7.62
CA PHE H 253 18.59 20.05 -7.26
C PHE H 253 17.18 20.28 -7.78
N TYR H 254 16.67 21.51 -7.65
CA TYR H 254 15.34 21.81 -8.16
C TYR H 254 15.29 21.77 -9.68
N LYS H 255 16.37 22.17 -10.36
CA LYS H 255 16.41 22.07 -11.81
C LYS H 255 16.36 20.62 -12.26
N ASP H 256 17.12 19.75 -11.60
CA ASP H 256 17.06 18.32 -11.88
C ASP H 256 15.67 17.75 -11.61
N TYR H 257 15.07 18.16 -10.49
CA TYR H 257 13.74 17.69 -10.11
C TYR H 257 12.68 18.16 -11.10
N LYS H 258 12.81 19.40 -11.59
CA LYS H 258 11.86 19.92 -12.57
C LYS H 258 12.03 19.24 -13.92
N ALA H 259 13.27 19.00 -14.34
CA ALA H 259 13.49 18.32 -15.62
C ALA H 259 13.19 16.82 -15.55
N PHE H 260 13.08 16.26 -14.35
CA PHE H 260 12.81 14.83 -14.18
C PHE H 260 11.34 14.53 -13.90
N PHE H 261 10.72 15.28 -12.98
CA PHE H 261 9.36 15.00 -12.54
C PHE H 261 8.39 16.11 -12.89
N LEU H 262 8.65 17.35 -12.45
CA LEU H 262 7.66 18.42 -12.51
C LEU H 262 7.35 18.90 -13.93
N SER H 263 8.17 18.55 -14.92
CA SER H 263 7.94 19.02 -16.28
C SER H 263 6.74 18.34 -16.94
N GLU H 264 6.35 17.16 -16.45
CA GLU H 264 5.28 16.41 -17.07
C GLU H 264 3.89 16.93 -16.71
N PHE H 265 3.79 17.74 -15.68
CA PHE H 265 2.55 18.28 -15.14
C PHE H 265 2.34 19.69 -15.65
N PRO H 266 1.08 20.17 -15.69
CA PRO H 266 0.81 21.52 -16.22
C PRO H 266 1.52 22.59 -15.40
N ASP H 267 2.12 23.54 -16.11
CA ASP H 267 2.91 24.61 -15.50
C ASP H 267 2.08 25.51 -14.59
N ASP H 268 0.75 25.46 -14.68
CA ASP H 268 -0.09 26.28 -13.82
C ASP H 268 -0.27 25.67 -12.42
N LYS H 269 0.20 24.45 -12.20
CA LYS H 269 0.15 23.88 -10.85
C LYS H 269 1.48 24.06 -10.13
N ILE H 270 2.58 23.91 -10.86
CA ILE H 270 3.91 24.05 -10.28
C ILE H 270 4.16 25.50 -9.89
N GLN H 271 4.66 25.69 -8.68
CA GLN H 271 4.89 27.02 -8.14
C GLN H 271 6.21 27.60 -8.66
N ALA H 272 6.36 28.91 -8.47
CA ALA H 272 7.56 29.63 -8.82
C ALA H 272 8.33 30.02 -7.57
N ASN H 273 9.63 30.24 -7.73
CA ASN H 273 10.55 30.43 -6.62
C ASN H 273 10.94 31.90 -6.51
N LEU H 274 10.90 32.42 -5.28
CA LEU H 274 11.48 33.72 -4.98
C LEU H 274 12.89 33.64 -4.43
N GLN H 275 13.20 32.58 -3.69
CA GLN H 275 14.50 32.40 -3.05
C GLN H 275 14.96 30.99 -3.32
N TYR H 276 15.98 30.52 -2.60
CA TYR H 276 16.52 29.19 -2.88
C TYR H 276 15.49 28.11 -2.52
N PRO H 277 15.15 27.21 -3.44
CA PRO H 277 14.08 26.25 -3.18
C PRO H 277 14.46 25.21 -2.14
N ILE H 278 13.45 24.66 -1.49
CA ILE H 278 13.64 23.56 -0.54
C ILE H 278 12.30 22.86 -0.36
N TYR H 279 12.34 21.61 0.06
CA TYR H 279 11.14 20.83 0.31
C TYR H 279 11.21 20.27 1.72
N LEU H 280 10.29 20.69 2.58
CA LEU H 280 10.28 20.35 3.99
C LEU H 280 9.00 19.62 4.37
N GLY H 281 9.13 18.69 5.31
CA GLY H 281 7.97 18.05 5.89
C GLY H 281 7.43 16.92 5.02
N ALA H 282 6.27 16.44 5.40
CA ALA H 282 5.61 15.30 4.79
C ALA H 282 4.70 15.75 3.67
N GLY H 283 4.40 14.80 2.79
CA GLY H 283 3.48 15.02 1.70
C GLY H 283 4.07 15.69 0.48
N SER H 284 5.37 16.00 0.49
CA SER H 284 5.96 16.64 -0.68
C SER H 284 6.21 15.66 -1.82
N GLY H 285 6.42 14.39 -1.50
CA GLY H 285 6.68 13.40 -2.54
C GLY H 285 7.92 12.58 -2.26
N ALA H 286 8.01 11.42 -2.91
CA ALA H 286 9.15 10.55 -2.66
C ALA H 286 10.42 11.02 -3.34
N TRP H 287 10.30 11.66 -4.51
CA TRP H 287 11.48 12.09 -5.24
C TRP H 287 12.22 13.22 -4.53
N THR H 288 11.49 14.06 -3.79
CA THR H 288 12.13 15.10 -2.99
C THR H 288 12.87 14.55 -1.79
N LYS H 289 12.66 13.29 -1.43
CA LYS H 289 13.33 12.66 -0.30
C LYS H 289 14.24 11.52 -0.73
N THR H 290 14.55 11.39 -2.02
CA THR H 290 15.38 10.31 -2.52
C THR H 290 16.35 10.86 -3.53
N LEU H 291 17.39 10.07 -3.83
CA LEU H 291 18.26 10.35 -4.96
C LEU H 291 17.56 9.78 -6.18
N PHE H 292 16.66 10.58 -6.77
CA PHE H 292 15.74 10.08 -7.80
C PHE H 292 16.44 9.59 -9.05
N LYS H 293 17.70 9.98 -9.27
CA LYS H 293 18.47 9.45 -10.40
C LYS H 293 18.71 7.94 -10.21
N GLN H 294 19.01 7.51 -8.99
CA GLN H 294 19.21 6.09 -8.69
C GLN H 294 17.93 5.38 -8.25
N ALA H 295 17.07 6.07 -7.49
CA ALA H 295 15.87 5.46 -6.94
C ALA H 295 14.81 5.17 -7.99
N ASP H 296 14.93 5.75 -9.18
CA ASP H 296 13.98 5.48 -10.25
C ASP H 296 14.08 4.02 -10.69
N GLY H 297 12.93 3.38 -10.81
CA GLY H 297 12.87 1.95 -11.10
C GLY H 297 12.75 1.08 -9.87
N ILE H 298 13.50 1.39 -8.81
CA ILE H 298 13.43 0.60 -7.59
C ILE H 298 12.21 0.96 -6.77
N LEU H 299 12.01 2.28 -6.55
CA LEU H 299 10.87 2.75 -5.76
C LEU H 299 9.55 2.39 -6.42
N GLN H 300 9.50 2.43 -7.74
CA GLN H 300 8.30 2.01 -8.46
C GLN H 300 8.04 0.52 -8.27
N ARG H 301 9.11 -0.28 -8.33
CA ARG H 301 8.97 -1.73 -8.15
C ARG H 301 8.58 -2.10 -6.73
N ARG H 302 8.79 -1.18 -5.77
CA ARG H 302 8.43 -1.49 -4.39
C ARG H 302 6.92 -1.60 -4.28
N TYR H 303 6.22 -0.82 -5.11
CA TYR H 303 4.77 -0.72 -5.09
C TYR H 303 4.07 -1.37 -6.28
N SER H 304 4.75 -2.27 -6.97
CA SER H 304 4.18 -2.83 -8.18
C SER H 304 3.10 -3.85 -7.88
N ARG H 305 3.19 -4.54 -6.75
CA ARG H 305 2.24 -5.59 -6.40
C ARG H 305 1.21 -5.14 -5.38
N MET H 306 1.13 -3.85 -5.09
CA MET H 306 0.12 -3.33 -4.19
C MET H 306 -1.07 -2.77 -4.96
N LYS H 307 -2.16 -2.52 -4.22
CA LYS H 307 -3.37 -1.98 -4.85
C LYS H 307 -3.14 -0.55 -5.30
N THR H 308 -2.52 0.27 -4.45
CA THR H 308 -2.14 1.64 -4.79
C THR H 308 -0.83 1.60 -5.59
N LYS H 309 -0.96 1.16 -6.83
CA LYS H 309 0.21 0.99 -7.68
C LYS H 309 0.79 2.32 -8.09
N MET H 310 2.12 2.41 -8.08
CA MET H 310 2.82 3.60 -8.57
C MET H 310 2.96 3.48 -10.08
N VAL H 311 2.26 4.33 -10.81
CA VAL H 311 2.22 4.26 -12.27
C VAL H 311 3.12 5.35 -12.82
N LYS H 312 4.07 4.95 -13.68
CA LYS H 312 5.09 5.82 -14.29
C LYS H 312 5.89 6.42 -13.12
N LYS H 313 6.02 7.74 -13.02
CA LYS H 313 6.76 8.35 -11.93
C LYS H 313 5.87 8.82 -10.78
N GLY H 314 4.58 8.52 -10.84
CA GLY H 314 3.69 8.85 -9.75
C GLY H 314 2.87 10.09 -10.00
N VAL H 315 2.21 10.53 -8.94
CA VAL H 315 1.31 11.67 -8.99
C VAL H 315 1.97 12.87 -8.30
N LEU H 316 1.40 14.04 -8.51
CA LEU H 316 1.86 15.29 -7.91
C LEU H 316 1.00 15.64 -6.72
N LYS H 317 1.63 16.01 -5.62
CA LYS H 317 0.91 16.29 -4.38
C LYS H 317 0.61 17.77 -4.32
N LEU H 318 -0.67 18.11 -4.39
CA LEU H 318 -1.12 19.50 -4.51
C LEU H 318 -2.20 19.76 -3.46
N THR H 319 -1.82 20.35 -2.35
CA THR H 319 -2.81 20.63 -1.33
C THR H 319 -3.58 21.91 -1.69
N LYS H 320 -4.58 22.25 -0.88
CA LYS H 320 -5.40 23.45 -1.10
C LYS H 320 -5.31 24.34 0.13
N ALA H 321 -4.81 25.56 -0.07
CA ALA H 321 -4.68 26.57 0.97
C ALA H 321 -4.97 27.91 0.31
N PRO H 322 -5.40 28.93 1.07
CA PRO H 322 -5.86 30.18 0.43
C PRO H 322 -4.74 30.87 -0.33
N LEU H 323 -5.11 31.47 -1.47
CA LEU H 323 -4.13 32.15 -2.32
C LEU H 323 -3.63 33.40 -1.59
N LYS H 324 -2.31 33.60 -1.62
CA LYS H 324 -1.66 34.74 -1.01
C LYS H 324 -0.75 35.39 -2.04
N ILE H 325 -0.71 36.72 -2.04
CA ILE H 325 0.14 37.49 -2.95
C ILE H 325 1.15 38.27 -2.12
N VAL H 326 2.41 38.24 -2.55
CA VAL H 326 3.50 38.91 -1.86
C VAL H 326 3.79 40.20 -2.62
N LYS H 327 3.88 41.32 -1.90
CA LYS H 327 4.26 42.60 -2.50
C LYS H 327 5.80 42.70 -2.48
N ILE H 328 6.43 41.84 -3.27
CA ILE H 328 7.87 41.82 -3.43
C ILE H 328 8.25 43.12 -4.13
N PRO H 329 9.47 43.70 -3.91
CA PRO H 329 9.89 44.87 -4.69
C PRO H 329 10.24 44.59 -6.15
N SER H 330 9.36 43.90 -6.86
CA SER H 330 9.38 43.73 -8.30
C SER H 330 7.99 43.85 -8.91
N GLY H 331 6.93 43.81 -8.10
CA GLY H 331 5.57 43.83 -8.56
C GLY H 331 4.66 43.20 -7.54
N ASN H 332 3.68 42.42 -8.00
CA ASN H 332 2.81 41.64 -7.13
C ASN H 332 2.90 40.18 -7.57
N HIS H 333 3.55 39.36 -6.76
CA HIS H 333 3.82 37.97 -7.11
C HIS H 333 2.80 37.07 -6.41
N SER H 334 1.89 36.51 -7.18
CA SER H 334 0.98 35.50 -6.64
C SER H 334 1.73 34.22 -6.39
N LEU H 335 1.36 33.51 -5.32
CA LEU H 335 2.11 32.32 -4.94
C LEU H 335 1.88 31.17 -5.90
N ILE H 336 0.69 31.07 -6.49
CA ILE H 336 0.35 29.98 -7.40
C ILE H 336 -0.16 30.53 -8.71
N LYS H 337 -0.10 29.70 -9.74
CA LYS H 337 -0.49 30.07 -11.09
C LYS H 337 -1.82 29.46 -11.51
N ASN H 338 -2.62 28.99 -10.56
CA ASN H 338 -3.91 28.38 -10.86
C ASN H 338 -4.99 29.00 -9.99
N HIS H 339 -6.20 29.02 -10.53
CA HIS H 339 -7.34 29.60 -9.85
C HIS H 339 -8.12 28.61 -9.01
N GLU H 340 -7.66 27.38 -8.93
CA GLU H 340 -8.33 26.41 -8.11
C GLU H 340 -7.66 26.27 -6.75
N SER H 341 -6.69 27.14 -6.44
CA SER H 341 -6.04 27.25 -5.15
C SER H 341 -5.26 25.97 -4.79
N PHE H 342 -4.26 25.71 -5.61
CA PHE H 342 -3.48 24.47 -5.56
C PHE H 342 -2.03 24.75 -5.24
N TYR H 343 -1.67 24.58 -3.97
CA TYR H 343 -0.30 24.73 -3.53
C TYR H 343 0.43 23.40 -3.66
N GLU H 344 1.75 23.49 -3.86
CA GLU H 344 2.59 22.31 -3.95
C GLU H 344 3.05 21.96 -2.53
N MET H 345 2.35 21.01 -1.90
CA MET H 345 2.49 20.76 -0.47
C MET H 345 3.92 20.33 -0.14
N GLY H 346 4.48 20.94 0.90
CA GLY H 346 5.83 20.66 1.31
C GLY H 346 6.88 21.59 0.73
N LYS H 347 6.49 22.65 0.04
CA LYS H 347 7.47 23.54 -0.57
C LYS H 347 7.81 24.69 0.37
N ALA H 348 9.06 25.16 0.30
CA ALA H 348 9.48 26.35 1.02
C ALA H 348 10.66 26.93 0.28
N ASN H 349 10.99 28.18 0.60
CA ASN H 349 12.19 28.83 0.10
C ASN H 349 13.05 29.25 1.28
N PHE H 350 14.32 29.49 1.00
CA PHE H 350 15.23 29.88 2.06
C PHE H 350 16.30 30.79 1.49
N MET H 351 16.86 31.59 2.39
CA MET H 351 18.04 32.42 2.15
C MET H 351 19.01 32.23 3.30
N ILE H 352 20.26 31.94 2.96
CA ILE H 352 21.27 31.57 3.95
C ILE H 352 22.36 32.63 3.96
N LYS H 353 22.58 33.24 5.12
CA LYS H 353 23.61 34.25 5.31
C LYS H 353 24.62 33.74 6.34
N GLU H 354 25.67 34.51 6.54
CA GLU H 354 26.82 34.08 7.36
C GLU H 354 26.97 34.99 8.56
N ILE H 355 25.89 35.20 9.31
CA ILE H 355 25.95 36.07 10.47
C ILE H 355 26.90 35.49 11.52
N MET I 1 -41.26 0.55 -37.21
CA MET I 1 -40.44 0.62 -36.07
C MET I 1 -41.25 -0.40 -35.16
N SER I 2 -42.58 -0.25 -35.05
CA SER I 2 -43.42 -1.17 -34.34
C SER I 2 -44.45 -1.79 -35.25
N ILE I 3 -44.40 -1.50 -36.54
CA ILE I 3 -45.35 -2.09 -37.47
C ILE I 3 -45.01 -3.56 -37.65
N ILE I 4 -46.03 -4.40 -37.55
CA ILE I 4 -45.85 -5.85 -37.69
C ILE I 4 -45.47 -6.15 -39.15
N THR I 5 -44.31 -6.76 -39.33
CA THR I 5 -43.82 -7.16 -40.64
C THR I 5 -44.01 -8.63 -40.93
N ASP I 6 -43.93 -9.50 -39.92
CA ASP I 6 -44.00 -10.93 -40.16
C ASP I 6 -44.84 -11.61 -39.10
N VAL I 7 -45.79 -12.44 -39.54
CA VAL I 7 -46.53 -13.35 -38.66
C VAL I 7 -46.38 -14.75 -39.24
N TYR I 8 -45.81 -15.66 -38.46
CA TYR I 8 -45.51 -16.99 -38.98
C TYR I 8 -45.84 -18.03 -37.92
N ALA I 9 -46.61 -19.04 -38.30
CA ALA I 9 -46.95 -20.14 -37.39
C ALA I 9 -46.30 -21.43 -37.84
N ARG I 10 -45.95 -22.25 -36.86
CA ARG I 10 -45.45 -23.59 -37.11
C ARG I 10 -46.09 -24.55 -36.11
N GLU I 11 -46.01 -25.83 -36.44
CA GLU I 11 -46.61 -26.89 -35.65
C GLU I 11 -45.55 -27.52 -34.76
N VAL I 12 -45.80 -27.54 -33.45
CA VAL I 12 -44.88 -28.07 -32.47
C VAL I 12 -45.64 -29.10 -31.62
N LEU I 13 -44.97 -29.63 -30.61
CA LEU I 13 -45.57 -30.60 -29.71
C LEU I 13 -45.86 -29.97 -28.36
N ASP I 14 -46.89 -30.48 -27.70
CA ASP I 14 -47.25 -30.04 -26.37
C ASP I 14 -46.64 -31.02 -25.35
N SER I 15 -46.99 -30.82 -24.09
CA SER I 15 -46.44 -31.64 -23.02
C SER I 15 -46.95 -33.06 -23.06
N ARG I 16 -48.02 -33.35 -23.78
CA ARG I 16 -48.55 -34.71 -23.84
C ARG I 16 -48.17 -35.46 -25.11
N GLY I 17 -47.28 -34.88 -25.93
CA GLY I 17 -46.88 -35.50 -27.16
C GLY I 17 -47.81 -35.28 -28.34
N ASN I 18 -48.85 -34.51 -28.17
CA ASN I 18 -49.85 -34.11 -29.15
C ASN I 18 -49.47 -32.80 -29.81
N PRO I 19 -49.82 -32.59 -31.08
CA PRO I 19 -49.43 -31.35 -31.75
C PRO I 19 -50.22 -30.15 -31.27
N THR I 20 -49.52 -29.02 -31.17
CA THR I 20 -50.15 -27.71 -31.05
C THR I 20 -49.41 -26.80 -32.02
N LEU I 21 -49.65 -25.49 -31.97
CA LEU I 21 -48.97 -24.57 -32.83
C LEU I 21 -48.29 -23.49 -32.00
N GLU I 22 -47.33 -22.82 -32.62
CA GLU I 22 -46.74 -21.61 -32.08
C GLU I 22 -46.65 -20.55 -33.16
N VAL I 23 -46.80 -19.30 -32.75
CA VAL I 23 -46.83 -18.16 -33.67
C VAL I 23 -45.70 -17.21 -33.27
N GLU I 24 -44.93 -16.77 -34.26
CA GLU I 24 -43.88 -15.78 -34.08
C GLU I 24 -44.26 -14.50 -34.82
N VAL I 25 -44.07 -13.37 -34.15
CA VAL I 25 -44.38 -12.05 -34.67
C VAL I 25 -43.11 -11.22 -34.68
N TYR I 26 -42.80 -10.64 -35.84
CA TYR I 26 -41.65 -9.77 -36.04
C TYR I 26 -42.13 -8.40 -36.49
N THR I 27 -41.57 -7.34 -35.90
CA THR I 27 -41.89 -5.98 -36.30
C THR I 27 -40.74 -5.39 -37.11
N GLU I 28 -40.89 -4.11 -37.50
CA GLU I 28 -39.90 -3.45 -38.35
C GLU I 28 -38.56 -3.30 -37.64
N SER I 29 -38.56 -2.92 -36.37
CA SER I 29 -37.32 -2.67 -35.64
C SER I 29 -36.64 -3.94 -35.18
N GLY I 30 -37.25 -5.10 -35.38
CA GLY I 30 -36.70 -6.34 -34.93
C GLY I 30 -37.27 -6.85 -33.63
N ALA I 31 -38.35 -6.26 -33.12
CA ALA I 31 -38.99 -6.79 -31.94
C ALA I 31 -39.62 -8.14 -32.26
N PHE I 32 -39.50 -9.06 -31.32
CA PHE I 32 -39.87 -10.44 -31.53
C PHE I 32 -40.82 -10.91 -30.43
N GLY I 33 -41.82 -11.67 -30.82
CA GLY I 33 -42.68 -12.32 -29.85
C GLY I 33 -43.05 -13.73 -30.28
N ARG I 34 -43.06 -14.67 -29.34
CA ARG I 34 -43.42 -16.05 -29.64
C ARG I 34 -44.50 -16.51 -28.67
N GLY I 35 -45.62 -16.97 -29.22
CA GLY I 35 -46.70 -17.48 -28.40
C GLY I 35 -47.02 -18.92 -28.72
N MET I 36 -46.98 -19.79 -27.71
CA MET I 36 -47.32 -21.20 -27.86
C MET I 36 -48.67 -21.46 -27.22
N VAL I 37 -49.51 -22.23 -27.90
CA VAL I 37 -50.90 -22.43 -27.50
C VAL I 37 -51.00 -23.72 -26.69
N PRO I 38 -51.66 -23.70 -25.54
CA PRO I 38 -51.94 -24.96 -24.85
C PRO I 38 -53.05 -25.73 -25.57
N SER I 39 -53.06 -27.05 -25.38
CA SER I 39 -54.03 -27.91 -26.05
C SER I 39 -55.37 -27.85 -25.33
N GLY I 40 -56.41 -27.49 -26.06
CA GLY I 40 -57.75 -27.43 -25.51
C GLY I 40 -58.67 -28.51 -26.01
N ALA I 41 -59.90 -28.14 -26.34
CA ALA I 41 -60.91 -29.09 -26.80
C ALA I 41 -61.43 -28.67 -28.17
N SER I 42 -61.57 -29.64 -29.07
CA SER I 42 -62.13 -29.42 -30.39
C SER I 42 -63.65 -29.52 -30.40
N THR I 43 -64.27 -29.82 -29.26
CA THR I 43 -65.71 -29.89 -29.13
C THR I 43 -66.16 -29.08 -27.93
N GLY I 44 -67.34 -28.47 -28.05
CA GLY I 44 -67.88 -27.64 -26.99
C GLY I 44 -69.10 -26.87 -27.43
N GLU I 45 -70.10 -26.78 -26.56
CA GLU I 45 -71.36 -26.12 -26.94
C GLU I 45 -71.18 -24.61 -27.04
N HIS I 46 -70.50 -24.00 -26.06
CA HIS I 46 -70.34 -22.55 -26.05
C HIS I 46 -68.94 -22.13 -25.62
N GLU I 47 -67.94 -22.90 -26.01
CA GLU I 47 -66.55 -22.60 -25.71
C GLU I 47 -65.83 -22.54 -27.05
N ALA I 48 -64.80 -21.72 -27.10
CA ALA I 48 -64.02 -21.57 -28.32
C ALA I 48 -63.34 -22.89 -28.68
N VAL I 49 -63.49 -23.30 -29.94
CA VAL I 49 -63.04 -24.61 -30.40
C VAL I 49 -61.76 -24.44 -31.21
N GLU I 50 -60.79 -25.31 -30.93
CA GLU I 50 -59.56 -25.34 -31.69
C GLU I 50 -59.73 -26.17 -32.96
N LEU I 51 -58.88 -25.89 -33.94
CA LEU I 51 -58.97 -26.53 -35.24
C LEU I 51 -57.97 -27.69 -35.31
N ARG I 52 -58.48 -28.89 -35.60
CA ARG I 52 -57.66 -30.07 -35.76
C ARG I 52 -57.80 -30.60 -37.18
N ASP I 53 -56.74 -31.25 -37.66
CA ASP I 53 -56.69 -31.72 -39.04
C ASP I 53 -57.71 -32.82 -39.29
N GLY I 54 -57.84 -33.75 -38.35
CA GLY I 54 -58.70 -34.89 -38.58
C GLY I 54 -58.13 -35.92 -39.52
N ASP I 55 -56.81 -35.91 -39.72
CA ASP I 55 -56.14 -36.88 -40.59
C ASP I 55 -55.63 -38.02 -39.72
N LYS I 56 -56.26 -39.18 -39.85
CA LYS I 56 -55.97 -40.32 -38.99
C LYS I 56 -54.61 -40.95 -39.27
N ALA I 57 -53.98 -40.58 -40.38
CA ALA I 57 -52.63 -41.04 -40.68
C ALA I 57 -51.54 -40.11 -40.16
N ARG I 58 -51.91 -39.00 -39.54
CA ARG I 58 -50.96 -38.04 -38.98
C ARG I 58 -51.40 -37.69 -37.56
N TYR I 59 -50.62 -38.14 -36.58
CA TYR I 59 -50.81 -37.83 -35.16
C TYR I 59 -52.17 -38.28 -34.63
N GLY I 60 -52.79 -39.26 -35.26
CA GLY I 60 -54.10 -39.72 -34.87
C GLY I 60 -55.21 -38.69 -35.02
N GLY I 61 -55.13 -37.87 -36.06
CA GLY I 61 -56.15 -36.87 -36.30
C GLY I 61 -56.05 -35.62 -35.45
N LEU I 62 -54.91 -35.40 -34.79
CA LEU I 62 -54.72 -34.26 -33.91
C LEU I 62 -53.73 -33.25 -34.48
N GLY I 63 -53.46 -33.30 -35.78
CA GLY I 63 -52.55 -32.34 -36.37
C GLY I 63 -53.10 -30.92 -36.33
N THR I 64 -52.19 -29.95 -36.30
CA THR I 64 -52.57 -28.55 -36.28
C THR I 64 -52.07 -27.82 -37.52
N GLN I 65 -51.96 -28.53 -38.64
CA GLN I 65 -51.47 -27.92 -39.87
C GLN I 65 -52.49 -26.99 -40.50
N LYS I 66 -53.79 -27.30 -40.33
CA LYS I 66 -54.84 -26.43 -40.87
C LYS I 66 -54.83 -25.06 -40.19
N ALA I 67 -54.66 -25.05 -38.87
CA ALA I 67 -54.58 -23.77 -38.16
C ALA I 67 -53.28 -23.04 -38.45
N VAL I 68 -52.19 -23.78 -38.70
CA VAL I 68 -50.93 -23.16 -39.12
C VAL I 68 -51.11 -22.47 -40.47
N ASP I 69 -51.77 -23.14 -41.41
CA ASP I 69 -52.07 -22.52 -42.70
C ASP I 69 -53.03 -21.34 -42.55
N ASN I 70 -53.96 -21.42 -41.59
CA ASN I 70 -54.86 -20.30 -41.34
C ASN I 70 -54.10 -19.08 -40.84
N VAL I 71 -53.11 -19.28 -39.97
CA VAL I 71 -52.29 -18.15 -39.53
C VAL I 71 -51.44 -17.63 -40.68
N ASN I 72 -50.81 -18.53 -41.44
CA ASN I 72 -49.83 -18.09 -42.42
C ASN I 72 -50.45 -17.46 -43.66
N ASN I 73 -51.65 -17.91 -44.04
CA ASN I 73 -52.26 -17.52 -45.30
C ASN I 73 -53.50 -16.65 -45.16
N VAL I 74 -54.03 -16.48 -43.95
CA VAL I 74 -55.23 -15.67 -43.74
C VAL I 74 -54.98 -14.58 -42.71
N ILE I 75 -54.59 -14.98 -41.49
CA ILE I 75 -54.41 -14.03 -40.40
C ILE I 75 -53.22 -13.12 -40.65
N ALA I 76 -52.15 -13.67 -41.25
CA ALA I 76 -50.91 -12.91 -41.42
C ALA I 76 -51.11 -11.70 -42.34
N GLU I 77 -51.82 -11.89 -43.43
CA GLU I 77 -52.08 -10.81 -44.38
C GLU I 77 -52.97 -9.74 -43.77
N HIS I 78 -53.95 -10.15 -42.95
CA HIS I 78 -54.81 -9.19 -42.28
C HIS I 78 -54.07 -8.41 -41.21
N ILE I 79 -53.14 -9.05 -40.48
CA ILE I 79 -52.53 -8.42 -39.32
C ILE I 79 -51.25 -7.66 -39.67
N ILE I 80 -50.52 -8.07 -40.71
CA ILE I 80 -49.29 -7.40 -41.10
C ILE I 80 -49.61 -6.00 -41.58
N GLY I 81 -48.92 -5.01 -40.98
CA GLY I 81 -49.23 -3.62 -41.18
C GLY I 81 -49.78 -2.94 -39.94
N PHE I 82 -50.36 -3.71 -39.02
CA PHE I 82 -50.84 -3.17 -37.76
C PHE I 82 -49.68 -2.71 -36.89
N ASP I 83 -49.98 -1.82 -35.96
CA ASP I 83 -49.04 -1.50 -34.91
C ASP I 83 -49.04 -2.63 -33.89
N VAL I 84 -47.84 -3.04 -33.46
CA VAL I 84 -47.72 -4.20 -32.57
C VAL I 84 -48.33 -3.91 -31.20
N ARG I 85 -48.43 -2.64 -30.82
CA ARG I 85 -49.00 -2.26 -29.54
C ARG I 85 -50.52 -2.14 -29.59
N ASP I 86 -51.14 -2.41 -30.73
CA ASP I 86 -52.59 -2.37 -30.86
C ASP I 86 -53.18 -3.75 -30.60
N GLN I 87 -53.05 -4.21 -29.35
CA GLN I 87 -53.50 -5.56 -29.01
C GLN I 87 -55.02 -5.70 -29.15
N GLN I 88 -55.76 -4.73 -28.63
CA GLN I 88 -57.22 -4.78 -28.71
C GLN I 88 -57.69 -4.71 -30.16
N GLY I 89 -57.07 -3.84 -30.97
CA GLY I 89 -57.44 -3.74 -32.38
C GLY I 89 -57.15 -5.01 -33.16
N ILE I 90 -55.98 -5.63 -32.92
CA ILE I 90 -55.63 -6.88 -33.58
C ILE I 90 -56.57 -8.01 -33.18
N ASP I 91 -56.90 -8.10 -31.88
CA ASP I 91 -57.79 -9.16 -31.42
C ASP I 91 -59.20 -8.97 -31.97
N ARG I 92 -59.68 -7.73 -32.02
CA ARG I 92 -60.99 -7.45 -32.61
C ARG I 92 -61.01 -7.78 -34.10
N ALA I 93 -59.91 -7.45 -34.81
CA ALA I 93 -59.81 -7.76 -36.23
C ALA I 93 -59.82 -9.27 -36.46
N MET I 94 -59.11 -10.03 -35.62
CA MET I 94 -59.09 -11.48 -35.76
C MET I 94 -60.45 -12.09 -35.45
N ILE I 95 -61.16 -11.56 -34.44
CA ILE I 95 -62.50 -12.05 -34.12
C ILE I 95 -63.46 -11.78 -35.26
N ALA I 96 -63.39 -10.58 -35.85
CA ALA I 96 -64.24 -10.28 -37.00
C ALA I 96 -63.85 -11.09 -38.22
N LEU I 97 -62.56 -11.42 -38.36
CA LEU I 97 -62.10 -12.23 -39.47
C LEU I 97 -62.57 -13.67 -39.34
N ASP I 98 -62.69 -14.18 -38.12
CA ASP I 98 -63.24 -15.51 -37.92
C ASP I 98 -64.76 -15.55 -38.16
N GLY I 99 -65.48 -14.55 -37.69
CA GLY I 99 -66.88 -14.51 -38.08
C GLY I 99 -67.83 -15.51 -37.42
N THR I 100 -67.36 -16.33 -36.48
CA THR I 100 -68.23 -17.30 -35.83
C THR I 100 -68.12 -17.14 -34.32
N PRO I 101 -69.19 -17.43 -33.57
CA PRO I 101 -69.15 -17.24 -32.10
C PRO I 101 -68.10 -18.07 -31.38
N ASN I 102 -67.81 -19.27 -31.87
CA ASN I 102 -66.89 -20.18 -31.20
C ASN I 102 -65.51 -20.21 -31.84
N LYS I 103 -65.22 -19.27 -32.76
CA LYS I 103 -63.93 -19.17 -33.44
C LYS I 103 -63.57 -20.46 -34.18
N GLY I 104 -64.58 -21.09 -34.78
CA GLY I 104 -64.36 -22.37 -35.44
C GLY I 104 -63.78 -22.28 -36.82
N LYS I 105 -63.94 -21.12 -37.49
CA LYS I 105 -63.50 -21.02 -38.88
C LYS I 105 -61.97 -20.98 -38.95
N LEU I 106 -61.36 -20.15 -38.10
CA LEU I 106 -59.91 -20.06 -38.06
C LEU I 106 -59.30 -20.96 -36.99
N GLY I 107 -60.03 -21.22 -35.91
CA GLY I 107 -59.48 -22.00 -34.81
C GLY I 107 -59.07 -21.10 -33.68
N ALA I 108 -59.56 -21.39 -32.47
CA ALA I 108 -59.21 -20.58 -31.30
C ALA I 108 -57.73 -20.64 -30.97
N ASN I 109 -57.09 -21.78 -31.27
CA ASN I 109 -55.65 -21.92 -31.07
C ASN I 109 -54.86 -20.95 -31.93
N ALA I 110 -55.25 -20.79 -33.20
CA ALA I 110 -54.56 -19.88 -34.11
C ALA I 110 -54.66 -18.43 -33.61
N ILE I 111 -55.88 -18.02 -33.26
CA ILE I 111 -56.12 -16.67 -32.79
C ILE I 111 -55.40 -16.40 -31.47
N LEU I 112 -55.42 -17.38 -30.56
CA LEU I 112 -54.73 -17.22 -29.27
C LEU I 112 -53.22 -17.14 -29.46
N GLY I 113 -52.66 -17.96 -30.36
CA GLY I 113 -51.25 -17.88 -30.64
C GLY I 113 -50.82 -16.54 -31.19
N VAL I 114 -51.62 -15.99 -32.12
CA VAL I 114 -51.32 -14.67 -32.67
C VAL I 114 -51.44 -13.59 -31.59
N SER I 115 -52.46 -13.70 -30.72
CA SER I 115 -52.64 -12.70 -29.65
C SER I 115 -51.46 -12.71 -28.68
N ILE I 116 -51.05 -13.90 -28.24
CA ILE I 116 -49.94 -14.01 -27.30
C ILE I 116 -48.64 -13.54 -27.94
N ALA I 117 -48.40 -13.92 -29.19
CA ALA I 117 -47.19 -13.50 -29.89
C ALA I 117 -47.15 -11.99 -30.09
N VAL I 118 -48.30 -11.38 -30.42
CA VAL I 118 -48.36 -9.93 -30.60
C VAL I 118 -48.10 -9.20 -29.28
N ALA I 119 -48.71 -9.70 -28.18
CA ALA I 119 -48.48 -9.07 -26.88
C ALA I 119 -47.03 -9.17 -26.44
N ARG I 120 -46.41 -10.33 -26.65
CA ARG I 120 -45.00 -10.50 -26.28
C ARG I 120 -44.09 -9.66 -27.17
N ALA I 121 -44.40 -9.55 -28.46
CA ALA I 121 -43.61 -8.70 -29.35
C ALA I 121 -43.74 -7.23 -28.98
N ALA I 122 -44.93 -6.81 -28.55
CA ALA I 122 -45.13 -5.44 -28.10
C ALA I 122 -44.37 -5.16 -26.81
N ALA I 123 -44.35 -6.12 -25.88
CA ALA I 123 -43.54 -5.98 -24.68
C ALA I 123 -42.05 -5.94 -25.01
N ASP I 124 -41.63 -6.71 -26.01
CA ASP I 124 -40.22 -6.69 -26.44
C ASP I 124 -39.85 -5.35 -27.07
N TYR I 125 -40.77 -4.79 -27.87
CA TYR I 125 -40.55 -3.50 -28.53
C TYR I 125 -40.38 -2.39 -27.46
N LEU I 126 -41.28 -2.37 -26.47
CA LEU I 126 -41.27 -1.35 -25.43
C LEU I 126 -40.19 -1.57 -24.39
N GLU I 127 -39.50 -2.72 -24.42
CA GLU I 127 -38.45 -3.08 -23.47
C GLU I 127 -38.97 -3.07 -22.04
N VAL I 128 -40.21 -3.51 -21.86
CA VAL I 128 -40.83 -3.60 -20.54
C VAL I 128 -41.11 -5.07 -20.29
N PRO I 129 -41.22 -5.47 -19.02
CA PRO I 129 -41.68 -6.82 -18.71
C PRO I 129 -43.10 -7.05 -19.22
N LEU I 130 -43.40 -8.32 -19.54
CA LEU I 130 -44.68 -8.65 -20.16
C LEU I 130 -45.85 -8.32 -19.24
N TYR I 131 -45.69 -8.58 -17.94
CA TYR I 131 -46.76 -8.23 -17.00
C TYR I 131 -46.93 -6.72 -16.88
N SER I 132 -45.84 -5.95 -17.02
CA SER I 132 -45.95 -4.49 -17.03
C SER I 132 -46.73 -4.01 -18.24
N TYR I 133 -46.47 -4.59 -19.42
CA TYR I 133 -47.22 -4.23 -20.61
C TYR I 133 -48.68 -4.62 -20.50
N LEU I 134 -48.95 -5.80 -19.94
CA LEU I 134 -50.32 -6.32 -19.90
C LEU I 134 -51.18 -5.63 -18.84
N GLY I 135 -50.61 -5.32 -17.68
CA GLY I 135 -51.42 -4.85 -16.58
C GLY I 135 -51.11 -3.43 -16.11
N GLY I 136 -50.21 -2.76 -16.80
CA GLY I 136 -49.86 -1.40 -16.45
C GLY I 136 -48.79 -1.33 -15.38
N PHE I 137 -48.66 -0.15 -14.79
CA PHE I 137 -47.58 0.11 -13.84
C PHE I 137 -47.80 -0.57 -12.50
N ASN I 138 -49.06 -0.73 -12.09
CA ASN I 138 -49.36 -1.17 -10.72
C ASN I 138 -49.63 -2.68 -10.69
N THR I 139 -48.59 -3.43 -11.01
CA THR I 139 -48.64 -4.90 -11.01
C THR I 139 -47.67 -5.40 -9.95
N LYS I 140 -48.21 -5.88 -8.83
CA LYS I 140 -47.35 -6.28 -7.71
C LYS I 140 -47.74 -7.58 -7.03
N VAL I 141 -48.93 -8.11 -7.25
CA VAL I 141 -49.45 -9.22 -6.44
C VAL I 141 -49.04 -10.54 -7.08
N LEU I 142 -48.25 -11.30 -6.37
CA LEU I 142 -47.87 -12.65 -6.76
C LEU I 142 -49.00 -13.59 -6.38
N PRO I 143 -49.51 -14.39 -7.33
CA PRO I 143 -50.69 -15.22 -7.05
C PRO I 143 -50.42 -16.30 -6.02
N THR I 144 -51.44 -16.62 -5.27
CA THR I 144 -51.37 -17.70 -4.31
C THR I 144 -51.50 -19.03 -5.04
N PRO I 145 -50.49 -19.88 -5.02
CA PRO I 145 -50.56 -21.11 -5.80
C PRO I 145 -51.47 -22.16 -5.17
N MET I 146 -52.22 -22.83 -6.03
CA MET I 146 -53.11 -23.93 -5.68
C MET I 146 -52.56 -25.16 -6.39
N MET I 147 -51.61 -25.81 -5.75
CA MET I 147 -50.77 -26.85 -6.35
C MET I 147 -51.43 -28.22 -6.27
N ASN I 148 -51.71 -28.81 -7.43
CA ASN I 148 -52.28 -30.15 -7.47
C ASN I 148 -51.28 -31.15 -6.97
N ILE I 149 -51.71 -32.03 -6.07
CA ILE I 149 -50.79 -33.01 -5.51
C ILE I 149 -51.27 -34.44 -5.63
N ILE I 150 -52.58 -34.70 -5.77
CA ILE I 150 -53.12 -36.06 -5.87
C ILE I 150 -54.28 -36.04 -6.84
N ASN I 151 -54.34 -37.03 -7.70
CA ASN I 151 -55.36 -37.15 -8.73
C ASN I 151 -56.30 -38.30 -8.43
N GLY I 152 -57.55 -38.11 -8.84
CA GLY I 152 -58.61 -39.07 -8.66
C GLY I 152 -59.51 -39.13 -9.87
N GLY I 153 -60.72 -39.64 -9.69
CA GLY I 153 -61.75 -39.58 -10.71
C GLY I 153 -61.40 -40.38 -11.94
N SER I 154 -61.39 -39.72 -13.09
CA SER I 154 -60.98 -40.34 -14.34
C SER I 154 -59.48 -40.29 -14.58
N HIS I 155 -58.75 -39.53 -13.76
CA HIS I 155 -57.30 -39.45 -13.84
C HIS I 155 -56.60 -40.54 -13.05
N SER I 156 -57.35 -41.38 -12.33
CA SER I 156 -56.74 -42.48 -11.60
C SER I 156 -57.74 -43.62 -11.53
N ASP I 157 -57.24 -44.81 -11.19
CA ASP I 157 -58.06 -45.98 -11.02
C ASP I 157 -58.42 -46.27 -9.56
N ALA I 158 -58.01 -45.41 -8.64
CA ALA I 158 -58.36 -45.56 -7.25
C ALA I 158 -59.84 -45.24 -7.04
N PRO I 159 -60.47 -45.79 -5.98
CA PRO I 159 -61.87 -45.44 -5.70
C PRO I 159 -62.09 -44.05 -5.12
N ILE I 160 -61.83 -43.01 -5.90
CA ILE I 160 -62.04 -41.63 -5.52
C ILE I 160 -62.80 -40.95 -6.65
N ALA I 161 -63.94 -40.35 -6.34
CA ALA I 161 -64.71 -39.68 -7.38
C ALA I 161 -64.13 -38.32 -7.74
N PHE I 162 -63.59 -37.61 -6.76
CA PHE I 162 -63.04 -36.27 -7.00
C PHE I 162 -61.80 -36.37 -7.89
N GLN I 163 -61.63 -35.37 -8.75
CA GLN I 163 -60.61 -35.42 -9.77
C GLN I 163 -59.27 -34.86 -9.31
N GLU I 164 -59.25 -33.83 -8.45
CA GLU I 164 -57.99 -33.27 -8.03
C GLU I 164 -58.03 -32.90 -6.55
N PHE I 165 -56.93 -33.15 -5.86
CA PHE I 165 -56.68 -32.67 -4.51
C PHE I 165 -55.47 -31.76 -4.57
N MET I 166 -55.54 -30.61 -3.92
CA MET I 166 -54.51 -29.60 -4.09
C MET I 166 -54.13 -29.04 -2.73
N ILE I 167 -52.90 -28.52 -2.64
CA ILE I 167 -52.42 -27.82 -1.45
C ILE I 167 -52.31 -26.33 -1.76
N VAL I 168 -52.80 -25.50 -0.85
CA VAL I 168 -52.79 -24.06 -1.01
C VAL I 168 -51.95 -23.48 0.12
N PRO I 169 -50.66 -23.16 -0.13
CA PRO I 169 -49.80 -22.57 0.92
C PRO I 169 -50.06 -21.07 1.11
N ALA I 170 -51.24 -20.75 1.64
CA ALA I 170 -51.69 -19.38 1.82
C ALA I 170 -51.11 -18.72 3.06
N GLY I 171 -50.38 -19.46 3.89
CA GLY I 171 -49.78 -18.93 5.09
C GLY I 171 -48.32 -18.53 4.95
N ALA I 172 -47.80 -18.49 3.74
CA ALA I 172 -46.40 -18.17 3.52
C ALA I 172 -46.18 -16.67 3.42
N PRO I 173 -45.00 -16.18 3.81
CA PRO I 173 -44.76 -14.73 3.70
C PRO I 173 -44.59 -14.25 2.27
N THR I 174 -43.86 -15.00 1.45
CA THR I 174 -43.57 -14.63 0.07
C THR I 174 -43.95 -15.78 -0.85
N PHE I 175 -43.86 -15.53 -2.16
CA PHE I 175 -44.10 -16.60 -3.12
C PHE I 175 -42.96 -17.61 -3.12
N LYS I 176 -41.73 -17.13 -2.91
CA LYS I 176 -40.57 -18.04 -2.85
C LYS I 176 -40.73 -19.05 -1.73
N GLU I 177 -41.16 -18.56 -0.55
CA GLU I 177 -41.40 -19.44 0.58
C GLU I 177 -42.57 -20.39 0.30
N ALA I 178 -43.63 -19.90 -0.35
CA ALA I 178 -44.77 -20.75 -0.68
C ALA I 178 -44.38 -21.88 -1.63
N LEU I 179 -43.54 -21.56 -2.61
CA LEU I 179 -43.03 -22.57 -3.54
C LEU I 179 -42.16 -23.59 -2.82
N ARG I 180 -41.30 -23.13 -1.90
CA ARG I 180 -40.46 -24.06 -1.14
C ARG I 180 -41.32 -24.99 -0.27
N TRP I 181 -42.36 -24.43 0.36
CA TRP I 181 -43.28 -25.23 1.16
C TRP I 181 -44.00 -26.27 0.31
N GLY I 182 -44.48 -25.87 -0.87
CA GLY I 182 -45.16 -26.80 -1.75
C GLY I 182 -44.25 -27.91 -2.24
N ALA I 183 -43.01 -27.58 -2.58
CA ALA I 183 -42.05 -28.60 -3.02
C ALA I 183 -41.72 -29.57 -1.88
N GLU I 184 -41.57 -29.05 -0.66
CA GLU I 184 -41.24 -29.92 0.47
C GLU I 184 -42.40 -30.83 0.83
N ILE I 185 -43.64 -30.33 0.76
CA ILE I 185 -44.80 -31.19 0.99
C ILE I 185 -44.94 -32.23 -0.10
N PHE I 186 -44.61 -31.85 -1.35
CA PHE I 186 -44.61 -32.79 -2.46
C PHE I 186 -43.63 -33.94 -2.23
N HIS I 187 -42.42 -33.60 -1.77
CA HIS I 187 -41.42 -34.65 -1.52
C HIS I 187 -41.76 -35.48 -0.29
N ALA I 188 -42.36 -34.87 0.74
CA ALA I 188 -42.81 -35.63 1.91
C ALA I 188 -43.91 -36.61 1.54
N LEU I 189 -44.85 -36.19 0.68
CA LEU I 189 -45.88 -37.09 0.20
C LEU I 189 -45.28 -38.21 -0.64
N LYS I 190 -44.27 -37.89 -1.46
CA LYS I 190 -43.55 -38.91 -2.21
C LYS I 190 -42.93 -39.96 -1.30
N LYS I 191 -42.29 -39.51 -0.21
CA LYS I 191 -41.70 -40.44 0.75
C LYS I 191 -42.78 -41.30 1.43
N ILE I 192 -43.89 -40.68 1.81
CA ILE I 192 -44.98 -41.42 2.47
C ILE I 192 -45.57 -42.47 1.53
N LEU I 193 -45.78 -42.11 0.27
CA LEU I 193 -46.32 -43.06 -0.71
C LEU I 193 -45.33 -44.19 -1.01
N LYS I 194 -44.03 -43.89 -1.03
CA LYS I 194 -43.03 -44.94 -1.18
C LYS I 194 -43.05 -45.91 0.00
N GLU I 195 -43.22 -45.38 1.22
CA GLU I 195 -43.28 -46.24 2.40
C GLU I 195 -44.51 -47.15 2.37
N ARG I 196 -45.63 -46.65 1.85
CA ARG I 196 -46.86 -47.42 1.79
C ARG I 196 -46.94 -48.35 0.59
N GLY I 197 -45.93 -48.35 -0.28
CA GLY I 197 -45.95 -49.21 -1.45
C GLY I 197 -46.89 -48.76 -2.54
N LEU I 198 -47.23 -47.47 -2.58
CA LEU I 198 -48.11 -46.92 -3.59
C LEU I 198 -47.29 -46.32 -4.73
N GLU I 199 -47.94 -46.18 -5.89
CA GLU I 199 -47.25 -45.70 -7.08
C GLU I 199 -46.91 -44.22 -6.96
N THR I 200 -45.75 -43.85 -7.50
CA THR I 200 -45.22 -42.51 -7.44
C THR I 200 -45.11 -41.80 -8.80
N ALA I 201 -45.10 -42.56 -9.91
CA ALA I 201 -44.99 -41.95 -11.24
C ALA I 201 -46.14 -40.96 -11.49
N VAL I 202 -45.76 -39.78 -11.98
CA VAL I 202 -46.66 -38.64 -11.98
C VAL I 202 -47.56 -38.69 -13.21
N GLY I 203 -48.63 -37.92 -13.15
CA GLY I 203 -49.62 -37.81 -14.21
C GLY I 203 -49.39 -36.63 -15.11
N ASP I 204 -50.46 -36.16 -15.73
CA ASP I 204 -50.36 -35.07 -16.71
C ASP I 204 -49.95 -33.76 -16.06
N GLU I 205 -50.48 -33.46 -14.88
CA GLU I 205 -50.18 -32.22 -14.20
C GLU I 205 -48.98 -32.32 -13.27
N GLY I 206 -48.35 -33.48 -13.18
CA GLY I 206 -47.20 -33.69 -12.33
C GLY I 206 -47.51 -34.26 -10.97
N GLY I 207 -48.78 -34.47 -10.63
CA GLY I 207 -49.12 -35.02 -9.34
C GLY I 207 -49.22 -36.52 -9.37
N PHE I 208 -49.40 -37.10 -8.19
CA PHE I 208 -49.49 -38.54 -8.07
C PHE I 208 -50.93 -39.00 -8.30
N ALA I 209 -51.08 -40.25 -8.71
CA ALA I 209 -52.38 -40.93 -8.68
C ALA I 209 -52.34 -42.26 -7.92
N PRO I 210 -52.24 -42.25 -6.58
CA PRO I 210 -52.02 -43.52 -5.88
C PRO I 210 -53.33 -44.29 -5.69
N ARG I 211 -53.18 -45.52 -5.25
CA ARG I 211 -54.31 -46.41 -4.96
C ARG I 211 -54.76 -46.16 -3.52
N PHE I 212 -55.68 -45.23 -3.34
CA PHE I 212 -56.21 -44.90 -2.03
C PHE I 212 -57.49 -45.67 -1.74
N ASN I 213 -57.89 -45.68 -0.47
CA ASN I 213 -59.16 -46.28 -0.09
C ASN I 213 -60.34 -45.38 -0.44
N GLY I 214 -60.16 -44.07 -0.36
CA GLY I 214 -61.24 -43.15 -0.68
C GLY I 214 -60.76 -41.72 -0.59
N THR I 215 -61.73 -40.80 -0.65
CA THR I 215 -61.42 -39.37 -0.55
C THR I 215 -60.81 -39.02 0.80
N GLU I 216 -61.36 -39.58 1.88
CA GLU I 216 -60.86 -39.30 3.23
C GLU I 216 -59.43 -39.81 3.40
N ASP I 217 -59.12 -40.98 2.82
CA ASP I 217 -57.76 -41.50 2.86
C ASP I 217 -56.78 -40.55 2.18
N GLY I 218 -57.16 -40.03 1.00
CA GLY I 218 -56.28 -39.10 0.29
C GLY I 218 -56.08 -37.79 1.03
N VAL I 219 -57.16 -37.24 1.60
CA VAL I 219 -57.06 -36.00 2.35
C VAL I 219 -56.20 -36.18 3.60
N GLU I 220 -56.38 -37.32 4.28
CA GLU I 220 -55.59 -37.58 5.48
C GLU I 220 -54.12 -37.81 5.14
N THR I 221 -53.82 -38.48 4.02
CA THR I 221 -52.42 -38.62 3.61
C THR I 221 -51.81 -37.27 3.23
N ILE I 222 -52.59 -36.38 2.61
CA ILE I 222 -52.10 -35.04 2.32
C ILE I 222 -51.81 -34.27 3.60
N ILE I 223 -52.68 -34.42 4.61
CA ILE I 223 -52.46 -33.78 5.91
C ILE I 223 -51.18 -34.32 6.56
N LYS I 224 -50.97 -35.64 6.43
CA LYS I 224 -49.77 -36.25 6.98
C LYS I 224 -48.52 -35.75 6.28
N ALA I 225 -48.59 -35.56 4.97
CA ALA I 225 -47.47 -35.00 4.23
C ALA I 225 -47.19 -33.55 4.65
N ILE I 226 -48.25 -32.76 4.85
CA ILE I 226 -48.11 -31.38 5.30
C ILE I 226 -47.41 -31.33 6.65
N GLU I 227 -47.82 -32.22 7.57
CA GLU I 227 -47.22 -32.22 8.90
C GLU I 227 -45.80 -32.78 8.88
N ALA I 228 -45.52 -33.75 8.00
CA ALA I 228 -44.17 -34.28 7.87
C ALA I 228 -43.21 -33.23 7.32
N ALA I 229 -43.67 -32.39 6.39
CA ALA I 229 -42.85 -31.28 5.92
C ALA I 229 -42.61 -30.24 7.00
N GLY I 230 -43.47 -30.17 8.01
CA GLY I 230 -43.26 -29.28 9.13
C GLY I 230 -44.15 -28.06 9.12
N TYR I 231 -45.36 -28.20 8.59
CA TYR I 231 -46.28 -27.08 8.46
C TYR I 231 -47.63 -27.44 9.06
N VAL I 232 -48.32 -26.42 9.56
CA VAL I 232 -49.59 -26.60 10.27
C VAL I 232 -50.71 -26.60 9.22
N PRO I 233 -51.52 -27.64 9.14
CA PRO I 233 -52.70 -27.59 8.28
C PRO I 233 -53.74 -26.63 8.83
N GLY I 234 -54.33 -25.83 7.95
CA GLY I 234 -55.32 -24.86 8.34
C GLY I 234 -54.77 -23.53 8.80
N LYS I 235 -53.45 -23.41 8.96
CA LYS I 235 -52.79 -22.15 9.25
C LYS I 235 -51.78 -21.77 8.17
N ASP I 236 -50.92 -22.71 7.80
CA ASP I 236 -49.91 -22.49 6.76
C ASP I 236 -50.36 -23.02 5.41
N VAL I 237 -50.86 -24.25 5.36
CA VAL I 237 -51.25 -24.88 4.10
C VAL I 237 -52.69 -25.36 4.24
N PHE I 238 -53.50 -25.06 3.24
CA PHE I 238 -54.89 -25.48 3.18
C PHE I 238 -55.06 -26.50 2.07
N ILE I 239 -56.28 -27.02 1.93
CA ILE I 239 -56.59 -28.06 0.96
C ILE I 239 -57.67 -27.54 0.02
N GLY I 240 -57.47 -27.77 -1.28
CA GLY I 240 -58.47 -27.46 -2.28
C GLY I 240 -58.89 -28.72 -3.02
N LEU I 241 -60.10 -28.69 -3.54
CA LEU I 241 -60.67 -29.83 -4.25
C LEU I 241 -61.07 -29.39 -5.66
N ASP I 242 -60.99 -30.33 -6.60
CA ASP I 242 -61.60 -30.23 -7.92
C ASP I 242 -62.41 -31.50 -8.07
N CYS I 243 -63.68 -31.44 -7.65
CA CYS I 243 -64.55 -32.60 -7.69
C CYS I 243 -64.82 -33.07 -9.11
N ALA I 244 -65.00 -32.12 -10.05
CA ALA I 244 -65.43 -32.37 -11.42
C ALA I 244 -66.69 -33.25 -11.41
N SER I 245 -67.71 -32.75 -10.72
CA SER I 245 -68.93 -33.52 -10.50
C SER I 245 -69.71 -33.79 -11.77
N SER I 246 -69.44 -33.05 -12.86
CA SER I 246 -70.09 -33.30 -14.13
C SER I 246 -69.74 -34.66 -14.72
N GLU I 247 -68.63 -35.27 -14.27
CA GLU I 247 -68.26 -36.58 -14.77
C GLU I 247 -69.11 -37.70 -14.18
N PHE I 248 -69.50 -37.58 -12.92
CA PHE I 248 -70.31 -38.61 -12.27
C PHE I 248 -71.71 -38.10 -11.97
N TYR I 249 -72.28 -37.30 -12.86
CA TYR I 249 -73.61 -36.74 -12.67
C TYR I 249 -74.58 -37.40 -13.65
N ASP I 250 -75.64 -37.99 -13.12
CA ASP I 250 -76.72 -38.55 -13.91
C ASP I 250 -77.68 -37.43 -14.26
N ALA I 251 -77.77 -37.10 -15.56
CA ALA I 251 -78.60 -35.98 -15.99
C ALA I 251 -80.08 -36.28 -15.81
N GLU I 252 -80.50 -37.49 -16.15
CA GLU I 252 -81.93 -37.78 -16.11
C GLU I 252 -82.39 -38.24 -14.73
N HIS I 253 -81.51 -38.87 -13.95
CA HIS I 253 -81.88 -39.21 -12.59
C HIS I 253 -81.65 -38.06 -11.62
N LYS I 254 -80.94 -37.00 -12.06
CA LYS I 254 -80.61 -35.83 -11.25
C LYS I 254 -79.90 -36.20 -9.96
N VAL I 255 -78.94 -37.13 -10.05
CA VAL I 255 -78.18 -37.59 -8.90
C VAL I 255 -76.70 -37.58 -9.25
N TYR I 256 -75.87 -37.52 -8.23
CA TYR I 256 -74.42 -37.55 -8.34
C TYR I 256 -73.99 -38.97 -8.00
N GLY I 257 -73.91 -39.81 -9.02
CA GLY I 257 -73.58 -41.21 -8.81
C GLY I 257 -72.10 -41.42 -8.58
N TYR I 258 -71.72 -41.64 -7.32
CA TYR I 258 -70.33 -41.89 -6.98
C TYR I 258 -69.89 -43.28 -7.38
N THR I 259 -70.82 -44.15 -7.79
CA THR I 259 -70.51 -45.52 -8.17
C THR I 259 -69.67 -45.61 -9.44
N LYS I 260 -69.62 -44.54 -10.25
CA LYS I 260 -68.80 -44.55 -11.46
C LYS I 260 -67.32 -44.66 -11.13
N PHE I 261 -66.91 -44.16 -9.96
CA PHE I 261 -65.51 -44.19 -9.58
C PHE I 261 -65.23 -44.87 -8.26
N GLU I 262 -66.25 -45.15 -7.44
CA GLU I 262 -66.05 -45.65 -6.07
C GLU I 262 -66.71 -47.01 -5.84
N GLY I 263 -66.95 -47.77 -6.90
CA GLY I 263 -67.51 -49.11 -6.76
C GLY I 263 -69.02 -49.09 -6.58
N GLU I 264 -69.60 -50.30 -6.54
CA GLU I 264 -71.05 -50.44 -6.46
C GLU I 264 -71.58 -50.09 -5.06
N GLY I 265 -70.71 -50.04 -4.06
CA GLY I 265 -71.12 -49.65 -2.74
C GLY I 265 -71.05 -48.18 -2.44
N ALA I 266 -70.88 -47.34 -3.46
CA ALA I 266 -70.75 -45.90 -3.25
C ALA I 266 -72.10 -45.27 -2.97
N ALA I 267 -72.08 -43.97 -2.68
CA ALA I 267 -73.27 -43.22 -2.30
C ALA I 267 -73.77 -42.42 -3.49
N VAL I 268 -74.98 -42.71 -3.94
CA VAL I 268 -75.65 -41.94 -4.99
C VAL I 268 -76.45 -40.85 -4.31
N ARG I 269 -75.98 -39.62 -4.40
CA ARG I 269 -76.53 -38.50 -3.64
C ARG I 269 -77.29 -37.54 -4.54
N THR I 270 -78.36 -36.95 -4.04
CA THR I 270 -79.02 -35.88 -4.76
C THR I 270 -78.20 -34.59 -4.60
N ALA I 271 -78.73 -33.48 -5.14
CA ALA I 271 -78.02 -32.21 -5.01
C ALA I 271 -77.91 -31.77 -3.57
N ALA I 272 -79.00 -31.92 -2.79
CA ALA I 272 -78.98 -31.56 -1.37
C ALA I 272 -77.99 -32.40 -0.58
N GLU I 273 -78.02 -33.73 -0.79
CA GLU I 273 -77.09 -34.62 -0.11
C GLU I 273 -75.65 -34.34 -0.51
N GLN I 274 -75.42 -33.93 -1.76
CA GLN I 274 -74.09 -33.50 -2.18
C GLN I 274 -73.66 -32.25 -1.43
N ILE I 275 -74.59 -31.31 -1.19
CA ILE I 275 -74.28 -30.12 -0.40
C ILE I 275 -73.89 -30.50 1.02
N ASP I 276 -74.65 -31.40 1.66
CA ASP I 276 -74.28 -31.84 3.01
C ASP I 276 -72.96 -32.58 3.02
N TYR I 277 -72.66 -33.36 1.98
CA TYR I 277 -71.37 -34.06 1.91
C TYR I 277 -70.21 -33.08 1.81
N LEU I 278 -70.36 -32.05 0.96
CA LEU I 278 -69.32 -31.03 0.85
C LEU I 278 -69.17 -30.24 2.14
N GLU I 279 -70.29 -29.95 2.81
CA GLU I 279 -70.23 -29.25 4.10
C GLU I 279 -69.56 -30.11 5.16
N GLU I 280 -69.80 -31.42 5.14
CA GLU I 280 -69.12 -32.34 6.04
C GLU I 280 -67.61 -32.34 5.81
N LEU I 281 -67.21 -32.38 4.54
CA LEU I 281 -65.79 -32.35 4.19
C LEU I 281 -65.14 -31.04 4.63
N VAL I 282 -65.86 -29.91 4.46
CA VAL I 282 -65.32 -28.61 4.85
C VAL I 282 -65.20 -28.50 6.36
N ASN I 283 -66.19 -29.02 7.09
CA ASN I 283 -66.14 -28.98 8.55
C ASN I 283 -65.14 -29.96 9.13
N LYS I 284 -64.76 -30.99 8.38
CA LYS I 284 -63.83 -31.99 8.87
C LYS I 284 -62.38 -31.66 8.57
N TYR I 285 -62.11 -31.08 7.42
CA TYR I 285 -60.76 -30.85 6.91
C TYR I 285 -60.54 -29.37 6.66
N PRO I 286 -59.26 -28.92 6.61
CA PRO I 286 -59.00 -27.50 6.29
C PRO I 286 -59.14 -27.18 4.81
N ILE I 287 -60.35 -27.31 4.29
CA ILE I 287 -60.63 -27.14 2.86
C ILE I 287 -61.04 -25.69 2.64
N ILE I 288 -60.30 -25.01 1.77
CA ILE I 288 -60.56 -23.61 1.48
C ILE I 288 -61.07 -23.43 0.05
N THR I 289 -60.96 -24.45 -0.81
CA THR I 289 -61.42 -24.34 -2.17
C THR I 289 -62.15 -25.62 -2.58
N ILE I 290 -63.27 -25.47 -3.29
CA ILE I 290 -63.95 -26.56 -3.98
C ILE I 290 -64.25 -26.10 -5.40
N GLU I 291 -63.86 -26.89 -6.39
CA GLU I 291 -64.01 -26.57 -7.80
C GLU I 291 -64.94 -27.60 -8.42
N ASP I 292 -65.96 -27.11 -9.14
CA ASP I 292 -66.96 -27.93 -9.82
C ASP I 292 -67.66 -28.88 -8.86
N GLY I 293 -68.16 -28.31 -7.75
CA GLY I 293 -68.88 -29.11 -6.78
C GLY I 293 -70.24 -29.58 -7.26
N MET I 294 -70.81 -28.91 -8.25
CA MET I 294 -72.08 -29.30 -8.85
C MET I 294 -71.90 -29.44 -10.35
N ASP I 295 -72.92 -30.02 -11.00
CA ASP I 295 -72.88 -30.22 -12.43
C ASP I 295 -72.95 -28.88 -13.15
N GLU I 296 -72.42 -28.86 -14.38
CA GLU I 296 -72.39 -27.65 -15.20
C GLU I 296 -73.79 -27.13 -15.53
N ASN I 297 -74.83 -27.96 -15.40
CA ASN I 297 -76.20 -27.55 -15.67
C ASN I 297 -77.07 -27.50 -14.43
N ASP I 298 -76.53 -27.85 -13.25
CA ASP I 298 -77.30 -27.83 -12.01
C ASP I 298 -77.24 -26.43 -11.40
N TRP I 299 -77.97 -25.50 -12.03
CA TRP I 299 -77.96 -24.11 -11.59
C TRP I 299 -78.60 -23.95 -10.22
N ASP I 300 -79.70 -24.65 -9.96
CA ASP I 300 -80.33 -24.61 -8.64
C ASP I 300 -79.40 -25.21 -7.59
N GLY I 301 -78.71 -26.30 -7.94
CA GLY I 301 -77.74 -26.88 -7.03
C GLY I 301 -76.57 -25.96 -6.74
N TRP I 302 -76.10 -25.23 -7.76
CA TRP I 302 -75.04 -24.25 -7.58
C TRP I 302 -75.47 -23.11 -6.68
N LYS I 303 -76.71 -22.62 -6.86
CA LYS I 303 -77.22 -21.56 -6.00
C LYS I 303 -77.36 -22.03 -4.56
N ALA I 304 -77.86 -23.25 -4.35
CA ALA I 304 -77.98 -23.79 -3.00
C ALA I 304 -76.60 -24.03 -2.37
N LEU I 305 -75.62 -24.47 -3.16
CA LEU I 305 -74.28 -24.67 -2.66
C LEU I 305 -73.62 -23.34 -2.28
N THR I 306 -73.87 -22.29 -3.07
CA THR I 306 -73.34 -20.98 -2.74
C THR I 306 -74.02 -20.40 -1.49
N GLU I 307 -75.32 -20.66 -1.34
CA GLU I 307 -75.98 -20.20 -0.12
C GLU I 307 -75.41 -20.93 1.10
N ARG I 308 -75.16 -22.23 0.98
CA ARG I 308 -74.73 -23.01 2.13
C ARG I 308 -73.28 -22.74 2.50
N LEU I 309 -72.39 -22.65 1.50
CA LEU I 309 -70.95 -22.66 1.74
C LEU I 309 -70.20 -21.48 1.12
N GLY I 310 -70.90 -20.55 0.48
CA GLY I 310 -70.20 -19.51 -0.27
C GLY I 310 -69.50 -18.46 0.58
N GLY I 311 -69.65 -18.50 1.89
CA GLY I 311 -69.03 -17.51 2.74
C GLY I 311 -67.75 -17.95 3.44
N LYS I 312 -67.43 -19.23 3.37
CA LYS I 312 -66.25 -19.75 4.07
C LYS I 312 -65.30 -20.52 3.16
N VAL I 313 -65.82 -21.13 2.10
CA VAL I 313 -65.01 -21.89 1.15
C VAL I 313 -65.22 -21.29 -0.23
N GLN I 314 -64.13 -21.16 -0.97
CA GLN I 314 -64.19 -20.67 -2.34
C GLN I 314 -64.78 -21.75 -3.24
N LEU I 315 -65.78 -21.38 -4.04
CA LEU I 315 -66.44 -22.26 -4.97
C LEU I 315 -66.13 -21.79 -6.39
N VAL I 316 -65.36 -22.59 -7.12
CA VAL I 316 -64.86 -22.23 -8.44
C VAL I 316 -65.69 -22.95 -9.50
N GLY I 317 -66.13 -22.22 -10.51
CA GLY I 317 -66.79 -22.82 -11.65
C GLY I 317 -65.87 -22.97 -12.84
N ASP I 318 -65.46 -24.19 -13.16
CA ASP I 318 -64.59 -24.43 -14.30
C ASP I 318 -65.42 -24.76 -15.54
N ASP I 319 -66.16 -25.86 -15.50
CA ASP I 319 -67.11 -26.16 -16.56
C ASP I 319 -68.43 -25.42 -16.38
N PHE I 320 -68.67 -24.88 -15.20
CA PHE I 320 -69.88 -24.12 -14.94
C PHE I 320 -69.92 -22.84 -15.76
N PHE I 321 -68.78 -22.16 -15.86
CA PHE I 321 -68.69 -20.92 -16.60
C PHE I 321 -67.94 -21.00 -17.87
N VAL I 322 -67.09 -22.03 -18.04
CA VAL I 322 -66.16 -22.23 -19.15
C VAL I 322 -65.60 -20.98 -19.78
N THR I 323 -65.13 -20.08 -18.90
CA THR I 323 -64.54 -18.76 -19.16
C THR I 323 -65.42 -17.91 -20.10
N ASN I 324 -66.71 -18.20 -20.16
CA ASN I 324 -67.66 -17.50 -21.01
C ASN I 324 -68.22 -16.34 -20.21
N THR I 325 -68.16 -15.16 -20.82
CA THR I 325 -68.70 -13.96 -20.21
C THR I 325 -70.20 -14.01 -19.98
N ALA I 326 -70.94 -14.61 -20.90
CA ALA I 326 -72.39 -14.75 -20.72
C ALA I 326 -72.73 -15.64 -19.53
N TYR I 327 -72.03 -16.77 -19.42
CA TYR I 327 -72.25 -17.69 -18.30
C TYR I 327 -71.84 -17.04 -16.98
N LEU I 328 -70.73 -16.30 -16.99
CA LEU I 328 -70.27 -15.63 -15.79
C LEU I 328 -71.25 -14.56 -15.36
N GLU I 329 -71.80 -13.80 -16.31
CA GLU I 329 -72.79 -12.78 -15.99
C GLU I 329 -74.06 -13.38 -15.42
N LYS I 330 -74.53 -14.49 -16.02
CA LYS I 330 -75.70 -15.17 -15.50
C LYS I 330 -75.45 -15.71 -14.10
N GLY I 331 -74.26 -16.30 -13.87
CA GLY I 331 -73.94 -16.81 -12.55
C GLY I 331 -73.83 -15.72 -11.50
N ILE I 332 -73.32 -14.55 -11.88
CA ILE I 332 -73.30 -13.42 -10.97
C ILE I 332 -74.70 -12.95 -10.64
N ALA I 333 -75.58 -12.91 -11.65
CA ALA I 333 -76.96 -12.48 -11.42
C ALA I 333 -77.72 -13.46 -10.53
N GLU I 334 -77.44 -14.74 -10.65
CA GLU I 334 -78.14 -15.77 -9.89
C GLU I 334 -77.43 -16.19 -8.61
N HIS I 335 -76.33 -15.52 -8.26
CA HIS I 335 -75.56 -15.79 -7.04
C HIS I 335 -75.09 -17.24 -6.98
N ALA I 336 -74.56 -17.72 -8.11
CA ALA I 336 -74.01 -19.06 -8.23
C ALA I 336 -72.50 -18.95 -8.32
N ALA I 337 -71.80 -19.74 -7.49
CA ALA I 337 -70.36 -19.73 -7.29
C ALA I 337 -69.84 -18.38 -6.80
N ASN I 338 -68.56 -18.31 -6.47
CA ASN I 338 -67.94 -17.03 -6.15
C ASN I 338 -66.55 -16.92 -6.76
N SER I 339 -66.23 -17.76 -7.73
CA SER I 339 -64.92 -17.78 -8.38
C SER I 339 -65.06 -18.43 -9.73
N ILE I 340 -64.26 -17.97 -10.69
CA ILE I 340 -64.26 -18.50 -12.04
C ILE I 340 -62.85 -18.93 -12.39
N LEU I 341 -62.73 -20.10 -13.01
CA LEU I 341 -61.44 -20.59 -13.50
C LEU I 341 -61.22 -20.03 -14.91
N ILE I 342 -60.16 -19.24 -15.06
CA ILE I 342 -59.85 -18.55 -16.32
C ILE I 342 -58.89 -19.41 -17.13
N LYS I 343 -59.34 -19.85 -18.30
CA LYS I 343 -58.50 -20.57 -19.25
C LYS I 343 -58.47 -19.79 -20.55
N VAL I 344 -57.29 -19.32 -20.94
CA VAL I 344 -57.16 -18.36 -22.04
C VAL I 344 -57.53 -18.98 -23.39
N ASN I 345 -57.35 -20.29 -23.55
CA ASN I 345 -57.64 -20.95 -24.81
C ASN I 345 -59.10 -21.35 -24.95
N GLN I 346 -59.84 -21.32 -23.85
CA GLN I 346 -61.27 -21.61 -23.94
C GLN I 346 -62.08 -20.39 -24.38
N ILE I 347 -61.47 -19.20 -24.43
CA ILE I 347 -62.15 -18.00 -24.89
C ILE I 347 -61.57 -17.48 -26.21
N GLY I 348 -60.25 -17.57 -26.39
CA GLY I 348 -59.66 -17.26 -27.68
C GLY I 348 -58.63 -16.16 -27.73
N THR I 349 -58.81 -15.06 -27.00
CA THR I 349 -57.91 -13.92 -27.08
C THR I 349 -57.52 -13.47 -25.69
N LEU I 350 -56.51 -12.60 -25.62
CA LEU I 350 -56.11 -11.99 -24.36
C LEU I 350 -57.07 -10.89 -23.94
N THR I 351 -57.64 -10.15 -24.91
CA THR I 351 -58.60 -9.10 -24.60
C THR I 351 -59.84 -9.63 -23.90
N GLU I 352 -60.38 -10.73 -24.42
CA GLU I 352 -61.56 -11.31 -23.80
C GLU I 352 -61.24 -12.00 -22.48
N THR I 353 -60.02 -12.56 -22.35
CA THR I 353 -59.57 -13.09 -21.07
C THR I 353 -59.53 -12.01 -19.99
N PHE I 354 -58.95 -10.85 -20.32
CA PHE I 354 -58.88 -9.76 -19.37
C PHE I 354 -60.27 -9.16 -19.10
N ASP I 355 -61.15 -9.17 -20.10
CA ASP I 355 -62.52 -8.72 -19.89
C ASP I 355 -63.26 -9.64 -18.92
N ALA I 356 -63.08 -10.96 -19.06
CA ALA I 356 -63.69 -11.88 -18.13
C ALA I 356 -63.12 -11.72 -16.72
N ILE I 357 -61.80 -11.51 -16.61
CA ILE I 357 -61.17 -11.32 -15.31
C ILE I 357 -61.70 -10.07 -14.63
N GLU I 358 -61.84 -8.96 -15.39
CA GLU I 358 -62.31 -7.73 -14.78
C GLU I 358 -63.80 -7.79 -14.44
N MET I 359 -64.60 -8.50 -15.25
CA MET I 359 -66.00 -8.72 -14.89
C MET I 359 -66.16 -9.55 -13.64
N ALA I 360 -65.33 -10.59 -13.48
CA ALA I 360 -65.36 -11.38 -12.26
C ALA I 360 -64.92 -10.56 -11.05
N LYS I 361 -63.87 -9.74 -11.21
CA LYS I 361 -63.37 -8.92 -10.11
C LYS I 361 -64.41 -7.89 -9.68
N GLU I 362 -65.09 -7.27 -10.65
CA GLU I 362 -66.06 -6.22 -10.33
C GLU I 362 -67.28 -6.77 -9.60
N ALA I 363 -67.53 -8.07 -9.67
CA ALA I 363 -68.65 -8.69 -8.98
C ALA I 363 -68.27 -9.34 -7.67
N GLY I 364 -67.03 -9.15 -7.22
CA GLY I 364 -66.56 -9.77 -6.00
C GLY I 364 -66.03 -11.19 -6.16
N TYR I 365 -66.04 -11.72 -7.37
CA TYR I 365 -65.54 -13.07 -7.63
C TYR I 365 -64.03 -13.04 -7.74
N THR I 366 -63.43 -14.22 -7.66
CA THR I 366 -61.99 -14.39 -7.80
C THR I 366 -61.71 -15.04 -9.15
N ALA I 367 -60.72 -14.51 -9.87
CA ALA I 367 -60.26 -15.10 -11.12
C ALA I 367 -59.02 -15.94 -10.85
N VAL I 368 -59.07 -17.21 -11.24
CA VAL I 368 -57.97 -18.15 -11.05
C VAL I 368 -57.44 -18.52 -12.42
N VAL I 369 -56.29 -17.97 -12.79
CA VAL I 369 -55.66 -18.30 -14.07
C VAL I 369 -55.19 -19.74 -14.02
N SER I 370 -55.57 -20.53 -15.03
CA SER I 370 -55.44 -21.98 -14.97
C SER I 370 -54.69 -22.51 -16.18
N HIS I 371 -54.02 -23.64 -15.97
CA HIS I 371 -53.34 -24.39 -17.01
C HIS I 371 -54.33 -25.29 -17.75
N ARG I 372 -53.80 -26.06 -18.70
CA ARG I 372 -54.54 -27.11 -19.39
C ARG I 372 -53.78 -28.42 -19.24
N SER I 373 -54.42 -29.51 -19.66
CA SER I 373 -53.77 -30.82 -19.59
C SER I 373 -52.53 -30.88 -20.48
N GLY I 374 -52.63 -30.30 -21.67
CA GLY I 374 -51.47 -30.19 -22.54
C GLY I 374 -50.89 -28.79 -22.53
N GLU I 375 -49.73 -28.62 -21.91
CA GLU I 375 -49.11 -27.32 -21.77
C GLU I 375 -47.87 -27.23 -22.63
N THR I 376 -47.17 -26.11 -22.52
CA THR I 376 -46.00 -25.82 -23.32
C THR I 376 -44.94 -25.18 -22.42
N GLU I 377 -43.80 -24.82 -23.00
CA GLU I 377 -42.78 -24.07 -22.28
C GLU I 377 -43.13 -22.61 -22.13
N ASP I 378 -44.14 -22.14 -22.88
CA ASP I 378 -44.63 -20.79 -22.74
C ASP I 378 -45.29 -20.59 -21.38
N SER I 379 -44.95 -19.48 -20.72
CA SER I 379 -45.43 -19.18 -19.37
C SER I 379 -46.10 -17.81 -19.34
N THR I 380 -47.00 -17.57 -20.30
CA THR I 380 -47.71 -16.30 -20.35
C THR I 380 -48.77 -16.19 -19.26
N ILE I 381 -49.29 -17.32 -18.78
CA ILE I 381 -50.36 -17.26 -17.79
C ILE I 381 -49.86 -16.75 -16.44
N ALA I 382 -48.57 -16.95 -16.14
CA ALA I 382 -47.99 -16.35 -14.94
C ALA I 382 -47.98 -14.83 -15.04
N ASP I 383 -47.61 -14.31 -16.22
CA ASP I 383 -47.65 -12.88 -16.46
C ASP I 383 -49.08 -12.35 -16.45
N ILE I 384 -50.05 -13.15 -16.91
CA ILE I 384 -51.45 -12.76 -16.83
C ILE I 384 -51.90 -12.66 -15.38
N ALA I 385 -51.54 -13.65 -14.56
CA ALA I 385 -51.93 -13.66 -13.16
C ALA I 385 -51.32 -12.48 -12.40
N VAL I 386 -50.05 -12.16 -12.67
CA VAL I 386 -49.43 -11.02 -11.99
C VAL I 386 -50.01 -9.71 -12.51
N ALA I 387 -50.21 -9.60 -13.83
CA ALA I 387 -50.66 -8.34 -14.44
C ALA I 387 -52.06 -7.95 -13.99
N THR I 388 -52.96 -8.93 -13.88
CA THR I 388 -54.32 -8.64 -13.45
C THR I 388 -54.44 -8.52 -11.94
N ASN I 389 -53.38 -8.84 -11.18
CA ASN I 389 -53.39 -8.89 -9.72
C ASN I 389 -54.48 -9.83 -9.22
N ALA I 390 -54.66 -10.94 -9.93
CA ALA I 390 -55.73 -11.88 -9.62
C ALA I 390 -55.52 -12.55 -8.27
N GLY I 391 -54.27 -12.73 -7.87
CA GLY I 391 -53.97 -13.27 -6.57
C GLY I 391 -54.11 -14.76 -6.44
N GLN I 392 -54.40 -15.49 -7.51
CA GLN I 392 -54.52 -16.93 -7.47
C GLN I 392 -54.16 -17.51 -8.83
N ILE I 393 -53.48 -18.66 -8.81
CA ILE I 393 -53.11 -19.38 -10.02
C ILE I 393 -53.25 -20.87 -9.74
N LYS I 394 -53.55 -21.63 -10.79
CA LYS I 394 -53.68 -23.07 -10.73
C LYS I 394 -52.87 -23.58 -11.92
N THR I 395 -51.58 -23.86 -11.70
CA THR I 395 -50.67 -24.22 -12.78
C THR I 395 -49.99 -25.57 -12.51
N GLY I 396 -50.62 -26.43 -11.73
CA GLY I 396 -50.17 -27.80 -11.62
C GLY I 396 -49.37 -28.11 -10.37
N SER I 397 -48.61 -29.18 -10.46
CA SER I 397 -47.87 -29.75 -9.34
C SER I 397 -46.46 -29.20 -9.37
N LEU I 398 -45.54 -29.89 -8.71
CA LEU I 398 -44.17 -29.49 -8.58
C LEU I 398 -43.31 -30.52 -9.29
N SER I 399 -43.71 -31.00 -10.48
CA SER I 399 -42.93 -32.12 -11.02
C SER I 399 -42.72 -32.17 -12.54
N ARG I 400 -43.06 -31.18 -13.34
CA ARG I 400 -42.78 -31.28 -14.77
C ARG I 400 -42.59 -29.85 -15.28
N THR I 401 -41.69 -29.62 -16.25
CA THR I 401 -41.38 -28.25 -16.69
C THR I 401 -42.56 -27.61 -17.43
N ASP I 402 -43.53 -28.44 -17.84
CA ASP I 402 -44.81 -27.90 -18.29
C ASP I 402 -45.49 -27.10 -17.18
N ARG I 403 -45.28 -27.46 -15.91
CA ARG I 403 -45.85 -26.78 -14.77
C ARG I 403 -44.82 -25.91 -14.05
N ILE I 404 -43.58 -26.38 -13.92
CA ILE I 404 -42.51 -25.68 -13.21
C ILE I 404 -42.10 -24.42 -13.94
N ALA I 405 -42.33 -24.34 -15.26
CA ALA I 405 -41.99 -23.13 -16.00
C ALA I 405 -42.78 -21.91 -15.51
N LYS I 406 -44.05 -22.11 -15.18
CA LYS I 406 -44.87 -21.01 -14.65
C LYS I 406 -44.38 -20.58 -13.27
N TYR I 407 -44.00 -21.54 -12.42
CA TYR I 407 -43.45 -21.20 -11.10
C TYR I 407 -42.12 -20.47 -11.22
N ASN I 408 -41.28 -20.88 -12.18
CA ASN I 408 -40.02 -20.19 -12.41
C ASN I 408 -40.26 -18.76 -12.91
N GLN I 409 -41.25 -18.59 -13.78
CA GLN I 409 -41.59 -17.25 -14.24
C GLN I 409 -42.12 -16.38 -13.11
N LEU I 410 -42.89 -16.98 -12.20
CA LEU I 410 -43.37 -16.23 -11.05
C LEU I 410 -42.23 -15.85 -10.10
N LEU I 411 -41.25 -16.75 -9.95
CA LEU I 411 -40.05 -16.42 -9.19
C LEU I 411 -39.29 -15.26 -9.82
N ARG I 412 -39.16 -15.28 -11.16
CA ARG I 412 -38.50 -14.18 -11.87
C ARG I 412 -39.25 -12.87 -11.70
N ILE I 413 -40.58 -12.91 -11.76
CA ILE I 413 -41.40 -11.72 -11.58
C ILE I 413 -41.25 -11.16 -10.17
N GLU I 414 -41.24 -12.05 -9.17
CA GLU I 414 -41.07 -11.60 -7.78
C GLU I 414 -39.69 -10.99 -7.57
N ASP I 415 -38.65 -11.59 -8.15
CA ASP I 415 -37.30 -11.03 -8.07
C ASP I 415 -37.22 -9.66 -8.74
N GLN I 416 -37.87 -9.53 -9.90
CA GLN I 416 -37.88 -8.25 -10.62
C GLN I 416 -38.61 -7.18 -9.83
N LEU I 417 -39.75 -7.52 -9.23
CA LEU I 417 -40.52 -6.56 -8.46
C LEU I 417 -39.76 -6.14 -7.20
N GLY I 418 -39.09 -7.08 -6.54
CA GLY I 418 -38.27 -6.73 -5.41
C GLY I 418 -39.06 -6.31 -4.18
N GLU I 419 -38.85 -5.07 -3.73
CA GLU I 419 -39.49 -4.59 -2.52
C GLU I 419 -40.98 -4.29 -2.71
N VAL I 420 -41.43 -4.10 -3.95
CA VAL I 420 -42.85 -3.83 -4.18
C VAL I 420 -43.65 -5.10 -4.35
N ALA I 421 -42.99 -6.26 -4.43
CA ALA I 421 -43.70 -7.53 -4.59
C ALA I 421 -44.55 -7.83 -3.36
N GLU I 422 -45.76 -8.30 -3.62
CA GLU I 422 -46.72 -8.60 -2.56
C GLU I 422 -47.20 -10.02 -2.71
N TYR I 423 -47.16 -10.79 -1.62
CA TYR I 423 -47.83 -12.07 -1.53
C TYR I 423 -48.87 -11.97 -0.42
N ARG I 424 -50.13 -12.24 -0.77
CA ARG I 424 -51.22 -11.97 0.16
C ARG I 424 -51.79 -13.21 0.81
N GLY I 425 -51.61 -14.38 0.19
CA GLY I 425 -52.04 -15.63 0.79
C GLY I 425 -53.55 -15.70 0.98
N LEU I 426 -53.97 -15.83 2.25
CA LEU I 426 -55.39 -15.85 2.58
C LEU I 426 -56.10 -14.55 2.24
N LYS I 427 -55.37 -13.43 2.20
CA LYS I 427 -55.95 -12.17 1.76
C LYS I 427 -56.30 -12.17 0.28
N SER I 428 -55.69 -13.06 -0.50
CA SER I 428 -56.07 -13.21 -1.90
C SER I 428 -57.47 -13.77 -2.08
N PHE I 429 -58.03 -14.37 -1.04
CA PHE I 429 -59.39 -14.90 -1.08
C PHE I 429 -60.36 -13.84 -0.58
N TYR I 430 -60.45 -12.76 -1.37
CA TYR I 430 -61.32 -11.64 -1.00
C TYR I 430 -62.80 -11.94 -1.18
N ASN I 431 -63.14 -13.06 -1.80
CA ASN I 431 -64.53 -13.50 -1.92
C ASN I 431 -65.02 -14.18 -0.64
N LEU I 432 -64.14 -14.41 0.33
CA LEU I 432 -64.50 -15.02 1.59
C LEU I 432 -64.71 -13.95 2.66
N LYS I 433 -65.30 -14.37 3.78
CA LYS I 433 -65.61 -13.48 4.88
C LYS I 433 -64.82 -13.95 6.09
N LYS I 434 -63.98 -13.05 6.63
CA LYS I 434 -63.09 -13.32 7.76
C LYS I 434 -62.17 -14.52 7.49
N MET J 1 -20.41 -2.08 -26.55
CA MET J 1 -21.73 -2.49 -26.96
C MET J 1 -21.97 -3.99 -26.72
N SER J 2 -20.91 -4.78 -26.88
CA SER J 2 -20.94 -6.20 -26.58
C SER J 2 -20.24 -6.49 -25.25
N ILE J 3 -19.89 -5.46 -24.50
CA ILE J 3 -19.20 -5.65 -23.24
C ILE J 3 -20.21 -6.05 -22.17
N ILE J 4 -19.94 -7.16 -21.46
CA ILE J 4 -20.82 -7.63 -20.42
C ILE J 4 -20.88 -6.61 -19.30
N THR J 5 -22.09 -6.16 -18.97
CA THR J 5 -22.30 -5.21 -17.89
C THR J 5 -23.06 -5.79 -16.71
N ASP J 6 -23.68 -6.96 -16.84
CA ASP J 6 -24.40 -7.54 -15.71
C ASP J 6 -24.40 -9.07 -15.81
N VAL J 7 -24.08 -9.73 -14.70
CA VAL J 7 -24.22 -11.16 -14.54
C VAL J 7 -25.00 -11.40 -13.25
N TYR J 8 -26.15 -12.05 -13.35
CA TYR J 8 -27.03 -12.21 -12.19
C TYR J 8 -27.60 -13.62 -12.16
N ALA J 9 -27.40 -14.33 -11.05
CA ALA J 9 -27.96 -15.66 -10.89
C ALA J 9 -29.10 -15.64 -9.88
N ARG J 10 -30.11 -16.45 -10.14
CA ARG J 10 -31.21 -16.64 -9.21
C ARG J 10 -31.57 -18.11 -9.14
N GLU J 11 -32.06 -18.52 -7.98
CA GLU J 11 -32.38 -19.92 -7.73
C GLU J 11 -33.79 -20.21 -8.20
N VAL J 12 -33.93 -21.18 -9.10
CA VAL J 12 -35.22 -21.59 -9.66
C VAL J 12 -35.40 -23.07 -9.38
N LEU J 13 -36.50 -23.64 -9.87
CA LEU J 13 -36.73 -25.07 -9.72
C LEU J 13 -36.43 -25.79 -11.03
N ASP J 14 -36.26 -27.10 -10.92
CA ASP J 14 -36.07 -27.97 -12.06
C ASP J 14 -37.30 -28.83 -12.33
N SER J 15 -37.17 -29.75 -13.28
CA SER J 15 -38.29 -30.56 -13.71
C SER J 15 -38.74 -31.55 -12.67
N ARG J 16 -37.96 -31.81 -11.63
CA ARG J 16 -38.34 -32.73 -10.56
C ARG J 16 -38.72 -32.02 -9.27
N GLY J 17 -38.78 -30.69 -9.28
CA GLY J 17 -39.07 -29.94 -8.07
C GLY J 17 -37.88 -29.66 -7.18
N ASN J 18 -36.68 -29.95 -7.63
CA ASN J 18 -35.49 -29.70 -6.86
C ASN J 18 -34.81 -28.42 -7.33
N PRO J 19 -34.18 -27.68 -6.41
CA PRO J 19 -33.60 -26.38 -6.78
C PRO J 19 -32.46 -26.52 -7.76
N THR J 20 -32.39 -25.57 -8.69
CA THR J 20 -31.23 -25.35 -9.53
C THR J 20 -31.08 -23.84 -9.65
N LEU J 21 -30.19 -23.36 -10.51
CA LEU J 21 -30.03 -21.92 -10.68
C LEU J 21 -30.13 -21.58 -12.15
N GLU J 22 -30.41 -20.31 -12.41
CA GLU J 22 -30.33 -19.75 -13.74
C GLU J 22 -29.54 -18.45 -13.70
N VAL J 23 -28.78 -18.20 -14.77
CA VAL J 23 -27.93 -17.02 -14.87
C VAL J 23 -28.45 -16.16 -16.02
N GLU J 24 -28.40 -14.84 -15.83
CA GLU J 24 -28.74 -13.88 -16.86
C GLU J 24 -27.55 -12.96 -17.09
N VAL J 25 -27.19 -12.78 -18.36
CA VAL J 25 -26.09 -11.91 -18.77
C VAL J 25 -26.66 -10.79 -19.60
N TYR J 26 -26.36 -9.55 -19.20
CA TYR J 26 -26.73 -8.34 -19.93
C TYR J 26 -25.46 -7.67 -20.43
N THR J 27 -25.43 -7.29 -21.70
CA THR J 27 -24.31 -6.55 -22.24
C THR J 27 -24.67 -5.07 -22.35
N GLU J 28 -23.74 -4.28 -22.88
CA GLU J 28 -23.86 -2.83 -22.89
C GLU J 28 -25.00 -2.36 -23.79
N SER J 29 -25.17 -2.97 -24.95
CA SER J 29 -26.19 -2.56 -25.89
C SER J 29 -27.57 -3.13 -25.58
N GLY J 30 -27.70 -3.91 -24.51
CA GLY J 30 -28.96 -4.52 -24.17
C GLY J 30 -29.13 -5.96 -24.60
N ALA J 31 -28.08 -6.60 -25.11
CA ALA J 31 -28.19 -8.01 -25.46
C ALA J 31 -28.31 -8.84 -24.18
N PHE J 32 -29.21 -9.80 -24.23
CA PHE J 32 -29.61 -10.56 -23.06
C PHE J 32 -29.47 -12.05 -23.33
N GLY J 33 -28.97 -12.76 -22.33
CA GLY J 33 -28.90 -14.21 -22.41
C GLY J 33 -29.24 -14.88 -21.10
N ARG J 34 -29.98 -15.98 -21.15
CA ARG J 34 -30.35 -16.71 -19.94
C ARG J 34 -29.95 -18.16 -20.07
N GLY J 35 -29.19 -18.65 -19.10
CA GLY J 35 -28.80 -20.05 -19.08
C GLY J 35 -29.26 -20.77 -17.83
N MET J 36 -30.00 -21.87 -18.01
CA MET J 36 -30.47 -22.67 -16.90
C MET J 36 -29.67 -23.98 -16.87
N VAL J 37 -29.43 -24.49 -15.66
CA VAL J 37 -28.51 -25.60 -15.45
C VAL J 37 -29.34 -26.85 -15.13
N PRO J 38 -29.18 -27.94 -15.87
CA PRO J 38 -29.79 -29.20 -15.44
C PRO J 38 -29.10 -29.73 -14.19
N SER J 39 -29.88 -30.42 -13.36
CA SER J 39 -29.37 -30.93 -12.09
C SER J 39 -28.48 -32.14 -12.32
N GLY J 40 -27.28 -32.11 -11.75
CA GLY J 40 -26.33 -33.18 -11.89
C GLY J 40 -25.99 -33.87 -10.58
N ALA J 41 -24.69 -34.06 -10.34
CA ALA J 41 -24.21 -34.76 -9.15
C ALA J 41 -23.21 -33.87 -8.41
N SER J 42 -23.36 -33.76 -7.10
CA SER J 42 -22.43 -33.05 -6.25
C SER J 42 -21.31 -33.94 -5.73
N THR J 43 -21.32 -35.22 -6.06
CA THR J 43 -20.29 -36.16 -5.65
C THR J 43 -19.76 -36.91 -6.86
N GLY J 44 -18.47 -37.23 -6.81
CA GLY J 44 -17.81 -37.93 -7.89
C GLY J 44 -16.35 -37.56 -7.98
N GLU J 45 -15.48 -38.56 -8.11
CA GLU J 45 -14.04 -38.31 -8.05
C GLU J 45 -13.53 -37.68 -9.34
N HIS J 46 -14.00 -38.15 -10.49
CA HIS J 46 -13.47 -37.75 -11.79
C HIS J 46 -14.54 -37.11 -12.66
N GLU J 47 -15.38 -36.28 -12.06
CA GLU J 47 -16.34 -35.49 -12.82
C GLU J 47 -16.65 -34.23 -12.04
N ALA J 48 -17.12 -33.22 -12.77
CA ALA J 48 -17.41 -31.92 -12.17
C ALA J 48 -18.59 -32.03 -11.20
N VAL J 49 -18.44 -31.44 -10.02
CA VAL J 49 -19.45 -31.54 -8.97
C VAL J 49 -20.18 -30.20 -8.87
N GLU J 50 -21.44 -30.28 -8.48
CA GLU J 50 -22.27 -29.10 -8.27
C GLU J 50 -22.24 -28.70 -6.81
N LEU J 51 -22.59 -27.43 -6.56
CA LEU J 51 -22.51 -26.86 -5.22
C LEU J 51 -23.93 -26.79 -4.65
N ARG J 52 -24.18 -27.55 -3.60
CA ARG J 52 -25.45 -27.55 -2.90
C ARG J 52 -25.27 -26.96 -1.51
N ASP J 53 -26.35 -26.38 -0.98
CA ASP J 53 -26.29 -25.71 0.31
C ASP J 53 -26.05 -26.71 1.43
N GLY J 54 -26.71 -27.86 1.38
CA GLY J 54 -26.60 -28.83 2.44
C GLY J 54 -27.38 -28.48 3.68
N ASP J 55 -28.19 -27.43 3.65
CA ASP J 55 -29.01 -27.04 4.79
C ASP J 55 -30.29 -27.85 4.76
N LYS J 56 -30.45 -28.77 5.72
CA LYS J 56 -31.58 -29.67 5.70
C LYS J 56 -32.91 -28.97 5.94
N ALA J 57 -32.90 -27.77 6.53
CA ALA J 57 -34.12 -27.01 6.71
C ALA J 57 -34.72 -26.56 5.38
N ARG J 58 -33.87 -26.13 4.45
CA ARG J 58 -34.32 -25.60 3.17
C ARG J 58 -34.15 -26.67 2.10
N TYR J 59 -35.28 -27.12 1.51
CA TYR J 59 -35.32 -27.99 0.34
C TYR J 59 -34.64 -29.33 0.57
N GLY J 60 -34.50 -29.75 1.83
CA GLY J 60 -33.81 -31.00 2.14
C GLY J 60 -32.34 -31.00 1.78
N GLY J 61 -31.65 -29.88 1.98
CA GLY J 61 -30.24 -29.78 1.70
C GLY J 61 -29.87 -29.64 0.24
N LEU J 62 -30.84 -29.36 -0.63
CA LEU J 62 -30.61 -29.27 -2.06
C LEU J 62 -30.70 -27.85 -2.58
N GLY J 63 -30.68 -26.85 -1.71
CA GLY J 63 -30.74 -25.47 -2.17
C GLY J 63 -29.49 -25.10 -2.95
N THR J 64 -29.64 -24.11 -3.84
CA THR J 64 -28.52 -23.65 -4.67
C THR J 64 -28.19 -22.20 -4.38
N GLN J 65 -28.47 -21.72 -3.16
CA GLN J 65 -28.15 -20.35 -2.80
C GLN J 65 -26.65 -20.10 -2.73
N LYS J 66 -25.87 -21.12 -2.35
CA LYS J 66 -24.42 -20.96 -2.30
C LYS J 66 -23.86 -20.70 -3.68
N ALA J 67 -24.24 -21.51 -4.67
CA ALA J 67 -23.77 -21.31 -6.04
C ALA J 67 -24.31 -20.03 -6.66
N VAL J 68 -25.54 -19.64 -6.30
CA VAL J 68 -26.09 -18.35 -6.74
C VAL J 68 -25.24 -17.20 -6.21
N ASP J 69 -24.84 -17.28 -4.94
CA ASP J 69 -23.97 -16.26 -4.37
C ASP J 69 -22.58 -16.31 -4.96
N ASN J 70 -22.09 -17.50 -5.33
CA ASN J 70 -20.81 -17.59 -6.01
C ASN J 70 -20.85 -16.90 -7.37
N VAL J 71 -21.96 -17.04 -8.09
CA VAL J 71 -22.10 -16.32 -9.36
C VAL J 71 -22.21 -14.82 -9.11
N ASN J 72 -23.04 -14.42 -8.14
CA ASN J 72 -23.34 -13.00 -7.96
C ASN J 72 -22.19 -12.22 -7.35
N ASN J 73 -21.31 -12.89 -6.59
CA ASN J 73 -20.26 -12.20 -5.85
C ASN J 73 -18.87 -12.46 -6.39
N VAL J 74 -18.59 -13.65 -6.91
CA VAL J 74 -17.25 -14.02 -7.35
C VAL J 74 -17.16 -13.95 -8.87
N ILE J 75 -18.00 -14.74 -9.57
CA ILE J 75 -17.93 -14.81 -11.03
C ILE J 75 -18.33 -13.48 -11.67
N ALA J 76 -19.30 -12.77 -11.07
CA ALA J 76 -19.81 -11.55 -11.66
C ALA J 76 -18.75 -10.46 -11.73
N GLU J 77 -17.95 -10.30 -10.67
CA GLU J 77 -16.94 -9.26 -10.67
C GLU J 77 -15.84 -9.54 -11.68
N HIS J 78 -15.48 -10.81 -11.85
CA HIS J 78 -14.44 -11.15 -12.82
C HIS J 78 -14.95 -11.02 -14.24
N ILE J 79 -16.18 -11.48 -14.50
CA ILE J 79 -16.66 -11.60 -15.89
C ILE J 79 -17.12 -10.26 -16.44
N ILE J 80 -17.69 -9.39 -15.59
CA ILE J 80 -18.19 -8.10 -16.06
C ILE J 80 -17.05 -7.26 -16.59
N GLY J 81 -17.12 -6.90 -17.87
CA GLY J 81 -16.06 -6.22 -18.57
C GLY J 81 -15.53 -6.98 -19.77
N PHE J 82 -15.68 -8.31 -19.79
CA PHE J 82 -15.28 -9.09 -20.94
C PHE J 82 -16.19 -8.82 -22.13
N ASP J 83 -15.67 -9.06 -23.33
CA ASP J 83 -16.52 -9.10 -24.50
C ASP J 83 -17.37 -10.35 -24.46
N VAL J 84 -18.66 -10.21 -24.77
CA VAL J 84 -19.59 -11.33 -24.65
C VAL J 84 -19.29 -12.42 -25.67
N ARG J 85 -18.63 -12.07 -26.78
CA ARG J 85 -18.26 -13.07 -27.77
C ARG J 85 -16.97 -13.80 -27.43
N ASP J 86 -16.33 -13.47 -26.31
CA ASP J 86 -15.13 -14.17 -25.86
C ASP J 86 -15.54 -15.34 -24.97
N GLN J 87 -16.16 -16.34 -25.60
CA GLN J 87 -16.65 -17.51 -24.88
C GLN J 87 -15.50 -18.31 -24.27
N GLN J 88 -14.47 -18.58 -25.07
CA GLN J 88 -13.33 -19.34 -24.60
C GLN J 88 -12.57 -18.60 -23.50
N GLY J 89 -12.38 -17.29 -23.68
CA GLY J 89 -11.70 -16.50 -22.65
C GLY J 89 -12.45 -16.46 -21.34
N ILE J 90 -13.78 -16.29 -21.40
CA ILE J 90 -14.60 -16.26 -20.20
C ILE J 90 -14.58 -17.62 -19.50
N ASP J 91 -14.68 -18.69 -20.28
CA ASP J 91 -14.66 -20.03 -19.72
C ASP J 91 -13.32 -20.38 -19.06
N ARG J 92 -12.21 -20.02 -19.71
CA ARG J 92 -10.90 -20.25 -19.13
C ARG J 92 -10.68 -19.38 -17.89
N ALA J 93 -11.20 -18.15 -17.90
CA ALA J 93 -11.11 -17.29 -16.72
C ALA J 93 -11.89 -17.89 -15.56
N MET J 94 -13.07 -18.45 -15.83
CA MET J 94 -13.85 -19.09 -14.77
C MET J 94 -13.16 -20.34 -14.23
N ILE J 95 -12.55 -21.13 -15.12
CA ILE J 95 -11.83 -22.34 -14.70
C ILE J 95 -10.63 -21.97 -13.84
N ALA J 96 -9.89 -20.94 -14.24
CA ALA J 96 -8.75 -20.48 -13.44
C ALA J 96 -9.20 -19.89 -12.10
N LEU J 97 -10.32 -19.17 -12.10
CA LEU J 97 -10.87 -18.61 -10.87
C LEU J 97 -11.31 -19.70 -9.91
N ASP J 98 -11.77 -20.84 -10.43
CA ASP J 98 -12.10 -21.96 -9.56
C ASP J 98 -10.84 -22.64 -9.02
N GLY J 99 -9.94 -23.06 -9.89
CA GLY J 99 -8.70 -23.61 -9.41
C GLY J 99 -8.72 -25.09 -9.06
N THR J 100 -9.87 -25.75 -9.08
CA THR J 100 -9.91 -27.17 -8.76
C THR J 100 -10.26 -27.97 -10.01
N PRO J 101 -9.76 -29.21 -10.12
CA PRO J 101 -10.10 -30.04 -11.30
C PRO J 101 -11.58 -30.36 -11.42
N ASN J 102 -12.29 -30.47 -10.31
CA ASN J 102 -13.70 -30.85 -10.30
C ASN J 102 -14.65 -29.65 -10.24
N LYS J 103 -14.12 -28.42 -10.27
CA LYS J 103 -14.91 -27.19 -10.19
C LYS J 103 -15.76 -27.14 -8.92
N GLY J 104 -15.23 -27.69 -7.82
CA GLY J 104 -16.01 -27.79 -6.60
C GLY J 104 -16.07 -26.53 -5.76
N LYS J 105 -15.18 -25.57 -6.03
CA LYS J 105 -15.17 -24.36 -5.22
C LYS J 105 -16.33 -23.45 -5.62
N LEU J 106 -16.36 -23.05 -6.89
CA LEU J 106 -17.47 -22.25 -7.41
C LEU J 106 -18.70 -23.10 -7.66
N GLY J 107 -18.54 -24.36 -8.05
CA GLY J 107 -19.66 -25.18 -8.43
C GLY J 107 -19.73 -25.31 -9.94
N ALA J 108 -19.82 -26.55 -10.44
CA ALA J 108 -19.93 -26.76 -11.89
C ALA J 108 -21.21 -26.17 -12.45
N ASN J 109 -22.29 -26.20 -11.66
CA ASN J 109 -23.56 -25.60 -12.08
C ASN J 109 -23.42 -24.10 -12.30
N ALA J 110 -22.69 -23.41 -11.42
CA ALA J 110 -22.45 -21.98 -11.56
C ALA J 110 -21.70 -21.66 -12.85
N ILE J 111 -20.60 -22.39 -13.07
CA ILE J 111 -19.75 -22.16 -14.24
C ILE J 111 -20.51 -22.47 -15.52
N LEU J 112 -21.26 -23.57 -15.54
CA LEU J 112 -22.03 -23.94 -16.72
C LEU J 112 -23.15 -22.94 -17.00
N GLY J 113 -23.82 -22.46 -15.96
CA GLY J 113 -24.86 -21.46 -16.15
C GLY J 113 -24.32 -20.16 -16.72
N VAL J 114 -23.17 -19.72 -16.22
CA VAL J 114 -22.55 -18.51 -16.77
C VAL J 114 -22.11 -18.76 -18.20
N SER J 115 -21.57 -19.95 -18.49
CA SER J 115 -21.12 -20.27 -19.86
C SER J 115 -22.29 -20.24 -20.86
N ILE J 116 -23.41 -20.86 -20.49
CA ILE J 116 -24.58 -20.90 -21.37
C ILE J 116 -25.17 -19.50 -21.55
N ALA J 117 -25.27 -18.75 -20.45
CA ALA J 117 -25.82 -17.39 -20.53
C ALA J 117 -24.95 -16.48 -21.39
N VAL J 118 -23.62 -16.63 -21.29
CA VAL J 118 -22.72 -15.82 -22.10
C VAL J 118 -22.83 -16.18 -23.59
N ALA J 119 -22.92 -17.49 -23.89
CA ALA J 119 -23.07 -17.91 -25.29
C ALA J 119 -24.38 -17.40 -25.88
N ARG J 120 -25.47 -17.47 -25.11
CA ARG J 120 -26.76 -16.99 -25.60
C ARG J 120 -26.78 -15.48 -25.75
N ALA J 121 -26.12 -14.76 -24.83
CA ALA J 121 -26.06 -13.31 -24.95
C ALA J 121 -25.23 -12.89 -26.15
N ALA J 122 -24.16 -13.63 -26.45
CA ALA J 122 -23.37 -13.32 -27.64
C ALA J 122 -24.16 -13.59 -28.92
N ALA J 123 -24.92 -14.69 -28.95
CA ALA J 123 -25.78 -14.97 -30.10
C ALA J 123 -26.86 -13.90 -30.26
N ASP J 124 -27.43 -13.42 -29.14
CA ASP J 124 -28.43 -12.36 -29.19
C ASP J 124 -27.82 -11.05 -29.68
N TYR J 125 -26.60 -10.74 -29.25
CA TYR J 125 -25.91 -9.53 -29.71
C TYR J 125 -25.63 -9.60 -31.20
N LEU J 126 -25.19 -10.77 -31.69
CA LEU J 126 -24.89 -10.91 -33.10
C LEU J 126 -26.14 -11.07 -33.96
N GLU J 127 -27.32 -11.23 -33.34
CA GLU J 127 -28.59 -11.42 -34.04
C GLU J 127 -28.55 -12.64 -34.96
N VAL J 128 -27.95 -13.71 -34.46
CA VAL J 128 -27.82 -14.96 -35.20
C VAL J 128 -28.38 -16.07 -34.34
N PRO J 129 -28.82 -17.17 -34.95
CA PRO J 129 -29.26 -18.32 -34.16
C PRO J 129 -28.12 -18.90 -33.35
N LEU J 130 -28.48 -19.54 -32.22
CA LEU J 130 -27.48 -20.03 -31.27
C LEU J 130 -26.60 -21.11 -31.89
N TYR J 131 -27.19 -22.00 -32.69
CA TYR J 131 -26.39 -23.02 -33.35
C TYR J 131 -25.42 -22.42 -34.37
N SER J 132 -25.83 -21.34 -35.05
CA SER J 132 -24.94 -20.66 -35.98
C SER J 132 -23.76 -20.03 -35.25
N TYR J 133 -24.02 -19.42 -34.10
CA TYR J 133 -22.94 -18.81 -33.31
C TYR J 133 -22.00 -19.88 -32.76
N LEU J 134 -22.55 -21.00 -32.30
CA LEU J 134 -21.73 -22.04 -31.68
C LEU J 134 -20.90 -22.81 -32.70
N GLY J 135 -21.51 -23.17 -33.82
CA GLY J 135 -20.87 -24.11 -34.74
C GLY J 135 -20.41 -23.54 -36.07
N GLY J 136 -20.70 -22.27 -36.32
CA GLY J 136 -20.30 -21.65 -37.56
C GLY J 136 -21.39 -21.69 -38.61
N PHE J 137 -20.98 -21.39 -39.84
CA PHE J 137 -21.94 -21.30 -40.94
C PHE J 137 -22.44 -22.66 -41.39
N ASN J 138 -21.67 -23.73 -41.17
CA ASN J 138 -21.97 -25.04 -41.74
C ASN J 138 -22.73 -25.90 -40.72
N THR J 139 -23.88 -25.39 -40.29
CA THR J 139 -24.75 -26.10 -39.37
C THR J 139 -25.98 -26.56 -40.14
N LYS J 140 -26.06 -27.85 -40.44
CA LYS J 140 -27.13 -28.38 -41.26
C LYS J 140 -27.76 -29.67 -40.76
N VAL J 141 -27.12 -30.41 -39.89
CA VAL J 141 -27.53 -31.77 -39.57
C VAL J 141 -28.42 -31.78 -38.36
N LEU J 142 -29.55 -32.38 -38.50
CA LEU J 142 -30.54 -32.60 -37.47
C LEU J 142 -30.32 -33.97 -36.85
N PRO J 143 -30.15 -34.04 -35.52
CA PRO J 143 -29.78 -35.30 -34.89
C PRO J 143 -30.88 -36.34 -34.98
N THR J 144 -30.45 -37.59 -35.08
CA THR J 144 -31.35 -38.73 -34.97
C THR J 144 -31.65 -38.96 -33.50
N PRO J 145 -32.92 -38.90 -33.09
CA PRO J 145 -33.23 -39.00 -31.66
C PRO J 145 -33.36 -40.43 -31.17
N MET J 146 -32.85 -40.66 -29.96
CA MET J 146 -33.05 -41.93 -29.26
C MET J 146 -34.09 -41.65 -28.18
N MET J 147 -35.35 -41.98 -28.46
CA MET J 147 -36.45 -41.62 -27.59
C MET J 147 -36.68 -42.73 -26.57
N ASN J 148 -36.41 -42.43 -25.30
CA ASN J 148 -36.69 -43.38 -24.23
C ASN J 148 -38.18 -43.65 -24.19
N ILE J 149 -38.57 -44.93 -24.15
CA ILE J 149 -39.98 -45.26 -24.15
C ILE J 149 -40.37 -46.21 -23.03
N ILE J 150 -39.46 -46.99 -22.46
CA ILE J 150 -39.73 -47.94 -21.39
C ILE J 150 -38.58 -47.86 -20.41
N ASN J 151 -38.88 -47.85 -19.12
CA ASN J 151 -37.88 -47.73 -18.08
C ASN J 151 -37.90 -48.97 -17.19
N GLY J 152 -36.72 -49.47 -16.86
CA GLY J 152 -36.56 -50.56 -15.92
C GLY J 152 -35.45 -50.25 -14.94
N GLY J 153 -34.75 -51.28 -14.48
CA GLY J 153 -33.63 -51.09 -13.57
C GLY J 153 -34.07 -50.48 -12.26
N SER J 154 -33.41 -49.40 -11.88
CA SER J 154 -33.73 -48.68 -10.65
C SER J 154 -34.95 -47.79 -10.77
N HIS J 155 -35.44 -47.55 -11.99
CA HIS J 155 -36.59 -46.68 -12.22
C HIS J 155 -37.90 -47.45 -12.34
N SER J 156 -37.90 -48.74 -12.05
CA SER J 156 -39.10 -49.55 -12.16
C SER J 156 -38.99 -50.76 -11.26
N ASP J 157 -40.14 -51.22 -10.75
CA ASP J 157 -40.20 -52.40 -9.90
C ASP J 157 -40.30 -53.70 -10.70
N ALA J 158 -40.35 -53.63 -12.03
CA ALA J 158 -40.41 -54.81 -12.87
C ALA J 158 -39.08 -55.56 -12.80
N PRO J 159 -39.08 -56.88 -13.08
CA PRO J 159 -37.81 -57.63 -13.14
C PRO J 159 -37.02 -57.39 -14.42
N ILE J 160 -36.57 -56.14 -14.59
CA ILE J 160 -35.74 -55.74 -15.71
C ILE J 160 -34.53 -55.05 -15.15
N ALA J 161 -33.33 -55.47 -15.57
CA ALA J 161 -32.11 -54.85 -15.09
C ALA J 161 -31.66 -53.69 -15.98
N PHE J 162 -32.13 -53.63 -17.22
CA PHE J 162 -31.76 -52.54 -18.11
C PHE J 162 -32.53 -51.29 -17.73
N GLN J 163 -31.80 -50.18 -17.57
CA GLN J 163 -32.40 -48.95 -17.07
C GLN J 163 -33.35 -48.33 -18.07
N GLU J 164 -32.98 -48.28 -19.35
CA GLU J 164 -33.82 -47.62 -20.35
C GLU J 164 -33.90 -48.44 -21.62
N PHE J 165 -35.06 -48.39 -22.25
CA PHE J 165 -35.29 -48.90 -23.60
C PHE J 165 -35.72 -47.74 -24.46
N MET J 166 -35.21 -47.68 -25.69
CA MET J 166 -35.40 -46.51 -26.55
C MET J 166 -35.77 -46.95 -27.96
N ILE J 167 -36.47 -46.06 -28.67
CA ILE J 167 -36.75 -46.22 -30.08
C ILE J 167 -35.96 -45.18 -30.86
N VAL J 168 -35.38 -45.61 -31.97
CA VAL J 168 -34.55 -44.73 -32.80
C VAL J 168 -35.16 -44.72 -34.20
N PRO J 169 -35.89 -43.64 -34.54
CA PRO J 169 -36.51 -43.55 -35.89
C PRO J 169 -35.51 -43.10 -36.95
N ALA J 170 -34.53 -43.94 -37.22
CA ALA J 170 -33.47 -43.59 -38.14
C ALA J 170 -33.86 -43.76 -39.61
N GLY J 171 -35.03 -44.33 -39.88
CA GLY J 171 -35.52 -44.50 -41.23
C GLY J 171 -36.38 -43.35 -41.74
N ALA J 172 -36.50 -42.28 -40.98
CA ALA J 172 -37.33 -41.14 -41.38
C ALA J 172 -36.61 -40.28 -42.43
N PRO J 173 -37.37 -39.60 -43.29
CA PRO J 173 -36.72 -38.70 -44.26
C PRO J 173 -36.22 -37.42 -43.62
N THR J 174 -36.98 -36.85 -42.69
CA THR J 174 -36.66 -35.61 -42.02
C THR J 174 -36.79 -35.81 -40.51
N PHE J 175 -36.41 -34.79 -39.75
CA PHE J 175 -36.58 -34.86 -38.31
C PHE J 175 -38.03 -34.71 -37.89
N LYS J 176 -38.80 -33.91 -38.64
CA LYS J 176 -40.23 -33.74 -38.35
C LYS J 176 -40.97 -35.06 -38.44
N GLU J 177 -40.68 -35.84 -39.49
CA GLU J 177 -41.27 -37.16 -39.62
C GLU J 177 -40.79 -38.09 -38.52
N ALA J 178 -39.51 -37.99 -38.13
CA ALA J 178 -38.99 -38.82 -37.04
C ALA J 178 -39.72 -38.55 -35.73
N LEU J 179 -39.98 -37.27 -35.44
CA LEU J 179 -40.71 -36.89 -34.25
C LEU J 179 -42.16 -37.39 -34.30
N ARG J 180 -42.79 -37.30 -35.47
CA ARG J 180 -44.15 -37.82 -35.62
C ARG J 180 -44.20 -39.33 -35.40
N TRP J 181 -43.22 -40.05 -35.95
CA TRP J 181 -43.12 -41.49 -35.75
C TRP J 181 -42.93 -41.84 -34.29
N GLY J 182 -42.07 -41.10 -33.60
CA GLY J 182 -41.85 -41.35 -32.18
C GLY J 182 -43.08 -41.10 -31.34
N ALA J 183 -43.82 -40.01 -31.63
CA ALA J 183 -45.04 -39.72 -30.90
C ALA J 183 -46.12 -40.77 -31.15
N GLU J 184 -46.24 -41.23 -32.40
CA GLU J 184 -47.25 -42.23 -32.72
C GLU J 184 -46.92 -43.58 -32.09
N ILE J 185 -45.63 -43.95 -32.06
CA ILE J 185 -45.23 -45.19 -31.39
C ILE J 185 -45.45 -45.07 -29.89
N PHE J 186 -45.20 -43.89 -29.32
CA PHE J 186 -45.46 -43.62 -27.91
C PHE J 186 -46.94 -43.83 -27.57
N HIS J 187 -47.82 -43.29 -28.42
CA HIS J 187 -49.25 -43.43 -28.16
C HIS J 187 -49.74 -44.85 -28.40
N ALA J 188 -49.18 -45.54 -29.39
CA ALA J 188 -49.53 -46.95 -29.61
C ALA J 188 -49.11 -47.82 -28.43
N LEU J 189 -47.92 -47.55 -27.87
CA LEU J 189 -47.48 -48.27 -26.69
C LEU J 189 -48.36 -47.95 -25.50
N LYS J 190 -48.80 -46.69 -25.38
CA LYS J 190 -49.72 -46.32 -24.31
C LYS J 190 -51.03 -47.09 -24.41
N LYS J 191 -51.57 -47.22 -25.64
CA LYS J 191 -52.79 -48.00 -25.84
C LYS J 191 -52.58 -49.48 -25.52
N ILE J 192 -51.44 -50.04 -25.92
CA ILE J 192 -51.14 -51.45 -25.64
C ILE J 192 -51.05 -51.70 -24.15
N LEU J 193 -50.36 -50.81 -23.42
CA LEU J 193 -50.25 -50.94 -21.97
C LEU J 193 -51.60 -50.78 -21.28
N LYS J 194 -52.45 -49.86 -21.77
CA LYS J 194 -53.79 -49.71 -21.21
C LYS J 194 -54.62 -50.97 -21.41
N GLU J 195 -54.51 -51.61 -22.58
CA GLU J 195 -55.22 -52.86 -22.81
C GLU J 195 -54.65 -53.97 -21.92
N ARG J 196 -53.34 -53.95 -21.69
CA ARG J 196 -52.67 -54.97 -20.89
C ARG J 196 -52.90 -54.80 -19.39
N GLY J 197 -53.43 -53.67 -18.96
CA GLY J 197 -53.64 -53.43 -17.54
C GLY J 197 -52.44 -52.90 -16.79
N LEU J 198 -51.37 -52.56 -17.49
CA LEU J 198 -50.16 -52.06 -16.85
C LEU J 198 -50.26 -50.56 -16.61
N GLU J 199 -49.42 -50.07 -15.70
CA GLU J 199 -49.43 -48.66 -15.34
C GLU J 199 -48.92 -47.80 -16.49
N THR J 200 -49.58 -46.66 -16.70
CA THR J 200 -49.29 -45.79 -17.84
C THR J 200 -48.72 -44.44 -17.42
N ALA J 201 -48.53 -44.20 -16.13
CA ALA J 201 -47.94 -42.95 -15.69
C ALA J 201 -46.47 -42.88 -16.06
N VAL J 202 -46.00 -41.66 -16.32
CA VAL J 202 -44.65 -41.44 -16.81
C VAL J 202 -43.72 -41.10 -15.66
N GLY J 203 -42.43 -41.28 -15.89
CA GLY J 203 -41.39 -41.06 -14.90
C GLY J 203 -40.66 -39.76 -15.13
N ASP J 204 -39.39 -39.72 -14.71
CA ASP J 204 -38.60 -38.49 -14.78
C ASP J 204 -38.31 -38.10 -16.23
N GLU J 205 -38.07 -39.08 -17.09
CA GLU J 205 -37.72 -38.82 -18.48
C GLU J 205 -38.91 -38.91 -19.43
N GLY J 206 -40.13 -39.06 -18.90
CA GLY J 206 -41.33 -39.05 -19.72
C GLY J 206 -41.79 -40.40 -20.23
N GLY J 207 -41.07 -41.47 -19.93
CA GLY J 207 -41.44 -42.78 -20.42
C GLY J 207 -42.20 -43.59 -19.38
N PHE J 208 -42.73 -44.72 -19.84
CA PHE J 208 -43.48 -45.58 -18.94
C PHE J 208 -42.55 -46.50 -18.18
N ALA J 209 -43.02 -46.97 -17.02
CA ALA J 209 -42.35 -48.04 -16.29
C ALA J 209 -43.30 -49.21 -15.97
N PRO J 210 -43.70 -50.03 -16.96
CA PRO J 210 -44.67 -51.08 -16.68
C PRO J 210 -44.00 -52.28 -16.01
N ARG J 211 -44.84 -53.18 -15.51
CA ARG J 211 -44.37 -54.39 -14.82
C ARG J 211 -44.37 -55.54 -15.83
N PHE J 212 -43.29 -55.62 -16.61
CA PHE J 212 -43.13 -56.66 -17.60
C PHE J 212 -42.59 -57.94 -16.95
N ASN J 213 -42.63 -59.03 -17.71
CA ASN J 213 -42.05 -60.28 -17.25
C ASN J 213 -40.54 -60.27 -17.32
N GLY J 214 -39.97 -59.50 -18.23
CA GLY J 214 -38.53 -59.45 -18.37
C GLY J 214 -38.13 -58.51 -19.48
N THR J 215 -36.84 -58.54 -19.81
CA THR J 215 -36.30 -57.69 -20.88
C THR J 215 -36.91 -58.06 -22.24
N GLU J 216 -37.05 -59.35 -22.51
CA GLU J 216 -37.61 -59.83 -23.77
C GLU J 216 -39.05 -59.39 -23.92
N ASP J 217 -39.81 -59.41 -22.82
CA ASP J 217 -41.19 -58.94 -22.82
C ASP J 217 -41.27 -57.47 -23.17
N GLY J 218 -40.41 -56.64 -22.56
CA GLY J 218 -40.41 -55.22 -22.86
C GLY J 218 -40.03 -54.91 -24.30
N VAL J 219 -39.01 -55.59 -24.82
CA VAL J 219 -38.59 -55.38 -26.20
C VAL J 219 -39.67 -55.82 -27.18
N GLU J 220 -40.33 -56.95 -26.89
CA GLU J 220 -41.41 -57.43 -27.75
C GLU J 220 -42.60 -56.48 -27.73
N THR J 221 -42.93 -55.91 -26.57
CA THR J 221 -44.01 -54.93 -26.50
C THR J 221 -43.65 -53.65 -27.26
N ILE J 222 -42.37 -53.24 -27.21
CA ILE J 222 -41.92 -52.09 -27.98
C ILE J 222 -42.07 -52.36 -29.47
N ILE J 223 -41.70 -53.56 -29.91
CA ILE J 223 -41.85 -53.92 -31.33
C ILE J 223 -43.31 -53.97 -31.74
N LYS J 224 -44.17 -54.47 -30.84
CA LYS J 224 -45.61 -54.46 -31.10
C LYS J 224 -46.15 -53.05 -31.23
N ALA J 225 -45.67 -52.13 -30.40
CA ALA J 225 -46.05 -50.73 -30.51
C ALA J 225 -45.57 -50.11 -31.81
N ILE J 226 -44.36 -50.46 -32.24
CA ILE J 226 -43.81 -49.96 -33.50
C ILE J 226 -44.67 -50.44 -34.68
N GLU J 227 -45.05 -51.72 -34.66
CA GLU J 227 -45.86 -52.26 -35.76
C GLU J 227 -47.29 -51.75 -35.71
N ALA J 228 -47.81 -51.45 -34.52
CA ALA J 228 -49.17 -50.93 -34.40
C ALA J 228 -49.27 -49.51 -34.95
N ALA J 229 -48.17 -48.77 -34.94
CA ALA J 229 -48.14 -47.44 -35.52
C ALA J 229 -47.96 -47.45 -37.03
N GLY J 230 -47.67 -48.61 -37.62
CA GLY J 230 -47.50 -48.73 -39.04
C GLY J 230 -46.08 -48.62 -39.55
N TYR J 231 -45.09 -48.90 -38.71
CA TYR J 231 -43.69 -48.77 -39.09
C TYR J 231 -42.99 -50.12 -38.94
N VAL J 232 -41.91 -50.29 -39.69
CA VAL J 232 -41.21 -51.56 -39.81
C VAL J 232 -40.06 -51.57 -38.80
N PRO J 233 -40.02 -52.51 -37.87
CA PRO J 233 -38.81 -52.68 -37.04
C PRO J 233 -37.63 -53.08 -37.90
N GLY J 234 -36.46 -52.55 -37.55
CA GLY J 234 -35.23 -52.87 -38.26
C GLY J 234 -35.02 -52.13 -39.56
N LYS J 235 -36.05 -51.44 -40.07
CA LYS J 235 -35.91 -50.61 -41.26
C LYS J 235 -36.25 -49.15 -40.97
N ASP J 236 -37.42 -48.89 -40.38
CA ASP J 236 -37.85 -47.55 -40.04
C ASP J 236 -37.41 -47.16 -38.64
N VAL J 237 -37.63 -48.04 -37.67
CA VAL J 237 -37.35 -47.75 -36.25
C VAL J 237 -36.50 -48.88 -35.70
N PHE J 238 -35.47 -48.51 -34.95
CA PHE J 238 -34.57 -49.44 -34.28
C PHE J 238 -34.73 -49.30 -32.77
N ILE J 239 -34.02 -50.14 -32.03
CA ILE J 239 -34.15 -50.20 -30.58
C ILE J 239 -32.79 -49.94 -29.95
N GLY J 240 -32.77 -49.07 -28.94
CA GLY J 240 -31.57 -48.82 -28.16
C GLY J 240 -31.76 -49.23 -26.72
N LEU J 241 -30.65 -49.55 -26.07
CA LEU J 241 -30.64 -49.98 -24.68
C LEU J 241 -29.75 -49.06 -23.88
N ASP J 242 -30.14 -48.76 -22.64
CA ASP J 242 -29.29 -48.16 -21.64
C ASP J 242 -29.31 -49.15 -20.49
N CYS J 243 -28.35 -50.07 -20.50
CA CYS J 243 -28.28 -51.12 -19.50
C CYS J 243 -27.99 -50.57 -18.11
N ALA J 244 -27.13 -49.54 -18.03
CA ALA J 244 -26.58 -49.03 -16.78
C ALA J 244 -26.00 -50.16 -15.94
N SER J 245 -25.08 -50.90 -16.57
CA SER J 245 -24.60 -52.14 -16.01
C SER J 245 -23.75 -51.95 -14.76
N SER J 246 -23.34 -50.72 -14.47
CA SER J 246 -22.64 -50.42 -13.23
C SER J 246 -23.54 -50.57 -12.01
N GLU J 247 -24.87 -50.50 -12.20
CA GLU J 247 -25.78 -50.58 -11.05
C GLU J 247 -25.87 -52.00 -10.50
N PHE J 248 -25.94 -53.00 -11.38
CA PHE J 248 -26.04 -54.39 -10.96
C PHE J 248 -24.72 -55.12 -11.13
N TYR J 249 -23.60 -54.43 -10.95
CA TYR J 249 -22.29 -55.02 -11.07
C TYR J 249 -21.73 -55.33 -9.69
N ASP J 250 -21.37 -56.58 -9.47
CA ASP J 250 -20.72 -57.02 -8.25
C ASP J 250 -19.21 -56.87 -8.50
N ALA J 251 -18.64 -55.75 -8.05
CA ALA J 251 -17.24 -55.47 -8.32
C ALA J 251 -16.29 -56.39 -7.57
N GLU J 252 -16.69 -56.85 -6.38
CA GLU J 252 -15.83 -57.71 -5.57
C GLU J 252 -15.61 -59.06 -6.25
N HIS J 253 -16.64 -59.63 -6.82
CA HIS J 253 -16.54 -60.91 -7.49
C HIS J 253 -16.31 -60.79 -8.99
N LYS J 254 -16.22 -59.56 -9.52
CA LYS J 254 -16.02 -59.28 -10.95
C LYS J 254 -17.09 -59.96 -11.80
N VAL J 255 -18.35 -59.88 -11.35
CA VAL J 255 -19.45 -60.56 -12.00
C VAL J 255 -20.61 -59.57 -12.12
N TYR J 256 -21.49 -59.81 -13.09
CA TYR J 256 -22.67 -59.00 -13.34
C TYR J 256 -23.87 -59.74 -12.73
N GLY J 257 -24.39 -59.22 -11.63
CA GLY J 257 -25.51 -59.84 -10.95
C GLY J 257 -26.86 -59.28 -11.34
N TYR J 258 -27.57 -60.00 -12.22
CA TYR J 258 -28.93 -59.62 -12.59
C TYR J 258 -29.94 -59.88 -11.47
N THR J 259 -29.53 -60.55 -10.39
CA THR J 259 -30.43 -60.84 -9.28
C THR J 259 -30.84 -59.59 -8.51
N LYS J 260 -30.15 -58.46 -8.69
CA LYS J 260 -30.50 -57.24 -7.98
C LYS J 260 -31.84 -56.69 -8.45
N PHE J 261 -32.12 -56.79 -9.75
CA PHE J 261 -33.35 -56.24 -10.31
C PHE J 261 -34.32 -57.28 -10.84
N GLU J 262 -33.83 -58.42 -11.34
CA GLU J 262 -34.67 -59.39 -12.00
C GLU J 262 -35.08 -60.54 -11.08
N GLY J 263 -34.97 -60.36 -9.77
CA GLY J 263 -35.43 -61.36 -8.83
C GLY J 263 -34.35 -62.34 -8.43
N GLU J 264 -34.73 -63.24 -7.51
CA GLU J 264 -33.75 -64.17 -6.93
C GLU J 264 -33.30 -65.21 -7.94
N GLY J 265 -34.16 -65.60 -8.86
CA GLY J 265 -33.83 -66.60 -9.86
C GLY J 265 -33.10 -66.08 -11.08
N ALA J 266 -32.75 -64.81 -11.10
CA ALA J 266 -32.09 -64.21 -12.25
C ALA J 266 -30.71 -64.81 -12.48
N ALA J 267 -30.34 -64.90 -13.76
CA ALA J 267 -29.07 -65.50 -14.14
C ALA J 267 -27.90 -64.62 -13.70
N VAL J 268 -26.78 -65.28 -13.41
CA VAL J 268 -25.55 -64.62 -13.05
C VAL J 268 -24.57 -64.76 -14.21
N ARG J 269 -23.96 -63.64 -14.62
CA ARG J 269 -23.18 -63.59 -15.84
C ARG J 269 -21.85 -62.93 -15.58
N THR J 270 -20.77 -63.54 -16.09
CA THR J 270 -19.45 -62.92 -16.04
C THR J 270 -19.34 -61.89 -17.16
N ALA J 271 -18.12 -61.41 -17.44
CA ALA J 271 -17.94 -60.46 -18.54
C ALA J 271 -18.20 -61.13 -19.89
N ALA J 272 -17.66 -62.34 -20.09
CA ALA J 272 -17.90 -63.07 -21.33
C ALA J 272 -19.36 -63.45 -21.48
N GLU J 273 -19.99 -63.88 -20.39
CA GLU J 273 -21.41 -64.21 -20.43
C GLU J 273 -22.25 -62.97 -20.72
N GLN J 274 -21.85 -61.81 -20.20
CA GLN J 274 -22.59 -60.58 -20.44
C GLN J 274 -22.46 -60.18 -21.91
N ILE J 275 -21.25 -60.34 -22.49
CA ILE J 275 -21.05 -60.09 -23.92
C ILE J 275 -21.92 -61.03 -24.75
N ASP J 276 -21.97 -62.30 -24.37
CA ASP J 276 -22.80 -63.27 -25.09
C ASP J 276 -24.28 -62.92 -25.01
N TYR J 277 -24.73 -62.47 -23.82
CA TYR J 277 -26.12 -62.07 -23.65
C TYR J 277 -26.46 -60.85 -24.51
N LEU J 278 -25.58 -59.86 -24.53
CA LEU J 278 -25.80 -58.68 -25.37
C LEU J 278 -25.80 -59.05 -26.85
N GLU J 279 -24.91 -59.96 -27.26
CA GLU J 279 -24.89 -60.40 -28.65
C GLU J 279 -26.16 -61.15 -29.02
N GLU J 280 -26.66 -61.99 -28.11
CA GLU J 280 -27.92 -62.70 -28.36
C GLU J 280 -29.09 -61.74 -28.49
N LEU J 281 -29.12 -60.71 -27.64
CA LEU J 281 -30.15 -59.68 -27.76
C LEU J 281 -30.05 -58.92 -29.09
N VAL J 282 -28.82 -58.63 -29.52
CA VAL J 282 -28.62 -57.94 -30.79
C VAL J 282 -29.08 -58.80 -31.96
N ASN J 283 -28.82 -60.11 -31.90
CA ASN J 283 -29.26 -60.99 -32.98
C ASN J 283 -30.77 -61.16 -32.99
N LYS J 284 -31.40 -61.21 -31.82
CA LYS J 284 -32.83 -61.48 -31.79
C LYS J 284 -33.65 -60.26 -32.20
N TYR J 285 -33.20 -59.07 -31.86
CA TYR J 285 -33.98 -57.84 -32.00
C TYR J 285 -33.23 -56.80 -32.80
N PRO J 286 -33.95 -55.81 -33.38
CA PRO J 286 -33.25 -54.76 -34.15
C PRO J 286 -32.58 -53.71 -33.26
N ILE J 287 -31.64 -54.14 -32.44
CA ILE J 287 -30.95 -53.27 -31.50
C ILE J 287 -29.76 -52.64 -32.21
N ILE J 288 -29.73 -51.31 -32.25
CA ILE J 288 -28.66 -50.57 -32.91
C ILE J 288 -27.77 -49.86 -31.88
N THR J 289 -28.22 -49.71 -30.64
CA THR J 289 -27.43 -49.00 -29.63
C THR J 289 -27.50 -49.77 -28.32
N ILE J 290 -26.35 -49.89 -27.66
CA ILE J 290 -26.25 -50.41 -26.30
C ILE J 290 -25.39 -49.44 -25.50
N GLU J 291 -25.93 -48.94 -24.40
CA GLU J 291 -25.32 -47.90 -23.59
C GLU J 291 -24.99 -48.47 -22.24
N ASP J 292 -23.75 -48.28 -21.80
CA ASP J 292 -23.23 -48.77 -20.52
C ASP J 292 -23.46 -50.27 -20.39
N GLY J 293 -23.09 -51.00 -21.43
CA GLY J 293 -23.22 -52.45 -21.40
C GLY J 293 -22.31 -53.11 -20.40
N MET J 294 -21.27 -52.42 -19.96
CA MET J 294 -20.36 -52.93 -18.95
C MET J 294 -20.16 -51.88 -17.87
N ASP J 295 -19.44 -52.26 -16.82
CA ASP J 295 -19.20 -51.36 -15.70
C ASP J 295 -18.23 -50.25 -16.13
N GLU J 296 -18.29 -49.13 -15.41
CA GLU J 296 -17.43 -47.98 -15.68
C GLU J 296 -15.96 -48.26 -15.37
N ASN J 297 -15.63 -49.36 -14.70
CA ASN J 297 -14.28 -49.74 -14.39
C ASN J 297 -13.84 -51.02 -15.07
N ASP J 298 -14.73 -51.69 -15.81
CA ASP J 298 -14.39 -52.92 -16.51
C ASP J 298 -13.85 -52.56 -17.90
N TRP J 299 -12.57 -52.19 -17.92
CA TRP J 299 -11.94 -51.77 -19.18
C TRP J 299 -11.68 -52.94 -20.10
N ASP J 300 -11.25 -54.08 -19.56
CA ASP J 300 -11.07 -55.27 -20.36
C ASP J 300 -12.39 -55.77 -20.92
N GLY J 301 -13.45 -55.71 -20.12
CA GLY J 301 -14.77 -56.06 -20.61
C GLY J 301 -15.25 -55.14 -21.71
N TRP J 302 -14.97 -53.84 -21.57
CA TRP J 302 -15.30 -52.88 -22.62
C TRP J 302 -14.54 -53.18 -23.90
N LYS J 303 -13.24 -53.50 -23.79
CA LYS J 303 -12.45 -53.83 -24.97
C LYS J 303 -12.97 -55.08 -25.67
N ALA J 304 -13.33 -56.11 -24.89
CA ALA J 304 -13.86 -57.33 -25.48
C ALA J 304 -15.23 -57.09 -26.13
N LEU J 305 -16.08 -56.27 -25.49
CA LEU J 305 -17.39 -55.95 -26.05
C LEU J 305 -17.26 -55.17 -27.35
N THR J 306 -16.31 -54.22 -27.41
CA THR J 306 -16.10 -53.49 -28.65
C THR J 306 -15.50 -54.36 -29.74
N GLU J 307 -14.63 -55.30 -29.37
CA GLU J 307 -14.09 -56.21 -30.37
C GLU J 307 -15.17 -57.15 -30.92
N ARG J 308 -16.15 -57.52 -30.09
CA ARG J 308 -17.18 -58.46 -30.54
C ARG J 308 -18.31 -57.77 -31.28
N LEU J 309 -18.80 -56.63 -30.78
CA LEU J 309 -20.02 -56.02 -31.30
C LEU J 309 -19.81 -54.63 -31.90
N GLY J 310 -18.60 -54.07 -31.83
CA GLY J 310 -18.40 -52.69 -32.21
C GLY J 310 -18.56 -52.39 -33.69
N GLY J 311 -18.47 -53.42 -34.54
CA GLY J 311 -18.58 -53.20 -35.97
C GLY J 311 -20.00 -53.03 -36.48
N LYS J 312 -21.00 -53.39 -35.68
CA LYS J 312 -22.39 -53.30 -36.11
C LYS J 312 -23.33 -52.68 -35.08
N VAL J 313 -22.87 -52.44 -33.85
CA VAL J 313 -23.71 -51.91 -32.78
C VAL J 313 -22.99 -50.73 -32.14
N GLN J 314 -23.70 -49.62 -31.98
CA GLN J 314 -23.15 -48.47 -31.27
C GLN J 314 -23.06 -48.77 -29.79
N LEU J 315 -21.86 -48.63 -29.23
CA LEU J 315 -21.60 -48.84 -27.82
C LEU J 315 -21.21 -47.50 -27.20
N VAL J 316 -22.03 -47.02 -26.26
CA VAL J 316 -21.93 -45.68 -25.71
C VAL J 316 -21.39 -45.77 -24.30
N GLY J 317 -20.38 -44.96 -23.99
CA GLY J 317 -19.89 -44.87 -22.62
C GLY J 317 -20.40 -43.64 -21.90
N ASP J 318 -21.36 -43.84 -20.98
CA ASP J 318 -21.88 -42.74 -20.18
C ASP J 318 -21.14 -42.60 -18.85
N ASP J 319 -21.25 -43.62 -18.01
CA ASP J 319 -20.44 -43.65 -16.80
C ASP J 319 -19.02 -44.08 -17.08
N PHE J 320 -18.79 -44.72 -18.23
CA PHE J 320 -17.44 -45.12 -18.63
C PHE J 320 -16.56 -43.92 -18.89
N PHE J 321 -17.08 -42.93 -19.57
CA PHE J 321 -16.31 -41.79 -19.97
C PHE J 321 -16.56 -40.53 -19.20
N VAL J 322 -17.71 -40.41 -18.57
CA VAL J 322 -18.14 -39.26 -17.76
C VAL J 322 -17.81 -37.88 -18.38
N THR J 323 -17.94 -37.73 -19.71
CA THR J 323 -17.66 -36.49 -20.46
C THR J 323 -16.24 -35.99 -20.11
N ASN J 324 -15.33 -36.93 -19.94
CA ASN J 324 -13.97 -36.62 -19.52
C ASN J 324 -13.08 -36.77 -20.73
N THR J 325 -12.32 -35.74 -21.04
CA THR J 325 -11.34 -35.80 -22.12
C THR J 325 -10.26 -36.85 -21.85
N ALA J 326 -9.82 -36.98 -20.60
CA ALA J 326 -8.80 -37.97 -20.26
C ALA J 326 -9.33 -39.40 -20.42
N TYR J 327 -10.53 -39.66 -19.90
CA TYR J 327 -11.13 -40.99 -20.02
C TYR J 327 -11.45 -41.32 -21.47
N LEU J 328 -11.93 -40.33 -22.23
CA LEU J 328 -12.23 -40.54 -23.64
C LEU J 328 -10.96 -40.82 -24.43
N GLU J 329 -9.87 -40.11 -24.12
CA GLU J 329 -8.60 -40.36 -24.79
C GLU J 329 -8.07 -41.75 -24.48
N LYS J 330 -8.18 -42.17 -23.21
CA LYS J 330 -7.77 -43.52 -22.82
C LYS J 330 -8.61 -44.57 -23.52
N GLY J 331 -9.92 -44.35 -23.63
CA GLY J 331 -10.77 -45.28 -24.34
C GLY J 331 -10.49 -45.34 -25.83
N ILE J 332 -10.16 -44.21 -26.43
CA ILE J 332 -9.78 -44.17 -27.84
C ILE J 332 -8.49 -44.95 -28.06
N ALA J 333 -7.52 -44.78 -27.17
CA ALA J 333 -6.25 -45.50 -27.31
C ALA J 333 -6.41 -47.00 -27.12
N GLU J 334 -7.36 -47.42 -26.28
CA GLU J 334 -7.53 -48.83 -25.94
C GLU J 334 -8.66 -49.50 -26.69
N HIS J 335 -9.27 -48.81 -27.67
CA HIS J 335 -10.36 -49.33 -28.50
C HIS J 335 -11.56 -49.77 -27.66
N ALA J 336 -11.89 -48.98 -26.64
CA ALA J 336 -13.04 -49.24 -25.78
C ALA J 336 -14.17 -48.32 -26.21
N ALA J 337 -15.33 -48.92 -26.52
CA ALA J 337 -16.54 -48.27 -27.05
C ALA J 337 -16.30 -47.58 -28.39
N ASN J 338 -17.37 -47.12 -29.02
CA ASN J 338 -17.25 -46.33 -30.24
C ASN J 338 -18.15 -45.10 -30.20
N SER J 339 -18.61 -44.74 -29.01
CA SER J 339 -19.47 -43.58 -28.82
C SER J 339 -19.32 -43.11 -27.38
N ILE J 340 -19.61 -41.83 -27.17
CA ILE J 340 -19.57 -41.19 -25.86
C ILE J 340 -20.85 -40.39 -25.65
N LEU J 341 -21.37 -40.47 -24.43
CA LEU J 341 -22.54 -39.70 -24.08
C LEU J 341 -22.02 -38.37 -23.52
N ILE J 342 -22.53 -37.25 -24.04
CA ILE J 342 -22.03 -35.92 -23.71
C ILE J 342 -23.07 -35.23 -22.84
N LYS J 343 -22.72 -34.98 -21.59
CA LYS J 343 -23.54 -34.18 -20.69
C LYS J 343 -22.78 -32.91 -20.32
N VAL J 344 -23.41 -31.75 -20.59
CA VAL J 344 -22.73 -30.48 -20.44
C VAL J 344 -22.43 -30.16 -18.98
N ASN J 345 -23.30 -30.57 -18.06
CA ASN J 345 -23.08 -30.31 -16.64
C ASN J 345 -22.14 -31.31 -16.00
N GLN J 346 -21.79 -32.38 -16.70
CA GLN J 346 -20.80 -33.26 -16.13
C GLN J 346 -19.40 -32.74 -16.38
N ILE J 347 -19.25 -31.79 -17.31
CA ILE J 347 -17.95 -31.18 -17.55
C ILE J 347 -17.92 -29.72 -17.10
N GLY J 348 -19.03 -28.99 -17.18
CA GLY J 348 -19.18 -27.69 -16.56
C GLY J 348 -18.96 -26.49 -17.43
N THR J 349 -18.64 -26.66 -18.71
CA THR J 349 -18.27 -25.55 -19.58
C THR J 349 -18.50 -25.93 -21.04
N LEU J 350 -19.01 -24.97 -21.84
CA LEU J 350 -19.27 -25.22 -23.26
C LEU J 350 -17.98 -25.46 -24.05
N THR J 351 -16.89 -24.74 -23.70
CA THR J 351 -15.61 -24.94 -24.39
C THR J 351 -15.11 -26.37 -24.23
N GLU J 352 -15.17 -26.90 -23.01
CA GLU J 352 -14.74 -28.27 -22.78
C GLU J 352 -15.70 -29.28 -23.39
N THR J 353 -17.00 -28.96 -23.43
CA THR J 353 -17.98 -29.81 -24.11
C THR J 353 -17.65 -29.94 -25.59
N PHE J 354 -17.37 -28.82 -26.25
CA PHE J 354 -17.02 -28.86 -27.65
C PHE J 354 -15.67 -29.50 -27.90
N ASP J 355 -14.74 -29.36 -26.95
CA ASP J 355 -13.46 -30.06 -27.04
C ASP J 355 -13.65 -31.57 -26.99
N ALA J 356 -14.50 -32.05 -26.08
CA ALA J 356 -14.77 -33.48 -25.99
C ALA J 356 -15.49 -33.99 -27.24
N ILE J 357 -16.43 -33.20 -27.78
CA ILE J 357 -17.14 -33.60 -28.99
C ILE J 357 -16.17 -33.68 -30.18
N GLU J 358 -15.26 -32.71 -30.29
CA GLU J 358 -14.26 -32.72 -31.36
C GLU J 358 -13.31 -33.90 -31.23
N MET J 359 -12.85 -34.20 -30.00
CA MET J 359 -12.00 -35.37 -29.78
C MET J 359 -12.69 -36.69 -30.14
N ALA J 360 -13.96 -36.82 -29.75
CA ALA J 360 -14.73 -38.00 -30.12
C ALA J 360 -14.89 -38.12 -31.63
N LYS J 361 -15.20 -37.01 -32.30
CA LYS J 361 -15.42 -37.06 -33.74
C LYS J 361 -14.15 -37.39 -34.50
N GLU J 362 -13.00 -36.84 -34.06
CA GLU J 362 -11.73 -37.09 -34.74
C GLU J 362 -11.28 -38.53 -34.61
N ALA J 363 -11.78 -39.27 -33.62
CA ALA J 363 -11.42 -40.68 -33.50
C ALA J 363 -12.44 -41.66 -34.10
N GLY J 364 -13.40 -41.18 -34.89
CA GLY J 364 -14.43 -42.05 -35.42
C GLY J 364 -15.58 -42.33 -34.47
N TYR J 365 -15.53 -41.80 -33.26
CA TYR J 365 -16.61 -41.97 -32.31
C TYR J 365 -17.74 -41.02 -32.64
N THR J 366 -18.93 -41.36 -32.19
CA THR J 366 -20.07 -40.46 -32.26
C THR J 366 -20.29 -39.84 -30.89
N ALA J 367 -20.61 -38.55 -30.87
CA ALA J 367 -20.93 -37.84 -29.64
C ALA J 367 -22.44 -37.67 -29.57
N VAL J 368 -23.03 -38.15 -28.49
CA VAL J 368 -24.47 -38.10 -28.30
C VAL J 368 -24.77 -37.09 -27.21
N VAL J 369 -25.31 -35.93 -27.59
CA VAL J 369 -25.71 -34.92 -26.61
C VAL J 369 -26.88 -35.45 -25.80
N SER J 370 -26.79 -35.35 -24.48
CA SER J 370 -27.75 -36.02 -23.61
C SER J 370 -28.35 -35.05 -22.64
N HIS J 371 -29.40 -35.53 -21.97
CA HIS J 371 -30.08 -34.81 -20.93
C HIS J 371 -29.76 -35.52 -19.61
N ARG J 372 -30.21 -34.93 -18.54
CA ARG J 372 -30.14 -35.34 -17.16
C ARG J 372 -31.55 -35.62 -16.69
N SER J 373 -31.64 -36.22 -15.51
CA SER J 373 -32.93 -36.59 -14.93
C SER J 373 -33.75 -35.35 -14.59
N GLY J 374 -33.12 -34.31 -14.07
CA GLY J 374 -33.79 -33.06 -13.82
C GLY J 374 -33.35 -31.99 -14.81
N GLU J 375 -34.22 -31.67 -15.75
CA GLU J 375 -34.01 -30.66 -16.78
C GLU J 375 -34.83 -29.41 -16.54
N THR J 376 -34.72 -28.51 -17.50
CA THR J 376 -35.35 -27.20 -17.40
C THR J 376 -36.04 -26.88 -18.71
N GLU J 377 -36.54 -25.66 -18.84
CA GLU J 377 -37.07 -25.18 -20.12
C GLU J 377 -35.97 -24.73 -21.06
N ASP J 378 -34.72 -24.70 -20.58
CA ASP J 378 -33.57 -24.44 -21.43
C ASP J 378 -33.41 -25.56 -22.44
N SER J 379 -33.31 -25.20 -23.71
CA SER J 379 -33.16 -26.17 -24.80
C SER J 379 -31.86 -25.92 -25.54
N THR J 380 -30.78 -25.66 -24.80
CA THR J 380 -29.50 -25.35 -25.43
C THR J 380 -28.83 -26.59 -26.02
N ILE J 381 -29.11 -27.78 -25.46
CA ILE J 381 -28.46 -28.99 -25.95
C ILE J 381 -28.89 -29.33 -27.37
N ALA J 382 -30.09 -28.90 -27.78
CA ALA J 382 -30.49 -29.03 -29.18
C ALA J 382 -29.60 -28.18 -30.09
N ASP J 383 -29.32 -26.94 -29.69
CA ASP J 383 -28.41 -26.08 -30.43
C ASP J 383 -27.00 -26.62 -30.41
N ILE J 384 -26.60 -27.28 -29.32
CA ILE J 384 -25.28 -27.91 -29.26
C ILE J 384 -25.19 -29.06 -30.25
N ALA J 385 -26.23 -29.90 -30.31
CA ALA J 385 -26.24 -31.03 -31.23
C ALA J 385 -26.22 -30.57 -32.69
N VAL J 386 -27.01 -29.56 -33.02
CA VAL J 386 -27.04 -29.07 -34.40
C VAL J 386 -25.75 -28.34 -34.74
N ALA J 387 -25.22 -27.55 -33.80
CA ALA J 387 -24.01 -26.76 -34.04
C ALA J 387 -22.81 -27.66 -34.28
N THR J 388 -22.69 -28.74 -33.54
CA THR J 388 -21.57 -29.66 -33.72
C THR J 388 -21.77 -30.63 -34.87
N ASN J 389 -22.97 -30.67 -35.47
CA ASN J 389 -23.37 -31.68 -36.47
C ASN J 389 -23.14 -33.09 -35.93
N ALA J 390 -23.48 -33.28 -34.64
CA ALA J 390 -23.22 -34.55 -33.97
C ALA J 390 -24.02 -35.69 -34.59
N GLY J 391 -25.25 -35.40 -35.00
CA GLY J 391 -26.08 -36.37 -35.66
C GLY J 391 -26.88 -37.27 -34.76
N GLN J 392 -26.74 -37.14 -33.43
CA GLN J 392 -27.52 -37.93 -32.49
C GLN J 392 -27.78 -37.12 -31.24
N ILE J 393 -28.98 -37.28 -30.69
CA ILE J 393 -29.37 -36.65 -29.43
C ILE J 393 -30.16 -37.67 -28.61
N LYS J 394 -30.14 -37.48 -27.30
CA LYS J 394 -30.88 -38.32 -26.37
C LYS J 394 -31.47 -37.33 -25.37
N THR J 395 -32.73 -36.91 -25.60
CA THR J 395 -33.37 -35.87 -24.78
C THR J 395 -34.73 -36.38 -24.24
N GLY J 396 -34.85 -37.68 -24.02
CA GLY J 396 -35.99 -38.21 -23.31
C GLY J 396 -37.10 -38.71 -24.22
N SER J 397 -38.28 -38.81 -23.62
CA SER J 397 -39.47 -39.38 -24.24
C SER J 397 -40.29 -38.28 -24.87
N LEU J 398 -41.55 -38.58 -25.17
CA LEU J 398 -42.44 -37.67 -25.87
C LEU J 398 -43.57 -37.31 -24.94
N SER J 399 -43.24 -36.93 -23.71
CA SER J 399 -44.34 -36.68 -22.81
C SER J 399 -44.11 -35.62 -21.76
N ARG J 400 -43.07 -34.80 -21.74
CA ARG J 400 -43.02 -33.78 -20.69
C ARG J 400 -42.28 -32.60 -21.31
N THR J 401 -42.56 -31.35 -20.92
CA THR J 401 -41.94 -30.22 -21.62
C THR J 401 -40.44 -30.09 -21.34
N ASP J 402 -39.97 -30.69 -20.25
CA ASP J 402 -38.53 -30.84 -20.07
C ASP J 402 -37.85 -31.65 -21.18
N ARG J 403 -38.61 -32.51 -21.88
CA ARG J 403 -38.14 -33.27 -23.03
C ARG J 403 -38.66 -32.70 -24.34
N ILE J 404 -39.92 -32.26 -24.37
CA ILE J 404 -40.57 -31.76 -25.58
C ILE J 404 -39.96 -30.43 -26.01
N ALA J 405 -39.38 -29.67 -25.07
CA ALA J 405 -38.77 -28.39 -25.42
C ALA J 405 -37.60 -28.56 -26.37
N LYS J 406 -36.79 -29.60 -26.15
CA LYS J 406 -35.65 -29.86 -27.03
C LYS J 406 -36.11 -30.27 -28.43
N TYR J 407 -37.15 -31.11 -28.50
CA TYR J 407 -37.71 -31.50 -29.79
C TYR J 407 -38.33 -30.31 -30.50
N ASN J 408 -38.99 -29.41 -29.76
CA ASN J 408 -39.55 -28.20 -30.35
C ASN J 408 -38.46 -27.29 -30.87
N GLN J 409 -37.34 -27.18 -30.14
CA GLN J 409 -36.22 -26.39 -30.61
C GLN J 409 -35.60 -27.00 -31.85
N LEU J 410 -35.54 -28.32 -31.92
CA LEU J 410 -35.02 -28.98 -33.11
C LEU J 410 -35.95 -28.77 -34.31
N LEU J 411 -37.27 -28.78 -34.07
CA LEU J 411 -38.23 -28.45 -35.12
C LEU J 411 -38.06 -27.03 -35.62
N ARG J 412 -37.85 -26.08 -34.69
CA ARG J 412 -37.60 -24.69 -35.06
C ARG J 412 -36.33 -24.55 -35.87
N ILE J 413 -35.26 -25.26 -35.47
CA ILE J 413 -33.99 -25.21 -36.20
C ILE J 413 -34.16 -25.78 -37.60
N GLU J 414 -34.89 -26.90 -37.73
CA GLU J 414 -35.12 -27.49 -39.05
C GLU J 414 -35.94 -26.57 -39.94
N ASP J 415 -36.93 -25.89 -39.37
CA ASP J 415 -37.72 -24.94 -40.15
C ASP J 415 -36.87 -23.74 -40.58
N GLN J 416 -35.98 -23.27 -39.70
CA GLN J 416 -35.08 -22.17 -40.06
C GLN J 416 -34.13 -22.57 -41.18
N LEU J 417 -33.56 -23.77 -41.11
CA LEU J 417 -32.58 -24.20 -42.10
C LEU J 417 -33.21 -24.42 -43.47
N GLY J 418 -34.49 -24.77 -43.51
CA GLY J 418 -35.21 -24.92 -44.76
C GLY J 418 -34.70 -26.04 -45.64
N GLU J 419 -34.29 -25.69 -46.86
CA GLU J 419 -33.75 -26.69 -47.78
C GLU J 419 -32.38 -27.19 -47.33
N VAL J 420 -31.64 -26.36 -46.60
CA VAL J 420 -30.30 -26.73 -46.15
C VAL J 420 -30.34 -27.87 -45.14
N ALA J 421 -31.44 -27.98 -44.38
CA ALA J 421 -31.56 -28.95 -43.29
C ALA J 421 -31.40 -30.39 -43.79
N GLU J 422 -30.64 -31.16 -43.05
CA GLU J 422 -30.32 -32.54 -43.39
C GLU J 422 -30.67 -33.46 -42.23
N TYR J 423 -31.18 -34.63 -42.57
CA TYR J 423 -31.45 -35.68 -41.59
C TYR J 423 -30.82 -36.96 -42.12
N ARG J 424 -29.66 -37.33 -41.54
CA ARG J 424 -28.96 -38.49 -42.06
C ARG J 424 -29.64 -39.78 -41.63
N GLY J 425 -30.12 -39.84 -40.39
CA GLY J 425 -30.72 -41.06 -39.88
C GLY J 425 -29.70 -42.16 -39.69
N LEU J 426 -29.80 -43.24 -40.47
CA LEU J 426 -28.85 -44.34 -40.37
C LEU J 426 -27.43 -43.89 -40.74
N LYS J 427 -27.31 -42.84 -41.55
CA LYS J 427 -26.00 -42.32 -41.91
C LYS J 427 -25.36 -41.50 -40.81
N SER J 428 -26.10 -41.19 -39.75
CA SER J 428 -25.49 -40.51 -38.62
C SER J 428 -24.76 -41.47 -37.71
N PHE J 429 -24.89 -42.78 -37.95
CA PHE J 429 -24.14 -43.79 -37.21
C PHE J 429 -22.87 -44.15 -37.99
N TYR J 430 -22.03 -43.13 -38.20
CA TYR J 430 -20.83 -43.30 -39.01
C TYR J 430 -19.77 -44.15 -38.33
N ASN J 431 -19.88 -44.40 -37.03
CA ASN J 431 -18.98 -45.28 -36.31
C ASN J 431 -19.19 -46.75 -36.68
N LEU J 432 -20.28 -47.08 -37.35
CA LEU J 432 -20.59 -48.45 -37.72
C LEU J 432 -20.23 -48.69 -39.18
N LYS J 433 -19.77 -49.92 -39.46
CA LYS J 433 -19.35 -50.30 -40.80
C LYS J 433 -20.55 -50.30 -41.73
N LYS J 434 -20.29 -49.94 -42.99
CA LYS J 434 -21.28 -49.83 -44.08
C LYS J 434 -22.36 -48.79 -43.73
N MET K 1 -19.87 10.03 -8.18
CA MET K 1 -19.60 10.99 -9.25
C MET K 1 -20.86 11.23 -10.08
N LYS K 2 -21.41 12.44 -9.96
CA LYS K 2 -22.60 12.81 -10.70
C LYS K 2 -22.35 13.96 -11.65
N ASN K 3 -21.32 14.78 -11.40
CA ASN K 3 -21.01 15.91 -12.26
C ASN K 3 -20.29 15.49 -13.53
N PHE K 4 -19.84 14.25 -13.60
CA PHE K 4 -19.04 13.77 -14.72
C PHE K 4 -19.43 12.36 -15.09
N LYS K 5 -19.02 11.93 -16.29
CA LYS K 5 -19.25 10.58 -16.75
C LYS K 5 -17.99 10.05 -17.42
N ILE K 6 -17.97 8.74 -17.65
CA ILE K 6 -16.85 8.12 -18.36
C ILE K 6 -16.95 8.50 -19.83
N SER K 7 -15.84 9.02 -20.38
CA SER K 7 -15.83 9.45 -21.76
C SER K 7 -15.93 8.27 -22.71
N SER K 8 -16.51 8.54 -23.89
CA SER K 8 -16.72 7.48 -24.87
C SER K 8 -15.40 7.00 -25.47
N THR K 9 -14.45 7.92 -25.68
CA THR K 9 -13.15 7.54 -26.23
C THR K 9 -12.37 6.64 -25.26
N TYR K 10 -12.41 6.94 -23.96
CA TYR K 10 -11.75 6.12 -22.98
C TYR K 10 -12.43 4.77 -22.86
N ARG K 11 -13.75 4.75 -22.96
CA ARG K 11 -14.48 3.49 -22.93
C ARG K 11 -14.14 2.62 -24.12
N ALA K 12 -14.03 3.21 -25.31
CA ALA K 12 -13.61 2.46 -26.48
C ALA K 12 -12.18 1.96 -26.32
N ALA K 13 -11.28 2.80 -25.80
CA ALA K 13 -9.90 2.37 -25.59
C ALA K 13 -9.79 1.23 -24.63
N ARG K 14 -10.51 1.31 -23.53
CA ARG K 14 -10.59 0.20 -22.61
C ARG K 14 -11.24 -1.03 -23.24
N LYS K 15 -12.13 -0.82 -24.22
CA LYS K 15 -12.85 -1.94 -24.81
C LYS K 15 -11.93 -2.79 -25.69
N GLN K 16 -11.29 -2.21 -26.71
CA GLN K 16 -10.50 -3.05 -27.59
C GLN K 16 -8.99 -2.96 -27.37
N GLN K 17 -8.53 -2.35 -26.29
CA GLN K 17 -7.25 -2.72 -25.71
C GLN K 17 -7.40 -3.90 -24.76
N LYS K 18 -8.65 -4.25 -24.42
CA LYS K 18 -9.03 -5.47 -23.70
C LYS K 18 -8.44 -5.48 -22.28
N THR K 19 -8.44 -4.31 -21.62
CA THR K 19 -7.88 -4.20 -20.28
C THR K 19 -8.70 -4.96 -19.24
N ALA K 20 -9.99 -5.18 -19.51
CA ALA K 20 -10.84 -5.93 -18.58
C ALA K 20 -10.53 -7.42 -18.59
N ASN K 21 -9.83 -7.91 -19.59
CA ASN K 21 -9.45 -9.32 -19.68
C ASN K 21 -8.14 -9.61 -18.97
N ARG K 22 -7.52 -8.61 -18.34
CA ARG K 22 -6.26 -8.74 -17.64
C ARG K 22 -6.37 -8.12 -16.25
N LYS K 23 -7.43 -8.48 -15.54
CA LYS K 23 -7.67 -7.96 -14.20
C LYS K 23 -6.62 -8.47 -13.22
N SER K 24 -6.30 -7.63 -12.25
CA SER K 24 -5.47 -8.00 -11.11
C SER K 24 -6.33 -8.01 -9.87
N PHE K 25 -6.02 -8.91 -8.94
CA PHE K 25 -6.82 -9.10 -7.74
C PHE K 25 -5.99 -8.87 -6.50
N TYR K 26 -6.61 -8.34 -5.46
CA TYR K 26 -5.94 -7.99 -4.23
C TYR K 26 -6.72 -8.48 -3.04
N ASN K 27 -6.03 -8.71 -1.93
CA ASN K 27 -6.67 -9.12 -0.69
C ASN K 27 -7.10 -7.88 0.10
N ASP K 28 -7.45 -8.07 1.37
CA ASP K 28 -7.93 -6.97 2.18
C ASP K 28 -6.83 -5.95 2.49
N GLU K 29 -5.57 -6.38 2.49
CA GLU K 29 -4.44 -5.48 2.69
C GLU K 29 -3.93 -4.88 1.40
N GLY K 30 -4.56 -5.18 0.27
CA GLY K 30 -4.13 -4.62 -1.00
C GLY K 30 -2.88 -5.25 -1.58
N TYR K 31 -2.66 -6.54 -1.33
CA TYR K 31 -1.53 -7.25 -1.93
C TYR K 31 -2.03 -8.13 -3.07
N MET K 32 -1.27 -8.16 -4.16
CA MET K 32 -1.69 -8.84 -5.37
C MET K 32 -1.72 -10.34 -5.16
N ILE K 33 -2.81 -10.94 -5.64
CA ILE K 33 -3.06 -12.33 -5.38
C ILE K 33 -3.58 -12.94 -6.67
N SER K 34 -3.50 -14.28 -6.80
CA SER K 34 -4.02 -14.95 -7.99
C SER K 34 -5.56 -14.97 -7.94
N PRO K 35 -6.23 -15.14 -9.10
CA PRO K 35 -7.71 -15.23 -9.06
C PRO K 35 -8.27 -16.36 -8.22
N SER K 36 -7.53 -17.47 -8.07
CA SER K 36 -8.00 -18.58 -7.25
C SER K 36 -8.07 -18.20 -5.77
N GLU K 37 -6.98 -17.66 -5.22
CA GLU K 37 -7.06 -17.18 -3.84
C GLU K 37 -7.96 -15.97 -3.64
N TRP K 38 -8.14 -15.14 -4.67
CA TRP K 38 -9.13 -14.07 -4.57
C TRP K 38 -10.54 -14.65 -4.44
N ALA K 39 -10.86 -15.67 -5.25
CA ALA K 39 -12.16 -16.32 -5.15
C ALA K 39 -12.34 -17.01 -3.80
N ASP K 40 -11.28 -17.67 -3.31
CA ASP K 40 -11.30 -18.32 -2.00
C ASP K 40 -11.60 -17.31 -0.90
N GLY K 41 -10.87 -16.19 -0.90
CA GLY K 41 -11.08 -15.18 0.11
C GLY K 41 -12.43 -14.51 0.03
N VAL K 42 -12.92 -14.26 -1.18
CA VAL K 42 -14.26 -13.67 -1.33
C VAL K 42 -15.34 -14.62 -0.82
N ILE K 43 -15.18 -15.92 -1.10
CA ILE K 43 -16.14 -16.91 -0.63
C ILE K 43 -16.14 -17.00 0.90
N LYS K 44 -14.97 -17.06 1.50
CA LYS K 44 -14.90 -17.09 2.97
C LYS K 44 -15.13 -15.76 3.64
N GLY K 45 -15.26 -14.68 2.88
CA GLY K 45 -15.58 -13.39 3.44
C GLY K 45 -14.41 -12.58 3.90
N LEU K 46 -13.17 -13.01 3.63
CA LEU K 46 -11.96 -12.29 4.01
C LEU K 46 -11.55 -11.25 2.97
N ILE K 47 -12.26 -11.15 1.84
CA ILE K 47 -12.04 -10.12 0.81
C ILE K 47 -13.39 -9.50 0.39
N ASN K 48 -13.43 -8.14 0.16
CA ASN K 48 -14.66 -7.49 -0.29
C ASN K 48 -14.59 -7.59 -1.77
N PRO K 49 -15.53 -8.26 -2.42
CA PRO K 49 -15.43 -8.44 -3.86
C PRO K 49 -15.56 -7.14 -4.65
N LYS K 50 -16.07 -6.07 -4.05
CA LYS K 50 -16.28 -4.84 -4.82
C LYS K 50 -14.98 -4.11 -5.10
N ASN K 51 -14.31 -3.65 -4.06
CA ASN K 51 -13.08 -2.88 -4.16
C ASN K 51 -11.79 -3.71 -4.06
N SER K 52 -11.71 -4.80 -4.84
CA SER K 52 -10.53 -5.64 -4.69
C SER K 52 -9.92 -6.06 -6.02
N TRP K 53 -10.15 -5.30 -7.08
CA TRP K 53 -9.60 -5.65 -8.37
C TRP K 53 -9.38 -4.40 -9.21
N SER K 54 -8.57 -4.54 -10.26
CA SER K 54 -8.23 -3.44 -11.14
C SER K 54 -8.28 -3.90 -12.59
N ASN K 55 -8.64 -2.98 -13.48
CA ASN K 55 -8.76 -3.24 -14.91
C ASN K 55 -7.51 -2.91 -15.69
N ASP K 56 -6.35 -3.44 -15.27
CA ASP K 56 -5.05 -3.25 -15.95
C ASP K 56 -4.79 -1.76 -16.16
N HIS K 57 -4.36 -1.34 -17.34
CA HIS K 57 -4.10 0.08 -17.61
C HIS K 57 -4.42 0.36 -19.06
N VAL K 58 -5.03 1.53 -19.31
CA VAL K 58 -5.29 1.99 -20.67
C VAL K 58 -4.13 2.84 -21.12
N LYS K 59 -3.56 2.48 -22.25
CA LYS K 59 -2.41 3.17 -22.77
C LYS K 59 -2.83 4.44 -23.53
N GLY K 60 -2.10 5.53 -23.30
CA GLY K 60 -2.14 6.65 -24.23
C GLY K 60 -2.58 8.00 -23.71
N TYR K 61 -2.55 8.19 -22.38
CA TYR K 61 -2.86 9.49 -21.74
C TYR K 61 -4.24 10.00 -22.11
N LEU K 62 -5.20 9.10 -22.31
CA LEU K 62 -6.49 9.60 -22.69
C LEU K 62 -7.22 10.16 -21.46
N PRO K 63 -8.05 11.19 -21.66
CA PRO K 63 -8.88 11.67 -20.55
C PRO K 63 -9.93 10.62 -20.19
N ARG K 64 -9.97 10.25 -18.91
CA ARG K 64 -10.87 9.22 -18.44
C ARG K 64 -12.32 9.68 -18.40
N VAL K 65 -12.56 10.99 -18.36
CA VAL K 65 -13.80 11.55 -17.86
C VAL K 65 -14.21 12.74 -18.75
N SER K 66 -15.51 12.84 -19.04
CA SER K 66 -16.14 13.97 -19.72
C SER K 66 -17.22 14.60 -18.83
N PRO K 67 -17.54 15.88 -19.07
CA PRO K 67 -18.63 16.50 -18.31
C PRO K 67 -19.96 15.86 -18.61
N ARG K 68 -20.81 15.79 -17.58
CA ARG K 68 -22.12 15.22 -17.72
C ARG K 68 -23.12 16.37 -17.88
N SER K 69 -24.17 16.11 -18.62
CA SER K 69 -25.11 17.16 -18.98
C SER K 69 -26.46 16.94 -18.28
N HIS K 70 -27.31 17.98 -18.32
CA HIS K 70 -28.65 17.89 -17.78
C HIS K 70 -29.51 18.89 -18.52
N TRP K 71 -30.79 18.91 -18.17
CA TRP K 71 -31.78 19.77 -18.81
C TRP K 71 -32.12 20.91 -17.87
N THR K 72 -32.15 22.13 -18.40
CA THR K 72 -32.62 23.29 -17.67
C THR K 72 -34.14 23.36 -17.73
N LYS K 73 -34.69 24.35 -17.02
CA LYS K 73 -36.15 24.54 -17.05
C LYS K 73 -36.65 24.97 -18.42
N ASN K 74 -35.79 25.60 -19.24
CA ASN K 74 -36.13 25.94 -20.62
C ASN K 74 -36.16 24.73 -21.55
N GLY K 75 -35.72 23.56 -21.11
CA GLY K 75 -35.59 22.42 -21.99
C GLY K 75 -34.29 22.39 -22.77
N TYR K 76 -33.31 23.20 -22.39
CA TYR K 76 -32.01 23.23 -23.04
C TYR K 76 -31.04 22.34 -22.29
N ARG K 77 -29.97 21.94 -22.98
CA ARG K 77 -28.89 21.17 -22.38
C ARG K 77 -27.89 22.08 -21.70
N GLU K 78 -27.29 21.59 -20.62
CA GLU K 78 -26.33 22.39 -19.88
C GLU K 78 -25.41 21.46 -19.11
N TYR K 79 -24.13 21.83 -19.00
CA TYR K 79 -23.19 21.08 -18.19
C TYR K 79 -23.57 21.15 -16.71
N LEU K 80 -23.39 20.03 -16.01
CA LEU K 80 -23.78 19.92 -14.60
C LEU K 80 -22.88 20.69 -13.65
N GLY K 81 -21.65 20.98 -14.06
CA GLY K 81 -20.69 21.62 -13.19
C GLY K 81 -20.61 23.12 -13.31
N ILE K 82 -21.53 23.76 -14.02
CA ILE K 82 -21.57 25.19 -14.24
C ILE K 82 -22.88 25.72 -13.65
N GLY K 83 -22.90 26.98 -13.22
CA GLY K 83 -24.16 27.55 -12.71
C GLY K 83 -23.93 28.65 -11.70
N LYS K 84 -24.99 28.93 -10.91
CA LYS K 84 -24.97 30.02 -9.93
C LYS K 84 -23.89 29.84 -8.88
N SER K 85 -23.58 28.57 -8.52
CA SER K 85 -22.54 28.21 -7.56
C SER K 85 -22.69 29.01 -6.27
N ARG K 86 -21.79 29.96 -6.06
CA ARG K 86 -21.86 30.86 -4.89
C ARG K 86 -21.12 32.15 -5.24
N ASP K 87 -20.85 32.96 -4.20
CA ASP K 87 -20.18 34.26 -4.42
C ASP K 87 -19.40 34.65 -3.16
N ILE K 88 -18.17 34.14 -3.05
CA ILE K 88 -17.29 34.46 -1.92
C ILE K 88 -15.86 34.19 -2.36
N PRO K 89 -15.14 35.25 -2.73
CA PRO K 89 -13.78 35.11 -3.19
C PRO K 89 -12.81 36.12 -2.61
N GLU K 90 -13.29 37.20 -1.98
CA GLU K 90 -12.50 38.34 -1.51
C GLU K 90 -11.70 38.89 -2.69
N LYS K 91 -10.53 39.46 -2.42
CA LYS K 91 -9.64 39.86 -3.51
C LYS K 91 -8.34 39.07 -3.50
N GLU K 92 -7.58 39.14 -2.41
CA GLU K 92 -6.29 38.47 -2.23
C GLU K 92 -5.85 38.69 -0.79
N PRO K 93 -4.62 38.27 -0.48
CA PRO K 93 -3.97 38.56 0.79
C PRO K 93 -2.60 39.17 0.48
N GLU K 94 -2.56 40.49 0.29
CA GLU K 94 -1.31 41.19 0.03
C GLU K 94 -0.55 41.31 1.34
N VAL K 95 0.60 40.63 1.42
CA VAL K 95 1.33 40.49 2.66
C VAL K 95 2.57 41.37 2.73
N ILE K 96 2.63 42.44 1.91
CA ILE K 96 3.72 43.42 1.88
C ILE K 96 5.07 42.72 1.66
N GLU K 97 5.87 42.61 2.72
CA GLU K 97 7.14 41.89 2.73
C GLU K 97 8.07 42.41 1.63
N MET K 98 8.23 43.72 1.59
CA MET K 98 9.11 44.34 0.61
C MET K 98 10.54 44.45 1.11
N MET K 99 11.05 43.33 1.64
CA MET K 99 12.43 43.26 2.09
C MET K 99 13.12 41.96 1.71
N ASP K 100 12.41 40.97 1.20
CA ASP K 100 13.00 39.66 0.92
C ASP K 100 14.00 39.77 -0.22
N LEU K 101 15.24 39.36 0.05
CA LEU K 101 16.27 39.39 -0.97
C LEU K 101 15.99 38.28 -1.98
N GLU K 102 15.33 38.60 -3.07
CA GLU K 102 14.94 37.56 -4.03
C GLU K 102 16.15 37.19 -4.89
N LEU K 103 16.51 35.90 -4.89
CA LEU K 103 17.61 35.43 -5.71
C LEU K 103 17.26 35.53 -7.18
N VAL K 104 18.25 35.85 -8.00
CA VAL K 104 18.06 35.99 -9.44
C VAL K 104 17.90 34.62 -10.10
N MET L 1 -29.71 -4.78 -42.92
CA MET L 1 -28.50 -4.08 -43.33
C MET L 1 -27.43 -5.05 -43.80
N SER L 2 -27.78 -6.33 -43.84
CA SER L 2 -26.92 -7.38 -44.33
C SER L 2 -27.34 -7.93 -45.69
N ILE L 3 -28.31 -7.30 -46.34
CA ILE L 3 -28.72 -7.72 -47.67
C ILE L 3 -27.63 -7.36 -48.67
N ILE L 4 -27.25 -8.33 -49.50
CA ILE L 4 -26.21 -8.10 -50.51
C ILE L 4 -26.74 -7.13 -51.55
N THR L 5 -26.05 -6.01 -51.72
CA THR L 5 -26.42 -5.02 -52.71
C THR L 5 -25.64 -5.15 -54.01
N ASP L 6 -24.35 -5.49 -53.98
CA ASP L 6 -23.69 -5.65 -55.27
C ASP L 6 -22.65 -6.76 -55.19
N VAL L 7 -22.41 -7.38 -56.34
CA VAL L 7 -21.36 -8.38 -56.51
C VAL L 7 -20.64 -8.02 -57.81
N TYR L 8 -19.33 -7.78 -57.72
CA TYR L 8 -18.57 -7.35 -58.88
C TYR L 8 -17.28 -8.15 -58.98
N ALA L 9 -16.97 -8.66 -60.17
CA ALA L 9 -15.73 -9.39 -60.40
C ALA L 9 -14.82 -8.63 -61.34
N ARG L 10 -13.51 -8.79 -61.12
CA ARG L 10 -12.51 -8.23 -62.01
C ARG L 10 -11.39 -9.23 -62.19
N GLU L 11 -10.59 -9.01 -63.23
CA GLU L 11 -9.51 -9.91 -63.61
C GLU L 11 -8.18 -9.36 -63.09
N VAL L 12 -7.47 -10.16 -62.30
CA VAL L 12 -6.21 -9.78 -61.68
C VAL L 12 -5.21 -10.91 -61.90
N LEU L 13 -3.93 -10.58 -61.76
CA LEU L 13 -2.90 -11.60 -61.95
C LEU L 13 -2.75 -12.46 -60.69
N ASP L 14 -2.13 -13.62 -60.88
CA ASP L 14 -1.81 -14.51 -59.78
C ASP L 14 -0.31 -14.50 -59.54
N SER L 15 0.15 -15.41 -58.69
CA SER L 15 1.56 -15.47 -58.37
C SER L 15 2.41 -15.96 -59.53
N ARG L 16 1.85 -16.66 -60.51
CA ARG L 16 2.67 -17.12 -61.63
C ARG L 16 2.66 -16.09 -62.77
N GLY L 17 1.90 -15.02 -62.63
CA GLY L 17 1.74 -14.09 -63.73
C GLY L 17 0.61 -14.41 -64.68
N ASN L 18 -0.09 -15.50 -64.47
CA ASN L 18 -1.29 -15.91 -65.18
C ASN L 18 -2.53 -15.21 -64.63
N PRO L 19 -3.56 -15.03 -65.45
CA PRO L 19 -4.76 -14.35 -64.97
C PRO L 19 -5.57 -15.21 -64.00
N THR L 20 -6.42 -14.54 -63.25
CA THR L 20 -7.44 -15.13 -62.41
C THR L 20 -8.42 -14.00 -62.12
N LEU L 21 -9.38 -14.23 -61.25
CA LEU L 21 -10.41 -13.24 -60.95
C LEU L 21 -10.52 -13.05 -59.45
N GLU L 22 -11.03 -11.88 -59.08
CA GLU L 22 -11.42 -11.58 -57.72
C GLU L 22 -12.82 -11.02 -57.72
N VAL L 23 -13.55 -11.29 -56.64
CA VAL L 23 -14.95 -10.92 -56.51
C VAL L 23 -15.09 -10.08 -55.24
N GLU L 24 -15.78 -8.95 -55.36
CA GLU L 24 -16.10 -8.08 -54.25
C GLU L 24 -17.60 -8.07 -54.01
N VAL L 25 -17.99 -8.14 -52.75
CA VAL L 25 -19.38 -8.18 -52.33
C VAL L 25 -19.61 -7.03 -51.36
N TYR L 26 -20.62 -6.21 -51.64
CA TYR L 26 -21.02 -5.13 -50.73
C TYR L 26 -22.47 -5.38 -50.33
N THR L 27 -22.77 -5.15 -49.06
CA THR L 27 -24.10 -5.26 -48.51
C THR L 27 -24.67 -3.85 -48.28
N GLU L 28 -25.89 -3.80 -47.71
CA GLU L 28 -26.61 -2.54 -47.54
C GLU L 28 -25.87 -1.60 -46.60
N SER L 29 -25.34 -2.12 -45.50
CA SER L 29 -24.69 -1.29 -44.49
C SER L 29 -23.26 -0.93 -44.84
N GLY L 30 -22.73 -1.43 -45.94
CA GLY L 30 -21.37 -1.16 -46.33
C GLY L 30 -20.37 -2.24 -45.98
N ALA L 31 -20.82 -3.39 -45.48
CA ALA L 31 -19.92 -4.50 -45.24
C ALA L 31 -19.33 -4.98 -46.56
N PHE L 32 -18.02 -5.21 -46.55
CA PHE L 32 -17.27 -5.47 -47.76
C PHE L 32 -16.51 -6.78 -47.62
N GLY L 33 -16.59 -7.62 -48.64
CA GLY L 33 -15.78 -8.82 -48.69
C GLY L 33 -15.14 -8.96 -50.06
N ARG L 34 -13.92 -9.49 -50.08
CA ARG L 34 -13.17 -9.69 -51.31
C ARG L 34 -12.56 -11.07 -51.33
N GLY L 35 -13.04 -11.92 -52.23
CA GLY L 35 -12.48 -13.24 -52.42
C GLY L 35 -11.74 -13.36 -53.73
N MET L 36 -10.48 -13.74 -53.63
CA MET L 36 -9.61 -14.05 -54.75
C MET L 36 -9.22 -15.51 -54.92
N VAL L 37 -9.39 -15.97 -56.16
CA VAL L 37 -9.41 -17.39 -56.48
C VAL L 37 -8.01 -17.82 -56.87
N PRO L 38 -7.46 -18.84 -56.24
CA PRO L 38 -6.20 -19.41 -56.74
C PRO L 38 -6.41 -20.10 -58.08
N SER L 39 -5.38 -20.06 -58.91
CA SER L 39 -5.45 -20.65 -60.24
C SER L 39 -5.47 -22.17 -60.14
N GLY L 40 -6.53 -22.78 -60.66
CA GLY L 40 -6.65 -24.22 -60.65
C GLY L 40 -6.50 -24.85 -62.02
N ALA L 41 -7.35 -25.83 -62.31
CA ALA L 41 -7.33 -26.52 -63.60
C ALA L 41 -8.72 -26.51 -64.21
N SER L 42 -8.77 -26.26 -65.52
CA SER L 42 -10.02 -26.28 -66.26
C SER L 42 -10.33 -27.64 -66.86
N THR L 43 -9.52 -28.65 -66.54
CA THR L 43 -9.70 -30.01 -67.04
C THR L 43 -9.75 -30.97 -65.86
N GLY L 44 -10.53 -32.03 -66.02
CA GLY L 44 -10.69 -33.04 -64.99
C GLY L 44 -12.02 -33.75 -65.09
N GLU L 45 -12.00 -35.08 -64.92
CA GLU L 45 -13.22 -35.87 -65.09
C GLU L 45 -14.26 -35.55 -64.03
N HIS L 46 -13.86 -35.58 -62.75
CA HIS L 46 -14.79 -35.30 -61.67
C HIS L 46 -14.26 -34.22 -60.73
N GLU L 47 -13.29 -33.42 -61.17
CA GLU L 47 -12.81 -32.28 -60.42
C GLU L 47 -13.43 -31.02 -61.00
N ALA L 48 -13.82 -30.08 -60.12
CA ALA L 48 -14.41 -28.82 -60.54
C ALA L 48 -13.49 -28.06 -61.48
N VAL L 49 -14.04 -27.59 -62.59
CA VAL L 49 -13.26 -27.00 -63.68
C VAL L 49 -13.49 -25.49 -63.68
N GLU L 50 -12.41 -24.76 -63.87
CA GLU L 50 -12.48 -23.32 -64.01
C GLU L 50 -12.77 -22.95 -65.46
N LEU L 51 -13.04 -21.67 -65.69
CA LEU L 51 -13.39 -21.17 -67.01
C LEU L 51 -12.27 -20.26 -67.51
N ARG L 52 -11.67 -20.63 -68.63
CA ARG L 52 -10.65 -19.83 -69.29
C ARG L 52 -11.18 -19.39 -70.65
N ASP L 53 -10.73 -18.21 -71.09
CA ASP L 53 -11.23 -17.61 -72.32
C ASP L 53 -10.85 -18.45 -73.53
N GLY L 54 -9.61 -18.92 -73.57
CA GLY L 54 -9.12 -19.64 -74.72
C GLY L 54 -8.63 -18.78 -75.86
N ASP L 55 -8.78 -17.46 -75.74
CA ASP L 55 -8.30 -16.53 -76.77
C ASP L 55 -6.77 -16.54 -76.73
N LYS L 56 -6.16 -17.09 -77.78
CA LYS L 56 -4.70 -17.23 -77.82
C LYS L 56 -3.97 -15.91 -77.99
N ALA L 57 -4.68 -14.83 -78.30
CA ALA L 57 -4.07 -13.50 -78.41
C ALA L 57 -4.05 -12.75 -77.09
N ARG L 58 -4.63 -13.30 -76.04
CA ARG L 58 -4.67 -12.64 -74.72
C ARG L 58 -4.23 -13.65 -73.67
N TYR L 59 -3.04 -13.40 -73.10
CA TYR L 59 -2.49 -14.19 -71.98
C TYR L 59 -2.30 -15.66 -72.34
N GLY L 60 -2.09 -15.94 -73.62
CA GLY L 60 -1.92 -17.32 -74.07
C GLY L 60 -3.11 -18.21 -73.85
N GLY L 61 -4.33 -17.66 -73.96
CA GLY L 61 -5.53 -18.46 -73.75
C GLY L 61 -5.92 -18.67 -72.31
N LEU L 62 -5.23 -18.04 -71.37
CA LEU L 62 -5.48 -18.25 -69.95
C LEU L 62 -6.24 -17.09 -69.30
N GLY L 63 -6.91 -16.26 -70.11
CA GLY L 63 -7.68 -15.17 -69.54
C GLY L 63 -8.90 -15.65 -68.80
N THR L 64 -9.47 -14.77 -67.98
CA THR L 64 -10.64 -15.08 -67.17
C THR L 64 -11.71 -14.01 -67.33
N GLN L 65 -11.88 -13.50 -68.55
CA GLN L 65 -12.95 -12.53 -68.79
C GLN L 65 -14.32 -13.22 -68.85
N LYS L 66 -14.36 -14.49 -69.29
CA LYS L 66 -15.62 -15.22 -69.32
C LYS L 66 -16.17 -15.46 -67.92
N ALA L 67 -15.30 -15.83 -66.97
CA ALA L 67 -15.73 -16.03 -65.60
C ALA L 67 -16.13 -14.72 -64.94
N VAL L 68 -15.41 -13.63 -65.26
CA VAL L 68 -15.76 -12.30 -64.75
C VAL L 68 -17.14 -11.89 -65.26
N ASP L 69 -17.40 -12.13 -66.54
CA ASP L 69 -18.72 -11.83 -67.10
C ASP L 69 -19.80 -12.74 -66.52
N ASN L 70 -19.45 -13.98 -66.20
CA ASN L 70 -20.41 -14.87 -65.55
C ASN L 70 -20.79 -14.35 -64.16
N VAL L 71 -19.81 -13.84 -63.41
CA VAL L 71 -20.13 -13.26 -62.10
C VAL L 71 -20.94 -11.99 -62.27
N ASN L 72 -20.57 -11.14 -63.21
CA ASN L 72 -21.19 -9.82 -63.31
C ASN L 72 -22.58 -9.87 -63.91
N ASN L 73 -22.83 -10.81 -64.83
CA ASN L 73 -24.05 -10.82 -65.62
C ASN L 73 -24.99 -11.99 -65.31
N VAL L 74 -24.53 -13.02 -64.60
CA VAL L 74 -25.34 -14.19 -64.30
C VAL L 74 -25.49 -14.38 -62.79
N ILE L 75 -24.37 -14.49 -62.08
CA ILE L 75 -24.40 -14.77 -60.66
C ILE L 75 -24.92 -13.58 -59.86
N ALA L 76 -24.56 -12.36 -60.29
CA ALA L 76 -24.81 -11.15 -59.48
C ALA L 76 -26.30 -10.90 -59.27
N GLU L 77 -27.11 -11.06 -60.31
CA GLU L 77 -28.54 -10.82 -60.18
C GLU L 77 -29.21 -11.88 -59.33
N HIS L 78 -28.73 -13.12 -59.39
CA HIS L 78 -29.28 -14.17 -58.53
C HIS L 78 -28.90 -13.95 -57.07
N ILE L 79 -27.69 -13.45 -56.81
CA ILE L 79 -27.20 -13.34 -55.44
C ILE L 79 -27.61 -12.03 -54.77
N ILE L 80 -27.82 -10.96 -55.55
CA ILE L 80 -28.22 -9.69 -54.98
C ILE L 80 -29.63 -9.81 -54.41
N GLY L 81 -29.78 -9.41 -53.14
CA GLY L 81 -31.01 -9.57 -52.41
C GLY L 81 -30.94 -10.64 -51.35
N PHE L 82 -29.96 -11.54 -51.43
CA PHE L 82 -29.75 -12.54 -50.40
C PHE L 82 -29.20 -11.90 -49.14
N ASP L 83 -29.27 -12.64 -48.04
CA ASP L 83 -28.61 -12.23 -46.81
C ASP L 83 -27.14 -12.64 -46.92
N VAL L 84 -26.23 -11.76 -46.49
CA VAL L 84 -24.81 -12.06 -46.57
C VAL L 84 -24.43 -13.21 -45.64
N ARG L 85 -25.20 -13.43 -44.57
CA ARG L 85 -24.94 -14.52 -43.65
C ARG L 85 -25.54 -15.83 -44.12
N ASP L 86 -26.24 -15.83 -45.25
CA ASP L 86 -26.82 -17.06 -45.80
C ASP L 86 -25.83 -17.74 -46.75
N GLN L 87 -24.69 -18.15 -46.18
CA GLN L 87 -23.61 -18.72 -47.00
C GLN L 87 -24.03 -20.03 -47.64
N GLN L 88 -24.70 -20.90 -46.88
CA GLN L 88 -25.13 -22.18 -47.42
C GLN L 88 -26.18 -21.99 -48.51
N GLY L 89 -27.15 -21.10 -48.28
CA GLY L 89 -28.17 -20.85 -49.29
C GLY L 89 -27.61 -20.23 -50.56
N ILE L 90 -26.66 -19.31 -50.42
CA ILE L 90 -26.01 -18.69 -51.57
C ILE L 90 -25.22 -19.74 -52.36
N ASP L 91 -24.48 -20.60 -51.67
CA ASP L 91 -23.69 -21.62 -52.35
C ASP L 91 -24.57 -22.64 -53.06
N ARG L 92 -25.66 -23.07 -52.42
CA ARG L 92 -26.59 -23.98 -53.09
C ARG L 92 -27.30 -23.32 -54.27
N ALA L 93 -27.60 -22.03 -54.15
CA ALA L 93 -28.20 -21.30 -55.26
C ALA L 93 -27.24 -21.21 -56.45
N MET L 94 -25.96 -20.96 -56.18
CA MET L 94 -24.97 -20.95 -57.26
C MET L 94 -24.80 -22.31 -57.90
N ILE L 95 -24.80 -23.38 -57.09
CA ILE L 95 -24.67 -24.74 -57.62
C ILE L 95 -25.87 -25.10 -58.49
N ALA L 96 -27.08 -24.73 -58.04
CA ALA L 96 -28.29 -24.98 -58.83
C ALA L 96 -28.29 -24.16 -60.12
N LEU L 97 -27.83 -22.90 -60.04
CA LEU L 97 -27.79 -22.05 -61.22
C LEU L 97 -26.80 -22.57 -62.26
N ASP L 98 -25.68 -23.12 -61.80
CA ASP L 98 -24.74 -23.76 -62.72
C ASP L 98 -25.36 -24.98 -63.38
N GLY L 99 -25.93 -25.89 -62.58
CA GLY L 99 -26.67 -27.01 -63.11
C GLY L 99 -25.84 -28.13 -63.70
N THR L 100 -24.53 -28.13 -63.49
CA THR L 100 -23.66 -29.16 -64.02
C THR L 100 -22.79 -29.73 -62.91
N PRO L 101 -22.46 -31.04 -62.97
CA PRO L 101 -21.71 -31.67 -61.88
C PRO L 101 -20.34 -31.06 -61.61
N ASN L 102 -19.64 -30.59 -62.63
CA ASN L 102 -18.29 -30.07 -62.48
C ASN L 102 -18.23 -28.54 -62.49
N LYS L 103 -19.38 -27.87 -62.43
CA LYS L 103 -19.48 -26.40 -62.43
C LYS L 103 -18.81 -25.78 -63.65
N GLY L 104 -18.96 -26.43 -64.81
CA GLY L 104 -18.32 -25.96 -66.03
C GLY L 104 -19.04 -24.83 -66.75
N LYS L 105 -20.36 -24.71 -66.57
CA LYS L 105 -21.09 -23.65 -67.27
C LYS L 105 -20.77 -22.26 -66.72
N LEU L 106 -20.72 -22.13 -65.39
CA LEU L 106 -20.34 -20.85 -64.80
C LEU L 106 -18.86 -20.77 -64.49
N GLY L 107 -18.23 -21.89 -64.18
CA GLY L 107 -16.82 -21.89 -63.80
C GLY L 107 -16.66 -22.03 -62.31
N ALA L 108 -15.80 -22.95 -61.88
CA ALA L 108 -15.58 -23.16 -60.45
C ALA L 108 -14.87 -21.97 -59.82
N ASN L 109 -14.04 -21.28 -60.59
CA ASN L 109 -13.35 -20.10 -60.10
C ASN L 109 -14.34 -18.98 -59.76
N ALA L 110 -15.34 -18.77 -60.63
CA ALA L 110 -16.36 -17.75 -60.39
C ALA L 110 -17.14 -18.03 -59.12
N ILE L 111 -17.59 -19.27 -58.97
CA ILE L 111 -18.40 -19.66 -57.81
C ILE L 111 -17.57 -19.59 -56.52
N LEU L 112 -16.31 -20.04 -56.58
CA LEU L 112 -15.43 -19.96 -55.42
C LEU L 112 -15.17 -18.52 -55.01
N GLY L 113 -14.91 -17.64 -55.97
CA GLY L 113 -14.70 -16.24 -55.65
C GLY L 113 -15.92 -15.61 -55.01
N VAL L 114 -17.11 -15.92 -55.54
CA VAL L 114 -18.33 -15.37 -54.97
C VAL L 114 -18.54 -15.90 -53.56
N SER L 115 -18.33 -17.19 -53.33
CA SER L 115 -18.54 -17.76 -51.99
C SER L 115 -17.56 -17.21 -50.97
N ILE L 116 -16.28 -17.07 -51.33
CA ILE L 116 -15.28 -16.51 -50.42
C ILE L 116 -15.59 -15.06 -50.10
N ALA L 117 -15.96 -14.29 -51.13
CA ALA L 117 -16.30 -12.88 -50.92
C ALA L 117 -17.53 -12.73 -50.03
N VAL L 118 -18.53 -13.60 -50.22
CA VAL L 118 -19.73 -13.56 -49.39
C VAL L 118 -19.40 -13.89 -47.94
N ALA L 119 -18.57 -14.91 -47.71
CA ALA L 119 -18.19 -15.26 -46.34
C ALA L 119 -17.39 -14.15 -45.68
N ARG L 120 -16.47 -13.53 -46.42
CA ARG L 120 -15.68 -12.43 -45.88
C ARG L 120 -16.54 -11.21 -45.57
N ALA L 121 -17.51 -10.91 -46.45
CA ALA L 121 -18.43 -9.81 -46.18
C ALA L 121 -19.34 -10.10 -45.00
N ALA L 122 -19.71 -11.36 -44.80
CA ALA L 122 -20.53 -11.71 -43.63
C ALA L 122 -19.73 -11.59 -42.34
N ALA L 123 -18.46 -11.99 -42.38
CA ALA L 123 -17.59 -11.79 -41.22
C ALA L 123 -17.37 -10.31 -40.93
N ASP L 124 -17.22 -9.50 -41.98
CA ASP L 124 -17.06 -8.06 -41.80
C ASP L 124 -18.31 -7.42 -41.24
N TYR L 125 -19.49 -7.88 -41.69
CA TYR L 125 -20.75 -7.32 -41.20
C TYR L 125 -20.96 -7.61 -39.73
N LEU L 126 -20.64 -8.84 -39.29
CA LEU L 126 -20.76 -9.20 -37.89
C LEU L 126 -19.61 -8.69 -37.04
N GLU L 127 -18.59 -8.09 -37.66
CA GLU L 127 -17.39 -7.57 -36.98
C GLU L 127 -16.70 -8.66 -36.17
N VAL L 128 -16.58 -9.83 -36.78
CA VAL L 128 -15.94 -10.99 -36.15
C VAL L 128 -14.82 -11.47 -37.07
N PRO L 129 -13.83 -12.16 -36.51
CA PRO L 129 -12.79 -12.76 -37.36
C PRO L 129 -13.37 -13.81 -38.28
N LEU L 130 -12.71 -13.98 -39.44
CA LEU L 130 -13.22 -14.90 -40.46
C LEU L 130 -13.25 -16.34 -39.96
N TYR L 131 -12.23 -16.76 -39.21
CA TYR L 131 -12.25 -18.10 -38.64
C TYR L 131 -13.36 -18.27 -37.61
N SER L 132 -13.68 -17.19 -36.87
CA SER L 132 -14.80 -17.24 -35.93
C SER L 132 -16.12 -17.41 -36.66
N TYR L 133 -16.28 -16.73 -37.80
CA TYR L 133 -17.52 -16.86 -38.57
C TYR L 133 -17.63 -18.23 -39.21
N LEU L 134 -16.52 -18.77 -39.72
CA LEU L 134 -16.56 -20.05 -40.42
C LEU L 134 -16.67 -21.23 -39.46
N GLY L 135 -16.01 -21.17 -38.31
CA GLY L 135 -15.92 -22.34 -37.45
C GLY L 135 -16.63 -22.24 -36.12
N GLY L 136 -17.14 -21.05 -35.80
CA GLY L 136 -17.84 -20.86 -34.54
C GLY L 136 -16.97 -20.30 -33.45
N PHE L 137 -17.29 -20.65 -32.20
CA PHE L 137 -16.54 -20.11 -31.07
C PHE L 137 -15.33 -20.95 -30.69
N ASN L 138 -15.38 -22.25 -30.95
CA ASN L 138 -14.33 -23.17 -30.51
C ASN L 138 -13.25 -23.34 -31.58
N THR L 139 -12.71 -22.22 -32.05
CA THR L 139 -11.65 -22.22 -33.05
C THR L 139 -10.34 -21.83 -32.35
N LYS L 140 -9.50 -22.82 -32.08
CA LYS L 140 -8.30 -22.57 -31.28
C LYS L 140 -7.04 -23.24 -31.80
N VAL L 141 -7.12 -24.20 -32.72
CA VAL L 141 -5.98 -25.03 -33.06
C VAL L 141 -5.25 -24.41 -34.25
N LEU L 142 -3.99 -24.12 -34.07
CA LEU L 142 -3.11 -23.62 -35.11
C LEU L 142 -2.50 -24.81 -35.85
N PRO L 143 -2.61 -24.86 -37.17
CA PRO L 143 -2.19 -26.06 -37.90
C PRO L 143 -0.69 -26.27 -37.87
N THR L 144 -0.30 -27.53 -37.97
CA THR L 144 1.10 -27.90 -38.10
C THR L 144 1.51 -27.80 -39.56
N PRO L 145 2.40 -26.90 -39.93
CA PRO L 145 2.69 -26.66 -41.34
C PRO L 145 3.64 -27.69 -41.94
N MET L 146 3.30 -28.16 -43.13
CA MET L 146 4.19 -28.99 -43.95
C MET L 146 4.88 -28.05 -44.93
N MET L 147 6.02 -27.53 -44.53
CA MET L 147 6.78 -26.52 -45.28
C MET L 147 7.60 -27.18 -46.37
N ASN L 148 7.21 -26.93 -47.63
CA ASN L 148 7.98 -27.45 -48.76
C ASN L 148 9.35 -26.82 -48.78
N ILE L 149 10.39 -27.63 -48.93
CA ILE L 149 11.74 -27.11 -48.87
C ILE L 149 12.57 -27.53 -50.06
N ILE L 150 12.22 -28.62 -50.73
CA ILE L 150 12.98 -29.19 -51.83
C ILE L 150 11.99 -29.71 -52.87
N ASN L 151 12.29 -29.47 -54.14
CA ASN L 151 11.42 -29.86 -55.23
C ASN L 151 12.05 -30.99 -56.04
N GLY L 152 11.22 -31.57 -56.90
CA GLY L 152 11.61 -32.73 -57.66
C GLY L 152 10.59 -33.04 -58.73
N GLY L 153 10.94 -34.01 -59.58
CA GLY L 153 10.02 -34.52 -60.57
C GLY L 153 9.81 -33.57 -61.74
N SER L 154 8.60 -33.03 -61.87
CA SER L 154 8.28 -32.06 -62.90
C SER L 154 8.56 -30.63 -62.46
N HIS L 155 9.07 -30.43 -61.24
CA HIS L 155 9.43 -29.12 -60.75
C HIS L 155 10.94 -28.92 -60.64
N SER L 156 11.73 -29.85 -61.18
CA SER L 156 13.18 -29.69 -61.18
C SER L 156 13.75 -30.54 -62.29
N ASP L 157 15.02 -30.29 -62.61
CA ASP L 157 15.77 -31.10 -63.56
C ASP L 157 16.58 -32.20 -62.87
N ALA L 158 16.52 -32.29 -61.55
CA ALA L 158 17.27 -33.30 -60.81
C ALA L 158 16.67 -34.68 -61.04
N PRO L 159 17.49 -35.75 -60.89
CA PRO L 159 16.96 -37.12 -60.97
C PRO L 159 16.25 -37.56 -59.69
N ILE L 160 15.10 -36.94 -59.42
CA ILE L 160 14.27 -37.26 -58.27
C ILE L 160 12.85 -37.43 -58.77
N ALA L 161 12.24 -38.58 -58.51
CA ALA L 161 10.88 -38.81 -58.96
C ALA L 161 9.86 -38.12 -58.07
N PHE L 162 10.14 -37.99 -56.78
CA PHE L 162 9.20 -37.37 -55.86
C PHE L 162 9.08 -35.89 -56.14
N GLN L 163 7.85 -35.39 -56.14
CA GLN L 163 7.59 -34.00 -56.50
C GLN L 163 8.03 -33.04 -55.41
N GLU L 164 7.77 -33.36 -54.15
CA GLU L 164 8.05 -32.40 -53.09
C GLU L 164 8.60 -33.09 -51.85
N PHE L 165 9.44 -32.35 -51.13
CA PHE L 165 9.96 -32.74 -49.83
C PHE L 165 9.67 -31.61 -48.85
N MET L 166 9.19 -31.97 -47.67
CA MET L 166 8.65 -31.00 -46.72
C MET L 166 9.25 -31.26 -45.34
N ILE L 167 9.42 -30.18 -44.59
CA ILE L 167 9.77 -30.24 -43.18
C ILE L 167 8.51 -29.99 -42.36
N VAL L 168 8.30 -30.80 -41.34
CA VAL L 168 7.15 -30.71 -40.47
C VAL L 168 7.65 -30.47 -39.05
N PRO L 169 7.63 -29.23 -38.57
CA PRO L 169 8.13 -28.91 -37.21
C PRO L 169 7.12 -29.21 -36.12
N ALA L 170 6.78 -30.48 -35.98
CA ALA L 170 5.72 -30.91 -35.10
C ALA L 170 6.13 -30.90 -33.63
N GLY L 171 7.41 -30.71 -33.33
CA GLY L 171 7.89 -30.65 -31.97
C GLY L 171 7.92 -29.27 -31.36
N ALA L 172 7.36 -28.27 -32.02
CA ALA L 172 7.42 -26.91 -31.52
C ALA L 172 6.34 -26.66 -30.46
N PRO L 173 6.58 -25.71 -29.54
CA PRO L 173 5.55 -25.41 -28.53
C PRO L 173 4.39 -24.59 -29.08
N THR L 174 4.67 -23.66 -29.97
CA THR L 174 3.66 -22.77 -30.54
C THR L 174 3.87 -22.69 -32.04
N PHE L 175 2.90 -22.08 -32.72
CA PHE L 175 3.04 -21.87 -34.17
C PHE L 175 4.13 -20.86 -34.49
N LYS L 176 4.31 -19.86 -33.63
CA LYS L 176 5.37 -18.87 -33.83
C LYS L 176 6.74 -19.52 -33.81
N GLU L 177 6.97 -20.41 -32.84
CA GLU L 177 8.23 -21.14 -32.76
C GLU L 177 8.40 -22.08 -33.94
N ALA L 178 7.31 -22.74 -34.39
CA ALA L 178 7.39 -23.63 -35.54
C ALA L 178 7.76 -22.87 -36.80
N LEU L 179 7.19 -21.68 -36.98
CA LEU L 179 7.55 -20.84 -38.12
C LEU L 179 9.00 -20.39 -38.06
N ARG L 180 9.48 -20.04 -36.86
CA ARG L 180 10.89 -19.66 -36.71
C ARG L 180 11.82 -20.82 -37.04
N TRP L 181 11.45 -22.03 -36.59
CA TRP L 181 12.23 -23.23 -36.89
C TRP L 181 12.28 -23.49 -38.39
N GLY L 182 11.13 -23.38 -39.06
CA GLY L 182 11.09 -23.58 -40.50
C GLY L 182 11.91 -22.56 -41.27
N ALA L 183 11.83 -21.29 -40.85
CA ALA L 183 12.61 -20.25 -41.51
C ALA L 183 14.10 -20.46 -41.32
N GLU L 184 14.52 -20.85 -40.10
CA GLU L 184 15.93 -21.06 -39.84
C GLU L 184 16.46 -22.28 -40.58
N ILE L 185 15.66 -23.35 -40.69
CA ILE L 185 16.07 -24.52 -41.45
C ILE L 185 16.15 -24.19 -42.95
N PHE L 186 15.23 -23.37 -43.44
CA PHE L 186 15.26 -22.90 -44.82
C PHE L 186 16.54 -22.12 -45.11
N HIS L 187 16.91 -21.21 -44.20
CA HIS L 187 18.12 -20.43 -44.39
C HIS L 187 19.38 -21.27 -44.29
N ALA L 188 19.39 -22.25 -43.36
CA ALA L 188 20.52 -23.16 -43.25
C ALA L 188 20.68 -24.02 -44.49
N LEU L 189 19.57 -24.48 -45.06
CA LEU L 189 19.64 -25.24 -46.31
C LEU L 189 20.11 -24.38 -47.46
N LYS L 190 19.69 -23.10 -47.50
CA LYS L 190 20.19 -22.19 -48.52
C LYS L 190 21.70 -22.00 -48.42
N LYS L 191 22.20 -21.86 -47.18
CA LYS L 191 23.65 -21.73 -46.97
C LYS L 191 24.38 -23.00 -47.39
N ILE L 192 23.82 -24.17 -47.07
CA ILE L 192 24.43 -25.45 -47.45
C ILE L 192 24.49 -25.59 -48.96
N LEU L 193 23.40 -25.23 -49.65
CA LEU L 193 23.38 -25.30 -51.11
C LEU L 193 24.37 -24.33 -51.73
N LYS L 194 24.51 -23.13 -51.16
CA LYS L 194 25.53 -22.21 -51.65
C LYS L 194 26.93 -22.74 -51.39
N GLU L 195 27.12 -23.53 -50.33
CA GLU L 195 28.41 -24.18 -50.11
C GLU L 195 28.70 -25.23 -51.17
N ARG L 196 27.68 -25.96 -51.61
CA ARG L 196 27.84 -27.03 -52.59
C ARG L 196 27.78 -26.53 -54.03
N GLY L 197 27.59 -25.24 -54.25
CA GLY L 197 27.51 -24.71 -55.59
C GLY L 197 26.22 -24.98 -56.32
N LEU L 198 25.14 -25.28 -55.60
CA LEU L 198 23.86 -25.57 -56.21
C LEU L 198 22.99 -24.31 -56.30
N GLU L 199 21.93 -24.40 -57.08
CA GLU L 199 21.07 -23.25 -57.36
C GLU L 199 20.12 -23.01 -56.19
N THR L 200 20.16 -21.80 -55.64
CA THR L 200 19.34 -21.43 -54.49
C THR L 200 18.12 -20.62 -54.88
N ALA L 201 17.84 -20.47 -56.17
CA ALA L 201 16.65 -19.75 -56.59
C ALA L 201 15.40 -20.60 -56.33
N VAL L 202 14.32 -19.93 -55.95
CA VAL L 202 13.10 -20.62 -55.53
C VAL L 202 12.21 -20.87 -56.74
N GLY L 203 11.27 -21.79 -56.56
CA GLY L 203 10.33 -22.18 -57.59
C GLY L 203 8.97 -21.57 -57.39
N ASP L 204 7.95 -22.23 -57.94
CA ASP L 204 6.58 -21.73 -57.87
C ASP L 204 6.08 -21.68 -56.43
N GLU L 205 6.41 -22.71 -55.64
CA GLU L 205 6.09 -22.84 -54.21
C GLU L 205 7.11 -22.27 -53.26
N GLY L 206 8.16 -21.66 -53.76
CA GLY L 206 9.13 -21.05 -52.91
C GLY L 206 10.27 -21.95 -52.49
N GLY L 207 10.32 -23.17 -52.95
CA GLY L 207 11.35 -24.09 -52.53
C GLY L 207 12.45 -24.21 -53.56
N PHE L 208 13.62 -24.65 -53.08
CA PHE L 208 14.75 -24.87 -53.98
C PHE L 208 14.53 -26.08 -54.85
N ALA L 209 15.15 -26.08 -56.02
CA ALA L 209 15.21 -27.24 -56.90
C ALA L 209 16.65 -27.52 -57.30
N PRO L 210 17.48 -28.00 -56.38
CA PRO L 210 18.90 -28.21 -56.72
C PRO L 210 19.13 -29.53 -57.45
N ARG L 211 20.33 -29.66 -58.01
CA ARG L 211 20.71 -30.84 -58.79
C ARG L 211 21.26 -31.91 -57.86
N PHE L 212 20.34 -32.51 -57.10
CA PHE L 212 20.71 -33.57 -56.18
C PHE L 212 20.98 -34.87 -56.94
N ASN L 213 21.79 -35.73 -56.32
CA ASN L 213 22.09 -37.03 -56.94
C ASN L 213 20.89 -37.96 -56.92
N GLY L 214 20.03 -37.84 -55.91
CA GLY L 214 18.87 -38.69 -55.83
C GLY L 214 18.00 -38.28 -54.67
N THR L 215 16.94 -39.06 -54.44
CA THR L 215 16.02 -38.78 -53.34
C THR L 215 16.71 -38.96 -52.00
N GLU L 216 17.58 -39.98 -51.87
CA GLU L 216 18.33 -40.18 -50.64
C GLU L 216 19.24 -38.99 -50.37
N ASP L 217 19.90 -38.47 -51.41
CA ASP L 217 20.76 -37.30 -51.24
C ASP L 217 19.96 -36.09 -50.80
N GLY L 218 18.78 -35.87 -51.38
CA GLY L 218 17.95 -34.74 -50.99
C GLY L 218 17.48 -34.83 -49.55
N VAL L 219 17.03 -36.01 -49.13
CA VAL L 219 16.58 -36.19 -47.74
C VAL L 219 17.74 -36.02 -46.77
N GLU L 220 18.92 -36.53 -47.13
CA GLU L 220 20.09 -36.36 -46.28
C GLU L 220 20.50 -34.91 -46.18
N THR L 221 20.44 -34.14 -47.28
CA THR L 221 20.74 -32.72 -47.21
C THR L 221 19.72 -31.96 -46.36
N ILE L 222 18.44 -32.35 -46.43
CA ILE L 222 17.43 -31.73 -45.58
C ILE L 222 17.71 -32.02 -44.12
N ILE L 223 18.09 -33.26 -43.80
CA ILE L 223 18.43 -33.63 -42.41
C ILE L 223 19.65 -32.83 -41.94
N LYS L 224 20.62 -32.65 -42.83
CA LYS L 224 21.80 -31.86 -42.48
C LYS L 224 21.44 -30.41 -42.21
N ALA L 225 20.50 -29.87 -42.99
CA ALA L 225 20.03 -28.51 -42.75
C ALA L 225 19.31 -28.39 -41.42
N ILE L 226 18.48 -29.39 -41.08
CA ILE L 226 17.78 -29.39 -39.78
C ILE L 226 18.77 -29.42 -38.64
N GLU L 227 19.81 -30.25 -38.75
CA GLU L 227 20.82 -30.32 -37.69
C GLU L 227 21.66 -29.06 -37.63
N ALA L 228 21.96 -28.45 -38.78
CA ALA L 228 22.73 -27.21 -38.80
C ALA L 228 21.96 -26.07 -38.16
N ALA L 229 20.65 -26.02 -38.38
CA ALA L 229 19.83 -25.02 -37.69
C ALA L 229 19.75 -25.26 -36.19
N GLY L 230 20.01 -26.49 -35.75
CA GLY L 230 20.07 -26.78 -34.32
C GLY L 230 18.84 -27.50 -33.80
N TYR L 231 18.31 -28.43 -34.59
CA TYR L 231 17.11 -29.18 -34.21
C TYR L 231 17.33 -30.65 -34.48
N VAL L 232 16.60 -31.48 -33.74
CA VAL L 232 16.76 -32.93 -33.78
C VAL L 232 15.79 -33.49 -34.82
N PRO L 233 16.26 -34.17 -35.86
CA PRO L 233 15.33 -34.89 -36.74
C PRO L 233 14.69 -36.06 -36.00
N GLY L 234 13.39 -36.24 -36.25
CA GLY L 234 12.64 -37.30 -35.59
C GLY L 234 12.04 -36.93 -34.27
N LYS L 235 12.47 -35.83 -33.66
CA LYS L 235 11.89 -35.35 -32.42
C LYS L 235 11.34 -33.94 -32.54
N ASP L 236 12.12 -33.02 -33.12
CA ASP L 236 11.70 -31.64 -33.31
C ASP L 236 11.08 -31.44 -34.69
N VAL L 237 11.76 -31.90 -35.75
CA VAL L 237 11.34 -31.71 -37.12
C VAL L 237 11.30 -33.06 -37.81
N PHE L 238 10.21 -33.32 -38.54
CA PHE L 238 10.02 -34.53 -39.32
C PHE L 238 10.07 -34.18 -40.80
N ILE L 239 10.00 -35.20 -41.64
CA ILE L 239 10.10 -35.05 -43.08
C ILE L 239 8.86 -35.67 -43.72
N GLY L 240 8.28 -34.95 -44.68
CA GLY L 240 7.19 -35.47 -45.48
C GLY L 240 7.54 -35.50 -46.95
N LEU L 241 6.92 -36.44 -47.66
CA LEU L 241 7.12 -36.58 -49.10
C LEU L 241 5.81 -36.35 -49.82
N ASP L 242 5.88 -35.73 -50.99
CA ASP L 242 4.76 -35.65 -51.93
C ASP L 242 5.31 -36.30 -53.19
N CYS L 243 5.08 -37.61 -53.32
CA CYS L 243 5.65 -38.39 -54.41
C CYS L 243 5.07 -37.99 -55.76
N ALA L 244 3.76 -37.71 -55.80
CA ALA L 244 3.00 -37.50 -57.05
C ALA L 244 3.24 -38.66 -58.00
N SER L 245 3.05 -39.88 -57.48
CA SER L 245 3.41 -41.09 -58.20
C SER L 245 2.55 -41.31 -59.45
N SER L 246 1.43 -40.61 -59.58
CA SER L 246 0.65 -40.66 -60.80
C SER L 246 1.38 -40.05 -62.00
N GLU L 247 2.39 -39.23 -61.76
CA GLU L 247 3.14 -38.61 -62.85
C GLU L 247 4.09 -39.59 -63.52
N PHE L 248 4.60 -40.57 -62.79
CA PHE L 248 5.51 -41.57 -63.34
C PHE L 248 4.92 -42.98 -63.22
N TYR L 249 3.60 -43.09 -63.25
CA TYR L 249 2.93 -44.38 -63.20
C TYR L 249 2.51 -44.79 -64.61
N ASP L 250 2.98 -45.96 -65.04
CA ASP L 250 2.61 -46.55 -66.32
C ASP L 250 1.36 -47.38 -66.12
N ALA L 251 0.22 -46.85 -66.56
CA ALA L 251 -1.05 -47.56 -66.42
C ALA L 251 -1.12 -48.79 -67.32
N GLU L 252 -0.41 -48.76 -68.46
CA GLU L 252 -0.43 -49.90 -69.38
C GLU L 252 0.18 -51.14 -68.75
N HIS L 253 1.31 -50.99 -68.07
CA HIS L 253 2.01 -52.11 -67.47
C HIS L 253 1.75 -52.27 -65.99
N LYS L 254 0.93 -51.39 -65.39
CA LYS L 254 0.68 -51.33 -63.95
C LYS L 254 1.98 -51.29 -63.16
N VAL L 255 2.91 -50.45 -63.61
CA VAL L 255 4.25 -50.35 -63.03
C VAL L 255 4.50 -48.88 -62.73
N TYR L 256 5.40 -48.62 -61.79
CA TYR L 256 5.83 -47.29 -61.39
C TYR L 256 7.21 -47.06 -61.98
N GLY L 257 7.26 -46.38 -63.12
CA GLY L 257 8.50 -46.16 -63.82
C GLY L 257 9.29 -44.98 -63.31
N TYR L 258 10.29 -45.26 -62.47
CA TYR L 258 11.16 -44.21 -61.95
C TYR L 258 12.12 -43.68 -63.00
N THR L 259 12.22 -44.34 -64.16
CA THR L 259 13.08 -43.88 -65.23
C THR L 259 12.61 -42.62 -65.91
N LYS L 260 11.37 -42.19 -65.66
CA LYS L 260 10.86 -40.96 -66.28
C LYS L 260 11.57 -39.73 -65.73
N PHE L 261 12.01 -39.76 -64.49
CA PHE L 261 12.70 -38.64 -63.87
C PHE L 261 14.11 -38.96 -63.39
N GLU L 262 14.38 -40.20 -62.98
CA GLU L 262 15.65 -40.56 -62.37
C GLU L 262 16.68 -41.05 -63.38
N GLY L 263 16.37 -41.00 -64.68
CA GLY L 263 17.30 -41.42 -65.70
C GLY L 263 17.03 -42.84 -66.17
N GLU L 264 17.73 -43.21 -67.25
CA GLU L 264 17.49 -44.52 -67.88
C GLU L 264 17.93 -45.67 -66.99
N GLY L 265 18.89 -45.46 -66.11
CA GLY L 265 19.38 -46.51 -65.24
C GLY L 265 18.54 -46.80 -64.03
N ALA L 266 17.43 -46.08 -63.84
CA ALA L 266 16.58 -46.29 -62.68
C ALA L 266 15.85 -47.63 -62.77
N ALA L 267 15.18 -47.99 -61.67
CA ALA L 267 14.50 -49.26 -61.55
C ALA L 267 13.00 -49.04 -61.49
N VAL L 268 12.27 -49.74 -62.35
CA VAL L 268 10.81 -49.72 -62.29
C VAL L 268 10.34 -50.64 -61.19
N ARG L 269 9.22 -50.29 -60.57
CA ARG L 269 8.72 -51.00 -59.40
C ARG L 269 7.26 -51.37 -59.61
N THR L 270 6.89 -52.57 -59.16
CA THR L 270 5.48 -52.94 -59.15
C THR L 270 4.80 -52.28 -57.95
N ALA L 271 3.53 -52.62 -57.69
CA ALA L 271 2.83 -52.03 -56.55
C ALA L 271 3.48 -52.43 -55.23
N ALA L 272 3.72 -53.74 -55.04
CA ALA L 272 4.36 -54.23 -53.82
C ALA L 272 5.79 -53.71 -53.70
N GLU L 273 6.50 -53.60 -54.81
CA GLU L 273 7.83 -53.01 -54.78
C GLU L 273 7.78 -51.54 -54.38
N GLN L 274 6.73 -50.82 -54.78
CA GLN L 274 6.63 -49.42 -54.41
C GLN L 274 6.34 -49.29 -52.92
N ILE L 275 5.48 -50.17 -52.38
CA ILE L 275 5.25 -50.18 -50.93
C ILE L 275 6.53 -50.53 -50.17
N ASP L 276 7.31 -51.47 -50.70
CA ASP L 276 8.57 -51.84 -50.07
C ASP L 276 9.55 -50.67 -50.07
N TYR L 277 9.62 -49.92 -51.18
CA TYR L 277 10.48 -48.75 -51.26
C TYR L 277 10.05 -47.67 -50.29
N LEU L 278 8.73 -47.43 -50.20
CA LEU L 278 8.23 -46.42 -49.26
C LEU L 278 8.48 -46.83 -47.82
N GLU L 279 8.33 -48.11 -47.50
CA GLU L 279 8.61 -48.59 -46.15
C GLU L 279 10.09 -48.50 -45.81
N GLU L 280 10.96 -48.78 -46.79
CA GLU L 280 12.40 -48.63 -46.58
C GLU L 280 12.76 -47.18 -46.33
N LEU L 281 12.15 -46.25 -47.09
CA LEU L 281 12.36 -44.83 -46.85
C LEU L 281 11.89 -44.40 -45.48
N VAL L 282 10.73 -44.92 -45.04
CA VAL L 282 10.18 -44.60 -43.73
C VAL L 282 11.10 -45.12 -42.63
N ASN L 283 11.66 -46.31 -42.81
CA ASN L 283 12.56 -46.86 -41.80
C ASN L 283 13.87 -46.08 -41.74
N LYS L 284 14.40 -45.66 -42.89
CA LYS L 284 15.69 -44.97 -42.89
C LYS L 284 15.59 -43.57 -42.31
N TYR L 285 14.56 -42.82 -42.66
CA TYR L 285 14.46 -41.40 -42.37
C TYR L 285 13.27 -41.11 -41.46
N PRO L 286 13.28 -39.98 -40.74
CA PRO L 286 12.10 -39.64 -39.92
C PRO L 286 10.95 -39.07 -40.74
N ILE L 287 10.35 -39.92 -41.58
CA ILE L 287 9.28 -39.51 -42.47
C ILE L 287 7.95 -39.76 -41.78
N ILE L 288 7.14 -38.72 -41.67
CA ILE L 288 5.87 -38.79 -40.98
C ILE L 288 4.68 -38.74 -41.94
N THR L 289 4.84 -38.16 -43.14
CA THR L 289 3.75 -38.06 -44.10
C THR L 289 4.26 -38.46 -45.48
N ILE L 290 3.41 -39.13 -46.24
CA ILE L 290 3.63 -39.49 -47.63
C ILE L 290 2.35 -39.16 -48.39
N GLU L 291 2.46 -38.32 -49.40
CA GLU L 291 1.34 -37.84 -50.18
C GLU L 291 1.45 -38.37 -51.59
N ASP L 292 0.35 -38.94 -52.09
CA ASP L 292 0.25 -39.52 -53.43
C ASP L 292 1.32 -40.58 -53.64
N GLY L 293 1.46 -41.46 -52.66
CA GLY L 293 2.39 -42.55 -52.78
C GLY L 293 1.98 -43.60 -53.77
N MET L 294 0.71 -43.63 -54.16
CA MET L 294 0.19 -44.56 -55.14
C MET L 294 -0.58 -43.79 -56.22
N ASP L 295 -0.85 -44.45 -57.34
CA ASP L 295 -1.54 -43.83 -58.45
C ASP L 295 -2.97 -43.50 -58.06
N GLU L 296 -3.51 -42.43 -58.67
CA GLU L 296 -4.86 -41.97 -58.36
C GLU L 296 -5.93 -43.01 -58.68
N ASN L 297 -5.64 -43.93 -59.61
CA ASN L 297 -6.58 -44.98 -59.98
C ASN L 297 -6.22 -46.34 -59.38
N ASP L 298 -5.04 -46.48 -58.76
CA ASP L 298 -4.60 -47.76 -58.23
C ASP L 298 -5.18 -47.94 -56.83
N TRP L 299 -6.43 -48.37 -56.79
CA TRP L 299 -7.13 -48.55 -55.51
C TRP L 299 -6.57 -49.73 -54.73
N ASP L 300 -6.19 -50.81 -55.42
CA ASP L 300 -5.59 -51.97 -54.75
C ASP L 300 -4.26 -51.60 -54.12
N GLY L 301 -3.44 -50.83 -54.84
CA GLY L 301 -2.17 -50.38 -54.28
C GLY L 301 -2.36 -49.44 -53.10
N TRP L 302 -3.36 -48.57 -53.17
CA TRP L 302 -3.67 -47.68 -52.05
C TRP L 302 -4.10 -48.47 -50.82
N LYS L 303 -4.96 -49.48 -51.02
CA LYS L 303 -5.40 -50.31 -49.90
C LYS L 303 -4.25 -51.09 -49.27
N ALA L 304 -3.37 -51.63 -50.10
CA ALA L 304 -2.23 -52.38 -49.57
C ALA L 304 -1.23 -51.45 -48.87
N LEU L 305 -1.04 -50.25 -49.40
CA LEU L 305 -0.14 -49.28 -48.77
C LEU L 305 -0.69 -48.81 -47.42
N THR L 306 -2.01 -48.63 -47.33
CA THR L 306 -2.61 -48.28 -46.04
C THR L 306 -2.54 -49.44 -45.06
N GLU L 307 -2.67 -50.67 -45.55
CA GLU L 307 -2.52 -51.82 -44.67
C GLU L 307 -1.10 -51.90 -44.12
N ARG L 308 -0.10 -51.62 -44.96
CA ARG L 308 1.29 -51.73 -44.51
C ARG L 308 1.70 -50.55 -43.64
N LEU L 309 1.70 -49.34 -44.20
CA LEU L 309 2.27 -48.16 -43.56
C LEU L 309 1.25 -47.26 -42.89
N GLY L 310 -0.04 -47.62 -42.91
CA GLY L 310 -1.06 -46.71 -42.44
C GLY L 310 -0.98 -46.39 -40.95
N GLY L 311 -0.51 -47.35 -40.15
CA GLY L 311 -0.46 -47.14 -38.70
C GLY L 311 0.55 -46.10 -38.26
N LYS L 312 1.71 -46.06 -38.90
CA LYS L 312 2.83 -45.23 -38.44
C LYS L 312 2.97 -43.91 -39.20
N VAL L 313 2.67 -43.88 -40.51
CA VAL L 313 2.86 -42.67 -41.30
C VAL L 313 1.51 -42.26 -41.86
N GLN L 314 1.40 -40.96 -42.16
CA GLN L 314 0.20 -40.38 -42.70
C GLN L 314 0.23 -40.48 -44.21
N LEU L 315 -0.83 -41.02 -44.79
CA LEU L 315 -0.97 -41.16 -46.23
C LEU L 315 -2.03 -40.20 -46.72
N VAL L 316 -1.65 -39.26 -47.58
CA VAL L 316 -2.50 -38.17 -48.02
C VAL L 316 -2.95 -38.45 -49.45
N GLY L 317 -4.26 -38.39 -49.67
CA GLY L 317 -4.81 -38.53 -51.01
C GLY L 317 -5.08 -37.18 -51.66
N ASP L 318 -4.18 -36.75 -52.54
CA ASP L 318 -4.32 -35.45 -53.18
C ASP L 318 -5.05 -35.59 -54.51
N ASP L 319 -4.46 -36.32 -55.45
CA ASP L 319 -5.15 -36.66 -56.69
C ASP L 319 -5.96 -37.93 -56.57
N PHE L 320 -5.83 -38.63 -55.44
CA PHE L 320 -6.63 -39.83 -55.19
C PHE L 320 -8.07 -39.47 -54.90
N PHE L 321 -8.28 -38.40 -54.16
CA PHE L 321 -9.61 -38.02 -53.72
C PHE L 321 -10.16 -36.77 -54.36
N VAL L 322 -9.32 -35.93 -54.99
CA VAL L 322 -9.60 -34.60 -55.56
C VAL L 322 -10.66 -33.82 -54.76
N THR L 323 -10.53 -33.88 -53.42
CA THR L 323 -11.37 -33.23 -52.39
C THR L 323 -12.86 -33.15 -52.77
N ASN L 324 -13.39 -34.30 -53.21
CA ASN L 324 -14.83 -34.43 -53.38
C ASN L 324 -15.28 -35.66 -52.62
N THR L 325 -16.54 -35.63 -52.18
CA THR L 325 -16.99 -36.58 -51.17
C THR L 325 -17.25 -37.97 -51.72
N ALA L 326 -17.44 -38.14 -53.03
CA ALA L 326 -17.72 -39.47 -53.57
C ALA L 326 -16.51 -40.39 -53.43
N TYR L 327 -15.34 -39.94 -53.91
CA TYR L 327 -14.13 -40.73 -53.75
C TYR L 327 -13.66 -40.78 -52.31
N LEU L 328 -13.93 -39.73 -51.52
CA LEU L 328 -13.61 -39.78 -50.10
C LEU L 328 -14.41 -40.86 -49.38
N GLU L 329 -15.71 -40.98 -49.71
CA GLU L 329 -16.53 -42.05 -49.17
C GLU L 329 -16.06 -43.42 -49.63
N LYS L 330 -15.69 -43.52 -50.91
CA LYS L 330 -15.19 -44.80 -51.44
C LYS L 330 -13.88 -45.21 -50.75
N GLY L 331 -13.01 -44.24 -50.48
CA GLY L 331 -11.79 -44.53 -49.76
C GLY L 331 -12.02 -44.89 -48.31
N ILE L 332 -12.95 -44.22 -47.65
CA ILE L 332 -13.26 -44.52 -46.26
C ILE L 332 -13.86 -45.93 -46.13
N ALA L 333 -14.72 -46.30 -47.08
CA ALA L 333 -15.30 -47.64 -47.07
C ALA L 333 -14.24 -48.71 -47.32
N GLU L 334 -13.24 -48.42 -48.16
CA GLU L 334 -12.27 -49.41 -48.57
C GLU L 334 -10.95 -49.31 -47.84
N HIS L 335 -10.86 -48.47 -46.79
CA HIS L 335 -9.65 -48.27 -45.99
C HIS L 335 -8.45 -47.85 -46.85
N ALA L 336 -8.67 -46.84 -47.70
CA ALA L 336 -7.66 -46.31 -48.58
C ALA L 336 -7.23 -44.96 -48.05
N ALA L 337 -5.93 -44.81 -47.79
CA ALA L 337 -5.28 -43.68 -47.14
C ALA L 337 -5.83 -43.40 -45.74
N ASN L 338 -5.26 -42.40 -45.07
CA ASN L 338 -5.83 -41.92 -43.82
C ASN L 338 -5.81 -40.40 -43.75
N SER L 339 -5.69 -39.73 -44.89
CA SER L 339 -5.66 -38.28 -44.96
C SER L 339 -6.11 -37.86 -46.35
N ILE L 340 -6.68 -36.67 -46.43
CA ILE L 340 -7.14 -36.08 -47.68
C ILE L 340 -6.59 -34.67 -47.80
N LEU L 341 -6.09 -34.33 -48.98
CA LEU L 341 -5.63 -32.98 -49.25
C LEU L 341 -6.82 -32.16 -49.72
N ILE L 342 -7.17 -31.12 -48.96
CA ILE L 342 -8.35 -30.31 -49.22
C ILE L 342 -7.91 -29.08 -50.01
N LYS L 343 -8.29 -29.03 -51.28
CA LYS L 343 -8.06 -27.85 -52.11
C LYS L 343 -9.41 -27.21 -52.41
N VAL L 344 -9.56 -25.95 -52.03
CA VAL L 344 -10.89 -25.33 -52.02
C VAL L 344 -11.38 -25.10 -53.45
N ASN L 345 -10.48 -24.78 -54.37
CA ASN L 345 -10.84 -24.53 -55.76
C ASN L 345 -11.08 -25.80 -56.56
N GLN L 346 -10.76 -26.97 -56.01
CA GLN L 346 -11.04 -28.21 -56.69
C GLN L 346 -12.47 -28.70 -56.44
N ILE L 347 -13.18 -28.09 -55.51
CA ILE L 347 -14.57 -28.45 -55.22
C ILE L 347 -15.53 -27.32 -55.57
N GLY L 348 -15.13 -26.06 -55.37
CA GLY L 348 -15.84 -24.93 -55.89
C GLY L 348 -16.52 -24.03 -54.88
N THR L 349 -16.86 -24.53 -53.68
CA THR L 349 -17.55 -23.71 -52.70
C THR L 349 -16.99 -23.98 -51.31
N LEU L 350 -17.31 -23.10 -50.37
CA LEU L 350 -16.92 -23.28 -48.98
C LEU L 350 -17.79 -24.32 -48.28
N THR L 351 -19.08 -24.42 -48.66
CA THR L 351 -19.99 -25.37 -48.02
C THR L 351 -19.52 -26.81 -48.25
N GLU L 352 -19.19 -27.17 -49.49
CA GLU L 352 -18.71 -28.52 -49.75
C GLU L 352 -17.28 -28.75 -49.27
N THR L 353 -16.46 -27.69 -49.19
CA THR L 353 -15.15 -27.83 -48.55
C THR L 353 -15.30 -28.24 -47.10
N PHE L 354 -16.19 -27.55 -46.37
CA PHE L 354 -16.41 -27.89 -44.97
C PHE L 354 -17.10 -29.22 -44.82
N ASP L 355 -17.96 -29.59 -45.79
CA ASP L 355 -18.58 -30.91 -45.80
C ASP L 355 -17.54 -32.01 -45.97
N ALA L 356 -16.59 -31.82 -46.88
CA ALA L 356 -15.53 -32.80 -47.05
C ALA L 356 -14.63 -32.89 -45.82
N ILE L 357 -14.34 -31.74 -45.20
CA ILE L 357 -13.52 -31.72 -43.99
C ILE L 357 -14.21 -32.49 -42.86
N GLU L 358 -15.51 -32.23 -42.65
CA GLU L 358 -16.23 -32.95 -41.60
C GLU L 358 -16.40 -34.43 -41.92
N MET L 359 -16.55 -34.79 -43.21
CA MET L 359 -16.60 -36.21 -43.58
C MET L 359 -15.28 -36.90 -43.28
N ALA L 360 -14.16 -36.25 -43.58
CA ALA L 360 -12.85 -36.81 -43.27
C ALA L 360 -12.64 -36.93 -41.76
N LYS L 361 -13.04 -35.90 -41.01
CA LYS L 361 -12.85 -35.92 -39.56
C LYS L 361 -13.66 -37.02 -38.90
N GLU L 362 -14.90 -37.23 -39.35
CA GLU L 362 -15.74 -38.27 -38.77
C GLU L 362 -15.21 -39.68 -39.00
N ALA L 363 -14.36 -39.87 -40.00
CA ALA L 363 -13.80 -41.18 -40.30
C ALA L 363 -12.43 -41.40 -39.68
N GLY L 364 -11.94 -40.45 -38.87
CA GLY L 364 -10.60 -40.54 -38.33
C GLY L 364 -9.52 -40.04 -39.28
N TYR L 365 -9.89 -39.61 -40.47
CA TYR L 365 -8.95 -39.06 -41.42
C TYR L 365 -8.58 -37.64 -41.02
N THR L 366 -7.39 -37.23 -41.42
CA THR L 366 -6.95 -35.85 -41.23
C THR L 366 -7.15 -35.08 -42.52
N ALA L 367 -7.64 -33.85 -42.42
CA ALA L 367 -7.83 -33.00 -43.58
C ALA L 367 -6.72 -31.96 -43.59
N VAL L 368 -5.94 -31.92 -44.66
CA VAL L 368 -4.82 -30.99 -44.79
C VAL L 368 -5.25 -29.91 -45.76
N VAL L 369 -5.40 -28.68 -45.26
CA VAL L 369 -5.81 -27.57 -46.13
C VAL L 369 -4.61 -27.13 -46.95
N SER L 370 -4.77 -27.16 -48.27
CA SER L 370 -3.64 -27.02 -49.18
C SER L 370 -3.80 -25.78 -50.05
N HIS L 371 -2.67 -25.37 -50.66
CA HIS L 371 -2.59 -24.27 -51.59
C HIS L 371 -2.55 -24.82 -53.01
N ARG L 372 -2.44 -23.92 -53.97
CA ARG L 372 -2.22 -24.25 -55.35
C ARG L 372 -0.91 -23.64 -55.81
N SER L 373 -0.46 -24.09 -56.96
CA SER L 373 0.78 -23.57 -57.49
C SER L 373 0.62 -22.10 -57.91
N GLY L 374 -0.53 -21.72 -58.44
CA GLY L 374 -0.85 -20.32 -58.65
C GLY L 374 -1.68 -19.76 -57.52
N GLU L 375 -1.05 -19.04 -56.62
CA GLU L 375 -1.70 -18.51 -55.43
C GLU L 375 -1.81 -17.02 -55.50
N THR L 376 -2.39 -16.45 -54.47
CA THR L 376 -2.68 -15.07 -54.56
C THR L 376 -2.36 -14.44 -53.20
N GLU L 377 -2.70 -13.15 -52.98
CA GLU L 377 -2.48 -12.55 -51.66
C GLU L 377 -3.60 -12.86 -50.68
N ASP L 378 -4.64 -13.55 -51.15
CA ASP L 378 -5.70 -14.02 -50.28
C ASP L 378 -5.18 -15.07 -49.31
N SER L 379 -5.59 -14.96 -48.05
CA SER L 379 -5.18 -15.89 -46.99
C SER L 379 -6.41 -16.53 -46.35
N THR L 380 -7.38 -16.95 -47.16
CA THR L 380 -8.60 -17.54 -46.63
C THR L 380 -8.37 -18.96 -46.14
N ILE L 381 -7.47 -19.71 -46.77
CA ILE L 381 -7.22 -21.08 -46.33
C ILE L 381 -6.57 -21.11 -44.95
N ALA L 382 -5.87 -20.04 -44.55
CA ALA L 382 -5.35 -19.93 -43.19
C ALA L 382 -6.49 -19.88 -42.18
N ASP L 383 -7.55 -19.13 -42.51
CA ASP L 383 -8.73 -19.11 -41.67
C ASP L 383 -9.52 -20.41 -41.74
N ILE L 384 -9.50 -21.08 -42.90
CA ILE L 384 -10.21 -22.35 -43.05
C ILE L 384 -9.58 -23.42 -42.17
N ALA L 385 -8.24 -23.46 -42.12
CA ALA L 385 -7.54 -24.45 -41.30
C ALA L 385 -7.83 -24.23 -39.82
N VAL L 386 -7.84 -22.96 -39.37
CA VAL L 386 -8.14 -22.72 -37.95
C VAL L 386 -9.61 -22.99 -37.64
N ALA L 387 -10.51 -22.60 -38.55
CA ALA L 387 -11.95 -22.70 -38.29
C ALA L 387 -12.42 -24.14 -38.15
N THR L 388 -11.87 -25.04 -38.97
CA THR L 388 -12.23 -26.44 -38.90
C THR L 388 -11.42 -27.22 -37.87
N ASN L 389 -10.42 -26.58 -37.25
CA ASN L 389 -9.48 -27.22 -36.31
C ASN L 389 -8.82 -28.45 -36.95
N ALA L 390 -8.44 -28.30 -38.22
CA ALA L 390 -7.86 -29.40 -38.96
C ALA L 390 -6.51 -29.83 -38.41
N GLY L 391 -5.74 -28.86 -37.92
CA GLY L 391 -4.46 -29.15 -37.30
C GLY L 391 -3.32 -29.37 -38.27
N GLN L 392 -3.55 -29.25 -39.57
CA GLN L 392 -2.50 -29.39 -40.57
C GLN L 392 -2.78 -28.45 -41.73
N ILE L 393 -1.72 -27.82 -42.25
CA ILE L 393 -1.82 -26.94 -43.41
C ILE L 393 -0.59 -27.17 -44.28
N LYS L 394 -0.78 -27.01 -45.58
CA LYS L 394 0.29 -27.15 -46.57
C LYS L 394 0.19 -25.90 -47.42
N THR L 395 0.99 -24.87 -47.10
CA THR L 395 0.92 -23.57 -47.77
C THR L 395 2.32 -23.13 -48.22
N GLY L 396 3.13 -24.07 -48.69
CA GLY L 396 4.37 -23.74 -49.38
C GLY L 396 5.58 -23.57 -48.48
N SER L 397 6.56 -22.89 -49.04
CA SER L 397 7.88 -22.72 -48.44
C SER L 397 7.93 -21.43 -47.65
N LEU L 398 9.13 -21.01 -47.29
CA LEU L 398 9.33 -19.85 -46.44
C LEU L 398 9.98 -18.79 -47.28
N SER L 399 9.62 -18.72 -48.57
CA SER L 399 10.06 -17.53 -49.26
C SER L 399 8.95 -16.66 -49.86
N ARG L 400 8.34 -16.95 -50.98
CA ARG L 400 7.47 -16.00 -51.68
C ARG L 400 6.19 -15.65 -50.89
N THR L 401 5.73 -14.37 -50.95
CA THR L 401 4.57 -13.88 -50.15
C THR L 401 3.25 -14.54 -50.53
N ASP L 402 3.15 -15.09 -51.73
CA ASP L 402 2.04 -15.98 -52.04
C ASP L 402 1.95 -17.19 -51.07
N ARG L 403 3.05 -17.52 -50.37
CA ARG L 403 3.07 -18.50 -49.30
C ARG L 403 3.16 -17.86 -47.93
N ILE L 404 3.99 -16.81 -47.77
CA ILE L 404 4.18 -16.15 -46.48
C ILE L 404 2.93 -15.44 -45.99
N ALA L 405 2.02 -15.08 -46.90
CA ALA L 405 0.78 -14.41 -46.49
C ALA L 405 -0.06 -15.31 -45.59
N LYS L 406 -0.11 -16.61 -45.91
CA LYS L 406 -0.86 -17.55 -45.08
C LYS L 406 -0.22 -17.75 -43.73
N TYR L 407 1.12 -17.82 -43.69
CA TYR L 407 1.83 -17.92 -42.42
C TYR L 407 1.65 -16.67 -41.57
N ASN L 408 1.65 -15.50 -42.20
CA ASN L 408 1.40 -14.25 -41.49
C ASN L 408 -0.02 -14.18 -40.96
N GLN L 409 -0.99 -14.69 -41.73
CA GLN L 409 -2.36 -14.75 -41.26
C GLN L 409 -2.50 -15.70 -40.08
N LEU L 410 -1.78 -16.83 -40.11
CA LEU L 410 -1.80 -17.74 -38.98
C LEU L 410 -1.12 -17.13 -37.75
N LEU L 411 -0.07 -16.33 -37.96
CA LEU L 411 0.53 -15.58 -36.86
C LEU L 411 -0.46 -14.59 -36.26
N ARG L 412 -1.21 -13.89 -37.11
CA ARG L 412 -2.24 -12.96 -36.62
C ARG L 412 -3.33 -13.69 -35.86
N ILE L 413 -3.77 -14.85 -36.35
CA ILE L 413 -4.79 -15.63 -35.67
C ILE L 413 -4.29 -16.12 -34.31
N GLU L 414 -3.04 -16.60 -34.26
CA GLU L 414 -2.47 -17.04 -32.99
C GLU L 414 -2.35 -15.89 -32.00
N ASP L 415 -1.95 -14.71 -32.50
CA ASP L 415 -1.88 -13.52 -31.65
C ASP L 415 -3.25 -13.12 -31.11
N GLN L 416 -4.29 -13.17 -31.98
CA GLN L 416 -5.64 -12.85 -31.55
C GLN L 416 -6.16 -13.83 -30.51
N LEU L 417 -5.92 -15.12 -30.73
CA LEU L 417 -6.38 -16.14 -29.78
C LEU L 417 -5.65 -16.01 -28.44
N GLY L 418 -4.36 -15.70 -28.46
CA GLY L 418 -3.63 -15.46 -27.24
C GLY L 418 -3.42 -16.70 -26.41
N GLU L 419 -3.95 -16.70 -25.19
CA GLU L 419 -3.77 -17.81 -24.27
C GLU L 419 -4.66 -18.99 -24.64
N VAL L 420 -5.69 -18.75 -25.46
CA VAL L 420 -6.59 -19.81 -25.90
C VAL L 420 -5.96 -20.66 -27.02
N ALA L 421 -5.00 -20.10 -27.76
CA ALA L 421 -4.42 -20.77 -28.91
C ALA L 421 -3.74 -22.07 -28.52
N GLU L 422 -3.86 -23.07 -29.39
CA GLU L 422 -3.31 -24.40 -29.15
C GLU L 422 -2.53 -24.83 -30.38
N TYR L 423 -1.30 -25.27 -30.18
CA TYR L 423 -0.49 -25.85 -31.25
C TYR L 423 -0.22 -27.30 -30.84
N ARG L 424 -1.02 -28.22 -31.37
CA ARG L 424 -0.96 -29.60 -30.89
C ARG L 424 0.24 -30.36 -31.44
N GLY L 425 0.83 -29.90 -32.54
CA GLY L 425 2.03 -30.53 -33.07
C GLY L 425 1.78 -31.95 -33.52
N LEU L 426 2.54 -32.90 -32.94
CA LEU L 426 2.36 -34.32 -33.23
C LEU L 426 0.98 -34.83 -32.86
N LYS L 427 0.29 -34.20 -31.91
CA LYS L 427 -1.07 -34.58 -31.57
C LYS L 427 -2.07 -34.30 -32.70
N SER L 428 -1.72 -33.43 -33.65
CA SER L 428 -2.63 -33.17 -34.76
C SER L 428 -2.68 -34.33 -35.75
N PHE L 429 -1.81 -35.31 -35.62
CA PHE L 429 -1.82 -36.51 -36.45
C PHE L 429 -2.63 -37.61 -35.75
N TYR L 430 -3.90 -37.30 -35.50
CA TYR L 430 -4.78 -38.23 -34.80
C TYR L 430 -5.10 -39.47 -35.62
N ASN L 431 -4.83 -39.46 -36.92
CA ASN L 431 -5.00 -40.62 -37.77
C ASN L 431 -3.95 -41.70 -37.52
N LEU L 432 -2.88 -41.39 -36.78
CA LEU L 432 -1.85 -42.34 -36.45
C LEU L 432 -2.05 -42.88 -35.03
N LYS L 433 -1.54 -44.08 -34.80
CA LYS L 433 -1.63 -44.71 -33.49
C LYS L 433 -0.61 -44.09 -32.55
N LYS L 434 -1.04 -43.84 -31.31
CA LYS L 434 -0.22 -43.25 -30.24
C LYS L 434 0.34 -41.88 -30.65
N MET M 1 -14.39 9.98 -32.50
CA MET M 1 -14.70 8.92 -33.45
C MET M 1 -13.47 8.66 -34.34
N SER M 2 -12.73 9.71 -34.69
CA SER M 2 -11.51 9.60 -35.44
C SER M 2 -10.30 9.62 -34.53
N ILE M 3 -10.50 9.64 -33.22
CA ILE M 3 -9.40 9.63 -32.28
C ILE M 3 -8.74 8.26 -32.31
N ILE M 4 -7.42 8.23 -32.50
CA ILE M 4 -6.65 7.01 -32.41
C ILE M 4 -6.78 6.47 -30.99
N THR M 5 -7.14 5.23 -30.90
CA THR M 5 -7.47 4.55 -29.66
C THR M 5 -6.55 3.40 -29.31
N ASP M 6 -6.09 2.63 -30.30
CA ASP M 6 -5.16 1.55 -30.03
C ASP M 6 -4.12 1.48 -31.15
N VAL M 7 -2.86 1.29 -30.76
CA VAL M 7 -1.77 1.05 -31.69
C VAL M 7 -1.04 -0.20 -31.22
N TYR M 8 -0.89 -1.17 -32.11
CA TYR M 8 -0.33 -2.46 -31.72
C TYR M 8 0.54 -3.03 -32.83
N ALA M 9 1.79 -3.32 -32.52
CA ALA M 9 2.70 -3.95 -33.47
C ALA M 9 2.85 -5.43 -33.18
N ARG M 10 3.10 -6.19 -34.24
CA ARG M 10 3.39 -7.60 -34.12
C ARG M 10 4.46 -7.98 -35.14
N GLU M 11 5.13 -9.09 -34.86
CA GLU M 11 6.23 -9.56 -35.70
C GLU M 11 5.70 -10.58 -36.70
N VAL M 12 5.97 -10.32 -37.98
CA VAL M 12 5.56 -11.18 -39.08
C VAL M 12 6.79 -11.47 -39.93
N LEU M 13 6.57 -12.18 -41.04
CA LEU M 13 7.65 -12.47 -41.96
C LEU M 13 7.48 -11.69 -43.26
N ASP M 14 8.60 -11.41 -43.92
CA ASP M 14 8.59 -10.75 -45.21
C ASP M 14 8.66 -11.82 -46.31
N SER M 15 8.87 -11.38 -47.55
CA SER M 15 8.90 -12.30 -48.67
C SER M 15 10.19 -13.09 -48.75
N ARG M 16 11.22 -12.74 -48.01
CA ARG M 16 12.44 -13.52 -48.06
C ARG M 16 12.55 -14.54 -46.94
N GLY M 17 11.58 -14.58 -46.05
CA GLY M 17 11.65 -15.46 -44.89
C GLY M 17 12.28 -14.84 -43.66
N ASN M 18 12.56 -13.57 -43.68
CA ASN M 18 13.16 -12.76 -42.65
C ASN M 18 12.09 -11.99 -41.88
N PRO M 19 12.30 -11.73 -40.60
CA PRO M 19 11.27 -11.02 -39.82
C PRO M 19 11.12 -9.57 -40.23
N THR M 20 9.90 -9.07 -40.05
CA THR M 20 9.57 -7.67 -40.11
C THR M 20 8.41 -7.47 -39.14
N LEU M 21 7.82 -6.28 -39.14
CA LEU M 21 6.74 -5.98 -38.22
C LEU M 21 5.59 -5.34 -38.98
N GLU M 22 4.40 -5.48 -38.42
CA GLU M 22 3.22 -4.79 -38.92
C GLU M 22 2.51 -4.12 -37.75
N VAL M 23 1.92 -2.96 -38.03
CA VAL M 23 1.29 -2.12 -37.01
C VAL M 23 -0.18 -1.99 -37.34
N GLU M 24 -1.05 -2.23 -36.35
CA GLU M 24 -2.48 -2.07 -36.49
C GLU M 24 -2.93 -0.87 -35.65
N VAL M 25 -3.69 0.02 -36.27
CA VAL M 25 -4.22 1.22 -35.63
C VAL M 25 -5.73 1.14 -35.64
N TYR M 26 -6.34 1.27 -34.46
CA TYR M 26 -7.78 1.29 -34.29
C TYR M 26 -8.18 2.66 -33.75
N THR M 27 -9.18 3.27 -34.36
CA THR M 27 -9.74 4.51 -33.86
C THR M 27 -11.00 4.23 -33.07
N GLU M 28 -11.56 5.29 -32.44
CA GLU M 28 -12.67 5.13 -31.52
C GLU M 28 -13.93 4.63 -32.21
N SER M 29 -14.22 5.15 -33.40
CA SER M 29 -15.40 4.72 -34.14
C SER M 29 -15.28 3.32 -34.71
N GLY M 30 -14.09 2.73 -34.67
CA GLY M 30 -13.88 1.41 -35.20
C GLY M 30 -13.13 1.35 -36.52
N ALA M 31 -12.60 2.48 -36.99
CA ALA M 31 -11.80 2.44 -38.21
C ALA M 31 -10.48 1.74 -37.93
N PHE M 32 -10.02 0.99 -38.92
CA PHE M 32 -8.88 0.10 -38.76
C PHE M 32 -7.90 0.30 -39.89
N GLY M 33 -6.61 0.32 -39.55
CA GLY M 33 -5.57 0.40 -40.55
C GLY M 33 -4.40 -0.51 -40.22
N ARG M 34 -3.85 -1.18 -41.21
CA ARG M 34 -2.73 -2.09 -41.01
C ARG M 34 -1.58 -1.69 -41.92
N GLY M 35 -0.43 -1.40 -41.32
CA GLY M 35 0.74 -1.01 -42.07
C GLY M 35 1.87 -2.02 -41.96
N MET M 36 2.32 -2.54 -43.10
CA MET M 36 3.32 -3.59 -43.13
C MET M 36 4.61 -2.97 -43.66
N VAL M 37 5.73 -3.27 -43.01
CA VAL M 37 7.00 -2.61 -43.30
C VAL M 37 7.82 -3.53 -44.19
N PRO M 38 8.33 -3.05 -45.32
CA PRO M 38 9.31 -3.83 -46.08
C PRO M 38 10.64 -3.87 -45.36
N SER M 39 11.43 -4.89 -45.68
CA SER M 39 12.74 -5.06 -45.07
C SER M 39 13.75 -4.11 -45.71
N GLY M 40 14.47 -3.38 -44.87
CA GLY M 40 15.45 -2.43 -45.35
C GLY M 40 16.88 -2.72 -44.91
N ALA M 41 17.61 -1.68 -44.54
CA ALA M 41 19.00 -1.82 -44.14
C ALA M 41 19.21 -1.17 -42.77
N SER M 42 20.04 -1.82 -41.95
CA SER M 42 20.41 -1.29 -40.64
C SER M 42 21.69 -0.46 -40.68
N THR M 43 22.27 -0.26 -41.87
CA THR M 43 23.48 0.52 -42.03
C THR M 43 23.25 1.59 -43.09
N GLY M 44 24.07 2.64 -43.03
CA GLY M 44 23.95 3.75 -43.95
C GLY M 44 24.26 5.07 -43.29
N GLU M 45 25.11 5.88 -43.94
CA GLU M 45 25.54 7.14 -43.34
C GLU M 45 24.40 8.14 -43.25
N HIS M 46 23.60 8.26 -44.30
CA HIS M 46 22.52 9.25 -44.36
C HIS M 46 21.25 8.63 -44.91
N GLU M 47 20.87 7.48 -44.35
CA GLU M 47 19.58 6.87 -44.64
C GLU M 47 19.00 6.36 -43.33
N ALA M 48 17.68 6.23 -43.31
CA ALA M 48 16.97 5.77 -42.13
C ALA M 48 17.37 4.33 -41.80
N VAL M 49 17.51 4.06 -40.50
CA VAL M 49 18.06 2.80 -40.00
C VAL M 49 16.97 2.04 -39.30
N GLU M 50 16.76 0.78 -39.71
CA GLU M 50 15.80 -0.09 -39.06
C GLU M 50 16.43 -0.74 -37.83
N LEU M 51 15.56 -1.17 -36.92
CA LEU M 51 15.98 -1.74 -35.64
C LEU M 51 15.85 -3.25 -35.69
N ARG M 52 16.95 -3.96 -35.42
CA ARG M 52 16.96 -5.41 -35.38
C ARG M 52 17.57 -5.86 -34.06
N ASP M 53 17.18 -7.07 -33.64
CA ASP M 53 17.52 -7.56 -32.31
C ASP M 53 19.02 -7.79 -32.15
N GLY M 54 19.64 -8.40 -33.15
CA GLY M 54 21.03 -8.79 -33.04
C GLY M 54 21.24 -10.10 -32.31
N ASP M 55 20.18 -10.79 -31.91
CA ASP M 55 20.30 -12.08 -31.25
C ASP M 55 20.46 -13.14 -32.33
N LYS M 56 21.64 -13.77 -32.38
CA LYS M 56 21.93 -14.77 -33.40
C LYS M 56 21.14 -16.05 -33.20
N ALA M 57 20.69 -16.34 -31.98
CA ALA M 57 19.89 -17.53 -31.74
C ALA M 57 18.49 -17.44 -32.34
N ARG M 58 18.00 -16.23 -32.59
CA ARG M 58 16.66 -16.01 -33.11
C ARG M 58 16.77 -15.34 -34.49
N TYR M 59 16.41 -16.09 -35.53
CA TYR M 59 16.30 -15.59 -36.91
C TYR M 59 17.61 -15.07 -37.46
N GLY M 60 18.73 -15.54 -36.93
CA GLY M 60 20.04 -15.08 -37.37
C GLY M 60 20.32 -13.61 -37.10
N GLY M 61 19.78 -13.07 -36.01
CA GLY M 61 20.00 -11.67 -35.70
C GLY M 61 19.12 -10.70 -36.43
N LEU M 62 18.07 -11.18 -37.12
CA LEU M 62 17.20 -10.32 -37.90
C LEU M 62 15.81 -10.17 -37.27
N GLY M 63 15.67 -10.51 -35.99
CA GLY M 63 14.39 -10.35 -35.34
C GLY M 63 14.01 -8.90 -35.16
N THR M 64 12.70 -8.64 -35.15
CA THR M 64 12.16 -7.29 -35.04
C THR M 64 11.39 -7.08 -33.75
N GLN M 65 11.70 -7.87 -32.71
CA GLN M 65 11.01 -7.73 -31.44
C GLN M 65 11.32 -6.41 -30.76
N LYS M 66 12.52 -5.87 -30.97
CA LYS M 66 12.87 -4.58 -30.38
C LYS M 66 12.03 -3.45 -30.95
N ALA M 67 11.83 -3.44 -32.26
CA ALA M 67 10.98 -2.42 -32.88
C ALA M 67 9.51 -2.60 -32.49
N VAL M 68 9.07 -3.85 -32.33
CA VAL M 68 7.71 -4.12 -31.86
C VAL M 68 7.51 -3.57 -30.45
N ASP M 69 8.51 -3.78 -29.58
CA ASP M 69 8.44 -3.23 -28.23
C ASP M 69 8.49 -1.71 -28.24
N ASN M 70 9.24 -1.13 -29.18
CA ASN M 70 9.26 0.32 -29.33
C ASN M 70 7.90 0.86 -29.72
N VAL M 71 7.21 0.18 -30.64
CA VAL M 71 5.86 0.62 -31.02
C VAL M 71 4.90 0.45 -29.85
N ASN M 72 4.96 -0.68 -29.17
CA ASN M 72 3.94 -1.01 -28.18
C ASN M 72 4.10 -0.24 -26.87
N ASN M 73 5.34 0.08 -26.49
CA ASN M 73 5.59 0.71 -25.20
C ASN M 73 5.96 2.18 -25.27
N VAL M 74 6.43 2.66 -26.43
CA VAL M 74 6.87 4.04 -26.58
C VAL M 74 5.96 4.82 -27.53
N ILE M 75 5.83 4.35 -28.78
CA ILE M 75 5.10 5.11 -29.80
C ILE M 75 3.61 5.11 -29.50
N ALA M 76 3.06 3.99 -29.01
CA ALA M 76 1.63 3.86 -28.78
C ALA M 76 1.15 4.80 -27.69
N GLU M 77 1.91 4.92 -26.59
CA GLU M 77 1.60 5.85 -25.53
C GLU M 77 1.61 7.32 -25.98
N HIS M 78 2.29 7.61 -27.08
CA HIS M 78 2.38 8.97 -27.60
C HIS M 78 1.39 9.27 -28.71
N ILE M 79 0.99 8.25 -29.49
CA ILE M 79 0.09 8.46 -30.63
C ILE M 79 -1.37 8.29 -30.24
N ILE M 80 -1.66 7.45 -29.25
CA ILE M 80 -3.04 7.23 -28.81
C ILE M 80 -3.59 8.53 -28.23
N GLY M 81 -4.71 8.99 -28.78
CA GLY M 81 -5.29 10.27 -28.47
C GLY M 81 -5.20 11.28 -29.60
N PHE M 82 -4.31 11.05 -30.56
CA PHE M 82 -4.23 11.89 -31.74
C PHE M 82 -5.44 11.70 -32.62
N ASP M 83 -5.66 12.62 -33.55
CA ASP M 83 -6.63 12.38 -34.60
C ASP M 83 -5.99 11.55 -35.70
N VAL M 84 -6.73 10.57 -36.21
CA VAL M 84 -6.17 9.68 -37.24
C VAL M 84 -5.91 10.43 -38.54
N ARG M 85 -6.59 11.55 -38.76
CA ARG M 85 -6.37 12.36 -39.94
C ARG M 85 -5.20 13.33 -39.78
N ASP M 86 -4.63 13.42 -38.58
CA ASP M 86 -3.49 14.29 -38.33
C ASP M 86 -2.18 13.56 -38.64
N GLN M 87 -2.04 13.15 -39.91
CA GLN M 87 -0.92 12.32 -40.32
C GLN M 87 0.41 13.09 -40.18
N GLN M 88 0.41 14.36 -40.58
CA GLN M 88 1.64 15.16 -40.47
C GLN M 88 2.02 15.38 -39.03
N GLY M 89 1.04 15.66 -38.16
CA GLY M 89 1.32 15.83 -36.74
C GLY M 89 1.85 14.56 -36.09
N ILE M 90 1.26 13.42 -36.44
CA ILE M 90 1.71 12.13 -35.91
C ILE M 90 3.14 11.82 -36.36
N ASP M 91 3.44 12.05 -37.64
CA ASP M 91 4.78 11.79 -38.15
C ASP M 91 5.81 12.72 -37.51
N ARG M 92 5.46 14.00 -37.34
CA ARG M 92 6.36 14.93 -36.67
C ARG M 92 6.59 14.55 -35.22
N ALA M 93 5.53 14.11 -34.53
CA ALA M 93 5.66 13.68 -33.14
C ALA M 93 6.55 12.45 -33.03
N MET M 94 6.41 11.50 -33.94
CA MET M 94 7.27 10.32 -33.93
C MET M 94 8.72 10.67 -34.22
N ILE M 95 8.95 11.58 -35.17
CA ILE M 95 10.31 12.01 -35.51
C ILE M 95 10.96 12.71 -34.32
N ALA M 96 10.20 13.57 -33.63
CA ALA M 96 10.72 14.24 -32.45
C ALA M 96 10.97 13.26 -31.31
N LEU M 97 10.10 12.25 -31.16
CA LEU M 97 10.26 11.25 -30.12
C LEU M 97 11.51 10.41 -30.34
N ASP M 98 11.81 10.08 -31.61
CA ASP M 98 13.04 9.38 -31.92
C ASP M 98 14.26 10.21 -31.53
N GLY M 99 14.27 11.48 -31.92
CA GLY M 99 15.32 12.40 -31.52
C GLY M 99 16.63 12.26 -32.28
N THR M 100 16.70 11.36 -33.26
CA THR M 100 17.94 11.13 -33.99
C THR M 100 17.70 11.35 -35.48
N PRO M 101 18.69 11.87 -36.23
CA PRO M 101 18.48 12.11 -37.67
C PRO M 101 18.17 10.86 -38.47
N ASN M 102 18.77 9.73 -38.13
CA ASN M 102 18.60 8.50 -38.88
C ASN M 102 17.52 7.58 -38.33
N LYS M 103 16.78 8.03 -37.29
CA LYS M 103 15.70 7.27 -36.67
C LYS M 103 16.18 5.91 -36.16
N GLY M 104 17.37 5.89 -35.55
CA GLY M 104 17.95 4.65 -35.07
C GLY M 104 17.52 4.28 -33.67
N LYS M 105 16.97 5.24 -32.93
CA LYS M 105 16.55 4.98 -31.56
C LYS M 105 15.29 4.12 -31.54
N LEU M 106 14.19 4.62 -32.11
CA LEU M 106 12.98 3.83 -32.22
C LEU M 106 13.08 2.80 -33.33
N GLY M 107 13.79 3.13 -34.41
CA GLY M 107 13.82 2.27 -35.58
C GLY M 107 12.95 2.86 -36.67
N ALA M 108 13.47 2.92 -37.90
CA ALA M 108 12.71 3.46 -39.02
C ALA M 108 11.56 2.56 -39.40
N ASN M 109 11.72 1.25 -39.19
CA ASN M 109 10.66 0.30 -39.50
C ASN M 109 9.42 0.54 -38.64
N ALA M 110 9.63 0.81 -37.35
CA ALA M 110 8.54 1.12 -36.42
C ALA M 110 7.79 2.37 -36.85
N ILE M 111 8.55 3.43 -37.17
CA ILE M 111 7.96 4.71 -37.55
C ILE M 111 7.19 4.59 -38.86
N LEU M 112 7.75 3.87 -39.84
CA LEU M 112 7.07 3.68 -41.11
C LEU M 112 5.81 2.84 -40.96
N GLY M 113 5.86 1.80 -40.11
CA GLY M 113 4.68 1.00 -39.86
C GLY M 113 3.55 1.79 -39.24
N VAL M 114 3.86 2.61 -38.24
CA VAL M 114 2.84 3.45 -37.63
C VAL M 114 2.31 4.48 -38.62
N SER M 115 3.20 5.03 -39.47
CA SER M 115 2.78 6.00 -40.48
C SER M 115 1.79 5.40 -41.47
N ILE M 116 2.12 4.23 -42.01
CA ILE M 116 1.26 3.58 -43.00
C ILE M 116 -0.06 3.14 -42.36
N ALA M 117 0.01 2.62 -41.13
CA ALA M 117 -1.20 2.18 -40.43
C ALA M 117 -2.12 3.36 -40.13
N VAL M 118 -1.57 4.50 -39.73
CA VAL M 118 -2.37 5.69 -39.46
C VAL M 118 -3.02 6.20 -40.74
N ALA M 119 -2.26 6.22 -41.85
CA ALA M 119 -2.82 6.67 -43.12
C ALA M 119 -3.95 5.78 -43.59
N ARG M 120 -3.78 4.45 -43.48
CA ARG M 120 -4.81 3.52 -43.90
C ARG M 120 -6.04 3.60 -42.99
N ALA M 121 -5.83 3.78 -41.68
CA ALA M 121 -6.95 3.93 -40.77
C ALA M 121 -7.72 5.22 -41.02
N ALA M 122 -7.01 6.29 -41.41
CA ALA M 122 -7.69 7.54 -41.76
C ALA M 122 -8.51 7.38 -43.02
N ALA M 123 -7.96 6.67 -44.02
CA ALA M 123 -8.71 6.40 -45.23
C ALA M 123 -9.94 5.55 -44.94
N ASP M 124 -9.81 4.57 -44.04
CA ASP M 124 -10.94 3.75 -43.65
C ASP M 124 -12.00 4.56 -42.91
N TYR M 125 -11.57 5.47 -42.04
CA TYR M 125 -12.50 6.32 -41.30
C TYR M 125 -13.26 7.24 -42.25
N LEU M 126 -12.57 7.80 -43.24
CA LEU M 126 -13.22 8.70 -44.20
C LEU M 126 -13.97 7.97 -45.30
N GLU M 127 -13.86 6.63 -45.35
CA GLU M 127 -14.48 5.76 -46.36
C GLU M 127 -14.08 6.15 -47.77
N VAL M 128 -12.87 6.69 -47.91
CA VAL M 128 -12.31 7.08 -49.20
C VAL M 128 -11.21 6.08 -49.52
N PRO M 129 -10.85 5.89 -50.79
CA PRO M 129 -9.68 5.07 -51.10
C PRO M 129 -8.40 5.70 -50.59
N LEU M 130 -7.37 4.86 -50.44
CA LEU M 130 -6.12 5.33 -49.87
C LEU M 130 -5.45 6.38 -50.74
N TYR M 131 -5.49 6.20 -52.07
CA TYR M 131 -4.88 7.19 -52.96
C TYR M 131 -5.64 8.51 -52.95
N SER M 132 -6.97 8.46 -52.80
CA SER M 132 -7.76 9.68 -52.68
C SER M 132 -7.41 10.43 -51.40
N TYR M 133 -7.25 9.71 -50.29
CA TYR M 133 -6.84 10.34 -49.04
C TYR M 133 -5.43 10.92 -49.13
N LEU M 134 -4.51 10.21 -49.77
CA LEU M 134 -3.12 10.63 -49.80
C LEU M 134 -2.87 11.78 -50.77
N GLY M 135 -3.55 11.79 -51.92
CA GLY M 135 -3.23 12.76 -52.94
C GLY M 135 -4.34 13.72 -53.30
N GLY M 136 -5.51 13.55 -52.70
CA GLY M 136 -6.63 14.42 -52.97
C GLY M 136 -7.51 13.91 -54.09
N PHE M 137 -8.34 14.82 -54.60
CA PHE M 137 -9.32 14.45 -55.61
C PHE M 137 -8.69 14.21 -56.97
N ASN M 138 -7.58 14.90 -57.29
CA ASN M 138 -7.00 14.88 -58.63
C ASN M 138 -5.96 13.78 -58.78
N THR M 139 -6.34 12.55 -58.43
CA THR M 139 -5.47 11.39 -58.56
C THR M 139 -5.98 10.54 -59.72
N LYS M 140 -5.27 10.57 -60.84
CA LYS M 140 -5.76 9.92 -62.05
C LYS M 140 -4.72 9.11 -62.80
N VAL M 141 -3.43 9.28 -62.54
CA VAL M 141 -2.40 8.76 -63.44
C VAL M 141 -1.93 7.40 -62.94
N LEU M 142 -2.08 6.40 -63.78
CA LEU M 142 -1.58 5.06 -63.50
C LEU M 142 -0.11 5.00 -63.89
N PRO M 143 0.76 4.53 -63.01
CA PRO M 143 2.20 4.61 -63.28
C PRO M 143 2.65 3.65 -64.37
N THR M 144 3.66 4.08 -65.11
CA THR M 144 4.29 3.22 -66.11
C THR M 144 5.24 2.26 -65.42
N PRO M 145 5.03 0.96 -65.52
CA PRO M 145 5.87 0.01 -64.77
C PRO M 145 7.18 -0.27 -65.46
N MET M 146 8.23 -0.44 -64.66
CA MET M 146 9.54 -0.88 -65.12
C MET M 146 9.72 -2.30 -64.59
N MET M 147 9.31 -3.30 -65.36
CA MET M 147 9.19 -4.65 -64.85
C MET M 147 10.54 -5.33 -64.99
N ASN M 148 11.13 -5.74 -63.86
CA ASN M 148 12.37 -6.51 -63.87
C ASN M 148 12.18 -7.81 -64.61
N ILE M 149 13.12 -8.15 -65.50
CA ILE M 149 12.94 -9.39 -66.25
C ILE M 149 14.21 -10.25 -66.12
N ILE M 150 15.38 -9.64 -66.23
CA ILE M 150 16.66 -10.33 -66.20
C ILE M 150 17.55 -9.56 -65.23
N ASN M 151 18.21 -10.27 -64.32
CA ASN M 151 19.10 -9.62 -63.38
C ASN M 151 20.44 -10.34 -63.35
N GLY M 152 21.48 -9.58 -63.03
CA GLY M 152 22.83 -10.08 -62.93
C GLY M 152 23.59 -9.46 -61.77
N GLY M 153 24.91 -9.34 -61.94
CA GLY M 153 25.73 -8.70 -60.92
C GLY M 153 25.78 -9.53 -59.65
N SER M 154 25.42 -8.90 -58.53
CA SER M 154 25.42 -9.59 -57.24
C SER M 154 24.24 -10.54 -57.08
N HIS M 155 23.26 -10.51 -57.98
CA HIS M 155 22.10 -11.38 -57.92
C HIS M 155 22.21 -12.57 -58.87
N SER M 156 23.38 -12.79 -59.47
CA SER M 156 23.54 -13.88 -60.43
C SER M 156 25.01 -14.26 -60.52
N ASP M 157 25.25 -15.47 -61.01
CA ASP M 157 26.60 -15.95 -61.25
C ASP M 157 27.04 -15.79 -62.70
N ALA M 158 26.18 -15.22 -63.54
CA ALA M 158 26.53 -14.95 -64.93
C ALA M 158 27.55 -13.82 -65.01
N PRO M 159 28.35 -13.76 -66.10
CA PRO M 159 29.27 -12.61 -66.24
C PRO M 159 28.60 -11.36 -66.77
N ILE M 160 27.70 -10.80 -65.95
CA ILE M 160 27.01 -9.55 -66.24
C ILE M 160 27.25 -8.62 -65.05
N ALA M 161 27.74 -7.42 -65.31
CA ALA M 161 28.04 -6.49 -64.24
C ALA M 161 26.83 -5.69 -63.79
N PHE M 162 25.91 -5.40 -64.70
CA PHE M 162 24.71 -4.64 -64.34
C PHE M 162 23.81 -5.48 -63.46
N GLN M 163 23.21 -4.83 -62.46
CA GLN M 163 22.39 -5.55 -61.50
C GLN M 163 21.06 -5.97 -62.10
N GLU M 164 20.41 -5.10 -62.87
CA GLU M 164 19.04 -5.39 -63.30
C GLU M 164 18.78 -4.90 -64.72
N PHE M 165 17.87 -5.60 -65.39
CA PHE M 165 17.34 -5.27 -66.71
C PHE M 165 15.82 -5.33 -66.62
N MET M 166 15.17 -4.31 -67.19
CA MET M 166 13.74 -4.15 -67.07
C MET M 166 13.14 -3.85 -68.43
N ILE M 167 11.87 -4.20 -68.58
CA ILE M 167 11.07 -3.81 -69.73
C ILE M 167 10.08 -2.74 -69.29
N VAL M 168 9.95 -1.70 -70.11
CA VAL M 168 9.07 -0.57 -69.84
C VAL M 168 8.05 -0.50 -70.96
N PRO M 169 6.83 -1.00 -70.78
CA PRO M 169 5.81 -1.04 -71.85
C PRO M 169 5.08 0.30 -71.93
N ALA M 170 5.82 1.32 -72.34
CA ALA M 170 5.33 2.68 -72.31
C ALA M 170 4.40 2.99 -73.48
N GLY M 171 4.33 2.13 -74.49
CA GLY M 171 3.46 2.34 -75.62
C GLY M 171 2.05 1.82 -75.45
N ALA M 172 1.73 1.27 -74.28
CA ALA M 172 0.42 0.66 -74.08
C ALA M 172 -0.65 1.74 -73.92
N PRO M 173 -1.89 1.45 -74.33
CA PRO M 173 -2.96 2.44 -74.16
C PRO M 173 -3.43 2.58 -72.72
N THR M 174 -3.40 1.50 -71.94
CA THR M 174 -3.85 1.52 -70.56
C THR M 174 -2.88 0.70 -69.72
N PHE M 175 -2.99 0.87 -68.40
CA PHE M 175 -2.14 0.11 -67.49
C PHE M 175 -2.44 -1.38 -67.57
N LYS M 176 -3.72 -1.74 -67.75
CA LYS M 176 -4.10 -3.14 -67.87
C LYS M 176 -3.43 -3.80 -69.08
N GLU M 177 -3.41 -3.10 -70.22
CA GLU M 177 -2.73 -3.61 -71.40
C GLU M 177 -1.22 -3.65 -71.18
N ALA M 178 -0.66 -2.67 -70.46
CA ALA M 178 0.77 -2.68 -70.16
C ALA M 178 1.14 -3.90 -69.32
N LEU M 179 0.31 -4.21 -68.32
CA LEU M 179 0.55 -5.39 -67.50
C LEU M 179 0.43 -6.67 -68.30
N ARG M 180 -0.55 -6.74 -69.22
CA ARG M 180 -0.67 -7.92 -70.08
C ARG M 180 0.54 -8.08 -70.99
N TRP M 181 1.03 -6.97 -71.56
CA TRP M 181 2.23 -7.01 -72.40
C TRP M 181 3.42 -7.48 -71.62
N GLY M 182 3.58 -7.02 -70.39
CA GLY M 182 4.72 -7.46 -69.61
C GLY M 182 4.64 -8.91 -69.20
N ALA M 183 3.45 -9.38 -68.84
CA ALA M 183 3.28 -10.79 -68.53
C ALA M 183 3.57 -11.66 -69.75
N GLU M 184 3.11 -11.24 -70.93
CA GLU M 184 3.34 -12.02 -72.14
C GLU M 184 4.82 -12.04 -72.53
N ILE M 185 5.52 -10.90 -72.35
CA ILE M 185 6.97 -10.88 -72.60
C ILE M 185 7.70 -11.73 -71.58
N PHE M 186 7.23 -11.74 -70.33
CA PHE M 186 7.82 -12.58 -69.29
C PHE M 186 7.71 -14.05 -69.65
N HIS M 187 6.53 -14.47 -70.13
CA HIS M 187 6.36 -15.88 -70.49
C HIS M 187 7.09 -16.23 -71.78
N ALA M 188 7.19 -15.28 -72.73
CA ALA M 188 7.99 -15.51 -73.93
C ALA M 188 9.45 -15.68 -73.60
N LEU M 189 9.98 -14.88 -72.67
CA LEU M 189 11.36 -15.03 -72.25
C LEU M 189 11.57 -16.33 -71.50
N LYS M 190 10.59 -16.73 -70.68
CA LYS M 190 10.65 -18.02 -70.01
C LYS M 190 10.73 -19.16 -71.03
N LYS M 191 9.92 -19.09 -72.09
CA LYS M 191 9.97 -20.09 -73.15
C LYS M 191 11.32 -20.08 -73.86
N ILE M 192 11.87 -18.89 -74.14
CA ILE M 192 13.16 -18.79 -74.82
C ILE M 192 14.28 -19.37 -73.97
N LEU M 193 14.28 -19.07 -72.67
CA LEU M 193 15.29 -19.61 -71.77
C LEU M 193 15.17 -21.12 -71.61
N LYS M 194 13.93 -21.64 -71.57
CA LYS M 194 13.72 -23.08 -71.54
C LYS M 194 14.25 -23.74 -72.81
N GLU M 195 14.01 -23.11 -73.96
CA GLU M 195 14.54 -23.62 -75.24
C GLU M 195 16.06 -23.60 -75.26
N ARG M 196 16.67 -22.55 -74.69
CA ARG M 196 18.11 -22.40 -74.70
C ARG M 196 18.80 -23.22 -73.60
N GLY M 197 18.05 -23.86 -72.73
CA GLY M 197 18.63 -24.69 -71.68
C GLY M 197 19.06 -23.94 -70.44
N LEU M 198 18.68 -22.68 -70.28
CA LEU M 198 19.06 -21.88 -69.13
C LEU M 198 18.05 -22.06 -68.00
N GLU M 199 18.37 -21.48 -66.84
CA GLU M 199 17.55 -21.67 -65.66
C GLU M 199 16.38 -20.70 -65.67
N THR M 200 15.20 -21.21 -65.31
CA THR M 200 13.99 -20.39 -65.26
C THR M 200 13.48 -20.18 -63.83
N ALA M 201 14.31 -20.41 -62.84
CA ALA M 201 13.90 -20.19 -61.46
C ALA M 201 14.09 -18.72 -61.10
N VAL M 202 13.08 -18.14 -60.44
CA VAL M 202 13.06 -16.71 -60.20
C VAL M 202 13.88 -16.38 -58.95
N GLY M 203 14.24 -15.12 -58.82
CA GLY M 203 14.97 -14.62 -57.67
C GLY M 203 14.05 -13.92 -56.72
N ASP M 204 14.53 -12.82 -56.14
CA ASP M 204 13.72 -12.17 -55.12
C ASP M 204 12.66 -11.25 -55.66
N GLU M 205 12.86 -10.63 -56.85
CA GLU M 205 11.95 -9.77 -57.64
C GLU M 205 11.10 -10.51 -58.64
N GLY M 206 11.26 -11.83 -58.80
CA GLY M 206 10.52 -12.60 -59.75
C GLY M 206 11.19 -12.76 -61.10
N GLY M 207 12.41 -12.26 -61.25
CA GLY M 207 13.09 -12.23 -62.53
C GLY M 207 14.17 -13.29 -62.60
N PHE M 208 14.41 -13.78 -63.81
CA PHE M 208 15.38 -14.82 -64.01
C PHE M 208 16.79 -14.29 -63.90
N ALA M 209 17.70 -15.14 -63.50
CA ALA M 209 19.12 -14.80 -63.47
C ALA M 209 19.91 -15.86 -64.19
N PRO M 210 19.81 -15.97 -65.55
CA PRO M 210 20.47 -17.03 -66.31
C PRO M 210 21.89 -16.69 -66.72
N ARG M 211 22.62 -17.73 -67.14
CA ARG M 211 24.03 -17.60 -67.50
C ARG M 211 24.13 -17.13 -68.94
N PHE M 212 24.08 -15.82 -69.14
CA PHE M 212 24.31 -15.24 -70.45
C PHE M 212 25.82 -15.10 -70.70
N ASN M 213 26.17 -14.70 -71.93
CA ASN M 213 27.56 -14.41 -72.24
C ASN M 213 27.96 -13.05 -71.68
N GLY M 214 27.06 -12.08 -71.73
CA GLY M 214 27.37 -10.75 -71.23
C GLY M 214 26.11 -9.91 -71.20
N THR M 215 26.32 -8.60 -70.98
CA THR M 215 25.20 -7.66 -70.97
C THR M 215 24.51 -7.61 -72.31
N GLU M 216 25.30 -7.61 -73.40
CA GLU M 216 24.76 -7.55 -74.74
C GLU M 216 23.91 -8.75 -75.04
N ASP M 217 24.36 -9.94 -74.61
CA ASP M 217 23.56 -11.16 -74.80
C ASP M 217 22.22 -11.07 -74.07
N GLY M 218 22.24 -10.55 -72.85
CA GLY M 218 21.01 -10.35 -72.10
C GLY M 218 20.05 -9.40 -72.79
N VAL M 219 20.57 -8.29 -73.32
CA VAL M 219 19.70 -7.31 -73.98
C VAL M 219 19.12 -7.87 -75.28
N GLU M 220 19.93 -8.62 -76.06
CA GLU M 220 19.39 -9.24 -77.27
C GLU M 220 18.35 -10.29 -76.95
N THR M 221 18.53 -11.06 -75.86
CA THR M 221 17.49 -12.01 -75.45
C THR M 221 16.21 -11.28 -75.03
N ILE M 222 16.35 -10.15 -74.33
CA ILE M 222 15.20 -9.33 -73.96
C ILE M 222 14.43 -8.86 -75.19
N ILE M 223 15.16 -8.34 -76.19
CA ILE M 223 14.51 -7.86 -77.41
C ILE M 223 13.88 -9.02 -78.17
N LYS M 224 14.53 -10.19 -78.17
CA LYS M 224 13.98 -11.37 -78.82
C LYS M 224 12.67 -11.80 -78.16
N ALA M 225 12.61 -11.74 -76.83
CA ALA M 225 11.35 -12.04 -76.13
C ALA M 225 10.28 -11.01 -76.43
N ILE M 226 10.65 -9.73 -76.50
CA ILE M 226 9.70 -8.66 -76.82
C ILE M 226 9.08 -8.90 -78.20
N GLU M 227 9.92 -9.25 -79.17
CA GLU M 227 9.41 -9.50 -80.52
C GLU M 227 8.66 -10.82 -80.61
N ALA M 228 9.04 -11.81 -79.80
CA ALA M 228 8.32 -13.08 -79.77
C ALA M 228 6.91 -12.91 -79.23
N ALA M 229 6.74 -12.06 -78.22
CA ALA M 229 5.40 -11.73 -77.74
C ALA M 229 4.59 -10.98 -78.80
N GLY M 230 5.25 -10.22 -79.66
CA GLY M 230 4.58 -9.55 -80.75
C GLY M 230 4.50 -8.05 -80.57
N TYR M 231 5.53 -7.45 -79.98
CA TYR M 231 5.57 -6.02 -79.75
C TYR M 231 6.86 -5.45 -80.31
N VAL M 232 6.79 -4.21 -80.78
CA VAL M 232 7.92 -3.55 -81.42
C VAL M 232 8.81 -2.95 -80.33
N PRO M 233 10.07 -3.36 -80.22
CA PRO M 233 10.98 -2.68 -79.30
C PRO M 233 11.30 -1.28 -79.79
N GLY M 234 11.35 -0.34 -78.84
CA GLY M 234 11.59 1.05 -79.17
C GLY M 234 10.35 1.85 -79.46
N LYS M 235 9.21 1.20 -79.70
CA LYS M 235 7.94 1.88 -79.89
C LYS M 235 6.91 1.45 -78.85
N ASP M 236 6.76 0.15 -78.63
CA ASP M 236 5.81 -0.36 -77.64
C ASP M 236 6.48 -0.61 -76.30
N VAL M 237 7.60 -1.34 -76.29
CA VAL M 237 8.29 -1.73 -75.07
C VAL M 237 9.73 -1.22 -75.16
N PHE M 238 10.20 -0.59 -74.09
CA PHE M 238 11.55 -0.06 -73.97
C PHE M 238 12.32 -0.90 -72.97
N ILE M 239 13.61 -0.58 -72.84
CA ILE M 239 14.52 -1.33 -71.97
C ILE M 239 15.12 -0.38 -70.96
N GLY M 240 15.14 -0.79 -69.70
CA GLY M 240 15.80 -0.04 -68.66
C GLY M 240 16.89 -0.84 -67.97
N LEU M 241 17.87 -0.14 -67.42
CA LEU M 241 19.00 -0.75 -66.76
C LEU M 241 19.09 -0.27 -65.32
N ASP M 242 19.60 -1.14 -64.46
CA ASP M 242 20.02 -0.79 -63.11
C ASP M 242 21.45 -1.31 -62.99
N CYS M 243 22.42 -0.45 -63.34
CA CYS M 243 23.81 -0.84 -63.34
C CYS M 243 24.30 -1.16 -61.93
N ALA M 244 23.89 -0.36 -60.94
CA ALA M 244 24.39 -0.41 -59.57
C ALA M 244 25.91 -0.38 -59.55
N SER M 245 26.46 0.60 -60.26
CA SER M 245 27.91 0.70 -60.43
C SER M 245 28.64 1.02 -59.15
N SER M 246 27.92 1.41 -58.09
CA SER M 246 28.52 1.56 -56.77
C SER M 246 29.05 0.24 -56.21
N GLU M 247 28.64 -0.90 -56.77
CA GLU M 247 29.11 -2.19 -56.29
C GLU M 247 30.45 -2.59 -56.92
N PHE M 248 30.67 -2.28 -58.20
CA PHE M 248 31.91 -2.65 -58.85
C PHE M 248 32.79 -1.43 -59.14
N TYR M 249 32.67 -0.40 -58.32
CA TYR M 249 33.49 0.81 -58.46
C TYR M 249 34.64 0.73 -57.47
N ASP M 250 35.86 0.73 -57.99
CA ASP M 250 37.07 0.82 -57.17
C ASP M 250 37.18 2.25 -56.68
N ALA M 251 36.80 2.49 -55.42
CA ALA M 251 36.73 3.85 -54.89
C ALA M 251 38.11 4.50 -54.83
N GLU M 252 39.12 3.72 -54.44
CA GLU M 252 40.48 4.26 -54.35
C GLU M 252 41.05 4.59 -55.72
N HIS M 253 40.93 3.66 -56.66
CA HIS M 253 41.53 3.85 -57.99
C HIS M 253 40.68 4.71 -58.91
N LYS M 254 39.44 5.04 -58.51
CA LYS M 254 38.50 5.83 -59.31
C LYS M 254 38.26 5.22 -60.68
N VAL M 255 38.10 3.90 -60.73
CA VAL M 255 37.81 3.17 -61.96
C VAL M 255 36.64 2.23 -61.70
N TYR M 256 35.78 2.07 -62.70
CA TYR M 256 34.66 1.14 -62.66
C TYR M 256 35.18 -0.21 -63.16
N GLY M 257 35.46 -1.11 -62.22
CA GLY M 257 36.01 -2.41 -62.54
C GLY M 257 34.96 -3.44 -62.87
N TYR M 258 34.75 -3.70 -64.16
CA TYR M 258 33.83 -4.73 -64.59
C TYR M 258 34.36 -6.14 -64.33
N THR M 259 35.62 -6.28 -63.93
CA THR M 259 36.21 -7.59 -63.68
C THR M 259 35.62 -8.27 -62.45
N LYS M 260 34.94 -7.53 -61.57
CA LYS M 260 34.35 -8.12 -60.38
C LYS M 260 33.23 -9.10 -60.73
N PHE M 261 32.57 -8.90 -61.86
CA PHE M 261 31.46 -9.75 -62.27
C PHE M 261 31.63 -10.36 -63.64
N GLU M 262 32.28 -9.67 -64.58
CA GLU M 262 32.35 -10.08 -65.97
C GLU M 262 33.65 -10.82 -66.29
N GLY M 263 34.34 -11.36 -65.28
CA GLY M 263 35.53 -12.15 -65.52
C GLY M 263 36.76 -11.30 -65.77
N GLU M 264 37.87 -11.99 -66.07
CA GLU M 264 39.13 -11.30 -66.31
C GLU M 264 39.24 -10.72 -67.70
N GLY M 265 38.39 -11.15 -68.63
CA GLY M 265 38.37 -10.58 -69.96
C GLY M 265 37.65 -9.26 -70.09
N ALA M 266 37.06 -8.78 -69.00
CA ALA M 266 36.34 -7.52 -69.02
C ALA M 266 37.31 -6.34 -69.04
N ALA M 267 36.77 -5.17 -69.34
CA ALA M 267 37.54 -3.94 -69.42
C ALA M 267 37.38 -3.13 -68.14
N VAL M 268 38.43 -2.40 -67.78
CA VAL M 268 38.42 -1.48 -66.65
C VAL M 268 38.26 -0.08 -67.20
N ARG M 269 37.20 0.61 -66.79
CA ARG M 269 36.81 1.89 -67.38
C ARG M 269 36.98 3.02 -66.38
N THR M 270 37.20 4.22 -66.90
CA THR M 270 37.19 5.42 -66.07
C THR M 270 35.77 5.99 -66.07
N ALA M 271 35.61 7.22 -65.55
CA ALA M 271 34.31 7.87 -65.60
C ALA M 271 33.92 8.19 -67.04
N ALA M 272 34.84 8.78 -67.80
CA ALA M 272 34.57 9.10 -69.20
C ALA M 272 34.36 7.85 -70.04
N GLU M 273 35.13 6.81 -69.79
CA GLU M 273 34.93 5.54 -70.48
C GLU M 273 33.60 4.90 -70.12
N GLN M 274 33.18 5.05 -68.86
CA GLN M 274 31.88 4.54 -68.43
C GLN M 274 30.75 5.28 -69.13
N ILE M 275 30.87 6.61 -69.26
CA ILE M 275 29.88 7.40 -70.00
C ILE M 275 29.85 6.98 -71.46
N ASP M 276 31.02 6.73 -72.05
CA ASP M 276 31.09 6.28 -73.44
C ASP M 276 30.40 4.92 -73.61
N TYR M 277 30.63 3.99 -72.68
CA TYR M 277 29.99 2.68 -72.73
C TYR M 277 28.47 2.78 -72.56
N LEU M 278 28.02 3.66 -71.65
CA LEU M 278 26.58 3.83 -71.46
C LEU M 278 25.94 4.46 -72.69
N GLU M 279 26.61 5.43 -73.31
CA GLU M 279 26.09 6.06 -74.52
C GLU M 279 26.05 5.08 -75.69
N GLU M 280 27.07 4.23 -75.81
CA GLU M 280 27.06 3.19 -76.85
C GLU M 280 25.92 2.21 -76.66
N LEU M 281 25.67 1.81 -75.41
CA LEU M 281 24.54 0.92 -75.12
C LEU M 281 23.22 1.58 -75.44
N VAL M 282 23.09 2.87 -75.11
CA VAL M 282 21.87 3.62 -75.42
C VAL M 282 21.66 3.74 -76.93
N ASN M 283 22.75 3.93 -77.66
CA ASN M 283 22.64 4.06 -79.11
C ASN M 283 22.29 2.72 -79.77
N LYS M 284 22.82 1.62 -79.23
CA LYS M 284 22.55 0.31 -79.83
C LYS M 284 21.13 -0.17 -79.54
N TYR M 285 20.66 0.00 -78.31
CA TYR M 285 19.44 -0.61 -77.83
C TYR M 285 18.41 0.44 -77.46
N PRO M 286 17.11 0.09 -77.44
CA PRO M 286 16.09 1.07 -77.02
C PRO M 286 16.02 1.28 -75.52
N ILE M 287 17.11 1.79 -74.94
CA ILE M 287 17.21 2.00 -73.51
C ILE M 287 16.69 3.38 -73.18
N ILE M 288 15.72 3.45 -72.27
CA ILE M 288 15.10 4.71 -71.90
C ILE M 288 15.48 5.15 -70.49
N THR M 289 15.87 4.24 -69.61
CA THR M 289 16.23 4.59 -68.24
C THR M 289 17.45 3.82 -67.80
N ILE M 290 18.35 4.50 -67.09
CA ILE M 290 19.55 3.91 -66.53
C ILE M 290 19.62 4.35 -65.07
N GLU M 291 19.73 3.39 -64.16
CA GLU M 291 19.74 3.66 -62.73
C GLU M 291 21.11 3.32 -62.18
N ASP M 292 21.67 4.23 -61.38
CA ASP M 292 23.00 4.09 -60.77
C ASP M 292 24.06 3.82 -61.82
N GLY M 293 24.16 4.75 -62.78
CA GLY M 293 25.20 4.66 -63.77
C GLY M 293 26.57 5.07 -63.28
N MET M 294 26.64 5.69 -62.10
CA MET M 294 27.89 6.13 -61.49
C MET M 294 27.88 5.73 -60.02
N ASP M 295 29.02 5.89 -59.35
CA ASP M 295 29.10 5.59 -57.94
C ASP M 295 28.28 6.59 -57.14
N GLU M 296 27.90 6.18 -55.92
CA GLU M 296 27.13 7.05 -55.05
C GLU M 296 27.89 8.30 -54.60
N ASN M 297 29.21 8.33 -54.79
CA ASN M 297 30.03 9.47 -54.42
C ASN M 297 30.72 10.14 -55.61
N ASP M 298 30.61 9.58 -56.81
CA ASP M 298 31.25 10.15 -58.00
C ASP M 298 30.36 11.26 -58.54
N TRP M 299 30.49 12.44 -57.92
CA TRP M 299 29.60 13.55 -58.22
C TRP M 299 29.89 14.16 -59.58
N ASP M 300 31.17 14.39 -59.89
CA ASP M 300 31.53 14.92 -61.21
C ASP M 300 31.19 13.94 -62.34
N GLY M 301 31.32 12.64 -62.10
CA GLY M 301 31.00 11.66 -63.10
C GLY M 301 29.51 11.62 -63.34
N TRP M 302 28.73 11.76 -62.26
CA TRP M 302 27.28 11.87 -62.37
C TRP M 302 26.90 13.10 -63.15
N LYS M 303 27.55 14.23 -62.83
CA LYS M 303 27.29 15.45 -63.59
C LYS M 303 27.56 15.18 -65.04
N ALA M 304 28.77 14.74 -65.41
CA ALA M 304 29.15 14.54 -66.82
C ALA M 304 28.21 13.57 -67.54
N LEU M 305 27.75 12.52 -66.86
CA LEU M 305 26.77 11.60 -67.44
C LEU M 305 25.44 12.29 -67.71
N THR M 306 24.98 13.13 -66.78
CA THR M 306 23.76 13.91 -66.99
C THR M 306 23.91 14.88 -68.16
N GLU M 307 25.09 15.51 -68.29
CA GLU M 307 25.22 16.43 -69.43
C GLU M 307 25.27 15.67 -70.75
N ARG M 308 25.89 14.50 -70.76
CA ARG M 308 26.03 13.73 -72.00
C ARG M 308 24.73 13.06 -72.42
N LEU M 309 24.00 12.46 -71.48
CA LEU M 309 22.89 11.56 -71.80
C LEU M 309 21.56 11.97 -71.19
N GLY M 310 21.51 13.02 -70.39
CA GLY M 310 20.32 13.35 -69.63
C GLY M 310 19.19 13.96 -70.44
N GLY M 311 19.45 14.35 -71.69
CA GLY M 311 18.38 14.91 -72.50
C GLY M 311 17.47 13.88 -73.12
N LYS M 312 17.97 12.66 -73.33
CA LYS M 312 17.21 11.62 -74.00
C LYS M 312 17.01 10.37 -73.17
N VAL M 313 17.77 10.18 -72.09
CA VAL M 313 17.69 8.98 -71.26
C VAL M 313 17.50 9.41 -69.82
N GLN M 314 16.51 8.82 -69.15
CA GLN M 314 16.30 9.07 -67.73
C GLN M 314 17.41 8.41 -66.91
N LEU M 315 18.01 9.17 -66.02
CA LEU M 315 19.06 8.70 -65.13
C LEU M 315 18.55 8.77 -63.70
N VAL M 316 18.46 7.62 -63.05
CA VAL M 316 17.87 7.48 -61.73
C VAL M 316 18.97 7.35 -60.71
N GLY M 317 18.88 8.13 -59.64
CA GLY M 317 19.81 7.99 -58.53
C GLY M 317 19.20 7.22 -57.37
N ASP M 318 19.63 5.97 -57.20
CA ASP M 318 19.21 5.14 -56.07
C ASP M 318 20.13 5.26 -54.87
N ASP M 319 21.38 4.85 -55.02
CA ASP M 319 22.36 5.09 -53.97
C ASP M 319 22.89 6.51 -54.00
N PHE M 320 22.69 7.22 -55.11
CA PHE M 320 23.10 8.61 -55.21
C PHE M 320 22.34 9.50 -54.24
N PHE M 321 21.04 9.26 -54.12
CA PHE M 321 20.19 10.13 -53.31
C PHE M 321 19.66 9.50 -52.04
N VAL M 322 19.60 8.16 -51.96
CA VAL M 322 19.02 7.33 -50.88
C VAL M 322 17.78 7.93 -50.23
N THR M 323 16.88 8.52 -51.06
CA THR M 323 15.62 9.15 -50.64
C THR M 323 15.90 10.23 -49.57
N ASN M 324 16.97 10.98 -49.77
CA ASN M 324 17.36 12.02 -48.82
C ASN M 324 17.12 13.36 -49.47
N THR M 325 16.43 14.25 -48.76
CA THR M 325 16.15 15.58 -49.27
C THR M 325 17.43 16.39 -49.49
N ALA M 326 18.41 16.23 -48.59
CA ALA M 326 19.67 16.97 -48.72
C ALA M 326 20.44 16.56 -49.97
N TYR M 327 20.56 15.25 -50.21
CA TYR M 327 21.27 14.75 -51.38
C TYR M 327 20.53 15.09 -52.65
N LEU M 328 19.20 15.00 -52.63
CA LEU M 328 18.40 15.36 -53.80
C LEU M 328 18.54 16.83 -54.13
N GLU M 329 18.53 17.70 -53.12
CA GLU M 329 18.71 19.14 -53.33
C GLU M 329 20.09 19.45 -53.87
N LYS M 330 21.12 18.77 -53.34
CA LYS M 330 22.48 18.96 -53.85
C LYS M 330 22.59 18.49 -55.30
N GLY M 331 21.94 17.37 -55.65
CA GLY M 331 21.95 16.92 -57.02
C GLY M 331 21.21 17.86 -57.97
N ILE M 332 20.10 18.44 -57.51
CA ILE M 332 19.38 19.45 -58.30
C ILE M 332 20.26 20.67 -58.52
N ALA M 333 20.98 21.09 -57.49
CA ALA M 333 21.86 22.24 -57.62
C ALA M 333 23.02 21.97 -58.57
N GLU M 334 23.55 20.74 -58.57
CA GLU M 334 24.69 20.38 -59.38
C GLU M 334 24.32 19.82 -60.75
N HIS M 335 23.03 19.77 -61.08
CA HIS M 335 22.51 19.19 -62.34
C HIS M 335 22.97 17.74 -62.51
N ALA M 336 22.88 16.97 -61.43
CA ALA M 336 23.24 15.56 -61.43
C ALA M 336 21.96 14.74 -61.41
N ALA M 337 21.87 13.79 -62.33
CA ALA M 337 20.70 12.93 -62.61
C ALA M 337 19.47 13.73 -63.01
N ASN M 338 18.43 13.02 -63.45
CA ASN M 338 17.16 13.69 -63.71
C ASN M 338 15.98 12.92 -63.13
N SER M 339 16.25 12.00 -62.21
CA SER M 339 15.23 11.15 -61.62
C SER M 339 15.73 10.69 -60.26
N ILE M 340 14.80 10.27 -59.43
CA ILE M 340 15.10 9.76 -58.09
C ILE M 340 14.23 8.54 -57.82
N LEU M 341 14.81 7.56 -57.12
CA LEU M 341 14.08 6.36 -56.76
C LEU M 341 13.61 6.59 -55.32
N ILE M 342 12.32 6.42 -55.07
CA ILE M 342 11.70 6.75 -53.80
C ILE M 342 11.38 5.45 -53.08
N LYS M 343 12.19 5.11 -52.07
CA LYS M 343 11.92 3.96 -51.23
C LYS M 343 11.46 4.47 -49.87
N VAL M 344 10.23 4.09 -49.49
CA VAL M 344 9.54 4.72 -48.37
C VAL M 344 10.23 4.43 -47.04
N ASN M 345 10.84 3.26 -46.89
CA ASN M 345 11.51 2.88 -45.65
C ASN M 345 12.93 3.42 -45.55
N GLN M 346 13.52 3.85 -46.67
CA GLN M 346 14.78 4.58 -46.62
C GLN M 346 14.70 5.94 -45.95
N ILE M 347 13.51 6.49 -45.76
CA ILE M 347 13.34 7.78 -45.13
C ILE M 347 12.56 7.67 -43.82
N GLY M 348 11.53 6.84 -43.75
CA GLY M 348 10.87 6.48 -42.52
C GLY M 348 9.43 6.92 -42.37
N THR M 349 8.95 7.92 -43.09
CA THR M 349 7.57 8.38 -42.92
C THR M 349 6.95 8.69 -44.28
N LEU M 350 5.62 8.78 -44.30
CA LEU M 350 4.92 9.20 -45.52
C LEU M 350 5.04 10.69 -45.77
N THR M 351 5.15 11.49 -44.71
CA THR M 351 5.27 12.94 -44.85
C THR M 351 6.55 13.32 -45.60
N GLU M 352 7.69 12.79 -45.16
CA GLU M 352 8.95 13.10 -45.84
C GLU M 352 9.08 12.41 -47.19
N THR M 353 8.45 11.24 -47.37
CA THR M 353 8.37 10.62 -48.70
C THR M 353 7.66 11.53 -49.69
N PHE M 354 6.51 12.06 -49.30
CA PHE M 354 5.78 12.97 -50.17
C PHE M 354 6.51 14.29 -50.34
N ASP M 355 7.26 14.73 -49.32
CA ASP M 355 8.08 15.93 -49.45
C ASP M 355 9.17 15.73 -50.49
N ALA M 356 9.84 14.58 -50.46
CA ALA M 356 10.87 14.27 -51.45
C ALA M 356 10.30 14.18 -52.85
N ILE M 357 9.12 13.54 -52.98
CA ILE M 357 8.46 13.43 -54.29
C ILE M 357 8.09 14.81 -54.82
N GLU M 358 7.55 15.67 -53.96
CA GLU M 358 7.17 17.01 -54.37
C GLU M 358 8.37 17.86 -54.77
N MET M 359 9.47 17.75 -54.02
CA MET M 359 10.69 18.48 -54.39
C MET M 359 11.25 18.01 -55.72
N ALA M 360 11.28 16.69 -55.94
CA ALA M 360 11.75 16.15 -57.21
C ALA M 360 10.86 16.59 -58.36
N LYS M 361 9.54 16.61 -58.15
CA LYS M 361 8.63 17.08 -59.19
C LYS M 361 8.84 18.56 -59.49
N GLU M 362 9.05 19.38 -58.45
CA GLU M 362 9.31 20.80 -58.64
C GLU M 362 10.64 21.07 -59.32
N ALA M 363 11.59 20.15 -59.24
CA ALA M 363 12.86 20.32 -59.92
C ALA M 363 12.86 19.81 -61.35
N GLY M 364 11.75 19.25 -61.83
CA GLY M 364 11.72 18.63 -63.14
C GLY M 364 12.16 17.20 -63.16
N TYR M 365 12.53 16.64 -62.01
CA TYR M 365 12.93 15.25 -61.93
C TYR M 365 11.67 14.39 -61.87
N THR M 366 11.82 13.11 -62.18
CA THR M 366 10.74 12.14 -62.05
C THR M 366 10.95 11.28 -60.80
N ALA M 367 9.86 10.97 -60.12
CA ALA M 367 9.91 10.15 -58.92
C ALA M 367 9.42 8.75 -59.26
N VAL M 368 10.24 7.76 -58.93
CA VAL M 368 9.93 6.37 -59.18
C VAL M 368 9.74 5.68 -57.84
N VAL M 369 8.49 5.42 -57.47
CA VAL M 369 8.23 4.70 -56.22
C VAL M 369 8.69 3.26 -56.39
N SER M 370 9.48 2.76 -55.43
CA SER M 370 10.18 1.51 -55.61
C SER M 370 9.86 0.52 -54.51
N HIS M 371 9.95 -0.74 -54.87
CA HIS M 371 9.89 -1.84 -53.93
C HIS M 371 11.19 -1.98 -53.12
N ARG M 372 11.24 -3.04 -52.33
CA ARG M 372 12.45 -3.51 -51.66
C ARG M 372 12.64 -4.99 -51.98
N SER M 373 13.84 -5.49 -51.68
CA SER M 373 14.14 -6.91 -51.90
C SER M 373 13.24 -7.81 -51.06
N GLY M 374 12.97 -7.41 -49.82
CA GLY M 374 12.00 -8.09 -49.01
C GLY M 374 10.72 -7.31 -48.86
N GLU M 375 9.67 -7.79 -49.50
CA GLU M 375 8.38 -7.13 -49.52
C GLU M 375 7.35 -7.93 -48.75
N THR M 376 6.11 -7.47 -48.85
CA THR M 376 5.03 -7.99 -48.06
C THR M 376 3.79 -8.04 -48.94
N GLU M 377 2.66 -8.43 -48.34
CA GLU M 377 1.39 -8.37 -49.04
C GLU M 377 0.81 -6.96 -49.08
N ASP M 378 1.41 -6.04 -48.33
CA ASP M 378 1.02 -4.64 -48.37
C ASP M 378 1.36 -4.03 -49.72
N SER M 379 0.46 -3.22 -50.24
CA SER M 379 0.62 -2.56 -51.54
C SER M 379 0.35 -1.07 -51.41
N THR M 380 0.93 -0.45 -50.38
CA THR M 380 0.74 0.99 -50.18
C THR M 380 1.51 1.81 -51.21
N ILE M 381 2.60 1.27 -51.76
CA ILE M 381 3.40 2.04 -52.70
C ILE M 381 2.65 2.27 -54.01
N ALA M 382 1.73 1.37 -54.37
CA ALA M 382 0.86 1.60 -55.52
C ALA M 382 -0.04 2.80 -55.30
N ASP M 383 -0.63 2.90 -54.10
CA ASP M 383 -1.44 4.05 -53.74
C ASP M 383 -0.61 5.33 -53.66
N ILE M 384 0.65 5.21 -53.24
CA ILE M 384 1.55 6.37 -53.23
C ILE M 384 1.84 6.85 -54.64
N ALA M 385 2.10 5.91 -55.56
CA ALA M 385 2.40 6.26 -56.95
C ALA M 385 1.20 6.91 -57.63
N VAL M 386 -0.01 6.39 -57.38
CA VAL M 386 -1.20 7.00 -57.96
C VAL M 386 -1.50 8.35 -57.30
N ALA M 387 -1.31 8.43 -55.97
CA ALA M 387 -1.67 9.63 -55.23
C ALA M 387 -0.82 10.83 -55.63
N THR M 388 0.48 10.61 -55.82
CA THR M 388 1.37 11.69 -56.23
C THR M 388 1.32 11.98 -57.71
N ASN M 389 0.65 11.13 -58.51
CA ASN M 389 0.64 11.20 -59.97
C ASN M 389 2.05 11.16 -60.52
N ALA M 390 2.91 10.33 -59.91
CA ALA M 390 4.30 10.26 -60.29
C ALA M 390 4.47 9.72 -61.70
N GLY M 391 3.60 8.79 -62.10
CA GLY M 391 3.62 8.27 -63.45
C GLY M 391 4.64 7.20 -63.70
N GLN M 392 5.42 6.79 -62.70
CA GLN M 392 6.38 5.72 -62.85
C GLN M 392 6.43 4.91 -61.56
N ILE M 393 6.49 3.58 -61.70
CA ILE M 393 6.62 2.68 -60.56
C ILE M 393 7.66 1.62 -60.91
N LYS M 394 8.21 1.02 -59.87
CA LYS M 394 9.17 -0.08 -60.01
C LYS M 394 8.87 -1.02 -58.85
N THR M 395 8.11 -2.09 -59.13
CA THR M 395 7.63 -2.98 -58.08
C THR M 395 7.92 -4.43 -58.48
N GLY M 396 8.94 -4.65 -59.30
CA GLY M 396 9.48 -5.97 -59.59
C GLY M 396 8.93 -6.61 -60.85
N SER M 397 9.02 -7.94 -60.87
CA SER M 397 8.69 -8.77 -62.03
C SER M 397 7.25 -9.24 -61.93
N LEU M 398 6.94 -10.27 -62.69
CA LEU M 398 5.57 -10.70 -62.92
C LEU M 398 5.49 -12.09 -62.39
N SER M 399 6.08 -12.26 -61.25
CA SER M 399 6.21 -13.61 -60.81
C SER M 399 5.98 -13.87 -59.36
N ARG M 400 5.71 -12.92 -58.45
CA ARG M 400 5.57 -13.38 -57.07
C ARG M 400 4.55 -12.42 -56.44
N THR M 401 3.77 -12.81 -55.41
CA THR M 401 2.70 -11.89 -54.92
C THR M 401 3.24 -10.71 -54.10
N ASP M 402 4.51 -10.76 -53.75
CA ASP M 402 5.20 -9.61 -53.20
C ASP M 402 5.41 -8.52 -54.25
N ARG M 403 5.16 -8.87 -55.51
CA ARG M 403 5.31 -8.04 -56.69
C ARG M 403 3.94 -7.87 -57.32
N ILE M 404 3.21 -8.98 -57.48
CA ILE M 404 1.91 -9.04 -58.15
C ILE M 404 0.85 -8.31 -57.34
N ALA M 405 1.04 -8.20 -56.00
CA ALA M 405 0.06 -7.48 -55.19
C ALA M 405 -0.03 -6.01 -55.58
N LYS M 406 1.10 -5.38 -55.89
CA LYS M 406 1.09 -3.98 -56.28
C LYS M 406 0.45 -3.80 -57.65
N TYR M 407 0.73 -4.72 -58.58
CA TYR M 407 0.10 -4.67 -59.90
C TYR M 407 -1.40 -4.88 -59.80
N ASN M 408 -1.83 -5.79 -58.93
CA ASN M 408 -3.25 -6.03 -58.72
C ASN M 408 -3.93 -4.82 -58.09
N GLN M 409 -3.24 -4.17 -57.16
CA GLN M 409 -3.80 -2.95 -56.57
C GLN M 409 -3.89 -1.83 -57.59
N LEU M 410 -2.92 -1.75 -58.51
CA LEU M 410 -2.99 -0.75 -59.57
C LEU M 410 -4.12 -1.06 -60.55
N LEU M 411 -4.38 -2.36 -60.81
CA LEU M 411 -5.54 -2.76 -61.60
C LEU M 411 -6.84 -2.34 -60.91
N ARG M 412 -6.92 -2.55 -59.59
CA ARG M 412 -8.10 -2.14 -58.83
C ARG M 412 -8.28 -0.63 -58.86
N ILE M 413 -7.19 0.13 -58.74
CA ILE M 413 -7.26 1.59 -58.78
C ILE M 413 -7.73 2.06 -60.15
N GLU M 414 -7.21 1.45 -61.23
CA GLU M 414 -7.65 1.81 -62.57
C GLU M 414 -9.13 1.50 -62.77
N ASP M 415 -9.58 0.35 -62.29
CA ASP M 415 -10.98 -0.02 -62.38
C ASP M 415 -11.88 0.94 -61.61
N GLN M 416 -11.45 1.33 -60.40
CA GLN M 416 -12.22 2.26 -59.58
C GLN M 416 -12.27 3.65 -60.21
N LEU M 417 -11.14 4.10 -60.79
CA LEU M 417 -11.11 5.40 -61.44
C LEU M 417 -12.00 5.41 -62.68
N GLY M 418 -12.00 4.33 -63.46
CA GLY M 418 -12.88 4.22 -64.60
C GLY M 418 -12.44 5.04 -65.80
N GLU M 419 -13.29 5.98 -66.22
CA GLU M 419 -12.99 6.80 -67.38
C GLU M 419 -12.01 7.93 -67.07
N VAL M 420 -11.78 8.22 -65.79
CA VAL M 420 -10.85 9.28 -65.42
C VAL M 420 -9.40 8.80 -65.47
N ALA M 421 -9.18 7.49 -65.32
CA ALA M 421 -7.83 6.92 -65.27
C ALA M 421 -7.06 7.24 -66.54
N GLU M 422 -5.81 7.66 -66.36
CA GLU M 422 -4.94 8.07 -67.46
C GLU M 422 -3.64 7.29 -67.37
N TYR M 423 -3.28 6.63 -68.46
CA TYR M 423 -1.99 5.96 -68.57
C TYR M 423 -1.20 6.68 -69.66
N ARG M 424 -0.10 7.31 -69.25
CA ARG M 424 0.64 8.21 -70.14
C ARG M 424 1.80 7.56 -70.85
N GLY M 425 2.47 6.61 -70.22
CA GLY M 425 3.60 5.94 -70.84
C GLY M 425 4.77 6.85 -71.10
N LEU M 426 5.07 7.09 -72.38
CA LEU M 426 6.19 7.98 -72.74
C LEU M 426 5.96 9.40 -72.26
N LYS M 427 4.70 9.83 -72.15
CA LYS M 427 4.38 11.16 -71.62
C LYS M 427 4.70 11.27 -70.13
N SER M 428 4.84 10.15 -69.43
CA SER M 428 5.19 10.22 -68.02
C SER M 428 6.69 10.43 -67.80
N PHE M 429 7.48 10.42 -68.87
CA PHE M 429 8.90 10.75 -68.80
C PHE M 429 9.09 12.24 -69.10
N TYR M 430 8.49 13.06 -68.25
CA TYR M 430 8.50 14.51 -68.46
C TYR M 430 9.87 15.13 -68.23
N ASN M 431 10.82 14.40 -67.66
CA ASN M 431 12.19 14.87 -67.52
C ASN M 431 12.97 14.83 -68.82
N LEU M 432 12.46 14.16 -69.85
CA LEU M 432 13.14 14.04 -71.13
C LEU M 432 12.56 15.03 -72.13
N LYS M 433 13.39 15.40 -73.11
CA LYS M 433 12.99 16.37 -74.12
C LYS M 433 11.94 15.76 -75.04
N LYS M 434 10.89 16.54 -75.31
CA LYS M 434 9.76 16.17 -76.16
C LYS M 434 9.04 14.90 -75.68
N MET N 1 -26.36 9.54 -48.54
CA MET N 1 -25.80 10.59 -47.70
C MET N 1 -24.89 11.53 -48.46
N SER N 2 -24.03 10.96 -49.27
CA SER N 2 -23.11 11.72 -50.10
C SER N 2 -23.64 11.87 -51.51
N ILE N 3 -24.86 11.43 -51.78
CA ILE N 3 -25.43 11.58 -53.11
C ILE N 3 -25.96 12.99 -53.27
N ILE N 4 -25.60 13.65 -54.37
CA ILE N 4 -26.06 15.01 -54.66
C ILE N 4 -27.57 14.97 -54.87
N THR N 5 -28.28 15.75 -54.07
CA THR N 5 -29.72 15.84 -54.09
C THR N 5 -30.22 17.11 -54.78
N ASP N 6 -29.61 18.26 -54.51
CA ASP N 6 -30.07 19.50 -55.09
C ASP N 6 -28.89 20.34 -55.57
N VAL N 7 -29.05 20.95 -56.74
CA VAL N 7 -28.11 21.93 -57.29
C VAL N 7 -28.92 23.15 -57.69
N TYR N 8 -28.55 24.32 -57.16
CA TYR N 8 -29.33 25.53 -57.40
C TYR N 8 -28.42 26.73 -57.56
N ALA N 9 -28.52 27.42 -58.69
CA ALA N 9 -27.75 28.64 -58.93
C ALA N 9 -28.63 29.86 -58.85
N ARG N 10 -28.04 30.95 -58.40
CA ARG N 10 -28.72 32.23 -58.33
C ARG N 10 -27.75 33.34 -58.74
N GLU N 11 -28.31 34.49 -59.06
CA GLU N 11 -27.55 35.63 -59.54
C GLU N 11 -27.22 36.58 -58.40
N VAL N 12 -25.94 36.92 -58.26
CA VAL N 12 -25.46 37.80 -57.21
C VAL N 12 -24.58 38.87 -57.86
N LEU N 13 -23.96 39.72 -57.04
CA LEU N 13 -23.07 40.75 -57.53
C LEU N 13 -21.63 40.44 -57.15
N ASP N 14 -20.70 40.90 -57.97
CA ASP N 14 -19.28 40.75 -57.70
C ASP N 14 -18.76 42.00 -57.00
N SER N 15 -17.45 42.11 -56.90
CA SER N 15 -16.85 43.23 -56.20
C SER N 15 -16.86 44.51 -57.02
N ARG N 16 -17.18 44.46 -58.29
CA ARG N 16 -17.22 45.67 -59.08
C ARG N 16 -18.63 46.16 -59.36
N GLY N 17 -19.64 45.51 -58.79
CA GLY N 17 -21.02 45.84 -59.06
C GLY N 17 -21.62 45.15 -60.26
N ASN N 18 -20.84 44.40 -61.01
CA ASN N 18 -21.34 43.63 -62.13
C ASN N 18 -21.92 42.30 -61.66
N PRO N 19 -22.91 41.74 -62.36
CA PRO N 19 -23.51 40.49 -61.91
C PRO N 19 -22.57 39.30 -62.08
N THR N 20 -22.87 38.25 -61.33
CA THR N 20 -22.23 36.94 -61.47
C THR N 20 -23.23 35.94 -60.89
N LEU N 21 -22.80 34.69 -60.71
CA LEU N 21 -23.69 33.67 -60.19
C LEU N 21 -23.00 32.92 -59.07
N GLU N 22 -23.82 32.27 -58.25
CA GLU N 22 -23.36 31.34 -57.23
C GLU N 22 -24.20 30.08 -57.27
N VAL N 23 -23.56 28.96 -56.96
CA VAL N 23 -24.20 27.65 -57.01
C VAL N 23 -24.15 27.04 -55.62
N GLU N 24 -25.28 26.47 -55.19
CA GLU N 24 -25.38 25.76 -53.92
C GLU N 24 -25.71 24.30 -54.20
N VAL N 25 -24.98 23.40 -53.55
CA VAL N 25 -25.14 21.96 -53.72
C VAL N 25 -25.48 21.36 -52.36
N TYR N 26 -26.55 20.56 -52.34
CA TYR N 26 -27.03 19.86 -51.15
C TYR N 26 -27.01 18.37 -51.41
N THR N 27 -26.44 17.60 -50.48
CA THR N 27 -26.45 16.15 -50.56
C THR N 27 -27.58 15.58 -49.70
N GLU N 28 -27.70 14.25 -49.71
CA GLU N 28 -28.79 13.58 -48.98
C GLU N 28 -28.66 13.80 -47.48
N SER N 29 -27.45 13.70 -46.95
CA SER N 29 -27.24 13.85 -45.51
C SER N 29 -27.37 15.30 -45.03
N GLY N 30 -27.46 16.26 -45.94
CA GLY N 30 -27.50 17.65 -45.58
C GLY N 30 -26.19 18.38 -45.70
N ALA N 31 -25.18 17.79 -46.33
CA ALA N 31 -23.94 18.50 -46.59
C ALA N 31 -24.19 19.60 -47.61
N PHE N 32 -23.56 20.75 -47.38
CA PHE N 32 -23.84 21.94 -48.17
C PHE N 32 -22.54 22.53 -48.70
N GLY N 33 -22.57 22.93 -49.96
CA GLY N 33 -21.44 23.63 -50.56
C GLY N 33 -21.88 24.80 -51.40
N ARG N 34 -21.17 25.92 -51.30
CA ARG N 34 -21.50 27.11 -52.09
C ARG N 34 -20.28 27.57 -52.87
N GLY N 35 -20.46 27.78 -54.16
CA GLY N 35 -19.38 28.26 -55.00
C GLY N 35 -19.75 29.49 -55.80
N MET N 36 -19.00 30.57 -55.62
CA MET N 36 -19.21 31.81 -56.34
C MET N 36 -18.10 31.98 -57.37
N VAL N 37 -18.45 32.59 -58.49
CA VAL N 37 -17.57 32.67 -59.67
C VAL N 37 -17.06 34.09 -59.79
N PRO N 38 -15.76 34.30 -59.94
CA PRO N 38 -15.27 35.64 -60.28
C PRO N 38 -15.63 36.02 -61.71
N SER N 39 -15.70 37.31 -61.95
CA SER N 39 -16.03 37.83 -63.27
C SER N 39 -14.81 37.80 -64.17
N GLY N 40 -14.94 37.16 -65.34
CA GLY N 40 -13.84 37.06 -66.27
C GLY N 40 -14.13 37.74 -67.60
N ALA N 41 -13.96 37.01 -68.70
CA ALA N 41 -14.21 37.54 -70.04
C ALA N 41 -15.08 36.56 -70.81
N SER N 42 -16.03 37.11 -71.56
CA SER N 42 -16.91 36.32 -72.40
C SER N 42 -16.34 36.11 -73.80
N THR N 43 -15.16 36.65 -74.10
CA THR N 43 -14.55 36.53 -75.41
C THR N 43 -13.13 36.04 -75.27
N GLY N 44 -12.64 35.40 -76.32
CA GLY N 44 -11.29 34.85 -76.35
C GLY N 44 -11.20 33.61 -77.21
N GLU N 45 -10.18 33.54 -78.06
CA GLU N 45 -10.05 32.40 -78.96
C GLU N 45 -9.57 31.15 -78.24
N HIS N 46 -8.68 31.31 -77.27
CA HIS N 46 -8.06 30.18 -76.58
C HIS N 46 -8.33 30.24 -75.08
N GLU N 47 -9.44 30.86 -74.69
CA GLU N 47 -9.81 31.03 -73.29
C GLU N 47 -11.27 30.67 -73.12
N ALA N 48 -11.58 29.98 -72.01
CA ALA N 48 -12.97 29.65 -71.68
C ALA N 48 -13.79 30.92 -71.52
N VAL N 49 -14.97 30.91 -72.12
CA VAL N 49 -15.83 32.09 -72.19
C VAL N 49 -16.99 31.94 -71.22
N GLU N 50 -17.34 33.04 -70.57
CA GLU N 50 -18.47 33.09 -69.67
C GLU N 50 -19.71 33.55 -70.42
N LEU N 51 -20.87 33.21 -69.87
CA LEU N 51 -22.11 33.51 -70.54
C LEU N 51 -22.67 34.78 -69.91
N ARG N 52 -23.09 35.71 -70.75
CA ARG N 52 -23.83 36.90 -70.32
C ARG N 52 -25.13 36.99 -71.11
N ASP N 53 -26.11 37.69 -70.53
CA ASP N 53 -27.42 37.81 -71.14
C ASP N 53 -27.36 38.61 -72.43
N GLY N 54 -26.62 39.72 -72.44
CA GLY N 54 -26.63 40.63 -73.56
C GLY N 54 -27.81 41.58 -73.57
N ASP N 55 -28.70 41.50 -72.60
CA ASP N 55 -29.86 42.37 -72.50
C ASP N 55 -29.37 43.75 -72.08
N LYS N 56 -29.29 44.67 -73.06
CA LYS N 56 -28.74 45.99 -72.80
C LYS N 56 -29.58 46.82 -71.85
N ALA N 57 -30.85 46.50 -71.72
CA ALA N 57 -31.74 47.22 -70.84
C ALA N 57 -31.63 46.76 -69.39
N ARG N 58 -30.87 45.70 -69.10
CA ARG N 58 -30.78 45.14 -67.76
C ARG N 58 -29.32 44.90 -67.43
N TYR N 59 -28.81 45.59 -66.41
CA TYR N 59 -27.45 45.46 -65.89
C TYR N 59 -26.38 45.78 -66.93
N GLY N 60 -26.73 46.59 -67.94
CA GLY N 60 -25.79 46.90 -68.99
C GLY N 60 -25.43 45.75 -69.90
N GLY N 61 -26.29 44.73 -69.96
CA GLY N 61 -26.02 43.53 -70.74
C GLY N 61 -25.12 42.52 -70.09
N LEU N 62 -24.78 42.72 -68.83
CA LEU N 62 -23.85 41.84 -68.12
C LEU N 62 -24.56 40.88 -67.18
N GLY N 63 -25.88 40.70 -67.33
CA GLY N 63 -26.60 39.78 -66.47
C GLY N 63 -26.17 38.33 -66.69
N THR N 64 -26.36 37.51 -65.67
CA THR N 64 -25.99 36.11 -65.73
C THR N 64 -27.21 35.21 -65.53
N GLN N 65 -28.39 35.68 -65.94
CA GLN N 65 -29.61 34.89 -65.80
C GLN N 65 -29.60 33.66 -66.71
N LYS N 66 -28.99 33.77 -67.87
CA LYS N 66 -28.99 32.64 -68.78
C LYS N 66 -28.08 31.52 -68.26
N ALA N 67 -26.94 31.85 -67.65
CA ALA N 67 -26.11 30.82 -67.05
C ALA N 67 -26.74 30.24 -65.78
N VAL N 68 -27.50 31.06 -65.04
CA VAL N 68 -28.26 30.56 -63.90
C VAL N 68 -29.31 29.55 -64.36
N ASP N 69 -30.00 29.84 -65.45
CA ASP N 69 -30.96 28.90 -66.01
C ASP N 69 -30.27 27.66 -66.55
N ASN N 70 -29.06 27.81 -67.10
CA ASN N 70 -28.29 26.66 -67.57
C ASN N 70 -27.96 25.71 -66.42
N VAL N 71 -27.59 26.27 -65.26
CA VAL N 71 -27.36 25.42 -64.10
C VAL N 71 -28.66 24.80 -63.62
N ASN N 72 -29.71 25.61 -63.48
CA ASN N 72 -30.94 25.15 -62.83
C ASN N 72 -31.76 24.19 -63.69
N ASN N 73 -31.56 24.19 -65.01
CA ASN N 73 -32.38 23.40 -65.90
C ASN N 73 -31.63 22.34 -66.66
N VAL N 74 -30.32 22.50 -66.86
CA VAL N 74 -29.52 21.57 -67.67
C VAL N 74 -28.48 20.85 -66.82
N ILE N 75 -27.65 21.60 -66.10
CA ILE N 75 -26.56 21.00 -65.33
C ILE N 75 -27.09 20.23 -64.13
N ALA N 76 -28.11 20.78 -63.45
CA ALA N 76 -28.63 20.17 -62.24
C ALA N 76 -29.25 18.81 -62.52
N GLU N 77 -29.96 18.67 -63.65
CA GLU N 77 -30.57 17.39 -64.00
C GLU N 77 -29.52 16.31 -64.22
N HIS N 78 -28.40 16.66 -64.83
CA HIS N 78 -27.33 15.69 -65.07
C HIS N 78 -26.58 15.36 -63.77
N ILE N 79 -26.31 16.38 -62.95
CA ILE N 79 -25.43 16.18 -61.81
C ILE N 79 -26.14 15.50 -60.64
N ILE N 80 -27.44 15.76 -60.44
CA ILE N 80 -28.18 15.19 -59.32
C ILE N 80 -28.20 13.67 -59.44
N GLY N 81 -27.79 13.00 -58.37
CA GLY N 81 -27.63 11.57 -58.34
C GLY N 81 -26.18 11.13 -58.31
N PHE N 82 -25.24 12.02 -58.63
CA PHE N 82 -23.82 11.70 -58.54
C PHE N 82 -23.38 11.65 -57.09
N ASP N 83 -22.27 10.98 -56.85
CA ASP N 83 -21.61 11.07 -55.55
C ASP N 83 -20.87 12.39 -55.46
N VAL N 84 -21.02 13.10 -54.34
CA VAL N 84 -20.47 14.44 -54.18
C VAL N 84 -18.94 14.40 -54.16
N ARG N 85 -18.35 13.26 -53.82
CA ARG N 85 -16.91 13.12 -53.79
C ARG N 85 -16.32 12.76 -55.15
N ASP N 86 -17.15 12.61 -56.18
CA ASP N 86 -16.66 12.32 -57.53
C ASP N 86 -16.50 13.63 -58.30
N GLN N 87 -15.46 14.38 -57.90
CA GLN N 87 -15.21 15.69 -58.51
C GLN N 87 -14.82 15.56 -59.97
N GLN N 88 -13.91 14.63 -60.27
CA GLN N 88 -13.45 14.45 -61.65
C GLN N 88 -14.57 13.95 -62.56
N GLY N 89 -15.37 13.00 -62.07
CA GLY N 89 -16.49 12.50 -62.85
C GLY N 89 -17.52 13.58 -63.15
N ILE N 90 -17.85 14.40 -62.14
CA ILE N 90 -18.80 15.49 -62.32
C ILE N 90 -18.26 16.54 -63.31
N ASP N 91 -16.97 16.88 -63.18
CA ASP N 91 -16.39 17.90 -64.05
C ASP N 91 -16.31 17.42 -65.50
N ARG N 92 -15.91 16.16 -65.71
CA ARG N 92 -15.89 15.61 -67.07
C ARG N 92 -17.30 15.46 -67.64
N ALA N 93 -18.28 15.12 -66.79
CA ALA N 93 -19.67 15.07 -67.25
C ALA N 93 -20.17 16.44 -67.70
N MET N 94 -19.81 17.48 -66.96
CA MET N 94 -20.19 18.83 -67.35
C MET N 94 -19.50 19.27 -68.64
N ILE N 95 -18.22 18.91 -68.79
CA ILE N 95 -17.49 19.25 -70.01
C ILE N 95 -18.11 18.55 -71.22
N ALA N 96 -18.47 17.27 -71.07
CA ALA N 96 -19.14 16.55 -72.14
C ALA N 96 -20.52 17.14 -72.43
N LEU N 97 -21.24 17.56 -71.39
CA LEU N 97 -22.54 18.19 -71.57
C LEU N 97 -22.43 19.52 -72.32
N ASP N 98 -21.31 20.22 -72.14
CA ASP N 98 -21.09 21.43 -72.92
C ASP N 98 -20.78 21.11 -74.37
N GLY N 99 -19.72 20.34 -74.61
CA GLY N 99 -19.38 19.91 -75.95
C GLY N 99 -18.56 20.88 -76.76
N THR N 100 -18.20 22.03 -76.20
CA THR N 100 -17.43 23.01 -76.96
C THR N 100 -16.07 23.23 -76.30
N PRO N 101 -15.03 23.52 -77.09
CA PRO N 101 -13.70 23.75 -76.50
C PRO N 101 -13.63 24.92 -75.53
N ASN N 102 -14.39 25.98 -75.79
CA ASN N 102 -14.37 27.18 -74.96
C ASN N 102 -15.54 27.26 -74.00
N LYS N 103 -16.31 26.17 -73.85
CA LYS N 103 -17.40 26.06 -72.89
C LYS N 103 -18.47 27.12 -73.13
N GLY N 104 -18.75 27.43 -74.40
CA GLY N 104 -19.66 28.50 -74.72
C GLY N 104 -21.13 28.13 -74.62
N LYS N 105 -21.47 26.85 -74.80
CA LYS N 105 -22.88 26.45 -74.77
C LYS N 105 -23.47 26.61 -73.38
N LEU N 106 -22.75 26.19 -72.34
CA LEU N 106 -23.23 26.30 -70.97
C LEU N 106 -22.64 27.48 -70.22
N GLY N 107 -21.53 28.04 -70.69
CA GLY N 107 -20.84 29.08 -69.95
C GLY N 107 -19.80 28.50 -69.01
N ALA N 108 -18.60 29.09 -68.99
CA ALA N 108 -17.57 28.61 -68.08
C ALA N 108 -17.87 28.99 -66.64
N ASN N 109 -18.61 30.08 -66.44
CA ASN N 109 -19.00 30.51 -65.09
C ASN N 109 -19.92 29.48 -64.43
N ALA N 110 -20.88 28.94 -65.20
CA ALA N 110 -21.80 27.93 -64.68
C ALA N 110 -21.05 26.67 -64.27
N ILE N 111 -20.15 26.20 -65.14
CA ILE N 111 -19.39 24.99 -64.87
C ILE N 111 -18.45 25.17 -63.69
N LEU N 112 -17.79 26.34 -63.61
CA LEU N 112 -16.89 26.61 -62.49
C LEU N 112 -17.65 26.73 -61.18
N GLY N 113 -18.82 27.35 -61.21
CA GLY N 113 -19.63 27.44 -60.00
C GLY N 113 -20.08 26.09 -59.49
N VAL N 114 -20.51 25.21 -60.41
CA VAL N 114 -20.89 23.86 -60.00
C VAL N 114 -19.68 23.09 -59.50
N SER N 115 -18.52 23.26 -60.14
CA SER N 115 -17.30 22.58 -59.71
C SER N 115 -16.89 22.97 -58.29
N ILE N 116 -16.87 24.28 -58.01
CA ILE N 116 -16.49 24.78 -56.69
C ILE N 116 -17.51 24.34 -55.64
N ALA N 117 -18.81 24.44 -55.97
CA ALA N 117 -19.84 24.05 -55.02
C ALA N 117 -19.79 22.56 -54.69
N VAL N 118 -19.53 21.72 -55.70
CA VAL N 118 -19.42 20.28 -55.47
C VAL N 118 -18.20 19.95 -54.61
N ALA N 119 -17.06 20.60 -54.88
CA ALA N 119 -15.87 20.36 -54.07
C ALA N 119 -16.07 20.78 -52.62
N ARG N 120 -16.69 21.94 -52.40
CA ARG N 120 -16.93 22.41 -51.04
C ARG N 120 -17.97 21.55 -50.32
N ALA N 121 -18.98 21.06 -51.06
CA ALA N 121 -19.95 20.16 -50.44
C ALA N 121 -19.32 18.82 -50.07
N ALA N 122 -18.40 18.33 -50.90
CA ALA N 122 -17.68 17.10 -50.57
C ALA N 122 -16.78 17.28 -49.35
N ALA N 123 -16.11 18.44 -49.26
CA ALA N 123 -15.31 18.74 -48.07
C ALA N 123 -16.18 18.85 -46.83
N ASP N 124 -17.37 19.46 -46.95
CA ASP N 124 -18.29 19.56 -45.83
C ASP N 124 -18.81 18.19 -45.40
N TYR N 125 -19.10 17.31 -46.38
CA TYR N 125 -19.55 15.96 -46.06
C TYR N 125 -18.47 15.16 -45.35
N LEU N 126 -17.23 15.24 -45.85
CA LEU N 126 -16.13 14.52 -45.21
C LEU N 126 -15.67 15.17 -43.92
N GLU N 127 -16.17 16.37 -43.60
CA GLU N 127 -15.81 17.13 -42.39
C GLU N 127 -14.30 17.40 -42.34
N VAL N 128 -13.74 17.71 -43.50
CA VAL N 128 -12.32 18.02 -43.62
C VAL N 128 -12.22 19.43 -44.21
N PRO N 129 -11.09 20.09 -44.02
CA PRO N 129 -10.88 21.38 -44.67
C PRO N 129 -10.83 21.24 -46.17
N LEU N 130 -11.15 22.34 -46.86
CA LEU N 130 -11.20 22.31 -48.32
C LEU N 130 -9.84 22.03 -48.93
N TYR N 131 -8.77 22.59 -48.36
CA TYR N 131 -7.43 22.32 -48.88
C TYR N 131 -7.03 20.87 -48.64
N SER N 132 -7.45 20.29 -47.51
CA SER N 132 -7.16 18.87 -47.25
C SER N 132 -7.88 17.98 -48.25
N TYR N 133 -9.11 18.31 -48.59
CA TYR N 133 -9.84 17.51 -49.58
C TYR N 133 -9.25 17.67 -50.97
N LEU N 134 -8.84 18.89 -51.33
CA LEU N 134 -8.34 19.14 -52.67
C LEU N 134 -6.94 18.56 -52.88
N GLY N 135 -6.06 18.72 -51.89
CA GLY N 135 -4.67 18.39 -52.09
C GLY N 135 -4.13 17.22 -51.30
N GLY N 136 -4.95 16.63 -50.44
CA GLY N 136 -4.54 15.47 -49.68
C GLY N 136 -4.05 15.80 -48.28
N PHE N 137 -3.22 14.90 -47.76
CA PHE N 137 -2.72 15.05 -46.39
C PHE N 137 -1.49 15.93 -46.30
N ASN N 138 -0.69 16.02 -47.35
CA ASN N 138 0.58 16.74 -47.32
C ASN N 138 0.41 18.19 -47.80
N THR N 139 -0.54 18.91 -47.20
CA THR N 139 -0.82 20.29 -47.54
C THR N 139 -0.30 21.18 -46.40
N LYS N 140 0.85 21.81 -46.61
CA LYS N 140 1.44 22.60 -45.54
C LYS N 140 2.03 23.93 -45.98
N VAL N 141 2.24 24.18 -47.26
CA VAL N 141 3.00 25.34 -47.71
C VAL N 141 2.06 26.52 -47.89
N LEU N 142 2.23 27.53 -47.06
CA LEU N 142 1.51 28.79 -47.19
C LEU N 142 2.16 29.62 -48.30
N PRO N 143 1.38 30.10 -49.26
CA PRO N 143 1.98 30.78 -50.43
C PRO N 143 2.59 32.12 -50.08
N THR N 144 3.61 32.48 -50.84
CA THR N 144 4.22 33.80 -50.76
C THR N 144 3.39 34.76 -51.60
N PRO N 145 2.86 35.84 -51.01
CA PRO N 145 1.94 36.70 -51.74
C PRO N 145 2.63 37.85 -52.47
N MET N 146 2.14 38.14 -53.68
CA MET N 146 2.63 39.28 -54.45
C MET N 146 1.50 40.29 -54.28
N MET N 147 1.67 41.22 -53.35
CA MET N 147 0.64 42.21 -53.03
C MET N 147 0.76 43.40 -53.97
N ASN N 148 -0.24 43.58 -54.83
CA ASN N 148 -0.29 44.76 -55.70
C ASN N 148 -0.46 45.99 -54.84
N ILE N 149 0.34 47.03 -55.09
CA ILE N 149 0.25 48.27 -54.34
C ILE N 149 -0.01 49.47 -55.24
N ILE N 150 0.66 49.54 -56.39
CA ILE N 150 0.61 50.69 -57.28
C ILE N 150 0.24 50.19 -58.66
N ASN N 151 -0.71 50.86 -59.28
CA ASN N 151 -1.21 50.51 -60.58
C ASN N 151 -0.83 51.55 -61.61
N GLY N 152 -1.03 51.18 -62.86
CA GLY N 152 -0.51 51.91 -63.99
C GLY N 152 -1.21 51.48 -65.26
N GLY N 153 -0.73 52.03 -66.36
CA GLY N 153 -1.18 51.58 -67.67
C GLY N 153 -2.62 51.96 -67.91
N SER N 154 -3.44 50.97 -68.23
CA SER N 154 -4.87 51.19 -68.46
C SER N 154 -5.64 51.40 -67.16
N HIS N 155 -5.02 51.19 -66.01
CA HIS N 155 -5.66 51.36 -64.71
C HIS N 155 -5.33 52.68 -64.04
N SER N 156 -4.65 53.59 -64.74
CA SER N 156 -4.36 54.89 -64.16
C SER N 156 -4.10 55.88 -65.29
N ASP N 157 -4.02 57.16 -64.92
CA ASP N 157 -3.71 58.22 -65.86
C ASP N 157 -2.25 58.66 -65.78
N ALA N 158 -1.45 58.00 -64.94
CA ALA N 158 -0.04 58.32 -64.81
C ALA N 158 0.70 57.91 -66.09
N PRO N 159 1.87 58.55 -66.36
CA PRO N 159 2.70 58.10 -67.51
C PRO N 159 3.52 56.86 -67.19
N ILE N 160 2.84 55.78 -66.83
CA ILE N 160 3.43 54.49 -66.55
C ILE N 160 2.74 53.48 -67.44
N ALA N 161 3.52 52.67 -68.13
CA ALA N 161 2.93 51.65 -68.99
C ALA N 161 2.75 50.32 -68.31
N PHE N 162 3.48 50.05 -67.23
CA PHE N 162 3.32 48.79 -66.51
C PHE N 162 2.01 48.82 -65.76
N GLN N 163 1.21 47.77 -65.93
CA GLN N 163 -0.10 47.70 -65.29
C GLN N 163 -0.01 47.65 -63.78
N GLU N 164 0.82 46.78 -63.21
CA GLU N 164 0.81 46.62 -61.76
C GLU N 164 2.22 46.59 -61.22
N PHE N 165 2.36 47.04 -59.98
CA PHE N 165 3.58 46.97 -59.19
C PHE N 165 3.25 46.27 -57.90
N MET N 166 4.08 45.31 -57.51
CA MET N 166 3.75 44.41 -56.42
C MET N 166 4.92 44.35 -55.45
N ILE N 167 4.62 44.10 -54.18
CA ILE N 167 5.61 43.80 -53.16
C ILE N 167 5.53 42.31 -52.82
N VAL N 168 6.68 41.68 -52.74
CA VAL N 168 6.79 40.27 -52.38
C VAL N 168 7.60 40.17 -51.11
N PRO N 169 6.95 40.03 -49.95
CA PRO N 169 7.68 39.88 -48.66
C PRO N 169 8.18 38.48 -48.43
N ALA N 170 9.12 38.04 -49.29
CA ALA N 170 9.63 36.68 -49.25
C ALA N 170 10.57 36.44 -48.08
N GLY N 171 11.07 37.49 -47.45
CA GLY N 171 11.97 37.34 -46.33
C GLY N 171 11.31 37.14 -44.99
N ALA N 172 9.98 37.06 -44.95
CA ALA N 172 9.27 36.87 -43.70
C ALA N 172 9.40 35.44 -43.22
N PRO N 173 9.36 35.21 -41.89
CA PRO N 173 9.43 33.84 -41.38
C PRO N 173 8.13 33.07 -41.55
N THR N 174 6.99 33.74 -41.36
CA THR N 174 5.68 33.12 -41.45
C THR N 174 4.81 33.93 -42.39
N PHE N 175 3.63 33.37 -42.71
CA PHE N 175 2.67 34.12 -43.51
C PHE N 175 2.04 35.24 -42.72
N LYS N 176 1.87 35.05 -41.41
CA LYS N 176 1.34 36.10 -40.55
C LYS N 176 2.23 37.34 -40.57
N GLU N 177 3.54 37.13 -40.44
CA GLU N 177 4.49 38.24 -40.48
C GLU N 177 4.55 38.85 -41.89
N ALA N 178 4.42 38.03 -42.92
CA ALA N 178 4.41 38.55 -44.29
C ALA N 178 3.21 39.47 -44.52
N LEU N 179 2.04 39.06 -44.01
CA LEU N 179 0.86 39.89 -44.11
C LEU N 179 1.01 41.18 -43.31
N ARG N 180 1.64 41.10 -42.13
CA ARG N 180 1.87 42.30 -41.34
C ARG N 180 2.81 43.27 -42.04
N TRP N 181 3.89 42.75 -42.64
CA TRP N 181 4.82 43.57 -43.41
C TRP N 181 4.14 44.23 -44.59
N GLY N 182 3.30 43.48 -45.30
CA GLY N 182 2.57 44.05 -46.43
C GLY N 182 1.61 45.14 -46.01
N ALA N 183 0.89 44.93 -44.90
CA ALA N 183 -0.02 45.95 -44.38
C ALA N 183 0.72 47.21 -43.96
N GLU N 184 1.86 47.04 -43.27
CA GLU N 184 2.63 48.20 -42.82
C GLU N 184 3.22 48.97 -43.99
N ILE N 185 3.70 48.27 -45.01
CA ILE N 185 4.21 48.94 -46.21
C ILE N 185 3.09 49.66 -46.94
N PHE N 186 1.90 49.05 -46.99
CA PHE N 186 0.74 49.69 -47.61
C PHE N 186 0.37 50.98 -46.90
N HIS N 187 0.37 50.97 -45.56
CA HIS N 187 0.02 52.16 -44.81
C HIS N 187 1.10 53.24 -44.91
N ALA N 188 2.38 52.83 -44.92
CA ALA N 188 3.47 53.78 -45.09
C ALA N 188 3.43 54.43 -46.47
N LEU N 189 3.12 53.64 -47.50
CA LEU N 189 2.97 54.17 -48.85
C LEU N 189 1.80 55.13 -48.93
N LYS N 190 0.69 54.79 -48.24
CA LYS N 190 -0.45 55.69 -48.19
C LYS N 190 -0.07 57.02 -47.56
N LYS N 191 0.67 56.99 -46.44
CA LYS N 191 1.10 58.22 -45.79
C LYS N 191 2.03 59.03 -46.68
N ILE N 192 2.95 58.36 -47.38
CA ILE N 192 3.90 59.04 -48.27
C ILE N 192 3.16 59.70 -49.44
N LEU N 193 2.20 59.00 -50.02
CA LEU N 193 1.43 59.60 -51.11
C LEU N 193 0.54 60.73 -50.62
N LYS N 194 0.04 60.65 -49.38
CA LYS N 194 -0.71 61.75 -48.78
C LYS N 194 0.15 62.99 -48.60
N GLU N 195 1.39 62.81 -48.12
CA GLU N 195 2.25 63.97 -47.91
C GLU N 195 2.82 64.53 -49.20
N ARG N 196 2.71 63.79 -50.31
CA ARG N 196 3.10 64.29 -51.62
C ARG N 196 1.93 64.93 -52.37
N GLY N 197 0.73 64.89 -51.82
CA GLY N 197 -0.42 65.47 -52.48
C GLY N 197 -1.07 64.60 -53.53
N LEU N 198 -0.65 63.35 -53.66
CA LEU N 198 -1.18 62.47 -54.70
C LEU N 198 -2.47 61.81 -54.23
N GLU N 199 -3.02 60.93 -55.06
CA GLU N 199 -4.31 60.30 -54.79
C GLU N 199 -4.14 59.10 -53.87
N THR N 200 -5.11 58.91 -52.98
CA THR N 200 -5.11 57.84 -51.99
C THR N 200 -6.11 56.73 -52.30
N ALA N 201 -7.21 57.06 -52.99
CA ALA N 201 -8.25 56.08 -53.29
C ALA N 201 -7.72 54.90 -54.10
N VAL N 202 -8.34 53.75 -53.91
CA VAL N 202 -7.83 52.50 -54.42
C VAL N 202 -8.63 52.06 -55.63
N GLY N 203 -8.05 51.13 -56.39
CA GLY N 203 -8.67 50.60 -57.58
C GLY N 203 -9.42 49.32 -57.30
N ASP N 204 -9.64 48.55 -58.37
CA ASP N 204 -10.42 47.32 -58.25
C ASP N 204 -9.70 46.29 -57.40
N GLU N 205 -8.36 46.28 -57.46
CA GLU N 205 -7.58 45.34 -56.69
C GLU N 205 -7.19 45.85 -55.33
N GLY N 206 -7.55 47.09 -55.01
CA GLY N 206 -7.21 47.69 -53.75
C GLY N 206 -5.94 48.50 -53.75
N GLY N 207 -5.28 48.66 -54.88
CA GLY N 207 -4.03 49.38 -54.95
C GLY N 207 -4.21 50.81 -55.43
N PHE N 208 -3.28 51.67 -55.02
CA PHE N 208 -3.30 53.06 -55.42
C PHE N 208 -2.98 53.19 -56.90
N ALA N 209 -3.46 54.27 -57.50
CA ALA N 209 -3.09 54.66 -58.87
C ALA N 209 -2.65 56.12 -58.86
N PRO N 210 -1.47 56.41 -58.28
CA PRO N 210 -1.07 57.80 -58.10
C PRO N 210 -0.59 58.41 -59.41
N ARG N 211 -0.53 59.75 -59.41
CA ARG N 211 -0.10 60.50 -60.59
C ARG N 211 1.41 60.71 -60.49
N PHE N 212 2.15 59.66 -60.82
CA PHE N 212 3.60 59.69 -60.81
C PHE N 212 4.10 60.38 -62.08
N ASN N 213 5.41 60.30 -62.35
CA ASN N 213 5.96 60.78 -63.60
C ASN N 213 6.69 59.70 -64.40
N GLY N 214 6.68 58.46 -63.93
CA GLY N 214 7.34 57.39 -64.65
C GLY N 214 7.40 56.13 -63.81
N THR N 215 7.92 55.08 -64.45
CA THR N 215 8.10 53.80 -63.77
C THR N 215 9.16 53.90 -62.68
N GLU N 216 10.25 54.63 -62.96
CA GLU N 216 11.34 54.77 -62.00
C GLU N 216 10.86 55.43 -60.71
N ASP N 217 10.02 56.46 -60.84
CA ASP N 217 9.47 57.11 -59.65
C ASP N 217 8.59 56.15 -58.86
N GLY N 218 7.79 55.33 -59.56
CA GLY N 218 6.94 54.38 -58.87
C GLY N 218 7.73 53.36 -58.07
N VAL N 219 8.75 52.76 -58.69
CA VAL N 219 9.63 51.82 -58.01
C VAL N 219 10.38 52.46 -56.85
N GLU N 220 10.87 53.68 -57.05
CA GLU N 220 11.60 54.37 -55.98
C GLU N 220 10.68 54.71 -54.81
N THR N 221 9.44 55.10 -55.08
CA THR N 221 8.49 55.34 -54.00
C THR N 221 8.13 54.04 -53.26
N ILE N 222 8.03 52.93 -54.00
CA ILE N 222 7.81 51.61 -53.35
C ILE N 222 8.96 51.29 -52.42
N ILE N 223 10.18 51.49 -52.88
CA ILE N 223 11.36 51.20 -52.07
C ILE N 223 11.40 52.13 -50.85
N LYS N 224 11.04 53.40 -51.05
CA LYS N 224 10.99 54.35 -49.94
C LYS N 224 9.95 53.95 -48.90
N ALA N 225 8.79 53.45 -49.34
CA ALA N 225 7.78 52.97 -48.40
C ALA N 225 8.24 51.73 -47.65
N ILE N 226 8.92 50.81 -48.34
CA ILE N 226 9.45 49.61 -47.71
C ILE N 226 10.48 49.98 -46.65
N GLU N 227 11.36 50.93 -46.97
CA GLU N 227 12.36 51.38 -46.00
C GLU N 227 11.71 52.13 -44.83
N ALA N 228 10.66 52.91 -45.11
CA ALA N 228 9.97 53.64 -44.05
C ALA N 228 9.27 52.71 -43.07
N ALA N 229 8.68 51.63 -43.59
CA ALA N 229 8.02 50.65 -42.71
C ALA N 229 9.02 49.98 -41.77
N GLY N 230 10.27 49.82 -42.21
CA GLY N 230 11.30 49.27 -41.35
C GLY N 230 11.87 47.97 -41.88
N TYR N 231 11.82 47.78 -43.19
CA TYR N 231 12.29 46.55 -43.82
C TYR N 231 13.28 46.89 -44.92
N VAL N 232 14.13 45.93 -45.25
CA VAL N 232 15.24 46.12 -46.17
C VAL N 232 14.81 45.62 -47.55
N PRO N 233 14.79 46.46 -48.58
CA PRO N 233 14.52 45.96 -49.93
C PRO N 233 15.63 45.04 -50.42
N GLY N 234 15.23 44.01 -51.16
CA GLY N 234 16.17 43.03 -51.67
C GLY N 234 16.54 41.93 -50.70
N LYS N 235 16.22 42.08 -49.42
CA LYS N 235 16.42 41.05 -48.42
C LYS N 235 15.12 40.61 -47.78
N ASP N 236 14.33 41.56 -47.27
CA ASP N 236 13.05 41.27 -46.66
C ASP N 236 11.91 41.33 -47.67
N VAL N 237 11.81 42.44 -48.40
CA VAL N 237 10.74 42.66 -49.36
C VAL N 237 11.34 42.93 -50.72
N PHE N 238 10.89 42.19 -51.73
CA PHE N 238 11.27 42.41 -53.10
C PHE N 238 10.10 43.07 -53.81
N ILE N 239 10.32 43.46 -55.07
CA ILE N 239 9.25 44.05 -55.85
C ILE N 239 9.11 43.29 -57.16
N GLY N 240 7.89 43.33 -57.69
CA GLY N 240 7.59 42.65 -58.94
C GLY N 240 6.73 43.53 -59.82
N LEU N 241 6.72 43.19 -61.10
CA LEU N 241 6.02 43.98 -62.11
C LEU N 241 5.02 43.12 -62.85
N ASP N 242 3.91 43.74 -63.23
CA ASP N 242 2.95 43.19 -64.18
C ASP N 242 2.91 44.20 -65.30
N CYS N 243 3.80 44.02 -66.28
CA CYS N 243 3.95 44.99 -67.37
C CYS N 243 2.73 45.03 -68.26
N ALA N 244 2.19 43.84 -68.56
CA ALA N 244 1.14 43.59 -69.54
C ALA N 244 1.42 44.28 -70.84
N SER N 245 2.47 43.79 -71.46
CA SER N 245 3.01 44.36 -72.66
C SER N 245 2.08 44.19 -73.85
N SER N 246 1.03 43.35 -73.75
CA SER N 246 0.09 43.22 -74.85
C SER N 246 -0.73 44.48 -75.08
N GLU N 247 -0.86 45.34 -74.07
CA GLU N 247 -1.65 46.56 -74.24
C GLU N 247 -0.92 47.59 -75.09
N PHE N 248 0.37 47.80 -74.84
CA PHE N 248 1.16 48.79 -75.57
C PHE N 248 2.06 48.11 -76.60
N TYR N 249 1.58 47.06 -77.24
CA TYR N 249 2.32 46.37 -78.29
C TYR N 249 1.73 46.74 -79.64
N ASP N 250 2.58 47.22 -80.53
CA ASP N 250 2.21 47.51 -81.92
C ASP N 250 2.44 46.24 -82.73
N ALA N 251 1.34 45.59 -83.13
CA ALA N 251 1.43 44.34 -83.88
C ALA N 251 2.03 44.57 -85.26
N GLU N 252 1.66 45.68 -85.92
CA GLU N 252 2.12 45.93 -87.28
C GLU N 252 3.62 46.18 -87.34
N HIS N 253 4.14 47.04 -86.47
CA HIS N 253 5.53 47.43 -86.50
C HIS N 253 6.43 46.57 -85.64
N LYS N 254 5.87 45.61 -84.90
CA LYS N 254 6.62 44.66 -84.05
C LYS N 254 7.45 45.41 -83.01
N VAL N 255 6.88 46.48 -82.48
CA VAL N 255 7.54 47.32 -81.49
C VAL N 255 6.60 47.49 -80.29
N TYR N 256 7.20 47.83 -79.16
CA TYR N 256 6.48 48.06 -77.91
C TYR N 256 6.38 49.56 -77.74
N GLY N 257 5.23 50.11 -78.11
CA GLY N 257 5.03 51.55 -78.06
C GLY N 257 4.62 52.04 -76.70
N TYR N 258 5.59 52.58 -75.95
CA TYR N 258 5.30 53.18 -74.65
C TYR N 258 4.53 54.48 -74.76
N THR N 259 4.38 55.03 -75.97
CA THR N 259 3.66 56.28 -76.15
C THR N 259 2.17 56.16 -75.85
N LYS N 260 1.62 54.95 -75.80
CA LYS N 260 0.21 54.78 -75.51
C LYS N 260 -0.13 55.22 -74.09
N PHE N 261 0.78 55.00 -73.14
CA PHE N 261 0.53 55.34 -71.75
C PHE N 261 1.47 56.40 -71.19
N GLU N 262 2.69 56.50 -71.69
CA GLU N 262 3.74 57.32 -71.09
C GLU N 262 3.92 58.66 -71.80
N GLY N 263 3.01 59.04 -72.69
CA GLY N 263 3.06 60.34 -73.33
C GLY N 263 3.67 60.27 -74.72
N GLU N 264 3.61 61.41 -75.41
CA GLU N 264 4.03 61.47 -76.81
C GLU N 264 5.52 61.19 -76.97
N GLY N 265 6.32 61.71 -76.06
CA GLY N 265 7.76 61.56 -76.14
C GLY N 265 8.32 60.26 -75.60
N ALA N 266 7.47 59.28 -75.31
CA ALA N 266 7.92 58.01 -74.76
C ALA N 266 8.68 57.21 -75.81
N ALA N 267 9.53 56.30 -75.32
CA ALA N 267 10.38 55.51 -76.19
C ALA N 267 9.58 54.42 -76.88
N VAL N 268 10.01 54.07 -78.09
CA VAL N 268 9.49 52.93 -78.82
C VAL N 268 10.63 51.92 -78.94
N ARG N 269 10.39 50.70 -78.47
CA ARG N 269 11.44 49.72 -78.31
C ARG N 269 11.12 48.44 -79.07
N THR N 270 12.12 47.85 -79.71
CA THR N 270 11.96 46.53 -80.31
C THR N 270 11.91 45.46 -79.22
N ALA N 271 11.83 44.20 -79.64
CA ALA N 271 11.85 43.10 -78.67
C ALA N 271 13.17 43.06 -77.91
N ALA N 272 14.29 43.21 -78.64
CA ALA N 272 15.61 43.24 -78.02
C ALA N 272 15.73 44.42 -77.07
N GLU N 273 15.29 45.61 -77.52
CA GLU N 273 15.37 46.81 -76.68
C GLU N 273 14.48 46.70 -75.45
N GLN N 274 13.33 46.04 -75.59
CA GLN N 274 12.46 45.77 -74.45
C GLN N 274 13.13 44.85 -73.44
N ILE N 275 13.83 43.80 -73.94
CA ILE N 275 14.65 42.93 -73.07
C ILE N 275 15.67 43.76 -72.33
N ASP N 276 16.39 44.63 -73.05
CA ASP N 276 17.41 45.43 -72.38
C ASP N 276 16.79 46.35 -71.34
N TYR N 277 15.63 46.93 -71.62
CA TYR N 277 14.96 47.79 -70.65
C TYR N 277 14.57 47.02 -69.38
N LEU N 278 14.02 45.82 -69.56
CA LEU N 278 13.72 44.97 -68.41
C LEU N 278 14.99 44.58 -67.66
N GLU N 279 16.10 44.40 -68.38
CA GLU N 279 17.37 44.10 -67.73
C GLU N 279 17.86 45.25 -66.88
N GLU N 280 17.78 46.49 -67.40
CA GLU N 280 18.12 47.66 -66.60
C GLU N 280 17.24 47.78 -65.36
N LEU N 281 15.95 47.54 -65.53
CA LEU N 281 15.03 47.61 -64.38
C LEU N 281 15.38 46.56 -63.33
N VAL N 282 15.74 45.35 -63.77
CA VAL N 282 16.13 44.29 -62.84
C VAL N 282 17.44 44.62 -62.15
N ASN N 283 18.40 45.19 -62.88
CA ASN N 283 19.69 45.51 -62.28
C ASN N 283 19.60 46.67 -61.30
N LYS N 284 18.74 47.65 -61.59
CA LYS N 284 18.62 48.82 -60.72
C LYS N 284 17.88 48.51 -59.42
N TYR N 285 16.85 47.68 -59.50
CA TYR N 285 15.90 47.51 -58.41
C TYR N 285 15.84 46.05 -57.97
N PRO N 286 15.37 45.77 -56.75
CA PRO N 286 15.20 44.35 -56.33
C PRO N 286 13.97 43.69 -56.95
N ILE N 287 14.00 43.52 -58.26
CA ILE N 287 12.88 42.96 -59.00
C ILE N 287 13.05 41.46 -59.04
N ILE N 288 12.04 40.75 -58.55
CA ILE N 288 12.09 39.31 -58.52
C ILE N 288 11.12 38.69 -59.50
N THR N 289 10.01 39.38 -59.84
CA THR N 289 9.01 38.84 -60.76
C THR N 289 8.66 39.88 -61.82
N ILE N 290 8.49 39.41 -63.04
CA ILE N 290 8.02 40.21 -64.17
C ILE N 290 6.94 39.39 -64.86
N GLU N 291 5.74 39.93 -64.94
CA GLU N 291 4.59 39.25 -65.49
C GLU N 291 4.21 39.91 -66.81
N ASP N 292 4.00 39.08 -67.84
CA ASP N 292 3.75 39.53 -69.20
C ASP N 292 4.81 40.51 -69.66
N GLY N 293 6.07 40.04 -69.60
CA GLY N 293 7.18 40.90 -69.96
C GLY N 293 7.15 41.30 -71.42
N MET N 294 6.68 40.41 -72.27
CA MET N 294 6.46 40.71 -73.68
C MET N 294 5.08 40.28 -74.12
N ASP N 295 4.78 40.54 -75.40
CA ASP N 295 3.43 40.35 -75.93
C ASP N 295 3.05 38.88 -75.93
N GLU N 296 1.73 38.62 -75.85
CA GLU N 296 1.19 37.27 -75.80
C GLU N 296 1.45 36.46 -77.07
N ASN N 297 1.87 37.10 -78.16
CA ASN N 297 2.17 36.40 -79.40
C ASN N 297 3.62 36.51 -79.83
N ASP N 298 4.45 37.26 -79.10
CA ASP N 298 5.87 37.40 -79.42
C ASP N 298 6.62 36.23 -78.80
N TRP N 299 6.50 35.06 -79.42
CA TRP N 299 7.08 33.84 -78.88
C TRP N 299 8.60 33.87 -78.94
N ASP N 300 9.16 34.36 -80.04
CA ASP N 300 10.62 34.51 -80.14
C ASP N 300 11.14 35.51 -79.12
N GLY N 301 10.38 36.58 -78.91
CA GLY N 301 10.73 37.51 -77.86
C GLY N 301 10.69 36.87 -76.49
N TRP N 302 9.67 36.04 -76.21
CA TRP N 302 9.59 35.35 -74.94
C TRP N 302 10.77 34.42 -74.73
N LYS N 303 11.19 33.73 -75.80
CA LYS N 303 12.35 32.85 -75.71
C LYS N 303 13.63 33.62 -75.43
N ALA N 304 13.81 34.76 -76.11
CA ALA N 304 14.99 35.58 -75.84
C ALA N 304 14.97 36.17 -74.43
N LEU N 305 13.78 36.60 -73.97
CA LEU N 305 13.65 37.17 -72.63
C LEU N 305 13.93 36.14 -71.54
N THR N 306 13.46 34.89 -71.72
CA THR N 306 13.76 33.87 -70.73
C THR N 306 15.17 33.34 -70.84
N GLU N 307 15.82 33.48 -72.00
CA GLU N 307 17.24 33.17 -72.07
C GLU N 307 18.07 34.22 -71.35
N ARG N 308 17.63 35.49 -71.39
CA ARG N 308 18.44 36.55 -70.82
C ARG N 308 18.18 36.73 -69.32
N LEU N 309 16.94 36.54 -68.87
CA LEU N 309 16.49 36.78 -67.50
C LEU N 309 15.93 35.60 -66.75
N GLY N 310 15.84 34.42 -67.36
CA GLY N 310 15.11 33.34 -66.73
C GLY N 310 15.77 32.77 -65.49
N GLY N 311 17.09 32.92 -65.36
CA GLY N 311 17.79 32.33 -64.24
C GLY N 311 17.72 33.13 -62.95
N LYS N 312 17.56 34.45 -63.05
CA LYS N 312 17.59 35.31 -61.88
C LYS N 312 16.23 35.88 -61.49
N VAL N 313 15.34 36.13 -62.45
CA VAL N 313 14.03 36.68 -62.15
C VAL N 313 12.97 35.71 -62.66
N GLN N 314 11.78 35.84 -62.09
CA GLN N 314 10.65 34.99 -62.41
C GLN N 314 9.86 35.67 -63.52
N LEU N 315 9.65 34.99 -64.63
CA LEU N 315 8.90 35.50 -65.77
C LEU N 315 7.58 34.74 -65.85
N VAL N 316 6.47 35.45 -65.67
CA VAL N 316 5.15 34.85 -65.56
C VAL N 316 4.39 35.08 -66.87
N GLY N 317 3.78 34.03 -67.41
CA GLY N 317 2.91 34.17 -68.55
C GLY N 317 1.45 34.18 -68.16
N ASP N 318 0.85 35.38 -68.15
CA ASP N 318 -0.56 35.52 -67.78
C ASP N 318 -1.47 35.43 -69.01
N ASP N 319 -1.34 36.39 -69.92
CA ASP N 319 -2.03 36.30 -71.20
C ASP N 319 -1.25 35.49 -72.21
N PHE N 320 -0.01 35.15 -71.89
CA PHE N 320 0.79 34.27 -72.74
C PHE N 320 0.21 32.87 -72.77
N PHE N 321 -0.23 32.38 -71.62
CA PHE N 321 -0.70 31.02 -71.53
C PHE N 321 -2.20 30.88 -71.30
N VAL N 322 -2.87 31.93 -70.78
CA VAL N 322 -4.28 31.98 -70.36
C VAL N 322 -4.80 30.67 -69.74
N THR N 323 -3.97 30.06 -68.86
CA THR N 323 -4.30 28.82 -68.14
C THR N 323 -4.70 27.71 -69.12
N ASN N 324 -3.98 27.63 -70.23
CA ASN N 324 -4.26 26.63 -71.27
C ASN N 324 -3.18 25.57 -71.19
N THR N 325 -3.61 24.32 -71.13
CA THR N 325 -2.67 23.19 -71.15
C THR N 325 -1.87 23.13 -72.45
N ALA N 326 -2.51 23.40 -73.59
CA ALA N 326 -1.80 23.35 -74.87
C ALA N 326 -0.76 24.46 -74.96
N TYR N 327 -1.15 25.69 -74.58
CA TYR N 327 -0.21 26.81 -74.61
C TYR N 327 0.93 26.62 -73.61
N LEU N 328 0.62 26.13 -72.41
CA LEU N 328 1.65 25.87 -71.41
C LEU N 328 2.62 24.79 -71.87
N GLU N 329 2.10 23.72 -72.50
CA GLU N 329 2.96 22.68 -73.03
C GLU N 329 3.84 23.19 -74.16
N LYS N 330 3.28 24.02 -75.04
CA LYS N 330 4.06 24.60 -76.13
C LYS N 330 5.16 25.52 -75.59
N GLY N 331 4.84 26.31 -74.57
CA GLY N 331 5.84 27.16 -73.95
C GLY N 331 6.93 26.38 -73.23
N ILE N 332 6.55 25.28 -72.58
CA ILE N 332 7.53 24.42 -71.90
C ILE N 332 8.47 23.79 -72.91
N ALA N 333 7.92 23.27 -74.01
CA ALA N 333 8.74 22.64 -75.04
C ALA N 333 9.67 23.65 -75.71
N GLU N 334 9.19 24.86 -75.94
CA GLU N 334 9.96 25.88 -76.65
C GLU N 334 10.78 26.76 -75.72
N HIS N 335 10.78 26.48 -74.41
CA HIS N 335 11.57 27.20 -73.41
C HIS N 335 11.21 28.69 -73.41
N ALA N 336 9.97 28.98 -73.07
CA ALA N 336 9.45 30.33 -72.96
C ALA N 336 8.84 30.50 -71.59
N ALA N 337 9.25 31.55 -70.87
CA ALA N 337 8.87 31.86 -69.50
C ALA N 337 9.28 30.76 -68.52
N ASN N 338 9.02 30.99 -67.24
CA ASN N 338 9.25 29.94 -66.26
C ASN N 338 8.14 29.90 -65.21
N SER N 339 7.03 30.58 -65.47
CA SER N 339 5.89 30.58 -64.55
C SER N 339 4.63 30.78 -65.37
N ILE N 340 3.51 30.40 -64.79
CA ILE N 340 2.18 30.56 -65.38
C ILE N 340 1.23 31.11 -64.32
N LEU N 341 0.41 32.07 -64.75
CA LEU N 341 -0.57 32.63 -63.83
C LEU N 341 -1.82 31.77 -63.98
N ILE N 342 -2.28 31.16 -62.88
CA ILE N 342 -3.38 30.22 -62.90
C ILE N 342 -4.65 30.97 -62.48
N LYS N 343 -5.58 31.12 -63.40
CA LYS N 343 -6.87 31.72 -63.09
C LYS N 343 -7.93 30.63 -63.25
N VAL N 344 -8.65 30.34 -62.17
CA VAL N 344 -9.50 29.17 -62.12
C VAL N 344 -10.70 29.30 -63.06
N ASN N 345 -11.22 30.52 -63.24
CA ASN N 345 -12.33 30.74 -64.15
C ASN N 345 -11.90 30.90 -65.61
N GLN N 346 -10.60 31.02 -65.86
CA GLN N 346 -10.07 31.01 -67.21
C GLN N 346 -10.13 29.67 -67.91
N ILE N 347 -10.29 28.57 -67.16
CA ILE N 347 -10.38 27.25 -67.74
C ILE N 347 -11.75 26.61 -67.48
N GLY N 348 -12.31 26.81 -66.29
CA GLY N 348 -13.69 26.47 -66.02
C GLY N 348 -13.92 25.35 -65.03
N THR N 349 -12.91 24.58 -64.63
CA THR N 349 -13.11 23.47 -63.71
C THR N 349 -11.91 23.38 -62.76
N LEU N 350 -12.13 22.72 -61.62
CA LEU N 350 -11.04 22.48 -60.69
C LEU N 350 -10.11 21.37 -61.18
N THR N 351 -10.65 20.37 -61.87
CA THR N 351 -9.84 19.28 -62.39
C THR N 351 -8.81 19.77 -63.39
N GLU N 352 -9.24 20.60 -64.35
CA GLU N 352 -8.31 21.13 -65.34
C GLU N 352 -7.37 22.18 -64.76
N THR N 353 -7.83 22.95 -63.76
CA THR N 353 -6.93 23.85 -63.03
C THR N 353 -5.79 23.09 -62.37
N PHE N 354 -6.14 22.00 -61.67
CA PHE N 354 -5.12 21.20 -61.00
C PHE N 354 -4.22 20.48 -62.00
N ASP N 355 -4.77 20.07 -63.15
CA ASP N 355 -3.97 19.47 -64.20
C ASP N 355 -2.95 20.46 -64.76
N ALA N 356 -3.39 21.71 -64.99
CA ALA N 356 -2.46 22.74 -65.46
C ALA N 356 -1.39 23.04 -64.42
N ILE N 357 -1.78 23.08 -63.14
CA ILE N 357 -0.83 23.34 -62.05
C ILE N 357 0.23 22.24 -61.98
N GLU N 358 -0.20 20.97 -62.06
CA GLU N 358 0.75 19.88 -61.98
C GLU N 358 1.63 19.78 -63.23
N MET N 359 1.09 20.13 -64.41
CA MET N 359 1.92 20.19 -65.60
C MET N 359 2.97 21.28 -65.51
N ALA N 360 2.60 22.43 -64.95
CA ALA N 360 3.59 23.49 -64.75
C ALA N 360 4.64 23.06 -63.73
N LYS N 361 4.22 22.39 -62.66
CA LYS N 361 5.16 21.96 -61.63
C LYS N 361 6.14 20.91 -62.15
N GLU N 362 5.66 19.98 -62.98
CA GLU N 362 6.52 18.91 -63.49
C GLU N 362 7.64 19.43 -64.38
N ALA N 363 7.44 20.59 -65.00
CA ALA N 363 8.46 21.18 -65.87
C ALA N 363 9.40 22.12 -65.13
N GLY N 364 9.24 22.27 -63.82
CA GLY N 364 10.02 23.23 -63.06
C GLY N 364 9.42 24.61 -62.99
N TYR N 365 8.30 24.84 -63.67
CA TYR N 365 7.62 26.12 -63.61
C TYR N 365 6.89 26.23 -62.28
N THR N 366 6.66 27.47 -61.84
CA THR N 366 5.84 27.71 -60.67
C THR N 366 4.47 28.18 -61.12
N ALA N 367 3.44 27.72 -60.41
CA ALA N 367 2.07 28.14 -60.65
C ALA N 367 1.70 29.21 -59.64
N VAL N 368 1.13 30.31 -60.12
CA VAL N 368 0.74 31.43 -59.27
C VAL N 368 -0.77 31.54 -59.36
N VAL N 369 -1.48 31.09 -58.32
CA VAL N 369 -2.94 31.18 -58.30
C VAL N 369 -3.34 32.64 -58.18
N SER N 370 -4.23 33.07 -59.06
CA SER N 370 -4.50 34.50 -59.23
C SER N 370 -5.97 34.79 -59.04
N HIS N 371 -6.22 36.04 -58.71
CA HIS N 371 -7.56 36.58 -58.61
C HIS N 371 -7.98 37.19 -59.95
N ARG N 372 -9.22 37.69 -59.98
CA ARG N 372 -9.75 38.41 -61.13
C ARG N 372 -10.08 39.84 -60.70
N SER N 373 -10.36 40.68 -61.70
CA SER N 373 -10.73 42.07 -61.42
C SER N 373 -12.02 42.14 -60.61
N GLY N 374 -13.01 41.34 -60.98
CA GLY N 374 -14.22 41.22 -60.18
C GLY N 374 -14.22 39.95 -59.36
N GLU N 375 -13.98 40.08 -58.05
CA GLU N 375 -13.89 38.93 -57.17
C GLU N 375 -15.15 38.87 -56.31
N THR N 376 -15.20 37.89 -55.41
CA THR N 376 -16.36 37.66 -54.56
C THR N 376 -15.90 37.50 -53.12
N GLU N 377 -16.85 37.22 -52.23
CA GLU N 377 -16.52 36.86 -50.86
C GLU N 377 -15.98 35.43 -50.76
N ASP N 378 -16.05 34.66 -51.83
CA ASP N 378 -15.44 33.35 -51.91
C ASP N 378 -13.93 33.46 -51.79
N SER N 379 -13.32 32.46 -51.16
CA SER N 379 -11.88 32.41 -50.95
C SER N 379 -11.35 31.01 -51.27
N THR N 380 -11.83 30.44 -52.37
CA THR N 380 -11.41 29.08 -52.74
C THR N 380 -10.00 29.06 -53.30
N ILE N 381 -9.54 30.16 -53.92
CA ILE N 381 -8.20 30.16 -54.52
C ILE N 381 -7.12 30.07 -53.46
N ALA N 382 -7.39 30.53 -52.23
CA ALA N 382 -6.45 30.33 -51.13
C ALA N 382 -6.29 28.85 -50.81
N ASP N 383 -7.40 28.11 -50.75
CA ASP N 383 -7.34 26.68 -50.54
C ASP N 383 -6.70 25.95 -51.73
N ILE N 384 -6.89 26.47 -52.94
CA ILE N 384 -6.23 25.90 -54.12
C ILE N 384 -4.72 26.08 -54.01
N ALA N 385 -4.28 27.27 -53.58
CA ALA N 385 -2.85 27.54 -53.43
C ALA N 385 -2.22 26.67 -52.34
N VAL N 386 -2.92 26.50 -51.22
CA VAL N 386 -2.37 25.67 -50.15
C VAL N 386 -2.38 24.20 -50.53
N ALA N 387 -3.46 23.75 -51.20
CA ALA N 387 -3.63 22.33 -51.52
C ALA N 387 -2.56 21.83 -52.48
N THR N 388 -2.23 22.63 -53.49
CA THR N 388 -1.24 22.22 -54.48
C THR N 388 0.18 22.49 -54.02
N ASN N 389 0.35 23.14 -52.86
CA ASN N 389 1.63 23.64 -52.36
C ASN N 389 2.33 24.47 -53.43
N ALA N 390 1.54 25.33 -54.09
CA ALA N 390 2.03 26.13 -55.21
C ALA N 390 3.12 27.10 -54.76
N GLY N 391 2.97 27.65 -53.57
CA GLY N 391 3.99 28.48 -52.99
C GLY N 391 3.89 29.95 -53.32
N GLN N 392 2.96 30.35 -54.18
CA GLN N 392 2.75 31.76 -54.51
C GLN N 392 1.27 32.01 -54.75
N ILE N 393 0.84 33.22 -54.43
CA ILE N 393 -0.52 33.67 -54.70
C ILE N 393 -0.47 35.13 -55.12
N LYS N 394 -1.42 35.53 -55.95
CA LYS N 394 -1.55 36.89 -56.41
C LYS N 394 -3.01 37.16 -56.22
N THR N 395 -3.40 37.66 -55.04
CA THR N 395 -4.79 37.85 -54.71
C THR N 395 -5.13 39.32 -54.52
N GLY N 396 -4.17 40.26 -54.55
CA GLY N 396 -4.45 41.68 -54.62
C GLY N 396 -3.75 42.47 -53.52
N SER N 397 -4.34 43.61 -53.15
CA SER N 397 -3.71 44.55 -52.23
C SER N 397 -4.17 44.26 -50.79
N LEU N 398 -3.96 45.21 -49.89
CA LEU N 398 -4.29 45.05 -48.50
C LEU N 398 -5.36 46.10 -48.20
N SER N 399 -6.38 46.17 -49.05
CA SER N 399 -7.34 47.25 -48.89
C SER N 399 -8.78 46.90 -49.21
N ARG N 400 -9.17 45.70 -49.62
CA ARG N 400 -10.60 45.47 -49.85
C ARG N 400 -10.89 44.03 -49.51
N THR N 401 -12.09 43.71 -49.00
CA THR N 401 -12.34 42.35 -48.52
C THR N 401 -12.54 41.33 -49.63
N ASP N 402 -12.61 41.77 -50.88
CA ASP N 402 -12.50 40.85 -52.00
C ASP N 402 -11.08 40.33 -52.16
N ARG N 403 -10.12 41.02 -51.60
CA ARG N 403 -8.72 40.66 -51.52
C ARG N 403 -8.31 40.19 -50.14
N ILE N 404 -8.87 40.82 -49.11
CA ILE N 404 -8.57 40.53 -47.72
C ILE N 404 -9.19 39.20 -47.32
N ALA N 405 -10.27 38.79 -48.00
CA ALA N 405 -10.89 37.50 -47.69
C ALA N 405 -9.93 36.33 -47.93
N LYS N 406 -9.15 36.40 -49.00
CA LYS N 406 -8.18 35.34 -49.30
C LYS N 406 -7.04 35.35 -48.30
N TYR N 407 -6.57 36.53 -47.90
CA TYR N 407 -5.53 36.62 -46.87
C TYR N 407 -6.02 36.10 -45.54
N ASN N 408 -7.28 36.38 -45.19
CA ASN N 408 -7.87 35.88 -43.96
C ASN N 408 -8.01 34.37 -44.00
N GLN N 409 -8.40 33.82 -45.16
CA GLN N 409 -8.49 32.37 -45.31
C GLN N 409 -7.12 31.72 -45.19
N LEU N 410 -6.08 32.36 -45.74
CA LEU N 410 -4.74 31.84 -45.60
C LEU N 410 -4.26 31.92 -44.14
N LEU N 411 -4.65 32.97 -43.42
CA LEU N 411 -4.35 33.05 -41.99
C LEU N 411 -5.04 31.92 -41.22
N ARG N 412 -6.29 31.64 -41.55
CA ARG N 412 -7.02 30.54 -40.92
C ARG N 412 -6.37 29.19 -41.23
N ILE N 413 -5.92 29.01 -42.48
CA ILE N 413 -5.25 27.77 -42.86
C ILE N 413 -3.95 27.60 -42.11
N GLU N 414 -3.18 28.69 -41.96
CA GLU N 414 -1.93 28.63 -41.20
C GLU N 414 -2.19 28.31 -39.74
N ASP N 415 -3.21 28.94 -39.15
CA ASP N 415 -3.57 28.66 -37.76
C ASP N 415 -3.99 27.20 -37.58
N GLN N 416 -4.78 26.68 -38.52
CA GLN N 416 -5.25 25.31 -38.43
C GLN N 416 -4.10 24.32 -38.60
N LEU N 417 -3.17 24.61 -39.51
CA LEU N 417 -2.02 23.74 -39.71
C LEU N 417 -1.10 23.77 -38.49
N GLY N 418 -0.98 24.92 -37.84
CA GLY N 418 -0.22 24.97 -36.60
C GLY N 418 1.27 24.87 -36.86
N GLU N 419 1.92 23.98 -36.10
CA GLU N 419 3.37 23.82 -36.17
C GLU N 419 3.84 23.13 -37.45
N VAL N 420 2.92 22.57 -38.26
CA VAL N 420 3.32 21.89 -39.49
C VAL N 420 3.30 22.87 -40.67
N ALA N 421 2.70 24.03 -40.51
CA ALA N 421 2.66 25.01 -41.59
C ALA N 421 4.06 25.52 -41.93
N GLU N 422 4.34 25.65 -43.23
CA GLU N 422 5.64 26.08 -43.72
C GLU N 422 5.46 27.29 -44.62
N TYR N 423 6.29 28.30 -44.43
CA TYR N 423 6.35 29.46 -45.31
C TYR N 423 7.75 29.49 -45.90
N ARG N 424 7.87 29.15 -47.18
CA ARG N 424 9.18 29.00 -47.78
C ARG N 424 9.79 30.32 -48.23
N GLY N 425 8.95 31.30 -48.57
CA GLY N 425 9.43 32.61 -48.94
C GLY N 425 10.23 32.57 -50.24
N LEU N 426 11.51 32.93 -50.17
CA LEU N 426 12.38 32.88 -51.34
C LEU N 426 12.56 31.46 -51.87
N LYS N 427 12.35 30.46 -51.01
CA LYS N 427 12.42 29.07 -51.43
C LYS N 427 11.22 28.62 -52.24
N SER N 428 10.15 29.41 -52.33
CA SER N 428 9.04 29.03 -53.18
C SER N 428 9.27 29.41 -54.64
N PHE N 429 10.37 30.10 -54.93
CA PHE N 429 10.75 30.42 -56.29
C PHE N 429 11.74 29.37 -56.80
N TYR N 430 11.25 28.14 -56.89
CA TYR N 430 12.10 27.01 -57.23
C TYR N 430 12.51 26.99 -58.70
N ASN N 431 11.94 27.86 -59.53
CA ASN N 431 12.31 27.98 -60.93
C ASN N 431 13.56 28.82 -61.14
N LEU N 432 14.13 29.40 -60.07
CA LEU N 432 15.31 30.24 -60.16
C LEU N 432 16.49 29.56 -59.50
N LYS N 433 17.66 29.70 -60.12
CA LYS N 433 18.89 29.16 -59.54
C LYS N 433 19.28 29.99 -58.33
N LYS N 434 19.56 29.31 -57.22
CA LYS N 434 19.90 29.91 -55.92
C LYS N 434 18.82 30.88 -55.44
N MET O 1 -25.08 17.94 -27.32
CA MET O 1 -25.16 18.20 -28.74
C MET O 1 -25.28 19.68 -29.06
N SER O 2 -25.89 20.41 -28.15
CA SER O 2 -26.11 21.83 -28.28
C SER O 2 -25.29 22.64 -27.32
N ILE O 3 -24.37 22.03 -26.60
CA ILE O 3 -23.63 22.72 -25.58
C ILE O 3 -22.32 23.20 -26.18
N ILE O 4 -22.00 24.48 -25.98
CA ILE O 4 -20.72 25.06 -26.42
C ILE O 4 -19.56 24.32 -25.77
N THR O 5 -18.70 23.74 -26.60
CA THR O 5 -17.50 23.06 -26.14
C THR O 5 -16.21 23.77 -26.50
N ASP O 6 -16.20 24.60 -27.55
CA ASP O 6 -14.97 25.25 -27.97
C ASP O 6 -15.26 26.68 -28.38
N VAL O 7 -14.48 27.63 -27.86
CA VAL O 7 -14.56 29.03 -28.25
C VAL O 7 -13.13 29.49 -28.52
N TYR O 8 -12.81 29.74 -29.79
CA TYR O 8 -11.46 30.10 -30.18
C TYR O 8 -11.48 31.39 -30.99
N ALA O 9 -10.67 32.37 -30.59
CA ALA O 9 -10.56 33.62 -31.31
C ALA O 9 -9.19 33.72 -31.99
N ARG O 10 -9.20 34.31 -33.17
CA ARG O 10 -7.97 34.56 -33.90
C ARG O 10 -8.01 35.96 -34.48
N GLU O 11 -6.84 36.44 -34.87
CA GLU O 11 -6.68 37.79 -35.38
C GLU O 11 -6.63 37.76 -36.91
N VAL O 12 -7.50 38.54 -37.54
CA VAL O 12 -7.61 38.63 -38.98
C VAL O 12 -7.52 40.10 -39.39
N LEU O 13 -7.70 40.37 -40.67
CA LEU O 13 -7.68 41.73 -41.18
C LEU O 13 -9.10 42.16 -41.56
N ASP O 14 -9.26 43.48 -41.67
CA ASP O 14 -10.52 44.06 -42.09
C ASP O 14 -10.39 44.62 -43.50
N SER O 15 -11.42 45.33 -43.94
CA SER O 15 -11.43 45.87 -45.29
C SER O 15 -10.42 46.97 -45.47
N ARG O 16 -9.96 47.65 -44.43
CA ARG O 16 -8.97 48.72 -44.58
C ARG O 16 -7.54 48.25 -44.37
N GLY O 17 -7.33 46.97 -44.10
CA GLY O 17 -6.01 46.45 -43.81
C GLY O 17 -5.62 46.47 -42.35
N ASN O 18 -6.41 47.07 -41.50
CA ASN O 18 -6.19 47.09 -40.06
C ASN O 18 -6.64 45.78 -39.42
N PRO O 19 -6.03 45.38 -38.31
CA PRO O 19 -6.43 44.13 -37.66
C PRO O 19 -7.82 44.19 -37.04
N THR O 20 -8.44 43.02 -36.93
CA THR O 20 -9.61 42.78 -36.13
C THR O 20 -9.53 41.32 -35.68
N LEU O 21 -10.61 40.80 -35.12
CA LEU O 21 -10.61 39.43 -34.62
C LEU O 21 -11.89 38.73 -35.05
N GLU O 22 -11.80 37.41 -35.13
CA GLU O 22 -12.96 36.57 -35.37
C GLU O 22 -12.98 35.42 -34.37
N VAL O 23 -14.20 35.00 -34.03
CA VAL O 23 -14.41 33.98 -33.02
C VAL O 23 -15.14 32.81 -33.65
N GLU O 24 -14.64 31.60 -33.42
CA GLU O 24 -15.27 30.36 -33.85
C GLU O 24 -15.80 29.64 -32.63
N VAL O 25 -17.06 29.21 -32.70
CA VAL O 25 -17.75 28.50 -31.63
C VAL O 25 -18.14 27.14 -32.15
N TYR O 26 -17.77 26.09 -31.40
CA TYR O 26 -18.08 24.71 -31.71
C TYR O 26 -18.86 24.10 -30.57
N THR O 27 -19.99 23.46 -30.90
CA THR O 27 -20.80 22.78 -29.91
C THR O 27 -20.49 21.28 -29.93
N GLU O 28 -21.22 20.53 -29.08
CA GLU O 28 -20.92 19.12 -28.87
C GLU O 28 -21.20 18.27 -30.11
N SER O 29 -22.28 18.57 -30.82
CA SER O 29 -22.65 17.78 -32.00
C SER O 29 -21.93 18.25 -33.26
N GLY O 30 -21.07 19.26 -33.17
CA GLY O 30 -20.33 19.73 -34.31
C GLY O 30 -20.87 20.98 -34.97
N ALA O 31 -21.89 21.63 -34.39
CA ALA O 31 -22.38 22.88 -34.94
C ALA O 31 -21.32 23.96 -34.79
N PHE O 32 -21.18 24.76 -35.84
CA PHE O 32 -20.08 25.70 -35.95
C PHE O 32 -20.61 27.08 -36.28
N GLY O 33 -20.06 28.09 -35.62
CA GLY O 33 -20.41 29.46 -35.91
C GLY O 33 -19.22 30.40 -35.88
N ARG O 34 -19.06 31.22 -36.91
CA ARG O 34 -17.93 32.13 -37.01
C ARG O 34 -18.43 33.56 -37.03
N GLY O 35 -17.90 34.39 -36.12
CA GLY O 35 -18.26 35.79 -36.07
C GLY O 35 -17.09 36.72 -36.22
N MET O 36 -17.13 37.56 -37.25
CA MET O 36 -16.18 38.64 -37.48
C MET O 36 -16.70 39.98 -36.99
N VAL O 37 -15.81 40.77 -36.43
CA VAL O 37 -16.15 42.04 -35.79
C VAL O 37 -15.71 43.18 -36.71
N PRO O 38 -16.59 44.13 -37.02
CA PRO O 38 -16.12 45.32 -37.74
C PRO O 38 -15.24 46.19 -36.87
N SER O 39 -14.32 46.90 -37.51
CA SER O 39 -13.43 47.81 -36.81
C SER O 39 -14.17 49.06 -36.39
N GLY O 40 -14.11 49.36 -35.09
CA GLY O 40 -14.81 50.52 -34.55
C GLY O 40 -13.87 51.53 -33.92
N ALA O 41 -14.31 52.16 -32.84
CA ALA O 41 -13.54 53.16 -32.14
C ALA O 41 -13.22 52.67 -30.73
N SER O 42 -11.98 52.86 -30.31
CA SER O 42 -11.53 52.49 -28.97
C SER O 42 -11.69 53.61 -27.96
N THR O 43 -12.25 54.74 -28.36
CA THR O 43 -12.47 55.87 -27.47
C THR O 43 -13.90 56.35 -27.60
N GLY O 44 -14.50 56.75 -26.49
CA GLY O 44 -15.86 57.25 -26.49
C GLY O 44 -16.41 57.52 -25.10
N GLU O 45 -17.22 58.56 -24.97
CA GLU O 45 -17.75 58.94 -23.67
C GLU O 45 -18.76 57.92 -23.16
N HIS O 46 -19.72 57.54 -24.00
CA HIS O 46 -20.76 56.60 -23.63
C HIS O 46 -21.01 55.60 -24.74
N GLU O 47 -19.92 55.06 -25.31
CA GLU O 47 -20.01 54.04 -26.34
C GLU O 47 -19.04 52.93 -26.01
N ALA O 48 -19.37 51.72 -26.48
CA ALA O 48 -18.53 50.56 -26.23
C ALA O 48 -17.20 50.72 -26.96
N VAL O 49 -16.11 50.41 -26.26
CA VAL O 49 -14.76 50.64 -26.77
C VAL O 49 -14.11 49.31 -27.10
N GLU O 50 -13.49 49.23 -28.28
CA GLU O 50 -12.70 48.07 -28.62
C GLU O 50 -11.33 48.14 -27.94
N LEU O 51 -10.69 46.98 -27.82
CA LEU O 51 -9.42 46.86 -27.13
C LEU O 51 -8.31 46.62 -28.15
N ARG O 52 -7.38 47.57 -28.25
CA ARG O 52 -6.24 47.47 -29.14
C ARG O 52 -4.97 47.22 -28.35
N ASP O 53 -3.94 46.78 -29.06
CA ASP O 53 -2.67 46.44 -28.41
C ASP O 53 -1.93 47.70 -27.97
N GLY O 54 -1.88 48.71 -28.84
CA GLY O 54 -1.09 49.89 -28.58
C GLY O 54 0.39 49.72 -28.89
N ASP O 55 0.80 48.55 -29.37
CA ASP O 55 2.20 48.29 -29.71
C ASP O 55 2.47 48.91 -31.07
N LYS O 56 3.17 50.04 -31.09
CA LYS O 56 3.41 50.78 -32.32
C LYS O 56 4.31 50.04 -33.31
N ALA O 57 5.02 49.01 -32.86
CA ALA O 57 5.82 48.20 -33.78
C ALA O 57 4.95 47.27 -34.62
N ARG O 58 3.89 46.73 -34.03
CA ARG O 58 3.01 45.78 -34.71
C ARG O 58 1.75 46.52 -35.15
N TYR O 59 1.57 46.65 -36.47
CA TYR O 59 0.36 47.19 -37.09
C TYR O 59 0.08 48.64 -36.69
N GLY O 60 1.10 49.37 -36.26
CA GLY O 60 0.92 50.74 -35.82
C GLY O 60 0.06 50.91 -34.58
N GLY O 61 0.14 49.96 -33.65
CA GLY O 61 -0.63 50.05 -32.43
C GLY O 61 -2.06 49.58 -32.53
N LEU O 62 -2.46 49.00 -33.67
CA LEU O 62 -3.83 48.60 -33.90
C LEU O 62 -4.01 47.08 -33.81
N GLY O 63 -3.07 46.38 -33.19
CA GLY O 63 -3.21 44.94 -33.05
C GLY O 63 -4.37 44.55 -32.16
N THR O 64 -4.83 43.32 -32.34
CA THR O 64 -5.98 42.80 -31.59
C THR O 64 -5.62 41.52 -30.84
N GLN O 65 -4.36 41.38 -30.44
CA GLN O 65 -3.95 40.21 -29.69
C GLN O 65 -4.53 40.20 -28.28
N LYS O 66 -4.76 41.38 -27.70
CA LYS O 66 -5.32 41.47 -26.35
C LYS O 66 -6.75 40.92 -26.30
N ALA O 67 -7.59 41.31 -27.26
CA ALA O 67 -8.96 40.82 -27.30
C ALA O 67 -9.02 39.33 -27.62
N VAL O 68 -8.12 38.86 -28.49
CA VAL O 68 -8.03 37.44 -28.82
C VAL O 68 -7.66 36.64 -27.57
N ASP O 69 -6.69 37.13 -26.79
CA ASP O 69 -6.31 36.47 -25.55
C ASP O 69 -7.42 36.53 -24.51
N ASN O 70 -8.19 37.62 -24.49
CA ASN O 70 -9.32 37.72 -23.59
C ASN O 70 -10.39 36.68 -23.91
N VAL O 71 -10.67 36.48 -25.20
CA VAL O 71 -11.64 35.45 -25.58
C VAL O 71 -11.09 34.06 -25.24
N ASN O 72 -9.83 33.81 -25.57
CA ASN O 72 -9.27 32.47 -25.42
C ASN O 72 -9.07 32.08 -23.97
N ASN O 73 -8.79 33.05 -23.09
CA ASN O 73 -8.39 32.74 -21.72
C ASN O 73 -9.40 33.15 -20.66
N VAL O 74 -10.33 34.05 -20.98
CA VAL O 74 -11.31 34.52 -20.00
C VAL O 74 -12.73 34.14 -20.41
N ILE O 75 -13.14 34.52 -21.62
CA ILE O 75 -14.52 34.30 -22.04
C ILE O 75 -14.80 32.82 -22.28
N ALA O 76 -13.83 32.09 -22.85
CA ALA O 76 -14.07 30.72 -23.29
C ALA O 76 -14.39 29.80 -22.12
N GLU O 77 -13.64 29.90 -21.02
CA GLU O 77 -13.93 29.06 -19.86
C GLU O 77 -15.28 29.43 -19.22
N HIS O 78 -15.65 30.71 -19.26
CA HIS O 78 -16.91 31.15 -18.68
C HIS O 78 -18.10 30.69 -19.50
N ILE O 79 -17.92 30.58 -20.82
CA ILE O 79 -19.05 30.32 -21.71
C ILE O 79 -19.23 28.83 -21.99
N ILE O 80 -18.13 28.07 -22.03
CA ILE O 80 -18.21 26.63 -22.30
C ILE O 80 -19.04 25.95 -21.24
N GLY O 81 -20.07 25.24 -21.68
CA GLY O 81 -21.04 24.68 -20.76
C GLY O 81 -22.45 25.12 -21.05
N PHE O 82 -22.58 26.35 -21.54
CA PHE O 82 -23.87 26.90 -21.85
C PHE O 82 -24.45 26.20 -23.06
N ASP O 83 -25.77 26.24 -23.15
CA ASP O 83 -26.42 25.88 -24.40
C ASP O 83 -26.16 26.98 -25.42
N VAL O 84 -25.96 26.59 -26.68
CA VAL O 84 -25.68 27.55 -27.73
C VAL O 84 -26.91 28.41 -28.03
N ARG O 85 -28.10 27.93 -27.71
CA ARG O 85 -29.32 28.70 -27.93
C ARG O 85 -29.64 29.61 -26.75
N ASP O 86 -28.80 29.61 -25.72
CA ASP O 86 -28.97 30.53 -24.58
C ASP O 86 -28.25 31.85 -24.86
N GLN O 87 -28.68 32.51 -25.93
CA GLN O 87 -27.98 33.70 -26.42
C GLN O 87 -28.05 34.85 -25.43
N GLN O 88 -29.24 35.09 -24.85
CA GLN O 88 -29.41 36.16 -23.88
C GLN O 88 -28.61 35.89 -22.62
N GLY O 89 -28.62 34.64 -22.14
CA GLY O 89 -27.85 34.29 -20.96
C GLY O 89 -26.35 34.42 -21.17
N ILE O 90 -25.87 34.00 -22.34
CA ILE O 90 -24.45 34.13 -22.67
C ILE O 90 -24.03 35.58 -22.76
N ASP O 91 -24.85 36.42 -23.40
CA ASP O 91 -24.53 37.84 -23.53
C ASP O 91 -24.54 38.55 -22.18
N ARG O 92 -25.52 38.22 -21.32
CA ARG O 92 -25.56 38.81 -19.99
C ARG O 92 -24.39 38.33 -19.14
N ALA O 93 -23.99 37.06 -19.29
CA ALA O 93 -22.83 36.55 -18.56
C ALA O 93 -21.56 37.24 -19.00
N MET O 94 -21.40 37.49 -20.31
CA MET O 94 -20.23 38.22 -20.78
C MET O 94 -20.22 39.66 -20.28
N ILE O 95 -21.39 40.32 -20.28
CA ILE O 95 -21.49 41.69 -19.78
C ILE O 95 -21.11 41.75 -18.30
N ALA O 96 -21.61 40.80 -17.50
CA ALA O 96 -21.25 40.75 -16.09
C ALA O 96 -19.77 40.45 -15.89
N LEU O 97 -19.21 39.55 -16.72
CA LEU O 97 -17.80 39.20 -16.62
C LEU O 97 -16.90 40.39 -16.92
N ASP O 98 -17.28 41.20 -17.90
CA ASP O 98 -16.53 42.43 -18.16
C ASP O 98 -16.61 43.39 -16.98
N GLY O 99 -17.82 43.68 -16.51
CA GLY O 99 -18.02 44.48 -15.32
C GLY O 99 -18.04 45.98 -15.53
N THR O 100 -17.74 46.46 -16.75
CA THR O 100 -17.72 47.91 -16.95
C THR O 100 -18.83 48.29 -17.94
N PRO O 101 -19.42 49.48 -17.79
CA PRO O 101 -20.49 49.90 -18.72
C PRO O 101 -20.06 50.01 -20.17
N ASN O 102 -18.81 50.38 -20.42
CA ASN O 102 -18.31 50.58 -21.77
C ASN O 102 -17.63 49.35 -22.34
N LYS O 103 -17.63 48.23 -21.61
CA LYS O 103 -17.02 46.96 -22.04
C LYS O 103 -15.55 47.14 -22.37
N GLY O 104 -14.84 47.88 -21.53
CA GLY O 104 -13.45 48.21 -21.79
C GLY O 104 -12.45 47.21 -21.24
N LYS O 105 -12.90 46.38 -20.30
CA LYS O 105 -11.99 45.40 -19.69
C LYS O 105 -11.68 44.27 -20.66
N LEU O 106 -12.70 43.51 -21.07
CA LEU O 106 -12.52 42.48 -22.07
C LEU O 106 -12.41 43.07 -23.47
N GLY O 107 -13.10 44.16 -23.75
CA GLY O 107 -13.14 44.73 -25.09
C GLY O 107 -14.48 44.43 -25.71
N ALA O 108 -15.06 45.45 -26.37
CA ALA O 108 -16.36 45.26 -27.02
C ALA O 108 -16.25 44.38 -28.25
N ASN O 109 -15.12 44.42 -28.94
CA ASN O 109 -14.92 43.59 -30.11
C ASN O 109 -14.92 42.11 -29.76
N ALA O 110 -14.27 41.75 -28.65
CA ALA O 110 -14.23 40.36 -28.20
C ALA O 110 -15.63 39.84 -27.86
N ILE O 111 -16.39 40.65 -27.10
CA ILE O 111 -17.74 40.27 -26.70
C ILE O 111 -18.66 40.17 -27.92
N LEU O 112 -18.53 41.10 -28.87
CA LEU O 112 -19.34 41.06 -30.08
C LEU O 112 -19.02 39.85 -30.94
N GLY O 113 -17.73 39.51 -31.06
CA GLY O 113 -17.34 38.33 -31.81
C GLY O 113 -17.90 37.06 -31.21
N VAL O 114 -17.84 36.94 -29.87
CA VAL O 114 -18.40 35.77 -29.22
C VAL O 114 -19.92 35.75 -29.39
N SER O 115 -20.58 36.90 -29.29
CA SER O 115 -22.04 36.97 -29.45
C SER O 115 -22.48 36.52 -30.84
N ILE O 116 -21.83 37.05 -31.88
CA ILE O 116 -22.18 36.71 -33.26
C ILE O 116 -21.87 35.24 -33.55
N ALA O 117 -20.73 34.75 -33.06
CA ALA O 117 -20.37 33.36 -33.27
C ALA O 117 -21.36 32.41 -32.58
N VAL O 118 -21.81 32.76 -31.37
CA VAL O 118 -22.77 31.93 -30.66
C VAL O 118 -24.11 31.92 -31.38
N ALA O 119 -24.57 33.09 -31.87
CA ALA O 119 -25.83 33.14 -32.60
C ALA O 119 -25.76 32.34 -33.90
N ARG O 120 -24.64 32.44 -34.62
CA ARG O 120 -24.48 31.67 -35.86
C ARG O 120 -24.40 30.18 -35.59
N ALA O 121 -23.72 29.78 -34.51
CA ALA O 121 -23.65 28.37 -34.16
C ALA O 121 -25.01 27.83 -33.73
N ALA O 122 -25.82 28.66 -33.07
CA ALA O 122 -27.16 28.24 -32.69
C ALA O 122 -28.06 28.10 -33.92
N ALA O 123 -27.92 29.01 -34.89
CA ALA O 123 -28.66 28.86 -36.14
C ALA O 123 -28.20 27.64 -36.93
N ASP O 124 -26.91 27.30 -36.85
CA ASP O 124 -26.40 26.12 -37.53
C ASP O 124 -26.86 24.84 -36.86
N TYR O 125 -26.92 24.83 -35.52
CA TYR O 125 -27.37 23.64 -34.79
C TYR O 125 -28.84 23.36 -35.06
N LEU O 126 -29.67 24.40 -35.06
CA LEU O 126 -31.09 24.25 -35.33
C LEU O 126 -31.40 24.02 -36.81
N GLU O 127 -30.40 24.19 -37.69
CA GLU O 127 -30.55 24.05 -39.14
C GLU O 127 -31.61 25.02 -39.67
N VAL O 128 -31.53 26.26 -39.23
CA VAL O 128 -32.47 27.30 -39.63
C VAL O 128 -31.67 28.48 -40.14
N PRO O 129 -32.27 29.32 -40.99
CA PRO O 129 -31.60 30.56 -41.39
C PRO O 129 -31.38 31.47 -40.19
N LEU O 130 -30.30 32.26 -40.27
CA LEU O 130 -29.90 33.10 -39.14
C LEU O 130 -30.96 34.13 -38.81
N TYR O 131 -31.60 34.71 -39.83
CA TYR O 131 -32.68 35.66 -39.58
C TYR O 131 -33.89 34.99 -38.93
N SER O 132 -34.17 33.72 -39.29
CA SER O 132 -35.24 32.98 -38.63
C SER O 132 -34.94 32.73 -37.16
N TYR O 133 -33.69 32.40 -36.84
CA TYR O 133 -33.30 32.19 -35.45
C TYR O 133 -33.35 33.49 -34.66
N LEU O 134 -32.91 34.59 -35.27
CA LEU O 134 -32.81 35.86 -34.55
C LEU O 134 -34.17 36.53 -34.38
N GLY O 135 -35.07 36.41 -35.36
CA GLY O 135 -36.29 37.20 -35.33
C GLY O 135 -37.59 36.40 -35.24
N GLY O 136 -37.50 35.09 -35.38
CA GLY O 136 -38.66 34.24 -35.28
C GLY O 136 -39.24 33.88 -36.62
N PHE O 137 -40.50 33.42 -36.56
CA PHE O 137 -41.14 32.92 -37.76
C PHE O 137 -41.56 34.04 -38.70
N ASN O 138 -41.87 35.23 -38.18
CA ASN O 138 -42.45 36.32 -38.98
C ASN O 138 -41.37 37.30 -39.44
N THR O 139 -40.40 36.78 -40.19
CA THR O 139 -39.34 37.60 -40.75
C THR O 139 -39.48 37.59 -42.26
N LYS O 140 -39.95 38.70 -42.83
CA LYS O 140 -40.24 38.75 -44.25
C LYS O 140 -39.80 40.02 -44.96
N VAL O 141 -39.46 41.10 -44.26
CA VAL O 141 -39.29 42.40 -44.88
C VAL O 141 -37.82 42.59 -45.27
N LEU O 142 -37.58 42.73 -46.57
CA LEU O 142 -36.27 43.07 -47.10
C LEU O 142 -36.06 44.57 -46.95
N PRO O 143 -34.92 44.99 -46.39
CA PRO O 143 -34.72 46.41 -46.10
C PRO O 143 -34.54 47.25 -47.36
N THR O 144 -34.91 48.51 -47.25
CA THR O 144 -34.66 49.48 -48.30
C THR O 144 -33.25 50.00 -48.15
N PRO O 145 -32.39 49.85 -49.15
CA PRO O 145 -30.98 50.24 -48.98
C PRO O 145 -30.71 51.69 -49.33
N MET O 146 -30.02 52.42 -48.45
CA MET O 146 -29.43 53.70 -48.79
C MET O 146 -27.99 53.47 -49.26
N MET O 147 -27.81 53.53 -50.57
CA MET O 147 -26.53 53.27 -51.20
C MET O 147 -25.70 54.55 -51.25
N ASN O 148 -24.63 54.59 -50.46
CA ASN O 148 -23.73 55.76 -50.48
C ASN O 148 -23.03 55.82 -51.82
N ILE O 149 -23.19 56.92 -52.54
CA ILE O 149 -22.68 56.98 -53.90
C ILE O 149 -21.66 58.11 -54.09
N ILE O 150 -21.66 59.15 -53.25
CA ILE O 150 -20.72 60.26 -53.33
C ILE O 150 -20.24 60.59 -51.92
N ASN O 151 -18.95 60.85 -51.76
CA ASN O 151 -18.37 61.19 -50.48
C ASN O 151 -17.94 62.65 -50.45
N GLY O 152 -17.73 63.15 -49.24
CA GLY O 152 -17.35 64.52 -49.03
C GLY O 152 -16.86 64.72 -47.61
N GLY O 153 -16.66 65.98 -47.25
CA GLY O 153 -16.21 66.35 -45.93
C GLY O 153 -14.81 65.88 -45.62
N SER O 154 -14.67 65.06 -44.58
CA SER O 154 -13.37 64.51 -44.20
C SER O 154 -12.94 63.35 -45.09
N HIS O 155 -13.79 62.90 -46.00
CA HIS O 155 -13.48 61.79 -46.89
C HIS O 155 -13.16 62.24 -48.31
N SER O 156 -12.98 63.55 -48.53
CA SER O 156 -12.69 64.05 -49.87
C SER O 156 -11.96 65.38 -49.77
N ASP O 157 -11.36 65.77 -50.89
CA ASP O 157 -10.73 67.08 -51.03
C ASP O 157 -11.61 68.08 -51.75
N ALA O 158 -12.82 67.68 -52.14
CA ALA O 158 -13.78 68.58 -52.74
C ALA O 158 -14.28 69.58 -51.70
N PRO O 159 -14.74 70.78 -52.13
CA PRO O 159 -15.34 71.72 -51.16
C PRO O 159 -16.79 71.38 -50.82
N ILE O 160 -16.98 70.23 -50.18
CA ILE O 160 -18.28 69.73 -49.78
C ILE O 160 -18.21 69.43 -48.29
N ALA O 161 -19.15 69.94 -47.52
CA ALA O 161 -19.17 69.70 -46.09
C ALA O 161 -19.84 68.40 -45.69
N PHE O 162 -20.88 67.99 -46.41
CA PHE O 162 -21.61 66.79 -46.06
C PHE O 162 -20.75 65.56 -46.32
N GLN O 163 -20.74 64.65 -45.34
CA GLN O 163 -19.92 63.45 -45.44
C GLN O 163 -20.39 62.54 -46.57
N GLU O 164 -21.69 62.29 -46.68
CA GLU O 164 -22.14 61.27 -47.62
C GLU O 164 -23.38 61.75 -48.36
N PHE O 165 -23.48 61.32 -49.63
CA PHE O 165 -24.69 61.44 -50.43
C PHE O 165 -25.07 60.03 -50.87
N MET O 166 -26.35 59.71 -50.79
CA MET O 166 -26.81 58.35 -51.01
C MET O 166 -28.03 58.33 -51.91
N ILE O 167 -28.20 57.24 -52.63
CA ILE O 167 -29.38 56.98 -53.44
C ILE O 167 -30.26 55.96 -52.71
N VAL O 168 -31.55 56.22 -52.66
CA VAL O 168 -32.51 55.37 -51.97
C VAL O 168 -33.54 54.91 -52.98
N PRO O 169 -33.38 53.70 -53.56
CA PRO O 169 -34.36 53.20 -54.55
C PRO O 169 -35.63 52.64 -53.91
N ALA O 170 -36.42 53.53 -53.34
CA ALA O 170 -37.58 53.14 -52.56
C ALA O 170 -38.82 52.89 -53.42
N GLY O 171 -38.71 53.05 -54.75
CA GLY O 171 -39.80 52.79 -55.65
C GLY O 171 -39.74 51.46 -56.37
N ALA O 172 -38.74 50.63 -56.08
CA ALA O 172 -38.58 49.36 -56.75
C ALA O 172 -39.61 48.34 -56.26
N PRO O 173 -40.00 47.39 -57.11
CA PRO O 173 -40.98 46.39 -56.65
C PRO O 173 -40.40 45.40 -55.66
N THR O 174 -39.16 44.96 -55.86
CA THR O 174 -38.50 43.99 -55.00
C THR O 174 -37.11 44.50 -54.65
N PHE O 175 -36.45 43.79 -53.74
CA PHE O 175 -35.07 44.15 -53.39
C PHE O 175 -34.11 43.85 -54.53
N LYS O 176 -34.38 42.79 -55.30
CA LYS O 176 -33.57 42.47 -56.47
C LYS O 176 -33.57 43.61 -57.48
N GLU O 177 -34.76 44.15 -57.75
CA GLU O 177 -34.87 45.29 -58.65
C GLU O 177 -34.23 46.54 -58.06
N ALA O 178 -34.35 46.74 -56.73
CA ALA O 178 -33.72 47.89 -56.09
C ALA O 178 -32.20 47.83 -56.21
N LEU O 179 -31.62 46.65 -56.01
CA LEU O 179 -30.19 46.47 -56.17
C LEU O 179 -29.76 46.69 -57.61
N ARG O 180 -30.55 46.22 -58.58
CA ARG O 180 -30.22 46.45 -59.97
C ARG O 180 -30.27 47.93 -60.33
N TRP O 181 -31.28 48.64 -59.83
CA TRP O 181 -31.39 50.10 -60.03
C TRP O 181 -30.20 50.82 -59.43
N GLY O 182 -29.80 50.44 -58.22
CA GLY O 182 -28.65 51.07 -57.60
C GLY O 182 -27.36 50.82 -58.34
N ALA O 183 -27.16 49.59 -58.84
CA ALA O 183 -25.97 49.27 -59.61
C ALA O 183 -25.93 50.04 -60.93
N GLU O 184 -27.07 50.14 -61.61
CA GLU O 184 -27.13 50.88 -62.87
C GLU O 184 -26.89 52.37 -62.66
N ILE O 185 -27.43 52.94 -61.58
CA ILE O 185 -27.16 54.35 -61.27
C ILE O 185 -25.70 54.57 -60.91
N PHE O 186 -25.10 53.61 -60.20
CA PHE O 186 -23.67 53.67 -59.88
C PHE O 186 -22.82 53.67 -61.13
N HIS O 187 -23.14 52.81 -62.10
CA HIS O 187 -22.36 52.75 -63.33
C HIS O 187 -22.61 53.98 -64.20
N ALA O 188 -23.84 54.49 -64.22
CA ALA O 188 -24.14 55.72 -64.94
C ALA O 188 -23.40 56.90 -64.36
N LEU O 189 -23.32 56.99 -63.03
CA LEU O 189 -22.57 58.06 -62.39
C LEU O 189 -21.08 57.92 -62.68
N LYS O 190 -20.58 56.68 -62.68
CA LYS O 190 -19.18 56.44 -63.03
C LYS O 190 -18.89 56.90 -64.42
N LYS O 191 -19.80 56.57 -65.35
CA LYS O 191 -19.69 57.02 -66.71
C LYS O 191 -19.61 58.52 -66.68
N ILE O 192 -20.64 59.22 -66.16
CA ILE O 192 -20.73 60.71 -66.17
C ILE O 192 -19.48 61.39 -65.57
N LEU O 193 -18.96 60.84 -64.48
CA LEU O 193 -17.73 61.37 -63.88
C LEU O 193 -16.51 61.20 -64.79
N LYS O 194 -16.39 60.05 -65.46
CA LYS O 194 -15.35 59.86 -66.47
C LYS O 194 -15.47 60.89 -67.59
N GLU O 195 -16.71 61.19 -68.04
CA GLU O 195 -16.85 62.18 -69.12
C GLU O 195 -16.64 63.59 -68.66
N ARG O 196 -16.53 63.82 -67.36
CA ARG O 196 -16.34 65.16 -66.82
C ARG O 196 -14.93 65.38 -66.28
N GLY O 197 -14.04 64.40 -66.38
CA GLY O 197 -12.67 64.58 -65.97
C GLY O 197 -12.40 64.37 -64.49
N LEU O 198 -13.37 63.85 -63.75
CA LEU O 198 -13.16 63.63 -62.32
C LEU O 198 -12.63 62.22 -62.10
N GLU O 199 -12.17 61.97 -60.87
CA GLU O 199 -11.59 60.68 -60.52
C GLU O 199 -12.69 59.66 -60.20
N THR O 200 -12.55 58.46 -60.76
CA THR O 200 -13.52 57.39 -60.54
C THR O 200 -12.91 56.26 -59.73
N ALA O 201 -12.14 56.60 -58.72
CA ALA O 201 -11.59 55.62 -57.79
C ALA O 201 -12.41 55.64 -56.51
N VAL O 202 -12.89 54.47 -56.09
CA VAL O 202 -13.80 54.40 -54.95
C VAL O 202 -13.02 54.55 -53.65
N GLY O 203 -13.75 54.82 -52.57
CA GLY O 203 -13.14 55.05 -51.27
C GLY O 203 -13.44 53.93 -50.31
N ASP O 204 -13.65 54.28 -49.03
CA ASP O 204 -13.75 53.28 -47.97
C ASP O 204 -15.03 52.46 -48.10
N GLU O 205 -16.13 53.11 -48.42
CA GLU O 205 -17.44 52.46 -48.52
C GLU O 205 -17.76 52.05 -49.92
N GLY O 206 -16.88 52.33 -50.86
CA GLY O 206 -17.09 51.97 -52.23
C GLY O 206 -17.64 53.06 -53.12
N GLY O 207 -17.77 54.28 -52.62
CA GLY O 207 -18.32 55.38 -53.39
C GLY O 207 -17.22 56.33 -53.83
N PHE O 208 -17.47 57.03 -54.93
CA PHE O 208 -16.51 57.99 -55.42
C PHE O 208 -16.48 59.22 -54.53
N ALA O 209 -15.34 59.91 -54.54
CA ALA O 209 -15.20 61.21 -53.90
C ALA O 209 -14.63 62.22 -54.90
N PRO O 210 -15.42 62.63 -55.90
CA PRO O 210 -14.87 63.55 -56.91
C PRO O 210 -14.83 64.98 -56.41
N ARG O 211 -13.98 65.77 -57.05
CA ARG O 211 -13.81 67.20 -56.78
C ARG O 211 -14.93 67.96 -57.48
N PHE O 212 -16.05 68.10 -56.78
CA PHE O 212 -17.19 68.84 -57.29
C PHE O 212 -17.03 70.33 -57.00
N ASN O 213 -17.99 71.13 -57.48
CA ASN O 213 -18.05 72.54 -57.09
C ASN O 213 -18.62 72.71 -55.69
N GLY O 214 -19.59 71.88 -55.31
CA GLY O 214 -20.22 72.02 -54.02
C GLY O 214 -21.30 70.98 -53.85
N THR O 215 -22.10 71.16 -52.79
CA THR O 215 -23.18 70.24 -52.48
C THR O 215 -24.21 70.20 -53.61
N GLU O 216 -24.58 71.36 -54.13
CA GLU O 216 -25.55 71.43 -55.22
C GLU O 216 -25.05 70.73 -56.46
N ASP O 217 -23.76 70.89 -56.77
CA ASP O 217 -23.16 70.19 -57.90
C ASP O 217 -23.23 68.68 -57.73
N GLY O 218 -22.92 68.19 -56.54
CA GLY O 218 -22.99 66.75 -56.29
C GLY O 218 -24.40 66.20 -56.40
N VAL O 219 -25.38 66.91 -55.84
CA VAL O 219 -26.76 66.42 -55.89
C VAL O 219 -27.29 66.46 -57.32
N GLU O 220 -26.96 67.51 -58.08
CA GLU O 220 -27.36 67.58 -59.47
C GLU O 220 -26.71 66.48 -60.31
N THR O 221 -25.43 66.17 -60.05
CA THR O 221 -24.78 65.06 -60.76
C THR O 221 -25.42 63.72 -60.43
N ILE O 222 -25.81 63.53 -59.17
CA ILE O 222 -26.49 62.29 -58.78
C ILE O 222 -27.85 62.18 -59.48
N ILE O 223 -28.60 63.29 -59.54
CA ILE O 223 -29.88 63.29 -60.24
C ILE O 223 -29.70 63.01 -61.73
N LYS O 224 -28.65 63.59 -62.33
CA LYS O 224 -28.34 63.32 -63.73
C LYS O 224 -28.01 61.86 -63.97
N ALA O 225 -27.26 61.24 -63.05
CA ALA O 225 -26.97 59.82 -63.15
C ALA O 225 -28.23 58.97 -63.03
N ILE O 226 -29.13 59.34 -62.11
CA ILE O 226 -30.39 58.63 -61.94
C ILE O 226 -31.23 58.70 -63.22
N GLU O 227 -31.30 59.88 -63.83
CA GLU O 227 -32.05 60.03 -65.07
C GLU O 227 -31.39 59.31 -66.23
N ALA O 228 -30.05 59.29 -66.25
CA ALA O 228 -29.33 58.57 -67.30
C ALA O 228 -29.55 57.07 -67.20
N ALA O 229 -29.64 56.54 -65.99
CA ALA O 229 -29.98 55.13 -65.80
C ALA O 229 -31.40 54.82 -66.23
N GLY O 230 -32.26 55.82 -66.33
CA GLY O 230 -33.63 55.64 -66.79
C GLY O 230 -34.69 55.68 -65.72
N TYR O 231 -34.37 56.18 -64.53
CA TYR O 231 -35.29 56.17 -63.40
C TYR O 231 -35.64 57.59 -63.01
N VAL O 232 -36.85 57.77 -62.49
CA VAL O 232 -37.40 59.09 -62.19
C VAL O 232 -36.96 59.50 -60.79
N PRO O 233 -36.22 60.60 -60.64
CA PRO O 233 -35.94 61.09 -59.28
C PRO O 233 -37.20 61.59 -58.59
N GLY O 234 -37.32 61.27 -57.30
CA GLY O 234 -38.47 61.66 -56.52
C GLY O 234 -39.64 60.70 -56.57
N LYS O 235 -39.65 59.77 -57.51
CA LYS O 235 -40.66 58.72 -57.57
C LYS O 235 -40.06 57.33 -57.50
N ASP O 236 -39.04 57.05 -58.32
CA ASP O 236 -38.36 55.77 -58.32
C ASP O 236 -37.20 55.76 -57.33
N VAL O 237 -36.36 56.79 -57.34
CA VAL O 237 -35.17 56.86 -56.51
C VAL O 237 -35.15 58.21 -55.82
N PHE O 238 -34.87 58.20 -54.51
CA PHE O 238 -34.72 59.40 -53.70
C PHE O 238 -33.25 59.58 -53.34
N ILE O 239 -32.96 60.66 -52.63
CA ILE O 239 -31.61 61.03 -52.27
C ILE O 239 -31.55 61.26 -50.77
N GLY O 240 -30.53 60.71 -50.13
CA GLY O 240 -30.28 60.98 -48.72
C GLY O 240 -28.93 61.61 -48.48
N LEU O 241 -28.77 62.29 -47.34
CA LEU O 241 -27.53 62.94 -46.98
C LEU O 241 -27.09 62.49 -45.61
N ASP O 242 -25.78 62.39 -45.42
CA ASP O 242 -25.16 62.24 -44.11
C ASP O 242 -24.28 63.47 -43.94
N CYS O 243 -24.82 64.48 -43.25
CA CYS O 243 -24.11 65.75 -43.12
C CYS O 243 -22.90 65.63 -42.22
N ALA O 244 -23.01 64.84 -41.15
CA ALA O 244 -22.00 64.72 -40.11
C ALA O 244 -21.62 66.10 -39.60
N SER O 245 -22.62 66.83 -39.13
CA SER O 245 -22.37 68.21 -38.75
C SER O 245 -21.52 68.35 -37.50
N SER O 246 -21.29 67.28 -36.75
CA SER O 246 -20.34 67.31 -35.65
C SER O 246 -18.90 67.52 -36.12
N GLU O 247 -18.62 67.28 -37.39
CA GLU O 247 -17.29 67.53 -37.96
C GLU O 247 -17.00 69.00 -38.16
N PHE O 248 -18.01 69.78 -38.53
CA PHE O 248 -17.83 71.20 -38.79
C PHE O 248 -18.67 72.06 -37.86
N TYR O 249 -18.87 71.61 -36.62
CA TYR O 249 -19.60 72.40 -35.64
C TYR O 249 -18.61 73.03 -34.68
N ASP O 250 -18.68 74.35 -34.54
CA ASP O 250 -17.80 75.08 -33.65
C ASP O 250 -18.56 75.19 -32.32
N ALA O 251 -18.11 74.45 -31.31
CA ALA O 251 -18.84 74.35 -30.04
C ALA O 251 -18.85 75.67 -29.31
N GLU O 252 -17.75 76.36 -29.38
CA GLU O 252 -17.60 77.61 -28.70
C GLU O 252 -18.51 78.74 -29.22
N HIS O 253 -18.60 78.95 -30.55
CA HIS O 253 -19.43 80.00 -31.11
C HIS O 253 -20.83 79.47 -31.39
N LYS O 254 -21.13 78.16 -31.14
CA LYS O 254 -22.45 77.56 -31.39
C LYS O 254 -22.91 77.74 -32.84
N VAL O 255 -21.96 77.65 -33.78
CA VAL O 255 -22.23 77.82 -35.20
C VAL O 255 -21.66 76.64 -35.96
N TYR O 256 -22.23 76.36 -37.13
CA TYR O 256 -21.77 75.33 -38.04
C TYR O 256 -20.85 76.01 -39.05
N GLY O 257 -19.55 75.86 -38.87
CA GLY O 257 -18.59 76.46 -39.76
C GLY O 257 -18.33 75.65 -41.00
N TYR O 258 -18.96 76.04 -42.11
CA TYR O 258 -18.79 75.35 -43.37
C TYR O 258 -17.43 75.62 -44.01
N THR O 259 -16.68 76.58 -43.47
CA THR O 259 -15.37 76.92 -44.03
C THR O 259 -14.32 75.85 -43.79
N LYS O 260 -14.57 74.88 -42.92
CA LYS O 260 -13.61 73.81 -42.67
C LYS O 260 -13.42 72.93 -43.91
N PHE O 261 -14.48 72.74 -44.69
CA PHE O 261 -14.42 71.91 -45.88
C PHE O 261 -14.70 72.66 -47.16
N GLU O 262 -15.58 73.66 -47.14
CA GLU O 262 -15.98 74.38 -48.35
C GLU O 262 -15.12 75.59 -48.64
N GLY O 263 -14.05 75.81 -47.86
CA GLY O 263 -13.15 76.93 -48.07
C GLY O 263 -13.59 78.18 -47.34
N GLU O 264 -12.70 79.17 -47.31
CA GLU O 264 -12.92 80.39 -46.53
C GLU O 264 -14.06 81.25 -47.09
N GLY O 265 -14.50 80.98 -48.30
CA GLY O 265 -15.65 81.68 -48.84
C GLY O 265 -16.99 81.09 -48.48
N ALA O 266 -17.03 80.09 -47.60
CA ALA O 266 -18.27 79.42 -47.25
C ALA O 266 -19.11 80.27 -46.30
N ALA O 267 -20.23 79.71 -45.88
CA ALA O 267 -21.20 80.41 -45.04
C ALA O 267 -21.18 79.83 -43.63
N VAL O 268 -21.13 80.70 -42.64
CA VAL O 268 -21.24 80.31 -41.24
C VAL O 268 -22.70 80.42 -40.84
N ARG O 269 -23.28 79.31 -40.40
CA ARG O 269 -24.70 79.25 -40.09
C ARG O 269 -24.92 78.93 -38.62
N THR O 270 -25.99 79.50 -38.03
CA THR O 270 -26.42 79.16 -36.68
C THR O 270 -27.21 77.83 -36.78
N ALA O 271 -27.75 77.35 -35.65
CA ALA O 271 -28.72 76.26 -35.66
C ALA O 271 -29.95 76.58 -36.51
N ALA O 272 -30.53 77.78 -36.34
CA ALA O 272 -31.70 78.15 -37.14
C ALA O 272 -31.36 78.27 -38.61
N GLU O 273 -30.21 78.89 -38.92
CA GLU O 273 -29.76 78.98 -40.31
C GLU O 273 -29.44 77.61 -40.88
N GLN O 274 -28.94 76.68 -40.06
CA GLN O 274 -28.69 75.32 -40.52
C GLN O 274 -29.99 74.61 -40.84
N ILE O 275 -31.03 74.80 -40.00
CA ILE O 275 -32.37 74.25 -40.28
C ILE O 275 -32.92 74.80 -41.58
N ASP O 276 -32.78 76.12 -41.78
CA ASP O 276 -33.27 76.74 -43.01
C ASP O 276 -32.53 76.23 -44.24
N TYR O 277 -31.21 76.03 -44.13
CA TYR O 277 -30.42 75.45 -45.22
C TYR O 277 -30.84 74.00 -45.50
N LEU O 278 -31.07 73.22 -44.47
CA LEU O 278 -31.50 71.84 -44.72
C LEU O 278 -32.89 71.80 -45.34
N GLU O 279 -33.77 72.70 -44.91
CA GLU O 279 -35.12 72.75 -45.47
C GLU O 279 -35.11 73.20 -46.92
N GLU O 280 -34.22 74.15 -47.26
CA GLU O 280 -34.14 74.60 -48.65
C GLU O 280 -33.59 73.49 -49.54
N LEU O 281 -32.63 72.71 -49.02
CA LEU O 281 -32.13 71.55 -49.75
C LEU O 281 -33.22 70.51 -49.97
N VAL O 282 -34.03 70.29 -48.93
CA VAL O 282 -35.14 69.34 -49.04
C VAL O 282 -36.17 69.81 -50.06
N ASN O 283 -36.48 71.11 -50.05
CA ASN O 283 -37.47 71.62 -51.00
C ASN O 283 -36.93 71.62 -52.43
N LYS O 284 -35.62 71.74 -52.61
CA LYS O 284 -35.04 71.81 -53.94
C LYS O 284 -34.79 70.43 -54.56
N TYR O 285 -34.56 69.41 -53.74
CA TYR O 285 -34.12 68.10 -54.20
C TYR O 285 -35.02 67.01 -53.63
N PRO O 286 -35.06 65.83 -54.27
CA PRO O 286 -35.85 64.73 -53.70
C PRO O 286 -35.16 64.04 -52.52
N ILE O 287 -34.97 64.79 -51.43
CA ILE O 287 -34.25 64.31 -50.27
C ILE O 287 -35.25 63.69 -49.31
N ILE O 288 -34.97 62.45 -48.92
CA ILE O 288 -35.88 61.69 -48.06
C ILE O 288 -35.27 61.40 -46.68
N THR O 289 -33.96 61.53 -46.52
CA THR O 289 -33.34 61.26 -45.23
C THR O 289 -32.10 62.13 -45.06
N ILE O 290 -31.93 62.66 -43.85
CA ILE O 290 -30.76 63.44 -43.47
C ILE O 290 -30.24 62.85 -42.17
N GLU O 291 -28.99 62.43 -42.18
CA GLU O 291 -28.33 61.81 -41.03
C GLU O 291 -27.36 62.81 -40.43
N ASP O 292 -27.43 62.98 -39.10
CA ASP O 292 -26.61 63.91 -38.35
C ASP O 292 -26.78 65.34 -38.88
N GLY O 293 -28.03 65.80 -38.86
CA GLY O 293 -28.32 67.16 -39.29
C GLY O 293 -27.73 68.19 -38.35
N MET O 294 -27.69 67.90 -37.05
CA MET O 294 -27.19 68.81 -36.04
C MET O 294 -26.08 68.11 -35.25
N ASP O 295 -25.38 68.90 -34.43
CA ASP O 295 -24.28 68.38 -33.64
C ASP O 295 -24.79 67.37 -32.63
N GLU O 296 -23.90 66.44 -32.24
CA GLU O 296 -24.25 65.40 -31.27
C GLU O 296 -24.66 65.96 -29.91
N ASN O 297 -24.30 67.21 -29.60
CA ASN O 297 -24.65 67.85 -28.35
C ASN O 297 -25.66 68.97 -28.50
N ASP O 298 -25.99 69.38 -29.72
CA ASP O 298 -26.96 70.46 -29.94
C ASP O 298 -28.36 69.87 -29.84
N TRP O 299 -28.82 69.73 -28.59
CA TRP O 299 -30.12 69.11 -28.34
C TRP O 299 -31.27 70.02 -28.76
N ASP O 300 -31.16 71.32 -28.45
CA ASP O 300 -32.19 72.26 -28.88
C ASP O 300 -32.25 72.37 -30.41
N GLY O 301 -31.09 72.35 -31.06
CA GLY O 301 -31.07 72.35 -32.51
C GLY O 301 -31.69 71.09 -33.11
N TRP O 302 -31.41 69.94 -32.50
CA TRP O 302 -32.03 68.69 -32.94
C TRP O 302 -33.52 68.74 -32.78
N LYS O 303 -33.99 69.20 -31.62
CA LYS O 303 -35.41 69.37 -31.39
C LYS O 303 -36.00 70.23 -32.48
N ALA O 304 -35.49 71.46 -32.65
CA ALA O 304 -36.05 72.40 -33.63
C ALA O 304 -36.05 71.85 -35.07
N LEU O 305 -35.00 71.09 -35.43
CA LEU O 305 -34.95 70.42 -36.72
C LEU O 305 -36.05 69.37 -36.85
N THR O 306 -36.34 68.63 -35.78
CA THR O 306 -37.41 67.64 -35.81
C THR O 306 -38.79 68.28 -35.93
N GLU O 307 -39.03 69.40 -35.23
CA GLU O 307 -40.35 69.99 -35.41
C GLU O 307 -40.47 70.74 -36.72
N ARG O 308 -39.35 71.06 -37.37
CA ARG O 308 -39.45 71.73 -38.66
C ARG O 308 -39.53 70.75 -39.84
N LEU O 309 -38.69 69.71 -39.84
CA LEU O 309 -38.60 68.82 -40.98
C LEU O 309 -39.00 67.38 -40.69
N GLY O 310 -39.17 66.99 -39.42
CA GLY O 310 -39.39 65.60 -39.07
C GLY O 310 -40.70 65.01 -39.57
N GLY O 311 -41.65 65.86 -39.97
CA GLY O 311 -42.92 65.34 -40.47
C GLY O 311 -42.87 64.76 -41.86
N LYS O 312 -41.87 65.12 -42.66
CA LYS O 312 -41.78 64.64 -44.03
C LYS O 312 -40.39 64.14 -44.43
N VAL O 313 -39.36 64.36 -43.61
CA VAL O 313 -38.00 63.96 -43.92
C VAL O 313 -37.47 63.15 -42.75
N GLN O 314 -36.88 61.99 -43.04
CA GLN O 314 -36.28 61.17 -42.01
C GLN O 314 -35.03 61.87 -41.47
N LEU O 315 -34.95 61.99 -40.15
CA LEU O 315 -33.79 62.58 -39.48
C LEU O 315 -33.15 61.48 -38.63
N VAL O 316 -31.95 61.07 -39.00
CA VAL O 316 -31.27 59.93 -38.40
C VAL O 316 -30.22 60.44 -37.43
N GLY O 317 -30.21 59.89 -36.23
CA GLY O 317 -29.19 60.22 -35.27
C GLY O 317 -28.11 59.16 -35.17
N ASP O 318 -26.95 59.43 -35.76
CA ASP O 318 -25.86 58.45 -35.76
C ASP O 318 -24.98 58.69 -34.54
N ASP O 319 -24.31 59.86 -34.51
CA ASP O 319 -23.53 60.23 -33.34
C ASP O 319 -24.39 60.85 -32.26
N PHE O 320 -25.63 61.21 -32.59
CA PHE O 320 -26.56 61.72 -31.59
C PHE O 320 -26.90 60.66 -30.56
N PHE O 321 -27.14 59.43 -31.01
CA PHE O 321 -27.55 58.37 -30.11
C PHE O 321 -26.49 57.33 -29.83
N VAL O 322 -25.47 57.19 -30.68
CA VAL O 322 -24.39 56.19 -30.65
C VAL O 322 -24.81 54.82 -30.13
N THR O 323 -25.99 54.35 -30.57
CA THR O 323 -26.58 53.05 -30.21
C THR O 323 -26.69 52.93 -28.68
N ASN O 324 -27.12 54.00 -28.03
CA ASN O 324 -27.26 54.02 -26.59
C ASN O 324 -28.74 54.09 -26.28
N THR O 325 -29.21 53.17 -25.44
CA THR O 325 -30.62 53.19 -25.05
C THR O 325 -30.95 54.42 -24.20
N ALA O 326 -29.99 54.90 -23.40
CA ALA O 326 -30.22 56.11 -22.61
C ALA O 326 -30.38 57.33 -23.49
N TYR O 327 -29.47 57.52 -24.45
CA TYR O 327 -29.58 58.62 -25.39
C TYR O 327 -30.83 58.50 -26.26
N LEU O 328 -31.16 57.27 -26.66
CA LEU O 328 -32.33 57.06 -27.51
C LEU O 328 -33.62 57.39 -26.75
N GLU O 329 -33.73 56.98 -25.49
CA GLU O 329 -34.93 57.29 -24.73
C GLU O 329 -34.99 58.77 -24.35
N LYS O 330 -33.83 59.41 -24.16
CA LYS O 330 -33.81 60.85 -23.92
C LYS O 330 -34.27 61.60 -25.16
N GLY O 331 -33.86 61.14 -26.35
CA GLY O 331 -34.33 61.73 -27.58
C GLY O 331 -35.81 61.48 -27.82
N ILE O 332 -36.30 60.29 -27.47
CA ILE O 332 -37.72 60.00 -27.62
C ILE O 332 -38.57 60.88 -26.70
N ALA O 333 -38.10 61.10 -25.47
CA ALA O 333 -38.82 61.96 -24.53
C ALA O 333 -38.83 63.42 -25.01
N GLU O 334 -37.72 63.88 -25.59
CA GLU O 334 -37.59 65.27 -26.02
C GLU O 334 -37.96 65.48 -27.47
N HIS O 335 -38.45 64.44 -28.17
CA HIS O 335 -38.86 64.50 -29.58
C HIS O 335 -37.72 64.99 -30.48
N ALA O 336 -36.54 64.42 -30.30
CA ALA O 336 -35.38 64.70 -31.10
C ALA O 336 -35.15 63.56 -32.07
N ALA O 337 -35.06 63.91 -33.36
CA ALA O 337 -34.96 62.99 -34.50
C ALA O 337 -36.16 62.05 -34.60
N ASN O 338 -36.18 61.23 -35.63
CA ASN O 338 -37.21 60.19 -35.73
C ASN O 338 -36.62 58.88 -36.24
N SER O 339 -35.30 58.75 -36.23
CA SER O 339 -34.62 57.56 -36.70
C SER O 339 -33.30 57.43 -35.97
N ILE O 340 -32.80 56.20 -35.86
CA ILE O 340 -31.55 55.92 -35.19
C ILE O 340 -30.70 55.00 -36.07
N LEU O 341 -29.40 55.24 -36.07
CA LEU O 341 -28.49 54.41 -36.84
C LEU O 341 -27.97 53.35 -35.87
N ILE O 342 -28.18 52.08 -36.19
CA ILE O 342 -27.84 50.97 -35.30
C ILE O 342 -26.54 50.36 -35.77
N LYS O 343 -25.49 50.48 -34.98
CA LYS O 343 -24.21 49.83 -35.28
C LYS O 343 -23.93 48.80 -34.20
N VAL O 344 -23.84 47.54 -34.62
CA VAL O 344 -23.81 46.40 -33.69
C VAL O 344 -22.56 46.41 -32.81
N ASN O 345 -21.48 47.02 -33.27
CA ASN O 345 -20.25 47.08 -32.49
C ASN O 345 -20.14 48.33 -31.64
N GLN O 346 -21.03 49.30 -31.83
CA GLN O 346 -21.13 50.44 -30.94
C GLN O 346 -21.74 50.14 -29.62
N ILE O 347 -22.24 48.98 -29.43
CA ILE O 347 -22.90 48.74 -28.19
C ILE O 347 -22.37 47.43 -27.52
N GLY O 348 -22.09 46.40 -28.35
CA GLY O 348 -21.33 45.25 -27.85
C GLY O 348 -21.91 43.86 -28.06
N THR O 349 -23.22 43.68 -27.92
CA THR O 349 -23.82 42.35 -28.07
C THR O 349 -25.01 42.43 -29.01
N LEU O 350 -25.53 41.27 -29.38
CA LEU O 350 -26.76 41.20 -30.16
C LEU O 350 -28.00 41.50 -29.33
N THR O 351 -27.97 41.14 -28.04
CA THR O 351 -29.12 41.36 -27.16
C THR O 351 -29.46 42.84 -27.02
N GLU O 352 -28.47 43.67 -26.69
CA GLU O 352 -28.69 45.10 -26.63
C GLU O 352 -28.91 45.76 -28.00
N THR O 353 -28.37 45.22 -29.09
CA THR O 353 -28.72 45.71 -30.41
C THR O 353 -30.20 45.52 -30.70
N PHE O 354 -30.73 44.32 -30.41
CA PHE O 354 -32.15 44.08 -30.61
C PHE O 354 -33.00 44.86 -29.63
N ASP O 355 -32.49 45.10 -28.42
CA ASP O 355 -33.21 45.94 -27.46
C ASP O 355 -33.33 47.37 -27.96
N ALA O 356 -32.25 47.93 -28.52
CA ALA O 356 -32.28 49.27 -29.09
C ALA O 356 -33.23 49.35 -30.29
N ILE O 357 -33.21 48.31 -31.14
CA ILE O 357 -34.11 48.27 -32.30
C ILE O 357 -35.56 48.23 -31.85
N GLU O 358 -35.87 47.41 -30.84
CA GLU O 358 -37.23 47.31 -30.32
C GLU O 358 -37.69 48.62 -29.70
N MET O 359 -36.82 49.28 -28.92
CA MET O 359 -37.18 50.55 -28.31
C MET O 359 -37.42 51.63 -29.37
N ALA O 360 -36.59 51.64 -30.42
CA ALA O 360 -36.79 52.58 -31.52
C ALA O 360 -38.10 52.31 -32.23
N LYS O 361 -38.42 51.04 -32.50
CA LYS O 361 -39.65 50.69 -33.20
C LYS O 361 -40.88 51.07 -32.38
N GLU O 362 -40.84 50.84 -31.07
CA GLU O 362 -41.99 51.14 -30.22
C GLU O 362 -42.28 52.63 -30.09
N ALA O 363 -41.32 53.49 -30.43
CA ALA O 363 -41.51 54.93 -30.34
C ALA O 363 -41.85 55.57 -31.67
N GLY O 364 -42.10 54.77 -32.71
CA GLY O 364 -42.33 55.31 -34.03
C GLY O 364 -41.08 55.62 -34.81
N TYR O 365 -39.90 55.30 -34.27
CA TYR O 365 -38.63 55.55 -34.91
C TYR O 365 -38.27 54.37 -35.80
N THR O 366 -37.43 54.63 -36.79
CA THR O 366 -36.94 53.60 -37.69
C THR O 366 -35.50 53.27 -37.33
N ALA O 367 -35.20 51.98 -37.20
CA ALA O 367 -33.85 51.53 -36.90
C ALA O 367 -33.17 51.15 -38.22
N VAL O 368 -32.09 51.85 -38.54
CA VAL O 368 -31.35 51.61 -39.77
C VAL O 368 -30.09 50.85 -39.40
N VAL O 369 -30.03 49.56 -39.74
CA VAL O 369 -28.86 48.75 -39.46
C VAL O 369 -27.72 49.22 -40.35
N SER O 370 -26.57 49.53 -39.73
CA SER O 370 -25.50 50.21 -40.43
C SER O 370 -24.22 49.41 -40.38
N HIS O 371 -23.37 49.71 -41.34
CA HIS O 371 -22.03 49.19 -41.42
C HIS O 371 -21.03 50.12 -40.74
N ARG O 372 -19.80 49.64 -40.63
CA ARG O 372 -18.68 50.43 -40.16
C ARG O 372 -17.73 50.70 -41.31
N SER O 373 -16.77 51.60 -41.06
CA SER O 373 -15.78 51.94 -42.08
C SER O 373 -14.92 50.72 -42.43
N GLY O 374 -14.41 50.03 -41.42
CA GLY O 374 -13.68 48.80 -41.65
C GLY O 374 -14.56 47.58 -41.48
N GLU O 375 -15.05 47.03 -42.59
CA GLU O 375 -15.96 45.91 -42.57
C GLU O 375 -15.22 44.61 -42.78
N THR O 376 -15.96 43.50 -42.78
CA THR O 376 -15.39 42.18 -42.98
C THR O 376 -16.22 41.42 -44.02
N GLU O 377 -15.95 40.13 -44.22
CA GLU O 377 -16.76 39.35 -45.14
C GLU O 377 -18.01 38.81 -44.43
N ASP O 378 -18.18 39.11 -43.13
CA ASP O 378 -19.34 38.71 -42.36
C ASP O 378 -20.50 39.57 -42.75
N SER O 379 -21.62 38.97 -43.06
CA SER O 379 -22.81 39.69 -43.46
C SER O 379 -23.94 39.46 -42.45
N THR O 380 -23.61 39.48 -41.15
CA THR O 380 -24.64 39.30 -40.12
C THR O 380 -25.62 40.46 -40.05
N ILE O 381 -25.19 41.66 -40.43
CA ILE O 381 -26.09 42.81 -40.31
C ILE O 381 -27.28 42.71 -41.27
N ALA O 382 -27.12 41.99 -42.39
CA ALA O 382 -28.25 41.74 -43.27
C ALA O 382 -29.29 40.86 -42.60
N ASP O 383 -28.84 39.81 -41.91
CA ASP O 383 -29.74 38.96 -41.15
C ASP O 383 -30.35 39.70 -39.97
N ILE O 384 -29.61 40.64 -39.38
CA ILE O 384 -30.15 41.47 -38.32
C ILE O 384 -31.27 42.36 -38.84
N ALA O 385 -31.06 42.99 -40.00
CA ALA O 385 -32.07 43.86 -40.59
C ALA O 385 -33.32 43.08 -40.98
N VAL O 386 -33.15 41.88 -41.55
CA VAL O 386 -34.31 41.09 -41.94
C VAL O 386 -35.02 40.53 -40.72
N ALA O 387 -34.26 40.12 -39.69
CA ALA O 387 -34.84 39.51 -38.49
C ALA O 387 -35.73 40.48 -37.74
N THR O 388 -35.31 41.75 -37.64
CA THR O 388 -36.09 42.75 -36.93
C THR O 388 -37.19 43.37 -37.78
N ASN O 389 -37.24 43.04 -39.08
CA ASN O 389 -38.12 43.69 -40.06
C ASN O 389 -37.95 45.21 -40.03
N ALA O 390 -36.68 45.64 -39.95
CA ALA O 390 -36.35 47.05 -39.76
C ALA O 390 -36.81 47.88 -40.96
N GLY O 391 -36.64 47.34 -42.16
CA GLY O 391 -37.09 48.01 -43.35
C GLY O 391 -36.09 48.96 -43.98
N GLN O 392 -34.92 49.14 -43.38
CA GLN O 392 -33.87 49.97 -43.95
C GLN O 392 -32.51 49.40 -43.58
N ILE O 393 -31.54 49.59 -44.47
CA ILE O 393 -30.16 49.19 -44.23
C ILE O 393 -29.24 50.22 -44.89
N LYS O 394 -28.14 50.52 -44.22
CA LYS O 394 -27.08 51.37 -44.75
C LYS O 394 -25.84 50.50 -44.72
N THR O 395 -25.46 49.93 -45.87
CA THR O 395 -24.35 48.98 -45.92
C THR O 395 -23.39 49.33 -47.05
N GLY O 396 -23.38 50.57 -47.50
CA GLY O 396 -22.33 51.03 -48.41
C GLY O 396 -22.78 51.17 -49.85
N SER O 397 -21.80 51.06 -50.75
CA SER O 397 -21.99 51.35 -52.16
C SER O 397 -22.02 50.01 -52.92
N LEU O 398 -21.87 50.08 -54.22
CA LEU O 398 -22.04 48.96 -55.13
C LEU O 398 -20.68 48.59 -55.65
N SER O 399 -19.65 48.79 -54.84
CA SER O 399 -18.39 48.22 -55.29
C SER O 399 -17.81 47.19 -54.33
N ARG O 400 -17.23 47.53 -53.20
CA ARG O 400 -16.28 46.66 -52.54
C ARG O 400 -17.05 45.47 -51.90
N THR O 401 -16.47 44.24 -51.85
CA THR O 401 -17.21 43.07 -51.32
C THR O 401 -17.50 43.19 -49.81
N ASP O 402 -16.85 44.12 -49.16
CA ASP O 402 -17.20 44.53 -47.81
C ASP O 402 -18.62 45.08 -47.74
N ARG O 403 -19.12 45.57 -48.87
CA ARG O 403 -20.46 46.10 -48.99
C ARG O 403 -21.33 45.17 -49.80
N ILE O 404 -20.77 44.57 -50.87
CA ILE O 404 -21.51 43.65 -51.75
C ILE O 404 -21.90 42.37 -51.03
N ALA O 405 -21.15 41.98 -50.00
CA ALA O 405 -21.47 40.75 -49.27
C ALA O 405 -22.84 40.85 -48.59
N LYS O 406 -23.16 42.02 -48.07
CA LYS O 406 -24.45 42.19 -47.41
C LYS O 406 -25.58 42.22 -48.42
N TYR O 407 -25.34 42.84 -49.59
CA TYR O 407 -26.32 42.83 -50.65
C TYR O 407 -26.57 41.43 -51.19
N ASN O 408 -25.51 40.62 -51.31
CA ASN O 408 -25.66 39.25 -51.76
C ASN O 408 -26.39 38.41 -50.71
N GLN O 409 -26.12 38.67 -49.42
CA GLN O 409 -26.86 37.98 -48.37
C GLN O 409 -28.32 38.36 -48.39
N LEU O 410 -28.64 39.62 -48.68
CA LEU O 410 -30.04 40.04 -48.78
C LEU O 410 -30.71 39.42 -50.00
N LEU O 411 -29.96 39.26 -51.10
CA LEU O 411 -30.48 38.53 -52.26
C LEU O 411 -30.79 37.08 -51.90
N ARG O 412 -29.89 36.44 -51.16
CA ARG O 412 -30.11 35.07 -50.70
C ARG O 412 -31.33 34.98 -49.81
N ILE O 413 -31.48 35.93 -48.87
CA ILE O 413 -32.62 35.93 -47.95
C ILE O 413 -33.92 36.10 -48.70
N GLU O 414 -33.95 37.02 -49.68
CA GLU O 414 -35.13 37.20 -50.51
C GLU O 414 -35.47 35.95 -51.30
N ASP O 415 -34.45 35.28 -51.83
CA ASP O 415 -34.66 34.04 -52.58
C ASP O 415 -35.24 32.93 -51.69
N GLN O 416 -34.68 32.76 -50.47
CA GLN O 416 -35.20 31.75 -49.55
C GLN O 416 -36.61 32.07 -49.09
N LEU O 417 -36.91 33.35 -48.85
CA LEU O 417 -38.26 33.73 -48.45
C LEU O 417 -39.25 33.47 -49.58
N GLY O 418 -38.86 33.77 -50.82
CA GLY O 418 -39.74 33.50 -51.94
C GLY O 418 -40.97 34.37 -51.97
N GLU O 419 -42.15 33.74 -52.01
CA GLU O 419 -43.40 34.50 -52.15
C GLU O 419 -43.73 35.32 -50.92
N VAL O 420 -43.22 34.94 -49.75
CA VAL O 420 -43.53 35.70 -48.53
C VAL O 420 -42.61 36.90 -48.36
N ALA O 421 -41.61 37.07 -49.20
CA ALA O 421 -40.71 38.22 -49.09
C ALA O 421 -41.43 39.51 -49.45
N GLU O 422 -41.20 40.55 -48.66
CA GLU O 422 -41.86 41.84 -48.85
C GLU O 422 -40.80 42.93 -48.95
N TYR O 423 -40.83 43.69 -50.03
CA TYR O 423 -40.01 44.89 -50.17
C TYR O 423 -40.97 46.08 -50.08
N ARG O 424 -40.99 46.73 -48.91
CA ARG O 424 -41.96 47.79 -48.68
C ARG O 424 -41.58 49.08 -49.39
N GLY O 425 -40.29 49.40 -49.45
CA GLY O 425 -39.85 50.62 -50.10
C GLY O 425 -40.28 51.85 -49.35
N LEU O 426 -41.11 52.69 -49.98
CA LEU O 426 -41.58 53.92 -49.36
C LEU O 426 -42.36 53.66 -48.09
N LYS O 427 -43.08 52.55 -48.03
CA LYS O 427 -43.85 52.19 -46.84
C LYS O 427 -42.97 51.78 -45.67
N SER O 428 -41.67 51.54 -45.88
CA SER O 428 -40.80 51.25 -44.75
C SER O 428 -40.42 52.50 -43.97
N PHE O 429 -40.70 53.68 -44.52
CA PHE O 429 -40.50 54.94 -43.81
C PHE O 429 -41.78 55.27 -43.03
N TYR O 430 -42.00 54.47 -41.98
CA TYR O 430 -43.23 54.59 -41.20
C TYR O 430 -43.19 55.72 -40.19
N ASN O 431 -42.07 56.42 -40.07
CA ASN O 431 -41.94 57.58 -39.21
C ASN O 431 -42.36 58.86 -39.90
N LEU O 432 -42.82 58.79 -41.14
CA LEU O 432 -43.19 59.96 -41.93
C LEU O 432 -44.71 59.98 -42.12
N LYS O 433 -45.27 61.19 -42.04
CA LYS O 433 -46.70 61.36 -42.24
C LYS O 433 -47.09 61.01 -43.66
N LYS O 434 -48.28 60.42 -43.81
CA LYS O 434 -48.88 60.04 -45.09
C LYS O 434 -47.96 59.07 -45.87
N MET P 1 -38.04 14.73 -41.82
CA MET P 1 -38.25 14.51 -40.40
C MET P 1 -39.07 15.67 -39.82
N SER P 2 -39.07 16.79 -40.53
CA SER P 2 -39.92 17.92 -40.18
C SER P 2 -41.09 18.09 -41.14
N ILE P 3 -41.30 17.12 -42.03
CA ILE P 3 -42.38 17.21 -42.99
C ILE P 3 -43.68 16.85 -42.30
N ILE P 4 -44.71 17.69 -42.46
CA ILE P 4 -46.02 17.43 -41.90
C ILE P 4 -46.59 16.16 -42.52
N THR P 5 -46.95 15.20 -41.68
CA THR P 5 -47.47 13.90 -42.06
C THR P 5 -48.97 13.77 -41.79
N ASP P 6 -49.44 14.27 -40.65
CA ASP P 6 -50.85 14.14 -40.30
C ASP P 6 -51.40 15.45 -39.78
N VAL P 7 -52.59 15.82 -40.24
CA VAL P 7 -53.35 16.95 -39.72
C VAL P 7 -54.75 16.42 -39.40
N TYR P 8 -55.13 16.45 -38.13
CA TYR P 8 -56.39 15.84 -37.72
C TYR P 8 -57.13 16.77 -36.77
N ALA P 9 -58.40 17.04 -37.07
CA ALA P 9 -59.21 17.89 -36.21
C ALA P 9 -60.30 17.09 -35.52
N ARG P 10 -60.65 17.53 -34.31
CA ARG P 10 -61.73 16.90 -33.57
C ARG P 10 -62.51 17.99 -32.85
N GLU P 11 -63.75 17.65 -32.47
CA GLU P 11 -64.64 18.59 -31.83
C GLU P 11 -64.60 18.38 -30.32
N VAL P 12 -64.30 19.46 -29.58
CA VAL P 12 -64.17 19.45 -28.14
C VAL P 12 -64.89 20.67 -27.58
N LEU P 13 -65.28 20.58 -26.31
CA LEU P 13 -66.00 21.68 -25.71
C LEU P 13 -65.05 22.80 -25.29
N ASP P 14 -65.61 23.98 -25.05
CA ASP P 14 -64.89 25.13 -24.56
C ASP P 14 -65.30 25.43 -23.12
N SER P 15 -64.83 26.57 -22.60
CA SER P 15 -65.11 26.95 -21.22
C SER P 15 -66.56 27.29 -20.97
N ARG P 16 -67.36 27.54 -21.99
CA ARG P 16 -68.77 27.82 -21.81
C ARG P 16 -69.67 26.63 -22.05
N GLY P 17 -69.12 25.46 -22.36
CA GLY P 17 -69.93 24.31 -22.71
C GLY P 17 -70.37 24.25 -24.14
N ASN P 18 -69.87 25.12 -24.99
CA ASN P 18 -70.13 25.22 -26.42
C ASN P 18 -69.03 24.56 -27.21
N PRO P 19 -69.35 23.96 -28.37
CA PRO P 19 -68.34 23.24 -29.14
C PRO P 19 -67.31 24.17 -29.76
N THR P 20 -66.16 23.60 -30.04
CA THR P 20 -65.11 24.21 -30.83
C THR P 20 -64.26 23.05 -31.34
N LEU P 21 -63.17 23.33 -32.01
CA LEU P 21 -62.34 22.29 -32.58
C LEU P 21 -60.92 22.43 -32.07
N GLU P 22 -60.20 21.32 -32.14
CA GLU P 22 -58.77 21.27 -31.89
C GLU P 22 -58.10 20.48 -32.99
N VAL P 23 -56.92 20.94 -33.39
CA VAL P 23 -56.19 20.37 -34.52
C VAL P 23 -54.86 19.82 -34.00
N GLU P 24 -54.55 18.59 -34.34
CA GLU P 24 -53.28 17.96 -34.03
C GLU P 24 -52.47 17.81 -35.32
N VAL P 25 -51.21 18.24 -35.27
CA VAL P 25 -50.29 18.15 -36.38
C VAL P 25 -49.15 17.23 -35.97
N TYR P 26 -48.87 16.24 -36.81
CA TYR P 26 -47.81 15.25 -36.60
C TYR P 26 -46.84 15.34 -37.76
N THR P 27 -45.56 15.48 -37.45
CA THR P 27 -44.53 15.49 -38.48
C THR P 27 -43.91 14.10 -38.61
N GLU P 28 -42.95 13.98 -39.53
CA GLU P 28 -42.40 12.68 -39.88
C GLU P 28 -41.59 12.07 -38.75
N SER P 29 -40.82 12.88 -38.02
CA SER P 29 -40.00 12.39 -36.92
C SER P 29 -40.79 12.20 -35.63
N GLY P 30 -42.06 12.59 -35.60
CA GLY P 30 -42.86 12.43 -34.41
C GLY P 30 -43.12 13.70 -33.63
N ALA P 31 -42.73 14.86 -34.16
CA ALA P 31 -43.06 16.11 -33.48
C ALA P 31 -44.55 16.36 -33.54
N PHE P 32 -45.09 16.76 -32.39
CA PHE P 32 -46.52 16.88 -32.18
C PHE P 32 -46.90 18.28 -31.78
N GLY P 33 -47.98 18.78 -32.36
CA GLY P 33 -48.53 20.06 -31.94
C GLY P 33 -50.04 20.03 -31.86
N ARG P 34 -50.62 20.69 -30.86
CA ARG P 34 -52.07 20.74 -30.71
C ARG P 34 -52.51 22.19 -30.59
N GLY P 35 -53.51 22.57 -31.37
CA GLY P 35 -54.06 23.91 -31.32
C GLY P 35 -55.55 23.92 -31.06
N MET P 36 -55.96 24.61 -30.01
CA MET P 36 -57.36 24.68 -29.60
C MET P 36 -57.86 26.10 -29.86
N VAL P 37 -59.00 26.20 -30.51
CA VAL P 37 -59.51 27.47 -31.03
C VAL P 37 -60.48 28.07 -30.01
N PRO P 38 -60.27 29.30 -29.56
CA PRO P 38 -61.29 29.97 -28.76
C PRO P 38 -62.54 30.26 -29.57
N SER P 39 -63.67 30.32 -28.87
CA SER P 39 -64.96 30.52 -29.52
C SER P 39 -65.16 32.01 -29.83
N GLY P 40 -65.23 32.33 -31.11
CA GLY P 40 -65.45 33.69 -31.59
C GLY P 40 -66.88 33.93 -32.01
N ALA P 41 -67.04 34.63 -33.12
CA ALA P 41 -68.36 34.97 -33.65
C ALA P 41 -68.43 34.62 -35.13
N SER P 42 -69.56 34.05 -35.53
CA SER P 42 -69.79 33.68 -36.93
C SER P 42 -70.39 34.81 -37.75
N THR P 43 -70.63 35.96 -37.14
CA THR P 43 -71.13 37.14 -37.82
C THR P 43 -70.04 38.21 -37.86
N GLY P 44 -70.40 39.38 -38.36
CA GLY P 44 -69.45 40.47 -38.46
C GLY P 44 -69.12 40.79 -39.90
N GLU P 45 -69.20 42.08 -40.24
CA GLU P 45 -68.98 42.48 -41.63
C GLU P 45 -67.52 42.35 -42.04
N HIS P 46 -66.60 42.81 -41.19
CA HIS P 46 -65.18 42.84 -41.50
C HIS P 46 -64.36 42.00 -40.53
N GLU P 47 -65.00 41.06 -39.85
CA GLU P 47 -64.34 40.18 -38.90
C GLU P 47 -64.36 38.77 -39.46
N ALA P 48 -63.25 38.05 -39.32
CA ALA P 48 -63.17 36.66 -39.74
C ALA P 48 -64.20 35.83 -38.99
N VAL P 49 -64.96 35.03 -39.75
CA VAL P 49 -66.12 34.33 -39.21
C VAL P 49 -65.77 32.86 -39.00
N GLU P 50 -66.19 32.33 -37.86
CA GLU P 50 -66.06 30.90 -37.58
C GLU P 50 -67.23 30.15 -38.20
N LEU P 51 -67.00 28.87 -38.50
CA LEU P 51 -67.98 28.07 -39.20
C LEU P 51 -68.71 27.17 -38.21
N ARG P 52 -70.02 27.38 -38.07
CA ARG P 52 -70.88 26.54 -37.24
C ARG P 52 -71.87 25.81 -38.12
N ASP P 53 -72.36 24.68 -37.60
CA ASP P 53 -73.21 23.80 -38.41
C ASP P 53 -74.58 24.40 -38.61
N GLY P 54 -75.16 25.00 -37.57
CA GLY P 54 -76.52 25.45 -37.64
C GLY P 54 -77.56 24.37 -37.39
N ASP P 55 -77.13 23.15 -37.09
CA ASP P 55 -78.04 22.06 -36.75
C ASP P 55 -78.62 22.36 -35.38
N LYS P 56 -79.87 22.86 -35.36
CA LYS P 56 -80.50 23.26 -34.10
C LYS P 56 -80.76 22.09 -33.17
N ALA P 57 -80.77 20.86 -33.68
CA ALA P 57 -80.94 19.68 -32.85
C ALA P 57 -79.64 19.24 -32.17
N ARG P 58 -78.49 19.78 -32.59
CA ARG P 58 -77.20 19.40 -32.02
C ARG P 58 -76.53 20.65 -31.49
N TYR P 59 -76.38 20.73 -30.17
CA TYR P 59 -75.72 21.81 -29.46
C TYR P 59 -76.38 23.17 -29.71
N GLY P 60 -77.65 23.18 -30.09
CA GLY P 60 -78.34 24.41 -30.41
C GLY P 60 -77.80 25.15 -31.62
N GLY P 61 -77.33 24.41 -32.63
CA GLY P 61 -76.81 25.05 -33.83
C GLY P 61 -75.39 25.56 -33.72
N LEU P 62 -74.67 25.19 -32.67
CA LEU P 62 -73.32 25.68 -32.45
C LEU P 62 -72.26 24.59 -32.62
N GLY P 63 -72.62 23.47 -33.26
CA GLY P 63 -71.65 22.43 -33.49
C GLY P 63 -70.58 22.85 -34.49
N THR P 64 -69.39 22.28 -34.35
CA THR P 64 -68.27 22.60 -35.22
C THR P 64 -67.84 21.41 -36.06
N GLN P 65 -68.79 20.55 -36.41
CA GLN P 65 -68.47 19.38 -37.22
C GLN P 65 -68.08 19.78 -38.65
N LYS P 66 -68.61 20.89 -39.15
CA LYS P 66 -68.30 21.33 -40.50
C LYS P 66 -66.87 21.83 -40.61
N ALA P 67 -66.39 22.59 -39.61
CA ALA P 67 -65.00 23.02 -39.61
C ALA P 67 -64.04 21.85 -39.43
N VAL P 68 -64.44 20.86 -38.60
CA VAL P 68 -63.64 19.65 -38.43
C VAL P 68 -63.53 18.89 -39.74
N ASP P 69 -64.65 18.78 -40.46
CA ASP P 69 -64.64 18.14 -41.78
C ASP P 69 -63.79 18.93 -42.78
N ASN P 70 -63.82 20.26 -42.70
CA ASN P 70 -62.98 21.08 -43.56
C ASN P 70 -61.51 20.84 -43.30
N VAL P 71 -61.12 20.72 -42.03
CA VAL P 71 -59.71 20.45 -41.72
C VAL P 71 -59.33 19.06 -42.19
N ASN P 72 -60.18 18.06 -41.92
CA ASN P 72 -59.80 16.69 -42.21
C ASN P 72 -59.85 16.36 -43.70
N ASN P 73 -60.72 17.04 -44.46
CA ASN P 73 -61.00 16.67 -45.84
C ASN P 73 -60.49 17.66 -46.87
N VAL P 74 -60.16 18.89 -46.47
CA VAL P 74 -59.72 19.92 -47.41
C VAL P 74 -58.35 20.46 -47.03
N ILE P 75 -58.20 20.94 -45.79
CA ILE P 75 -56.96 21.58 -45.37
C ILE P 75 -55.83 20.56 -45.24
N ALA P 76 -56.13 19.37 -44.71
CA ALA P 76 -55.09 18.39 -44.40
C ALA P 76 -54.39 17.90 -45.66
N GLU P 77 -55.14 17.67 -46.73
CA GLU P 77 -54.56 17.17 -47.97
C GLU P 77 -53.68 18.22 -48.63
N HIS P 78 -54.03 19.49 -48.48
CA HIS P 78 -53.19 20.56 -49.01
C HIS P 78 -51.97 20.81 -48.16
N ILE P 79 -52.07 20.65 -46.84
CA ILE P 79 -50.98 21.01 -45.93
C ILE P 79 -49.97 19.88 -45.75
N ILE P 80 -50.42 18.62 -45.78
CA ILE P 80 -49.53 17.48 -45.58
C ILE P 80 -48.48 17.45 -46.70
N GLY P 81 -47.23 17.39 -46.30
CA GLY P 81 -46.11 17.50 -47.21
C GLY P 81 -45.32 18.78 -47.04
N PHE P 82 -45.90 19.78 -46.39
CA PHE P 82 -45.18 21.02 -46.10
C PHE P 82 -44.14 20.79 -45.01
N ASP P 83 -43.16 21.69 -44.97
CA ASP P 83 -42.26 21.72 -43.82
C ASP P 83 -42.97 22.40 -42.66
N VAL P 84 -42.82 21.82 -41.46
CA VAL P 84 -43.55 22.31 -40.29
C VAL P 84 -43.08 23.70 -39.88
N ARG P 85 -41.83 24.06 -40.19
CA ARG P 85 -41.31 25.37 -39.86
C ARG P 85 -41.68 26.43 -40.89
N ASP P 86 -42.35 26.05 -41.97
CA ASP P 86 -42.82 27.00 -42.97
C ASP P 86 -44.18 27.54 -42.54
N GLN P 87 -44.17 28.31 -41.45
CA GLN P 87 -45.41 28.82 -40.88
C GLN P 87 -46.08 29.83 -41.82
N GLN P 88 -45.28 30.76 -42.36
CA GLN P 88 -45.84 31.77 -43.27
C GLN P 88 -46.37 31.11 -44.54
N GLY P 89 -45.62 30.15 -45.09
CA GLY P 89 -46.08 29.45 -46.29
C GLY P 89 -47.36 28.67 -46.08
N ILE P 90 -47.45 27.95 -44.95
CA ILE P 90 -48.66 27.20 -44.62
C ILE P 90 -49.85 28.13 -44.43
N ASP P 91 -49.64 29.25 -43.73
CA ASP P 91 -50.74 30.18 -43.45
C ASP P 91 -51.23 30.84 -44.74
N ARG P 92 -50.31 31.26 -45.62
CA ARG P 92 -50.72 31.86 -46.88
C ARG P 92 -51.35 30.84 -47.81
N ALA P 93 -50.89 29.58 -47.78
CA ALA P 93 -51.53 28.54 -48.57
C ALA P 93 -52.95 28.28 -48.10
N MET P 94 -53.17 28.29 -46.79
CA MET P 94 -54.53 28.11 -46.27
C MET P 94 -55.42 29.29 -46.61
N ILE P 95 -54.87 30.51 -46.56
CA ILE P 95 -55.64 31.70 -46.93
C ILE P 95 -56.03 31.66 -48.40
N ALA P 96 -55.10 31.26 -49.27
CA ALA P 96 -55.39 31.14 -50.69
C ALA P 96 -56.40 30.03 -50.98
N LEU P 97 -56.29 28.91 -50.25
CA LEU P 97 -57.22 27.80 -50.43
C LEU P 97 -58.63 28.19 -50.01
N ASP P 98 -58.75 28.96 -48.92
CA ASP P 98 -60.06 29.43 -48.48
C ASP P 98 -60.68 30.37 -49.51
N GLY P 99 -59.91 31.35 -49.98
CA GLY P 99 -60.32 32.19 -51.09
C GLY P 99 -61.22 33.35 -50.74
N THR P 100 -61.65 33.48 -49.48
CA THR P 100 -62.52 34.59 -49.12
C THR P 100 -61.82 35.51 -48.13
N PRO P 101 -62.06 36.83 -48.22
CA PRO P 101 -61.39 37.76 -47.30
C PRO P 101 -61.71 37.53 -45.83
N ASN P 102 -62.91 37.05 -45.52
CA ASN P 102 -63.35 36.84 -44.15
C ASN P 102 -63.16 35.40 -43.68
N LYS P 103 -62.54 34.55 -44.50
CA LYS P 103 -62.27 33.13 -44.17
C LYS P 103 -63.57 32.39 -43.84
N GLY P 104 -64.59 32.60 -44.66
CA GLY P 104 -65.89 32.02 -44.40
C GLY P 104 -66.12 30.66 -45.03
N LYS P 105 -65.37 30.35 -46.09
CA LYS P 105 -65.54 29.06 -46.76
C LYS P 105 -65.07 27.91 -45.89
N LEU P 106 -63.86 28.03 -45.32
CA LEU P 106 -63.33 27.01 -44.44
C LEU P 106 -63.56 27.32 -42.96
N GLY P 107 -63.93 28.56 -42.63
CA GLY P 107 -64.08 28.94 -41.24
C GLY P 107 -62.77 29.41 -40.66
N ALA P 108 -62.78 30.57 -39.99
CA ALA P 108 -61.58 31.10 -39.38
C ALA P 108 -61.08 30.22 -38.25
N ASN P 109 -61.98 29.49 -37.60
CA ASN P 109 -61.61 28.58 -36.52
C ASN P 109 -60.73 27.45 -37.04
N ALA P 110 -61.08 26.89 -38.20
CA ALA P 110 -60.28 25.83 -38.82
C ALA P 110 -58.88 26.32 -39.16
N ILE P 111 -58.81 27.49 -39.80
CA ILE P 111 -57.53 28.08 -40.20
C ILE P 111 -56.67 28.37 -38.97
N LEU P 112 -57.26 28.97 -37.93
CA LEU P 112 -56.52 29.29 -36.72
C LEU P 112 -56.03 28.05 -36.00
N GLY P 113 -56.87 27.01 -35.93
CA GLY P 113 -56.45 25.78 -35.30
C GLY P 113 -55.28 25.13 -36.00
N VAL P 114 -55.33 25.11 -37.34
CA VAL P 114 -54.21 24.53 -38.08
C VAL P 114 -52.96 25.39 -37.91
N SER P 115 -53.10 26.73 -37.89
CA SER P 115 -51.94 27.61 -37.71
C SER P 115 -51.28 27.39 -36.35
N ILE P 116 -52.08 27.33 -35.28
CA ILE P 116 -51.53 27.13 -33.95
C ILE P 116 -50.91 25.76 -33.82
N ALA P 117 -51.57 24.73 -34.36
CA ALA P 117 -51.03 23.37 -34.28
C ALA P 117 -49.71 23.24 -35.04
N VAL P 118 -49.61 23.88 -36.21
CA VAL P 118 -48.37 23.86 -36.98
C VAL P 118 -47.25 24.60 -36.25
N ALA P 119 -47.57 25.77 -35.67
CA ALA P 119 -46.55 26.52 -34.93
C ALA P 119 -46.04 25.75 -33.72
N ARG P 120 -46.95 25.12 -32.97
CA ARG P 120 -46.52 24.34 -31.81
C ARG P 120 -45.79 23.07 -32.19
N ALA P 121 -46.16 22.43 -33.30
CA ALA P 121 -45.42 21.28 -33.79
C ALA P 121 -44.02 21.68 -34.25
N ALA P 122 -43.89 22.87 -34.84
CA ALA P 122 -42.58 23.35 -35.24
C ALA P 122 -41.71 23.68 -34.03
N ALA P 123 -42.32 24.25 -32.98
CA ALA P 123 -41.58 24.48 -31.74
C ALA P 123 -41.16 23.17 -31.09
N ASP P 124 -42.02 22.15 -31.15
CA ASP P 124 -41.69 20.85 -30.59
C ASP P 124 -40.58 20.17 -31.37
N TYR P 125 -40.58 20.31 -32.70
CA TYR P 125 -39.56 19.71 -33.54
C TYR P 125 -38.19 20.33 -33.29
N LEU P 126 -38.14 21.65 -33.12
CA LEU P 126 -36.90 22.36 -32.87
C LEU P 126 -36.44 22.28 -31.41
N GLU P 127 -37.27 21.71 -30.55
CA GLU P 127 -37.00 21.54 -29.11
C GLU P 127 -36.74 22.89 -28.45
N VAL P 128 -37.52 23.89 -28.84
CA VAL P 128 -37.39 25.24 -28.32
C VAL P 128 -38.72 25.61 -27.69
N PRO P 129 -38.72 26.56 -26.74
CA PRO P 129 -39.99 27.08 -26.22
C PRO P 129 -40.79 27.76 -27.33
N LEU P 130 -42.12 27.74 -27.17
CA LEU P 130 -43.00 28.28 -28.20
C LEU P 130 -42.77 29.77 -28.42
N TYR P 131 -42.53 30.52 -27.34
CA TYR P 131 -42.26 31.95 -27.49
C TYR P 131 -40.93 32.20 -28.17
N SER P 132 -39.94 31.32 -27.96
CA SER P 132 -38.67 31.45 -28.66
C SER P 132 -38.82 31.19 -30.16
N TYR P 133 -39.60 30.18 -30.52
CA TYR P 133 -39.85 29.92 -31.94
C TYR P 133 -40.64 31.06 -32.58
N LEU P 134 -41.62 31.60 -31.86
CA LEU P 134 -42.48 32.63 -32.44
C LEU P 134 -41.76 33.97 -32.54
N GLY P 135 -40.97 34.34 -31.54
CA GLY P 135 -40.44 35.69 -31.47
C GLY P 135 -38.94 35.83 -31.57
N GLY P 136 -38.22 34.72 -31.67
CA GLY P 136 -36.78 34.75 -31.79
C GLY P 136 -36.09 34.61 -30.45
N PHE P 137 -34.84 35.07 -30.42
CA PHE P 137 -34.01 34.93 -29.23
C PHE P 137 -34.26 36.04 -28.22
N ASN P 138 -34.70 37.21 -28.66
CA ASN P 138 -34.83 38.38 -27.78
C ASN P 138 -36.25 38.51 -27.25
N THR P 139 -36.70 37.46 -26.57
CA THR P 139 -38.03 37.42 -25.96
C THR P 139 -37.85 37.41 -24.44
N LYS P 140 -38.15 38.55 -23.80
CA LYS P 140 -37.93 38.64 -22.37
C LYS P 140 -39.03 39.34 -21.58
N VAL P 141 -39.96 40.04 -22.23
CA VAL P 141 -40.84 40.97 -21.52
C VAL P 141 -42.13 40.26 -21.15
N LEU P 142 -42.37 40.13 -19.87
CA LEU P 142 -43.59 39.57 -19.34
C LEU P 142 -44.67 40.64 -19.38
N PRO P 143 -45.85 40.33 -19.94
CA PRO P 143 -46.87 41.36 -20.12
C PRO P 143 -47.46 41.84 -18.81
N THR P 144 -47.90 43.10 -18.82
CA THR P 144 -48.57 43.69 -17.68
C THR P 144 -50.05 43.35 -17.75
N PRO P 145 -50.59 42.59 -16.81
CA PRO P 145 -51.97 42.12 -16.94
C PRO P 145 -52.98 43.18 -16.53
N MET P 146 -54.07 43.23 -17.28
CA MET P 146 -55.30 43.94 -16.89
C MET P 146 -56.35 42.90 -16.48
N MET P 147 -56.38 42.62 -15.20
CA MET P 147 -57.28 41.61 -14.64
C MET P 147 -58.70 42.14 -14.49
N ASN P 148 -59.64 41.56 -15.23
CA ASN P 148 -61.05 41.95 -15.16
C ASN P 148 -61.61 41.53 -13.81
N ILE P 149 -61.91 42.49 -12.96
CA ILE P 149 -62.27 42.18 -11.58
C ILE P 149 -63.76 42.40 -11.33
N ILE P 150 -64.42 43.24 -12.12
CA ILE P 150 -65.83 43.57 -12.00
C ILE P 150 -66.42 43.64 -13.40
N ASN P 151 -67.61 43.10 -13.57
CA ASN P 151 -68.33 43.10 -14.83
C ASN P 151 -69.53 44.03 -14.74
N GLY P 152 -70.16 44.23 -15.89
CA GLY P 152 -71.26 45.17 -16.00
C GLY P 152 -71.83 45.14 -17.39
N GLY P 153 -72.74 46.07 -17.65
CA GLY P 153 -73.35 46.19 -18.96
C GLY P 153 -74.21 45.01 -19.33
N SER P 154 -73.86 44.34 -20.43
CA SER P 154 -74.59 43.16 -20.86
C SER P 154 -74.17 41.90 -20.13
N HIS P 155 -73.16 41.98 -19.27
CA HIS P 155 -72.73 40.86 -18.45
C HIS P 155 -73.21 40.93 -17.02
N SER P 156 -74.13 41.85 -16.73
CA SER P 156 -74.61 42.04 -15.36
C SER P 156 -75.98 42.69 -15.41
N ASP P 157 -76.74 42.53 -14.32
CA ASP P 157 -78.04 43.15 -14.17
C ASP P 157 -77.99 44.44 -13.38
N ALA P 158 -76.80 44.86 -12.94
CA ALA P 158 -76.64 46.12 -12.22
C ALA P 158 -76.82 47.29 -13.21
N PRO P 159 -77.19 48.49 -12.68
CA PRO P 159 -77.29 49.67 -13.60
C PRO P 159 -75.96 50.32 -13.89
N ILE P 160 -75.08 49.57 -14.54
CA ILE P 160 -73.78 50.06 -15.00
C ILE P 160 -73.68 49.78 -16.49
N ALA P 161 -73.34 50.81 -17.26
CA ALA P 161 -73.22 50.63 -18.71
C ALA P 161 -71.87 50.10 -19.12
N PHE P 162 -70.82 50.38 -18.34
CA PHE P 162 -69.48 49.94 -18.69
C PHE P 162 -69.37 48.44 -18.51
N GLN P 163 -68.85 47.76 -19.53
CA GLN P 163 -68.90 46.31 -19.57
C GLN P 163 -67.91 45.70 -18.57
N GLU P 164 -66.70 46.24 -18.47
CA GLU P 164 -65.68 45.64 -17.61
C GLU P 164 -64.91 46.71 -16.85
N PHE P 165 -64.56 46.38 -15.61
CA PHE P 165 -63.61 47.12 -14.80
C PHE P 165 -62.46 46.18 -14.47
N MET P 166 -61.24 46.69 -14.58
CA MET P 166 -60.05 45.87 -14.45
C MET P 166 -59.05 46.55 -13.52
N ILE P 167 -58.19 45.72 -12.92
CA ILE P 167 -57.09 46.19 -12.10
C ILE P 167 -55.80 45.93 -12.86
N VAL P 168 -54.90 46.93 -12.86
CA VAL P 168 -53.63 46.85 -13.55
C VAL P 168 -52.53 47.06 -12.53
N PRO P 169 -51.89 45.97 -12.08
CA PRO P 169 -50.79 46.08 -11.10
C PRO P 169 -49.47 46.45 -11.77
N ALA P 170 -49.42 47.68 -12.30
CA ALA P 170 -48.28 48.13 -13.09
C ALA P 170 -47.06 48.45 -12.24
N GLY P 171 -47.22 48.60 -10.94
CA GLY P 171 -46.11 48.93 -10.06
C GLY P 171 -45.37 47.75 -9.47
N ALA P 172 -45.72 46.53 -9.86
CA ALA P 172 -45.07 45.36 -9.30
C ALA P 172 -43.65 45.22 -9.85
N PRO P 173 -42.74 44.62 -9.07
CA PRO P 173 -41.36 44.45 -9.57
C PRO P 173 -41.25 43.33 -10.59
N THR P 174 -42.01 42.26 -10.42
CA THR P 174 -41.97 41.10 -11.29
C THR P 174 -43.40 40.69 -11.63
N PHE P 175 -43.53 39.80 -12.60
CA PHE P 175 -44.86 39.30 -12.95
C PHE P 175 -45.44 38.42 -11.85
N LYS P 176 -44.58 37.65 -11.16
CA LYS P 176 -45.01 36.85 -10.03
C LYS P 176 -45.66 37.72 -8.96
N GLU P 177 -45.03 38.85 -8.65
CA GLU P 177 -45.57 39.78 -7.67
C GLU P 177 -46.88 40.40 -8.17
N ALA P 178 -46.95 40.73 -9.47
CA ALA P 178 -48.18 41.30 -10.02
C ALA P 178 -49.35 40.32 -9.94
N LEU P 179 -49.08 39.05 -10.23
CA LEU P 179 -50.12 38.03 -10.14
C LEU P 179 -50.57 37.84 -8.70
N ARG P 180 -49.61 37.85 -7.75
CA ARG P 180 -49.96 37.73 -6.34
C ARG P 180 -50.81 38.90 -5.88
N TRP P 181 -50.44 40.12 -6.29
CA TRP P 181 -51.22 41.31 -5.95
C TRP P 181 -52.63 41.24 -6.52
N GLY P 182 -52.76 40.80 -7.77
CA GLY P 182 -54.07 40.68 -8.38
C GLY P 182 -54.94 39.65 -7.69
N ALA P 183 -54.35 38.50 -7.33
CA ALA P 183 -55.10 37.47 -6.62
C ALA P 183 -55.54 37.95 -5.24
N GLU P 184 -54.67 38.67 -4.54
CA GLU P 184 -55.02 39.16 -3.20
C GLU P 184 -56.09 40.25 -3.27
N ILE P 185 -56.03 41.12 -4.29
CA ILE P 185 -57.08 42.11 -4.48
C ILE P 185 -58.41 41.45 -4.85
N PHE P 186 -58.34 40.39 -5.66
CA PHE P 186 -59.53 39.61 -6.01
C PHE P 186 -60.19 39.01 -4.76
N HIS P 187 -59.37 38.42 -3.88
CA HIS P 187 -59.91 37.83 -2.66
C HIS P 187 -60.42 38.90 -1.69
N ALA P 188 -59.75 40.06 -1.63
CA ALA P 188 -60.21 41.15 -0.78
C ALA P 188 -61.56 41.69 -1.26
N LEU P 189 -61.73 41.82 -2.58
CA LEU P 189 -63.02 42.22 -3.13
C LEU P 189 -64.09 41.17 -2.89
N LYS P 190 -63.72 39.89 -2.98
CA LYS P 190 -64.64 38.80 -2.65
C LYS P 190 -65.15 38.93 -1.22
N LYS P 191 -64.23 39.18 -0.27
CA LYS P 191 -64.61 39.38 1.12
C LYS P 191 -65.47 40.62 1.31
N ILE P 192 -65.15 41.71 0.61
CA ILE P 192 -65.89 42.95 0.74
C ILE P 192 -67.32 42.78 0.24
N LEU P 193 -67.49 42.15 -0.92
CA LEU P 193 -68.82 41.89 -1.45
C LEU P 193 -69.60 40.90 -0.59
N LYS P 194 -68.92 39.91 0.00
CA LYS P 194 -69.59 38.98 0.89
C LYS P 194 -70.11 39.67 2.14
N GLU P 195 -69.29 40.53 2.74
CA GLU P 195 -69.73 41.25 3.93
C GLU P 195 -70.70 42.39 3.61
N ARG P 196 -70.77 42.80 2.34
CA ARG P 196 -71.74 43.82 1.94
C ARG P 196 -73.08 43.20 1.56
N GLY P 197 -73.10 41.91 1.23
CA GLY P 197 -74.32 41.22 0.86
C GLY P 197 -74.53 41.01 -0.61
N LEU P 198 -73.59 41.41 -1.46
CA LEU P 198 -73.73 41.29 -2.90
C LEU P 198 -73.28 39.91 -3.38
N GLU P 199 -73.39 39.69 -4.69
CA GLU P 199 -73.13 38.38 -5.25
C GLU P 199 -71.63 38.09 -5.32
N THR P 200 -71.30 36.80 -5.36
CA THR P 200 -69.92 36.33 -5.36
C THR P 200 -69.60 35.38 -6.51
N ALA P 201 -70.60 34.65 -7.01
CA ALA P 201 -70.37 33.70 -8.10
C ALA P 201 -69.80 34.39 -9.34
N VAL P 202 -68.79 33.77 -9.92
CA VAL P 202 -68.01 34.38 -11.01
C VAL P 202 -68.84 34.36 -12.29
N GLY P 203 -68.39 35.12 -13.28
CA GLY P 203 -69.04 35.21 -14.56
C GLY P 203 -68.30 34.43 -15.64
N ASP P 204 -68.40 34.93 -16.87
CA ASP P 204 -67.79 34.26 -18.00
C ASP P 204 -66.27 34.28 -17.95
N GLU P 205 -65.70 35.33 -17.33
CA GLU P 205 -64.26 35.53 -17.32
C GLU P 205 -63.71 35.49 -15.91
N GLY P 206 -64.51 35.06 -14.94
CA GLY P 206 -64.09 34.95 -13.58
C GLY P 206 -64.39 36.15 -12.70
N GLY P 207 -64.80 37.26 -13.26
CA GLY P 207 -65.08 38.43 -12.46
C GLY P 207 -66.43 38.35 -11.80
N PHE P 208 -66.68 39.31 -10.92
CA PHE P 208 -67.96 39.40 -10.23
C PHE P 208 -68.91 40.29 -11.01
N ALA P 209 -70.21 40.05 -10.86
CA ALA P 209 -71.23 40.99 -11.32
C ALA P 209 -72.19 41.40 -10.19
N PRO P 210 -71.76 42.23 -9.22
CA PRO P 210 -72.62 42.49 -8.06
C PRO P 210 -73.66 43.55 -8.41
N ARG P 211 -74.53 43.82 -7.44
CA ARG P 211 -75.64 44.76 -7.61
C ARG P 211 -75.21 46.15 -7.13
N PHE P 212 -74.33 46.77 -7.90
CA PHE P 212 -73.84 48.09 -7.57
C PHE P 212 -74.88 49.15 -7.91
N ASN P 213 -74.62 50.38 -7.46
CA ASN P 213 -75.49 51.51 -7.79
C ASN P 213 -75.12 52.17 -9.11
N GLY P 214 -73.88 52.01 -9.56
CA GLY P 214 -73.45 52.65 -10.78
C GLY P 214 -71.96 52.45 -10.98
N THR P 215 -71.42 53.18 -11.97
CA THR P 215 -70.00 53.08 -12.27
C THR P 215 -69.14 53.57 -11.11
N GLU P 216 -69.50 54.70 -10.52
CA GLU P 216 -68.71 55.29 -9.45
C GLU P 216 -68.66 54.37 -8.23
N ASP P 217 -69.78 53.75 -7.89
CA ASP P 217 -69.82 52.82 -6.76
C ASP P 217 -68.90 51.63 -6.99
N GLY P 218 -68.92 51.06 -8.20
CA GLY P 218 -68.05 49.94 -8.51
C GLY P 218 -66.58 50.29 -8.48
N VAL P 219 -66.22 51.45 -9.05
CA VAL P 219 -64.82 51.88 -9.03
C VAL P 219 -64.37 52.15 -7.60
N GLU P 220 -65.23 52.76 -6.78
CA GLU P 220 -64.88 53.00 -5.38
C GLU P 220 -64.70 51.70 -4.61
N THR P 221 -65.54 50.69 -4.88
CA THR P 221 -65.36 49.39 -4.23
C THR P 221 -64.07 48.72 -4.67
N ILE P 222 -63.69 48.88 -5.94
CA ILE P 222 -62.41 48.34 -6.41
C ILE P 222 -61.25 49.03 -5.71
N ILE P 223 -61.33 50.35 -5.55
CA ILE P 223 -60.29 51.10 -4.81
C ILE P 223 -60.21 50.63 -3.36
N LYS P 224 -61.37 50.39 -2.74
CA LYS P 224 -61.40 49.88 -1.37
C LYS P 224 -60.75 48.50 -1.27
N ALA P 225 -60.99 47.64 -2.27
CA ALA P 225 -60.35 46.33 -2.29
C ALA P 225 -58.84 46.44 -2.46
N ILE P 226 -58.40 47.37 -3.33
CA ILE P 226 -56.96 47.59 -3.53
C ILE P 226 -56.30 48.05 -2.23
N GLU P 227 -56.96 48.97 -1.52
CA GLU P 227 -56.39 49.47 -0.27
C GLU P 227 -56.44 48.43 0.84
N ALA P 228 -57.49 47.60 0.86
CA ALA P 228 -57.63 46.57 1.89
C ALA P 228 -56.65 45.43 1.69
N ALA P 229 -56.30 45.15 0.43
CA ALA P 229 -55.24 44.17 0.18
C ALA P 229 -53.87 44.67 0.62
N GLY P 230 -53.71 45.98 0.80
CA GLY P 230 -52.47 46.55 1.26
C GLY P 230 -51.63 47.23 0.20
N TYR P 231 -52.25 47.75 -0.86
CA TYR P 231 -51.52 48.39 -1.94
C TYR P 231 -52.07 49.79 -2.17
N VAL P 232 -51.30 50.59 -2.90
CA VAL P 232 -51.60 52.01 -3.10
C VAL P 232 -52.22 52.16 -4.48
N PRO P 233 -53.48 52.60 -4.57
CA PRO P 233 -54.03 52.96 -5.88
C PRO P 233 -53.30 54.14 -6.49
N GLY P 234 -53.11 54.11 -7.81
CA GLY P 234 -52.41 55.16 -8.51
C GLY P 234 -50.91 55.08 -8.47
N LYS P 235 -50.34 54.19 -7.68
CA LYS P 235 -48.90 53.97 -7.65
C LYS P 235 -48.54 52.51 -7.84
N ASP P 236 -49.29 51.60 -7.25
CA ASP P 236 -49.09 50.16 -7.39
C ASP P 236 -50.08 49.54 -8.35
N VAL P 237 -51.37 49.82 -8.16
CA VAL P 237 -52.45 49.25 -8.96
C VAL P 237 -53.30 50.37 -9.51
N PHE P 238 -53.67 50.28 -10.79
CA PHE P 238 -54.47 51.28 -11.48
C PHE P 238 -55.77 50.64 -11.92
N ILE P 239 -56.70 51.47 -12.41
CA ILE P 239 -58.00 51.03 -12.88
C ILE P 239 -57.98 51.02 -14.41
N GLY P 240 -58.74 50.10 -15.01
CA GLY P 240 -58.98 50.13 -16.43
C GLY P 240 -60.45 49.88 -16.73
N LEU P 241 -60.90 50.45 -17.84
CA LEU P 241 -62.29 50.39 -18.24
C LEU P 241 -62.40 49.70 -19.59
N ASP P 242 -63.44 48.90 -19.76
CA ASP P 242 -63.90 48.41 -21.05
C ASP P 242 -65.35 48.85 -21.12
N CYS P 243 -65.57 50.02 -21.72
CA CYS P 243 -66.90 50.62 -21.72
C CYS P 243 -67.87 49.85 -22.60
N ALA P 244 -67.38 49.22 -23.68
CA ALA P 244 -68.19 48.64 -24.75
C ALA P 244 -69.22 49.64 -25.24
N SER P 245 -68.73 50.82 -25.58
CA SER P 245 -69.59 51.95 -25.86
C SER P 245 -70.46 51.74 -27.09
N SER P 246 -70.11 50.79 -27.96
CA SER P 246 -70.94 50.47 -29.11
C SER P 246 -72.24 49.76 -28.73
N GLU P 247 -72.36 49.24 -27.50
CA GLU P 247 -73.59 48.58 -27.09
C GLU P 247 -74.70 49.58 -26.77
N PHE P 248 -74.36 50.73 -26.19
CA PHE P 248 -75.34 51.73 -25.81
C PHE P 248 -75.21 53.01 -26.64
N TYR P 249 -74.74 52.88 -27.88
CA TYR P 249 -74.71 53.99 -28.82
C TYR P 249 -75.83 53.83 -29.83
N ASP P 250 -76.60 54.90 -30.03
CA ASP P 250 -77.75 54.88 -30.91
C ASP P 250 -77.27 55.67 -32.13
N ALA P 251 -77.15 55.02 -33.30
CA ALA P 251 -76.63 55.70 -34.50
C ALA P 251 -77.65 56.65 -35.13
N GLU P 252 -78.93 56.48 -34.82
CA GLU P 252 -79.99 57.33 -35.35
C GLU P 252 -79.87 58.77 -34.87
N HIS P 253 -79.72 58.98 -33.58
CA HIS P 253 -79.57 60.32 -33.04
C HIS P 253 -78.14 60.65 -32.67
N LYS P 254 -77.18 59.74 -32.93
CA LYS P 254 -75.76 59.94 -32.67
C LYS P 254 -75.50 60.29 -31.20
N VAL P 255 -76.05 59.47 -30.30
CA VAL P 255 -75.94 59.69 -28.87
C VAL P 255 -75.54 58.39 -28.20
N TYR P 256 -75.09 58.49 -26.97
CA TYR P 256 -74.68 57.38 -26.12
C TYR P 256 -75.70 57.30 -25.00
N GLY P 257 -76.77 56.56 -25.24
CA GLY P 257 -77.84 56.47 -24.28
C GLY P 257 -77.54 55.46 -23.19
N TYR P 258 -77.13 55.96 -22.03
CA TYR P 258 -76.83 55.10 -20.89
C TYR P 258 -78.08 54.48 -20.29
N THR P 259 -79.27 54.93 -20.71
CA THR P 259 -80.53 54.41 -20.18
C THR P 259 -80.77 52.94 -20.52
N LYS P 260 -80.04 52.39 -21.50
CA LYS P 260 -80.18 50.99 -21.85
C LYS P 260 -79.79 50.09 -20.68
N PHE P 261 -78.72 50.43 -19.97
CA PHE P 261 -78.25 49.63 -18.85
C PHE P 261 -78.46 50.27 -17.49
N GLU P 262 -78.47 51.60 -17.40
CA GLU P 262 -78.46 52.31 -16.14
C GLU P 262 -79.83 52.86 -15.74
N GLY P 263 -80.90 52.43 -16.42
CA GLY P 263 -82.23 52.83 -16.04
C GLY P 263 -82.65 54.16 -16.64
N GLU P 264 -83.90 54.54 -16.33
CA GLU P 264 -84.49 55.74 -16.91
C GLU P 264 -83.85 57.03 -16.41
N GLY P 265 -83.15 56.99 -15.27
CA GLY P 265 -82.48 58.17 -14.76
C GLY P 265 -81.11 58.42 -15.33
N ALA P 266 -80.66 57.60 -16.27
CA ALA P 266 -79.33 57.75 -16.83
C ALA P 266 -79.28 58.95 -17.78
N ALA P 267 -78.06 59.34 -18.11
CA ALA P 267 -77.82 60.52 -18.94
C ALA P 267 -77.50 60.10 -20.37
N VAL P 268 -78.18 60.75 -21.32
CA VAL P 268 -77.90 60.54 -22.73
C VAL P 268 -76.88 61.58 -23.17
N ARG P 269 -75.73 61.13 -23.63
CA ARG P 269 -74.58 61.99 -23.89
C ARG P 269 -74.24 62.01 -25.38
N THR P 270 -73.90 63.18 -25.90
CA THR P 270 -73.36 63.26 -27.25
C THR P 270 -71.86 62.91 -27.17
N ALA P 271 -71.13 62.96 -28.29
CA ALA P 271 -69.71 62.60 -28.29
C ALA P 271 -68.90 63.51 -27.38
N ALA P 272 -69.17 64.82 -27.41
CA ALA P 272 -68.47 65.76 -26.53
C ALA P 272 -68.78 65.49 -25.05
N GLU P 273 -70.05 65.21 -24.74
CA GLU P 273 -70.42 64.88 -23.37
C GLU P 273 -69.81 63.55 -22.93
N GLN P 274 -69.66 62.60 -23.85
CA GLN P 274 -69.05 61.32 -23.52
C GLN P 274 -67.56 61.54 -23.23
N ILE P 275 -66.91 62.43 -23.99
CA ILE P 275 -65.50 62.67 -23.74
C ILE P 275 -65.34 63.40 -22.41
N ASP P 276 -66.26 64.33 -22.10
CA ASP P 276 -66.23 65.01 -20.81
C ASP P 276 -66.42 64.05 -19.65
N TYR P 277 -67.34 63.09 -19.79
CA TYR P 277 -67.56 62.09 -18.76
C TYR P 277 -66.34 61.21 -18.55
N LEU P 278 -65.72 60.76 -19.66
CA LEU P 278 -64.51 59.94 -19.55
C LEU P 278 -63.36 60.73 -18.94
N GLU P 279 -63.26 62.02 -19.27
CA GLU P 279 -62.17 62.84 -18.73
C GLU P 279 -62.37 63.06 -17.24
N GLU P 280 -63.61 63.30 -16.80
CA GLU P 280 -63.88 63.46 -15.38
C GLU P 280 -63.65 62.17 -14.60
N LEU P 281 -63.95 61.02 -15.23
CA LEU P 281 -63.62 59.74 -14.62
C LEU P 281 -62.12 59.56 -14.48
N VAL P 282 -61.36 59.94 -15.50
CA VAL P 282 -59.90 59.84 -15.45
C VAL P 282 -59.33 60.76 -14.37
N ASN P 283 -59.90 61.96 -14.24
CA ASN P 283 -59.44 62.88 -13.20
C ASN P 283 -59.76 62.34 -11.81
N LYS P 284 -60.94 61.76 -11.63
CA LYS P 284 -61.35 61.31 -10.30
C LYS P 284 -60.57 60.09 -9.84
N TYR P 285 -60.44 59.09 -10.69
CA TYR P 285 -59.89 57.80 -10.34
C TYR P 285 -58.56 57.56 -11.04
N PRO P 286 -57.71 56.65 -10.53
CA PRO P 286 -56.45 56.33 -11.22
C PRO P 286 -56.64 55.42 -12.43
N ILE P 287 -57.41 55.88 -13.41
CA ILE P 287 -57.74 55.09 -14.59
C ILE P 287 -56.64 55.30 -15.62
N ILE P 288 -56.04 54.20 -16.07
CA ILE P 288 -54.96 54.27 -17.04
C ILE P 288 -55.40 53.77 -18.41
N THR P 289 -56.42 52.90 -18.49
CA THR P 289 -56.84 52.31 -19.75
C THR P 289 -58.34 52.53 -19.92
N ILE P 290 -58.73 52.92 -21.12
CA ILE P 290 -60.13 52.97 -21.54
C ILE P 290 -60.24 52.24 -22.86
N GLU P 291 -61.00 51.16 -22.89
CA GLU P 291 -61.16 50.33 -24.07
C GLU P 291 -62.55 50.53 -24.64
N ASP P 292 -62.62 50.77 -25.95
CA ASP P 292 -63.86 50.98 -26.70
C ASP P 292 -64.70 52.08 -26.04
N GLY P 293 -64.05 53.22 -25.78
CA GLY P 293 -64.75 54.33 -25.18
C GLY P 293 -65.67 55.07 -26.12
N MET P 294 -65.64 54.72 -27.40
CA MET P 294 -66.50 55.31 -28.41
C MET P 294 -67.02 54.21 -29.32
N ASP P 295 -68.04 54.53 -30.10
CA ASP P 295 -68.65 53.55 -30.99
C ASP P 295 -67.65 53.15 -32.08
N GLU P 296 -67.81 51.90 -32.55
CA GLU P 296 -66.90 51.34 -33.56
C GLU P 296 -66.95 52.11 -34.88
N ASN P 297 -68.02 52.88 -35.12
CA ASN P 297 -68.17 53.64 -36.35
C ASN P 297 -68.16 55.16 -36.11
N ASP P 298 -67.76 55.61 -34.92
CA ASP P 298 -67.69 57.04 -34.62
C ASP P 298 -66.23 57.46 -34.69
N TRP P 299 -65.78 57.76 -35.92
CA TRP P 299 -64.38 58.08 -36.14
C TRP P 299 -64.04 59.49 -35.65
N ASP P 300 -64.95 60.45 -35.84
CA ASP P 300 -64.73 61.80 -35.33
C ASP P 300 -64.69 61.81 -33.81
N GLY P 301 -65.59 61.05 -33.17
CA GLY P 301 -65.56 60.94 -31.72
C GLY P 301 -64.28 60.28 -31.21
N TRP P 302 -63.80 59.26 -31.93
CA TRP P 302 -62.54 58.63 -31.56
C TRP P 302 -61.37 59.59 -31.70
N LYS P 303 -61.35 60.39 -32.77
CA LYS P 303 -60.26 61.36 -32.96
C LYS P 303 -60.29 62.43 -31.87
N ALA P 304 -61.47 62.92 -31.52
CA ALA P 304 -61.57 63.90 -30.45
C ALA P 304 -61.17 63.31 -29.11
N LEU P 305 -61.53 62.05 -28.86
CA LEU P 305 -61.14 61.37 -27.62
C LEU P 305 -59.64 61.18 -27.52
N THR P 306 -58.99 60.83 -28.65
CA THR P 306 -57.53 60.71 -28.66
C THR P 306 -56.86 62.07 -28.51
N GLU P 307 -57.46 63.13 -29.04
CA GLU P 307 -56.91 64.46 -28.82
C GLU P 307 -56.99 64.88 -27.36
N ARG P 308 -58.11 64.58 -26.70
CA ARG P 308 -58.31 64.99 -25.31
C ARG P 308 -57.51 64.14 -24.33
N LEU P 309 -57.65 62.82 -24.41
CA LEU P 309 -57.10 61.93 -23.39
C LEU P 309 -55.97 61.04 -23.89
N GLY P 310 -55.54 61.18 -25.15
CA GLY P 310 -54.57 60.24 -25.67
C GLY P 310 -53.15 60.41 -25.15
N GLY P 311 -52.88 61.49 -24.43
CA GLY P 311 -51.54 61.71 -23.91
C GLY P 311 -51.27 61.04 -22.58
N LYS P 312 -52.32 60.87 -21.76
CA LYS P 312 -52.14 60.35 -20.42
C LYS P 312 -52.76 58.98 -20.19
N VAL P 313 -53.84 58.63 -20.90
CA VAL P 313 -54.47 57.33 -20.74
C VAL P 313 -54.38 56.58 -22.07
N GLN P 314 -54.50 55.26 -21.99
CA GLN P 314 -54.41 54.37 -23.12
C GLN P 314 -55.82 54.07 -23.61
N LEU P 315 -56.11 54.45 -24.83
CA LEU P 315 -57.37 54.20 -25.52
C LEU P 315 -57.20 53.00 -26.45
N VAL P 316 -57.92 51.93 -26.17
CA VAL P 316 -57.79 50.66 -26.88
C VAL P 316 -58.95 50.53 -27.86
N GLY P 317 -58.64 50.17 -29.10
CA GLY P 317 -59.68 49.88 -30.07
C GLY P 317 -59.95 48.40 -30.18
N ASP P 318 -61.02 47.94 -29.55
CA ASP P 318 -61.41 46.53 -29.62
C ASP P 318 -62.35 46.26 -30.79
N ASP P 319 -63.53 46.88 -30.75
CA ASP P 319 -64.43 46.83 -31.90
C ASP P 319 -64.10 47.90 -32.92
N PHE P 320 -63.22 48.84 -32.60
CA PHE P 320 -62.87 49.89 -33.57
C PHE P 320 -62.07 49.32 -34.71
N PHE P 321 -61.03 48.59 -34.39
CA PHE P 321 -60.10 47.99 -35.32
C PHE P 321 -60.36 46.59 -35.70
N VAL P 322 -60.99 45.81 -34.84
CA VAL P 322 -61.41 44.47 -35.16
C VAL P 322 -60.24 43.59 -35.68
N THR P 323 -59.04 43.65 -35.03
CA THR P 323 -57.76 42.99 -35.44
C THR P 323 -57.63 43.03 -36.97
N ASN P 324 -57.89 44.21 -37.54
CA ASN P 324 -57.88 44.40 -38.99
C ASN P 324 -56.85 45.44 -39.26
N THR P 325 -55.82 45.05 -39.98
CA THR P 325 -54.75 45.96 -40.33
C THR P 325 -55.24 47.08 -41.22
N ALA P 326 -56.36 46.91 -41.93
CA ALA P 326 -56.95 48.00 -42.71
C ALA P 326 -57.52 49.11 -41.82
N TYR P 327 -58.24 48.71 -40.78
CA TYR P 327 -58.84 49.66 -39.86
C TYR P 327 -57.77 50.27 -38.97
N LEU P 328 -56.74 49.48 -38.66
CA LEU P 328 -55.61 49.99 -37.89
C LEU P 328 -54.87 51.05 -38.66
N GLU P 329 -54.46 50.76 -39.93
CA GLU P 329 -53.89 51.75 -40.84
C GLU P 329 -54.68 53.04 -40.88
N LYS P 330 -56.01 52.93 -41.05
CA LYS P 330 -56.84 54.11 -41.07
C LYS P 330 -56.71 54.83 -39.73
N GLY P 331 -56.98 54.16 -38.60
CA GLY P 331 -56.83 54.80 -37.28
C GLY P 331 -55.48 55.45 -37.00
N ILE P 332 -54.37 54.77 -37.36
CA ILE P 332 -53.01 55.31 -37.22
C ILE P 332 -52.84 56.58 -38.05
N ALA P 333 -53.44 56.59 -39.24
CA ALA P 333 -53.41 57.75 -40.11
C ALA P 333 -54.21 58.92 -39.53
N GLU P 334 -55.39 58.68 -38.94
CA GLU P 334 -56.20 59.80 -38.49
C GLU P 334 -56.06 60.02 -37.00
N HIS P 335 -55.05 59.43 -36.37
CA HIS P 335 -54.77 59.57 -34.95
C HIS P 335 -56.00 59.24 -34.11
N ALA P 336 -56.51 58.04 -34.30
CA ALA P 336 -57.67 57.54 -33.57
C ALA P 336 -57.19 56.35 -32.78
N ALA P 337 -57.27 56.43 -31.44
CA ALA P 337 -56.81 55.48 -30.41
C ALA P 337 -55.29 55.54 -30.26
N ASN P 338 -54.75 54.77 -29.31
CA ASN P 338 -53.31 54.67 -29.12
C ASN P 338 -52.92 53.22 -28.82
N SER P 339 -53.88 52.29 -28.93
CA SER P 339 -53.67 50.87 -28.68
C SER P 339 -54.66 50.06 -29.53
N ILE P 340 -54.37 48.77 -29.72
CA ILE P 340 -55.29 47.85 -30.40
C ILE P 340 -55.44 46.59 -29.54
N LEU P 341 -56.67 46.07 -29.42
CA LEU P 341 -56.84 44.80 -28.74
C LEU P 341 -56.68 43.74 -29.84
N ILE P 342 -55.78 42.78 -29.64
CA ILE P 342 -55.47 41.76 -30.63
C ILE P 342 -56.13 40.45 -30.21
N LYS P 343 -57.19 40.06 -30.92
CA LYS P 343 -57.87 38.78 -30.71
C LYS P 343 -57.51 37.90 -31.91
N VAL P 344 -56.71 36.84 -31.66
CA VAL P 344 -56.10 36.01 -32.71
C VAL P 344 -57.15 35.34 -33.62
N ASN P 345 -58.36 35.11 -33.12
CA ASN P 345 -59.39 34.45 -33.89
C ASN P 345 -60.22 35.44 -34.68
N GLN P 346 -60.00 36.73 -34.46
CA GLN P 346 -60.73 37.72 -35.21
C GLN P 346 -59.99 37.94 -36.52
N ILE P 347 -58.79 37.40 -36.66
CA ILE P 347 -58.08 37.57 -37.92
C ILE P 347 -57.87 36.24 -38.64
N GLY P 348 -57.57 35.17 -37.90
CA GLY P 348 -57.56 33.83 -38.43
C GLY P 348 -56.22 33.13 -38.46
N THR P 349 -55.11 33.84 -38.49
CA THR P 349 -53.80 33.19 -38.60
C THR P 349 -52.83 33.85 -37.64
N LEU P 350 -51.73 33.15 -37.36
CA LEU P 350 -50.66 33.73 -36.55
C LEU P 350 -49.82 34.73 -37.32
N THR P 351 -49.62 34.49 -38.64
CA THR P 351 -48.86 35.42 -39.46
C THR P 351 -49.51 36.80 -39.51
N GLU P 352 -50.82 36.84 -39.72
CA GLU P 352 -51.52 38.12 -39.75
C GLU P 352 -51.63 38.75 -38.36
N THR P 353 -51.72 37.94 -37.30
CA THR P 353 -51.66 38.47 -35.94
C THR P 353 -50.35 39.18 -35.68
N PHE P 354 -49.24 38.55 -36.07
CA PHE P 354 -47.94 39.18 -35.87
C PHE P 354 -47.75 40.39 -36.78
N ASP P 355 -48.36 40.36 -37.97
CA ASP P 355 -48.33 41.52 -38.85
C ASP P 355 -49.10 42.69 -38.23
N ALA P 356 -50.24 42.42 -37.60
CA ALA P 356 -50.98 43.48 -36.95
C ALA P 356 -50.22 44.03 -35.74
N ILE P 357 -49.57 43.15 -34.97
CA ILE P 357 -48.79 43.58 -33.82
C ILE P 357 -47.62 44.45 -34.26
N GLU P 358 -46.94 44.07 -35.35
CA GLU P 358 -45.79 44.86 -35.80
C GLU P 358 -46.25 46.21 -36.38
N MET P 359 -47.39 46.24 -37.07
CA MET P 359 -47.91 47.52 -37.56
C MET P 359 -48.32 48.44 -36.42
N ALA P 360 -48.92 47.88 -35.37
CA ALA P 360 -49.25 48.67 -34.20
C ALA P 360 -48.01 49.19 -33.50
N LYS P 361 -46.97 48.36 -33.39
CA LYS P 361 -45.74 48.79 -32.73
C LYS P 361 -45.04 49.89 -33.51
N GLU P 362 -45.02 49.79 -34.84
CA GLU P 362 -44.36 50.80 -35.67
C GLU P 362 -45.02 52.17 -35.62
N ALA P 363 -46.26 52.23 -35.14
CA ALA P 363 -46.98 53.49 -35.05
C ALA P 363 -46.96 54.09 -33.65
N GLY P 364 -46.23 53.50 -32.72
CA GLY P 364 -46.27 53.92 -31.33
C GLY P 364 -47.44 53.40 -30.55
N TYR P 365 -48.28 52.57 -31.15
CA TYR P 365 -49.42 51.97 -30.49
C TYR P 365 -48.97 50.75 -29.69
N THR P 366 -49.76 50.41 -28.67
CA THR P 366 -49.53 49.20 -27.91
C THR P 366 -50.50 48.12 -28.37
N ALA P 367 -50.05 46.88 -28.37
CA ALA P 367 -50.89 45.76 -28.76
C ALA P 367 -51.19 44.94 -27.50
N VAL P 368 -52.46 44.78 -27.19
CA VAL P 368 -52.91 44.03 -26.02
C VAL P 368 -53.47 42.71 -26.52
N VAL P 369 -52.77 41.61 -26.23
CA VAL P 369 -53.25 40.29 -26.63
C VAL P 369 -54.39 39.89 -25.71
N SER P 370 -55.52 39.49 -26.27
CA SER P 370 -56.73 39.31 -25.50
C SER P 370 -57.27 37.91 -25.60
N HIS P 371 -58.09 37.57 -24.61
CA HIS P 371 -58.82 36.33 -24.57
C HIS P 371 -60.15 36.50 -25.30
N ARG P 372 -60.93 35.43 -25.28
CA ARG P 372 -62.31 35.43 -25.76
C ARG P 372 -63.23 35.00 -24.63
N SER P 373 -64.53 35.18 -24.85
CA SER P 373 -65.51 34.75 -23.87
C SER P 373 -65.48 33.24 -23.66
N GLY P 374 -65.42 32.48 -24.73
CA GLY P 374 -65.23 31.05 -24.61
C GLY P 374 -63.80 30.65 -24.83
N GLU P 375 -63.05 30.44 -23.75
CA GLU P 375 -61.65 30.09 -23.83
C GLU P 375 -61.48 28.61 -23.60
N THR P 376 -60.22 28.16 -23.63
CA THR P 376 -59.90 26.74 -23.54
C THR P 376 -58.65 26.58 -22.68
N GLU P 377 -58.19 25.35 -22.54
CA GLU P 377 -56.95 25.10 -21.81
C GLU P 377 -55.71 25.53 -22.59
N ASP P 378 -55.86 25.78 -23.89
CA ASP P 378 -54.79 26.34 -24.70
C ASP P 378 -54.33 27.69 -24.15
N SER P 379 -53.03 27.87 -24.03
CA SER P 379 -52.43 29.07 -23.47
C SER P 379 -51.43 29.66 -24.44
N THR P 380 -51.78 29.70 -25.73
CA THR P 380 -50.88 30.22 -26.76
C THR P 380 -50.79 31.74 -26.74
N ILE P 381 -51.85 32.44 -26.30
CA ILE P 381 -51.81 33.89 -26.31
C ILE P 381 -50.77 34.43 -25.33
N ALA P 382 -50.47 33.69 -24.27
CA ALA P 382 -49.37 34.07 -23.38
C ALA P 382 -48.04 34.01 -24.11
N ASP P 383 -47.81 32.95 -24.88
CA ASP P 383 -46.60 32.83 -25.69
C ASP P 383 -46.55 33.89 -26.78
N ILE P 384 -47.70 34.31 -27.30
CA ILE P 384 -47.73 35.37 -28.29
C ILE P 384 -47.37 36.71 -27.65
N ALA P 385 -47.92 36.99 -26.47
CA ALA P 385 -47.63 38.24 -25.78
C ALA P 385 -46.16 38.34 -25.38
N VAL P 386 -45.57 37.24 -24.92
CA VAL P 386 -44.16 37.25 -24.56
C VAL P 386 -43.29 37.30 -25.83
N ALA P 387 -43.69 36.58 -26.87
CA ALA P 387 -42.86 36.45 -28.07
C ALA P 387 -42.74 37.78 -28.82
N THR P 388 -43.81 38.57 -28.82
CA THR P 388 -43.79 39.86 -29.50
C THR P 388 -43.27 40.99 -28.62
N ASN P 389 -43.01 40.71 -27.33
CA ASN P 389 -42.66 41.73 -26.32
C ASN P 389 -43.71 42.83 -26.28
N ALA P 390 -44.99 42.41 -26.37
CA ALA P 390 -46.09 43.38 -26.39
C ALA P 390 -46.18 44.14 -25.09
N GLY P 391 -45.91 43.47 -23.98
CA GLY P 391 -45.89 44.12 -22.69
C GLY P 391 -47.23 44.29 -22.03
N GLN P 392 -48.31 43.83 -22.66
CA GLN P 392 -49.65 43.91 -22.09
C GLN P 392 -50.45 42.69 -22.51
N ILE P 393 -51.26 42.18 -21.58
CA ILE P 393 -52.15 41.05 -21.85
C ILE P 393 -53.47 41.28 -21.13
N LYS P 394 -54.54 40.81 -21.74
CA LYS P 394 -55.89 40.85 -21.17
C LYS P 394 -56.43 39.43 -21.24
N THR P 395 -56.28 38.67 -20.16
CA THR P 395 -56.64 37.25 -20.18
C THR P 395 -57.60 36.89 -19.04
N GLY P 396 -58.32 37.85 -18.50
CA GLY P 396 -59.41 37.54 -17.59
C GLY P 396 -59.08 37.78 -16.13
N SER P 397 -59.92 37.22 -15.27
CA SER P 397 -59.85 37.42 -13.83
C SER P 397 -58.94 36.35 -13.25
N LEU P 398 -59.04 36.09 -11.96
CA LEU P 398 -58.11 35.26 -11.24
C LEU P 398 -58.87 34.09 -10.67
N SER P 399 -59.86 33.60 -11.43
CA SER P 399 -60.69 32.55 -10.84
C SER P 399 -61.29 31.54 -11.81
N ARG P 400 -60.65 31.20 -12.93
CA ARG P 400 -61.17 30.09 -13.71
C ARG P 400 -59.99 29.62 -14.55
N THR P 401 -59.73 28.30 -14.73
CA THR P 401 -58.52 27.84 -15.45
C THR P 401 -58.41 28.40 -16.85
N ASP P 402 -59.55 28.61 -17.52
CA ASP P 402 -59.62 29.26 -18.83
C ASP P 402 -58.91 30.63 -18.82
N ARG P 403 -58.80 31.25 -17.65
CA ARG P 403 -58.03 32.45 -17.41
C ARG P 403 -56.74 32.16 -16.65
N ILE P 404 -56.76 31.25 -15.66
CA ILE P 404 -55.61 30.92 -14.83
C ILE P 404 -54.53 30.20 -15.63
N ALA P 405 -54.91 29.53 -16.72
CA ALA P 405 -53.97 28.79 -17.54
C ALA P 405 -52.98 29.72 -18.21
N LYS P 406 -53.42 30.89 -18.65
CA LYS P 406 -52.51 31.85 -19.27
C LYS P 406 -51.59 32.46 -18.24
N TYR P 407 -52.10 32.75 -17.04
CA TYR P 407 -51.25 33.25 -15.96
C TYR P 407 -50.23 32.20 -15.54
N ASN P 408 -50.63 30.93 -15.53
CA ASN P 408 -49.72 29.84 -15.19
C ASN P 408 -48.65 29.68 -16.26
N GLN P 409 -49.03 29.84 -17.52
CA GLN P 409 -48.06 29.78 -18.61
C GLN P 409 -47.08 30.95 -18.53
N LEU P 410 -47.58 32.13 -18.14
CA LEU P 410 -46.69 33.27 -17.96
C LEU P 410 -45.74 33.07 -16.78
N LEU P 411 -46.22 32.43 -15.70
CA LEU P 411 -45.34 32.07 -14.60
C LEU P 411 -44.27 31.08 -15.03
N ARG P 412 -44.65 30.09 -15.85
CA ARG P 412 -43.69 29.15 -16.41
C ARG P 412 -42.65 29.84 -17.28
N ILE P 413 -43.09 30.79 -18.10
CA ILE P 413 -42.18 31.52 -18.98
C ILE P 413 -41.21 32.37 -18.17
N GLU P 414 -41.71 33.03 -17.12
CA GLU P 414 -40.83 33.81 -16.26
C GLU P 414 -39.81 32.94 -15.55
N ASP P 415 -40.25 31.77 -15.06
CA ASP P 415 -39.34 30.85 -14.39
C ASP P 415 -38.29 30.34 -15.37
N GLN P 416 -38.71 30.05 -16.59
CA GLN P 416 -37.77 29.57 -17.59
C GLN P 416 -36.76 30.66 -18.00
N LEU P 417 -37.22 31.89 -18.20
CA LEU P 417 -36.32 32.98 -18.57
C LEU P 417 -35.34 33.30 -17.45
N GLY P 418 -35.80 33.26 -16.21
CA GLY P 418 -34.88 33.44 -15.09
C GLY P 418 -34.56 34.89 -14.88
N GLU P 419 -33.26 35.19 -14.81
CA GLU P 419 -32.82 36.57 -14.59
C GLU P 419 -32.98 37.43 -15.83
N VAL P 420 -33.12 36.81 -17.01
CA VAL P 420 -33.30 37.56 -18.24
C VAL P 420 -34.68 38.21 -18.27
N ALA P 421 -35.67 37.60 -17.63
CA ALA P 421 -37.06 38.06 -17.67
C ALA P 421 -37.20 39.49 -17.15
N GLU P 422 -38.00 40.28 -17.85
CA GLU P 422 -38.23 41.68 -17.53
C GLU P 422 -39.71 41.92 -17.38
N TYR P 423 -40.07 42.75 -16.40
CA TYR P 423 -41.46 43.17 -16.20
C TYR P 423 -41.46 44.69 -16.16
N ARG P 424 -41.74 45.31 -17.32
CA ARG P 424 -41.65 46.77 -17.43
C ARG P 424 -42.70 47.45 -16.58
N GLY P 425 -43.90 46.88 -16.52
CA GLY P 425 -44.98 47.48 -15.76
C GLY P 425 -45.46 48.77 -16.39
N LEU P 426 -45.28 49.89 -15.69
CA LEU P 426 -45.70 51.19 -16.23
C LEU P 426 -44.92 51.56 -17.49
N LYS P 427 -43.69 51.06 -17.62
CA LYS P 427 -42.90 51.30 -18.82
C LYS P 427 -43.43 50.55 -20.04
N SER P 428 -44.34 49.57 -19.84
CA SER P 428 -44.92 48.91 -21.00
C SER P 428 -46.02 49.75 -21.66
N PHE P 429 -46.41 50.87 -21.03
CA PHE P 429 -47.33 51.82 -21.63
C PHE P 429 -46.51 52.91 -22.34
N TYR P 430 -45.82 52.50 -23.40
CA TYR P 430 -44.94 53.41 -24.12
C TYR P 430 -45.68 54.37 -25.04
N ASN P 431 -47.00 54.28 -25.12
CA ASN P 431 -47.82 55.14 -25.93
C ASN P 431 -48.25 56.39 -25.20
N LEU P 432 -47.79 56.58 -23.95
CA LEU P 432 -48.24 57.69 -23.09
C LEU P 432 -47.04 58.53 -22.72
N LYS P 433 -47.26 59.83 -22.58
CA LYS P 433 -46.20 60.72 -22.13
C LYS P 433 -45.93 60.49 -20.66
N LYS P 434 -44.73 60.89 -20.23
CA LYS P 434 -44.24 60.75 -18.85
C LYS P 434 -44.28 59.29 -18.39
N MET Q 1 -31.31 6.70 -20.54
CA MET Q 1 -32.19 7.48 -21.40
C MET Q 1 -33.56 7.63 -20.72
N SER Q 2 -33.86 6.70 -19.83
CA SER Q 2 -35.05 6.77 -18.99
C SER Q 2 -34.71 7.13 -17.55
N ILE Q 3 -33.46 7.50 -17.28
CA ILE Q 3 -33.05 7.84 -15.92
C ILE Q 3 -33.52 9.26 -15.62
N ILE Q 4 -34.22 9.45 -14.50
CA ILE Q 4 -34.68 10.77 -14.09
C ILE Q 4 -33.48 11.66 -13.81
N THR Q 5 -33.33 12.70 -14.62
CA THR Q 5 -32.21 13.62 -14.53
C THR Q 5 -32.56 14.91 -13.82
N ASP Q 6 -33.76 15.45 -14.02
CA ASP Q 6 -34.11 16.75 -13.48
C ASP Q 6 -35.52 16.74 -12.92
N VAL Q 7 -35.69 17.28 -11.72
CA VAL Q 7 -37.00 17.43 -11.09
C VAL Q 7 -37.11 18.87 -10.62
N TYR Q 8 -37.93 19.67 -11.31
CA TYR Q 8 -38.16 21.05 -10.97
C TYR Q 8 -39.57 21.23 -10.45
N ALA Q 9 -39.76 22.20 -9.57
CA ALA Q 9 -41.07 22.54 -9.06
C ALA Q 9 -41.24 24.04 -9.07
N ARG Q 10 -42.49 24.47 -9.24
CA ARG Q 10 -42.79 25.88 -9.20
C ARG Q 10 -44.19 26.08 -8.65
N GLU Q 11 -44.46 27.30 -8.22
CA GLU Q 11 -45.75 27.67 -7.66
C GLU Q 11 -46.61 28.30 -8.74
N VAL Q 12 -47.80 27.75 -8.93
CA VAL Q 12 -48.77 28.20 -9.91
C VAL Q 12 -50.09 28.46 -9.18
N LEU Q 13 -51.13 28.79 -9.93
CA LEU Q 13 -52.44 29.07 -9.36
C LEU Q 13 -53.43 27.99 -9.77
N ASP Q 14 -54.45 27.81 -8.95
CA ASP Q 14 -55.50 26.85 -9.23
C ASP Q 14 -56.72 27.60 -9.75
N SER Q 15 -57.82 26.87 -9.85
CA SER Q 15 -59.01 27.45 -10.42
C SER Q 15 -59.66 28.44 -9.46
N ARG Q 16 -59.39 28.36 -8.19
CA ARG Q 16 -59.99 29.31 -7.27
C ARG Q 16 -59.16 30.57 -7.08
N GLY Q 17 -57.99 30.66 -7.69
CA GLY Q 17 -57.07 31.75 -7.47
C GLY Q 17 -56.07 31.54 -6.35
N ASN Q 18 -56.16 30.44 -5.62
CA ASN Q 18 -55.26 30.03 -4.57
C ASN Q 18 -54.03 29.33 -5.15
N PRO Q 19 -52.88 29.42 -4.47
CA PRO Q 19 -51.67 28.79 -5.00
C PRO Q 19 -51.71 27.28 -4.93
N THR Q 20 -50.94 26.66 -5.82
CA THR Q 20 -50.63 25.24 -5.77
C THR Q 20 -49.25 25.09 -6.40
N LEU Q 21 -48.79 23.86 -6.60
CA LEU Q 21 -47.50 23.64 -7.20
C LEU Q 21 -47.62 22.78 -8.44
N GLU Q 22 -46.60 22.82 -9.27
CA GLU Q 22 -46.45 21.91 -10.39
C GLU Q 22 -45.01 21.43 -10.46
N VAL Q 23 -44.84 20.20 -10.92
CA VAL Q 23 -43.54 19.53 -10.96
C VAL Q 23 -43.27 19.06 -12.37
N GLU Q 24 -42.09 19.40 -12.89
CA GLU Q 24 -41.62 18.93 -14.18
C GLU Q 24 -40.48 17.94 -13.98
N VAL Q 25 -40.50 16.86 -14.76
CA VAL Q 25 -39.50 15.81 -14.69
C VAL Q 25 -38.91 15.63 -16.08
N TYR Q 26 -37.59 15.74 -16.17
CA TYR Q 26 -36.81 15.47 -17.38
C TYR Q 26 -36.00 14.22 -17.17
N THR Q 27 -36.04 13.29 -18.12
CA THR Q 27 -35.19 12.12 -18.07
C THR Q 27 -33.96 12.39 -18.92
N GLU Q 28 -33.08 11.37 -19.01
CA GLU Q 28 -31.79 11.53 -19.66
C GLU Q 28 -31.93 11.79 -21.15
N SER Q 29 -32.86 11.10 -21.80
CA SER Q 29 -33.05 11.26 -23.24
C SER Q 29 -33.92 12.45 -23.61
N GLY Q 30 -34.49 13.14 -22.63
CA GLY Q 30 -35.33 14.28 -22.91
C GLY Q 30 -36.81 14.05 -22.75
N ALA Q 31 -37.23 12.88 -22.27
CA ALA Q 31 -38.64 12.67 -21.99
C ALA Q 31 -39.08 13.58 -20.86
N PHE Q 32 -40.26 14.15 -21.02
CA PHE Q 32 -40.72 15.23 -20.18
C PHE Q 32 -42.09 14.90 -19.61
N GLY Q 33 -42.29 15.26 -18.35
CA GLY Q 33 -43.59 15.08 -17.72
C GLY Q 33 -43.92 16.19 -16.75
N ARG Q 34 -45.11 16.77 -16.87
CA ARG Q 34 -45.54 17.86 -15.99
C ARG Q 34 -46.76 17.42 -15.21
N GLY Q 35 -46.69 17.53 -13.89
CA GLY Q 35 -47.81 17.21 -13.03
C GLY Q 35 -48.24 18.36 -12.16
N MET Q 36 -49.51 18.75 -12.27
CA MET Q 36 -50.11 19.76 -11.42
C MET Q 36 -50.94 19.10 -10.33
N VAL Q 37 -51.04 19.78 -9.20
CA VAL Q 37 -51.69 19.24 -8.01
C VAL Q 37 -52.98 20.01 -7.76
N PRO Q 38 -54.12 19.34 -7.62
CA PRO Q 38 -55.32 20.05 -7.18
C PRO Q 38 -55.21 20.45 -5.72
N SER Q 39 -55.89 21.54 -5.37
CA SER Q 39 -55.85 22.04 -4.00
C SER Q 39 -56.61 21.11 -3.07
N GLY Q 40 -55.98 20.76 -1.95
CA GLY Q 40 -56.58 19.87 -0.98
C GLY Q 40 -56.77 20.48 0.38
N ALA Q 41 -56.72 19.66 1.42
CA ALA Q 41 -56.91 20.10 2.79
C ALA Q 41 -55.64 19.86 3.59
N SER Q 42 -55.14 20.91 4.24
CA SER Q 42 -53.95 20.81 5.06
C SER Q 42 -54.25 20.27 6.46
N THR Q 43 -55.52 20.07 6.80
CA THR Q 43 -55.92 19.52 8.09
C THR Q 43 -56.79 18.28 7.87
N GLY Q 44 -56.70 17.35 8.82
CA GLY Q 44 -57.42 16.11 8.74
C GLY Q 44 -56.71 15.00 9.48
N GLU Q 45 -57.45 14.21 10.27
CA GLU Q 45 -56.82 13.22 11.12
C GLU Q 45 -56.34 12.02 10.32
N HIS Q 46 -57.10 11.61 9.31
CA HIS Q 46 -56.81 10.39 8.55
C HIS Q 46 -56.89 10.63 7.06
N GLU Q 47 -56.42 11.79 6.62
CA GLU Q 47 -56.20 12.06 5.20
C GLU Q 47 -54.87 12.76 5.05
N ALA Q 48 -54.26 12.58 3.88
CA ALA Q 48 -52.97 13.19 3.60
C ALA Q 48 -53.09 14.70 3.57
N VAL Q 49 -52.18 15.37 4.28
CA VAL Q 49 -52.25 16.82 4.44
C VAL Q 49 -51.24 17.47 3.51
N GLU Q 50 -51.61 18.62 2.96
CA GLU Q 50 -50.75 19.40 2.09
C GLU Q 50 -50.03 20.46 2.89
N LEU Q 51 -48.88 20.89 2.38
CA LEU Q 51 -48.02 21.83 3.07
C LEU Q 51 -48.28 23.24 2.54
N ARG Q 52 -48.69 24.14 3.43
CA ARG Q 52 -48.85 25.55 3.13
C ARG Q 52 -47.79 26.34 3.89
N ASP Q 53 -47.42 27.49 3.35
CA ASP Q 53 -46.35 28.30 3.92
C ASP Q 53 -46.80 28.93 5.24
N GLY Q 54 -48.09 29.26 5.37
CA GLY Q 54 -48.58 29.90 6.57
C GLY Q 54 -48.20 31.35 6.72
N ASP Q 55 -47.67 31.98 5.68
CA ASP Q 55 -47.27 33.38 5.72
C ASP Q 55 -48.47 34.23 5.33
N LYS Q 56 -49.07 34.91 6.33
CA LYS Q 56 -50.26 35.70 6.09
C LYS Q 56 -50.01 36.91 5.19
N ALA Q 57 -48.75 37.29 4.99
CA ALA Q 57 -48.42 38.36 4.07
C ALA Q 57 -48.54 37.93 2.61
N ARG Q 58 -48.32 36.65 2.31
CA ARG Q 58 -48.33 36.13 0.95
C ARG Q 58 -49.55 35.23 0.77
N TYR Q 59 -50.41 35.59 -0.17
CA TYR Q 59 -51.56 34.78 -0.61
C TYR Q 59 -52.51 34.42 0.51
N GLY Q 60 -52.55 35.23 1.57
CA GLY Q 60 -53.37 34.91 2.73
C GLY Q 60 -52.96 33.65 3.46
N GLY Q 61 -51.67 33.33 3.49
CA GLY Q 61 -51.20 32.14 4.15
C GLY Q 61 -51.31 30.85 3.36
N LEU Q 62 -51.74 30.92 2.10
CA LEU Q 62 -52.00 29.73 1.30
C LEU Q 62 -50.90 29.45 0.28
N GLY Q 63 -49.79 30.16 0.33
CA GLY Q 63 -48.69 29.88 -0.59
C GLY Q 63 -48.11 28.50 -0.41
N THR Q 64 -47.45 28.04 -1.48
CA THR Q 64 -46.91 26.69 -1.53
C THR Q 64 -45.40 26.69 -1.73
N GLN Q 65 -44.71 27.75 -1.26
CA GLN Q 65 -43.27 27.85 -1.45
C GLN Q 65 -42.53 26.77 -0.66
N LYS Q 66 -43.05 26.39 0.51
CA LYS Q 66 -42.40 25.38 1.33
C LYS Q 66 -42.38 24.01 0.64
N ALA Q 67 -43.50 23.60 0.07
CA ALA Q 67 -43.54 22.32 -0.63
C ALA Q 67 -42.76 22.36 -1.95
N VAL Q 68 -42.74 23.51 -2.62
CA VAL Q 68 -41.92 23.69 -3.81
C VAL Q 68 -40.44 23.52 -3.47
N ASP Q 69 -40.00 24.11 -2.36
CA ASP Q 69 -38.64 23.90 -1.87
C ASP Q 69 -38.38 22.46 -1.46
N ASN Q 70 -39.39 21.80 -0.91
CA ASN Q 70 -39.26 20.38 -0.58
C ASN Q 70 -39.00 19.54 -1.83
N VAL Q 71 -39.71 19.84 -2.91
CA VAL Q 71 -39.46 19.11 -4.16
C VAL Q 71 -38.09 19.46 -4.71
N ASN Q 72 -37.75 20.75 -4.74
CA ASN Q 72 -36.55 21.21 -5.42
C ASN Q 72 -35.28 20.79 -4.70
N ASN Q 73 -35.31 20.70 -3.37
CA ASN Q 73 -34.13 20.42 -2.58
C ASN Q 73 -34.11 19.01 -2.01
N VAL Q 74 -35.21 18.57 -1.42
CA VAL Q 74 -35.23 17.29 -0.71
C VAL Q 74 -35.56 16.13 -1.65
N ILE Q 75 -36.72 16.21 -2.32
CA ILE Q 75 -37.20 15.09 -3.13
C ILE Q 75 -36.35 14.88 -4.36
N ALA Q 76 -35.87 15.98 -4.98
CA ALA Q 76 -35.18 15.90 -6.25
C ALA Q 76 -33.87 15.11 -6.15
N GLU Q 77 -33.11 15.34 -5.08
CA GLU Q 77 -31.84 14.62 -4.93
C GLU Q 77 -32.06 13.13 -4.64
N HIS Q 78 -33.18 12.78 -4.02
CA HIS Q 78 -33.49 11.37 -3.78
C HIS Q 78 -34.00 10.69 -5.05
N ILE Q 79 -34.78 11.40 -5.86
CA ILE Q 79 -35.43 10.77 -7.01
C ILE Q 79 -34.49 10.71 -8.22
N ILE Q 80 -33.59 11.69 -8.37
CA ILE Q 80 -32.69 11.73 -9.53
C ILE Q 80 -31.78 10.51 -9.51
N GLY Q 81 -31.72 9.81 -10.62
CA GLY Q 81 -31.04 8.54 -10.74
C GLY Q 81 -31.96 7.35 -10.81
N PHE Q 82 -33.23 7.52 -10.43
CA PHE Q 82 -34.21 6.45 -10.55
C PHE Q 82 -34.58 6.25 -12.01
N ASP Q 83 -35.16 5.09 -12.29
CA ASP Q 83 -35.76 4.87 -13.60
C ASP Q 83 -37.16 5.48 -13.62
N VAL Q 84 -37.48 6.19 -14.70
CA VAL Q 84 -38.76 6.90 -14.78
C VAL Q 84 -39.94 5.92 -14.82
N ARG Q 85 -39.71 4.70 -15.28
CA ARG Q 85 -40.75 3.69 -15.31
C ARG Q 85 -40.91 2.96 -13.98
N ASP Q 86 -40.05 3.25 -13.00
CA ASP Q 86 -40.16 2.64 -11.67
C ASP Q 86 -41.08 3.47 -10.79
N GLN Q 87 -42.35 3.55 -11.19
CA GLN Q 87 -43.31 4.41 -10.49
C GLN Q 87 -43.55 3.92 -9.07
N GLN Q 88 -43.70 2.60 -8.88
CA GLN Q 88 -43.93 2.05 -7.55
C GLN Q 88 -42.73 2.27 -6.63
N GLY Q 89 -41.51 2.08 -7.17
CA GLY Q 89 -40.32 2.34 -6.38
C GLY Q 89 -40.14 3.79 -6.00
N ILE Q 90 -40.42 4.70 -6.95
CA ILE Q 90 -40.32 6.14 -6.69
C ILE Q 90 -41.34 6.57 -5.64
N ASP Q 91 -42.55 6.07 -5.75
CA ASP Q 91 -43.60 6.40 -4.80
C ASP Q 91 -43.29 5.86 -3.40
N ARG Q 92 -42.80 4.62 -3.32
CA ARG Q 92 -42.39 4.06 -2.03
C ARG Q 92 -41.24 4.83 -1.43
N ALA Q 93 -40.28 5.26 -2.27
CA ALA Q 93 -39.15 6.05 -1.78
C ALA Q 93 -39.61 7.40 -1.24
N MET Q 94 -40.57 8.04 -1.92
CA MET Q 94 -41.07 9.32 -1.42
C MET Q 94 -41.85 9.15 -0.13
N ILE Q 95 -42.63 8.06 -0.01
CA ILE Q 95 -43.37 7.79 1.22
C ILE Q 95 -42.41 7.53 2.38
N ALA Q 96 -41.35 6.75 2.13
CA ALA Q 96 -40.36 6.49 3.16
C ALA Q 96 -39.61 7.76 3.55
N LEU Q 97 -39.27 8.60 2.57
CA LEU Q 97 -38.56 9.84 2.85
C LEU Q 97 -39.41 10.82 3.65
N ASP Q 98 -40.72 10.85 3.40
CA ASP Q 98 -41.61 11.66 4.22
C ASP Q 98 -41.64 11.14 5.65
N GLY Q 99 -41.74 9.82 5.83
CA GLY Q 99 -41.68 9.23 7.16
C GLY Q 99 -42.85 9.54 8.05
N THR Q 100 -43.99 9.93 7.48
CA THR Q 100 -45.16 10.30 8.25
C THR Q 100 -46.37 9.59 7.67
N PRO Q 101 -47.29 9.07 8.51
CA PRO Q 101 -48.50 8.42 7.98
C PRO Q 101 -49.37 9.31 7.12
N ASN Q 102 -49.42 10.62 7.39
CA ASN Q 102 -50.26 11.52 6.62
C ASN Q 102 -49.47 12.40 5.67
N LYS Q 103 -48.17 12.09 5.45
CA LYS Q 103 -47.29 12.81 4.53
C LYS Q 103 -47.19 14.29 4.89
N GLY Q 104 -47.15 14.58 6.20
CA GLY Q 104 -47.13 15.96 6.65
C GLY Q 104 -45.77 16.64 6.61
N LYS Q 105 -44.69 15.86 6.50
CA LYS Q 105 -43.36 16.45 6.48
C LYS Q 105 -43.07 17.12 5.14
N LEU Q 106 -43.06 16.33 4.07
CA LEU Q 106 -42.84 16.89 2.73
C LEU Q 106 -44.09 17.56 2.19
N GLY Q 107 -45.26 17.05 2.54
CA GLY Q 107 -46.51 17.57 2.01
C GLY Q 107 -47.06 16.60 0.97
N ALA Q 108 -48.37 16.35 1.04
CA ALA Q 108 -49.01 15.45 0.09
C ALA Q 108 -49.03 16.03 -1.31
N ASN Q 109 -49.14 17.36 -1.43
CA ASN Q 109 -49.13 18.02 -2.72
C ASN Q 109 -47.81 17.80 -3.45
N ALA Q 110 -46.69 17.92 -2.73
CA ALA Q 110 -45.38 17.71 -3.33
C ALA Q 110 -45.21 16.30 -3.84
N ILE Q 111 -45.56 15.30 -3.02
CA ILE Q 111 -45.43 13.90 -3.38
C ILE Q 111 -46.34 13.55 -4.54
N LEU Q 112 -47.58 14.06 -4.53
CA LEU Q 112 -48.51 13.79 -5.62
C LEU Q 112 -48.05 14.43 -6.93
N GLY Q 113 -47.51 15.64 -6.86
CA GLY Q 113 -47.00 16.29 -8.05
C GLY Q 113 -45.83 15.54 -8.66
N VAL Q 114 -44.92 15.05 -7.81
CA VAL Q 114 -43.81 14.26 -8.33
C VAL Q 114 -44.32 12.94 -8.90
N SER Q 115 -45.32 12.32 -8.27
CA SER Q 115 -45.87 11.07 -8.78
C SER Q 115 -46.50 11.23 -10.17
N ILE Q 116 -47.31 12.28 -10.34
CA ILE Q 116 -47.97 12.55 -11.62
C ILE Q 116 -46.94 12.90 -12.68
N ALA Q 117 -45.94 13.72 -12.33
CA ALA Q 117 -44.91 14.10 -13.29
C ALA Q 117 -44.08 12.92 -13.73
N VAL Q 118 -43.76 12.02 -12.80
CA VAL Q 118 -43.01 10.80 -13.13
C VAL Q 118 -43.81 9.88 -14.04
N ALA Q 119 -45.11 9.70 -13.75
CA ALA Q 119 -45.95 8.85 -14.59
C ALA Q 119 -46.08 9.42 -16.00
N ARG Q 120 -46.27 10.74 -16.12
CA ARG Q 120 -46.39 11.35 -17.44
C ARG Q 120 -45.07 11.33 -18.20
N ALA Q 121 -43.94 11.51 -17.50
CA ALA Q 121 -42.65 11.41 -18.16
C ALA Q 121 -42.36 9.99 -18.63
N ALA Q 122 -42.80 9.00 -17.87
CA ALA Q 122 -42.63 7.61 -18.28
C ALA Q 122 -43.51 7.28 -19.48
N ALA Q 123 -44.74 7.82 -19.51
CA ALA Q 123 -45.59 7.64 -20.69
C ALA Q 123 -45.02 8.36 -21.91
N ASP Q 124 -44.37 9.50 -21.71
CA ASP Q 124 -43.76 10.20 -22.83
C ASP Q 124 -42.53 9.47 -23.34
N TYR Q 125 -41.74 8.87 -22.43
CA TYR Q 125 -40.57 8.11 -22.83
C TYR Q 125 -40.97 6.89 -23.65
N LEU Q 126 -42.01 6.19 -23.22
CA LEU Q 126 -42.47 5.01 -23.93
C LEU Q 126 -43.30 5.34 -25.17
N GLU Q 127 -43.62 6.62 -25.38
CA GLU Q 127 -44.42 7.10 -26.53
C GLU Q 127 -45.77 6.41 -26.57
N VAL Q 128 -46.38 6.23 -25.41
CA VAL Q 128 -47.68 5.58 -25.27
C VAL Q 128 -48.61 6.58 -24.57
N PRO Q 129 -49.92 6.44 -24.77
CA PRO Q 129 -50.85 7.29 -24.02
C PRO Q 129 -50.79 7.00 -22.53
N LEU Q 130 -51.14 8.02 -21.73
CA LEU Q 130 -51.00 7.93 -20.28
C LEU Q 130 -51.89 6.85 -19.69
N TYR Q 131 -53.12 6.71 -20.21
CA TYR Q 131 -54.00 5.64 -19.73
C TYR Q 131 -53.45 4.27 -20.10
N SER Q 132 -52.78 4.15 -21.25
CA SER Q 132 -52.15 2.89 -21.64
C SER Q 132 -51.00 2.54 -20.71
N TYR Q 133 -50.20 3.54 -20.31
CA TYR Q 133 -49.11 3.29 -19.38
C TYR Q 133 -49.64 2.94 -17.99
N LEU Q 134 -50.71 3.62 -17.55
CA LEU Q 134 -51.20 3.42 -16.20
C LEU Q 134 -51.98 2.12 -16.06
N GLY Q 135 -52.77 1.74 -17.07
CA GLY Q 135 -53.66 0.62 -16.91
C GLY Q 135 -53.39 -0.58 -17.81
N GLY Q 136 -52.40 -0.47 -18.68
CA GLY Q 136 -52.05 -1.56 -19.56
C GLY Q 136 -52.81 -1.54 -20.87
N PHE Q 137 -52.81 -2.70 -21.52
CA PHE Q 137 -53.38 -2.82 -22.86
C PHE Q 137 -54.91 -2.84 -22.86
N ASN Q 138 -55.53 -3.27 -21.76
CA ASN Q 138 -56.98 -3.46 -21.71
C ASN Q 138 -57.67 -2.26 -21.07
N THR Q 139 -57.47 -1.09 -21.69
CA THR Q 139 -58.10 0.15 -21.24
C THR Q 139 -59.09 0.60 -22.31
N LYS Q 140 -60.38 0.44 -22.05
CA LYS Q 140 -61.37 0.73 -23.07
C LYS Q 140 -62.61 1.45 -22.57
N VAL Q 141 -62.87 1.54 -21.27
CA VAL Q 141 -64.17 1.97 -20.78
C VAL Q 141 -64.14 3.47 -20.49
N LEU Q 142 -64.97 4.20 -21.20
CA LEU Q 142 -65.16 5.62 -20.98
C LEU Q 142 -66.13 5.82 -19.83
N PRO Q 143 -65.74 6.57 -18.80
CA PRO Q 143 -66.56 6.64 -17.59
C PRO Q 143 -67.89 7.36 -17.82
N THR Q 144 -68.89 6.95 -17.05
CA THR Q 144 -70.16 7.64 -17.04
C THR Q 144 -70.06 8.88 -16.18
N PRO Q 145 -70.30 10.06 -16.72
CA PRO Q 145 -70.09 11.28 -15.94
C PRO Q 145 -71.31 11.68 -15.11
N MET Q 146 -71.13 11.79 -13.80
CA MET Q 146 -72.09 12.45 -12.92
C MET Q 146 -71.69 13.92 -12.80
N MET Q 147 -72.29 14.75 -13.62
CA MET Q 147 -71.93 16.15 -13.67
C MET Q 147 -72.88 17.08 -12.91
N ASN Q 148 -72.27 17.96 -12.13
CA ASN Q 148 -73.00 18.86 -11.26
C ASN Q 148 -73.89 19.79 -12.06
N ILE Q 149 -75.08 20.06 -11.55
CA ILE Q 149 -76.02 20.91 -12.25
C ILE Q 149 -76.47 22.05 -11.31
N ILE Q 150 -76.74 21.71 -10.05
CA ILE Q 150 -77.32 22.62 -9.06
C ILE Q 150 -76.56 22.42 -7.76
N ASN Q 151 -76.33 23.51 -7.05
CA ASN Q 151 -75.65 23.52 -5.77
C ASN Q 151 -76.55 24.01 -4.64
N GLY Q 152 -76.20 23.59 -3.44
CA GLY Q 152 -76.91 23.98 -2.25
C GLY Q 152 -75.99 23.86 -1.04
N GLY Q 153 -76.61 23.70 0.12
CA GLY Q 153 -75.86 23.53 1.36
C GLY Q 153 -75.02 24.75 1.68
N SER Q 154 -73.73 24.52 1.91
CA SER Q 154 -72.81 25.61 2.19
C SER Q 154 -72.32 26.33 0.93
N HIS Q 155 -72.62 25.81 -0.24
CA HIS Q 155 -72.22 26.44 -1.50
C HIS Q 155 -73.29 27.39 -2.05
N SER Q 156 -74.41 27.54 -1.35
CA SER Q 156 -75.50 28.36 -1.86
C SER Q 156 -76.31 28.91 -0.69
N ASP Q 157 -76.98 30.03 -0.94
CA ASP Q 157 -77.86 30.64 0.04
C ASP Q 157 -79.28 30.08 -0.01
N ALA Q 158 -79.54 29.12 -0.90
CA ALA Q 158 -80.86 28.53 -1.04
C ALA Q 158 -81.22 27.75 0.22
N PRO Q 159 -82.53 27.58 0.51
CA PRO Q 159 -82.96 26.71 1.61
C PRO Q 159 -82.91 25.23 1.24
N ILE Q 160 -81.73 24.76 0.83
CA ILE Q 160 -81.49 23.39 0.42
C ILE Q 160 -80.30 22.88 1.23
N ALA Q 161 -80.50 21.75 1.91
CA ALA Q 161 -79.42 21.19 2.72
C ALA Q 161 -78.47 20.34 1.89
N PHE Q 162 -78.94 19.78 0.78
CA PHE Q 162 -78.09 18.91 -0.04
C PHE Q 162 -77.06 19.74 -0.78
N GLN Q 163 -75.79 19.31 -0.69
CA GLN Q 163 -74.70 20.08 -1.24
C GLN Q 163 -74.76 20.14 -2.76
N GLU Q 164 -74.96 19.00 -3.42
CA GLU Q 164 -74.88 18.95 -4.87
C GLU Q 164 -76.00 18.12 -5.47
N PHE Q 165 -76.45 18.55 -6.64
CA PHE Q 165 -77.32 17.78 -7.51
C PHE Q 165 -76.58 17.55 -8.82
N MET Q 166 -76.69 16.35 -9.36
CA MET Q 166 -75.93 15.94 -10.53
C MET Q 166 -76.85 15.27 -11.52
N ILE Q 167 -76.50 15.38 -12.80
CA ILE Q 167 -77.15 14.63 -13.87
C ILE Q 167 -76.19 13.55 -14.35
N VAL Q 168 -76.73 12.35 -14.57
CA VAL Q 168 -75.98 11.20 -15.04
C VAL Q 168 -76.63 10.71 -16.32
N PRO Q 169 -76.06 11.00 -17.48
CA PRO Q 169 -76.62 10.53 -18.75
C PRO Q 169 -76.22 9.08 -19.06
N ALA Q 170 -76.69 8.17 -18.23
CA ALA Q 170 -76.28 6.80 -18.36
C ALA Q 170 -76.97 6.08 -19.50
N GLY Q 171 -78.00 6.66 -20.10
CA GLY Q 171 -78.65 6.11 -21.25
C GLY Q 171 -78.03 6.47 -22.58
N ALA Q 172 -76.92 7.19 -22.58
CA ALA Q 172 -76.28 7.61 -23.82
C ALA Q 172 -75.57 6.42 -24.48
N PRO Q 173 -75.47 6.43 -25.82
CA PRO Q 173 -74.77 5.32 -26.48
C PRO Q 173 -73.25 5.41 -26.36
N THR Q 174 -72.72 6.63 -26.41
CA THR Q 174 -71.29 6.88 -26.34
C THR Q 174 -71.03 8.03 -25.38
N PHE Q 175 -69.75 8.24 -25.06
CA PHE Q 175 -69.39 9.35 -24.19
C PHE Q 175 -69.58 10.70 -24.88
N LYS Q 176 -69.36 10.75 -26.19
CA LYS Q 176 -69.60 11.98 -26.95
C LYS Q 176 -71.05 12.41 -26.84
N GLU Q 177 -71.97 11.46 -27.00
CA GLU Q 177 -73.39 11.77 -26.87
C GLU Q 177 -73.75 12.13 -25.43
N ALA Q 178 -73.11 11.48 -24.44
CA ALA Q 178 -73.35 11.82 -23.05
C ALA Q 178 -72.94 13.25 -22.74
N LEU Q 179 -71.78 13.67 -23.27
CA LEU Q 179 -71.33 15.04 -23.11
C LEU Q 179 -72.27 16.02 -23.80
N ARG Q 180 -72.76 15.68 -24.99
CA ARG Q 180 -73.69 16.55 -25.70
C ARG Q 180 -75.00 16.69 -24.93
N TRP Q 181 -75.52 15.59 -24.39
CA TRP Q 181 -76.73 15.62 -23.58
C TRP Q 181 -76.55 16.46 -22.34
N GLY Q 182 -75.40 16.32 -21.66
CA GLY Q 182 -75.13 17.11 -20.48
C GLY Q 182 -75.04 18.60 -20.78
N ALA Q 183 -74.37 18.96 -21.88
CA ALA Q 183 -74.27 20.36 -22.27
C ALA Q 183 -75.63 20.94 -22.63
N GLU Q 184 -76.46 20.17 -23.35
CA GLU Q 184 -77.77 20.67 -23.75
C GLU Q 184 -78.70 20.81 -22.55
N ILE Q 185 -78.64 19.88 -21.59
CA ILE Q 185 -79.45 20.01 -20.37
C ILE Q 185 -78.96 21.19 -19.53
N PHE Q 186 -77.64 21.41 -19.50
CA PHE Q 186 -77.08 22.57 -18.80
C PHE Q 186 -77.60 23.87 -19.39
N HIS Q 187 -77.64 23.97 -20.72
CA HIS Q 187 -78.11 25.19 -21.36
C HIS Q 187 -79.61 25.36 -21.22
N ALA Q 188 -80.37 24.25 -21.28
CA ALA Q 188 -81.81 24.32 -21.07
C ALA Q 188 -82.15 24.77 -19.65
N LEU Q 189 -81.39 24.27 -18.65
CA LEU Q 189 -81.60 24.72 -17.28
C LEU Q 189 -81.21 26.18 -17.11
N LYS Q 190 -80.16 26.62 -17.81
CA LYS Q 190 -79.79 28.03 -17.78
C LYS Q 190 -80.91 28.91 -18.32
N LYS Q 191 -81.53 28.48 -19.43
CA LYS Q 191 -82.67 29.22 -19.98
C LYS Q 191 -83.85 29.21 -19.00
N ILE Q 192 -84.11 28.08 -18.36
CA ILE Q 192 -85.22 27.98 -17.39
C ILE Q 192 -84.97 28.88 -16.18
N LEU Q 193 -83.74 28.92 -15.68
CA LEU Q 193 -83.44 29.80 -14.57
C LEU Q 193 -83.54 31.27 -14.98
N LYS Q 194 -83.12 31.59 -16.20
CA LYS Q 194 -83.25 32.97 -16.70
C LYS Q 194 -84.71 33.39 -16.82
N GLU Q 195 -85.57 32.49 -17.31
CA GLU Q 195 -86.99 32.83 -17.48
C GLU Q 195 -87.71 32.88 -16.14
N ARG Q 196 -87.11 32.35 -15.07
CA ARG Q 196 -87.68 32.40 -13.74
C ARG Q 196 -87.11 33.53 -12.88
N GLY Q 197 -86.17 34.30 -13.40
CA GLY Q 197 -85.56 35.38 -12.67
C GLY Q 197 -84.40 34.99 -11.79
N LEU Q 198 -84.05 33.71 -11.73
CA LEU Q 198 -82.95 33.25 -10.89
C LEU Q 198 -81.61 33.50 -11.57
N GLU Q 199 -80.57 33.58 -10.76
CA GLU Q 199 -79.23 33.91 -11.24
C GLU Q 199 -78.54 32.69 -11.82
N THR Q 200 -77.91 32.88 -12.98
CA THR Q 200 -77.28 31.79 -13.73
C THR Q 200 -75.76 31.82 -13.65
N ALA Q 201 -75.20 32.58 -12.71
CA ALA Q 201 -73.76 32.58 -12.52
C ALA Q 201 -73.32 31.25 -11.90
N VAL Q 202 -72.13 30.80 -12.30
CA VAL Q 202 -71.63 29.49 -11.91
C VAL Q 202 -70.74 29.62 -10.70
N GLY Q 203 -70.56 28.51 -9.98
CA GLY Q 203 -69.72 28.43 -8.82
C GLY Q 203 -68.36 27.84 -9.13
N ASP Q 204 -67.74 27.28 -8.09
CA ASP Q 204 -66.36 26.78 -8.20
C ASP Q 204 -66.25 25.59 -9.16
N GLU Q 205 -67.23 24.73 -9.16
CA GLU Q 205 -67.28 23.54 -10.00
C GLU Q 205 -68.02 23.76 -11.30
N GLY Q 206 -68.54 24.96 -11.54
CA GLY Q 206 -69.18 25.30 -12.78
C GLY Q 206 -70.68 25.19 -12.81
N GLY Q 207 -71.32 24.80 -11.70
CA GLY Q 207 -72.75 24.64 -11.65
C GLY Q 207 -73.43 25.86 -11.05
N PHE Q 208 -74.74 25.96 -11.29
CA PHE Q 208 -75.52 27.06 -10.76
C PHE Q 208 -75.84 26.83 -9.29
N ALA Q 209 -75.99 27.93 -8.56
CA ALA Q 209 -76.44 27.89 -7.17
C ALA Q 209 -77.60 28.86 -6.97
N PRO Q 210 -78.77 28.56 -7.51
CA PRO Q 210 -79.90 29.49 -7.39
C PRO Q 210 -80.63 29.26 -6.08
N ARG Q 211 -81.48 30.22 -5.72
CA ARG Q 211 -82.34 30.09 -4.56
C ARG Q 211 -83.65 29.46 -4.99
N PHE Q 212 -84.02 28.37 -4.31
CA PHE Q 212 -85.21 27.59 -4.62
C PHE Q 212 -86.14 27.60 -3.41
N ASN Q 213 -87.19 26.78 -3.48
CA ASN Q 213 -88.07 26.57 -2.34
C ASN Q 213 -87.74 25.31 -1.57
N GLY Q 214 -86.66 24.63 -1.93
CA GLY Q 214 -86.25 23.42 -1.24
C GLY Q 214 -85.63 22.44 -2.21
N THR Q 215 -85.34 21.25 -1.69
CA THR Q 215 -84.75 20.19 -2.51
C THR Q 215 -85.69 19.75 -3.61
N GLU Q 216 -86.99 19.62 -3.29
CA GLU Q 216 -87.98 19.17 -4.25
C GLU Q 216 -88.09 20.11 -5.44
N ASP Q 217 -88.02 21.42 -5.19
CA ASP Q 217 -88.02 22.40 -6.27
C ASP Q 217 -86.80 22.23 -7.17
N GLY Q 218 -85.63 22.01 -6.57
CA GLY Q 218 -84.42 21.83 -7.35
C GLY Q 218 -84.47 20.60 -8.24
N VAL Q 219 -84.94 19.48 -7.70
CA VAL Q 219 -85.02 18.25 -8.49
C VAL Q 219 -86.09 18.39 -9.57
N GLU Q 220 -87.20 19.07 -9.26
CA GLU Q 220 -88.23 19.32 -10.25
C GLU Q 220 -87.69 20.17 -11.40
N THR Q 221 -86.92 21.22 -11.09
CA THR Q 221 -86.36 22.06 -12.15
C THR Q 221 -85.35 21.28 -13.00
N ILE Q 222 -84.54 20.42 -12.38
CA ILE Q 222 -83.59 19.62 -13.13
C ILE Q 222 -84.31 18.64 -14.06
N ILE Q 223 -85.40 18.02 -13.56
CA ILE Q 223 -86.19 17.11 -14.40
C ILE Q 223 -86.84 17.88 -15.54
N LYS Q 224 -87.29 19.10 -15.26
CA LYS Q 224 -87.89 19.93 -16.31
C LYS Q 224 -86.88 20.30 -17.36
N ALA Q 225 -85.65 20.58 -16.96
CA ALA Q 225 -84.58 20.84 -17.92
C ALA Q 225 -84.26 19.61 -18.75
N ILE Q 226 -84.26 18.43 -18.11
CA ILE Q 226 -84.00 17.18 -18.83
C ILE Q 226 -85.07 16.95 -19.90
N GLU Q 227 -86.34 17.20 -19.55
CA GLU Q 227 -87.41 17.04 -20.53
C GLU Q 227 -87.36 18.11 -21.61
N ALA Q 228 -86.97 19.34 -21.24
CA ALA Q 228 -86.90 20.43 -22.21
C ALA Q 228 -85.78 20.22 -23.21
N ALA Q 229 -84.69 19.57 -22.79
CA ALA Q 229 -83.64 19.22 -23.74
C ALA Q 229 -84.06 18.10 -24.69
N GLY Q 230 -85.13 17.38 -24.37
CA GLY Q 230 -85.63 16.33 -25.21
C GLY Q 230 -85.35 14.92 -24.75
N TYR Q 231 -84.94 14.73 -23.50
CA TYR Q 231 -84.56 13.43 -23.00
C TYR Q 231 -85.51 12.98 -21.90
N VAL Q 232 -85.58 11.67 -21.70
CA VAL Q 232 -86.53 11.05 -20.78
C VAL Q 232 -85.85 10.89 -19.43
N PRO Q 233 -86.35 11.54 -18.37
CA PRO Q 233 -85.81 11.27 -17.03
C PRO Q 233 -86.13 9.85 -16.59
N GLY Q 234 -85.13 9.17 -16.04
CA GLY Q 234 -85.28 7.80 -15.61
C GLY Q 234 -84.90 6.75 -16.63
N LYS Q 235 -84.76 7.14 -17.90
CA LYS Q 235 -84.26 6.23 -18.94
C LYS Q 235 -83.01 6.77 -19.60
N ASP Q 236 -83.02 8.03 -20.00
CA ASP Q 236 -81.85 8.66 -20.61
C ASP Q 236 -80.93 9.27 -19.55
N VAL Q 237 -81.48 10.11 -18.67
CA VAL Q 237 -80.72 10.86 -17.68
C VAL Q 237 -81.28 10.56 -16.29
N PHE Q 238 -80.40 10.33 -15.33
CA PHE Q 238 -80.73 10.07 -13.94
C PHE Q 238 -80.21 11.20 -13.07
N ILE Q 239 -80.71 11.23 -11.83
CA ILE Q 239 -80.39 12.27 -10.87
C ILE Q 239 -79.48 11.68 -9.80
N GLY Q 240 -78.43 12.41 -9.46
CA GLY Q 240 -77.56 12.04 -8.35
C GLY Q 240 -77.55 13.13 -7.29
N LEU Q 241 -77.37 12.71 -6.04
CA LEU Q 241 -77.36 13.62 -4.91
C LEU Q 241 -76.02 13.54 -4.21
N ASP Q 242 -75.63 14.66 -3.61
CA ASP Q 242 -74.49 14.73 -2.69
C ASP Q 242 -75.02 15.52 -1.51
N CYS Q 243 -75.49 14.82 -0.48
CA CYS Q 243 -76.10 15.47 0.66
C CYS Q 243 -75.09 16.22 1.50
N ALA Q 244 -73.88 15.67 1.65
CA ALA Q 244 -72.86 16.11 2.61
C ALA Q 244 -73.46 16.27 3.99
N SER Q 245 -73.99 15.15 4.49
CA SER Q 245 -74.71 15.16 5.75
C SER Q 245 -73.82 15.50 6.94
N SER Q 246 -72.50 15.41 6.79
CA SER Q 246 -71.59 15.82 7.85
C SER Q 246 -71.67 17.33 8.13
N GLU Q 247 -72.15 18.13 7.18
CA GLU Q 247 -72.26 19.56 7.40
C GLU Q 247 -73.42 19.92 8.31
N PHE Q 248 -74.53 19.20 8.22
CA PHE Q 248 -75.72 19.47 9.02
C PHE Q 248 -76.04 18.29 9.94
N TYR Q 249 -75.02 17.70 10.54
CA TYR Q 249 -75.19 16.66 11.54
C TYR Q 249 -74.72 17.17 12.89
N ASP Q 250 -75.59 17.10 13.88
CA ASP Q 250 -75.24 17.43 15.25
C ASP Q 250 -74.85 16.13 15.94
N ALA Q 251 -73.57 16.01 16.33
CA ALA Q 251 -73.09 14.77 16.92
C ALA Q 251 -73.61 14.58 18.34
N GLU Q 252 -73.92 15.67 19.04
CA GLU Q 252 -74.34 15.58 20.43
C GLU Q 252 -75.72 14.96 20.55
N HIS Q 253 -76.68 15.43 19.76
CA HIS Q 253 -78.02 14.86 19.75
C HIS Q 253 -78.18 13.75 18.73
N LYS Q 254 -77.15 13.49 17.91
CA LYS Q 254 -77.13 12.43 16.90
C LYS Q 254 -78.29 12.57 15.91
N VAL Q 255 -78.54 13.80 15.48
CA VAL Q 255 -79.62 14.10 14.54
C VAL Q 255 -79.06 14.92 13.38
N TYR Q 256 -79.68 14.75 12.21
CA TYR Q 256 -79.36 15.51 11.01
C TYR Q 256 -80.26 16.72 10.98
N GLY Q 257 -79.73 17.86 11.43
CA GLY Q 257 -80.50 19.08 11.49
C GLY Q 257 -80.48 19.88 10.22
N TYR Q 258 -81.57 19.83 9.47
CA TYR Q 258 -81.72 20.62 8.25
C TYR Q 258 -81.92 22.09 8.55
N THR Q 259 -82.11 22.46 9.82
CA THR Q 259 -82.27 23.86 10.19
C THR Q 259 -81.03 24.70 9.92
N LYS Q 260 -79.87 24.07 9.72
CA LYS Q 260 -78.66 24.81 9.39
C LYS Q 260 -78.75 25.45 8.01
N PHE Q 261 -79.36 24.77 7.04
CA PHE Q 261 -79.40 25.25 5.66
C PHE Q 261 -80.80 25.51 5.12
N GLU Q 262 -81.86 25.10 5.82
CA GLU Q 262 -83.21 25.23 5.33
C GLU Q 262 -84.07 26.17 6.17
N GLY Q 263 -83.53 26.72 7.25
CA GLY Q 263 -84.23 27.72 8.04
C GLY Q 263 -84.80 27.15 9.33
N GLU Q 264 -85.53 28.02 10.03
CA GLU Q 264 -86.07 27.67 11.34
C GLU Q 264 -87.15 26.60 11.25
N GLY Q 265 -87.94 26.60 10.18
CA GLY Q 265 -89.03 25.65 10.04
C GLY Q 265 -88.63 24.29 9.53
N ALA Q 266 -87.34 24.05 9.31
CA ALA Q 266 -86.88 22.78 8.79
C ALA Q 266 -87.09 21.65 9.80
N ALA Q 267 -87.11 20.43 9.28
CA ALA Q 267 -87.34 19.24 10.10
C ALA Q 267 -86.00 18.67 10.56
N VAL Q 268 -86.00 18.17 11.79
CA VAL Q 268 -84.83 17.49 12.36
C VAL Q 268 -85.09 16.00 12.31
N ARG Q 269 -84.18 15.26 11.70
CA ARG Q 269 -84.37 13.83 11.48
C ARG Q 269 -83.30 13.04 12.22
N THR Q 270 -83.66 11.84 12.68
CA THR Q 270 -82.71 10.92 13.26
C THR Q 270 -82.08 10.10 12.15
N ALA Q 271 -81.36 9.03 12.49
CA ALA Q 271 -80.80 8.15 11.47
C ALA Q 271 -81.89 7.44 10.68
N ALA Q 272 -82.87 6.87 11.39
CA ALA Q 272 -83.98 6.18 10.73
C ALA Q 272 -84.84 7.15 9.92
N GLU Q 273 -85.09 8.35 10.46
CA GLU Q 273 -85.87 9.34 9.74
C GLU Q 273 -85.13 9.83 8.49
N GLN Q 274 -83.81 9.99 8.60
CA GLN Q 274 -83.00 10.38 7.45
C GLN Q 274 -83.03 9.32 6.36
N ILE Q 275 -82.91 8.04 6.76
CA ILE Q 275 -82.97 6.95 5.80
C ILE Q 275 -84.35 6.88 5.13
N ASP Q 276 -85.40 7.11 5.91
CA ASP Q 276 -86.75 7.15 5.35
C ASP Q 276 -86.92 8.30 4.36
N TYR Q 277 -86.33 9.46 4.66
CA TYR Q 277 -86.41 10.60 3.76
C TYR Q 277 -85.60 10.36 2.48
N LEU Q 278 -84.46 9.73 2.60
CA LEU Q 278 -83.72 9.39 1.40
C LEU Q 278 -84.47 8.36 0.57
N GLU Q 279 -85.11 7.40 1.24
CA GLU Q 279 -85.90 6.39 0.53
C GLU Q 279 -87.07 7.03 -0.20
N GLU Q 280 -87.78 7.98 0.45
CA GLU Q 280 -88.89 8.65 -0.24
C GLU Q 280 -88.40 9.46 -1.44
N LEU Q 281 -87.24 10.12 -1.32
CA LEU Q 281 -86.67 10.84 -2.46
C LEU Q 281 -86.32 9.91 -3.60
N VAL Q 282 -85.74 8.76 -3.28
CA VAL Q 282 -85.44 7.75 -4.30
C VAL Q 282 -86.70 7.23 -4.97
N ASN Q 283 -87.73 6.97 -4.18
CA ASN Q 283 -88.97 6.45 -4.75
C ASN Q 283 -89.74 7.51 -5.52
N LYS Q 284 -89.46 8.79 -5.31
CA LYS Q 284 -90.17 9.86 -6.00
C LYS Q 284 -89.48 10.29 -7.29
N TYR Q 285 -88.15 10.26 -7.33
CA TYR Q 285 -87.37 10.79 -8.42
C TYR Q 285 -86.51 9.69 -9.03
N PRO Q 286 -86.02 9.87 -10.27
CA PRO Q 286 -85.07 8.89 -10.84
C PRO Q 286 -83.65 9.02 -10.29
N ILE Q 287 -83.52 8.95 -8.97
CA ILE Q 287 -82.24 9.11 -8.31
C ILE Q 287 -81.50 7.78 -8.34
N ILE Q 288 -80.28 7.80 -8.87
CA ILE Q 288 -79.49 6.59 -9.01
C ILE Q 288 -78.30 6.56 -8.05
N THR Q 289 -77.85 7.71 -7.53
CA THR Q 289 -76.72 7.72 -6.61
C THR Q 289 -76.93 8.80 -5.56
N ILE Q 290 -76.53 8.48 -4.33
CA ILE Q 290 -76.56 9.40 -3.20
C ILE Q 290 -75.19 9.33 -2.54
N GLU Q 291 -74.56 10.48 -2.37
CA GLU Q 291 -73.21 10.59 -1.82
C GLU Q 291 -73.28 11.24 -0.46
N ASP Q 292 -72.62 10.62 0.53
CA ASP Q 292 -72.56 11.08 1.92
C ASP Q 292 -73.96 11.26 2.49
N GLY Q 293 -74.79 10.23 2.30
CA GLY Q 293 -76.15 10.27 2.79
C GLY Q 293 -76.22 10.34 4.30
N MET Q 294 -75.24 9.77 4.99
CA MET Q 294 -75.17 9.82 6.44
C MET Q 294 -73.82 10.39 6.86
N ASP Q 295 -73.71 10.70 8.15
CA ASP Q 295 -72.51 11.33 8.68
C ASP Q 295 -71.31 10.38 8.58
N GLU Q 296 -70.12 10.97 8.43
CA GLU Q 296 -68.90 10.21 8.25
C GLU Q 296 -68.55 9.32 9.44
N ASN Q 297 -69.08 9.63 10.62
CA ASN Q 297 -68.84 8.83 11.82
C ASN Q 297 -70.02 7.96 12.21
N ASP Q 298 -71.11 7.96 11.42
CA ASP Q 298 -72.30 7.19 11.74
C ASP Q 298 -72.21 5.87 10.99
N TRP Q 299 -71.46 4.93 11.57
CA TRP Q 299 -71.27 3.63 10.93
C TRP Q 299 -72.53 2.79 10.98
N ASP Q 300 -73.25 2.83 12.11
CA ASP Q 300 -74.51 2.09 12.20
C ASP Q 300 -75.51 2.66 11.20
N GLY Q 301 -75.62 3.98 11.13
CA GLY Q 301 -76.57 4.57 10.20
C GLY Q 301 -76.21 4.30 8.75
N TRP Q 302 -74.90 4.29 8.43
CA TRP Q 302 -74.44 3.91 7.10
C TRP Q 302 -74.79 2.48 6.78
N LYS Q 303 -74.63 1.57 7.75
CA LYS Q 303 -74.97 0.17 7.54
C LYS Q 303 -76.46 -0.01 7.30
N ALA Q 304 -77.29 0.71 8.07
CA ALA Q 304 -78.73 0.65 7.87
C ALA Q 304 -79.14 1.21 6.52
N LEU Q 305 -78.49 2.31 6.10
CA LEU Q 305 -78.77 2.90 4.79
C LEU Q 305 -78.40 1.96 3.66
N THR Q 306 -77.29 1.23 3.79
CA THR Q 306 -76.91 0.25 2.78
C THR Q 306 -77.83 -0.95 2.81
N GLU Q 307 -78.32 -1.32 4.00
CA GLU Q 307 -79.29 -2.41 4.08
C GLU Q 307 -80.58 -2.05 3.35
N ARG Q 308 -81.03 -0.80 3.47
CA ARG Q 308 -82.32 -0.42 2.89
C ARG Q 308 -82.18 -0.07 1.41
N LEU Q 309 -81.37 0.95 1.10
CA LEU Q 309 -81.29 1.49 -0.25
C LEU Q 309 -80.10 0.97 -1.06
N GLY Q 310 -79.17 0.24 -0.42
CA GLY Q 310 -77.94 -0.12 -1.10
C GLY Q 310 -78.09 -1.15 -2.22
N GLY Q 311 -79.27 -1.75 -2.36
CA GLY Q 311 -79.47 -2.69 -3.46
C GLY Q 311 -79.83 -2.04 -4.78
N LYS Q 312 -80.57 -0.93 -4.72
CA LYS Q 312 -81.06 -0.27 -5.93
C LYS Q 312 -80.45 1.11 -6.17
N VAL Q 313 -79.76 1.69 -5.19
CA VAL Q 313 -79.20 3.03 -5.31
C VAL Q 313 -77.72 2.96 -4.92
N GLN Q 314 -76.88 3.65 -5.69
CA GLN Q 314 -75.48 3.77 -5.35
C GLN Q 314 -75.29 4.71 -4.16
N LEU Q 315 -74.49 4.28 -3.20
CA LEU Q 315 -74.17 5.03 -2.00
C LEU Q 315 -72.67 5.27 -1.98
N VAL Q 316 -72.27 6.52 -2.20
CA VAL Q 316 -70.87 6.89 -2.34
C VAL Q 316 -70.39 7.48 -1.02
N GLY Q 317 -69.29 6.94 -0.49
CA GLY Q 317 -68.69 7.48 0.71
C GLY Q 317 -67.53 8.40 0.40
N ASP Q 318 -67.77 9.71 0.48
CA ASP Q 318 -66.72 10.70 0.20
C ASP Q 318 -65.94 11.02 1.48
N ASP Q 319 -66.62 11.57 2.48
CA ASP Q 319 -65.99 11.77 3.78
C ASP Q 319 -66.06 10.53 4.66
N PHE Q 320 -66.90 9.56 4.30
CA PHE Q 320 -66.98 8.31 5.05
C PHE Q 320 -65.70 7.52 4.94
N PHE Q 321 -65.14 7.44 3.75
CA PHE Q 321 -63.93 6.68 3.54
C PHE Q 321 -62.68 7.53 3.38
N VAL Q 322 -62.81 8.81 2.99
CA VAL Q 322 -61.77 9.83 2.76
C VAL Q 322 -60.61 9.26 1.92
N THR Q 323 -60.94 8.36 0.98
CA THR Q 323 -59.95 7.63 0.15
C THR Q 323 -58.87 6.98 1.03
N ASN Q 324 -59.30 6.39 2.13
CA ASN Q 324 -58.38 5.75 3.06
C ASN Q 324 -58.55 4.24 2.92
N THR Q 325 -57.42 3.54 2.86
CA THR Q 325 -57.42 2.08 2.79
C THR Q 325 -58.09 1.44 4.00
N ALA Q 326 -57.78 1.94 5.20
CA ALA Q 326 -58.33 1.35 6.42
C ALA Q 326 -59.84 1.55 6.51
N TYR Q 327 -60.32 2.76 6.19
CA TYR Q 327 -61.75 3.03 6.21
C TYR Q 327 -62.49 2.21 5.16
N LEU Q 328 -61.89 2.07 3.97
CA LEU Q 328 -62.51 1.25 2.93
C LEU Q 328 -62.59 -0.21 3.34
N GLU Q 329 -61.53 -0.74 3.96
CA GLU Q 329 -61.56 -2.11 4.47
C GLU Q 329 -62.62 -2.30 5.53
N LYS Q 330 -62.71 -1.34 6.47
CA LYS Q 330 -63.72 -1.43 7.53
C LYS Q 330 -65.13 -1.36 6.97
N GLY Q 331 -65.36 -0.49 5.98
CA GLY Q 331 -66.67 -0.39 5.37
C GLY Q 331 -67.04 -1.62 4.56
N ILE Q 332 -66.08 -2.22 3.87
CA ILE Q 332 -66.32 -3.46 3.14
C ILE Q 332 -66.68 -4.58 4.11
N ALA Q 333 -65.94 -4.69 5.22
CA ALA Q 333 -66.22 -5.73 6.20
C ALA Q 333 -67.55 -5.50 6.91
N GLU Q 334 -67.94 -4.25 7.10
CA GLU Q 334 -69.17 -3.93 7.83
C GLU Q 334 -70.37 -3.75 6.94
N HIS Q 335 -70.22 -3.90 5.62
CA HIS Q 335 -71.30 -3.69 4.63
C HIS Q 335 -71.86 -2.27 4.71
N ALA Q 336 -70.96 -1.29 4.68
CA ALA Q 336 -71.31 0.12 4.71
C ALA Q 336 -70.95 0.73 3.37
N ALA Q 337 -71.93 1.37 2.74
CA ALA Q 337 -71.91 1.91 1.38
C ALA Q 337 -71.63 0.85 0.31
N ASN Q 338 -71.68 1.24 -0.95
CA ASN Q 338 -71.28 0.34 -2.02
C ASN Q 338 -70.43 1.06 -3.07
N SER Q 339 -69.88 2.21 -2.73
CA SER Q 339 -69.04 2.99 -3.64
C SER Q 339 -68.14 3.88 -2.81
N ILE Q 340 -66.99 4.23 -3.39
CA ILE Q 340 -66.02 5.12 -2.76
C ILE Q 340 -65.66 6.23 -3.74
N LEU Q 341 -65.61 7.45 -3.22
CA LEU Q 341 -65.16 8.59 -4.00
C LEU Q 341 -63.64 8.69 -3.87
N ILE Q 342 -62.94 8.56 -4.98
CA ILE Q 342 -61.49 8.52 -5.01
C ILE Q 342 -60.97 9.91 -5.37
N LYS Q 343 -60.24 10.53 -4.46
CA LYS Q 343 -59.56 11.78 -4.76
C LYS Q 343 -58.08 11.54 -4.62
N VAL Q 344 -57.32 11.85 -5.68
CA VAL Q 344 -55.93 11.46 -5.78
C VAL Q 344 -55.05 12.20 -4.77
N ASN Q 345 -55.43 13.41 -4.39
CA ASN Q 345 -54.66 14.20 -3.43
C ASN Q 345 -55.09 13.93 -1.99
N GLN Q 346 -56.10 13.10 -1.78
CA GLN Q 346 -56.41 12.63 -0.43
C GLN Q 346 -55.44 11.59 0.10
N ILE Q 347 -54.65 10.98 -0.77
CA ILE Q 347 -53.57 10.09 -0.36
C ILE Q 347 -52.20 10.60 -0.80
N GLY Q 348 -52.10 11.19 -1.98
CA GLY Q 348 -50.89 11.81 -2.44
C GLY Q 348 -49.96 10.96 -3.29
N THR Q 349 -50.40 9.82 -3.79
CA THR Q 349 -49.57 8.93 -4.58
C THR Q 349 -50.42 8.08 -5.52
N LEU Q 350 -49.97 7.95 -6.78
CA LEU Q 350 -50.72 7.18 -7.77
C LEU Q 350 -50.78 5.71 -7.42
N THR Q 351 -49.69 5.15 -6.85
CA THR Q 351 -49.69 3.75 -6.44
C THR Q 351 -50.77 3.45 -5.42
N GLU Q 352 -50.89 4.31 -4.41
CA GLU Q 352 -51.91 4.09 -3.40
C GLU Q 352 -53.31 4.34 -3.97
N THR Q 353 -53.43 5.24 -4.96
CA THR Q 353 -54.74 5.51 -5.59
C THR Q 353 -55.22 4.29 -6.32
N PHE Q 354 -54.32 3.68 -7.09
CA PHE Q 354 -54.68 2.48 -7.82
C PHE Q 354 -54.91 1.29 -6.89
N ASP Q 355 -54.16 1.23 -5.78
CA ASP Q 355 -54.41 0.19 -4.77
C ASP Q 355 -55.80 0.32 -4.18
N ALA Q 356 -56.21 1.54 -3.86
CA ALA Q 356 -57.55 1.77 -3.33
C ALA Q 356 -58.62 1.43 -4.37
N ILE Q 357 -58.36 1.74 -5.64
CA ILE Q 357 -59.31 1.43 -6.72
C ILE Q 357 -59.50 -0.07 -6.86
N GLU Q 358 -58.39 -0.83 -6.87
CA GLU Q 358 -58.52 -2.29 -7.00
C GLU Q 358 -59.15 -2.89 -5.75
N MET Q 359 -58.88 -2.35 -4.56
CA MET Q 359 -59.47 -2.88 -3.35
C MET Q 359 -60.98 -2.67 -3.34
N ALA Q 360 -61.41 -1.48 -3.79
CA ALA Q 360 -62.85 -1.23 -3.91
C ALA Q 360 -63.48 -2.11 -4.98
N LYS Q 361 -62.79 -2.30 -6.10
CA LYS Q 361 -63.32 -3.12 -7.20
C LYS Q 361 -63.52 -4.57 -6.77
N GLU Q 362 -62.54 -5.13 -6.05
CA GLU Q 362 -62.59 -6.53 -5.65
C GLU Q 362 -63.71 -6.82 -4.66
N ALA Q 363 -64.24 -5.81 -4.00
CA ALA Q 363 -65.34 -5.97 -3.06
C ALA Q 363 -66.71 -5.74 -3.70
N GLY Q 364 -66.77 -5.47 -4.99
CA GLY Q 364 -68.03 -5.14 -5.63
C GLY Q 364 -68.41 -3.68 -5.54
N TYR Q 365 -67.52 -2.83 -5.05
CA TYR Q 365 -67.76 -1.39 -4.99
C TYR Q 365 -67.34 -0.76 -6.31
N THR Q 366 -67.89 0.42 -6.57
CA THR Q 366 -67.45 1.23 -7.69
C THR Q 366 -66.55 2.35 -7.18
N ALA Q 367 -65.52 2.68 -7.96
CA ALA Q 367 -64.63 3.78 -7.65
C ALA Q 367 -64.97 4.94 -8.57
N VAL Q 368 -65.29 6.09 -7.97
CA VAL Q 368 -65.65 7.28 -8.73
C VAL Q 368 -64.48 8.25 -8.59
N VAL Q 369 -63.71 8.40 -9.66
CA VAL Q 369 -62.59 9.35 -9.64
C VAL Q 369 -63.16 10.76 -9.64
N SER Q 370 -62.78 11.55 -8.64
CA SER Q 370 -63.40 12.83 -8.38
C SER Q 370 -62.40 13.96 -8.51
N HIS Q 371 -62.91 15.10 -8.98
CA HIS Q 371 -62.15 16.34 -9.03
C HIS Q 371 -62.07 16.95 -7.63
N ARG Q 372 -61.35 18.05 -7.53
CA ARG Q 372 -61.35 18.89 -6.34
C ARG Q 372 -61.99 20.22 -6.67
N SER Q 373 -62.39 20.94 -5.63
CA SER Q 373 -62.96 22.27 -5.84
C SER Q 373 -61.94 23.26 -6.43
N GLY Q 374 -60.68 23.19 -6.02
CA GLY Q 374 -59.65 23.93 -6.72
C GLY Q 374 -58.86 23.03 -7.65
N GLU Q 375 -59.16 23.06 -8.94
CA GLU Q 375 -58.53 22.18 -9.90
C GLU Q 375 -57.57 22.96 -10.79
N THR Q 376 -56.92 22.25 -11.71
CA THR Q 376 -55.94 22.84 -12.61
C THR Q 376 -56.30 22.46 -14.04
N GLU Q 377 -55.43 22.86 -14.98
CA GLU Q 377 -55.54 22.44 -16.37
C GLU Q 377 -55.04 21.03 -16.60
N ASP Q 378 -54.40 20.42 -15.60
CA ASP Q 378 -54.06 19.01 -15.64
C ASP Q 378 -55.31 18.16 -15.72
N SER Q 379 -55.31 17.17 -16.61
CA SER Q 379 -56.48 16.30 -16.78
C SER Q 379 -56.07 14.84 -16.59
N THR Q 380 -55.29 14.56 -15.55
CA THR Q 380 -54.81 13.20 -15.32
C THR Q 380 -55.89 12.28 -14.77
N ILE Q 381 -56.87 12.81 -14.04
CA ILE Q 381 -57.88 11.94 -13.46
C ILE Q 381 -58.77 11.30 -14.53
N ALA Q 382 -58.87 11.92 -15.71
CA ALA Q 382 -59.54 11.27 -16.83
C ALA Q 382 -58.80 10.01 -17.27
N ASP Q 383 -57.46 10.12 -17.39
CA ASP Q 383 -56.65 8.94 -17.72
C ASP Q 383 -56.65 7.92 -16.60
N ILE Q 384 -56.78 8.37 -15.35
CA ILE Q 384 -56.91 7.44 -14.22
C ILE Q 384 -58.21 6.65 -14.34
N ALA Q 385 -59.32 7.35 -14.64
CA ALA Q 385 -60.62 6.70 -14.78
C ALA Q 385 -60.62 5.71 -15.93
N VAL Q 386 -60.00 6.07 -17.06
CA VAL Q 386 -59.98 5.16 -18.21
C VAL Q 386 -59.04 3.99 -17.94
N ALA Q 387 -57.89 4.25 -17.31
CA ALA Q 387 -56.87 3.21 -17.11
C ALA Q 387 -57.38 2.11 -16.18
N THR Q 388 -58.09 2.48 -15.13
CA THR Q 388 -58.65 1.50 -14.20
C THR Q 388 -59.95 0.90 -14.68
N ASN Q 389 -60.53 1.40 -15.78
CA ASN Q 389 -61.87 1.01 -16.27
C ASN Q 389 -62.91 1.16 -15.16
N ALA Q 390 -62.82 2.27 -14.43
CA ALA Q 390 -63.71 2.52 -13.29
C ALA Q 390 -65.15 2.64 -13.74
N GLY Q 391 -65.39 3.30 -14.87
CA GLY Q 391 -66.71 3.41 -15.43
C GLY Q 391 -67.53 4.56 -14.88
N GLN Q 392 -67.00 5.35 -13.95
CA GLN Q 392 -67.68 6.52 -13.42
C GLN Q 392 -66.67 7.60 -13.10
N ILE Q 393 -67.03 8.84 -13.41
CA ILE Q 393 -66.19 10.00 -13.13
C ILE Q 393 -67.08 11.11 -12.59
N LYS Q 394 -66.46 12.05 -11.89
CA LYS Q 394 -67.16 13.19 -11.29
C LYS Q 394 -66.21 14.36 -11.42
N THR Q 395 -66.36 15.16 -12.48
CA THR Q 395 -65.46 16.29 -12.78
C THR Q 395 -66.23 17.58 -13.01
N GLY Q 396 -67.24 17.85 -12.20
CA GLY Q 396 -67.88 19.15 -12.22
C GLY Q 396 -68.89 19.30 -13.34
N SER Q 397 -69.30 20.54 -13.55
CA SER Q 397 -70.35 20.88 -14.49
C SER Q 397 -69.75 21.17 -15.86
N LEU Q 398 -70.52 21.82 -16.71
CA LEU Q 398 -70.14 22.02 -18.11
C LEU Q 398 -69.80 23.48 -18.29
N SER Q 399 -69.09 24.07 -17.31
CA SER Q 399 -68.61 25.41 -17.57
C SER Q 399 -67.10 25.61 -17.50
N ARG Q 400 -66.51 25.91 -16.35
CA ARG Q 400 -65.10 26.30 -16.27
C ARG Q 400 -64.16 25.21 -16.81
N THR Q 401 -63.10 25.59 -17.56
CA THR Q 401 -62.24 24.60 -18.22
C THR Q 401 -61.57 23.68 -17.22
N ASP Q 402 -61.33 24.13 -15.98
CA ASP Q 402 -60.92 23.23 -14.89
C ASP Q 402 -61.81 21.98 -14.73
N ARG Q 403 -63.02 22.01 -15.29
CA ARG Q 403 -63.89 20.87 -15.52
C ARG Q 403 -63.87 20.40 -16.98
N ILE Q 404 -63.99 21.31 -17.94
CA ILE Q 404 -64.04 20.96 -19.37
C ILE Q 404 -62.76 20.28 -19.88
N ALA Q 405 -61.63 20.52 -19.23
CA ALA Q 405 -60.37 19.91 -19.63
C ALA Q 405 -60.44 18.39 -19.49
N LYS Q 406 -61.08 17.91 -18.43
CA LYS Q 406 -61.19 16.48 -18.21
C LYS Q 406 -62.13 15.85 -19.23
N TYR Q 407 -63.22 16.55 -19.55
CA TYR Q 407 -64.15 16.07 -20.57
C TYR Q 407 -63.49 16.06 -21.95
N ASN Q 408 -62.68 17.08 -22.25
CA ASN Q 408 -61.94 17.11 -23.51
C ASN Q 408 -60.91 15.98 -23.57
N GLN Q 409 -60.27 15.68 -22.44
CA GLN Q 409 -59.34 14.57 -22.40
C GLN Q 409 -60.05 13.24 -22.62
N LEU Q 410 -61.26 13.10 -22.06
CA LEU Q 410 -62.03 11.88 -22.28
C LEU Q 410 -62.51 11.78 -23.73
N LEU Q 411 -62.84 12.91 -24.35
CA LEU Q 411 -63.17 12.92 -25.78
C LEU Q 411 -61.97 12.49 -26.62
N ARG Q 412 -60.78 13.00 -26.27
CA ARG Q 412 -59.56 12.59 -26.95
C ARG Q 412 -59.31 11.09 -26.80
N ILE Q 413 -59.48 10.58 -25.57
CA ILE Q 413 -59.24 9.16 -25.29
C ILE Q 413 -60.20 8.30 -26.08
N GLU Q 414 -61.48 8.70 -26.13
CA GLU Q 414 -62.48 7.96 -26.91
C GLU Q 414 -62.15 7.98 -28.40
N ASP Q 415 -61.66 9.12 -28.90
CA ASP Q 415 -61.28 9.22 -30.30
C ASP Q 415 -60.11 8.31 -30.64
N GLN Q 416 -59.08 8.28 -29.78
CA GLN Q 416 -57.95 7.36 -30.00
C GLN Q 416 -58.38 5.91 -29.91
N LEU Q 417 -59.25 5.58 -28.96
CA LEU Q 417 -59.70 4.20 -28.81
C LEU Q 417 -60.50 3.74 -30.03
N GLY Q 418 -61.34 4.62 -30.57
CA GLY Q 418 -62.07 4.31 -31.79
C GLY Q 418 -63.10 3.23 -31.58
N GLU Q 419 -62.98 2.15 -32.36
CA GLU Q 419 -63.92 1.05 -32.31
C GLU Q 419 -63.79 0.24 -31.03
N VAL Q 420 -62.69 0.41 -30.30
CA VAL Q 420 -62.45 -0.33 -29.06
C VAL Q 420 -63.18 0.29 -27.87
N ALA Q 421 -63.41 1.61 -27.90
CA ALA Q 421 -64.00 2.33 -26.77
C ALA Q 421 -65.38 1.80 -26.41
N GLU Q 422 -65.64 1.69 -25.12
CA GLU Q 422 -66.90 1.18 -24.59
C GLU Q 422 -67.49 2.20 -23.63
N TYR Q 423 -68.75 2.52 -23.82
CA TYR Q 423 -69.49 3.36 -22.89
C TYR Q 423 -70.57 2.47 -22.27
N ARG Q 424 -70.32 1.99 -21.06
CA ARG Q 424 -71.25 1.07 -20.42
C ARG Q 424 -72.50 1.78 -19.90
N GLY Q 425 -72.34 2.99 -19.38
CA GLY Q 425 -73.46 3.76 -18.87
C GLY Q 425 -74.10 3.12 -17.65
N LEU Q 426 -75.36 2.71 -17.79
CA LEU Q 426 -76.06 2.01 -16.71
C LEU Q 426 -75.39 0.70 -16.32
N LYS Q 427 -74.65 0.08 -17.22
CA LYS Q 427 -73.93 -1.15 -16.92
C LYS Q 427 -72.66 -0.90 -16.12
N SER Q 428 -72.22 0.35 -15.99
CA SER Q 428 -71.06 0.62 -15.14
C SER Q 428 -71.43 0.70 -13.66
N PHE Q 429 -72.72 0.68 -13.34
CA PHE Q 429 -73.20 0.63 -11.96
C PHE Q 429 -73.35 -0.83 -11.52
N TYR Q 430 -72.24 -1.57 -11.61
CA TYR Q 430 -72.27 -3.00 -11.35
C TYR Q 430 -72.51 -3.34 -9.89
N ASN Q 431 -72.31 -2.38 -8.99
CA ASN Q 431 -72.58 -2.58 -7.56
C ASN Q 431 -74.06 -2.76 -7.27
N LEU Q 432 -74.94 -2.46 -8.22
CA LEU Q 432 -76.37 -2.65 -8.05
C LEU Q 432 -76.78 -4.00 -8.65
N LYS Q 433 -78.08 -4.25 -8.68
CA LYS Q 433 -78.61 -5.51 -9.18
C LYS Q 433 -79.39 -5.28 -10.46
N LYS Q 434 -79.43 -6.32 -11.31
CA LYS Q 434 -80.15 -6.34 -12.58
C LYS Q 434 -79.74 -5.19 -13.51
N MET R 1 100.45 -42.52 78.65
CA MET R 1 100.56 -43.83 78.02
C MET R 1 102.00 -44.30 77.96
N LYS R 2 102.21 -45.61 78.05
CA LYS R 2 103.54 -46.18 77.97
C LYS R 2 104.04 -46.14 76.53
N LYS R 3 105.37 -46.18 76.36
CA LYS R 3 105.96 -46.21 75.03
C LYS R 3 105.59 -47.48 74.27
N GLU R 4 105.50 -48.61 74.99
CA GLU R 4 105.05 -49.85 74.40
C GLU R 4 103.62 -49.74 73.88
N LYS R 5 102.74 -49.10 74.67
CA LYS R 5 101.37 -48.88 74.24
C LYS R 5 101.29 -47.97 73.02
N ILE R 6 102.11 -46.92 72.98
CA ILE R 6 102.14 -46.02 71.83
C ILE R 6 102.60 -46.75 70.58
N ASP R 7 103.64 -47.58 70.71
CA ASP R 7 104.14 -48.36 69.57
C ASP R 7 103.09 -49.36 69.09
N LEU R 8 102.38 -50.00 70.02
CA LEU R 8 101.27 -50.90 69.65
C LEU R 8 100.17 -50.17 68.91
N PHE R 9 99.78 -48.99 69.43
CA PHE R 9 98.83 -48.12 68.74
C PHE R 9 99.23 -47.81 67.31
N TYR R 10 100.47 -47.35 67.12
CA TYR R 10 100.91 -46.95 65.79
C TYR R 10 101.02 -48.15 64.84
N GLY R 11 101.49 -49.29 65.35
CA GLY R 11 101.56 -50.49 64.54
C GLY R 11 100.18 -50.99 64.13
N ALA R 12 99.20 -50.89 65.03
CA ALA R 12 97.83 -51.23 64.68
C ALA R 12 97.15 -50.17 63.83
N LEU R 13 97.59 -48.95 63.88
CA LEU R 13 96.84 -48.05 63.03
C LEU R 13 97.41 -48.01 61.62
N LEU R 14 98.71 -48.19 61.51
CA LEU R 14 99.40 -48.09 60.23
C LEU R 14 99.63 -49.45 59.59
N HIS R 15 98.98 -50.52 60.08
CA HIS R 15 99.26 -51.85 59.52
C HIS R 15 98.65 -52.04 58.15
N ASP R 16 97.77 -51.15 57.72
CA ASP R 16 97.11 -51.30 56.43
C ASP R 16 97.35 -50.13 55.48
N ILE R 17 98.36 -49.30 55.73
CA ILE R 17 98.75 -48.31 54.73
C ILE R 17 99.37 -48.99 53.51
N GLY R 18 99.81 -50.25 53.67
CA GLY R 18 100.37 -51.01 52.58
C GLY R 18 99.39 -51.24 51.45
N LYS R 19 98.10 -51.34 51.76
CA LYS R 19 97.08 -51.42 50.71
C LYS R 19 97.08 -50.17 49.85
N VAL R 20 97.15 -48.99 50.47
CA VAL R 20 97.18 -47.74 49.73
C VAL R 20 98.44 -47.63 48.89
N ILE R 21 99.59 -48.00 49.46
CA ILE R 21 100.85 -47.92 48.71
C ILE R 21 100.84 -48.89 47.54
N GLN R 22 100.33 -50.10 47.75
CA GLN R 22 100.25 -51.08 46.69
C GLN R 22 99.31 -50.62 45.58
N ARG R 23 98.19 -50.00 45.94
CA ARG R 23 97.26 -49.56 44.90
C ARG R 23 97.81 -48.35 44.14
N ALA R 24 98.57 -47.49 44.81
CA ALA R 24 99.16 -46.35 44.14
C ALA R 24 100.28 -46.76 43.20
N THR R 25 101.13 -47.69 43.64
CA THR R 25 102.28 -48.10 42.83
C THR R 25 101.97 -49.23 41.85
N GLY R 26 100.93 -50.01 42.11
CA GLY R 26 100.61 -51.16 41.29
C GLY R 26 101.48 -52.37 41.51
N GLU R 27 102.29 -52.38 42.57
CA GLU R 27 103.19 -53.50 42.83
C GLU R 27 102.40 -54.74 43.21
N ARG R 28 102.96 -55.91 42.88
CA ARG R 28 102.32 -57.18 43.15
C ARG R 28 102.78 -57.82 44.46
N LYS R 29 103.60 -57.12 45.24
CA LYS R 29 104.02 -57.61 46.53
C LYS R 29 102.87 -57.53 47.52
N LYS R 30 102.97 -58.34 48.58
CA LYS R 30 101.95 -58.33 49.63
C LYS R 30 101.94 -56.98 50.35
N HIS R 31 100.75 -56.57 50.76
CA HIS R 31 100.57 -55.22 51.33
C HIS R 31 101.35 -55.04 52.62
N ALA R 32 101.55 -56.11 53.39
CA ALA R 32 102.28 -56.01 54.65
C ALA R 32 103.74 -55.62 54.41
N LEU R 33 104.39 -56.30 53.46
CA LEU R 33 105.78 -56.00 53.15
C LEU R 33 105.93 -54.59 52.60
N VAL R 34 104.99 -54.17 51.74
CA VAL R 34 105.03 -52.84 51.12
C VAL R 34 104.86 -51.75 52.17
N GLY R 35 103.91 -51.93 53.09
CA GLY R 35 103.76 -50.99 54.17
C GLY R 35 104.97 -50.95 55.08
N ALA R 36 105.59 -52.11 55.33
CA ALA R 36 106.73 -52.18 56.23
C ALA R 36 107.96 -51.46 55.67
N ASP R 37 108.33 -51.78 54.44
CA ASP R 37 109.52 -51.14 53.87
C ASP R 37 109.23 -49.71 53.42
N TRP R 38 107.97 -49.31 53.31
CA TRP R 38 107.69 -47.89 53.19
C TRP R 38 107.85 -47.17 54.50
N PHE R 39 107.45 -47.81 55.61
CA PHE R 39 107.67 -47.23 56.93
C PHE R 39 109.15 -47.11 57.22
N ASP R 40 109.94 -48.10 56.82
CA ASP R 40 111.39 -48.04 57.02
C ASP R 40 112.05 -46.92 56.23
N GLU R 41 111.43 -46.46 55.14
CA GLU R 41 111.99 -45.36 54.38
C GLU R 41 111.71 -44.00 55.00
N ILE R 42 110.83 -43.92 56.00
CA ILE R 42 110.43 -42.64 56.57
C ILE R 42 110.74 -42.53 58.06
N ALA R 43 110.82 -43.66 58.77
CA ALA R 43 111.02 -43.62 60.21
C ALA R 43 111.83 -44.82 60.65
N ASP R 44 112.70 -44.60 61.65
CA ASP R 44 113.52 -45.65 62.22
C ASP R 44 112.90 -46.09 63.54
N ASN R 45 111.90 -46.96 63.45
CA ASN R 45 111.24 -47.52 64.62
C ASN R 45 110.92 -48.97 64.29
N GLN R 46 111.67 -49.90 64.89
CA GLN R 46 111.56 -51.31 64.57
C GLN R 46 110.23 -51.90 65.00
N VAL R 47 109.70 -51.44 66.15
CA VAL R 47 108.48 -52.04 66.70
C VAL R 47 107.28 -51.77 65.80
N ILE R 48 107.11 -50.51 65.38
CA ILE R 48 105.98 -50.19 64.50
C ILE R 48 106.16 -50.85 63.13
N SER R 49 107.39 -50.85 62.61
CA SER R 49 107.66 -51.41 61.30
C SER R 49 107.38 -52.90 61.25
N ASP R 50 107.83 -53.64 62.26
CA ASP R 50 107.60 -55.08 62.21
C ASP R 50 106.22 -55.46 62.72
N GLN R 51 105.53 -54.57 63.42
CA GLN R 51 104.10 -54.76 63.64
C GLN R 51 103.33 -54.67 62.33
N ILE R 52 103.68 -53.69 61.49
CA ILE R 52 103.06 -53.59 60.16
C ILE R 52 103.44 -54.79 59.31
N ARG R 53 104.71 -55.21 59.36
CA ARG R 53 105.19 -56.32 58.55
C ARG R 53 104.53 -57.63 58.97
N TYR R 54 104.38 -57.85 60.27
CA TYR R 54 103.91 -59.13 60.79
C TYR R 54 102.51 -59.05 61.40
N HIS R 55 101.70 -58.08 60.97
CA HIS R 55 100.29 -58.10 61.34
C HIS R 55 99.58 -59.30 60.71
N MET R 56 100.12 -59.82 59.62
CA MET R 56 99.68 -61.07 59.02
C MET R 56 100.30 -62.19 59.84
N ALA R 57 99.47 -62.85 60.68
CA ALA R 57 99.97 -63.86 61.60
C ALA R 57 100.58 -65.05 60.89
N ASN R 58 100.10 -65.39 59.69
CA ASN R 58 100.69 -66.49 58.94
C ASN R 58 102.04 -66.15 58.33
N TYR R 59 102.46 -64.89 58.36
CA TYR R 59 103.73 -64.47 57.79
C TYR R 59 104.80 -64.62 58.86
N GLN R 60 105.40 -65.82 58.92
CA GLN R 60 106.61 -66.11 59.72
C GLN R 60 106.43 -65.71 61.18
N SER R 61 105.35 -66.21 61.79
CA SER R 61 105.10 -65.92 63.19
C SER R 61 106.18 -66.49 64.11
N ASP R 62 106.89 -67.54 63.66
CA ASP R 62 107.94 -68.15 64.46
C ASP R 62 109.12 -67.23 64.74
N LYS R 63 109.28 -66.15 63.95
CA LYS R 63 110.37 -65.21 64.16
C LYS R 63 110.04 -64.12 65.17
N LEU R 64 108.84 -64.13 65.74
CA LEU R 64 108.44 -63.16 66.74
C LEU R 64 108.42 -63.81 68.12
N GLY R 65 108.67 -63.00 69.15
CA GLY R 65 108.61 -63.49 70.50
C GLY R 65 107.19 -63.78 70.95
N ASN R 66 107.08 -64.53 72.04
CA ASN R 66 105.77 -64.89 72.58
C ASN R 66 105.02 -63.70 73.16
N ASP R 67 105.73 -62.64 73.55
CA ASP R 67 105.13 -61.44 74.12
C ASP R 67 105.05 -60.28 73.12
N HIS R 68 105.22 -60.57 71.84
CA HIS R 68 105.27 -59.51 70.84
C HIS R 68 103.92 -58.83 70.69
N LEU R 69 103.96 -57.52 70.49
CA LEU R 69 102.75 -56.74 70.33
C LEU R 69 101.98 -57.08 69.06
N ALA R 70 102.66 -57.67 68.05
CA ALA R 70 102.01 -57.98 66.78
C ALA R 70 100.88 -58.98 66.96
N TYR R 71 101.05 -59.98 67.83
CA TYR R 71 99.98 -60.93 68.13
C TYR R 71 98.73 -60.25 68.67
N ILE R 72 98.90 -59.11 69.36
CA ILE R 72 97.75 -58.27 69.69
C ILE R 72 97.17 -57.66 68.43
N THR R 73 97.99 -56.91 67.67
CA THR R 73 97.52 -56.14 66.50
C THR R 73 96.74 -56.99 65.52
N TYR R 74 97.29 -58.18 65.21
CA TYR R 74 96.67 -59.12 64.29
C TYR R 74 95.25 -59.47 64.73
N ILE R 75 95.08 -59.85 66.00
CA ILE R 75 93.75 -60.24 66.46
C ILE R 75 92.82 -59.04 66.47
N ALA R 76 93.37 -57.84 66.71
CA ALA R 76 92.59 -56.61 66.67
C ALA R 76 92.03 -56.40 65.28
N ASP R 77 92.83 -56.72 64.25
CA ASP R 77 92.36 -56.62 62.87
C ASP R 77 91.17 -57.55 62.65
N ASN R 78 91.26 -58.79 63.16
CA ASN R 78 90.15 -59.73 63.00
C ASN R 78 88.91 -59.22 63.74
N ILE R 79 89.10 -58.49 64.84
CA ILE R 79 87.97 -57.92 65.56
C ILE R 79 87.39 -56.73 64.81
N ALA R 80 88.24 -55.89 64.24
CA ALA R 80 87.74 -54.73 63.51
C ALA R 80 87.13 -55.14 62.21
N SER R 81 87.22 -56.43 61.86
CA SER R 81 86.68 -56.88 60.63
C SER R 81 85.29 -57.48 60.79
N GLY R 82 84.93 -57.91 61.99
CA GLY R 82 83.67 -58.60 62.20
C GLY R 82 83.53 -59.82 61.29
N VAL R 83 84.64 -60.49 61.00
CA VAL R 83 84.67 -61.62 60.06
C VAL R 83 85.93 -62.42 60.40
N ASP R 84 85.86 -63.74 60.22
CA ASP R 84 87.03 -64.58 60.42
C ASP R 84 87.88 -64.54 59.14
N ARG R 85 89.13 -64.10 59.27
CA ARG R 85 90.02 -63.95 58.12
C ARG R 85 90.90 -65.17 57.90
N ARG R 86 90.96 -66.08 58.87
CA ARG R 86 91.66 -67.35 58.70
C ARG R 86 90.82 -68.38 57.99
N GLN R 87 89.59 -68.61 58.46
CA GLN R 87 88.69 -69.62 57.89
C GLN R 87 88.43 -69.43 56.40
N SER R 88 88.76 -68.25 55.84
CA SER R 88 88.62 -68.00 54.42
C SER R 88 89.72 -68.62 53.56
N ASN R 89 90.87 -69.02 54.15
CA ASN R 89 92.03 -69.57 53.43
C ASN R 89 92.58 -68.61 52.38
N GLU R 90 92.32 -67.31 52.53
CA GLU R 90 92.85 -66.29 51.63
C GLU R 90 94.27 -65.94 51.98
N GLU R 91 94.76 -66.50 53.07
CA GLU R 91 96.01 -66.07 53.65
C GLU R 91 97.21 -66.93 53.31
N SER R 92 97.00 -68.11 52.74
CA SER R 92 98.07 -69.04 52.46
C SER R 92 98.25 -69.34 50.98
N ASP R 93 97.28 -68.98 50.13
CA ASP R 93 97.34 -69.29 48.72
C ASP R 93 97.49 -67.98 47.94
N GLU R 94 98.62 -67.85 47.26
CA GLU R 94 98.84 -66.66 46.43
C GLU R 94 98.03 -66.71 45.14
N ASP R 95 97.92 -67.90 44.52
CA ASP R 95 97.14 -68.04 43.29
C ASP R 95 95.65 -67.77 43.54
N ALA R 96 95.13 -68.30 44.65
CA ALA R 96 93.74 -68.00 45.01
C ALA R 96 93.58 -66.55 45.44
N SER R 97 94.63 -65.94 46.01
CA SER R 97 94.59 -64.52 46.35
C SER R 97 94.48 -63.66 45.10
N ALA R 98 95.20 -64.04 44.04
CA ALA R 98 95.11 -63.31 42.78
C ALA R 98 93.75 -63.47 42.11
N LYS R 99 92.99 -64.51 42.48
CA LYS R 99 91.68 -64.71 41.89
C LYS R 99 90.51 -64.16 42.71
N ILE R 100 90.61 -64.16 44.05
CA ILE R 100 89.51 -63.70 44.91
C ILE R 100 89.54 -62.18 45.05
N TRP R 101 90.73 -61.62 45.20
CA TRP R 101 90.88 -60.19 45.46
C TRP R 101 90.57 -59.40 44.19
N ASP R 102 89.44 -58.69 44.20
CA ASP R 102 89.05 -57.82 43.09
C ASP R 102 89.51 -56.40 43.43
N THR R 103 90.76 -56.11 43.11
CA THR R 103 91.37 -54.82 43.44
C THR R 103 90.90 -53.70 42.52
N TYR R 104 90.04 -54.01 41.54
CA TYR R 104 89.56 -53.04 40.58
C TYR R 104 88.19 -52.47 40.95
N THR R 105 87.81 -52.56 42.22
CA THR R 105 86.54 -52.03 42.70
C THR R 105 86.80 -51.02 43.80
N ASN R 106 86.19 -49.84 43.69
CA ASN R 106 86.32 -48.80 44.69
C ASN R 106 85.44 -49.09 45.90
N GLN R 107 85.52 -48.21 46.89
CA GLN R 107 84.70 -48.34 48.09
C GLN R 107 83.22 -48.21 47.75
N ALA R 108 82.42 -49.14 48.28
CA ALA R 108 80.99 -49.11 48.07
C ALA R 108 80.31 -48.25 49.12
N ASP R 109 79.13 -47.74 48.78
CA ASP R 109 78.36 -46.93 49.69
C ASP R 109 77.86 -47.80 50.82
N ILE R 110 77.96 -47.28 52.05
CA ILE R 110 77.45 -47.98 53.22
C ILE R 110 75.95 -48.22 53.15
N PHE R 111 75.23 -47.39 52.40
CA PHE R 111 73.79 -47.51 52.29
C PHE R 111 73.36 -48.54 51.25
N ASN R 112 74.30 -49.20 50.57
CA ASN R 112 73.94 -50.25 49.62
C ASN R 112 73.29 -51.43 50.30
N VAL R 113 73.57 -51.64 51.59
CA VAL R 113 72.98 -52.70 52.37
C VAL R 113 71.95 -52.19 53.37
N PHE R 114 71.82 -50.88 53.51
CA PHE R 114 70.88 -50.29 54.46
C PHE R 114 69.46 -50.52 53.98
N GLY R 115 68.58 -50.93 54.90
CA GLY R 115 67.15 -51.04 54.59
C GLY R 115 66.88 -52.03 53.47
N ALA R 116 66.04 -51.64 52.54
CA ALA R 116 65.72 -52.48 51.39
C ALA R 116 66.87 -52.48 50.39
N GLN R 117 66.83 -53.43 49.47
CA GLN R 117 67.88 -53.56 48.46
C GLN R 117 67.57 -52.66 47.27
N THR R 118 68.59 -51.94 46.80
CA THR R 118 68.49 -51.04 45.66
C THR R 118 69.77 -51.15 44.83
N ASP R 119 69.95 -50.20 43.91
CA ASP R 119 71.15 -50.18 43.09
C ASP R 119 72.38 -49.84 43.93
N LYS R 120 73.46 -50.58 43.70
CA LYS R 120 74.70 -50.33 44.41
C LYS R 120 75.38 -49.09 43.87
N ARG R 121 75.97 -48.31 44.78
CA ARG R 121 76.68 -47.08 44.44
C ARG R 121 78.07 -47.11 45.06
N TYR R 122 79.00 -46.39 44.46
CA TYR R 122 80.39 -46.45 44.86
C TYR R 122 80.96 -45.04 44.97
N PHE R 123 81.91 -44.88 45.88
CA PHE R 123 82.57 -43.60 46.12
C PHE R 123 83.89 -43.53 45.36
N LYS R 124 84.11 -42.44 44.65
CA LYS R 124 85.41 -42.18 44.06
C LYS R 124 86.36 -41.66 45.14
N PRO R 125 87.54 -42.26 45.29
CA PRO R 125 88.47 -41.84 46.35
C PRO R 125 88.92 -40.39 46.19
N THR R 126 88.57 -39.55 47.16
CA THR R 126 88.88 -38.13 47.13
C THR R 126 89.32 -37.71 48.54
N VAL R 127 90.18 -36.71 48.59
CA VAL R 127 90.61 -36.11 49.84
C VAL R 127 89.54 -35.11 50.31
N LEU R 128 89.14 -35.23 51.57
CA LEU R 128 88.12 -34.35 52.13
C LEU R 128 88.61 -32.91 52.19
N ASN R 129 87.74 -32.00 51.78
CA ASN R 129 88.03 -30.57 51.80
C ASN R 129 86.78 -29.86 52.28
N LEU R 130 86.97 -28.88 53.17
CA LEU R 130 85.85 -28.15 53.75
C LEU R 130 85.08 -27.34 52.72
N LYS R 131 85.73 -26.94 51.61
CA LYS R 131 85.14 -26.10 50.56
C LYS R 131 84.79 -26.87 49.28
N SER R 132 85.00 -28.19 49.25
CA SER R 132 84.68 -29.01 48.08
C SER R 132 83.28 -29.60 48.12
N LYS R 133 82.65 -29.71 46.95
CA LYS R 133 81.29 -30.22 46.86
C LYS R 133 81.19 -31.66 47.37
N PRO R 134 80.00 -32.07 47.85
CA PRO R 134 79.86 -33.44 48.40
C PRO R 134 80.21 -34.51 47.39
N ASN R 135 80.89 -35.53 47.89
CA ASN R 135 81.20 -36.68 47.07
C ASN R 135 80.09 -37.70 47.03
N PHE R 136 79.22 -37.54 46.07
CA PHE R 136 78.07 -38.41 46.04
C PHE R 136 78.44 -39.75 45.46
N ALA R 137 78.01 -40.83 46.12
CA ALA R 137 78.21 -42.16 45.59
C ALA R 137 77.38 -42.36 44.34
N SER R 138 77.98 -43.01 43.35
CA SER R 138 77.32 -43.25 42.08
C SER R 138 77.64 -44.66 41.61
N ALA R 139 76.68 -45.27 40.90
CA ALA R 139 76.90 -46.60 40.35
C ALA R 139 77.96 -46.62 39.26
N THR R 140 78.31 -45.46 38.71
CA THR R 140 79.34 -45.37 37.68
C THR R 140 80.73 -45.14 38.25
N TYR R 141 80.89 -45.08 39.57
CA TYR R 141 82.19 -44.86 40.20
C TYR R 141 82.82 -46.15 40.68
N GLU R 142 82.23 -47.30 40.34
CA GLU R 142 82.81 -48.60 40.68
C GLU R 142 84.24 -48.83 40.19
N PRO R 143 84.64 -48.53 38.92
CA PRO R 143 86.00 -48.89 38.48
C PRO R 143 87.08 -48.15 39.26
N PHE R 144 88.21 -48.83 39.43
CA PHE R 144 89.33 -48.31 40.20
C PHE R 144 90.26 -47.50 39.31
N SER R 145 90.81 -46.43 39.88
CA SER R 145 91.71 -45.53 39.18
C SER R 145 93.00 -45.37 39.97
N LYS R 146 94.15 -45.52 39.30
CA LYS R 146 95.43 -45.35 39.96
C LYS R 146 95.78 -43.89 40.20
N GLY R 147 95.27 -42.99 39.35
CA GLY R 147 95.59 -41.58 39.48
C GLY R 147 95.12 -40.97 40.79
N ASP R 148 93.94 -41.38 41.27
CA ASP R 148 93.44 -40.90 42.56
C ASP R 148 94.34 -41.37 43.71
N TYR R 149 94.79 -42.62 43.64
CA TYR R 149 95.66 -43.15 44.68
C TYR R 149 97.05 -42.56 44.63
N ALA R 150 97.50 -42.07 43.46
CA ALA R 150 98.82 -41.46 43.36
C ALA R 150 98.92 -40.20 44.21
N ALA R 151 97.90 -39.32 44.12
CA ALA R 151 97.88 -38.12 44.95
C ALA R 151 97.74 -38.46 46.42
N ILE R 152 96.93 -39.49 46.74
CA ILE R 152 96.82 -39.94 48.13
C ILE R 152 98.18 -40.37 48.69
N ALA R 153 98.91 -41.19 47.93
CA ALA R 153 100.23 -41.66 48.36
C ALA R 153 101.22 -40.51 48.50
N THR R 154 101.19 -39.57 47.56
CA THR R 154 102.09 -38.41 47.62
C THR R 154 101.82 -37.58 48.88
N ARG R 155 100.54 -37.33 49.18
CA ARG R 155 100.20 -36.51 50.34
C ARG R 155 100.56 -37.22 51.64
N ILE R 156 100.27 -38.52 51.75
CA ILE R 156 100.58 -39.23 53.00
C ILE R 156 102.09 -39.34 53.19
N LYS R 157 102.85 -39.48 52.09
CA LYS R 157 104.30 -39.55 52.18
C LYS R 157 104.86 -38.22 52.64
N ASN R 158 104.33 -37.14 52.08
CA ASN R 158 104.79 -35.81 52.42
C ASN R 158 104.48 -35.47 53.87
N GLU R 159 103.28 -35.87 54.35
CA GLU R 159 102.91 -35.55 55.72
C GLU R 159 103.66 -36.41 56.74
N LEU R 160 103.97 -37.66 56.39
CA LEU R 160 104.65 -38.55 57.31
C LEU R 160 106.17 -38.54 57.14
N ALA R 161 106.70 -37.68 56.28
CA ALA R 161 108.15 -37.60 56.08
C ALA R 161 108.86 -37.15 57.34
N GLU R 162 108.33 -36.14 58.03
CA GLU R 162 108.92 -35.62 59.24
C GLU R 162 108.04 -35.85 60.47
N PHE R 163 107.17 -36.85 60.42
CA PHE R 163 106.22 -37.08 61.51
C PHE R 163 106.93 -37.70 62.71
N GLU R 164 106.66 -37.13 63.89
CA GLU R 164 107.18 -37.67 65.14
C GLU R 164 106.12 -38.58 65.74
N PHE R 165 106.47 -39.86 65.92
CA PHE R 165 105.55 -40.86 66.47
C PHE R 165 105.57 -40.76 68.00
N ASN R 166 104.85 -39.76 68.50
CA ASN R 166 104.77 -39.47 69.92
C ASN R 166 103.29 -39.26 70.27
N GLN R 167 102.98 -39.34 71.57
CA GLN R 167 101.61 -39.19 72.05
C GLN R 167 100.98 -37.87 71.64
N ALA R 168 101.74 -36.76 71.72
CA ALA R 168 101.19 -35.44 71.45
C ALA R 168 100.72 -35.28 70.01
N GLN R 169 101.34 -36.00 69.08
CA GLN R 169 100.93 -35.96 67.68
C GLN R 169 99.75 -36.86 67.35
N ILE R 170 99.35 -37.74 68.29
CA ILE R 170 98.44 -38.87 68.03
C ILE R 170 97.19 -38.42 67.29
N ASP R 171 96.44 -37.48 67.88
CA ASP R 171 95.15 -37.07 67.33
C ASP R 171 95.33 -36.42 65.97
N SER R 172 96.43 -35.68 65.79
CA SER R 172 96.73 -35.04 64.51
C SER R 172 96.79 -36.07 63.39
N LEU R 173 97.50 -37.19 63.63
CA LEU R 173 97.61 -38.21 62.59
C LEU R 173 96.26 -38.83 62.30
N LEU R 174 95.43 -39.02 63.34
CA LEU R 174 94.08 -39.55 63.14
C LEU R 174 93.27 -38.65 62.23
N ASN R 175 93.41 -37.32 62.42
CA ASN R 175 92.74 -36.37 61.55
C ASN R 175 93.20 -36.50 60.12
N LEU R 176 94.52 -36.70 59.92
CA LEU R 176 95.06 -36.95 58.59
C LEU R 176 94.41 -38.15 57.94
N PHE R 177 94.20 -39.22 58.74
CA PHE R 177 93.47 -40.39 58.26
C PHE R 177 92.07 -40.05 57.83
N GLU R 178 91.36 -39.26 58.65
CA GLU R 178 90.01 -38.85 58.29
C GLU R 178 90.01 -37.97 57.05
N ALA R 179 91.11 -37.26 56.80
CA ALA R 179 91.18 -36.41 55.63
C ALA R 179 91.43 -37.20 54.36
N ILE R 180 91.97 -38.42 54.47
CA ILE R 180 92.55 -39.10 53.32
C ILE R 180 91.88 -40.45 53.03
N LEU R 181 91.78 -41.31 54.05
CA LEU R 181 91.31 -42.67 53.84
C LEU R 181 89.84 -42.88 54.22
N SER R 182 89.06 -41.79 54.27
CA SER R 182 87.63 -41.94 54.54
C SER R 182 86.87 -42.47 53.32
N PHE R 183 87.45 -42.41 52.12
CA PHE R 183 86.81 -42.89 50.89
C PHE R 183 87.68 -43.92 50.18
N VAL R 184 88.69 -44.46 50.86
CA VAL R 184 89.52 -45.53 50.31
C VAL R 184 89.05 -46.85 50.92
N PRO R 185 88.65 -47.84 50.11
CA PRO R 185 88.12 -49.10 50.67
C PRO R 185 89.14 -49.83 51.51
N SER R 186 88.67 -50.45 52.59
CA SER R 186 89.58 -51.18 53.48
C SER R 186 90.05 -52.47 52.82
N SER R 187 89.14 -53.21 52.21
CA SER R 187 89.46 -54.47 51.55
C SER R 187 88.77 -54.51 50.20
N THR R 188 89.36 -55.26 49.27
CA THR R 188 88.84 -55.35 47.92
C THR R 188 88.46 -56.78 47.55
N ASN R 189 88.30 -57.66 48.53
CA ASN R 189 87.95 -59.05 48.24
C ASN R 189 86.51 -59.11 47.71
N SER R 190 86.30 -59.99 46.74
CA SER R 190 85.00 -60.07 46.06
C SER R 190 83.90 -60.55 46.99
N LYS R 191 84.19 -61.50 47.89
CA LYS R 191 83.18 -62.10 48.74
C LYS R 191 82.55 -61.12 49.73
N GLU R 192 83.23 -60.04 50.07
CA GLU R 192 82.72 -59.03 50.97
C GLU R 192 82.34 -57.78 50.19
N ILE R 193 81.62 -56.89 50.86
CA ILE R 193 81.26 -55.60 50.31
C ILE R 193 82.20 -54.56 50.91
N ALA R 194 82.85 -53.77 50.06
CA ALA R 194 83.86 -52.83 50.49
C ALA R 194 83.27 -51.51 50.97
N ASP R 195 82.35 -51.55 51.91
CA ASP R 195 81.71 -50.35 52.45
C ASP R 195 82.31 -49.91 53.77
N ILE R 196 83.45 -50.47 54.17
CA ILE R 196 84.22 -49.97 55.31
C ILE R 196 85.37 -49.15 54.77
N SER R 197 85.47 -47.89 55.19
CA SER R 197 86.62 -47.08 54.85
C SER R 197 87.85 -47.55 55.60
N LEU R 198 89.01 -47.42 54.96
CA LEU R 198 90.26 -47.92 55.55
C LEU R 198 90.65 -47.12 56.78
N ALA R 199 90.34 -45.82 56.81
CA ALA R 199 90.60 -45.01 58.00
C ALA R 199 89.80 -45.52 59.18
N GLU R 200 88.50 -45.79 58.97
CA GLU R 200 87.66 -46.29 60.05
C GLU R 200 88.10 -47.68 60.49
N HIS R 201 88.44 -48.56 59.54
CA HIS R 201 88.90 -49.90 59.86
C HIS R 201 90.18 -49.87 60.68
N SER R 202 91.13 -49.02 60.29
CA SER R 202 92.37 -48.88 61.04
C SER R 202 92.13 -48.31 62.43
N ARG R 203 91.20 -47.34 62.55
CA ARG R 203 90.88 -46.75 63.85
C ARG R 203 90.28 -47.79 64.78
N LEU R 204 89.35 -48.61 64.27
CA LEU R 204 88.80 -49.70 65.07
C LEU R 204 89.87 -50.72 65.45
N THR R 205 90.79 -51.03 64.53
CA THR R 205 91.85 -51.98 64.84
C THR R 205 92.74 -51.46 65.96
N ALA R 206 93.10 -50.18 65.90
CA ALA R 206 93.93 -49.58 66.93
C ALA R 206 93.21 -49.53 68.28
N ALA R 207 91.91 -49.19 68.28
CA ALA R 207 91.13 -49.16 69.50
C ALA R 207 91.04 -50.54 70.14
N PHE R 208 90.78 -51.56 69.32
CA PHE R 208 90.69 -52.92 69.84
C PHE R 208 92.04 -53.42 70.33
N ALA R 209 93.13 -53.06 69.63
CA ALA R 209 94.46 -53.45 70.09
C ALA R 209 94.78 -52.84 71.45
N LEU R 210 94.45 -51.55 71.64
CA LEU R 210 94.68 -50.91 72.92
C LEU R 210 93.83 -51.53 74.02
N ALA R 211 92.56 -51.84 73.71
CA ALA R 211 91.68 -52.47 74.68
C ALA R 211 92.18 -53.86 75.08
N ILE R 212 92.66 -54.64 74.10
CA ILE R 212 93.18 -55.97 74.38
C ILE R 212 94.43 -55.88 75.24
N TYR R 213 95.30 -54.91 74.93
CA TYR R 213 96.52 -54.72 75.73
C TYR R 213 96.17 -54.37 77.17
N ASP R 214 95.21 -53.47 77.37
CA ASP R 214 94.80 -53.10 78.73
C ASP R 214 94.19 -54.29 79.48
N TYR R 215 93.33 -55.06 78.79
CA TYR R 215 92.69 -56.21 79.42
C TYR R 215 93.72 -57.28 79.81
N LEU R 216 94.70 -57.52 78.94
CA LEU R 216 95.72 -58.52 79.24
C LEU R 216 96.68 -58.03 80.32
N GLU R 217 96.99 -56.73 80.34
CA GLU R 217 97.84 -56.18 81.38
C GLU R 217 97.17 -56.28 82.75
N ASP R 218 95.86 -56.03 82.81
CA ASP R 218 95.15 -56.19 84.07
C ASP R 218 95.13 -57.64 84.53
N LYS R 219 94.98 -58.58 83.60
CA LYS R 219 94.96 -59.99 83.94
C LYS R 219 96.36 -60.58 84.14
N GLY R 220 97.41 -59.81 83.89
CA GLY R 220 98.76 -60.31 84.05
C GLY R 220 99.19 -61.33 83.02
N ARG R 221 98.57 -61.33 81.84
CA ARG R 221 98.87 -62.27 80.77
C ARG R 221 99.74 -61.57 79.74
N HIS R 222 100.96 -62.07 79.56
CA HIS R 222 101.91 -61.48 78.61
C HIS R 222 102.21 -62.38 77.42
N ASN R 223 101.71 -63.62 77.41
CA ASN R 223 101.94 -64.53 76.30
C ASN R 223 100.87 -64.29 75.25
N TYR R 224 101.10 -63.25 74.45
CA TYR R 224 100.13 -62.87 73.43
C TYR R 224 100.03 -63.91 72.32
N LYS R 225 101.13 -64.60 72.02
CA LYS R 225 101.11 -65.63 70.99
C LYS R 225 100.20 -66.78 71.37
N GLU R 226 100.24 -67.21 72.63
CA GLU R 226 99.38 -68.31 73.05
C GLU R 226 97.93 -67.85 73.20
N ASP R 227 97.71 -66.62 73.66
CA ASP R 227 96.36 -66.18 73.97
C ASP R 227 95.58 -65.78 72.71
N LEU R 228 96.21 -65.01 71.81
CA LEU R 228 95.50 -64.40 70.70
C LEU R 228 95.81 -65.04 69.36
N PHE R 229 96.75 -65.97 69.29
CA PHE R 229 97.02 -66.70 68.05
C PHE R 229 96.76 -68.19 68.19
N THR R 230 97.34 -68.83 69.21
CA THR R 230 97.08 -70.25 69.43
C THR R 230 95.66 -70.49 69.93
N LYS R 231 95.17 -69.62 70.81
CA LYS R 231 93.86 -69.75 71.42
C LYS R 231 92.97 -68.57 71.05
N ALA R 232 93.03 -68.13 69.79
CA ALA R 232 92.20 -67.01 69.35
C ALA R 232 90.72 -67.34 69.39
N SER R 233 90.35 -68.55 68.98
CA SER R 233 88.95 -68.96 69.01
C SER R 233 88.42 -69.04 70.44
N ALA R 234 89.24 -69.52 71.37
CA ALA R 234 88.84 -69.54 72.78
C ALA R 234 88.72 -68.13 73.34
N PHE R 235 89.60 -67.23 72.93
CA PHE R 235 89.56 -65.85 73.42
C PHE R 235 88.38 -65.09 72.84
N TYR R 236 87.88 -65.51 71.67
CA TYR R 236 86.68 -64.90 71.11
C TYR R 236 85.46 -65.07 72.02
N GLU R 237 85.47 -66.08 72.88
CA GLU R 237 84.38 -66.29 73.81
C GLU R 237 84.55 -65.56 75.14
N GLU R 238 85.76 -65.08 75.44
CA GLU R 238 86.01 -64.41 76.71
C GLU R 238 85.31 -63.06 76.75
N GLU R 239 84.73 -62.75 77.91
CA GLU R 239 83.96 -61.52 78.13
C GLU R 239 84.97 -60.41 78.44
N ALA R 240 85.52 -59.80 77.39
CA ALA R 240 86.68 -58.93 77.56
C ALA R 240 86.48 -57.48 77.13
N PHE R 241 85.29 -57.09 76.68
CA PHE R 241 85.10 -55.75 76.14
C PHE R 241 83.93 -55.08 76.83
N LEU R 242 83.95 -53.74 76.82
CA LEU R 242 82.85 -52.92 77.32
C LEU R 242 82.48 -51.93 76.23
N LEU R 243 81.19 -51.83 75.94
CA LEU R 243 80.67 -50.75 75.12
C LEU R 243 80.07 -49.73 76.07
N ALA R 244 80.75 -48.61 76.25
CA ALA R 244 80.33 -47.59 77.19
C ALA R 244 79.72 -46.41 76.44
N SER R 245 79.02 -45.56 77.18
CA SER R 245 78.34 -44.43 76.59
C SER R 245 78.06 -43.41 77.68
N PHE R 246 77.95 -42.15 77.27
CA PHE R 246 77.47 -41.10 78.14
C PHE R 246 76.56 -40.13 77.40
N ASP R 247 75.58 -39.63 78.13
CA ASP R 247 74.64 -38.65 77.62
C ASP R 247 74.54 -37.48 78.59
N LEU R 248 74.56 -36.26 78.05
CA LEU R 248 74.46 -35.05 78.87
C LEU R 248 73.05 -34.48 78.71
N SER R 249 72.26 -34.58 79.76
CA SER R 249 70.91 -34.05 79.77
C SER R 249 70.92 -32.57 80.14
N GLY R 250 70.12 -31.80 79.41
CA GLY R 250 69.99 -30.38 79.64
C GLY R 250 70.59 -29.51 78.57
N ILE R 251 71.08 -30.08 77.45
CA ILE R 251 71.82 -29.31 76.45
C ILE R 251 70.91 -28.29 75.78
N GLN R 252 69.75 -28.73 75.27
CA GLN R 252 68.87 -27.85 74.49
C GLN R 252 68.29 -26.75 75.37
N ASP R 253 67.89 -27.11 76.60
CA ASP R 253 67.33 -26.12 77.52
C ASP R 253 68.38 -25.09 77.91
N PHE R 254 69.63 -25.52 78.14
CA PHE R 254 70.70 -24.59 78.46
C PHE R 254 71.00 -23.66 77.29
N ILE R 255 71.03 -24.20 76.07
CA ILE R 255 71.37 -23.39 74.90
C ILE R 255 70.29 -22.37 74.61
N TYR R 256 69.03 -22.80 74.59
CA TYR R 256 67.98 -21.96 74.04
C TYR R 256 67.29 -21.07 75.05
N ASN R 257 67.55 -21.23 76.36
CA ASN R 257 66.90 -20.37 77.35
C ASN R 257 67.67 -19.08 77.50
N ILE R 258 67.34 -18.11 76.65
CA ILE R 258 67.86 -16.76 76.75
C ILE R 258 66.68 -15.80 76.69
N ALA R 259 66.68 -14.78 77.54
CA ALA R 259 65.55 -13.89 77.69
C ALA R 259 65.79 -12.44 77.26
N THR R 260 67.02 -12.04 76.98
CA THR R 260 67.34 -10.63 76.76
C THR R 260 68.02 -10.44 75.43
N SER R 261 68.24 -9.17 75.07
CA SER R 261 68.97 -8.82 73.86
C SER R 261 70.43 -9.27 73.98
N GLY R 262 71.05 -9.52 72.83
CA GLY R 262 72.33 -10.20 72.82
C GLY R 262 72.21 -11.71 72.90
N ALA R 263 71.01 -12.24 72.71
CA ALA R 263 70.74 -13.68 72.76
C ALA R 263 71.47 -14.44 71.68
N ALA R 264 71.77 -13.76 70.58
CA ALA R 264 72.43 -14.33 69.42
C ALA R 264 73.79 -14.91 69.75
N LYS R 265 74.64 -14.04 70.29
CA LYS R 265 76.01 -14.38 70.58
C LYS R 265 76.10 -15.40 71.68
N GLN R 266 75.28 -15.25 72.73
CA GLN R 266 75.16 -16.25 73.77
C GLN R 266 74.68 -17.57 73.23
N LEU R 267 73.76 -17.54 72.27
CA LEU R 267 73.20 -18.78 71.73
C LEU R 267 74.26 -19.58 70.99
N LYS R 268 74.99 -18.93 70.07
CA LYS R 268 76.03 -19.64 69.33
C LYS R 268 77.18 -20.05 70.24
N ALA R 269 77.54 -19.19 71.19
CA ALA R 269 78.61 -19.51 72.11
C ALA R 269 78.24 -20.68 73.01
N ARG R 270 76.98 -20.75 73.46
CA ARG R 270 76.51 -21.88 74.27
C ARG R 270 76.51 -23.16 73.47
N SER R 271 76.08 -23.11 72.20
CA SER R 271 76.10 -24.32 71.37
C SER R 271 77.51 -24.87 71.20
N LEU R 272 78.45 -23.98 70.84
CA LEU R 272 79.85 -24.39 70.71
C LEU R 272 80.44 -24.83 72.04
N TYR R 273 80.01 -24.21 73.14
CA TYR R 273 80.57 -24.52 74.45
C TYR R 273 80.11 -25.88 74.93
N LEU R 274 78.85 -26.23 74.68
CA LEU R 274 78.37 -27.57 75.04
C LEU R 274 79.00 -28.63 74.16
N ASP R 275 79.22 -28.33 72.88
CA ASP R 275 79.92 -29.28 72.02
C ASP R 275 81.34 -29.50 72.53
N PHE R 276 82.02 -28.42 72.92
CA PHE R 276 83.37 -28.55 73.46
C PHE R 276 83.39 -29.24 74.82
N MET R 277 82.33 -29.05 75.62
CA MET R 277 82.25 -29.75 76.91
C MET R 277 82.10 -31.25 76.70
N SER R 278 81.28 -31.67 75.72
CA SER R 278 81.18 -33.09 75.41
C SER R 278 82.50 -33.64 74.90
N GLU R 279 83.19 -32.87 74.04
CA GLU R 279 84.51 -33.27 73.54
C GLU R 279 85.51 -33.41 74.68
N TYR R 280 85.47 -32.48 75.63
CA TYR R 280 86.38 -32.54 76.77
C TYR R 280 86.06 -33.71 77.69
N ILE R 281 84.78 -34.04 77.86
CA ILE R 281 84.39 -35.22 78.63
C ILE R 281 85.00 -36.47 78.02
N ALA R 282 84.84 -36.61 76.69
CA ALA R 282 85.40 -37.77 76.00
C ALA R 282 86.92 -37.82 76.13
N ASP R 283 87.59 -36.68 75.90
CA ASP R 283 89.05 -36.64 75.93
C ASP R 283 89.60 -36.90 77.32
N SER R 284 88.99 -36.31 78.35
CA SER R 284 89.49 -36.51 79.71
C SER R 284 89.22 -37.92 80.18
N LEU R 285 88.06 -38.50 79.82
CA LEU R 285 87.79 -39.90 80.17
C LEU R 285 88.79 -40.84 79.51
N LEU R 286 89.14 -40.57 78.23
CA LEU R 286 90.15 -41.36 77.55
C LEU R 286 91.52 -41.20 78.20
N ASP R 287 91.86 -39.97 78.62
CA ASP R 287 93.15 -39.72 79.26
C ASP R 287 93.25 -40.44 80.61
N LYS R 288 92.13 -40.48 81.35
CA LYS R 288 92.13 -41.20 82.63
C LYS R 288 92.30 -42.70 82.43
N LEU R 289 91.87 -43.24 81.29
CA LEU R 289 92.07 -44.65 80.99
C LEU R 289 93.33 -44.92 80.18
N GLY R 290 94.13 -43.89 79.89
CA GLY R 290 95.32 -44.09 79.10
C GLY R 290 95.07 -44.45 77.66
N LEU R 291 93.92 -44.11 77.12
CA LEU R 291 93.57 -44.41 75.75
C LEU R 291 93.61 -43.14 74.93
N ASN R 292 93.13 -43.26 73.71
CA ASN R 292 93.12 -42.12 72.82
C ASN R 292 91.81 -42.02 72.06
N ARG R 293 91.75 -41.17 71.02
CA ARG R 293 90.52 -40.95 70.28
C ARG R 293 90.17 -42.13 69.36
N ALA R 294 91.06 -43.10 69.20
CA ALA R 294 90.72 -44.28 68.41
C ALA R 294 89.61 -45.09 69.09
N ASN R 295 89.59 -45.12 70.41
CA ASN R 295 88.54 -45.81 71.15
C ASN R 295 87.20 -45.09 71.10
N LEU R 296 87.17 -43.86 70.60
CA LEU R 296 85.96 -43.08 70.46
C LEU R 296 85.19 -43.46 69.20
N LEU R 297 83.99 -44.00 69.39
CA LEU R 297 83.17 -44.38 68.24
C LEU R 297 82.34 -43.22 67.74
N TYR R 298 81.72 -42.45 68.65
CA TYR R 298 80.82 -41.38 68.26
C TYR R 298 80.75 -40.36 69.37
N VAL R 299 80.87 -39.08 69.02
CA VAL R 299 80.53 -37.95 69.88
C VAL R 299 79.61 -37.04 69.09
N GLY R 300 78.45 -36.72 69.65
CA GLY R 300 77.56 -35.78 69.00
C GLY R 300 76.29 -35.56 69.80
N GLY R 301 75.90 -34.30 69.95
CA GLY R 301 74.69 -33.97 70.69
C GLY R 301 74.71 -34.36 72.14
N GLY R 302 75.89 -34.43 72.75
CA GLY R 302 76.01 -34.93 74.09
C GLY R 302 75.96 -36.44 74.22
N HIS R 303 75.80 -37.15 73.12
CA HIS R 303 75.78 -38.61 73.09
C HIS R 303 77.14 -39.11 72.64
N ALA R 304 77.74 -39.98 73.43
CA ALA R 304 79.00 -40.53 72.98
C ALA R 304 79.18 -41.97 73.42
N TYR R 305 79.92 -42.70 72.59
CA TYR R 305 80.14 -44.13 72.73
C TYR R 305 81.63 -44.42 72.72
N PHE R 306 82.05 -45.30 73.64
CA PHE R 306 83.44 -45.76 73.75
C PHE R 306 83.47 -47.27 73.68
N VAL R 307 84.61 -47.81 73.25
CA VAL R 307 84.90 -49.24 73.33
C VAL R 307 86.12 -49.39 74.23
N LEU R 308 85.96 -50.07 75.37
CA LEU R 308 86.98 -50.11 76.41
C LEU R 308 87.25 -51.55 76.82
N ALA R 309 88.29 -51.73 77.61
CA ALA R 309 88.63 -53.04 78.15
C ALA R 309 87.82 -53.33 79.41
N ASN R 310 87.31 -54.56 79.50
CA ASN R 310 86.44 -54.96 80.61
C ASN R 310 87.31 -55.38 81.77
N THR R 311 87.56 -54.42 82.66
CA THR R 311 88.30 -54.64 83.89
C THR R 311 87.71 -53.82 85.02
N GLU R 312 87.96 -54.29 86.25
CA GLU R 312 87.48 -53.61 87.45
C GLU R 312 88.08 -52.20 87.54
N LYS R 313 89.31 -52.02 87.06
CA LYS R 313 89.94 -50.69 87.02
C LYS R 313 89.17 -49.73 86.14
N THR R 314 88.75 -50.18 84.95
CA THR R 314 87.98 -49.34 84.03
C THR R 314 86.65 -48.93 84.64
N VAL R 315 85.98 -49.86 85.33
CA VAL R 315 84.71 -49.55 85.99
C VAL R 315 84.92 -48.53 87.10
N GLU R 316 85.98 -48.69 87.90
CA GLU R 316 86.26 -47.73 88.97
C GLU R 316 86.57 -46.33 88.43
N THR R 317 87.37 -46.24 87.36
CA THR R 317 87.61 -44.91 86.80
C THR R 317 86.35 -44.33 86.18
N LEU R 318 85.50 -45.17 85.59
CA LEU R 318 84.22 -44.69 85.03
C LEU R 318 83.34 -44.08 86.09
N VAL R 319 83.17 -44.78 87.23
CA VAL R 319 82.31 -44.26 88.29
C VAL R 319 82.95 -43.05 88.96
N GLN R 320 84.28 -43.03 89.09
CA GLN R 320 84.96 -41.90 89.72
C GLN R 320 84.84 -40.64 88.87
N PHE R 321 85.02 -40.77 87.55
CA PHE R 321 84.86 -39.62 86.66
C PHE R 321 83.41 -39.19 86.59
N GLU R 322 82.47 -40.15 86.65
CA GLU R 322 81.06 -39.84 86.77
C GLU R 322 80.75 -38.95 87.95
N LYS R 323 81.24 -39.35 89.13
CA LYS R 323 81.01 -38.58 90.35
C LYS R 323 81.69 -37.21 90.27
N ASP R 324 82.92 -37.16 89.77
CA ASP R 324 83.66 -35.90 89.71
C ASP R 324 83.00 -34.91 88.76
N PHE R 325 82.56 -35.37 87.59
CA PHE R 325 82.01 -34.42 86.63
C PHE R 325 80.61 -34.02 87.04
N ASN R 326 79.84 -34.92 87.68
CA ASN R 326 78.54 -34.51 88.21
C ASN R 326 78.68 -33.53 89.35
N GLN R 327 79.71 -33.68 90.19
CA GLN R 327 79.97 -32.70 91.23
C GLN R 327 80.33 -31.34 90.65
N PHE R 328 81.15 -31.33 89.59
CA PHE R 328 81.50 -30.07 88.94
C PHE R 328 80.26 -29.42 88.31
N LEU R 329 79.40 -30.24 87.68
CA LEU R 329 78.21 -29.69 87.05
C LEU R 329 77.23 -29.16 88.10
N LEU R 330 77.14 -29.83 89.25
CA LEU R 330 76.31 -29.33 90.34
C LEU R 330 76.87 -28.03 90.90
N ALA R 331 78.20 -27.90 90.95
CA ALA R 331 78.81 -26.69 91.46
C ALA R 331 78.59 -25.49 90.52
N ASN R 332 78.72 -25.71 89.21
CA ASN R 332 78.65 -24.59 88.27
C ASN R 332 77.26 -24.35 87.68
N PHE R 333 76.62 -25.40 87.14
CA PHE R 333 75.33 -25.25 86.48
C PHE R 333 74.15 -25.73 87.31
N GLN R 334 74.37 -26.07 88.59
CA GLN R 334 73.34 -26.57 89.51
C GLN R 334 72.78 -27.86 88.90
N THR R 335 71.47 -27.99 88.71
CA THR R 335 70.87 -29.19 88.15
C THR R 335 70.52 -29.05 86.68
N ARG R 336 70.96 -27.96 86.02
CA ARG R 336 70.58 -27.72 84.64
C ARG R 336 71.19 -28.76 83.70
N LEU R 337 72.44 -29.14 83.94
CA LEU R 337 73.14 -30.13 83.13
C LEU R 337 73.51 -31.32 84.00
N TYR R 338 73.37 -32.52 83.44
CA TYR R 338 73.71 -33.72 84.20
C TYR R 338 74.24 -34.78 83.26
N VAL R 339 75.41 -35.37 83.56
CA VAL R 339 76.00 -36.35 82.66
C VAL R 339 75.64 -37.72 83.23
N ALA R 340 75.31 -38.65 82.37
CA ALA R 340 74.99 -39.99 82.80
C ALA R 340 75.84 -40.96 82.01
N PHE R 341 76.52 -41.87 82.70
CA PHE R 341 77.37 -42.87 82.09
C PHE R 341 76.78 -44.27 82.25
N GLY R 342 76.95 -45.08 81.21
CA GLY R 342 76.60 -46.48 81.28
C GLY R 342 77.61 -47.28 80.49
N TRP R 343 77.61 -48.58 80.72
CA TRP R 343 78.56 -49.43 80.01
C TRP R 343 77.98 -50.82 79.95
N GLY R 344 78.10 -51.51 78.83
CA GLY R 344 77.61 -52.86 78.72
C GLY R 344 78.69 -53.83 78.35
N SER R 345 78.83 -54.90 79.12
CA SER R 345 79.91 -55.81 78.87
C SER R 345 79.54 -56.69 77.68
N PHE R 346 80.50 -56.86 76.76
CA PHE R 346 80.32 -57.75 75.63
C PHE R 346 81.62 -58.46 75.27
N ALA R 347 81.48 -59.61 74.64
CA ALA R 347 82.61 -60.42 74.20
C ALA R 347 82.86 -60.20 72.72
N ALA R 348 84.02 -60.68 72.26
CA ALA R 348 84.37 -60.55 70.85
C ALA R 348 83.36 -61.24 69.97
N LYS R 349 82.95 -62.47 70.33
CA LYS R 349 82.05 -63.34 69.56
C LYS R 349 80.87 -62.57 69.03
N ASP R 350 80.29 -61.70 69.83
CA ASP R 350 79.07 -61.03 69.43
C ASP R 350 79.26 -59.81 68.54
N ILE R 351 80.37 -59.64 67.79
CA ILE R 351 80.55 -58.50 66.87
C ILE R 351 81.04 -59.00 65.47
N MET R 352 81.03 -60.31 65.32
CA MET R 352 81.50 -60.89 64.06
C MET R 352 80.37 -60.92 63.07
N SER R 353 80.31 -61.96 62.24
CA SER R 353 79.14 -62.23 61.40
C SER R 353 78.87 -63.72 61.30
N GLU R 354 79.83 -64.52 61.73
CA GLU R 354 79.76 -65.95 61.77
C GLU R 354 79.53 -66.41 63.19
N LEU R 355 79.57 -65.47 64.09
CA LEU R 355 79.46 -65.70 65.50
C LEU R 355 78.59 -64.61 66.08
N ASN R 356 78.33 -63.46 65.51
CA ASN R 356 77.40 -62.58 66.22
C ASN R 356 75.88 -62.90 66.14
N SER R 357 75.17 -62.76 67.21
CA SER R 357 73.73 -62.95 67.04
C SER R 357 73.12 -61.59 66.87
N PRO R 358 72.27 -61.26 65.87
CA PRO R 358 71.76 -59.87 65.71
C PRO R 358 71.12 -59.32 66.95
N GLU R 359 70.46 -60.19 67.71
CA GLU R 359 69.97 -59.87 69.03
C GLU R 359 71.10 -59.47 69.94
N SER R 360 72.11 -60.37 70.07
CA SER R 360 73.32 -60.08 70.83
C SER R 360 73.92 -58.76 70.37
N TYR R 361 74.05 -58.52 69.03
CA TYR R 361 74.58 -57.28 68.44
C TYR R 361 73.97 -56.06 69.07
N ARG R 362 72.64 -56.01 69.02
CA ARG R 362 71.92 -54.91 69.66
C ARG R 362 72.08 -54.93 71.17
N GLN R 363 71.96 -56.13 71.79
CA GLN R 363 72.10 -56.33 73.24
C GLN R 363 73.35 -55.68 73.79
N ILE R 364 74.48 -55.81 73.04
CA ILE R 364 75.74 -55.11 73.33
C ILE R 364 75.51 -53.65 73.68
N TYR R 365 74.82 -52.92 72.82
CA TYR R 365 74.48 -51.52 73.04
C TYR R 365 73.36 -51.32 74.06
N GLN R 366 72.40 -52.27 74.05
CA GLN R 366 71.20 -52.18 74.87
C GLN R 366 71.46 -51.97 76.33
N LYS R 367 72.13 -52.93 77.00
CA LYS R 367 72.40 -52.83 78.46
C LYS R 367 72.77 -51.43 78.92
N ALA R 368 73.74 -50.85 78.21
CA ALA R 368 74.22 -49.50 78.47
C ALA R 368 73.12 -48.46 78.40
N SER R 369 72.26 -48.55 77.36
CA SER R 369 71.10 -47.64 77.29
C SER R 369 70.17 -47.77 78.50
N ARG R 370 69.89 -49.00 78.93
CA ARG R 370 69.03 -49.20 80.11
C ARG R 370 69.65 -48.63 81.39
N MET R 371 70.93 -48.89 81.60
CA MET R 371 71.67 -48.29 82.72
C MET R 371 71.74 -46.78 82.68
N ILE R 372 71.94 -46.18 81.50
CA ILE R 372 71.93 -44.73 81.40
C ILE R 372 70.57 -44.17 81.75
N SER R 373 69.50 -44.83 81.25
CA SER R 373 68.15 -44.37 81.56
C SER R 373 67.85 -44.47 83.05
N GLU R 374 68.30 -45.57 83.69
CA GLU R 374 68.10 -45.74 85.12
C GLU R 374 68.84 -44.66 85.92
N LYS R 375 70.07 -44.34 85.52
CA LYS R 375 70.81 -43.29 86.21
C LYS R 375 70.23 -41.90 85.92
N LYS R 376 69.59 -41.72 84.76
CA LYS R 376 68.93 -40.46 84.46
C LYS R 376 67.66 -40.29 85.29
N ILE R 377 66.96 -41.39 85.57
CA ILE R 377 65.76 -41.31 86.40
C ILE R 377 66.10 -40.95 87.84
N SER R 378 67.10 -41.62 88.40
CA SER R 378 67.54 -41.37 89.79
C SER R 378 68.86 -40.61 89.74
N ARG R 379 68.82 -39.31 89.97
CA ARG R 379 69.97 -38.46 89.67
C ARG R 379 70.89 -38.27 90.88
N TYR R 380 70.39 -37.68 91.96
CA TYR R 380 71.23 -37.22 93.05
C TYR R 380 70.94 -37.99 94.33
N ASP R 381 71.95 -38.11 95.19
CA ASP R 381 71.81 -38.74 96.50
C ASP R 381 71.32 -37.73 97.53
N TYR R 382 71.27 -38.15 98.80
CA TYR R 382 70.58 -37.38 99.84
C TYR R 382 71.38 -36.15 100.22
N ARG R 383 72.70 -36.31 100.29
CA ARG R 383 73.60 -35.19 100.50
C ARG R 383 73.41 -34.12 99.44
N THR R 384 73.38 -34.48 98.17
CA THR R 384 73.32 -33.47 97.12
C THR R 384 72.06 -32.61 97.19
N LEU R 385 70.89 -33.25 97.31
CA LEU R 385 69.65 -32.50 97.37
C LEU R 385 69.49 -31.78 98.69
N MET R 386 69.99 -32.35 99.79
CA MET R 386 69.97 -31.63 101.06
C MET R 386 70.82 -30.37 101.00
N LEU R 387 71.96 -30.44 100.33
CA LEU R 387 72.79 -29.27 100.13
C LEU R 387 72.13 -28.28 99.20
N LEU R 388 71.56 -28.71 98.09
CA LEU R 388 70.94 -27.77 97.16
C LEU R 388 69.71 -27.09 97.76
N ASN R 389 69.08 -27.70 98.75
CA ASN R 389 67.88 -27.15 99.32
C ASN R 389 68.18 -26.32 100.56
N ARG R 390 69.47 -26.09 100.87
CA ARG R 390 69.86 -25.43 102.13
C ARG R 390 69.38 -23.99 102.17
N GLY R 391 69.20 -23.35 101.01
CA GLY R 391 68.75 -21.97 100.95
C GLY R 391 69.71 -21.03 101.65
N GLY R 392 69.15 -20.15 102.48
CA GLY R 392 69.95 -19.24 103.28
C GLY R 392 70.51 -18.06 102.55
N LYS R 393 70.02 -17.75 101.35
CA LYS R 393 70.54 -16.65 100.55
C LYS R 393 69.49 -15.55 100.46
N SER R 394 69.90 -14.32 100.78
CA SER R 394 69.06 -13.12 100.68
C SER R 394 69.52 -12.33 99.46
N SER R 395 68.85 -12.57 98.34
CA SER R 395 69.23 -11.95 97.07
C SER R 395 68.06 -11.13 96.53
N GLU R 396 68.35 -9.91 96.09
CA GLU R 396 67.34 -9.04 95.52
C GLU R 396 67.38 -9.03 93.99
N ARG R 397 68.51 -9.35 93.41
CA ARG R 397 68.69 -9.29 91.98
C ARG R 397 69.14 -10.66 91.44
N GLU R 398 68.89 -10.91 90.16
CA GLU R 398 69.19 -12.16 89.50
C GLU R 398 69.90 -11.91 88.18
N CYS R 399 70.40 -12.99 87.60
CA CYS R 399 70.92 -12.96 86.24
C CYS R 399 69.76 -12.76 85.28
N GLU R 400 70.00 -12.00 84.23
CA GLU R 400 68.91 -11.65 83.32
C GLU R 400 68.85 -12.57 82.11
N ILE R 401 69.76 -13.53 81.99
CA ILE R 401 69.72 -14.44 80.85
C ILE R 401 69.17 -15.81 81.22
N CYS R 402 69.80 -16.48 82.19
CA CYS R 402 69.34 -17.80 82.60
C CYS R 402 68.70 -17.78 83.97
N HIS R 403 68.51 -16.58 84.55
CA HIS R 403 67.87 -16.38 85.86
C HIS R 403 68.63 -17.08 86.98
N SER R 404 69.96 -17.15 86.87
CA SER R 404 70.77 -17.74 87.93
C SER R 404 71.04 -16.72 89.02
N VAL R 405 71.28 -17.22 90.24
CA VAL R 405 71.55 -16.35 91.39
C VAL R 405 72.99 -16.51 91.88
N GLU R 406 73.79 -17.34 91.23
CA GLU R 406 75.13 -17.61 91.73
C GLU R 406 76.13 -16.64 91.11
N ASN R 407 76.83 -15.90 91.98
CA ASN R 407 77.98 -15.06 91.62
C ASN R 407 77.62 -14.03 90.53
N LEU R 408 76.65 -13.20 90.87
CA LEU R 408 76.19 -12.17 89.95
C LEU R 408 77.23 -11.05 89.85
N VAL R 409 77.47 -10.59 88.63
CA VAL R 409 78.40 -9.50 88.35
C VAL R 409 77.72 -8.51 87.40
N SER R 410 78.26 -7.30 87.39
CA SER R 410 77.73 -6.22 86.55
C SER R 410 78.46 -6.21 85.22
N TYR R 411 77.71 -6.08 84.14
CA TYR R 411 78.23 -6.08 82.78
C TYR R 411 77.23 -5.35 81.90
N HIS R 412 77.66 -4.21 81.33
CA HIS R 412 76.84 -3.42 80.41
C HIS R 412 75.54 -2.99 81.10
N ASP R 413 75.65 -2.59 82.36
CA ASP R 413 74.53 -2.20 83.23
C ASP R 413 73.55 -3.34 83.43
N GLN R 414 74.02 -4.57 83.30
CA GLN R 414 73.20 -5.75 83.38
C GLN R 414 73.85 -6.79 84.28
N LYS R 415 73.06 -7.42 85.10
CA LYS R 415 73.54 -8.48 85.98
C LYS R 415 73.51 -9.86 85.40
N VAL R 416 74.69 -10.45 85.30
CA VAL R 416 74.86 -11.76 84.72
C VAL R 416 75.71 -12.61 85.63
N CYS R 417 75.52 -13.92 85.56
CA CYS R 417 76.32 -14.82 86.37
C CYS R 417 77.70 -14.98 85.77
N ASP R 418 78.54 -15.78 86.44
CA ASP R 418 79.89 -16.03 85.95
C ASP R 418 79.88 -16.77 84.63
N ILE R 419 78.96 -17.73 84.47
CA ILE R 419 78.88 -18.49 83.23
C ILE R 419 78.41 -17.60 82.08
N CYS R 420 77.44 -16.72 82.36
CA CYS R 420 76.99 -15.78 81.33
C CYS R 420 78.09 -14.81 80.93
N ARG R 421 78.90 -14.35 81.89
CA ARG R 421 80.06 -13.52 81.58
C ARG R 421 81.06 -14.27 80.73
N GLY R 422 81.24 -15.56 81.03
CA GLY R 422 82.13 -16.38 80.23
C GLY R 422 81.65 -16.57 78.81
N LEU R 423 80.34 -16.73 78.63
CA LEU R 423 79.85 -16.87 77.26
C LEU R 423 79.88 -15.53 76.53
N TYR R 424 79.63 -14.41 77.24
CA TYR R 424 79.89 -13.07 76.70
C TYR R 424 81.30 -12.92 76.16
N GLN R 425 82.29 -13.34 76.94
CA GLN R 425 83.68 -13.25 76.48
C GLN R 425 83.94 -14.22 75.33
N PHE R 426 83.39 -15.43 75.43
CA PHE R 426 83.68 -16.47 74.46
C PHE R 426 83.05 -16.18 73.11
N SER R 427 81.95 -15.43 73.07
CA SER R 427 81.30 -15.09 71.81
C SER R 427 82.20 -14.26 70.91
N LYS R 428 83.04 -13.41 71.48
CA LYS R 428 84.04 -12.69 70.70
C LYS R 428 85.21 -13.57 70.29
N GLU R 429 85.46 -14.65 71.03
CA GLU R 429 86.58 -15.55 70.75
C GLU R 429 86.18 -16.74 69.88
N ILE R 430 84.93 -16.83 69.45
CA ILE R 430 84.51 -17.89 68.53
C ILE R 430 85.21 -17.76 67.19
N ALA R 431 85.45 -16.53 66.73
CA ALA R 431 86.05 -16.28 65.42
C ALA R 431 87.43 -16.92 65.27
N HIS R 432 88.14 -17.14 66.37
CA HIS R 432 89.41 -17.84 66.30
C HIS R 432 89.20 -19.34 66.03
N ASP R 433 90.27 -19.99 65.60
CA ASP R 433 90.21 -21.41 65.24
C ASP R 433 90.69 -22.32 66.36
N HIS R 434 91.51 -21.81 67.27
CA HIS R 434 92.14 -22.65 68.29
C HIS R 434 91.52 -22.40 69.64
N PHE R 435 91.23 -23.48 70.36
CA PHE R 435 90.62 -23.42 71.68
C PHE R 435 91.49 -24.22 72.64
N ILE R 436 91.90 -23.62 73.73
CA ILE R 436 92.83 -24.23 74.67
C ILE R 436 92.12 -24.57 75.97
N ILE R 437 92.67 -25.56 76.65
CA ILE R 437 92.20 -25.99 77.96
C ILE R 437 93.23 -25.52 78.99
N THR R 438 92.91 -24.44 79.69
CA THR R 438 93.76 -23.93 80.74
C THR R 438 93.24 -24.37 82.10
N GLU R 439 93.89 -23.89 83.15
CA GLU R 439 93.52 -24.30 84.50
C GLU R 439 92.53 -23.33 85.13
N ASN R 440 92.63 -22.03 84.83
CA ASN R 440 91.77 -21.05 85.48
C ASN R 440 91.14 -20.05 84.50
N GLU R 441 91.74 -19.80 83.34
CA GLU R 441 91.26 -18.74 82.47
C GLU R 441 90.21 -19.27 81.47
N GLY R 442 89.05 -18.64 81.44
CA GLY R 442 88.04 -19.01 80.47
C GLY R 442 86.83 -19.64 81.13
N LEU R 443 85.93 -20.15 80.29
CA LEU R 443 84.70 -20.77 80.75
C LEU R 443 85.01 -22.11 81.40
N PRO R 444 84.53 -22.39 82.62
CA PRO R 444 84.85 -23.66 83.27
C PRO R 444 84.26 -24.86 82.54
N ILE R 445 85.12 -25.64 81.90
CA ILE R 445 84.68 -26.78 81.10
C ILE R 445 84.76 -28.10 81.87
N GLY R 446 85.47 -28.14 82.99
CA GLY R 446 85.61 -29.37 83.73
C GLY R 446 86.37 -29.16 85.00
N PRO R 447 86.61 -30.26 85.75
CA PRO R 447 87.29 -30.15 87.05
C PRO R 447 88.68 -29.57 86.90
N ASN R 448 88.82 -28.34 87.42
CA ASN R 448 90.05 -27.60 87.28
C ASN R 448 90.48 -27.44 85.82
N ALA R 449 89.52 -27.18 84.93
CA ALA R 449 89.87 -27.02 83.53
C ALA R 449 88.87 -26.08 82.88
N CYS R 450 89.39 -25.15 82.08
CA CYS R 450 88.58 -24.12 81.44
C CYS R 450 88.90 -24.05 79.96
N LEU R 451 87.90 -23.70 79.16
CA LEU R 451 88.04 -23.56 77.72
C LEU R 451 88.19 -22.09 77.35
N LYS R 452 89.11 -21.81 76.44
CA LYS R 452 89.33 -20.42 76.01
C LYS R 452 89.73 -20.41 74.55
N GLY R 453 88.97 -19.67 73.73
CA GLY R 453 89.31 -19.51 72.33
C GLY R 453 90.33 -18.42 72.12
N VAL R 454 91.51 -18.78 71.60
CA VAL R 454 92.60 -17.82 71.45
C VAL R 454 93.15 -17.95 70.03
N ALA R 455 93.53 -16.83 69.43
CA ALA R 455 94.09 -16.83 68.10
C ALA R 455 95.44 -17.54 68.05
N PHE R 456 95.90 -17.81 66.83
CA PHE R 456 97.11 -18.61 66.63
C PHE R 456 98.35 -17.90 67.16
N GLU R 457 98.49 -16.61 66.83
CA GLU R 457 99.71 -15.87 67.17
C GLU R 457 99.91 -15.73 68.68
N LYS R 458 98.84 -15.81 69.45
CA LYS R 458 98.94 -15.73 70.90
C LYS R 458 99.10 -17.08 71.57
N LEU R 459 99.03 -18.18 70.79
CA LEU R 459 99.04 -19.52 71.38
C LEU R 459 100.36 -19.83 72.09
N SER R 460 101.45 -19.19 71.67
CA SER R 460 102.73 -19.41 72.32
C SER R 460 102.83 -18.73 73.68
N GLN R 461 101.93 -17.80 74.00
CA GLN R 461 102.01 -17.03 75.23
C GLN R 461 101.10 -17.56 76.34
N GLU R 462 100.44 -18.69 76.12
CA GLU R 462 99.47 -19.18 77.09
C GLU R 462 99.84 -20.61 77.48
N SER R 463 99.58 -20.95 78.75
CA SER R 463 99.84 -22.30 79.26
C SER R 463 98.56 -23.12 79.13
N PHE R 464 98.66 -24.22 78.40
CA PHE R 464 97.50 -25.05 78.10
C PHE R 464 97.86 -26.52 78.28
N SER R 465 96.82 -27.36 78.32
CA SER R 465 97.00 -28.81 78.38
C SER R 465 96.47 -29.54 77.15
N ARG R 466 95.50 -28.97 76.45
CA ARG R 466 94.93 -29.59 75.26
C ARG R 466 94.41 -28.50 74.34
N VAL R 467 94.58 -28.70 73.03
CA VAL R 467 94.23 -27.71 72.02
C VAL R 467 93.30 -28.36 71.02
N TYR R 468 92.17 -27.70 70.75
CA TYR R 468 91.23 -28.11 69.71
C TYR R 468 91.29 -27.14 68.54
N VAL R 469 91.29 -27.69 67.33
CA VAL R 469 91.20 -26.92 66.10
C VAL R 469 89.86 -27.20 65.43
N LYS R 470 89.14 -26.14 65.11
CA LYS R 470 87.77 -26.26 64.61
C LYS R 470 87.77 -26.07 63.11
N ASN R 471 87.21 -27.07 62.39
CA ASN R 471 87.04 -27.05 60.93
C ASN R 471 88.37 -26.81 60.22
N ASP R 472 89.27 -27.79 60.36
CA ASP R 472 90.57 -27.72 59.71
C ASP R 472 91.07 -29.13 59.46
N TYR R 473 91.41 -29.42 58.21
CA TYR R 473 91.96 -30.71 57.82
C TYR R 473 93.46 -30.68 57.62
N LYS R 474 94.12 -29.58 57.92
CA LYS R 474 95.55 -29.43 57.68
C LYS R 474 96.32 -29.63 58.98
N ALA R 475 97.32 -30.51 58.95
CA ALA R 475 98.17 -30.74 60.11
C ALA R 475 99.10 -29.55 60.29
N GLY R 476 98.79 -28.70 61.26
CA GLY R 476 99.54 -27.48 61.48
C GLY R 476 100.79 -27.71 62.28
N THR R 477 101.44 -26.58 62.64
CA THR R 477 102.67 -26.63 63.42
C THR R 477 102.43 -27.04 64.87
N ILE R 478 101.18 -26.97 65.34
CA ILE R 478 100.83 -27.29 66.72
C ILE R 478 100.07 -28.60 66.74
N LYS R 479 100.50 -29.52 67.62
CA LYS R 479 99.88 -30.84 67.76
C LYS R 479 98.55 -30.71 68.48
N ALA R 480 97.46 -30.81 67.72
CA ALA R 480 96.13 -30.51 68.24
C ALA R 480 95.14 -31.60 67.88
N THR R 481 93.96 -31.53 68.50
CA THR R 481 92.85 -32.43 68.19
C THR R 481 91.85 -31.68 67.32
N HIS R 482 91.39 -32.33 66.26
CA HIS R 482 90.55 -31.71 65.25
C HIS R 482 89.08 -32.02 65.50
N VAL R 483 88.26 -30.97 65.59
CA VAL R 483 86.83 -31.10 65.80
C VAL R 483 86.11 -30.31 64.71
N PHE R 484 84.89 -30.74 64.38
CA PHE R 484 84.12 -30.15 63.29
C PHE R 484 82.73 -29.79 63.79
N VAL R 485 82.30 -28.56 63.50
CA VAL R 485 80.99 -28.06 63.88
C VAL R 485 80.40 -27.32 62.69
N GLY R 486 79.08 -27.16 62.70
CA GLY R 486 78.41 -26.34 61.71
C GLY R 486 78.18 -24.93 62.22
N ASP R 487 79.00 -23.98 61.76
CA ASP R 487 79.03 -22.64 62.35
C ASP R 487 79.06 -21.53 61.29
N TYR R 488 78.42 -21.75 60.15
CA TYR R 488 78.33 -20.68 59.14
C TYR R 488 77.49 -19.54 59.71
N GLN R 489 78.01 -18.32 59.59
CA GLN R 489 77.31 -17.13 60.06
C GLN R 489 77.44 -16.05 59.01
N CYS R 490 76.30 -15.61 58.47
CA CYS R 490 76.32 -14.58 57.44
C CYS R 490 76.32 -13.18 58.04
N ASP R 491 75.53 -12.94 59.09
CA ASP R 491 75.47 -11.64 59.72
C ASP R 491 74.92 -11.83 61.13
N GLU R 492 74.76 -10.72 61.85
CA GLU R 492 74.18 -10.76 63.19
C GLU R 492 72.69 -11.05 63.09
N ILE R 493 72.16 -11.75 64.12
CA ILE R 493 70.79 -12.26 64.07
C ILE R 493 69.76 -11.15 64.00
N HIS R 494 70.03 -10.02 64.64
CA HIS R 494 69.07 -8.92 64.59
C HIS R 494 68.97 -8.26 63.22
N LYS R 495 69.86 -8.57 62.28
CA LYS R 495 69.80 -7.97 60.95
C LYS R 495 69.07 -8.84 59.93
N TYR R 496 68.76 -10.09 60.23
CA TYR R 496 68.13 -10.96 59.22
C TYR R 496 66.71 -10.54 58.90
N ALA R 497 66.04 -9.86 59.83
CA ALA R 497 64.72 -9.31 59.53
C ALA R 497 64.78 -8.27 58.43
N ALA R 498 65.78 -7.38 58.49
CA ALA R 498 65.95 -6.37 57.46
C ALA R 498 66.56 -6.95 56.19
N LEU R 499 67.37 -8.01 56.31
CA LEU R 499 68.04 -8.59 55.16
C LEU R 499 67.10 -9.33 54.22
N SER R 500 65.88 -9.66 54.66
CA SER R 500 64.93 -10.36 53.80
C SER R 500 64.49 -9.53 52.60
N LYS R 501 64.45 -8.21 52.76
CA LYS R 501 64.08 -7.33 51.65
C LYS R 501 65.17 -7.33 50.59
N ASN R 502 64.75 -7.25 49.32
CA ASN R 502 65.67 -7.22 48.20
C ASN R 502 66.07 -5.77 47.90
N GLU R 503 66.78 -5.58 46.78
CA GLU R 503 67.21 -4.25 46.39
C GLU R 503 66.03 -3.37 45.99
N ASP R 504 64.94 -3.96 45.53
CA ASP R 504 63.76 -3.21 45.13
C ASP R 504 62.76 -3.04 46.27
N GLY R 505 63.07 -3.53 47.47
CA GLY R 505 62.16 -3.43 48.59
C GLY R 505 61.16 -4.55 48.71
N LEU R 506 61.25 -5.58 47.89
CA LEU R 506 60.32 -6.69 47.97
C LEU R 506 60.77 -7.68 49.05
N GLY R 507 59.81 -8.25 49.76
CA GLY R 507 60.11 -9.21 50.78
C GLY R 507 59.62 -8.75 52.14
N ILE R 508 59.01 -9.65 52.90
CA ILE R 508 58.51 -9.29 54.22
C ILE R 508 59.68 -9.13 55.19
N LYS R 509 59.57 -8.16 56.10
CA LYS R 509 60.61 -7.90 57.09
C LYS R 509 60.44 -8.85 58.28
N ARG R 510 60.70 -10.13 58.02
CA ARG R 510 60.55 -11.18 59.02
C ARG R 510 61.72 -12.14 58.89
N LEU R 511 62.02 -12.82 59.99
CA LEU R 511 63.03 -13.85 59.99
C LEU R 511 62.36 -15.23 60.10
N ALA R 512 63.18 -16.27 60.02
CA ALA R 512 62.69 -17.64 60.14
C ALA R 512 63.70 -18.51 60.87
N VAL R 513 63.18 -19.54 61.54
CA VAL R 513 63.99 -20.53 62.22
C VAL R 513 63.58 -21.90 61.71
N VAL R 514 64.58 -22.68 61.31
CA VAL R 514 64.37 -24.04 60.83
C VAL R 514 64.96 -25.03 61.83
N ARG R 515 64.13 -26.00 62.24
CA ARG R 515 64.60 -27.15 63.01
C ARG R 515 64.29 -28.40 62.21
N LEU R 516 65.32 -29.19 61.96
CA LEU R 516 65.23 -30.35 61.10
C LEU R 516 65.76 -31.56 61.85
N ASP R 517 65.12 -32.71 61.63
CA ASP R 517 65.51 -33.92 62.31
C ASP R 517 65.36 -35.11 61.37
N VAL R 518 66.35 -36.00 61.38
CA VAL R 518 66.29 -37.23 60.59
C VAL R 518 65.52 -38.27 61.40
N ASP R 519 64.48 -38.82 60.80
CA ASP R 519 63.64 -39.78 61.50
C ASP R 519 64.35 -41.11 61.74
N ASP R 520 64.06 -41.72 62.89
CA ASP R 520 64.55 -43.05 63.26
C ASP R 520 66.05 -43.22 63.08
N LEU R 521 66.82 -42.20 63.48
CA LEU R 521 68.27 -42.31 63.39
C LEU R 521 68.78 -43.37 64.35
N GLY R 522 68.18 -43.47 65.54
CA GLY R 522 68.57 -44.50 66.47
C GLY R 522 68.23 -45.90 65.99
N ALA R 523 67.05 -46.07 65.39
CA ALA R 523 66.69 -47.34 64.78
C ALA R 523 67.59 -47.65 63.59
N ALA R 524 68.03 -46.61 62.87
CA ALA R 524 69.00 -46.76 61.80
C ALA R 524 70.33 -47.30 62.33
N PHE R 525 70.77 -46.76 63.47
CA PHE R 525 72.00 -47.23 64.10
C PHE R 525 71.84 -48.67 64.57
N MET R 526 70.66 -49.01 65.11
CA MET R 526 70.54 -50.28 65.79
C MET R 526 70.27 -51.41 64.81
N ALA R 527 69.28 -51.24 63.90
CA ALA R 527 68.82 -52.34 63.05
C ALA R 527 68.70 -51.96 61.58
N GLY R 528 69.31 -50.86 61.13
CA GLY R 528 69.21 -50.49 59.73
C GLY R 528 69.89 -51.48 58.81
N PHE R 529 70.99 -52.08 59.26
CA PHE R 529 71.76 -53.03 58.47
C PHE R 529 71.32 -54.46 58.63
N SER R 530 70.43 -54.76 59.58
CA SER R 530 70.00 -56.13 59.81
C SER R 530 68.91 -56.58 58.85
N ARG R 531 68.33 -55.67 58.08
CA ARG R 531 67.25 -56.05 57.16
C ARG R 531 67.77 -56.90 56.02
N GLN R 532 68.96 -56.62 55.52
CA GLN R 532 69.57 -57.40 54.45
C GLN R 532 70.57 -58.41 55.01
N GLY R 533 70.78 -59.48 54.26
CA GLY R 533 71.71 -60.52 54.68
C GLY R 533 71.27 -61.31 55.89
N ASN R 534 69.99 -61.25 56.24
CA ASN R 534 69.42 -61.92 57.43
C ASN R 534 70.13 -61.48 58.70
N GLY R 535 70.50 -60.19 58.77
CA GLY R 535 71.19 -59.66 59.92
C GLY R 535 72.69 -59.84 59.94
N GLN R 536 73.29 -60.33 58.86
CA GLN R 536 74.73 -60.55 58.85
C GLN R 536 75.51 -59.25 58.71
N TYR R 537 74.89 -58.20 58.17
CA TYR R 537 75.57 -56.93 57.97
C TYR R 537 75.62 -56.07 59.23
N SER R 538 75.38 -56.66 60.40
CA SER R 538 75.38 -55.93 61.66
C SER R 538 76.69 -56.20 62.38
N THR R 539 77.68 -55.36 62.11
CA THR R 539 78.96 -55.35 62.84
C THR R 539 79.22 -53.92 63.29
N LEU R 540 80.10 -53.76 64.29
CA LEU R 540 80.50 -52.41 64.73
C LEU R 540 81.12 -51.57 63.64
N SER R 541 81.73 -52.19 62.64
CA SER R 541 82.30 -51.43 61.53
C SER R 541 81.24 -50.66 60.78
N ARG R 542 80.09 -51.30 60.52
CA ARG R 542 79.04 -50.64 59.75
C ARG R 542 78.38 -49.52 60.54
N SER R 543 78.15 -49.73 61.84
CA SER R 543 77.65 -48.65 62.69
C SER R 543 78.64 -47.50 62.79
N ALA R 544 79.93 -47.82 62.86
CA ALA R 544 80.95 -46.77 62.96
C ALA R 544 81.03 -45.94 61.68
N THR R 545 81.02 -46.58 60.51
CA THR R 545 81.02 -45.78 59.29
C THR R 545 79.70 -45.06 59.07
N PHE R 546 78.58 -45.57 59.60
CA PHE R 546 77.33 -44.83 59.54
C PHE R 546 77.42 -43.58 60.39
N SER R 547 78.03 -43.70 61.58
CA SER R 547 78.27 -42.53 62.43
C SER R 547 79.15 -41.51 61.74
N ARG R 548 80.23 -41.98 61.09
CA ARG R 548 81.16 -41.08 60.43
C ARG R 548 80.51 -40.40 59.22
N SER R 549 79.67 -41.13 58.48
CA SER R 549 78.95 -40.53 57.36
C SER R 549 77.95 -39.48 57.82
N MET R 550 77.22 -39.77 58.91
CA MET R 550 76.30 -38.78 59.49
C MET R 550 77.04 -37.53 59.94
N SER R 551 78.20 -37.70 60.59
CA SER R 551 79.01 -36.55 61.00
C SER R 551 79.52 -35.77 59.79
N LEU R 552 79.94 -36.47 58.74
CA LEU R 552 80.42 -35.81 57.53
C LEU R 552 79.31 -34.99 56.87
N PHE R 553 78.09 -35.52 56.86
CA PHE R 553 77.01 -34.77 56.24
C PHE R 553 76.57 -33.59 57.09
N PHE R 554 76.52 -33.75 58.42
CA PHE R 554 75.87 -32.76 59.27
C PHE R 554 76.83 -31.84 60.02
N LYS R 555 78.14 -31.96 59.82
CA LYS R 555 79.07 -31.08 60.50
C LYS R 555 79.93 -30.24 59.58
N VAL R 556 80.19 -30.70 58.35
CA VAL R 556 80.99 -29.95 57.39
C VAL R 556 80.24 -29.67 56.10
N TYR R 557 79.46 -30.64 55.60
CA TYR R 557 78.74 -30.48 54.35
C TYR R 557 77.63 -29.45 54.46
N ILE R 558 77.01 -29.35 55.65
CA ILE R 558 75.98 -28.36 55.88
C ILE R 558 76.53 -26.95 55.77
N ASN R 559 77.83 -26.77 56.04
CA ASN R 559 78.46 -25.47 55.86
C ASN R 559 78.49 -25.07 54.40
N GLN R 560 78.71 -26.04 53.51
CA GLN R 560 78.63 -25.74 52.08
C GLN R 560 77.20 -25.60 51.62
N PHE R 561 76.25 -26.30 52.25
CA PHE R 561 74.85 -26.11 51.90
C PHE R 561 74.36 -24.75 52.32
N ALA R 562 75.00 -24.15 53.32
CA ALA R 562 74.65 -22.82 53.76
C ALA R 562 75.39 -21.73 53.02
N SER R 563 76.24 -22.05 52.04
CA SER R 563 77.09 -21.06 51.39
C SER R 563 76.26 -20.02 50.66
N ASP R 564 76.70 -18.76 50.74
CA ASP R 564 76.12 -17.59 50.08
C ASP R 564 74.70 -17.29 50.54
N LYS R 565 74.25 -17.89 51.64
CA LYS R 565 72.89 -17.73 52.14
C LYS R 565 72.93 -16.88 53.41
N LYS R 566 71.88 -16.07 53.59
CA LYS R 566 71.76 -15.22 54.76
C LYS R 566 71.12 -16.06 55.87
N LEU R 567 71.95 -16.89 56.51
CA LEU R 567 71.50 -17.69 57.63
C LEU R 567 72.70 -17.98 58.53
N SER R 568 72.39 -18.38 59.76
CA SER R 568 73.37 -18.87 60.72
C SER R 568 72.95 -20.22 61.25
N ILE R 569 73.85 -21.20 61.19
CA ILE R 569 73.60 -22.54 61.70
C ILE R 569 74.04 -22.55 63.16
N ILE R 570 73.08 -22.44 64.07
CA ILE R 570 73.40 -22.38 65.50
C ILE R 570 73.87 -23.74 66.00
N TYR R 571 73.20 -24.81 65.56
CA TYR R 571 73.45 -26.14 66.09
C TYR R 571 73.24 -27.17 65.00
N ALA R 572 74.29 -27.93 64.68
CA ALA R 572 74.20 -28.97 63.66
C ALA R 572 75.06 -30.13 64.12
N GLY R 573 74.44 -31.12 64.77
CA GLY R 573 75.16 -32.27 65.26
C GLY R 573 74.26 -33.48 65.37
N GLY R 574 74.72 -34.62 64.86
CA GLY R 574 73.89 -35.81 64.85
C GLY R 574 72.74 -35.70 63.87
N ASP R 575 71.52 -35.56 64.40
CA ASP R 575 70.33 -35.45 63.57
C ASP R 575 69.63 -34.10 63.67
N ASP R 576 69.87 -33.33 64.73
CA ASP R 576 69.16 -32.07 64.94
C ASP R 576 69.92 -30.94 64.26
N VAL R 577 69.21 -30.18 63.44
CA VAL R 577 69.74 -29.01 62.75
C VAL R 577 68.88 -27.81 63.13
N PHE R 578 69.53 -26.72 63.54
CA PHE R 578 68.88 -25.50 63.97
C PHE R 578 69.55 -24.34 63.26
N ALA R 579 68.78 -23.61 62.44
CA ALA R 579 69.32 -22.46 61.75
C ALA R 579 68.34 -21.29 61.81
N ILE R 580 68.89 -20.08 61.83
CA ILE R 580 68.09 -18.86 61.87
C ILE R 580 68.55 -17.95 60.74
N GLY R 581 67.61 -17.44 59.97
CA GLY R 581 68.01 -16.55 58.90
C GLY R 581 66.84 -15.80 58.29
N SER R 582 67.09 -15.21 57.13
CA SER R 582 66.00 -14.69 56.32
C SER R 582 65.17 -15.86 55.82
N TRP R 583 63.86 -15.67 55.72
CA TRP R 583 62.95 -16.80 55.51
C TRP R 583 63.17 -17.47 54.16
N GLN R 584 63.42 -16.67 53.11
CA GLN R 584 63.66 -17.23 51.78
C GLN R 584 64.91 -18.11 51.76
N ASP R 585 66.01 -17.60 52.31
CA ASP R 585 67.25 -18.38 52.34
C ASP R 585 67.12 -19.58 53.26
N ILE R 586 66.34 -19.47 54.34
CA ILE R 586 66.14 -20.58 55.26
C ILE R 586 65.39 -21.73 54.58
N ILE R 587 64.27 -21.41 53.93
CA ILE R 587 63.51 -22.42 53.20
C ILE R 587 64.29 -23.00 52.07
N ALA R 588 65.06 -22.14 51.36
CA ALA R 588 65.91 -22.61 50.31
C ALA R 588 66.80 -23.63 50.93
N PHE R 589 67.60 -23.26 51.93
CA PHE R 589 68.60 -24.16 52.56
C PHE R 589 67.99 -25.47 53.04
N THR R 590 66.77 -25.44 53.58
CA THR R 590 66.10 -26.65 54.01
C THR R 590 65.81 -27.58 52.84
N VAL R 591 65.30 -27.04 51.74
CA VAL R 591 65.02 -27.82 50.54
C VAL R 591 66.31 -28.44 50.00
N GLU R 592 67.42 -27.66 49.99
CA GLU R 592 68.65 -28.20 49.38
C GLU R 592 69.22 -29.27 50.28
N LEU R 593 69.15 -29.05 51.60
CA LEU R 593 69.67 -30.02 52.54
C LEU R 593 68.91 -31.33 52.44
N ARG R 594 67.61 -31.28 52.30
CA ARG R 594 67.00 -32.58 52.20
C ARG R 594 67.20 -33.25 50.88
N GLN R 595 67.17 -32.49 49.78
CA GLN R 595 67.46 -33.10 48.50
C GLN R 595 68.82 -33.79 48.51
N ASN R 596 69.81 -33.13 49.10
CA ASN R 596 71.12 -33.73 49.12
C ASN R 596 71.20 -34.85 50.16
N PHE R 597 70.35 -34.83 51.19
CA PHE R 597 70.33 -35.95 52.12
C PHE R 597 69.69 -37.16 51.46
N ILE R 598 68.61 -36.97 50.71
CA ILE R 598 67.99 -38.07 49.97
C ILE R 598 68.95 -38.65 48.95
N LYS R 599 69.68 -37.79 48.26
CA LYS R 599 70.69 -38.29 47.33
C LYS R 599 71.85 -38.95 48.07
N TRP R 600 72.16 -38.50 49.29
CA TRP R 600 73.29 -39.06 50.02
C TRP R 600 72.96 -40.43 50.60
N THR R 601 71.76 -40.59 51.15
CA THR R 601 71.34 -41.83 51.79
C THR R 601 70.58 -42.76 50.87
N ASN R 602 70.45 -42.40 49.58
CA ASN R 602 69.72 -43.19 48.58
C ASN R 602 68.27 -43.43 48.98
N GLY R 603 67.66 -42.42 49.60
CA GLY R 603 66.25 -42.52 49.97
C GLY R 603 65.93 -43.43 51.12
N LYS R 604 66.93 -43.85 51.90
CA LYS R 604 66.68 -44.74 53.03
C LYS R 604 66.28 -43.99 54.29
N LEU R 605 66.79 -42.78 54.48
CA LEU R 605 66.48 -41.97 55.66
C LEU R 605 65.79 -40.69 55.21
N THR R 606 64.71 -40.35 55.91
CA THR R 606 63.92 -39.18 55.57
C THR R 606 64.10 -38.10 56.63
N LEU R 607 63.53 -36.93 56.36
CA LEU R 607 63.75 -35.77 57.21
C LEU R 607 62.41 -35.11 57.49
N SER R 608 62.30 -34.61 58.71
CA SER R 608 61.15 -33.82 59.06
C SER R 608 61.63 -32.46 59.48
N ALA R 609 61.01 -31.44 58.90
CA ALA R 609 61.47 -30.07 59.07
C ALA R 609 60.33 -29.21 59.55
N GLY R 610 60.66 -28.24 60.39
CA GLY R 610 59.73 -27.22 60.81
C GLY R 610 60.34 -25.85 60.63
N ILE R 611 59.63 -24.97 59.91
CA ILE R 611 60.13 -23.63 59.59
C ILE R 611 59.16 -22.61 60.18
N GLY R 612 59.52 -22.08 61.34
CA GLY R 612 58.73 -21.05 61.97
C GLY R 612 59.11 -19.68 61.47
N LEU R 613 58.10 -18.84 61.27
CA LEU R 613 58.29 -17.48 60.81
C LEU R 613 58.03 -16.53 61.98
N PHE R 614 58.95 -15.59 62.20
CA PHE R 614 58.91 -14.74 63.38
C PHE R 614 59.28 -13.31 62.99
N ALA R 615 58.91 -12.38 63.87
CA ALA R 615 59.21 -10.98 63.67
C ALA R 615 60.56 -10.62 64.29
N ASP R 616 61.01 -9.40 63.99
CA ASP R 616 62.25 -8.90 64.56
C ASP R 616 62.06 -8.70 66.07
N LYS R 617 63.17 -8.87 66.81
CA LYS R 617 63.28 -8.68 68.26
C LYS R 617 62.48 -9.70 69.06
N THR R 618 62.21 -10.89 68.46
CA THR R 618 61.33 -11.81 69.22
C THR R 618 62.41 -12.59 70.12
N PRO R 619 62.03 -12.99 71.32
CA PRO R 619 62.91 -13.82 72.17
C PRO R 619 63.26 -15.15 71.49
N ILE R 620 64.49 -15.59 71.71
CA ILE R 620 65.02 -16.76 71.00
C ILE R 620 64.47 -18.07 71.56
N SER R 621 64.19 -18.11 72.87
CA SER R 621 63.62 -19.31 73.48
C SER R 621 62.25 -19.60 72.91
N LEU R 622 61.46 -18.54 72.72
CA LEU R 622 60.14 -18.68 72.14
C LEU R 622 60.23 -19.15 70.68
N MET R 623 61.14 -18.54 69.90
CA MET R 623 61.51 -19.03 68.59
C MET R 623 61.78 -20.53 68.49
N ALA R 624 62.68 -21.00 69.34
CA ALA R 624 63.02 -22.42 69.36
C ALA R 624 61.84 -23.28 69.76
N HIS R 625 61.04 -22.81 70.72
CA HIS R 625 59.89 -23.59 71.19
C HIS R 625 58.84 -23.75 70.09
N GLN R 626 58.48 -22.65 69.42
CA GLN R 626 57.49 -22.72 68.34
C GLN R 626 58.00 -23.55 67.16
N THR R 627 59.27 -23.38 66.79
CA THR R 627 59.81 -24.14 65.67
C THR R 627 59.89 -25.63 66.00
N GLY R 628 60.22 -25.97 67.25
CA GLY R 628 60.20 -27.36 67.68
C GLY R 628 58.80 -27.95 67.70
N GLU R 629 57.80 -27.14 68.07
CA GLU R 629 56.40 -27.58 67.98
C GLU R 629 56.02 -27.90 66.54
N LEU R 630 56.43 -27.03 65.60
CA LEU R 630 56.17 -27.29 64.19
C LEU R 630 56.90 -28.53 63.70
N GLU R 631 58.13 -28.73 64.18
CA GLU R 631 58.89 -29.93 63.84
C GLU R 631 58.20 -31.18 64.33
N GLU R 632 57.66 -31.15 65.55
CA GLU R 632 56.91 -32.29 66.09
C GLU R 632 55.64 -32.55 65.30
N ALA R 633 54.95 -31.47 64.89
CA ALA R 633 53.75 -31.62 64.06
C ALA R 633 54.09 -32.27 62.74
N ALA R 634 55.22 -31.88 62.15
CA ALA R 634 55.71 -32.55 60.96
C ALA R 634 56.05 -34.02 61.26
N LYS R 635 56.70 -34.30 62.38
CA LYS R 635 56.97 -35.68 62.79
C LYS R 635 55.69 -36.52 62.89
N GLY R 636 54.57 -35.89 63.24
CA GLY R 636 53.30 -36.59 63.35
C GLY R 636 52.69 -37.06 62.04
N ASN R 637 53.09 -36.45 60.92
CA ASN R 637 52.51 -36.79 59.61
C ASN R 637 53.23 -37.98 58.96
N GLU R 638 53.33 -39.07 59.72
CA GLU R 638 54.02 -40.30 59.32
C GLU R 638 55.48 -40.00 58.94
N LYS R 639 56.07 -38.93 59.50
CA LYS R 639 57.44 -38.48 59.23
C LYS R 639 57.62 -38.12 57.74
N ASP R 640 58.84 -37.76 57.36
CA ASP R 640 59.18 -37.25 56.02
C ASP R 640 58.28 -36.08 55.65
N SER R 641 58.22 -35.08 56.51
CA SER R 641 57.23 -34.06 56.25
C SER R 641 57.82 -32.71 56.66
N ILE R 642 57.24 -31.66 56.10
CA ILE R 642 57.66 -30.29 56.34
C ILE R 642 56.46 -29.49 56.83
N SER R 643 56.69 -28.70 57.87
CA SER R 643 55.65 -27.86 58.45
C SER R 643 56.10 -26.41 58.32
N LEU R 644 55.39 -25.65 57.50
CA LEU R 644 55.78 -24.29 57.16
C LEU R 644 54.84 -23.33 57.86
N PHE R 645 55.36 -22.66 58.89
CA PHE R 645 54.78 -21.49 59.57
C PHE R 645 53.58 -21.83 60.43
N SER R 646 53.11 -23.08 60.39
CA SER R 646 51.93 -23.52 61.10
C SER R 646 51.81 -25.03 60.98
N SER R 647 51.20 -25.65 62.00
CA SER R 647 50.87 -27.07 61.92
C SER R 647 49.83 -27.36 60.85
N ASP R 648 49.06 -26.36 60.43
CA ASP R 648 48.07 -26.56 59.36
C ASP R 648 48.74 -26.90 58.03
N TYR R 649 49.86 -26.25 57.72
CA TYR R 649 50.56 -26.46 56.44
C TYR R 649 51.62 -27.54 56.58
N THR R 650 51.18 -28.75 56.90
CA THR R 650 52.06 -29.91 57.00
C THR R 650 51.94 -30.73 55.72
N PHE R 651 53.06 -30.93 55.03
CA PHE R 651 53.06 -31.59 53.74
C PHE R 651 54.11 -32.69 53.72
N LYS R 652 53.90 -33.69 52.87
CA LYS R 652 54.97 -34.64 52.57
C LYS R 652 56.05 -33.89 51.84
N PHE R 653 57.30 -34.23 52.15
CA PHE R 653 58.34 -33.28 51.86
C PHE R 653 58.50 -33.30 50.32
N ASP R 654 58.60 -34.51 49.71
CA ASP R 654 58.69 -34.62 48.24
C ASP R 654 57.55 -33.93 47.51
N ARG R 655 56.34 -33.95 48.08
CA ARG R 655 55.21 -33.22 47.54
C ARG R 655 55.44 -31.73 47.65
N PHE R 656 56.08 -31.29 48.73
CA PHE R 656 56.39 -29.88 48.92
C PHE R 656 57.34 -29.39 47.85
N ILE R 657 58.32 -30.20 47.48
CA ILE R 657 59.29 -29.75 46.49
C ILE R 657 58.67 -29.80 45.12
N THR R 658 58.01 -30.91 44.80
CA THR R 658 57.53 -31.12 43.45
C THR R 658 56.31 -30.26 43.13
N ASN R 659 55.44 -30.01 44.10
CA ASN R 659 54.16 -29.38 43.84
C ASN R 659 54.09 -27.94 44.34
N VAL R 660 54.60 -27.67 45.53
CA VAL R 660 54.41 -26.36 46.15
C VAL R 660 55.40 -25.34 45.60
N TYR R 661 56.69 -25.66 45.67
CA TYR R 661 57.71 -24.65 45.40
C TYR R 661 57.88 -24.39 43.91
N ASP R 662 58.16 -25.43 43.13
CA ASP R 662 58.56 -25.22 41.74
C ASP R 662 57.43 -25.44 40.75
N ASP R 663 56.22 -25.79 41.22
CA ASP R 663 55.10 -26.04 40.33
C ASP R 663 54.03 -24.97 40.52
N LYS R 664 53.52 -24.79 41.73
CA LYS R 664 52.46 -23.81 41.94
C LYS R 664 53.01 -22.41 42.14
N LEU R 665 54.05 -22.29 42.99
CA LEU R 665 54.64 -20.98 43.26
C LEU R 665 55.30 -20.38 42.03
N GLU R 666 55.93 -21.22 41.19
CA GLU R 666 56.54 -20.72 39.97
C GLU R 666 55.51 -20.16 39.00
N GLN R 667 54.38 -20.87 38.82
CA GLN R 667 53.32 -20.38 37.96
C GLN R 667 52.68 -19.10 38.53
N ILE R 668 52.49 -19.04 39.85
CA ILE R 668 51.92 -17.85 40.47
C ILE R 668 52.84 -16.65 40.28
N ARG R 669 54.15 -16.86 40.43
CA ARG R 669 55.11 -15.79 40.17
C ARG R 669 55.07 -15.34 38.72
N TYR R 670 55.14 -16.30 37.79
CA TYR R 670 55.13 -16.01 36.35
C TYR R 670 53.90 -15.23 35.94
N PHE R 671 52.76 -15.54 36.56
CA PHE R 671 51.53 -14.82 36.26
C PHE R 671 51.56 -13.43 36.90
N PHE R 672 51.64 -13.37 38.23
CA PHE R 672 51.36 -12.13 38.93
C PHE R 672 52.49 -11.11 38.82
N ASN R 673 53.68 -11.50 38.33
CA ASN R 673 54.70 -10.50 38.04
C ASN R 673 54.34 -9.63 36.84
N HIS R 674 53.41 -10.09 36.00
CA HIS R 674 53.00 -9.35 34.81
C HIS R 674 51.70 -8.59 35.04
N GLN R 675 51.22 -8.53 36.28
CA GLN R 675 49.90 -8.00 36.58
C GLN R 675 50.00 -6.74 37.44
N ASP R 676 48.96 -5.92 37.34
CA ASP R 676 48.87 -4.67 38.09
C ASP R 676 48.39 -4.93 39.53
N GLU R 677 48.00 -3.84 40.20
CA GLU R 677 47.64 -3.89 41.62
C GLU R 677 46.38 -4.72 41.87
N ARG R 678 45.38 -4.64 40.99
CA ARG R 678 44.11 -5.32 41.22
C ARG R 678 44.25 -6.84 41.22
N GLY R 679 45.02 -7.38 40.26
CA GLY R 679 45.27 -8.81 40.24
C GLY R 679 46.02 -9.29 41.46
N LYS R 680 47.03 -8.53 41.89
CA LYS R 680 47.76 -8.85 43.11
C LYS R 680 46.87 -8.80 44.34
N ASN R 681 45.90 -7.88 44.36
CA ASN R 681 44.96 -7.80 45.46
C ASN R 681 43.98 -8.97 45.43
N PHE R 682 43.73 -9.53 44.25
CA PHE R 682 42.83 -10.67 44.17
C PHE R 682 43.38 -11.92 44.86
N ILE R 683 44.68 -11.94 45.17
CA ILE R 683 45.29 -13.06 45.88
C ILE R 683 44.66 -13.25 47.26
N TYR R 684 44.31 -12.14 47.92
CA TYR R 684 43.71 -12.24 49.24
C TYR R 684 42.31 -12.86 49.19
N LYS R 685 41.53 -12.50 48.17
CA LYS R 685 40.24 -13.14 47.95
C LYS R 685 40.40 -14.61 47.63
N LEU R 686 41.43 -14.95 46.83
CA LEU R 686 41.71 -16.35 46.54
C LEU R 686 42.01 -17.10 47.84
N ILE R 687 42.88 -16.57 48.69
CA ILE R 687 43.23 -17.22 49.96
C ILE R 687 42.01 -17.38 50.85
N GLU R 688 41.16 -16.35 50.90
CA GLU R 688 39.95 -16.42 51.73
C GLU R 688 38.99 -17.49 51.24
N LEU R 689 38.85 -17.61 49.91
CA LEU R 689 38.04 -18.68 49.35
C LEU R 689 38.64 -20.06 49.65
N LEU R 690 39.97 -20.16 49.61
CA LEU R 690 40.64 -21.41 49.95
C LEU R 690 40.38 -21.83 51.39
N ARG R 691 40.39 -20.85 52.32
CA ARG R 691 40.23 -21.18 53.73
C ARG R 691 38.79 -21.53 54.08
N ASN R 692 37.82 -21.00 53.37
CA ASN R 692 36.42 -21.14 53.73
C ASN R 692 35.72 -22.26 52.99
N TYR R 693 36.46 -23.09 52.24
CA TYR R 693 35.86 -24.06 51.33
C TYR R 693 34.96 -25.07 52.04
N GLU R 694 35.39 -25.53 53.22
CA GLU R 694 34.68 -26.59 53.92
C GLU R 694 33.27 -26.19 54.34
N SER R 695 33.06 -24.90 54.64
CA SER R 695 31.76 -24.46 55.12
C SER R 695 30.72 -24.38 54.01
N GLU R 696 31.10 -23.87 52.85
CA GLU R 696 30.15 -23.51 51.80
C GLU R 696 30.62 -24.01 50.45
N GLU R 697 30.96 -25.30 50.37
CA GLU R 697 31.66 -25.93 49.24
C GLU R 697 31.23 -25.49 47.84
N LYS R 698 29.96 -25.70 47.50
CA LYS R 698 29.49 -25.42 46.15
C LYS R 698 29.36 -23.91 45.90
N MET R 699 28.86 -23.16 46.88
CA MET R 699 28.80 -21.71 46.77
C MET R 699 30.19 -21.12 46.60
N ASN R 700 31.18 -21.72 47.25
CA ASN R 700 32.57 -21.26 47.18
C ASN R 700 33.19 -21.56 45.84
N VAL R 701 32.92 -22.74 45.27
CA VAL R 701 33.46 -23.04 43.94
C VAL R 701 32.82 -22.11 42.91
N ALA R 702 31.54 -21.74 43.14
CA ALA R 702 30.86 -20.76 42.30
C ALA R 702 31.53 -19.41 42.37
N ARG R 703 31.79 -18.97 43.59
CA ARG R 703 32.42 -17.67 43.80
C ARG R 703 33.80 -17.62 43.20
N LEU R 704 34.57 -18.70 43.35
CA LEU R 704 35.91 -18.74 42.77
C LEU R 704 35.86 -18.70 41.25
N ALA R 705 34.93 -19.44 40.66
CA ALA R 705 34.75 -19.40 39.21
C ALA R 705 34.43 -17.99 38.74
N TYR R 706 33.53 -17.30 39.46
CA TYR R 706 33.19 -15.92 39.14
C TYR R 706 34.41 -15.01 39.20
N TYR R 707 35.20 -15.13 40.27
CA TYR R 707 36.34 -14.23 40.44
C TYR R 707 37.40 -14.49 39.38
N LEU R 708 37.64 -15.75 39.04
CA LEU R 708 38.60 -16.05 38.00
C LEU R 708 38.16 -15.49 36.65
N THR R 709 36.89 -15.67 36.29
CA THR R 709 36.48 -15.16 34.99
C THR R 709 36.25 -13.66 34.96
N ARG R 710 36.02 -13.02 36.11
CA ARG R 710 35.94 -11.56 36.06
C ARG R 710 37.33 -11.00 35.85
N LEU R 711 38.35 -11.65 36.42
CA LEU R 711 39.70 -11.21 36.12
C LEU R 711 40.13 -11.56 34.69
N GLU R 712 39.66 -12.69 34.14
CA GLU R 712 39.68 -12.94 32.69
C GLU R 712 39.21 -11.74 31.90
N GLU R 713 37.99 -11.28 32.19
CA GLU R 713 37.41 -10.17 31.43
C GLU R 713 38.15 -8.86 31.66
N LEU R 714 38.80 -8.72 32.82
CA LEU R 714 39.58 -7.51 33.10
C LEU R 714 40.98 -7.53 32.49
N THR R 715 41.49 -8.69 32.05
CA THR R 715 42.83 -8.77 31.50
C THR R 715 42.83 -8.31 30.05
N ASP R 716 43.95 -7.68 29.64
CA ASP R 716 44.14 -7.20 28.28
C ASP R 716 44.03 -8.35 27.28
N LYS R 717 43.75 -7.98 26.02
CA LYS R 717 43.56 -8.97 24.97
C LYS R 717 44.83 -9.76 24.70
N ASP R 718 45.98 -9.08 24.72
CA ASP R 718 47.26 -9.76 24.49
C ASP R 718 47.58 -10.76 25.60
N GLU R 719 47.17 -10.47 26.83
CA GLU R 719 47.45 -11.32 27.97
C GLU R 719 46.28 -12.21 28.37
N ARG R 720 45.27 -12.34 27.51
CA ARG R 720 44.07 -13.08 27.88
C ARG R 720 44.32 -14.58 27.95
N ASP R 721 45.07 -15.12 26.97
CA ASP R 721 45.25 -16.57 26.85
C ASP R 721 46.01 -17.16 28.03
N LYS R 722 47.08 -16.49 28.48
CA LYS R 722 47.80 -16.96 29.66
C LYS R 722 46.90 -16.94 30.88
N PHE R 723 45.98 -15.97 30.95
CA PHE R 723 45.02 -15.97 32.05
C PHE R 723 44.10 -17.17 31.95
N LYS R 724 43.65 -17.51 30.74
CA LYS R 724 42.80 -18.69 30.58
C LYS R 724 43.51 -19.94 31.06
N GLN R 725 44.82 -20.04 30.77
CA GLN R 725 45.62 -21.16 31.27
C GLN R 725 45.67 -21.18 32.79
N PHE R 726 45.94 -20.02 33.41
CA PHE R 726 46.02 -19.97 34.88
C PHE R 726 44.67 -20.25 35.53
N LYS R 727 43.59 -19.73 34.96
CA LYS R 727 42.25 -19.95 35.50
C LYS R 727 41.87 -21.41 35.46
N LYS R 728 42.13 -22.09 34.33
CA LYS R 728 41.87 -23.52 34.24
C LYS R 728 42.71 -24.30 35.23
N LEU R 729 44.00 -23.94 35.36
CA LEU R 729 44.89 -24.66 36.25
C LEU R 729 44.50 -24.47 37.72
N PHE R 730 44.13 -23.25 38.11
CA PHE R 730 43.77 -22.98 39.49
C PHE R 730 42.42 -23.58 39.83
N PHE R 731 41.48 -23.56 38.88
CA PHE R 731 40.20 -24.23 39.11
C PHE R 731 40.39 -25.74 39.28
N LYS R 732 41.30 -26.32 38.49
CA LYS R 732 41.61 -27.74 38.65
C LYS R 732 42.20 -28.03 40.02
N TRP R 733 43.13 -27.18 40.48
CA TRP R 733 43.69 -27.33 41.82
C TRP R 733 42.61 -27.23 42.89
N TYR R 734 41.71 -26.27 42.74
CA TYR R 734 40.70 -26.02 43.77
C TYR R 734 39.66 -27.14 43.82
N THR R 735 39.31 -27.71 42.67
CA THR R 735 38.28 -28.73 42.63
C THR R 735 38.84 -30.16 42.71
N ASN R 736 40.16 -30.34 42.70
CA ASN R 736 40.71 -31.69 42.69
C ASN R 736 40.54 -32.37 44.05
N ASN R 737 41.18 -31.84 45.09
CA ASN R 737 41.11 -32.41 46.43
C ASN R 737 41.65 -31.38 47.42
N GLU R 738 41.68 -31.78 48.70
CA GLU R 738 42.11 -30.87 49.74
C GLU R 738 43.62 -30.70 49.76
N SER R 739 44.36 -31.72 49.32
CA SER R 739 45.81 -31.64 49.31
C SER R 739 46.31 -30.56 48.34
N ASP R 740 45.78 -30.57 47.11
CA ASP R 740 46.14 -29.53 46.15
C ASP R 740 45.62 -28.16 46.58
N ARG R 741 44.47 -28.13 47.27
CA ARG R 741 43.95 -26.91 47.84
C ARG R 741 44.92 -26.28 48.84
N LYS R 742 45.41 -27.09 49.78
CA LYS R 742 46.37 -26.61 50.77
C LYS R 742 47.69 -26.22 50.13
N GLU R 743 48.13 -26.98 49.12
CA GLU R 743 49.37 -26.65 48.43
C GLU R 743 49.28 -25.32 47.71
N ALA R 744 48.14 -25.06 47.04
CA ALA R 744 47.93 -23.78 46.38
C ALA R 744 47.84 -22.64 47.39
N GLU R 745 47.21 -22.89 48.55
CA GLU R 745 47.16 -21.88 49.60
C GLU R 745 48.54 -21.52 50.11
N LEU R 746 49.40 -22.53 50.32
CA LEU R 746 50.76 -22.28 50.78
C LEU R 746 51.57 -21.54 49.73
N ALA R 747 51.39 -21.90 48.45
CA ALA R 747 52.09 -21.20 47.37
C ALA R 747 51.67 -19.73 47.31
N LEU R 748 50.36 -19.46 47.45
CA LEU R 748 49.89 -18.08 47.47
C LEU R 748 50.43 -17.31 48.67
N LEU R 749 50.51 -17.98 49.83
CA LEU R 749 51.05 -17.35 51.03
C LEU R 749 52.53 -17.00 50.87
N LEU R 750 53.31 -17.92 50.28
CA LEU R 750 54.71 -17.64 50.03
C LEU R 750 54.90 -16.49 49.05
N TYR R 751 54.08 -16.47 47.99
CA TYR R 751 54.20 -15.41 46.99
C TYR R 751 53.83 -14.05 47.58
N VAL R 752 52.76 -14.00 48.40
CA VAL R 752 52.36 -12.72 48.99
C VAL R 752 53.39 -12.29 50.03
N TYR R 753 54.11 -13.23 50.63
CA TYR R 753 55.24 -12.87 51.46
C TYR R 753 56.38 -12.28 50.64
N GLU R 754 56.58 -12.76 49.41
CA GLU R 754 57.70 -12.29 48.60
C GLU R 754 57.51 -10.86 48.11
N ILE R 755 56.27 -10.43 47.84
CA ILE R 755 56.03 -9.17 47.14
C ILE R 755 55.59 -8.05 48.06
N ARG R 756 55.69 -8.23 49.35
CA ARG R 756 55.04 -7.36 50.29
C ARG R 756 55.88 -6.07 50.39
N LYS R 757 55.25 -4.89 50.23
CA LYS R 757 55.95 -3.59 50.25
C LYS R 757 55.55 -2.81 51.51
N ASP R 758 56.35 -2.94 52.59
CA ASP R 758 55.95 -2.39 53.93
C ASP R 758 57.06 -2.70 54.90
MG MG S . -61.76 -29.06 -13.46
MG MG T . -26.63 -43.39 -18.39
MG MG U . 0.32 -32.97 -54.93
MG MG V . 18.71 -0.22 -56.92
MG MG W . -2.46 40.54 -65.28
MG MG X . -22.77 59.93 -40.49
MG MG Y . -64.09 44.40 -25.61
MG MG Z . -68.25 15.58 -1.05
#